data_7QX8
#
_entry.id   7QX8
#
_cell.length_a   199.832
_cell.length_b   123.955
_cell.length_c   290.536
_cell.angle_alpha   90.000
_cell.angle_beta   93.170
_cell.angle_gamma   90.000
#
_symmetry.space_group_name_H-M   'C 1 2 1'
#
loop_
_entity.id
_entity.type
_entity.pdbx_description
1 polymer 'Serine hydroxymethyltransferase 7'
2 water water
#
_entity_poly.entity_id   1
_entity_poly.type   'polypeptide(L)'
_entity_poly.pdbx_seq_one_letter_code
;SNALESRRAAVRAWGDQPIHLADPDIHELMEKEKQRQVRGIELIASENFVCRAVMEALGSHLTNKYSEGMPGARYYTGNQ
YIDQIENLCIERALTAFGLESDKWGVNVQPYSCTSANFAVYTGLLLPGERIMGLDSPSGGHMSHGYCTPGGKKISAASIF
FESFPYKVNPQTGYIDYDKLEDKALDYRPKILICGGSSYPRDWDFARVRQIADKCGAVLMCDMAHISGLVATKECSNPFD
HCDIVTSTTHKGLRGPRGGIIFYRRGPKIRKQGHHSSHCDTSTHYDLEEKINFAVFPSLQGGPHNNHIAALAIALKQVAT
PEYKAYIQQMKKNAQALAAALLRRKCRLVTGGTDNHLLLWDLTPMGLTGKVYEKVCEMCHITLNKTAIFGDNGTISPGGV
RIGTPAMTTRGCIESDFETMADFLIKAAQITSALQREHGKSHKEFVKSLCTNKDIAELRNRVEAFALQYEMPASLIRIE
;
_entity_poly.pdbx_strand_id   A,B,C,D,E,F,G,H,I,J,K,L
#
# COMPACT_ATOMS: atom_id res chain seq x y z
N ALA A 3 -60.76 27.98 -10.35
CA ALA A 3 -59.66 28.25 -11.34
C ALA A 3 -58.32 27.63 -10.90
N LEU A 4 -58.10 27.44 -9.59
CA LEU A 4 -56.92 26.73 -9.03
C LEU A 4 -57.02 25.22 -9.29
N GLU A 5 -58.14 24.61 -8.90
CA GLU A 5 -58.39 23.14 -9.04
C GLU A 5 -58.57 22.78 -10.52
N SER A 6 -59.01 23.73 -11.35
CA SER A 6 -59.20 23.52 -12.82
C SER A 6 -57.84 23.40 -13.51
N ARG A 7 -56.83 24.19 -13.09
CA ARG A 7 -55.46 24.11 -13.68
C ARG A 7 -54.64 23.00 -13.01
N ARG A 8 -54.99 22.57 -11.80
CA ARG A 8 -54.36 21.37 -11.18
C ARG A 8 -54.84 20.07 -11.87
N ALA A 9 -55.98 20.10 -12.54
CA ALA A 9 -56.56 18.95 -13.30
C ALA A 9 -56.03 18.95 -14.73
N ALA A 10 -55.77 20.13 -15.29
CA ALA A 10 -55.18 20.34 -16.65
C ALA A 10 -53.75 19.79 -16.72
N VAL A 11 -52.99 19.93 -15.64
CA VAL A 11 -51.63 19.31 -15.45
C VAL A 11 -51.78 17.79 -15.39
N ARG A 12 -52.62 17.31 -14.47
CA ARG A 12 -52.85 15.85 -14.28
C ARG A 12 -53.32 15.28 -15.62
N ALA A 13 -54.24 15.95 -16.30
CA ALA A 13 -54.81 15.51 -17.59
C ALA A 13 -53.67 15.16 -18.55
N TRP A 14 -52.73 16.10 -18.70
CA TRP A 14 -51.57 16.02 -19.62
C TRP A 14 -50.51 15.02 -19.16
N GLY A 15 -50.21 15.05 -17.86
CA GLY A 15 -49.06 14.39 -17.24
C GLY A 15 -49.31 12.90 -17.12
N ASP A 16 -50.58 12.50 -17.06
CA ASP A 16 -50.97 11.11 -16.69
C ASP A 16 -51.64 10.45 -17.90
N GLN A 17 -51.70 11.15 -19.02
CA GLN A 17 -52.30 10.61 -20.26
C GLN A 17 -51.49 9.41 -20.72
N PRO A 18 -52.10 8.22 -20.88
CA PRO A 18 -51.40 7.08 -21.50
C PRO A 18 -51.07 7.27 -22.98
N ILE A 19 -50.06 6.55 -23.43
CA ILE A 19 -49.40 6.73 -24.77
C ILE A 19 -50.43 6.46 -25.87
N HIS A 20 -51.34 5.53 -25.65
CA HIS A 20 -52.28 5.05 -26.70
C HIS A 20 -53.30 6.17 -26.98
N LEU A 21 -53.44 7.10 -26.04
CA LEU A 21 -54.27 8.33 -26.19
C LEU A 21 -53.40 9.50 -26.66
N ALA A 22 -52.27 9.73 -26.01
CA ALA A 22 -51.43 10.93 -26.19
C ALA A 22 -50.86 10.97 -27.62
N ASP A 23 -50.66 9.80 -28.21
CA ASP A 23 -49.99 9.65 -29.54
C ASP A 23 -50.32 8.32 -30.21
N PRO A 24 -51.52 8.20 -30.80
CA PRO A 24 -51.96 6.93 -31.37
C PRO A 24 -51.04 6.52 -32.52
N ASP A 25 -50.58 7.48 -33.31
CA ASP A 25 -49.77 7.11 -34.50
C ASP A 25 -48.51 6.35 -34.04
N ILE A 26 -47.84 6.83 -32.98
CA ILE A 26 -46.63 6.22 -32.38
C ILE A 26 -47.02 4.89 -31.76
N HIS A 27 -48.01 4.89 -30.88
CA HIS A 27 -48.46 3.68 -30.17
C HIS A 27 -48.71 2.55 -31.17
N GLU A 28 -49.34 2.84 -32.30
CA GLU A 28 -49.67 1.81 -33.32
C GLU A 28 -48.37 1.20 -33.81
N LEU A 29 -47.37 2.04 -34.05
CA LEU A 29 -46.06 1.59 -34.56
C LEU A 29 -45.36 0.77 -33.48
N MET A 30 -45.41 1.24 -32.24
CA MET A 30 -44.79 0.51 -31.10
C MET A 30 -45.41 -0.88 -31.04
N GLU A 31 -46.72 -0.96 -31.17
CA GLU A 31 -47.45 -2.26 -31.07
C GLU A 31 -47.03 -3.13 -32.25
N LYS A 32 -46.88 -2.56 -33.44
CA LYS A 32 -46.53 -3.36 -34.65
C LYS A 32 -45.14 -3.97 -34.42
N GLU A 33 -44.29 -3.25 -33.71
CA GLU A 33 -42.88 -3.69 -33.51
C GLU A 33 -42.84 -4.77 -32.44
N LYS A 34 -43.54 -4.57 -31.32
CA LYS A 34 -43.77 -5.64 -30.29
C LYS A 34 -44.27 -6.93 -30.98
N GLN A 35 -45.26 -6.81 -31.86
CA GLN A 35 -45.76 -7.97 -32.60
C GLN A 35 -44.63 -8.59 -33.41
N ARG A 36 -43.92 -7.78 -34.21
CA ARG A 36 -42.82 -8.26 -35.11
C ARG A 36 -41.87 -9.10 -34.27
N GLN A 37 -41.46 -8.56 -33.13
CA GLN A 37 -40.50 -9.20 -32.19
C GLN A 37 -41.03 -10.58 -31.79
N VAL A 38 -42.32 -10.69 -31.46
CA VAL A 38 -42.96 -11.96 -30.99
C VAL A 38 -43.02 -12.97 -32.13
N ARG A 39 -43.37 -12.53 -33.34
CA ARG A 39 -43.79 -13.44 -34.44
C ARG A 39 -42.64 -13.79 -35.40
N GLY A 40 -41.40 -13.57 -34.96
CA GLY A 40 -40.24 -13.88 -35.78
C GLY A 40 -39.13 -14.49 -34.98
N ILE A 41 -38.19 -15.08 -35.67
CA ILE A 41 -36.98 -15.69 -35.09
C ILE A 41 -35.90 -14.62 -35.15
N GLU A 42 -35.19 -14.39 -34.05
CA GLU A 42 -34.08 -13.41 -33.93
C GLU A 42 -32.79 -14.19 -33.81
N LEU A 43 -31.96 -14.17 -34.84
CA LEU A 43 -30.68 -14.89 -34.81
C LEU A 43 -29.53 -13.89 -34.84
N ILE A 44 -29.81 -12.58 -34.71
CA ILE A 44 -28.73 -11.57 -34.56
C ILE A 44 -28.07 -11.77 -33.19
N ALA A 45 -26.76 -12.01 -33.21
CA ALA A 45 -26.02 -12.44 -32.01
C ALA A 45 -25.90 -11.29 -31.00
N SER A 46 -26.03 -10.04 -31.45
CA SER A 46 -26.07 -8.81 -30.61
C SER A 46 -27.32 -8.80 -29.73
N GLU A 47 -28.46 -8.77 -30.41
CA GLU A 47 -29.83 -8.72 -29.90
C GLU A 47 -30.10 -9.73 -28.75
N ASN A 48 -30.98 -9.24 -27.87
CA ASN A 48 -31.62 -9.96 -26.75
C ASN A 48 -32.95 -9.26 -26.42
N PHE A 49 -33.66 -9.79 -25.44
CA PHE A 49 -34.94 -9.22 -24.92
C PHE A 49 -34.81 -8.99 -23.43
N VAL A 50 -35.14 -7.79 -22.97
CA VAL A 50 -34.99 -7.40 -21.54
C VAL A 50 -36.29 -7.75 -20.81
N CYS A 51 -36.13 -7.95 -19.49
CA CYS A 51 -37.25 -8.20 -18.54
C CYS A 51 -37.98 -6.89 -18.25
N ARG A 52 -39.13 -7.01 -17.61
CA ARG A 52 -40.04 -5.87 -17.38
C ARG A 52 -39.43 -4.88 -16.41
N ALA A 53 -38.90 -5.37 -15.31
CA ALA A 53 -38.31 -4.50 -14.29
C ALA A 53 -37.34 -3.53 -14.97
N VAL A 54 -36.58 -4.01 -15.94
CA VAL A 54 -35.56 -3.16 -16.64
C VAL A 54 -36.31 -2.03 -17.39
N MET A 55 -37.37 -2.37 -18.10
CA MET A 55 -38.21 -1.37 -18.79
C MET A 55 -38.79 -0.40 -17.77
N GLU A 56 -39.26 -0.90 -16.63
CA GLU A 56 -39.94 -0.04 -15.63
C GLU A 56 -38.94 0.98 -15.13
N ALA A 57 -37.68 0.58 -14.96
CA ALA A 57 -36.58 1.48 -14.54
C ALA A 57 -36.42 2.58 -15.59
N LEU A 58 -36.25 2.17 -16.85
CA LEU A 58 -36.06 3.07 -18.01
C LEU A 58 -37.19 4.10 -18.06
N GLY A 59 -38.41 3.63 -18.00
CA GLY A 59 -39.58 4.48 -18.18
C GLY A 59 -40.03 5.03 -16.85
N SER A 60 -39.20 5.82 -16.18
CA SER A 60 -39.47 6.30 -14.81
C SER A 60 -39.12 7.77 -14.66
N HIS A 61 -39.51 8.33 -13.53
CA HIS A 61 -39.22 9.69 -13.02
C HIS A 61 -37.71 9.93 -12.88
N LEU A 62 -36.87 8.91 -13.02
CA LEU A 62 -35.40 9.11 -12.91
C LEU A 62 -34.88 9.97 -14.07
N THR A 63 -35.52 9.91 -15.24
CA THR A 63 -35.17 10.78 -16.40
C THR A 63 -35.38 12.26 -16.02
N ASN A 64 -36.02 12.58 -14.90
CA ASN A 64 -36.37 13.99 -14.59
C ASN A 64 -35.17 14.71 -13.99
N LYS A 65 -34.25 13.99 -13.33
CA LYS A 65 -33.16 14.57 -12.49
C LYS A 65 -31.85 14.57 -13.27
N TYR A 66 -31.20 15.73 -13.36
CA TYR A 66 -29.90 15.91 -14.03
C TYR A 66 -28.81 15.76 -12.98
N SER A 67 -27.86 14.90 -13.28
CA SER A 67 -26.87 14.44 -12.28
C SER A 67 -25.46 14.60 -12.82
N GLU A 68 -25.14 15.74 -13.44
CA GLU A 68 -23.77 15.94 -13.97
C GLU A 68 -22.78 15.63 -12.84
N GLY A 69 -21.77 14.81 -13.13
CA GLY A 69 -20.65 14.56 -12.20
C GLY A 69 -20.55 13.11 -11.79
N MET A 70 -20.02 12.85 -10.60
CA MET A 70 -19.92 11.49 -10.01
C MET A 70 -20.70 11.48 -8.68
N PRO A 71 -21.00 10.28 -8.14
CA PRO A 71 -21.60 10.18 -6.81
C PRO A 71 -20.73 10.89 -5.75
N GLY A 72 -21.37 11.71 -4.91
CA GLY A 72 -20.73 12.46 -3.82
C GLY A 72 -20.03 13.71 -4.32
N ALA A 73 -19.90 13.89 -5.63
CA ALA A 73 -19.11 14.99 -6.23
C ALA A 73 -19.83 15.49 -7.46
N ARG A 74 -21.12 15.80 -7.32
CA ARG A 74 -22.00 16.21 -8.43
C ARG A 74 -21.81 17.70 -8.66
N TYR A 75 -22.22 18.17 -9.84
CA TYR A 75 -22.39 19.61 -10.18
C TYR A 75 -23.69 20.17 -9.56
N TYR A 76 -24.75 19.33 -9.42
CA TYR A 76 -26.08 19.75 -8.93
C TYR A 76 -26.42 19.11 -7.58
N THR A 77 -27.17 19.87 -6.76
CA THR A 77 -27.81 19.43 -5.50
C THR A 77 -28.95 18.46 -5.81
N GLY A 78 -29.38 17.66 -4.83
CA GLY A 78 -30.61 16.83 -4.90
C GLY A 78 -30.33 15.40 -5.34
N ASN A 79 -29.06 15.06 -5.42
CA ASN A 79 -28.61 13.79 -6.02
C ASN A 79 -28.46 12.74 -4.93
N GLN A 80 -28.97 13.01 -3.73
CA GLN A 80 -28.84 12.12 -2.55
C GLN A 80 -29.22 10.70 -2.98
N TYR A 81 -30.33 10.52 -3.69
CA TYR A 81 -30.88 9.17 -3.94
C TYR A 81 -30.29 8.59 -5.21
N ILE A 82 -30.07 9.44 -6.20
CA ILE A 82 -29.46 9.02 -7.48
C ILE A 82 -28.06 8.49 -7.15
N ASP A 83 -27.36 9.14 -6.21
CA ASP A 83 -26.02 8.70 -5.76
C ASP A 83 -26.10 7.27 -5.26
N GLN A 84 -27.05 7.00 -4.39
CA GLN A 84 -27.18 5.66 -3.77
C GLN A 84 -27.48 4.60 -4.83
N ILE A 85 -28.21 4.98 -5.89
CA ILE A 85 -28.52 4.09 -7.03
C ILE A 85 -27.23 3.85 -7.83
N GLU A 86 -26.55 4.91 -8.26
CA GLU A 86 -25.30 4.78 -9.05
C GLU A 86 -24.32 3.93 -8.23
N ASN A 87 -24.17 4.21 -6.93
CA ASN A 87 -23.23 3.50 -6.03
C ASN A 87 -23.60 2.03 -5.97
N LEU A 88 -24.90 1.75 -5.94
CA LEU A 88 -25.39 0.36 -5.89
C LEU A 88 -25.11 -0.32 -7.23
N CYS A 89 -25.36 0.39 -8.33
CA CYS A 89 -25.11 -0.12 -9.69
C CYS A 89 -23.64 -0.48 -9.81
N ILE A 90 -22.75 0.34 -9.23
CA ILE A 90 -21.27 0.12 -9.29
C ILE A 90 -20.91 -1.13 -8.50
N GLU A 91 -21.40 -1.24 -7.26
CA GLU A 91 -21.13 -2.41 -6.37
C GLU A 91 -21.53 -3.69 -7.11
N ARG A 92 -22.69 -3.64 -7.76
CA ARG A 92 -23.23 -4.81 -8.47
C ARG A 92 -22.37 -5.17 -9.69
N ALA A 93 -21.81 -4.18 -10.36
CA ALA A 93 -20.93 -4.36 -11.53
C ALA A 93 -19.67 -5.11 -11.13
N LEU A 94 -19.03 -4.71 -10.03
CA LEU A 94 -17.86 -5.43 -9.47
C LEU A 94 -18.28 -6.86 -9.12
N THR A 95 -19.27 -7.00 -8.23
CA THR A 95 -19.76 -8.32 -7.81
C THR A 95 -19.99 -9.20 -9.05
N ALA A 96 -20.59 -8.64 -10.09
CA ALA A 96 -20.96 -9.41 -11.30
C ALA A 96 -19.73 -10.09 -11.89
N PHE A 97 -18.57 -9.43 -11.80
CA PHE A 97 -17.35 -9.85 -12.54
C PHE A 97 -16.31 -10.31 -11.54
N GLY A 98 -16.77 -10.56 -10.33
CA GLY A 98 -15.96 -11.06 -9.20
C GLY A 98 -14.73 -10.20 -8.95
N LEU A 99 -14.91 -8.89 -8.81
CA LEU A 99 -13.83 -7.92 -8.59
C LEU A 99 -13.96 -7.32 -7.21
N GLU A 100 -12.83 -6.90 -6.62
CA GLU A 100 -12.82 -6.21 -5.31
C GLU A 100 -12.58 -4.72 -5.54
N SER A 101 -13.25 -3.86 -4.78
CA SER A 101 -13.27 -2.39 -4.97
C SER A 101 -11.87 -1.79 -4.78
N ASP A 102 -10.99 -2.40 -3.99
CA ASP A 102 -9.63 -1.84 -3.75
C ASP A 102 -8.72 -2.17 -4.95
N LYS A 103 -9.06 -3.14 -5.79
CA LYS A 103 -8.24 -3.49 -6.98
C LYS A 103 -8.84 -2.93 -8.28
N TRP A 104 -10.17 -2.74 -8.35
CA TRP A 104 -10.93 -2.28 -9.54
C TRP A 104 -12.00 -1.24 -9.17
N GLY A 105 -12.26 -0.36 -10.12
CA GLY A 105 -13.34 0.65 -10.11
C GLY A 105 -14.09 0.62 -11.43
N VAL A 106 -15.26 1.24 -11.49
CA VAL A 106 -16.07 1.12 -12.72
C VAL A 106 -16.83 2.42 -12.90
N ASN A 107 -16.79 2.96 -14.12
CA ASN A 107 -17.61 4.12 -14.57
C ASN A 107 -18.76 3.56 -15.41
N VAL A 108 -20.00 3.89 -15.04
CA VAL A 108 -21.24 3.29 -15.65
C VAL A 108 -22.03 4.32 -16.48
N GLN A 109 -21.48 5.52 -16.63
CA GLN A 109 -22.14 6.63 -17.34
C GLN A 109 -22.06 6.47 -18.86
N PRO A 110 -21.08 5.78 -19.47
CA PRO A 110 -20.90 5.86 -20.92
C PRO A 110 -22.18 5.57 -21.70
N TYR A 111 -22.61 6.52 -22.54
CA TYR A 111 -23.83 6.43 -23.36
C TYR A 111 -23.87 5.17 -24.25
N SER A 112 -22.71 4.58 -24.57
CA SER A 112 -22.58 3.41 -25.50
C SER A 112 -21.21 2.75 -25.30
N CYS A 113 -21.00 1.56 -25.89
CA CYS A 113 -19.69 0.89 -25.82
C CYS A 113 -18.67 1.64 -26.67
N THR A 114 -19.06 2.06 -27.87
CA THR A 114 -18.21 2.95 -28.71
C THR A 114 -17.77 4.15 -27.87
N SER A 115 -18.72 4.86 -27.26
CA SER A 115 -18.46 6.07 -26.45
C SER A 115 -17.44 5.73 -25.37
N ALA A 116 -17.60 4.56 -24.75
CA ALA A 116 -16.79 4.11 -23.60
C ALA A 116 -15.34 3.96 -24.04
N ASN A 117 -15.13 3.18 -25.11
CA ASN A 117 -13.78 2.98 -25.71
C ASN A 117 -13.18 4.35 -25.92
N PHE A 118 -13.91 5.24 -26.59
CA PHE A 118 -13.36 6.55 -26.98
C PHE A 118 -12.97 7.36 -25.74
N ALA A 119 -13.70 7.20 -24.64
CA ALA A 119 -13.38 7.88 -23.38
C ALA A 119 -12.05 7.34 -22.86
N VAL A 120 -11.84 6.03 -22.94
CA VAL A 120 -10.55 5.41 -22.52
C VAL A 120 -9.45 6.07 -23.32
N TYR A 121 -9.54 6.05 -24.64
CA TYR A 121 -8.48 6.65 -25.48
C TYR A 121 -8.24 8.12 -25.09
N THR A 122 -9.32 8.90 -25.06
CA THR A 122 -9.29 10.34 -24.70
C THR A 122 -8.64 10.53 -23.32
N GLY A 123 -8.90 9.64 -22.38
CA GLY A 123 -8.45 9.78 -20.99
C GLY A 123 -6.96 9.53 -20.84
N LEU A 124 -6.44 8.56 -21.57
CA LEU A 124 -5.11 7.97 -21.30
C LEU A 124 -4.07 8.55 -22.26
N LEU A 125 -4.52 8.97 -23.44
CA LEU A 125 -3.62 9.33 -24.55
C LEU A 125 -3.80 10.79 -24.90
N LEU A 126 -2.73 11.34 -25.47
CA LEU A 126 -2.79 12.63 -26.17
C LEU A 126 -3.33 12.37 -27.56
N PRO A 127 -4.08 13.30 -28.15
CA PRO A 127 -4.60 13.09 -29.48
C PRO A 127 -3.45 12.69 -30.40
N GLY A 128 -3.68 11.75 -31.30
CA GLY A 128 -2.71 11.38 -32.34
C GLY A 128 -1.80 10.26 -31.90
N GLU A 129 -1.77 9.94 -30.60
CA GLU A 129 -1.03 8.76 -30.07
C GLU A 129 -1.62 7.45 -30.64
N ARG A 130 -0.92 6.35 -30.45
CA ARG A 130 -1.12 5.10 -31.24
C ARG A 130 -1.89 4.07 -30.44
N ILE A 131 -2.89 3.46 -31.08
CA ILE A 131 -3.64 2.28 -30.55
C ILE A 131 -3.64 1.16 -31.59
N MET A 132 -3.81 -0.06 -31.10
CA MET A 132 -3.89 -1.29 -31.91
C MET A 132 -5.01 -2.18 -31.37
N GLY A 133 -5.89 -2.62 -32.26
CA GLY A 133 -7.01 -3.51 -31.91
C GLY A 133 -7.39 -4.39 -33.08
N LEU A 134 -8.31 -5.34 -32.89
CA LEU A 134 -8.77 -6.22 -33.97
C LEU A 134 -9.53 -5.40 -35.02
N ASP A 135 -9.68 -5.90 -36.24
CA ASP A 135 -10.52 -5.25 -37.29
C ASP A 135 -11.45 -6.28 -37.93
N SER A 136 -12.71 -5.91 -38.17
CA SER A 136 -13.67 -6.76 -38.93
C SER A 136 -13.36 -6.57 -40.41
N PRO A 137 -12.88 -7.63 -41.11
CA PRO A 137 -12.43 -7.50 -42.50
C PRO A 137 -13.39 -6.65 -43.37
N LYS A 152 -11.55 5.92 -46.62
CA LYS A 152 -11.09 6.98 -45.68
C LYS A 152 -11.09 6.40 -44.26
N LYS A 153 -10.97 7.28 -43.26
CA LYS A 153 -11.02 6.99 -41.81
C LYS A 153 -12.50 7.00 -41.37
N ILE A 154 -12.91 5.95 -40.66
CA ILE A 154 -14.33 5.61 -40.40
C ILE A 154 -14.59 5.86 -38.91
N SER A 155 -13.96 5.08 -38.03
CA SER A 155 -14.19 5.22 -36.58
C SER A 155 -13.56 6.52 -36.10
N ALA A 156 -14.17 7.16 -35.12
CA ALA A 156 -13.64 8.38 -34.48
C ALA A 156 -12.28 8.06 -33.86
N ALA A 157 -12.11 6.86 -33.33
CA ALA A 157 -10.81 6.41 -32.81
C ALA A 157 -9.75 6.61 -33.88
N SER A 158 -10.04 6.27 -35.14
CA SER A 158 -9.02 6.27 -36.21
C SER A 158 -8.85 7.69 -36.78
N ILE A 159 -9.72 8.61 -36.38
CA ILE A 159 -9.69 10.02 -36.86
C ILE A 159 -8.81 10.81 -35.92
N PHE A 160 -8.98 10.62 -34.62
CA PHE A 160 -8.40 11.48 -33.57
C PHE A 160 -7.19 10.81 -32.92
N PHE A 161 -6.94 9.55 -33.29
CA PHE A 161 -5.76 8.79 -32.84
C PHE A 161 -5.23 7.98 -34.01
N GLU A 162 -4.14 7.26 -33.76
CA GLU A 162 -3.43 6.53 -34.82
C GLU A 162 -3.73 5.05 -34.63
N SER A 163 -4.66 4.54 -35.43
CA SER A 163 -5.13 3.13 -35.31
C SER A 163 -4.36 2.31 -36.34
N PHE A 164 -3.59 1.34 -35.89
CA PHE A 164 -3.02 0.29 -36.75
C PHE A 164 -3.58 -1.03 -36.30
N PRO A 165 -4.64 -1.52 -36.95
CA PRO A 165 -5.35 -2.69 -36.49
C PRO A 165 -4.61 -3.97 -36.88
N TYR A 166 -5.00 -5.09 -36.27
CA TYR A 166 -4.56 -6.47 -36.60
C TYR A 166 -5.76 -7.33 -36.98
N LYS A 167 -5.50 -8.50 -37.58
CA LYS A 167 -6.60 -9.34 -38.15
C LYS A 167 -6.37 -10.82 -37.85
N VAL A 168 -7.44 -11.58 -38.03
CA VAL A 168 -7.42 -13.05 -37.87
C VAL A 168 -6.67 -13.62 -39.06
N ASN A 169 -6.05 -14.78 -38.89
CA ASN A 169 -5.39 -15.50 -39.99
C ASN A 169 -6.45 -15.86 -41.04
N PRO A 170 -6.33 -15.36 -42.29
CA PRO A 170 -7.28 -15.63 -43.36
C PRO A 170 -7.58 -17.09 -43.71
N GLN A 171 -6.63 -18.00 -43.54
CA GLN A 171 -6.90 -19.44 -43.82
C GLN A 171 -7.64 -20.04 -42.61
N THR A 172 -7.13 -19.84 -41.40
CA THR A 172 -7.58 -20.51 -40.16
C THR A 172 -8.90 -19.90 -39.68
N GLY A 173 -9.07 -18.58 -39.76
CA GLY A 173 -10.19 -17.85 -39.15
C GLY A 173 -9.97 -17.58 -37.67
N TYR A 174 -8.96 -18.21 -37.09
CA TYR A 174 -8.47 -17.96 -35.71
C TYR A 174 -7.47 -16.82 -35.77
N ILE A 175 -7.22 -16.21 -34.61
CA ILE A 175 -6.20 -15.15 -34.41
C ILE A 175 -4.82 -15.77 -34.44
N ASP A 176 -3.88 -15.08 -35.07
CA ASP A 176 -2.43 -15.45 -35.12
C ASP A 176 -1.68 -14.63 -34.07
N TYR A 177 -1.45 -15.20 -32.89
CA TYR A 177 -0.84 -14.42 -31.78
C TYR A 177 0.64 -14.09 -32.04
N ASP A 178 1.29 -14.83 -32.95
CA ASP A 178 2.72 -14.66 -33.28
C ASP A 178 2.87 -13.43 -34.16
N LYS A 179 2.07 -13.38 -35.22
CA LYS A 179 1.98 -12.21 -36.14
C LYS A 179 1.54 -10.99 -35.32
N LEU A 180 0.68 -11.18 -34.33
CA LEU A 180 0.22 -10.09 -33.44
C LEU A 180 1.40 -9.58 -32.60
N GLU A 181 2.23 -10.45 -32.09
CA GLU A 181 3.41 -10.05 -31.28
C GLU A 181 4.34 -9.24 -32.15
N ASP A 182 4.62 -9.72 -33.36
CA ASP A 182 5.52 -9.06 -34.33
C ASP A 182 5.02 -7.62 -34.53
N LYS A 183 3.76 -7.51 -34.93
CA LYS A 183 3.11 -6.23 -35.31
C LYS A 183 3.10 -5.26 -34.14
N ALA A 184 2.88 -5.72 -32.93
CA ALA A 184 2.78 -4.86 -31.73
C ALA A 184 4.16 -4.38 -31.31
N LEU A 185 5.17 -5.22 -31.41
CA LEU A 185 6.56 -4.84 -31.05
C LEU A 185 7.04 -3.79 -32.05
N ASP A 186 6.64 -3.94 -33.32
CA ASP A 186 7.03 -3.00 -34.40
C ASP A 186 6.37 -1.65 -34.16
N TYR A 187 5.08 -1.60 -33.85
CA TYR A 187 4.26 -0.35 -33.84
C TYR A 187 4.28 0.29 -32.45
N ARG A 188 4.58 -0.49 -31.41
CA ARG A 188 4.67 -0.04 -29.99
C ARG A 188 3.51 0.89 -29.63
N PRO A 189 2.25 0.43 -29.77
CA PRO A 189 1.08 1.26 -29.48
C PRO A 189 0.96 1.52 -28.00
N LYS A 190 0.36 2.64 -27.61
CA LYS A 190 0.25 3.02 -26.17
C LYS A 190 -0.78 2.10 -25.53
N ILE A 191 -1.81 1.73 -26.31
CA ILE A 191 -2.92 0.83 -25.88
C ILE A 191 -3.11 -0.28 -26.91
N LEU A 192 -3.07 -1.51 -26.43
CA LEU A 192 -3.37 -2.72 -27.21
C LEU A 192 -4.74 -3.24 -26.76
N ILE A 193 -5.62 -3.54 -27.72
CA ILE A 193 -7.03 -3.91 -27.48
C ILE A 193 -7.25 -5.34 -27.96
N CYS A 194 -7.82 -6.16 -27.10
CA CYS A 194 -8.38 -7.46 -27.52
C CYS A 194 -9.91 -7.43 -27.34
N GLY A 195 -10.56 -8.51 -27.77
CA GLY A 195 -12.01 -8.51 -28.02
C GLY A 195 -12.31 -7.57 -29.15
N GLY A 196 -13.52 -7.01 -29.16
CA GLY A 196 -14.02 -6.10 -30.21
C GLY A 196 -14.98 -6.85 -31.10
N SER A 197 -14.47 -7.42 -32.19
CA SER A 197 -15.30 -8.09 -33.22
C SER A 197 -16.07 -9.27 -32.60
N SER A 198 -17.10 -9.74 -33.33
CA SER A 198 -17.77 -11.05 -33.14
C SER A 198 -16.86 -12.18 -33.61
N TYR A 199 -16.16 -12.78 -32.68
CA TYR A 199 -15.16 -13.85 -32.88
C TYR A 199 -15.70 -15.09 -32.22
N PRO A 200 -15.92 -16.19 -32.96
CA PRO A 200 -16.57 -17.39 -32.41
C PRO A 200 -15.70 -18.30 -31.55
N ARG A 201 -14.49 -17.87 -31.17
CA ARG A 201 -13.59 -18.70 -30.33
C ARG A 201 -13.07 -17.87 -29.16
N ASP A 202 -12.47 -18.58 -28.22
CA ASP A 202 -11.98 -18.05 -26.92
C ASP A 202 -10.72 -17.24 -27.21
N TRP A 203 -10.45 -16.23 -26.40
CA TRP A 203 -9.20 -15.43 -26.54
C TRP A 203 -8.16 -16.03 -25.60
N ASP A 204 -6.88 -15.97 -25.98
CA ASP A 204 -5.75 -16.29 -25.07
C ASP A 204 -5.34 -14.98 -24.44
N PHE A 205 -6.04 -14.53 -23.41
CA PHE A 205 -5.79 -13.19 -22.82
C PHE A 205 -4.42 -13.18 -22.17
N ALA A 206 -4.01 -14.34 -21.65
CA ALA A 206 -2.69 -14.54 -21.02
C ALA A 206 -1.58 -14.19 -22.00
N ARG A 207 -1.70 -14.67 -23.24
CA ARG A 207 -0.71 -14.46 -24.31
C ARG A 207 -0.61 -12.98 -24.64
N VAL A 208 -1.77 -12.35 -24.83
CA VAL A 208 -1.89 -10.94 -25.26
C VAL A 208 -1.27 -10.09 -24.18
N ARG A 209 -1.40 -10.50 -22.93
CA ARG A 209 -0.77 -9.75 -21.82
C ARG A 209 0.75 -9.81 -22.01
N GLN A 210 1.31 -10.99 -22.28
CA GLN A 210 2.77 -11.14 -22.49
C GLN A 210 3.23 -10.18 -23.59
N ILE A 211 2.41 -10.03 -24.63
CA ILE A 211 2.75 -9.15 -25.77
C ILE A 211 2.69 -7.69 -25.30
N ALA A 212 1.60 -7.27 -24.70
CA ALA A 212 1.45 -5.89 -24.18
C ALA A 212 2.70 -5.52 -23.36
N ASP A 213 3.06 -6.38 -22.42
CA ASP A 213 4.15 -6.11 -21.45
C ASP A 213 5.42 -5.86 -22.26
N LYS A 214 5.70 -6.67 -23.29
CA LYS A 214 6.91 -6.56 -24.13
C LYS A 214 6.95 -5.20 -24.82
N CYS A 215 5.89 -4.73 -25.49
CA CYS A 215 5.89 -3.45 -26.24
C CYS A 215 5.43 -2.28 -25.37
N GLY A 216 5.44 -2.46 -24.05
CA GLY A 216 5.07 -1.45 -23.04
C GLY A 216 3.71 -0.81 -23.27
N ALA A 217 2.69 -1.60 -23.59
CA ALA A 217 1.34 -1.11 -23.95
C ALA A 217 0.35 -1.44 -22.84
N VAL A 218 -0.62 -0.57 -22.62
CA VAL A 218 -1.74 -0.82 -21.68
C VAL A 218 -2.66 -1.79 -22.37
N LEU A 219 -3.05 -2.87 -21.68
CA LEU A 219 -3.93 -3.90 -22.28
C LEU A 219 -5.37 -3.60 -21.88
N MET A 220 -6.21 -3.42 -22.89
CA MET A 220 -7.64 -3.14 -22.75
C MET A 220 -8.38 -4.30 -23.40
N CYS A 221 -9.46 -4.76 -22.78
CA CYS A 221 -10.39 -5.70 -23.45
C CYS A 221 -11.78 -5.08 -23.67
N ASP A 222 -12.30 -5.18 -24.90
CA ASP A 222 -13.70 -4.83 -25.23
C ASP A 222 -14.51 -6.11 -25.15
N MET A 223 -15.22 -6.32 -24.06
CA MET A 223 -15.85 -7.63 -23.79
C MET A 223 -17.34 -7.59 -24.17
N ALA A 224 -17.72 -6.68 -25.04
CA ALA A 224 -19.10 -6.47 -25.50
C ALA A 224 -19.76 -7.78 -25.86
N HIS A 225 -19.12 -8.60 -26.69
CA HIS A 225 -19.74 -9.81 -27.27
C HIS A 225 -19.71 -10.98 -26.28
N ILE A 226 -18.93 -10.91 -25.22
CA ILE A 226 -18.70 -12.06 -24.32
C ILE A 226 -19.01 -11.67 -22.88
N SER A 227 -19.56 -10.47 -22.66
CA SER A 227 -19.84 -9.88 -21.32
C SER A 227 -20.49 -10.97 -20.47
N GLY A 228 -21.51 -11.63 -21.03
CA GLY A 228 -22.26 -12.70 -20.35
C GLY A 228 -21.35 -13.86 -19.96
N LEU A 229 -20.59 -14.39 -20.91
CA LEU A 229 -19.78 -15.61 -20.71
C LEU A 229 -18.70 -15.32 -19.67
N VAL A 230 -18.22 -14.10 -19.68
CA VAL A 230 -17.15 -13.70 -18.74
C VAL A 230 -17.72 -13.74 -17.34
N ALA A 231 -18.85 -13.07 -17.09
CA ALA A 231 -19.42 -12.97 -15.73
C ALA A 231 -19.67 -14.36 -15.17
N THR A 232 -20.11 -15.28 -15.99
CA THR A 232 -20.51 -16.63 -15.54
C THR A 232 -19.32 -17.60 -15.57
N LYS A 233 -18.12 -17.11 -15.89
CA LYS A 233 -16.87 -17.91 -15.95
C LYS A 233 -17.08 -19.02 -16.95
N GLU A 234 -17.68 -18.70 -18.09
CA GLU A 234 -18.02 -19.70 -19.14
C GLU A 234 -17.14 -19.40 -20.35
N CYS A 235 -16.11 -18.60 -20.14
CA CYS A 235 -15.02 -18.32 -21.12
C CYS A 235 -13.87 -17.64 -20.38
N SER A 236 -12.73 -17.48 -21.05
CA SER A 236 -11.49 -16.88 -20.52
C SER A 236 -11.83 -15.58 -19.81
N ASN A 237 -11.17 -15.27 -18.69
CA ASN A 237 -11.49 -14.04 -17.91
C ASN A 237 -10.50 -12.91 -18.22
N PRO A 238 -10.88 -11.87 -19.00
CA PRO A 238 -9.92 -10.82 -19.33
C PRO A 238 -9.53 -9.99 -18.12
N PHE A 239 -10.30 -10.04 -17.03
CA PHE A 239 -9.98 -9.27 -15.83
C PHE A 239 -8.72 -9.83 -15.16
N ASP A 240 -8.42 -11.09 -15.45
CA ASP A 240 -7.20 -11.73 -14.91
C ASP A 240 -5.95 -11.17 -15.58
N HIS A 241 -6.04 -10.35 -16.64
CA HIS A 241 -4.87 -10.00 -17.48
C HIS A 241 -4.90 -8.56 -17.97
N CYS A 242 -6.08 -7.96 -18.18
CA CYS A 242 -6.15 -6.59 -18.75
C CYS A 242 -6.12 -5.57 -17.62
N ASP A 243 -5.67 -4.37 -17.94
CA ASP A 243 -5.71 -3.22 -16.98
C ASP A 243 -7.07 -2.52 -17.10
N ILE A 244 -7.76 -2.64 -18.24
CA ILE A 244 -9.07 -1.97 -18.50
C ILE A 244 -9.98 -2.90 -19.28
N VAL A 245 -11.23 -2.96 -18.90
CA VAL A 245 -12.25 -3.69 -19.69
C VAL A 245 -13.46 -2.81 -19.90
N THR A 246 -13.79 -2.60 -21.16
CA THR A 246 -15.02 -1.90 -21.56
C THR A 246 -16.07 -2.95 -21.94
N SER A 247 -17.32 -2.54 -22.01
CA SER A 247 -18.40 -3.42 -22.46
C SER A 247 -19.66 -2.63 -22.76
N THR A 248 -20.51 -3.32 -23.48
CA THR A 248 -21.89 -2.96 -23.74
C THR A 248 -22.70 -3.54 -22.59
N THR A 249 -23.69 -2.79 -22.12
CA THR A 249 -24.61 -3.19 -21.02
C THR A 249 -25.78 -4.04 -21.52
N HIS A 250 -25.96 -4.27 -22.81
CA HIS A 250 -27.31 -4.66 -23.28
C HIS A 250 -27.29 -5.86 -24.22
N LYS A 251 -26.26 -6.69 -24.18
CA LYS A 251 -26.14 -7.73 -25.22
C LYS A 251 -26.28 -9.06 -24.50
N GLY A 252 -25.17 -9.54 -23.91
CA GLY A 252 -25.19 -10.72 -23.02
C GLY A 252 -26.05 -10.43 -21.80
N LEU A 253 -25.85 -9.25 -21.19
CA LEU A 253 -26.32 -8.88 -19.84
C LEU A 253 -27.82 -8.58 -19.82
N ARG A 254 -28.45 -8.47 -20.98
CA ARG A 254 -29.92 -8.19 -21.08
C ARG A 254 -30.22 -6.94 -20.25
N GLY A 255 -29.30 -6.00 -20.19
CA GLY A 255 -29.57 -4.68 -19.61
C GLY A 255 -29.99 -3.64 -20.65
N PRO A 256 -29.97 -2.36 -20.25
CA PRO A 256 -30.33 -1.27 -21.11
C PRO A 256 -29.18 -0.91 -22.05
N ARG A 257 -29.48 -0.20 -23.15
CA ARG A 257 -28.44 0.17 -24.15
C ARG A 257 -27.51 1.20 -23.51
N GLY A 258 -26.23 0.88 -23.53
CA GLY A 258 -25.15 1.76 -23.05
C GLY A 258 -23.85 1.00 -22.91
N GLY A 259 -22.84 1.70 -22.38
CA GLY A 259 -21.49 1.16 -22.17
C GLY A 259 -21.06 1.33 -20.74
N ILE A 260 -19.93 0.71 -20.42
CA ILE A 260 -19.37 0.65 -19.05
C ILE A 260 -17.85 0.43 -19.15
N ILE A 261 -17.09 1.02 -18.23
CA ILE A 261 -15.60 0.96 -18.19
C ILE A 261 -15.17 0.43 -16.82
N PHE A 262 -14.40 -0.66 -16.82
CA PHE A 262 -13.72 -1.20 -15.62
C PHE A 262 -12.27 -0.85 -15.78
N TYR A 263 -11.60 -0.44 -14.70
CA TYR A 263 -10.18 0.02 -14.68
C TYR A 263 -9.57 -0.41 -13.36
N ARG A 264 -8.28 -0.70 -13.36
CA ARG A 264 -7.58 -1.16 -12.14
C ARG A 264 -7.25 0.06 -11.27
N ARG A 265 -7.17 -0.20 -9.96
CA ARG A 265 -6.84 0.84 -8.96
C ARG A 265 -5.76 0.33 -8.00
N GLY A 266 -5.19 1.23 -7.21
CA GLY A 266 -4.22 0.90 -6.16
C GLY A 266 -2.91 0.35 -6.73
N PRO A 267 -2.12 -0.40 -5.91
CA PRO A 267 -0.76 -0.84 -6.28
C PRO A 267 -0.64 -1.75 -7.50
N LYS A 268 0.44 -1.65 -8.26
CA LYS A 268 0.57 -2.44 -9.52
C LYS A 268 0.82 -3.92 -9.20
N THR A 283 4.30 3.08 -9.28
CA THR A 283 3.89 2.72 -7.89
C THR A 283 2.44 2.21 -7.91
N HIS A 284 1.48 3.06 -8.30
CA HIS A 284 0.02 2.77 -8.32
C HIS A 284 -0.50 2.87 -9.75
N TYR A 285 -1.75 2.47 -9.97
CA TYR A 285 -2.45 2.65 -11.27
C TYR A 285 -2.86 4.11 -11.43
N ASP A 286 -2.90 4.59 -12.67
CA ASP A 286 -3.12 6.02 -12.97
C ASP A 286 -4.41 6.27 -13.75
N LEU A 287 -5.40 5.39 -13.68
CA LEU A 287 -6.46 5.24 -14.73
C LEU A 287 -7.76 5.92 -14.33
N GLU A 288 -8.13 5.84 -13.05
CA GLU A 288 -9.45 6.24 -12.54
C GLU A 288 -9.71 7.72 -12.82
N GLU A 289 -8.86 8.61 -12.33
CA GLU A 289 -9.12 10.07 -12.42
C GLU A 289 -9.22 10.44 -13.92
N LYS A 290 -8.29 9.92 -14.71
CA LYS A 290 -8.10 10.23 -16.15
C LYS A 290 -9.34 9.84 -16.94
N ILE A 291 -9.83 8.62 -16.73
CA ILE A 291 -11.01 8.06 -17.44
C ILE A 291 -12.28 8.75 -16.95
N ASN A 292 -12.53 8.78 -15.65
CA ASN A 292 -13.73 9.47 -15.12
C ASN A 292 -13.81 10.86 -15.74
N PHE A 293 -12.72 11.61 -15.74
CA PHE A 293 -12.71 12.99 -16.26
C PHE A 293 -13.05 12.99 -17.75
N ALA A 294 -12.55 12.01 -18.48
CA ALA A 294 -12.74 11.97 -19.95
C ALA A 294 -14.23 11.82 -20.21
N VAL A 295 -14.86 10.90 -19.48
CA VAL A 295 -16.31 10.64 -19.62
C VAL A 295 -17.04 11.94 -19.29
N PHE A 296 -16.74 12.50 -18.11
CA PHE A 296 -17.31 13.80 -17.70
C PHE A 296 -16.28 14.57 -16.90
N PRO A 297 -15.96 15.82 -17.29
CA PRO A 297 -16.73 16.55 -18.30
C PRO A 297 -16.31 16.56 -19.77
N SER A 298 -15.30 15.80 -20.18
CA SER A 298 -14.75 16.02 -21.54
C SER A 298 -15.80 15.69 -22.60
N LEU A 299 -16.30 14.45 -22.59
CA LEU A 299 -17.00 13.82 -23.74
C LEU A 299 -18.52 13.82 -23.59
N GLN A 300 -19.06 13.65 -22.39
CA GLN A 300 -20.54 13.53 -22.22
C GLN A 300 -21.08 14.71 -21.42
N GLY A 301 -22.40 14.79 -21.32
CA GLY A 301 -23.04 15.53 -20.23
C GLY A 301 -23.41 14.61 -19.10
N GLY A 302 -24.57 14.92 -18.51
CA GLY A 302 -25.19 14.16 -17.40
C GLY A 302 -25.48 12.73 -17.83
N PRO A 303 -25.46 11.76 -16.89
CA PRO A 303 -25.72 10.38 -17.24
C PRO A 303 -27.24 10.21 -17.33
N HIS A 304 -27.65 9.17 -18.04
CA HIS A 304 -29.02 8.59 -18.02
C HIS A 304 -29.23 7.81 -16.71
N ASN A 305 -29.77 8.50 -15.71
CA ASN A 305 -30.08 7.93 -14.38
C ASN A 305 -31.03 6.74 -14.53
N ASN A 306 -31.96 6.81 -15.46
CA ASN A 306 -32.94 5.73 -15.72
C ASN A 306 -32.17 4.49 -16.19
N HIS A 307 -31.25 4.65 -17.14
CA HIS A 307 -30.41 3.55 -17.71
C HIS A 307 -29.64 2.91 -16.57
N ILE A 308 -29.13 3.73 -15.65
CA ILE A 308 -28.22 3.26 -14.58
C ILE A 308 -28.98 2.38 -13.59
N ALA A 309 -30.17 2.78 -13.19
CA ALA A 309 -31.06 1.94 -12.38
C ALA A 309 -31.31 0.63 -13.13
N ALA A 310 -31.76 0.73 -14.36
CA ALA A 310 -32.08 -0.44 -15.19
C ALA A 310 -30.86 -1.38 -15.23
N LEU A 311 -29.66 -0.82 -15.37
CA LEU A 311 -28.40 -1.60 -15.37
C LEU A 311 -28.21 -2.33 -14.02
N ALA A 312 -28.39 -1.63 -12.90
CA ALA A 312 -28.29 -2.19 -11.54
C ALA A 312 -29.17 -3.43 -11.46
N ILE A 313 -30.41 -3.31 -11.92
CA ILE A 313 -31.33 -4.46 -11.90
C ILE A 313 -30.73 -5.58 -12.73
N ALA A 314 -30.29 -5.30 -13.93
CA ALA A 314 -29.74 -6.33 -14.86
C ALA A 314 -28.53 -7.04 -14.25
N LEU A 315 -27.71 -6.31 -13.50
CA LEU A 315 -26.44 -6.82 -12.92
C LEU A 315 -26.74 -7.69 -11.68
N LYS A 316 -27.74 -7.28 -10.92
CA LYS A 316 -28.23 -8.12 -9.81
C LYS A 316 -28.56 -9.50 -10.39
N GLN A 317 -29.15 -9.53 -11.57
CA GLN A 317 -29.68 -10.77 -12.15
C GLN A 317 -28.56 -11.58 -12.78
N VAL A 318 -27.47 -10.95 -13.16
CA VAL A 318 -26.32 -11.71 -13.73
C VAL A 318 -25.71 -12.61 -12.65
N ALA A 319 -25.70 -12.13 -11.42
CA ALA A 319 -25.06 -12.81 -10.30
C ALA A 319 -25.91 -13.98 -9.82
N THR A 320 -26.85 -14.50 -10.60
CA THR A 320 -27.76 -15.55 -10.09
C THR A 320 -27.45 -16.86 -10.78
N PRO A 321 -27.90 -18.01 -10.22
CA PRO A 321 -27.72 -19.32 -10.88
C PRO A 321 -28.51 -19.42 -12.18
N GLU A 322 -29.69 -18.79 -12.18
CA GLU A 322 -30.61 -18.72 -13.34
C GLU A 322 -29.80 -18.21 -14.53
N TYR A 323 -29.10 -17.11 -14.31
CA TYR A 323 -28.29 -16.46 -15.36
C TYR A 323 -27.16 -17.38 -15.82
N LYS A 324 -26.46 -18.01 -14.89
CA LYS A 324 -25.38 -18.95 -15.24
C LYS A 324 -25.96 -20.06 -16.10
N ALA A 325 -27.11 -20.61 -15.70
CA ALA A 325 -27.81 -21.64 -16.48
C ALA A 325 -28.20 -21.09 -17.84
N TYR A 326 -28.67 -19.84 -17.87
CA TYR A 326 -29.04 -19.16 -19.12
C TYR A 326 -27.85 -19.23 -20.07
N ILE A 327 -26.71 -18.74 -19.62
CA ILE A 327 -25.51 -18.77 -20.47
C ILE A 327 -25.22 -20.22 -20.85
N GLN A 328 -25.29 -21.13 -19.91
CA GLN A 328 -24.90 -22.51 -20.23
C GLN A 328 -25.78 -22.97 -21.40
N GLN A 329 -27.07 -22.70 -21.33
CA GLN A 329 -28.04 -23.17 -22.34
C GLN A 329 -27.71 -22.51 -23.68
N MET A 330 -27.41 -21.22 -23.62
CA MET A 330 -27.05 -20.39 -24.78
C MET A 330 -25.95 -21.11 -25.54
N LYS A 331 -24.95 -21.67 -24.84
CA LYS A 331 -23.78 -22.29 -25.49
C LYS A 331 -24.16 -23.66 -26.05
N LYS A 332 -24.93 -24.45 -25.28
CA LYS A 332 -25.46 -25.78 -25.69
C LYS A 332 -26.25 -25.61 -26.98
N ASN A 333 -27.04 -24.55 -27.05
CA ASN A 333 -27.90 -24.21 -28.22
C ASN A 333 -26.98 -23.93 -29.43
N ALA A 334 -25.91 -23.18 -29.20
CA ALA A 334 -24.93 -22.87 -30.26
C ALA A 334 -24.31 -24.17 -30.79
N GLN A 335 -23.93 -25.12 -29.94
CA GLN A 335 -23.33 -26.38 -30.44
C GLN A 335 -24.40 -27.13 -31.24
N ALA A 336 -25.63 -27.12 -30.73
CA ALA A 336 -26.79 -27.81 -31.32
C ALA A 336 -27.03 -27.29 -32.73
N LEU A 337 -26.87 -25.98 -32.90
CA LEU A 337 -27.14 -25.29 -34.19
C LEU A 337 -25.98 -25.56 -35.17
N ALA A 338 -24.75 -25.43 -34.70
CA ALA A 338 -23.51 -25.74 -35.44
C ALA A 338 -23.60 -27.18 -35.97
N ALA A 339 -23.90 -28.11 -35.06
CA ALA A 339 -23.93 -29.55 -35.38
C ALA A 339 -24.93 -29.80 -36.49
N ALA A 340 -26.09 -29.16 -36.36
CA ALA A 340 -27.24 -29.30 -37.26
C ALA A 340 -26.83 -28.82 -38.65
N LEU A 341 -26.17 -27.69 -38.73
CA LEU A 341 -25.78 -27.10 -40.01
C LEU A 341 -24.64 -27.93 -40.63
N LEU A 342 -23.67 -28.35 -39.84
CA LEU A 342 -22.54 -29.15 -40.38
C LEU A 342 -23.16 -30.38 -41.04
N ARG A 343 -24.02 -31.11 -40.29
CA ARG A 343 -24.75 -32.32 -40.78
C ARG A 343 -25.38 -32.01 -42.13
N ARG A 344 -25.81 -30.77 -42.34
CA ARG A 344 -26.44 -30.33 -43.61
C ARG A 344 -25.41 -29.69 -44.54
N LYS A 345 -24.15 -30.13 -44.48
CA LYS A 345 -23.07 -29.80 -45.46
C LYS A 345 -22.72 -28.30 -45.45
N CYS A 346 -23.04 -27.57 -44.40
CA CYS A 346 -22.70 -26.13 -44.32
C CYS A 346 -21.22 -25.97 -44.01
N ARG A 347 -20.67 -24.78 -44.29
CA ARG A 347 -19.30 -24.41 -43.89
C ARG A 347 -19.33 -23.31 -42.83
N LEU A 348 -18.74 -23.57 -41.67
CA LEU A 348 -18.62 -22.59 -40.57
C LEU A 348 -17.15 -22.17 -40.42
N VAL A 349 -16.93 -20.87 -40.29
CA VAL A 349 -15.59 -20.31 -39.99
C VAL A 349 -15.10 -20.89 -38.67
N THR A 350 -13.91 -21.48 -38.70
CA THR A 350 -13.21 -22.23 -37.64
C THR A 350 -13.89 -23.57 -37.44
N GLY A 351 -14.96 -23.87 -38.19
CA GLY A 351 -15.61 -25.18 -38.15
C GLY A 351 -16.44 -25.40 -36.89
N GLY A 352 -16.73 -24.32 -36.15
CA GLY A 352 -17.68 -24.34 -35.01
C GLY A 352 -17.56 -23.06 -34.23
N THR A 353 -17.68 -23.18 -32.91
CA THR A 353 -17.63 -22.04 -31.94
C THR A 353 -17.40 -22.59 -30.53
N ASP A 354 -16.81 -21.74 -29.67
CA ASP A 354 -16.59 -21.93 -28.21
C ASP A 354 -17.65 -21.13 -27.46
N ASN A 355 -18.42 -20.32 -28.18
CA ASN A 355 -19.33 -19.37 -27.50
C ASN A 355 -20.71 -19.55 -28.10
N HIS A 356 -21.35 -18.43 -28.33
CA HIS A 356 -22.80 -18.32 -28.57
C HIS A 356 -23.07 -17.95 -30.02
N LEU A 357 -22.05 -17.82 -30.87
CA LEU A 357 -22.22 -17.27 -32.24
C LEU A 357 -21.42 -18.08 -33.26
N LEU A 358 -21.84 -17.93 -34.51
CA LEU A 358 -21.49 -18.78 -35.65
C LEU A 358 -21.28 -17.87 -36.85
N LEU A 359 -20.15 -18.01 -37.53
CA LEU A 359 -19.97 -17.42 -38.88
C LEU A 359 -20.16 -18.56 -39.89
N TRP A 360 -21.19 -18.39 -40.71
CA TRP A 360 -21.63 -19.36 -41.73
C TRP A 360 -21.27 -18.78 -43.09
N ASP A 361 -20.39 -19.48 -43.80
CA ASP A 361 -19.95 -19.15 -45.18
C ASP A 361 -20.95 -19.78 -46.15
N LEU A 362 -21.59 -18.97 -46.96
CA LEU A 362 -22.66 -19.43 -47.87
C LEU A 362 -22.11 -19.61 -49.28
N THR A 363 -20.86 -19.21 -49.55
CA THR A 363 -20.33 -19.18 -50.93
C THR A 363 -20.34 -20.61 -51.49
N PRO A 364 -20.10 -21.69 -50.71
CA PRO A 364 -20.24 -23.04 -51.26
C PRO A 364 -21.64 -23.36 -51.80
N MET A 365 -22.68 -22.65 -51.37
CA MET A 365 -24.08 -22.81 -51.85
C MET A 365 -24.34 -21.77 -52.94
N GLY A 366 -23.35 -20.93 -53.21
CA GLY A 366 -23.45 -19.92 -54.27
C GLY A 366 -24.28 -18.74 -53.83
N LEU A 367 -24.29 -18.41 -52.54
CA LEU A 367 -25.13 -17.31 -52.04
C LEU A 367 -24.27 -16.25 -51.41
N THR A 368 -24.65 -14.98 -51.60
CA THR A 368 -24.07 -13.84 -50.85
C THR A 368 -24.92 -13.68 -49.59
N GLY A 369 -24.33 -13.14 -48.53
CA GLY A 369 -25.03 -12.77 -47.30
C GLY A 369 -26.03 -11.68 -47.58
N LYS A 370 -25.71 -10.74 -48.45
CA LYS A 370 -26.55 -9.54 -48.74
C LYS A 370 -27.97 -9.99 -49.10
N VAL A 371 -28.08 -11.04 -49.92
CA VAL A 371 -29.39 -11.47 -50.50
C VAL A 371 -30.07 -12.45 -49.52
N TYR A 372 -29.36 -13.45 -49.01
CA TYR A 372 -29.90 -14.43 -48.02
C TYR A 372 -30.51 -13.74 -46.79
N GLU A 373 -29.79 -12.77 -46.26
CA GLU A 373 -30.25 -11.77 -45.25
C GLU A 373 -31.65 -11.27 -45.63
N LYS A 374 -31.85 -10.80 -46.85
CA LYS A 374 -33.09 -10.06 -47.20
C LYS A 374 -34.24 -11.04 -47.35
N VAL A 375 -33.95 -12.26 -47.80
CA VAL A 375 -34.97 -13.35 -47.92
C VAL A 375 -35.35 -13.86 -46.53
N CYS A 376 -34.38 -13.98 -45.63
CA CYS A 376 -34.68 -14.38 -44.23
C CYS A 376 -35.59 -13.33 -43.60
N GLU A 377 -35.32 -12.05 -43.83
CA GLU A 377 -36.20 -10.97 -43.34
C GLU A 377 -37.64 -11.23 -43.76
N MET A 378 -37.86 -11.54 -45.04
CA MET A 378 -39.19 -11.80 -45.63
C MET A 378 -39.85 -12.99 -44.94
N CYS A 379 -39.09 -13.87 -44.33
CA CYS A 379 -39.63 -15.06 -43.64
C CYS A 379 -39.59 -14.88 -42.13
N HIS A 380 -39.61 -13.63 -41.67
CA HIS A 380 -39.55 -13.32 -40.21
C HIS A 380 -38.31 -13.93 -39.54
N ILE A 381 -37.22 -14.14 -40.26
CA ILE A 381 -35.93 -14.55 -39.63
C ILE A 381 -34.96 -13.38 -39.69
N THR A 382 -34.46 -12.86 -38.56
CA THR A 382 -33.52 -11.72 -38.58
C THR A 382 -32.10 -12.22 -38.30
N LEU A 383 -31.25 -11.99 -39.28
CA LEU A 383 -29.82 -12.34 -39.41
C LEU A 383 -29.05 -11.11 -39.87
N ASN A 384 -27.75 -11.23 -40.01
CA ASN A 384 -27.01 -10.12 -40.68
C ASN A 384 -25.78 -10.69 -41.37
N LYS A 385 -25.65 -10.34 -42.64
CA LYS A 385 -24.46 -10.61 -43.49
C LYS A 385 -23.25 -10.10 -42.75
N THR A 386 -22.13 -10.77 -42.92
CA THR A 386 -20.86 -10.42 -42.26
C THR A 386 -19.70 -10.58 -43.27
N ALA A 387 -18.65 -9.80 -43.03
CA ALA A 387 -17.34 -9.98 -43.66
C ALA A 387 -16.74 -11.31 -43.18
N ILE A 388 -16.27 -12.12 -44.12
CA ILE A 388 -15.43 -13.33 -43.87
C ILE A 388 -14.41 -13.43 -45.01
N PHE A 389 -13.24 -14.02 -44.72
CA PHE A 389 -12.18 -14.27 -45.73
C PHE A 389 -12.56 -15.50 -46.58
N GLY A 390 -12.23 -15.48 -47.87
CA GLY A 390 -12.47 -16.60 -48.81
C GLY A 390 -11.33 -17.63 -48.78
N GLY A 393 -6.11 -14.60 -50.81
CA GLY A 393 -7.36 -14.83 -50.06
C GLY A 393 -8.17 -13.55 -49.85
N THR A 394 -9.21 -13.32 -50.67
CA THR A 394 -10.03 -12.08 -50.65
C THR A 394 -11.10 -12.18 -49.56
N ILE A 395 -11.67 -11.03 -49.16
CA ILE A 395 -12.89 -10.95 -48.29
C ILE A 395 -14.12 -11.23 -49.17
N SER A 396 -14.79 -12.37 -48.96
CA SER A 396 -16.05 -12.74 -49.67
C SER A 396 -17.23 -12.09 -48.95
N PRO A 397 -18.34 -11.76 -49.67
CA PRO A 397 -19.49 -11.09 -49.05
C PRO A 397 -20.56 -12.11 -48.61
N GLY A 398 -20.12 -13.37 -48.47
CA GLY A 398 -20.92 -14.61 -48.43
C GLY A 398 -20.99 -15.17 -47.02
N GLY A 399 -20.60 -14.36 -46.04
CA GLY A 399 -20.78 -14.72 -44.64
C GLY A 399 -22.13 -14.27 -44.10
N VAL A 400 -22.64 -14.99 -43.10
CA VAL A 400 -23.72 -14.45 -42.26
C VAL A 400 -23.46 -14.81 -40.79
N ARG A 401 -23.83 -13.91 -39.88
CA ARG A 401 -23.57 -14.08 -38.43
C ARG A 401 -24.89 -14.38 -37.71
N ILE A 402 -24.86 -15.48 -36.97
CA ILE A 402 -25.97 -16.04 -36.18
C ILE A 402 -25.54 -16.17 -34.71
N GLY A 403 -26.42 -15.86 -33.76
CA GLY A 403 -26.19 -16.11 -32.33
C GLY A 403 -27.41 -16.74 -31.71
N THR A 404 -27.27 -17.28 -30.48
CA THR A 404 -28.35 -17.99 -29.74
C THR A 404 -28.97 -17.13 -28.63
N PRO A 405 -28.38 -16.01 -28.17
CA PRO A 405 -28.84 -15.37 -26.94
C PRO A 405 -30.34 -15.02 -26.89
N ALA A 406 -30.87 -14.51 -28.00
CA ALA A 406 -32.27 -14.03 -28.11
C ALA A 406 -33.20 -15.23 -27.98
N MET A 407 -33.16 -16.21 -28.87
CA MET A 407 -34.12 -17.34 -28.78
C MET A 407 -33.90 -18.14 -27.49
N THR A 408 -32.69 -18.09 -26.93
CA THR A 408 -32.37 -18.82 -25.69
C THR A 408 -33.15 -18.15 -24.56
N THR A 409 -33.14 -16.82 -24.54
CA THR A 409 -33.92 -16.00 -23.58
C THR A 409 -35.39 -16.39 -23.62
N ARG A 410 -35.94 -16.64 -24.81
CA ARG A 410 -37.38 -16.96 -25.02
C ARG A 410 -37.66 -18.43 -24.68
N GLY A 411 -36.66 -19.20 -24.26
CA GLY A 411 -36.88 -20.54 -23.70
C GLY A 411 -36.72 -21.63 -24.74
N CYS A 412 -36.07 -21.30 -25.85
CA CYS A 412 -35.61 -22.31 -26.84
C CYS A 412 -34.47 -23.12 -26.24
N ILE A 413 -34.42 -24.38 -26.66
CA ILE A 413 -33.43 -25.40 -26.21
C ILE A 413 -32.86 -26.09 -27.48
N GLU A 414 -31.98 -27.07 -27.30
CA GLU A 414 -31.24 -27.67 -28.41
C GLU A 414 -32.21 -28.01 -29.56
N SER A 415 -33.20 -28.86 -29.35
CA SER A 415 -34.06 -29.39 -30.45
C SER A 415 -34.76 -28.25 -31.20
N ASP A 416 -35.04 -27.13 -30.53
CA ASP A 416 -35.69 -25.96 -31.16
C ASP A 416 -34.73 -25.37 -32.21
N PHE A 417 -33.46 -25.23 -31.84
CA PHE A 417 -32.40 -24.77 -32.75
C PHE A 417 -32.26 -25.75 -33.92
N GLU A 418 -32.40 -27.05 -33.69
CA GLU A 418 -32.36 -28.02 -34.82
C GLU A 418 -33.50 -27.67 -35.81
N THR A 419 -34.70 -27.36 -35.29
CA THR A 419 -35.84 -26.92 -36.12
C THR A 419 -35.46 -25.66 -36.90
N MET A 420 -34.95 -24.65 -36.19
CA MET A 420 -34.50 -23.36 -36.78
C MET A 420 -33.53 -23.61 -37.92
N ALA A 421 -32.56 -24.51 -37.72
CA ALA A 421 -31.62 -24.95 -38.77
C ALA A 421 -32.41 -25.32 -40.04
N ASP A 422 -33.45 -26.14 -39.92
CA ASP A 422 -34.25 -26.60 -41.08
C ASP A 422 -34.82 -25.39 -41.84
N PHE A 423 -35.26 -24.37 -41.10
CA PHE A 423 -35.81 -23.13 -41.68
C PHE A 423 -34.69 -22.41 -42.43
N LEU A 424 -33.53 -22.30 -41.81
CA LEU A 424 -32.36 -21.63 -42.42
C LEU A 424 -32.02 -22.30 -43.75
N ILE A 425 -32.12 -23.61 -43.84
CA ILE A 425 -31.81 -24.31 -45.12
C ILE A 425 -32.97 -24.03 -46.10
N LYS A 426 -34.20 -24.10 -45.64
CA LYS A 426 -35.33 -23.95 -46.58
C LYS A 426 -35.22 -22.55 -47.18
N ALA A 427 -34.83 -21.60 -46.35
CA ALA A 427 -34.57 -20.22 -46.82
C ALA A 427 -33.47 -20.20 -47.89
N ALA A 428 -32.37 -20.89 -47.66
CA ALA A 428 -31.23 -20.98 -48.63
C ALA A 428 -31.72 -21.62 -49.92
N GLN A 429 -32.43 -22.76 -49.85
CA GLN A 429 -32.96 -23.47 -51.04
C GLN A 429 -33.85 -22.54 -51.85
N ILE A 430 -34.61 -21.71 -51.18
CA ILE A 430 -35.48 -20.72 -51.89
C ILE A 430 -34.63 -19.67 -52.55
N THR A 431 -33.65 -19.16 -51.83
CA THR A 431 -32.77 -18.10 -52.32
C THR A 431 -32.09 -18.61 -53.61
N SER A 432 -31.46 -19.79 -53.61
CA SER A 432 -30.80 -20.34 -54.83
C SER A 432 -31.81 -20.30 -55.96
N ALA A 433 -33.00 -20.88 -55.71
CA ALA A 433 -34.09 -21.03 -56.71
C ALA A 433 -34.41 -19.69 -57.32
N LEU A 434 -34.47 -18.65 -56.49
CA LEU A 434 -34.89 -17.31 -56.92
C LEU A 434 -33.75 -16.64 -57.69
N GLN A 435 -32.56 -16.53 -57.09
CA GLN A 435 -31.37 -15.96 -57.78
C GLN A 435 -31.39 -16.50 -59.21
N ARG A 436 -31.54 -17.83 -59.37
CA ARG A 436 -31.48 -18.55 -60.67
C ARG A 436 -32.50 -17.91 -61.61
N GLU A 437 -33.80 -17.98 -61.31
CA GLU A 437 -34.87 -17.53 -62.23
C GLU A 437 -34.87 -16.01 -62.39
N HIS A 438 -34.88 -15.27 -61.28
CA HIS A 438 -35.17 -13.81 -61.30
C HIS A 438 -33.96 -13.02 -60.83
N GLY A 439 -32.75 -13.56 -60.89
CA GLY A 439 -31.54 -12.88 -60.36
C GLY A 439 -30.99 -11.87 -61.35
N LYS A 440 -31.49 -11.89 -62.60
CA LYS A 440 -31.04 -11.01 -63.72
C LYS A 440 -31.08 -9.54 -63.27
N SER A 441 -32.20 -9.08 -62.72
CA SER A 441 -32.38 -7.67 -62.27
C SER A 441 -32.82 -7.61 -60.81
N HIS A 442 -32.29 -6.62 -60.08
CA HIS A 442 -32.57 -6.37 -58.64
C HIS A 442 -34.05 -6.02 -58.45
N LYS A 443 -34.63 -5.32 -59.41
CA LYS A 443 -36.07 -4.96 -59.41
C LYS A 443 -36.92 -6.21 -59.61
N GLU A 444 -36.61 -7.02 -60.62
CA GLU A 444 -37.35 -8.26 -60.98
C GLU A 444 -37.20 -9.28 -59.84
N PHE A 445 -36.13 -9.16 -59.06
CA PHE A 445 -35.85 -10.03 -57.90
C PHE A 445 -36.81 -9.67 -56.76
N VAL A 446 -36.74 -8.40 -56.34
CA VAL A 446 -37.54 -7.88 -55.20
C VAL A 446 -39.02 -8.18 -55.49
N LYS A 447 -39.46 -8.08 -56.74
CA LYS A 447 -40.87 -8.36 -57.06
C LYS A 447 -41.20 -9.81 -56.69
N SER A 448 -40.44 -10.76 -57.22
CA SER A 448 -40.62 -12.23 -57.01
C SER A 448 -40.64 -12.57 -55.53
N LEU A 449 -39.84 -11.85 -54.73
CA LEU A 449 -39.81 -12.03 -53.26
C LEU A 449 -41.20 -11.76 -52.70
N CYS A 450 -41.75 -10.58 -52.98
CA CYS A 450 -43.04 -10.13 -52.43
C CYS A 450 -44.14 -11.12 -52.79
N THR A 451 -44.04 -11.84 -53.91
CA THR A 451 -45.18 -12.59 -54.49
C THR A 451 -44.85 -14.06 -54.69
N ASN A 452 -44.09 -14.68 -53.78
CA ASN A 452 -43.61 -16.06 -53.96
C ASN A 452 -44.31 -16.92 -52.93
N LYS A 453 -44.82 -18.07 -53.33
CA LYS A 453 -45.62 -18.95 -52.45
C LYS A 453 -44.72 -19.66 -51.45
N ASP A 454 -43.55 -20.13 -51.85
CA ASP A 454 -42.60 -20.90 -50.98
C ASP A 454 -42.13 -20.01 -49.83
N ILE A 455 -41.95 -18.71 -50.08
CA ILE A 455 -41.56 -17.76 -49.00
C ILE A 455 -42.71 -17.67 -48.02
N ALA A 456 -43.90 -17.39 -48.53
CA ALA A 456 -45.11 -17.20 -47.73
C ALA A 456 -45.33 -18.46 -46.88
N GLU A 457 -45.09 -19.64 -47.44
CA GLU A 457 -45.32 -20.91 -46.71
C GLU A 457 -44.32 -20.99 -45.56
N LEU A 458 -43.06 -20.72 -45.81
CA LEU A 458 -42.02 -20.80 -44.76
C LEU A 458 -42.20 -19.69 -43.72
N ARG A 459 -42.65 -18.51 -44.12
CA ARG A 459 -42.99 -17.41 -43.19
C ARG A 459 -44.04 -17.95 -42.21
N ASN A 460 -45.05 -18.63 -42.73
CA ASN A 460 -46.14 -19.15 -41.87
C ASN A 460 -45.55 -20.14 -40.89
N ARG A 461 -44.68 -21.02 -41.36
CA ARG A 461 -44.06 -22.05 -40.49
C ARG A 461 -43.31 -21.34 -39.35
N VAL A 462 -42.66 -20.22 -39.65
CA VAL A 462 -41.80 -19.48 -38.70
C VAL A 462 -42.66 -18.76 -37.68
N GLU A 463 -43.68 -18.05 -38.13
CA GLU A 463 -44.61 -17.37 -37.20
C GLU A 463 -45.22 -18.40 -36.25
N ALA A 464 -45.69 -19.51 -36.80
CA ALA A 464 -46.33 -20.59 -36.01
C ALA A 464 -45.35 -21.05 -34.96
N PHE A 465 -44.10 -21.27 -35.36
CA PHE A 465 -42.99 -21.72 -34.49
C PHE A 465 -42.82 -20.69 -33.39
N ALA A 466 -42.63 -19.44 -33.81
CA ALA A 466 -42.23 -18.32 -32.95
C ALA A 466 -43.21 -18.17 -31.80
N LEU A 467 -44.51 -18.30 -32.10
CA LEU A 467 -45.59 -17.97 -31.12
C LEU A 467 -45.59 -19.00 -30.00
N GLN A 468 -44.89 -20.12 -30.19
CA GLN A 468 -44.80 -21.18 -29.17
C GLN A 468 -43.90 -20.70 -28.03
N TYR A 469 -43.14 -19.63 -28.19
CA TYR A 469 -42.13 -19.21 -27.19
C TYR A 469 -42.58 -17.91 -26.53
N GLU A 470 -42.30 -17.78 -25.25
CA GLU A 470 -42.74 -16.60 -24.49
C GLU A 470 -41.94 -15.39 -24.96
N MET A 471 -42.42 -14.22 -24.61
CA MET A 471 -41.71 -12.98 -24.95
C MET A 471 -41.74 -12.05 -23.76
N PRO A 472 -40.61 -11.94 -23.04
CA PRO A 472 -40.54 -11.17 -21.80
C PRO A 472 -41.28 -9.84 -21.86
N ALA A 473 -42.04 -9.51 -20.83
CA ALA A 473 -42.72 -8.20 -20.69
C ALA A 473 -43.78 -8.03 -21.78
N SER A 474 -44.93 -8.69 -21.61
CA SER A 474 -46.17 -8.40 -22.39
C SER A 474 -47.15 -7.75 -21.39
N LEU A 475 -47.07 -6.41 -21.42
CA LEU A 475 -47.49 -5.41 -20.40
C LEU A 475 -48.05 -6.12 -19.17
N LEU B 4 -42.28 -28.64 -21.62
CA LEU B 4 -42.45 -27.47 -22.53
C LEU B 4 -43.13 -26.35 -21.74
N GLU B 5 -44.38 -26.56 -21.32
CA GLU B 5 -45.20 -25.48 -20.72
C GLU B 5 -44.51 -25.02 -19.44
N SER B 6 -43.75 -25.90 -18.80
CA SER B 6 -42.98 -25.57 -17.58
C SER B 6 -41.97 -24.47 -17.93
N ARG B 7 -41.18 -24.66 -19.00
CA ARG B 7 -40.16 -23.66 -19.43
C ARG B 7 -40.82 -22.36 -19.85
N ARG B 8 -41.92 -22.46 -20.59
CA ARG B 8 -42.69 -21.28 -21.05
C ARG B 8 -43.07 -20.42 -19.83
N ALA B 9 -43.38 -21.05 -18.70
CA ALA B 9 -43.82 -20.36 -17.46
C ALA B 9 -42.62 -19.76 -16.77
N ALA B 10 -41.46 -20.42 -16.87
CA ALA B 10 -40.17 -19.98 -16.30
C ALA B 10 -39.76 -18.66 -16.95
N VAL B 11 -39.95 -18.57 -18.26
CA VAL B 11 -39.65 -17.32 -18.97
C VAL B 11 -40.60 -16.26 -18.46
N ARG B 12 -41.92 -16.52 -18.48
CA ARG B 12 -42.96 -15.50 -18.19
C ARG B 12 -42.72 -15.00 -16.77
N ALA B 13 -42.36 -15.93 -15.91
CA ALA B 13 -42.15 -15.67 -14.46
C ALA B 13 -41.18 -14.51 -14.38
N TRP B 14 -40.01 -14.69 -15.03
CA TRP B 14 -38.81 -13.82 -14.98
C TRP B 14 -39.06 -12.51 -15.72
N GLY B 15 -39.73 -12.62 -16.87
CA GLY B 15 -39.90 -11.55 -17.84
C GLY B 15 -40.93 -10.55 -17.40
N ASP B 16 -41.91 -11.01 -16.63
CA ASP B 16 -43.10 -10.20 -16.28
C ASP B 16 -43.09 -9.83 -14.81
N GLN B 17 -42.06 -10.23 -14.07
CA GLN B 17 -41.86 -9.87 -12.64
C GLN B 17 -41.71 -8.37 -12.49
N PRO B 18 -42.55 -7.74 -11.65
CA PRO B 18 -42.50 -6.29 -11.46
C PRO B 18 -41.24 -5.84 -10.71
N ILE B 19 -40.90 -4.57 -10.86
CA ILE B 19 -39.66 -3.99 -10.30
C ILE B 19 -39.67 -4.14 -8.78
N HIS B 20 -40.83 -4.00 -8.16
CA HIS B 20 -40.92 -3.90 -6.68
C HIS B 20 -40.64 -5.28 -6.10
N LEU B 21 -40.84 -6.34 -6.87
CA LEU B 21 -40.43 -7.72 -6.50
C LEU B 21 -39.02 -8.01 -7.01
N ALA B 22 -38.73 -7.75 -8.27
CA ALA B 22 -37.46 -8.14 -8.92
C ALA B 22 -36.26 -7.49 -8.24
N ASP B 23 -36.44 -6.30 -7.67
CA ASP B 23 -35.34 -5.52 -7.05
C ASP B 23 -35.89 -4.51 -6.06
N PRO B 24 -36.19 -4.96 -4.82
CA PRO B 24 -36.74 -4.08 -3.80
C PRO B 24 -35.78 -2.93 -3.45
N ASP B 25 -34.48 -3.22 -3.33
CA ASP B 25 -33.50 -2.21 -2.88
C ASP B 25 -33.53 -1.02 -3.83
N ILE B 26 -33.57 -1.26 -5.14
CA ILE B 26 -33.64 -0.21 -6.20
C ILE B 26 -35.01 0.45 -6.08
N HIS B 27 -36.07 -0.36 -6.09
CA HIS B 27 -37.47 0.11 -6.03
C HIS B 27 -37.63 1.10 -4.87
N GLU B 28 -37.03 0.82 -3.74
CA GLU B 28 -37.13 1.70 -2.56
C GLU B 28 -36.51 3.05 -2.88
N LEU B 29 -35.32 3.03 -3.48
CA LEU B 29 -34.57 4.25 -3.85
C LEU B 29 -35.34 5.05 -4.90
N MET B 30 -35.95 4.36 -5.85
CA MET B 30 -36.72 5.06 -6.90
C MET B 30 -37.89 5.78 -6.25
N GLU B 31 -38.54 5.14 -5.28
CA GLU B 31 -39.74 5.69 -4.60
C GLU B 31 -39.32 6.87 -3.75
N LYS B 32 -38.20 6.77 -3.04
CA LYS B 32 -37.66 7.90 -2.23
C LYS B 32 -37.34 9.08 -3.13
N GLU B 33 -36.84 8.85 -4.34
CA GLU B 33 -36.47 9.91 -5.31
C GLU B 33 -37.74 10.53 -5.89
N LYS B 34 -38.75 9.73 -6.25
CA LYS B 34 -40.09 10.23 -6.65
C LYS B 34 -40.65 11.17 -5.56
N GLN B 35 -40.51 10.80 -4.28
CA GLN B 35 -40.99 11.63 -3.15
C GLN B 35 -40.19 12.92 -3.08
N ARG B 36 -38.86 12.82 -3.14
CA ARG B 36 -37.98 14.01 -3.16
C ARG B 36 -38.50 14.99 -4.22
N GLN B 37 -38.83 14.48 -5.41
CA GLN B 37 -39.17 15.33 -6.58
C GLN B 37 -40.45 16.08 -6.23
N VAL B 38 -41.37 15.41 -5.57
CA VAL B 38 -42.73 15.94 -5.28
C VAL B 38 -42.62 16.99 -4.18
N ARG B 39 -41.81 16.72 -3.17
CA ARG B 39 -41.81 17.47 -1.90
C ARG B 39 -40.80 18.62 -1.92
N GLY B 40 -40.28 18.96 -3.09
CA GLY B 40 -39.22 19.97 -3.21
C GLY B 40 -39.53 20.96 -4.31
N ILE B 41 -38.92 22.13 -4.25
CA ILE B 41 -38.99 23.13 -5.35
C ILE B 41 -37.82 22.87 -6.29
N GLU B 42 -38.07 22.93 -7.61
CA GLU B 42 -37.04 22.77 -8.66
C GLU B 42 -36.85 24.09 -9.38
N LEU B 43 -35.70 24.70 -9.15
CA LEU B 43 -35.38 26.01 -9.76
C LEU B 43 -34.17 25.88 -10.67
N ILE B 44 -33.65 24.68 -10.88
CA ILE B 44 -32.59 24.48 -11.90
C ILE B 44 -33.22 24.74 -13.27
N ALA B 45 -32.62 25.64 -14.04
CA ALA B 45 -33.24 26.17 -15.27
C ALA B 45 -33.23 25.09 -16.36
N SER B 46 -32.27 24.17 -16.27
CA SER B 46 -32.17 22.96 -17.11
C SER B 46 -33.43 22.15 -16.89
N GLU B 47 -33.60 21.68 -15.64
CA GLU B 47 -34.55 20.59 -15.27
C GLU B 47 -35.97 20.88 -15.72
N ASN B 48 -36.71 19.80 -15.90
CA ASN B 48 -38.16 19.80 -16.21
C ASN B 48 -38.73 18.42 -15.82
N PHE B 49 -40.05 18.25 -15.92
CA PHE B 49 -40.78 16.98 -15.61
C PHE B 49 -41.51 16.51 -16.86
N VAL B 50 -41.35 15.24 -17.22
CA VAL B 50 -41.91 14.66 -18.47
C VAL B 50 -43.23 13.99 -18.10
N CYS B 51 -44.08 13.88 -19.10
CA CYS B 51 -45.42 13.26 -19.03
C CYS B 51 -45.25 11.75 -19.09
N ARG B 52 -46.32 11.04 -18.83
CA ARG B 52 -46.28 9.58 -18.69
C ARG B 52 -45.96 8.94 -20.02
N ALA B 53 -46.63 9.37 -21.08
CA ALA B 53 -46.47 8.84 -22.45
C ALA B 53 -44.99 8.79 -22.85
N VAL B 54 -44.22 9.80 -22.50
CA VAL B 54 -42.75 9.79 -22.77
C VAL B 54 -42.08 8.64 -21.99
N MET B 55 -42.42 8.49 -20.72
CA MET B 55 -41.86 7.39 -19.91
C MET B 55 -42.31 6.06 -20.49
N GLU B 56 -43.56 5.93 -20.89
CA GLU B 56 -44.03 4.65 -21.45
C GLU B 56 -43.24 4.32 -22.72
N ALA B 57 -42.88 5.34 -23.51
CA ALA B 57 -42.05 5.16 -24.74
C ALA B 57 -40.64 4.66 -24.33
N LEU B 58 -40.04 5.30 -23.33
CA LEU B 58 -38.69 4.93 -22.88
C LEU B 58 -38.68 3.48 -22.39
N GLY B 59 -39.70 3.15 -21.59
CA GLY B 59 -39.79 1.86 -20.90
C GLY B 59 -40.52 0.87 -21.76
N SER B 60 -40.02 0.58 -22.96
CA SER B 60 -40.75 -0.23 -23.95
C SER B 60 -39.80 -1.22 -24.61
N HIS B 61 -40.38 -2.16 -25.34
CA HIS B 61 -39.71 -3.22 -26.14
C HIS B 61 -38.82 -2.63 -27.23
N LEU B 62 -38.84 -1.31 -27.45
CA LEU B 62 -38.02 -0.68 -28.54
C LEU B 62 -36.56 -0.85 -28.17
N THR B 63 -36.22 -0.85 -26.87
CA THR B 63 -34.82 -1.05 -26.44
C THR B 63 -34.35 -2.41 -26.94
N ASN B 64 -35.21 -3.28 -27.44
CA ASN B 64 -34.79 -4.67 -27.75
C ASN B 64 -34.14 -4.75 -29.13
N LYS B 65 -34.45 -3.78 -29.98
CA LYS B 65 -34.08 -3.79 -31.42
C LYS B 65 -32.86 -2.91 -31.63
N TYR B 66 -31.83 -3.47 -32.24
CA TYR B 66 -30.60 -2.75 -32.64
C TYR B 66 -30.83 -2.24 -34.06
N SER B 67 -30.59 -0.95 -34.25
CA SER B 67 -30.89 -0.23 -35.51
C SER B 67 -29.70 0.62 -35.97
N GLU B 68 -28.50 0.07 -36.03
CA GLU B 68 -27.35 0.83 -36.56
C GLU B 68 -27.71 1.32 -37.96
N GLY B 69 -27.54 2.61 -38.17
CA GLY B 69 -27.63 3.20 -39.50
C GLY B 69 -28.69 4.28 -39.54
N MET B 70 -29.22 4.55 -40.72
CA MET B 70 -30.28 5.55 -40.93
C MET B 70 -31.51 4.83 -41.42
N PRO B 71 -32.71 5.46 -41.31
CA PRO B 71 -33.94 4.91 -41.89
C PRO B 71 -33.76 4.65 -43.39
N GLY B 72 -34.14 3.45 -43.85
CA GLY B 72 -34.07 2.97 -45.24
C GLY B 72 -32.68 2.54 -45.64
N ALA B 73 -31.70 2.60 -44.72
CA ALA B 73 -30.27 2.31 -44.97
C ALA B 73 -29.65 1.85 -43.66
N ARG B 74 -30.23 0.80 -43.06
CA ARG B 74 -29.78 0.18 -41.79
C ARG B 74 -28.82 -0.97 -42.05
N TYR B 75 -28.01 -1.26 -41.06
CA TYR B 75 -27.02 -2.37 -41.06
C TYR B 75 -27.77 -3.70 -40.89
N TYR B 76 -28.93 -3.67 -40.23
CA TYR B 76 -29.68 -4.90 -39.80
C TYR B 76 -31.11 -4.93 -40.36
N THR B 77 -31.55 -6.13 -40.71
CA THR B 77 -32.95 -6.42 -41.12
C THR B 77 -33.89 -6.24 -39.93
N GLY B 78 -35.19 -6.13 -40.20
CA GLY B 78 -36.28 -6.08 -39.19
C GLY B 78 -36.65 -4.66 -38.75
N ASN B 79 -36.08 -3.64 -39.41
CA ASN B 79 -36.21 -2.24 -38.94
C ASN B 79 -37.37 -1.55 -39.65
N GLN B 80 -38.29 -2.31 -40.26
CA GLN B 80 -39.35 -1.67 -41.05
C GLN B 80 -40.20 -0.78 -40.15
N TYR B 81 -40.39 -1.10 -38.86
CA TYR B 81 -41.27 -0.28 -37.97
C TYR B 81 -40.44 0.79 -37.27
N ILE B 82 -39.22 0.44 -36.89
CA ILE B 82 -38.33 1.46 -36.26
C ILE B 82 -38.02 2.60 -37.24
N ASP B 83 -37.85 2.29 -38.51
CA ASP B 83 -37.69 3.32 -39.55
C ASP B 83 -38.89 4.25 -39.48
N GLN B 84 -40.09 3.70 -39.46
CA GLN B 84 -41.32 4.54 -39.59
C GLN B 84 -41.38 5.49 -38.40
N ILE B 85 -40.95 5.02 -37.23
CA ILE B 85 -40.93 5.84 -35.99
C ILE B 85 -39.89 6.95 -36.13
N GLU B 86 -38.67 6.61 -36.50
CA GLU B 86 -37.57 7.61 -36.66
C GLU B 86 -38.01 8.66 -37.68
N ASN B 87 -38.53 8.20 -38.81
CA ASN B 87 -38.98 9.11 -39.88
C ASN B 87 -40.02 10.04 -39.27
N LEU B 88 -40.96 9.49 -38.54
CA LEU B 88 -42.07 10.27 -37.98
C LEU B 88 -41.49 11.28 -37.01
N CYS B 89 -40.57 10.82 -36.17
CA CYS B 89 -39.86 11.69 -35.20
C CYS B 89 -39.19 12.86 -35.92
N ILE B 90 -38.54 12.58 -37.06
CA ILE B 90 -37.90 13.61 -37.91
C ILE B 90 -38.96 14.60 -38.39
N GLU B 91 -39.97 14.14 -39.11
CA GLU B 91 -41.04 15.01 -39.67
C GLU B 91 -41.52 15.96 -38.58
N ARG B 92 -41.72 15.43 -37.38
CA ARG B 92 -42.29 16.20 -36.23
C ARG B 92 -41.28 17.24 -35.74
N ALA B 93 -39.99 16.95 -35.85
CA ALA B 93 -38.89 17.88 -35.48
C ALA B 93 -38.87 19.10 -36.42
N LEU B 94 -38.98 18.85 -37.73
CA LEU B 94 -39.07 19.94 -38.71
C LEU B 94 -40.33 20.72 -38.34
N THR B 95 -41.51 20.09 -38.37
CA THR B 95 -42.78 20.86 -38.22
C THR B 95 -42.67 21.65 -36.91
N ALA B 96 -42.03 21.11 -35.88
CA ALA B 96 -41.92 21.77 -34.56
C ALA B 96 -41.26 23.13 -34.72
N PHE B 97 -40.29 23.26 -35.60
CA PHE B 97 -39.49 24.51 -35.71
C PHE B 97 -39.85 25.18 -37.02
N GLY B 98 -41.01 24.84 -37.57
CA GLY B 98 -41.55 25.41 -38.82
C GLY B 98 -40.53 25.38 -39.94
N LEU B 99 -39.98 24.20 -40.22
CA LEU B 99 -38.96 24.00 -41.28
C LEU B 99 -39.54 23.10 -42.39
N GLU B 100 -39.01 23.27 -43.60
CA GLU B 100 -39.38 22.45 -44.78
C GLU B 100 -38.24 21.48 -45.11
N SER B 101 -38.63 20.25 -45.43
CA SER B 101 -37.70 19.13 -45.69
C SER B 101 -36.78 19.44 -46.87
N ASP B 102 -37.20 20.24 -47.85
CA ASP B 102 -36.36 20.60 -49.03
C ASP B 102 -35.23 21.53 -48.57
N LYS B 103 -35.39 22.26 -47.47
CA LYS B 103 -34.41 23.29 -47.02
C LYS B 103 -33.62 22.83 -45.80
N TRP B 104 -34.13 21.85 -45.06
CA TRP B 104 -33.52 21.37 -43.78
C TRP B 104 -33.68 19.86 -43.60
N GLY B 105 -32.69 19.22 -43.02
CA GLY B 105 -32.73 17.83 -42.55
C GLY B 105 -32.35 17.76 -41.08
N VAL B 106 -32.59 16.62 -40.44
CA VAL B 106 -32.34 16.49 -38.98
C VAL B 106 -31.93 15.05 -38.64
N ASN B 107 -30.88 14.95 -37.84
CA ASN B 107 -30.39 13.67 -37.27
C ASN B 107 -30.78 13.69 -35.80
N VAL B 108 -31.50 12.66 -35.34
CA VAL B 108 -32.10 12.62 -33.98
C VAL B 108 -31.42 11.54 -33.14
N GLN B 109 -30.33 10.94 -33.63
CA GLN B 109 -29.63 9.82 -32.96
C GLN B 109 -28.69 10.31 -31.85
N PRO B 110 -28.15 11.55 -31.89
CA PRO B 110 -27.13 11.96 -30.92
C PRO B 110 -27.53 11.66 -29.46
N TYR B 111 -26.68 10.90 -28.80
CA TYR B 111 -26.86 10.43 -27.40
C TYR B 111 -26.98 11.59 -26.42
N SER B 112 -26.57 12.80 -26.78
CA SER B 112 -26.60 14.01 -25.92
C SER B 112 -26.36 15.28 -26.76
N CYS B 113 -26.51 16.46 -26.17
CA CYS B 113 -26.25 17.72 -26.90
C CYS B 113 -24.75 17.90 -27.08
N THR B 114 -23.98 17.64 -26.03
CA THR B 114 -22.50 17.62 -26.11
C THR B 114 -22.13 16.74 -27.29
N SER B 115 -22.66 15.51 -27.33
CA SER B 115 -22.38 14.48 -28.36
C SER B 115 -22.68 15.09 -29.73
N ALA B 116 -23.87 15.67 -29.86
CA ALA B 116 -24.33 16.31 -31.11
C ALA B 116 -23.29 17.34 -31.58
N ASN B 117 -22.94 18.33 -30.74
CA ASN B 117 -21.97 19.43 -31.09
C ASN B 117 -20.69 18.79 -31.64
N PHE B 118 -20.15 17.81 -30.93
CA PHE B 118 -18.85 17.22 -31.29
C PHE B 118 -18.99 16.48 -32.62
N ALA B 119 -20.15 15.94 -32.91
CA ALA B 119 -20.36 15.28 -34.22
C ALA B 119 -20.24 16.35 -35.33
N VAL B 120 -20.88 17.49 -35.15
CA VAL B 120 -20.82 18.55 -36.18
C VAL B 120 -19.34 18.85 -36.44
N TYR B 121 -18.56 19.09 -35.38
CA TYR B 121 -17.13 19.46 -35.49
C TYR B 121 -16.39 18.32 -36.19
N THR B 122 -16.63 17.10 -35.72
CA THR B 122 -15.98 15.91 -36.30
C THR B 122 -16.32 15.85 -37.78
N GLY B 123 -17.56 16.16 -38.13
CA GLY B 123 -18.06 15.95 -39.50
C GLY B 123 -17.49 16.99 -40.43
N LEU B 124 -17.41 18.23 -39.97
CA LEU B 124 -17.13 19.39 -40.84
C LEU B 124 -15.64 19.67 -40.89
N LEU B 125 -14.93 19.43 -39.78
CA LEU B 125 -13.55 19.93 -39.57
C LEU B 125 -12.58 18.78 -39.51
N LEU B 126 -11.36 19.08 -39.92
CA LEU B 126 -10.22 18.20 -39.65
C LEU B 126 -9.83 18.40 -38.20
N PRO B 127 -9.32 17.36 -37.53
CA PRO B 127 -8.85 17.49 -36.17
C PRO B 127 -7.92 18.70 -36.07
N GLY B 128 -8.13 19.53 -35.06
CA GLY B 128 -7.20 20.61 -34.70
C GLY B 128 -7.61 21.91 -35.32
N GLU B 129 -8.54 21.91 -36.27
CA GLU B 129 -9.05 23.16 -36.89
C GLU B 129 -9.78 23.98 -35.84
N ARG B 130 -10.16 25.21 -36.17
CA ARG B 130 -10.47 26.26 -35.18
C ARG B 130 -11.98 26.45 -35.05
N ILE B 131 -12.45 26.60 -33.83
CA ILE B 131 -13.86 26.91 -33.52
C ILE B 131 -13.90 28.00 -32.48
N MET B 132 -15.00 28.73 -32.44
CA MET B 132 -15.19 29.85 -31.51
C MET B 132 -16.64 29.86 -31.03
N GLY B 133 -16.84 29.78 -29.72
CA GLY B 133 -18.19 29.73 -29.16
C GLY B 133 -18.23 30.53 -27.87
N LEU B 134 -19.39 30.68 -27.24
CA LEU B 134 -19.48 31.40 -25.94
C LEU B 134 -18.90 30.53 -24.82
N ASP B 135 -18.55 31.11 -23.68
CA ASP B 135 -18.01 30.35 -22.53
C ASP B 135 -18.63 30.88 -21.26
N SER B 136 -18.86 30.02 -20.27
CA SER B 136 -19.23 30.43 -18.89
C SER B 136 -17.94 30.72 -18.12
N PRO B 137 -17.64 32.00 -17.76
CA PRO B 137 -16.44 32.34 -16.98
C PRO B 137 -16.18 31.32 -15.85
N GLY B 151 -5.79 18.00 -18.64
CA GLY B 151 -5.78 18.77 -17.39
C GLY B 151 -6.59 20.07 -17.50
N LYS B 152 -5.95 21.12 -18.05
CA LYS B 152 -6.46 22.53 -18.15
C LYS B 152 -7.51 22.66 -19.27
N LYS B 153 -7.44 21.80 -20.31
CA LYS B 153 -8.48 21.63 -21.37
C LYS B 153 -9.53 20.69 -20.79
N ILE B 154 -10.77 21.16 -20.82
CA ILE B 154 -11.94 20.51 -20.16
C ILE B 154 -12.76 19.82 -21.27
N SER B 155 -13.43 20.57 -22.13
CA SER B 155 -14.32 19.96 -23.14
C SER B 155 -13.47 19.16 -24.12
N ALA B 156 -14.03 18.06 -24.64
CA ALA B 156 -13.41 17.30 -25.73
C ALA B 156 -13.25 18.19 -26.96
N ALA B 157 -14.16 19.13 -27.18
CA ALA B 157 -14.06 20.06 -28.34
C ALA B 157 -12.73 20.81 -28.24
N SER B 158 -12.33 21.19 -27.02
CA SER B 158 -11.12 22.02 -26.82
C SER B 158 -9.87 21.14 -26.84
N ILE B 159 -10.06 19.83 -26.69
CA ILE B 159 -8.97 18.83 -26.69
C ILE B 159 -8.61 18.50 -28.14
N PHE B 160 -9.61 18.21 -28.96
CA PHE B 160 -9.43 17.58 -30.28
C PHE B 160 -9.52 18.64 -31.36
N PHE B 161 -9.95 19.84 -30.99
CA PHE B 161 -9.95 21.01 -31.90
C PHE B 161 -9.39 22.23 -31.18
N GLU B 162 -9.46 23.37 -31.85
CA GLU B 162 -8.82 24.59 -31.32
C GLU B 162 -9.97 25.51 -30.99
N SER B 163 -10.30 25.59 -29.72
CA SER B 163 -11.42 26.40 -29.20
C SER B 163 -10.84 27.68 -28.67
N PHE B 164 -11.19 28.81 -29.29
CA PHE B 164 -10.95 30.14 -28.72
C PHE B 164 -12.33 30.68 -28.46
N PRO B 165 -12.80 30.59 -27.20
CA PRO B 165 -14.12 31.07 -26.85
C PRO B 165 -14.15 32.58 -26.62
N TYR B 166 -15.35 33.15 -26.68
CA TYR B 166 -15.67 34.57 -26.39
C TYR B 166 -16.54 34.62 -25.12
N LYS B 167 -16.65 35.80 -24.52
CA LYS B 167 -17.37 36.01 -23.25
C LYS B 167 -18.19 37.29 -23.27
N VAL B 168 -19.07 37.41 -22.28
CA VAL B 168 -20.00 38.54 -22.17
C VAL B 168 -19.20 39.70 -21.64
N ASN B 169 -19.63 40.91 -21.94
CA ASN B 169 -19.01 42.13 -21.37
C ASN B 169 -19.10 42.04 -19.84
N PRO B 170 -17.95 42.04 -19.13
CA PRO B 170 -17.92 41.94 -17.68
C PRO B 170 -18.72 42.99 -16.88
N GLN B 171 -18.81 44.23 -17.36
CA GLN B 171 -19.60 45.27 -16.68
C GLN B 171 -21.06 45.00 -17.02
N THR B 172 -21.44 45.00 -18.30
CA THR B 172 -22.85 45.01 -18.76
C THR B 172 -23.52 43.65 -18.51
N GLY B 173 -22.77 42.55 -18.59
CA GLY B 173 -23.32 41.17 -18.58
C GLY B 173 -23.86 40.74 -19.94
N TYR B 174 -24.10 41.70 -20.83
CA TYR B 174 -24.59 41.50 -22.21
C TYR B 174 -23.41 41.10 -23.10
N ILE B 175 -23.72 40.47 -24.23
CA ILE B 175 -22.72 40.16 -25.29
C ILE B 175 -22.32 41.44 -26.01
N ASP B 176 -21.02 41.63 -26.23
CA ASP B 176 -20.46 42.77 -26.99
C ASP B 176 -20.21 42.30 -28.42
N TYR B 177 -21.15 42.53 -29.31
CA TYR B 177 -21.04 41.98 -30.69
C TYR B 177 -19.85 42.62 -31.43
N ASP B 178 -19.45 43.83 -31.06
CA ASP B 178 -18.33 44.59 -31.71
C ASP B 178 -17.01 43.88 -31.43
N LYS B 179 -16.71 43.61 -30.16
CA LYS B 179 -15.50 42.85 -29.76
C LYS B 179 -15.56 41.50 -30.47
N LEU B 180 -16.73 40.86 -30.47
CA LEU B 180 -16.92 39.54 -31.09
C LEU B 180 -16.46 39.61 -32.54
N GLU B 181 -16.93 40.61 -33.29
CA GLU B 181 -16.56 40.79 -34.72
C GLU B 181 -15.04 40.92 -34.87
N ASP B 182 -14.43 41.80 -34.09
CA ASP B 182 -12.96 42.00 -34.09
C ASP B 182 -12.35 40.62 -33.94
N LYS B 183 -12.73 39.94 -32.85
CA LYS B 183 -12.11 38.69 -32.36
C LYS B 183 -12.21 37.64 -33.46
N ALA B 184 -13.39 37.52 -34.04
CA ALA B 184 -13.69 36.50 -35.06
C ALA B 184 -12.90 36.77 -36.34
N LEU B 185 -12.75 38.05 -36.73
CA LEU B 185 -12.06 38.43 -37.98
C LEU B 185 -10.58 38.10 -37.86
N ASP B 186 -10.06 38.21 -36.63
CA ASP B 186 -8.64 37.99 -36.31
C ASP B 186 -8.34 36.48 -36.24
N TYR B 187 -9.24 35.68 -35.66
CA TYR B 187 -8.99 34.24 -35.38
C TYR B 187 -9.48 33.39 -36.56
N ARG B 188 -10.35 33.95 -37.39
CA ARG B 188 -10.91 33.25 -38.59
C ARG B 188 -11.21 31.79 -38.26
N PRO B 189 -12.18 31.50 -37.35
CA PRO B 189 -12.52 30.14 -37.00
C PRO B 189 -13.33 29.52 -38.13
N LYS B 190 -13.22 28.21 -38.29
CA LYS B 190 -13.92 27.50 -39.39
C LYS B 190 -15.41 27.50 -39.05
N ILE B 191 -15.73 27.37 -37.75
CA ILE B 191 -17.13 27.33 -37.21
C ILE B 191 -17.26 28.35 -36.12
N LEU B 192 -18.30 29.16 -36.22
CA LEU B 192 -18.69 30.15 -35.19
C LEU B 192 -19.97 29.67 -34.55
N ILE B 193 -20.01 29.66 -33.23
CA ILE B 193 -21.14 29.09 -32.46
C ILE B 193 -21.76 30.20 -31.60
N CYS B 194 -23.06 30.33 -31.70
CA CYS B 194 -23.89 31.14 -30.78
C CYS B 194 -24.80 30.23 -29.98
N GLY B 195 -25.46 30.78 -28.96
CA GLY B 195 -26.11 29.97 -27.91
C GLY B 195 -25.05 29.32 -27.07
N GLY B 196 -25.36 28.18 -26.44
CA GLY B 196 -24.43 27.42 -25.60
C GLY B 196 -24.68 27.66 -24.13
N SER B 197 -24.09 28.70 -23.56
CA SER B 197 -24.22 28.99 -22.11
C SER B 197 -25.62 29.52 -21.83
N SER B 198 -25.95 29.49 -20.53
CA SER B 198 -27.15 30.08 -19.89
C SER B 198 -27.01 31.62 -19.90
N TYR B 199 -27.59 32.22 -20.94
CA TYR B 199 -27.60 33.67 -21.21
C TYR B 199 -29.04 34.13 -21.01
N PRO B 200 -29.32 35.09 -20.10
CA PRO B 200 -30.68 35.53 -19.80
C PRO B 200 -31.32 36.53 -20.77
N ARG B 201 -30.68 36.81 -21.91
CA ARG B 201 -31.21 37.80 -22.88
C ARG B 201 -31.21 37.22 -24.28
N ASP B 202 -31.99 37.81 -25.16
CA ASP B 202 -32.14 37.33 -26.54
C ASP B 202 -30.81 37.46 -27.32
N TRP B 203 -30.62 36.65 -28.34
CA TRP B 203 -29.42 36.69 -29.22
C TRP B 203 -29.74 37.58 -30.41
N ASP B 204 -28.73 38.25 -30.95
CA ASP B 204 -28.83 38.93 -32.27
C ASP B 204 -28.22 37.99 -33.30
N PHE B 205 -28.97 36.95 -33.67
CA PHE B 205 -28.52 35.89 -34.61
C PHE B 205 -28.17 36.50 -35.96
N ALA B 206 -28.97 37.46 -36.42
CA ALA B 206 -28.72 38.24 -37.65
C ALA B 206 -27.31 38.82 -37.63
N ARG B 207 -26.95 39.48 -36.53
CA ARG B 207 -25.63 40.15 -36.38
C ARG B 207 -24.54 39.10 -36.52
N VAL B 208 -24.66 38.03 -35.75
CA VAL B 208 -23.66 36.92 -35.67
C VAL B 208 -23.48 36.34 -37.08
N ARG B 209 -24.56 36.30 -37.84
CA ARG B 209 -24.47 35.83 -39.24
C ARG B 209 -23.57 36.79 -40.03
N GLN B 210 -23.78 38.10 -39.93
CA GLN B 210 -22.95 39.09 -40.68
C GLN B 210 -21.48 38.79 -40.38
N ILE B 211 -21.18 38.53 -39.12
CA ILE B 211 -19.80 38.29 -38.61
C ILE B 211 -19.26 37.01 -39.22
N ALA B 212 -20.01 35.91 -39.08
CA ALA B 212 -19.69 34.58 -39.64
C ALA B 212 -19.33 34.75 -41.13
N ASP B 213 -20.20 35.44 -41.87
CA ASP B 213 -20.07 35.70 -43.33
C ASP B 213 -18.71 36.40 -43.53
N LYS B 214 -18.42 37.47 -42.79
CA LYS B 214 -17.19 38.28 -42.99
C LYS B 214 -15.94 37.43 -42.81
N CYS B 215 -15.84 36.59 -41.77
CA CYS B 215 -14.63 35.77 -41.48
C CYS B 215 -14.71 34.38 -42.11
N GLY B 216 -15.60 34.19 -43.09
CA GLY B 216 -15.79 32.94 -43.85
C GLY B 216 -15.99 31.73 -42.94
N ALA B 217 -16.82 31.85 -41.91
CA ALA B 217 -17.11 30.75 -40.96
C ALA B 217 -18.53 30.20 -41.21
N VAL B 218 -18.69 28.92 -40.87
CA VAL B 218 -20.01 28.24 -40.81
C VAL B 218 -20.64 28.63 -39.49
N LEU B 219 -21.89 29.10 -39.54
CA LEU B 219 -22.61 29.56 -38.31
C LEU B 219 -23.43 28.40 -37.76
N MET B 220 -23.14 28.05 -36.52
CA MET B 220 -23.89 27.04 -35.75
C MET B 220 -24.55 27.68 -34.54
N CYS B 221 -25.76 27.29 -34.21
CA CYS B 221 -26.39 27.66 -32.92
C CYS B 221 -26.67 26.43 -32.07
N ASP B 222 -26.22 26.47 -30.82
CA ASP B 222 -26.59 25.48 -29.79
C ASP B 222 -27.78 26.03 -29.05
N MET B 223 -28.97 25.52 -29.33
CA MET B 223 -30.20 26.18 -28.86
C MET B 223 -30.72 25.47 -27.61
N ALA B 224 -29.92 24.58 -27.01
CA ALA B 224 -30.27 23.77 -25.82
C ALA B 224 -31.09 24.60 -24.82
N HIS B 225 -30.65 25.81 -24.44
CA HIS B 225 -31.29 26.59 -23.35
C HIS B 225 -32.58 27.27 -23.81
N ILE B 226 -32.84 27.34 -25.11
CA ILE B 226 -33.95 28.15 -25.67
C ILE B 226 -34.84 27.31 -26.59
N SER B 227 -34.62 26.00 -26.65
CA SER B 227 -35.34 25.11 -27.59
C SER B 227 -36.83 25.44 -27.49
N GLY B 228 -37.32 25.57 -26.25
CA GLY B 228 -38.74 25.87 -25.97
C GLY B 228 -39.18 27.18 -26.61
N LEU B 229 -38.47 28.23 -26.29
CA LEU B 229 -38.81 29.59 -26.77
C LEU B 229 -38.72 29.64 -28.28
N VAL B 230 -37.80 28.92 -28.89
CA VAL B 230 -37.60 29.03 -30.36
C VAL B 230 -38.83 28.45 -31.04
N ALA B 231 -39.16 27.20 -30.75
CA ALA B 231 -40.29 26.49 -31.39
C ALA B 231 -41.56 27.33 -31.30
N THR B 232 -41.77 28.04 -30.20
CA THR B 232 -43.03 28.78 -29.91
C THR B 232 -42.90 30.24 -30.31
N LYS B 233 -41.85 30.58 -31.04
CA LYS B 233 -41.62 31.95 -31.58
C LYS B 233 -41.65 32.96 -30.43
N GLU B 234 -41.17 32.57 -29.27
CA GLU B 234 -41.13 33.42 -28.06
C GLU B 234 -39.69 33.88 -27.83
N CYS B 235 -38.88 33.85 -28.88
CA CYS B 235 -37.52 34.48 -28.94
C CYS B 235 -37.01 34.46 -30.38
N SER B 236 -35.85 35.07 -30.59
CA SER B 236 -35.18 35.18 -31.91
C SER B 236 -35.05 33.79 -32.52
N ASN B 237 -35.23 33.67 -33.83
CA ASN B 237 -35.18 32.36 -34.52
C ASN B 237 -33.82 32.11 -35.18
N PRO B 238 -33.00 31.20 -34.63
CA PRO B 238 -31.68 30.96 -35.19
C PRO B 238 -31.79 30.27 -36.55
N PHE B 239 -32.89 29.60 -36.81
CA PHE B 239 -33.04 28.87 -38.08
C PHE B 239 -33.06 29.86 -39.24
N ASP B 240 -33.33 31.14 -38.94
CA ASP B 240 -33.40 32.20 -39.97
C ASP B 240 -31.99 32.57 -40.44
N HIS B 241 -30.94 32.20 -39.71
CA HIS B 241 -29.57 32.76 -39.92
C HIS B 241 -28.47 31.71 -39.79
N CYS B 242 -28.68 30.62 -39.07
CA CYS B 242 -27.61 29.61 -38.89
C CYS B 242 -27.72 28.54 -39.97
N ASP B 243 -26.58 27.91 -40.29
CA ASP B 243 -26.51 26.77 -41.23
C ASP B 243 -26.77 25.46 -40.49
N ILE B 244 -26.54 25.46 -39.17
CA ILE B 244 -26.66 24.27 -38.27
C ILE B 244 -27.23 24.70 -36.93
N VAL B 245 -28.20 23.93 -36.45
CA VAL B 245 -28.71 24.11 -35.07
C VAL B 245 -28.70 22.76 -34.36
N THR B 246 -28.00 22.70 -33.25
CA THR B 246 -28.04 21.55 -32.33
C THR B 246 -28.93 21.91 -31.16
N SER B 247 -29.35 20.88 -30.44
CA SER B 247 -30.13 21.08 -29.21
C SER B 247 -30.17 19.84 -28.35
N THR B 248 -30.65 20.09 -27.16
CA THR B 248 -31.01 19.06 -26.18
C THR B 248 -32.49 18.74 -26.38
N THR B 249 -32.85 17.48 -26.25
CA THR B 249 -34.25 17.02 -26.40
C THR B 249 -35.04 17.14 -25.09
N HIS B 250 -34.50 17.55 -23.97
CA HIS B 250 -35.12 17.23 -22.66
C HIS B 250 -35.16 18.39 -21.70
N LYS B 251 -35.03 19.61 -22.21
CA LYS B 251 -34.99 20.79 -21.33
C LYS B 251 -36.30 21.54 -21.51
N GLY B 252 -36.30 22.57 -22.38
CA GLY B 252 -37.53 23.25 -22.85
C GLY B 252 -38.56 22.24 -23.32
N LEU B 253 -38.14 21.23 -24.10
CA LEU B 253 -39.03 20.32 -24.89
C LEU B 253 -39.67 19.24 -24.03
N ARG B 254 -39.17 19.05 -22.81
CA ARG B 254 -39.74 18.05 -21.86
C ARG B 254 -39.77 16.67 -22.52
N GLY B 255 -38.83 16.41 -23.40
CA GLY B 255 -38.64 15.08 -23.98
C GLY B 255 -37.62 14.29 -23.16
N PRO B 256 -37.12 13.19 -23.76
CA PRO B 256 -36.16 12.33 -23.11
C PRO B 256 -34.77 12.96 -23.23
N ARG B 257 -33.80 12.48 -22.43
CA ARG B 257 -32.40 12.98 -22.44
C ARG B 257 -31.69 12.57 -23.73
N GLY B 258 -31.22 13.53 -24.49
CA GLY B 258 -30.53 13.28 -25.75
C GLY B 258 -30.25 14.55 -26.50
N GLY B 259 -29.66 14.44 -27.68
CA GLY B 259 -29.39 15.60 -28.52
C GLY B 259 -29.93 15.37 -29.90
N ILE B 260 -29.85 16.41 -30.71
CA ILE B 260 -30.45 16.50 -32.06
C ILE B 260 -29.74 17.59 -32.87
N ILE B 261 -29.60 17.35 -34.17
CA ILE B 261 -28.85 18.21 -35.13
C ILE B 261 -29.77 18.51 -36.32
N PHE B 262 -30.07 19.78 -36.50
CA PHE B 262 -30.60 20.34 -37.75
C PHE B 262 -29.44 20.83 -38.62
N TYR B 263 -29.57 20.63 -39.93
CA TYR B 263 -28.60 21.14 -40.93
C TYR B 263 -29.36 21.59 -42.17
N ARG B 264 -28.80 22.51 -42.93
CA ARG B 264 -29.44 22.97 -44.18
C ARG B 264 -29.19 21.94 -45.28
N ARG B 265 -30.09 21.92 -46.25
CA ARG B 265 -30.02 21.03 -47.43
C ARG B 265 -30.28 21.86 -48.67
N GLY B 266 -29.93 21.32 -49.84
CA GLY B 266 -30.26 21.89 -51.17
C GLY B 266 -29.46 23.15 -51.49
N PRO B 267 -29.93 24.00 -52.43
CA PRO B 267 -29.15 25.16 -52.87
C PRO B 267 -28.83 26.20 -51.79
N LYS B 268 -27.73 26.93 -51.98
CA LYS B 268 -27.44 28.22 -51.31
C LYS B 268 -27.95 29.33 -52.24
N THR B 281 -18.12 29.51 -55.00
CA THR B 281 -18.20 28.39 -55.98
C THR B 281 -19.20 27.33 -55.52
N SER B 282 -19.40 27.22 -54.20
CA SER B 282 -20.27 26.21 -53.55
C SER B 282 -21.72 26.39 -54.03
N THR B 283 -22.26 25.36 -54.67
CA THR B 283 -23.58 25.38 -55.36
C THR B 283 -24.73 24.99 -54.41
N HIS B 284 -24.56 23.87 -53.69
CA HIS B 284 -25.52 23.27 -52.71
C HIS B 284 -24.84 23.15 -51.36
N TYR B 285 -25.59 22.79 -50.32
CA TYR B 285 -25.07 22.55 -48.96
C TYR B 285 -24.44 21.17 -48.91
N ASP B 286 -23.40 21.01 -48.08
CA ASP B 286 -22.54 19.80 -48.05
C ASP B 286 -22.60 19.12 -46.68
N LEU B 287 -23.68 19.32 -45.92
CA LEU B 287 -23.66 19.12 -44.46
C LEU B 287 -24.18 17.74 -44.10
N GLU B 288 -25.26 17.35 -44.74
CA GLU B 288 -26.06 16.18 -44.35
C GLU B 288 -25.13 14.97 -44.31
N GLU B 289 -24.41 14.68 -45.40
CA GLU B 289 -23.62 13.42 -45.57
C GLU B 289 -22.59 13.39 -44.44
N LYS B 290 -21.94 14.54 -44.24
CA LYS B 290 -20.75 14.67 -43.36
C LYS B 290 -21.16 14.48 -41.91
N ILE B 291 -22.26 15.12 -41.55
CA ILE B 291 -22.77 15.07 -40.15
C ILE B 291 -23.35 13.67 -39.90
N ASN B 292 -24.18 13.18 -40.80
CA ASN B 292 -24.79 11.87 -40.58
C ASN B 292 -23.65 10.88 -40.33
N PHE B 293 -22.60 10.97 -41.11
CA PHE B 293 -21.55 9.94 -41.09
C PHE B 293 -20.79 10.07 -39.78
N ALA B 294 -20.70 11.29 -39.25
CA ALA B 294 -19.90 11.57 -38.05
C ALA B 294 -20.59 10.93 -36.84
N VAL B 295 -21.92 11.06 -36.80
CA VAL B 295 -22.78 10.49 -35.74
C VAL B 295 -22.65 8.98 -35.81
N PHE B 296 -22.84 8.44 -37.01
CA PHE B 296 -22.66 6.99 -37.26
C PHE B 296 -22.19 6.83 -38.69
N PRO B 297 -21.10 6.09 -38.91
CA PRO B 297 -20.51 5.29 -37.84
C PRO B 297 -19.36 5.86 -37.01
N SER B 298 -19.00 7.12 -37.15
CA SER B 298 -17.73 7.60 -36.56
C SER B 298 -17.86 7.51 -35.04
N LEU B 299 -18.84 8.21 -34.46
CA LEU B 299 -18.82 8.54 -33.02
C LEU B 299 -19.71 7.62 -32.20
N GLN B 300 -20.86 7.21 -32.72
CA GLN B 300 -21.84 6.40 -31.95
C GLN B 300 -21.91 4.98 -32.48
N GLY B 301 -22.62 4.13 -31.78
CA GLY B 301 -23.19 2.94 -32.40
C GLY B 301 -24.66 3.17 -32.76
N GLY B 302 -25.50 2.15 -32.44
CA GLY B 302 -26.93 2.20 -32.74
C GLY B 302 -27.55 3.36 -31.98
N PRO B 303 -28.74 3.82 -32.38
CA PRO B 303 -29.46 4.81 -31.60
C PRO B 303 -30.29 4.10 -30.52
N HIS B 304 -30.67 4.92 -29.54
CA HIS B 304 -31.69 4.57 -28.52
C HIS B 304 -33.08 4.74 -29.13
N ASN B 305 -33.58 3.70 -29.81
CA ASN B 305 -34.92 3.67 -30.46
C ASN B 305 -36.03 4.14 -29.50
N ASN B 306 -35.90 3.81 -28.22
CA ASN B 306 -36.93 4.11 -27.21
C ASN B 306 -36.89 5.61 -26.97
N HIS B 307 -35.71 6.20 -26.93
CA HIS B 307 -35.55 7.67 -26.77
C HIS B 307 -36.20 8.37 -27.96
N ILE B 308 -36.03 7.82 -29.15
CA ILE B 308 -36.51 8.50 -30.37
C ILE B 308 -38.05 8.52 -30.37
N ALA B 309 -38.70 7.40 -30.07
CA ALA B 309 -40.17 7.33 -29.91
C ALA B 309 -40.60 8.35 -28.87
N ALA B 310 -39.97 8.32 -27.72
CA ALA B 310 -40.24 9.31 -26.65
C ALA B 310 -40.15 10.71 -27.25
N LEU B 311 -39.14 10.95 -28.08
CA LEU B 311 -38.88 12.29 -28.63
C LEU B 311 -40.02 12.68 -29.56
N ALA B 312 -40.41 11.78 -30.46
CA ALA B 312 -41.54 12.01 -31.39
C ALA B 312 -42.79 12.46 -30.60
N ILE B 313 -43.06 11.80 -29.49
CA ILE B 313 -44.24 12.14 -28.65
C ILE B 313 -44.09 13.57 -28.17
N ALA B 314 -42.92 13.91 -27.64
CA ALA B 314 -42.64 15.23 -27.01
C ALA B 314 -42.81 16.31 -28.05
N LEU B 315 -42.40 16.02 -29.30
CA LEU B 315 -42.34 16.99 -30.43
C LEU B 315 -43.74 17.19 -31.00
N LYS B 316 -44.53 16.13 -31.02
CA LYS B 316 -45.95 16.28 -31.35
C LYS B 316 -46.53 17.30 -30.40
N GLN B 317 -46.17 17.25 -29.13
CA GLN B 317 -46.81 18.08 -28.09
C GLN B 317 -46.29 19.51 -28.15
N VAL B 318 -45.10 19.71 -28.68
CA VAL B 318 -44.50 21.06 -28.76
C VAL B 318 -45.34 21.91 -29.73
N ALA B 319 -45.85 21.28 -30.80
CA ALA B 319 -46.55 21.93 -31.92
C ALA B 319 -47.96 22.33 -31.51
N THR B 320 -48.30 22.38 -30.23
CA THR B 320 -49.70 22.57 -29.80
C THR B 320 -49.85 23.95 -29.17
N PRO B 321 -51.07 24.52 -29.16
CA PRO B 321 -51.33 25.74 -28.41
C PRO B 321 -51.06 25.58 -26.91
N GLU B 322 -51.37 24.41 -26.34
CA GLU B 322 -51.14 24.09 -24.91
C GLU B 322 -49.67 24.41 -24.57
N TYR B 323 -48.75 23.98 -25.43
CA TYR B 323 -47.28 24.13 -25.24
C TYR B 323 -46.89 25.60 -25.39
N LYS B 324 -47.54 26.32 -26.33
CA LYS B 324 -47.27 27.76 -26.53
C LYS B 324 -47.61 28.48 -25.23
N ALA B 325 -48.80 28.23 -24.71
CA ALA B 325 -49.28 28.82 -23.45
C ALA B 325 -48.30 28.47 -22.33
N TYR B 326 -47.79 27.23 -22.34
CA TYR B 326 -46.82 26.75 -21.32
C TYR B 326 -45.62 27.70 -21.30
N ILE B 327 -45.01 27.91 -22.45
CA ILE B 327 -43.84 28.81 -22.60
C ILE B 327 -44.21 30.23 -22.19
N GLN B 328 -45.41 30.67 -22.56
CA GLN B 328 -45.83 32.06 -22.27
C GLN B 328 -45.85 32.20 -20.76
N GLN B 329 -46.43 31.23 -20.07
CA GLN B 329 -46.57 31.25 -18.60
C GLN B 329 -45.18 31.18 -17.97
N MET B 330 -44.33 30.33 -18.53
CA MET B 330 -42.91 30.18 -18.11
C MET B 330 -42.27 31.56 -18.06
N LYS B 331 -42.47 32.38 -19.11
CA LYS B 331 -41.83 33.70 -19.25
C LYS B 331 -42.47 34.72 -18.31
N LYS B 332 -43.80 34.70 -18.18
CA LYS B 332 -44.53 35.59 -17.23
C LYS B 332 -44.01 35.31 -15.83
N ASN B 333 -43.92 34.03 -15.49
CA ASN B 333 -43.38 33.55 -14.18
C ASN B 333 -41.99 34.14 -13.95
N ALA B 334 -41.12 34.13 -14.97
CA ALA B 334 -39.73 34.62 -14.85
C ALA B 334 -39.74 36.13 -14.56
N GLN B 335 -40.58 36.92 -15.23
CA GLN B 335 -40.69 38.38 -14.97
C GLN B 335 -41.19 38.59 -13.55
N ALA B 336 -42.24 37.87 -13.17
CA ALA B 336 -42.82 37.87 -11.81
C ALA B 336 -41.70 37.69 -10.79
N LEU B 337 -40.88 36.66 -10.98
CA LEU B 337 -39.81 36.29 -10.02
C LEU B 337 -38.73 37.38 -10.01
N ALA B 338 -38.33 37.87 -11.19
CA ALA B 338 -37.35 38.96 -11.38
C ALA B 338 -37.82 40.20 -10.60
N ALA B 339 -39.03 40.66 -10.92
CA ALA B 339 -39.66 41.85 -10.31
C ALA B 339 -39.61 41.72 -8.79
N ALA B 340 -39.98 40.54 -8.29
CA ALA B 340 -40.04 40.17 -6.86
C ALA B 340 -38.68 40.38 -6.19
N LEU B 341 -37.60 39.91 -6.83
CA LEU B 341 -36.20 39.94 -6.29
C LEU B 341 -35.60 41.36 -6.39
N LEU B 342 -35.94 42.12 -7.44
CA LEU B 342 -35.50 43.54 -7.56
C LEU B 342 -36.16 44.39 -6.48
N ARG B 343 -37.48 44.21 -6.27
CA ARG B 343 -38.26 44.83 -5.16
C ARG B 343 -37.59 44.54 -3.81
N ARG B 344 -36.89 43.41 -3.69
CA ARG B 344 -36.25 42.95 -2.43
C ARG B 344 -34.76 43.27 -2.41
N LYS B 345 -34.34 44.31 -3.15
CA LYS B 345 -32.95 44.88 -3.15
C LYS B 345 -31.93 43.95 -3.84
N CYS B 346 -32.33 42.86 -4.50
CA CYS B 346 -31.41 41.86 -5.13
C CYS B 346 -30.77 42.42 -6.39
N ARG B 347 -29.62 41.89 -6.76
CA ARG B 347 -28.90 42.28 -7.99
C ARG B 347 -28.92 41.15 -9.02
N LEU B 348 -29.57 41.38 -10.16
CA LEU B 348 -29.66 40.41 -11.27
C LEU B 348 -28.71 40.84 -12.38
N VAL B 349 -27.95 39.91 -12.95
CA VAL B 349 -27.07 40.22 -14.10
C VAL B 349 -27.98 40.67 -15.24
N THR B 350 -27.65 41.83 -15.83
CA THR B 350 -28.39 42.62 -16.87
C THR B 350 -29.63 43.33 -16.30
N GLY B 351 -29.96 43.10 -15.02
CA GLY B 351 -31.12 43.68 -14.32
C GLY B 351 -32.43 42.97 -14.64
N GLY B 352 -32.35 41.77 -15.24
CA GLY B 352 -33.55 40.94 -15.53
C GLY B 352 -33.26 39.82 -16.54
N THR B 353 -34.26 39.59 -17.40
CA THR B 353 -34.25 38.49 -18.39
C THR B 353 -35.33 38.71 -19.45
N ASP B 354 -35.05 38.23 -20.66
CA ASP B 354 -35.99 38.20 -21.82
C ASP B 354 -36.64 36.81 -21.88
N ASN B 355 -36.14 35.87 -21.09
CA ASN B 355 -36.49 34.44 -21.24
C ASN B 355 -36.90 33.88 -19.87
N HIS B 356 -36.42 32.68 -19.51
CA HIS B 356 -37.00 31.84 -18.44
C HIS B 356 -36.03 31.71 -17.28
N LEU B 357 -34.89 32.39 -17.35
CA LEU B 357 -33.80 32.14 -16.35
C LEU B 357 -33.14 33.44 -15.93
N LEU B 358 -32.64 33.42 -14.69
CA LEU B 358 -32.14 34.57 -13.92
C LEU B 358 -30.76 34.25 -13.41
N LEU B 359 -29.82 35.18 -13.58
CA LEU B 359 -28.53 35.12 -12.87
C LEU B 359 -28.61 36.11 -11.73
N TRP B 360 -28.52 35.61 -10.49
CA TRP B 360 -28.66 36.38 -9.24
C TRP B 360 -27.28 36.48 -8.58
N ASP B 361 -26.77 37.72 -8.41
CA ASP B 361 -25.45 38.04 -7.80
C ASP B 361 -25.62 38.22 -6.29
N LEU B 362 -24.97 37.37 -5.49
CA LEU B 362 -25.21 37.31 -4.02
C LEU B 362 -24.10 38.05 -3.28
N THR B 363 -23.10 38.53 -3.99
CA THR B 363 -21.92 39.15 -3.35
C THR B 363 -22.36 40.38 -2.58
N PRO B 364 -23.35 41.20 -3.03
CA PRO B 364 -23.86 42.33 -2.24
C PRO B 364 -24.41 41.95 -0.86
N MET B 365 -24.80 40.68 -0.67
CA MET B 365 -25.28 40.15 0.63
C MET B 365 -24.11 39.45 1.34
N GLY B 366 -22.95 39.38 0.68
CA GLY B 366 -21.70 38.83 1.24
C GLY B 366 -21.67 37.32 1.20
N LEU B 367 -22.37 36.73 0.23
CA LEU B 367 -22.54 35.26 0.10
C LEU B 367 -21.85 34.76 -1.19
N THR B 368 -21.34 33.53 -1.12
CA THR B 368 -20.90 32.73 -2.29
C THR B 368 -22.07 31.84 -2.71
N GLY B 369 -22.20 31.56 -4.00
CA GLY B 369 -23.19 30.58 -4.48
C GLY B 369 -22.94 29.24 -3.82
N LYS B 370 -21.68 28.85 -3.68
CA LYS B 370 -21.25 27.49 -3.25
C LYS B 370 -22.05 27.10 -2.01
N VAL B 371 -22.14 28.01 -1.06
CA VAL B 371 -22.75 27.73 0.27
C VAL B 371 -24.27 27.89 0.16
N TYR B 372 -24.77 28.95 -0.48
CA TYR B 372 -26.22 29.25 -0.59
C TYR B 372 -26.96 28.09 -1.24
N GLU B 373 -26.37 27.59 -2.33
CA GLU B 373 -26.73 26.34 -3.03
C GLU B 373 -26.97 25.23 -1.99
N LYS B 374 -26.04 25.00 -1.06
CA LYS B 374 -26.04 23.82 -0.14
C LYS B 374 -27.06 24.01 0.97
N VAL B 375 -27.38 25.25 1.30
CA VAL B 375 -28.44 25.57 2.30
C VAL B 375 -29.79 25.33 1.65
N CYS B 376 -29.97 25.88 0.45
CA CYS B 376 -31.21 25.69 -0.33
C CYS B 376 -31.49 24.18 -0.42
N GLU B 377 -30.46 23.37 -0.64
CA GLU B 377 -30.58 21.89 -0.73
C GLU B 377 -31.23 21.32 0.54
N MET B 378 -30.74 21.77 1.69
CA MET B 378 -31.25 21.32 3.01
C MET B 378 -32.74 21.69 3.13
N CYS B 379 -33.18 22.75 2.46
CA CYS B 379 -34.56 23.26 2.55
C CYS B 379 -35.40 22.77 1.37
N HIS B 380 -35.00 21.68 0.70
CA HIS B 380 -35.73 21.07 -0.44
C HIS B 380 -35.90 22.08 -1.60
N ILE B 381 -34.97 23.02 -1.76
CA ILE B 381 -34.92 23.95 -2.92
C ILE B 381 -33.67 23.63 -3.75
N THR B 382 -33.83 23.15 -4.99
CA THR B 382 -32.67 22.79 -5.84
C THR B 382 -32.42 23.93 -6.83
N LEU B 383 -31.23 24.49 -6.74
CA LEU B 383 -30.69 25.48 -7.69
C LEU B 383 -29.20 25.16 -7.84
N ASN B 384 -28.45 26.02 -8.53
CA ASN B 384 -27.02 25.73 -8.74
C ASN B 384 -26.27 27.06 -8.86
N LYS B 385 -25.16 27.14 -8.13
CA LYS B 385 -24.19 28.24 -8.22
C LYS B 385 -23.79 28.41 -9.68
N THR B 386 -23.39 29.61 -10.06
CA THR B 386 -22.89 29.88 -11.42
C THR B 386 -21.74 30.89 -11.34
N ALA B 387 -20.89 30.84 -12.36
CA ALA B 387 -19.87 31.85 -12.69
C ALA B 387 -20.56 33.16 -13.09
N ILE B 388 -20.12 34.25 -12.49
CA ILE B 388 -20.56 35.64 -12.77
C ILE B 388 -19.31 36.53 -12.75
N PHE B 389 -19.33 37.72 -13.36
CA PHE B 389 -18.17 38.66 -13.30
C PHE B 389 -18.21 39.55 -12.05
N GLY B 393 -13.45 43.57 -12.61
CA GLY B 393 -14.15 42.67 -13.56
C GLY B 393 -13.66 41.23 -13.47
N THR B 394 -13.23 40.77 -12.28
CA THR B 394 -12.70 39.41 -12.01
C THR B 394 -13.89 38.41 -12.04
N ILE B 395 -13.63 37.10 -11.89
CA ILE B 395 -14.66 36.01 -11.81
C ILE B 395 -15.02 35.71 -10.33
N SER B 396 -16.16 36.23 -9.85
CA SER B 396 -16.66 36.02 -8.46
C SER B 396 -17.47 34.71 -8.37
N PRO B 397 -17.46 34.01 -7.22
CA PRO B 397 -18.11 32.71 -7.11
C PRO B 397 -19.53 32.87 -6.54
N GLY B 398 -20.10 34.08 -6.72
CA GLY B 398 -21.22 34.59 -5.92
C GLY B 398 -22.50 34.65 -6.72
N GLY B 399 -22.55 33.98 -7.88
CA GLY B 399 -23.77 33.90 -8.73
C GLY B 399 -24.57 32.64 -8.48
N VAL B 400 -25.91 32.70 -8.63
CA VAL B 400 -26.79 31.50 -8.66
C VAL B 400 -27.73 31.59 -9.85
N ARG B 401 -27.99 30.45 -10.49
CA ARG B 401 -28.81 30.36 -11.71
C ARG B 401 -30.13 29.67 -11.38
N ILE B 402 -31.21 30.34 -11.76
CA ILE B 402 -32.61 30.03 -11.39
C ILE B 402 -33.44 30.03 -12.66
N GLY B 403 -34.40 29.11 -12.78
CA GLY B 403 -35.33 29.05 -13.93
C GLY B 403 -36.72 28.52 -13.60
N THR B 404 -37.69 28.97 -14.38
CA THR B 404 -39.12 28.73 -14.10
C THR B 404 -39.59 27.38 -14.64
N PRO B 405 -39.00 26.78 -15.72
CA PRO B 405 -39.68 25.73 -16.49
C PRO B 405 -40.30 24.63 -15.62
N ALA B 406 -39.51 24.12 -14.68
CA ALA B 406 -39.88 22.96 -13.86
C ALA B 406 -41.19 23.26 -13.12
N MET B 407 -41.21 24.30 -12.28
CA MET B 407 -42.40 24.58 -11.44
C MET B 407 -43.53 25.09 -12.34
N THR B 408 -43.20 25.74 -13.45
CA THR B 408 -44.23 26.19 -14.42
C THR B 408 -44.98 24.95 -14.91
N THR B 409 -44.25 23.88 -15.21
CA THR B 409 -44.79 22.58 -15.64
C THR B 409 -45.74 22.00 -14.58
N ARG B 410 -45.43 22.17 -13.31
CA ARG B 410 -46.27 21.69 -12.18
C ARG B 410 -47.44 22.63 -11.91
N GLY B 411 -47.60 23.68 -12.71
CA GLY B 411 -48.84 24.48 -12.74
C GLY B 411 -48.73 25.75 -11.91
N CYS B 412 -47.52 26.07 -11.45
CA CYS B 412 -47.22 27.35 -10.74
C CYS B 412 -47.41 28.53 -11.69
N ILE B 413 -47.90 29.63 -11.15
CA ILE B 413 -48.21 30.90 -11.86
C ILE B 413 -47.51 32.03 -11.11
N GLU B 414 -47.75 33.28 -11.52
CA GLU B 414 -46.91 34.45 -11.12
C GLU B 414 -46.89 34.63 -9.60
N SER B 415 -48.04 34.60 -8.94
CA SER B 415 -48.12 34.76 -7.46
C SER B 415 -47.33 33.65 -6.76
N ASP B 416 -47.39 32.42 -7.27
CA ASP B 416 -46.64 31.27 -6.69
C ASP B 416 -45.14 31.62 -6.67
N PHE B 417 -44.61 32.16 -7.76
CA PHE B 417 -43.18 32.54 -7.85
C PHE B 417 -42.89 33.67 -6.87
N GLU B 418 -43.85 34.56 -6.62
CA GLU B 418 -43.66 35.63 -5.60
C GLU B 418 -43.46 34.95 -4.24
N THR B 419 -44.20 33.89 -3.96
CA THR B 419 -44.05 33.10 -2.70
C THR B 419 -42.62 32.54 -2.67
N MET B 420 -42.21 31.90 -3.76
CA MET B 420 -40.90 31.21 -3.86
C MET B 420 -39.80 32.23 -3.55
N ALA B 421 -39.91 33.44 -4.12
CA ALA B 421 -38.96 34.55 -3.87
C ALA B 421 -38.75 34.68 -2.36
N ASP B 422 -39.85 34.70 -1.59
CA ASP B 422 -39.80 34.91 -0.11
C ASP B 422 -38.91 33.83 0.49
N PHE B 423 -39.08 32.58 0.05
CA PHE B 423 -38.29 31.41 0.50
C PHE B 423 -36.80 31.64 0.21
N LEU B 424 -36.50 32.16 -0.98
CA LEU B 424 -35.12 32.38 -1.47
C LEU B 424 -34.44 33.43 -0.60
N ILE B 425 -35.18 34.44 -0.17
CA ILE B 425 -34.66 35.51 0.73
C ILE B 425 -34.47 34.94 2.13
N LYS B 426 -35.46 34.20 2.66
CA LYS B 426 -35.35 33.64 4.02
C LYS B 426 -34.08 32.78 4.08
N ALA B 427 -33.87 31.95 3.06
CA ALA B 427 -32.68 31.07 2.93
C ALA B 427 -31.40 31.91 2.98
N ALA B 428 -31.38 33.06 2.30
CA ALA B 428 -30.22 33.98 2.26
C ALA B 428 -29.98 34.56 3.66
N GLN B 429 -31.03 35.09 4.30
CA GLN B 429 -30.98 35.66 5.66
C GLN B 429 -30.39 34.63 6.64
N ILE B 430 -30.80 33.37 6.50
CA ILE B 430 -30.28 32.25 7.34
C ILE B 430 -28.78 32.11 7.05
N THR B 431 -28.41 32.10 5.78
CA THR B 431 -27.02 31.80 5.33
C THR B 431 -26.08 32.87 5.92
N SER B 432 -26.43 34.16 5.82
CA SER B 432 -25.65 35.27 6.44
C SER B 432 -25.47 35.00 7.93
N ALA B 433 -26.58 34.66 8.61
CA ALA B 433 -26.68 34.42 10.06
C ALA B 433 -25.76 33.29 10.51
N LEU B 434 -25.60 32.26 9.65
CA LEU B 434 -24.81 31.04 9.96
C LEU B 434 -23.32 31.30 9.71
N GLN B 435 -22.99 31.94 8.59
CA GLN B 435 -21.60 32.34 8.26
C GLN B 435 -21.03 33.22 9.38
N ARG B 436 -21.88 34.09 9.94
CA ARG B 436 -21.55 35.00 11.07
C ARG B 436 -21.21 34.22 12.35
N GLU B 437 -22.08 33.31 12.79
CA GLU B 437 -21.83 32.50 14.02
C GLU B 437 -20.66 31.53 13.79
N HIS B 438 -20.59 30.86 12.65
CA HIS B 438 -19.50 29.92 12.26
C HIS B 438 -18.51 30.63 11.32
N GLY B 439 -17.73 31.58 11.84
CA GLY B 439 -16.79 32.38 11.01
C GLY B 439 -15.62 31.55 10.51
N LYS B 440 -15.19 30.52 11.27
CA LYS B 440 -13.92 29.77 11.02
C LYS B 440 -14.11 28.27 11.25
N SER B 441 -15.15 27.67 10.67
CA SER B 441 -15.43 26.23 10.81
C SER B 441 -15.78 25.62 9.45
N HIS B 442 -14.84 24.89 8.86
CA HIS B 442 -14.93 24.22 7.54
C HIS B 442 -15.69 22.89 7.69
N LYS B 443 -15.33 22.13 8.74
CA LYS B 443 -16.00 20.86 9.12
C LYS B 443 -17.30 21.19 9.87
N GLU B 444 -17.20 22.00 10.93
CA GLU B 444 -18.23 22.13 12.00
C GLU B 444 -19.46 22.88 11.48
N PHE B 445 -19.36 23.52 10.31
CA PHE B 445 -20.46 24.25 9.62
C PHE B 445 -21.47 23.28 9.00
N VAL B 446 -20.98 22.23 8.31
CA VAL B 446 -21.82 21.21 7.58
C VAL B 446 -22.65 20.44 8.63
N LYS B 447 -22.08 20.16 9.80
CA LYS B 447 -22.75 19.44 10.91
C LYS B 447 -23.91 20.29 11.43
N SER B 448 -23.63 21.55 11.75
CA SER B 448 -24.57 22.56 12.30
C SER B 448 -25.90 22.58 11.53
N LEU B 449 -25.80 22.63 10.20
CA LEU B 449 -26.93 22.53 9.23
C LEU B 449 -28.04 21.60 9.77
N CYS B 450 -27.71 20.33 10.03
CA CYS B 450 -28.68 19.23 10.29
C CYS B 450 -29.51 19.48 11.57
N THR B 451 -29.06 20.32 12.49
CA THR B 451 -29.84 20.67 13.72
C THR B 451 -29.98 22.19 13.85
N ASN B 452 -30.36 22.87 12.78
CA ASN B 452 -30.76 24.30 12.83
C ASN B 452 -32.30 24.37 12.79
N LYS B 453 -32.90 25.25 13.57
CA LYS B 453 -34.37 25.37 13.70
C LYS B 453 -34.96 26.19 12.55
N ASP B 454 -34.27 27.24 12.11
CA ASP B 454 -34.74 28.13 11.01
C ASP B 454 -34.75 27.39 9.66
N ILE B 455 -33.79 26.47 9.44
CA ILE B 455 -33.75 25.61 8.23
C ILE B 455 -34.97 24.68 8.29
N ALA B 456 -35.10 23.94 9.38
CA ALA B 456 -36.19 22.94 9.60
C ALA B 456 -37.55 23.62 9.45
N GLU B 457 -37.69 24.86 9.89
CA GLU B 457 -38.94 25.64 9.73
C GLU B 457 -39.17 25.87 8.23
N LEU B 458 -38.16 26.40 7.53
CA LEU B 458 -38.28 26.74 6.08
C LEU B 458 -38.49 25.46 5.27
N ARG B 459 -37.72 24.41 5.55
CA ARG B 459 -37.91 23.13 4.85
C ARG B 459 -39.40 22.77 4.90
N ASN B 460 -40.04 22.87 6.06
CA ASN B 460 -41.46 22.49 6.26
C ASN B 460 -42.34 23.38 5.41
N ARG B 461 -42.05 24.69 5.39
CA ARG B 461 -42.84 25.64 4.60
C ARG B 461 -42.77 25.24 3.11
N VAL B 462 -41.59 24.80 2.65
CA VAL B 462 -41.32 24.45 1.22
C VAL B 462 -42.03 23.14 0.85
N GLU B 463 -41.94 22.13 1.69
CA GLU B 463 -42.61 20.82 1.48
C GLU B 463 -44.12 21.06 1.39
N ALA B 464 -44.65 21.84 2.34
CA ALA B 464 -46.08 22.20 2.42
C ALA B 464 -46.48 22.86 1.11
N PHE B 465 -45.70 23.86 0.68
CA PHE B 465 -45.91 24.62 -0.58
C PHE B 465 -45.95 23.66 -1.76
N ALA B 466 -44.90 22.84 -1.84
CA ALA B 466 -44.64 21.92 -2.97
C ALA B 466 -45.85 21.00 -3.15
N LEU B 467 -46.39 20.45 -2.06
CA LEU B 467 -47.43 19.40 -2.15
C LEU B 467 -48.72 19.96 -2.76
N GLN B 468 -48.83 21.29 -2.84
CA GLN B 468 -50.00 22.00 -3.42
C GLN B 468 -50.05 21.85 -4.94
N TYR B 469 -48.98 21.40 -5.58
CA TYR B 469 -48.85 21.36 -7.05
C TYR B 469 -48.72 19.93 -7.54
N GLU B 470 -49.38 19.65 -8.65
CA GLU B 470 -49.43 18.29 -9.23
C GLU B 470 -48.02 17.91 -9.72
N MET B 471 -47.84 16.61 -9.96
CA MET B 471 -46.54 16.05 -10.39
C MET B 471 -46.82 15.01 -11.47
N PRO B 472 -46.47 15.36 -12.72
CA PRO B 472 -46.75 14.51 -13.87
C PRO B 472 -46.36 13.05 -13.67
N ALA B 473 -47.30 12.15 -14.00
CA ALA B 473 -47.14 10.67 -14.04
C ALA B 473 -46.95 10.10 -12.62
N SER B 474 -48.00 9.99 -11.81
CA SER B 474 -47.94 9.24 -10.51
C SER B 474 -48.90 8.03 -10.46
N LEU C 4 54.84 7.31 -56.18
CA LEU C 4 54.17 8.00 -55.04
C LEU C 4 54.04 9.48 -55.37
N GLU C 5 55.16 10.15 -55.63
CA GLU C 5 55.21 11.62 -55.68
C GLU C 5 54.32 12.13 -56.82
N SER C 6 54.16 11.35 -57.91
CA SER C 6 53.33 11.73 -59.09
C SER C 6 51.85 11.83 -58.70
N ARG C 7 51.37 10.91 -57.85
CA ARG C 7 49.96 10.92 -57.34
C ARG C 7 49.81 12.01 -56.27
N ARG C 8 50.85 12.27 -55.46
CA ARG C 8 50.85 13.37 -54.45
C ARG C 8 50.79 14.75 -55.10
N ALA C 9 51.26 14.89 -56.34
CA ALA C 9 51.23 16.14 -57.14
C ALA C 9 49.90 16.27 -57.87
N ALA C 10 49.27 15.15 -58.23
CA ALA C 10 47.93 15.10 -58.88
C ALA C 10 46.85 15.62 -57.92
N VAL C 11 46.99 15.33 -56.63
CA VAL C 11 46.12 15.84 -55.53
C VAL C 11 46.35 17.35 -55.36
N ARG C 12 47.62 17.74 -55.16
CA ARG C 12 48.00 19.16 -54.94
C ARG C 12 47.50 19.97 -56.13
N ALA C 13 47.61 19.42 -57.33
CA ALA C 13 47.23 20.11 -58.59
C ALA C 13 45.78 20.52 -58.50
N TRP C 14 44.94 19.57 -58.11
CA TRP C 14 43.47 19.71 -57.95
C TRP C 14 43.13 20.59 -56.75
N GLY C 15 43.72 20.24 -55.60
CA GLY C 15 43.36 20.74 -54.26
C GLY C 15 43.70 22.20 -54.10
N ASP C 16 44.68 22.71 -54.83
CA ASP C 16 45.24 24.08 -54.61
C ASP C 16 44.92 24.95 -55.82
N GLN C 17 44.20 24.41 -56.77
CA GLN C 17 43.86 25.19 -57.97
C GLN C 17 43.01 26.36 -57.54
N PRO C 18 43.42 27.62 -57.80
CA PRO C 18 42.62 28.79 -57.46
C PRO C 18 41.29 28.85 -58.21
N ILE C 19 40.33 29.54 -57.62
CA ILE C 19 38.91 29.59 -58.10
C ILE C 19 38.86 30.11 -59.54
N HIS C 20 39.76 31.04 -59.87
CA HIS C 20 39.73 31.83 -61.13
C HIS C 20 40.18 30.92 -62.28
N LEU C 21 40.96 29.88 -61.94
CA LEU C 21 41.32 28.79 -62.88
C LEU C 21 40.29 27.66 -62.78
N ALA C 22 40.00 27.16 -61.58
CA ALA C 22 39.18 25.96 -61.35
C ALA C 22 37.77 26.13 -61.95
N ASP C 23 37.24 27.35 -62.01
CA ASP C 23 35.86 27.63 -62.49
C ASP C 23 35.74 29.09 -62.92
N PRO C 24 36.13 29.41 -64.16
CA PRO C 24 36.08 30.78 -64.64
C PRO C 24 34.65 31.32 -64.68
N ASP C 25 33.68 30.54 -65.16
CA ASP C 25 32.27 31.03 -65.28
C ASP C 25 31.72 31.56 -63.95
N ILE C 26 31.94 30.85 -62.83
CA ILE C 26 31.56 31.25 -61.45
C ILE C 26 32.37 32.48 -61.07
N HIS C 27 33.68 32.39 -61.22
CA HIS C 27 34.62 33.46 -60.79
C HIS C 27 34.20 34.79 -61.39
N GLU C 28 33.83 34.78 -62.67
CA GLU C 28 33.39 35.99 -63.40
C GLU C 28 32.18 36.57 -62.69
N LEU C 29 31.18 35.74 -62.44
CA LEU C 29 29.93 36.16 -61.76
C LEU C 29 30.28 36.68 -60.37
N MET C 30 31.17 35.99 -59.66
CA MET C 30 31.50 36.41 -58.29
C MET C 30 32.11 37.81 -58.36
N GLU C 31 32.94 38.04 -59.37
CA GLU C 31 33.65 39.31 -59.54
C GLU C 31 32.61 40.34 -59.94
N LYS C 32 31.65 39.99 -60.78
CA LYS C 32 30.63 40.97 -61.22
C LYS C 32 29.83 41.43 -60.00
N GLU C 33 29.58 40.51 -59.07
CA GLU C 33 28.75 40.81 -57.88
C GLU C 33 29.56 41.66 -56.92
N LYS C 34 30.82 41.33 -56.68
CA LYS C 34 31.73 42.19 -55.87
C LYS C 34 31.66 43.63 -56.41
N GLN C 35 31.68 43.78 -57.73
CA GLN C 35 31.70 45.12 -58.33
C GLN C 35 30.36 45.77 -58.01
N ARG C 36 29.28 45.05 -58.23
CA ARG C 36 27.90 45.58 -58.00
C ARG C 36 27.87 46.14 -56.58
N GLN C 37 28.39 45.37 -55.62
CA GLN C 37 28.37 45.73 -54.19
C GLN C 37 29.10 47.07 -53.96
N VAL C 38 30.20 47.28 -54.67
CA VAL C 38 31.10 48.48 -54.50
C VAL C 38 30.49 49.70 -55.17
N ARG C 39 29.89 49.54 -56.35
CA ARG C 39 29.47 50.65 -57.24
C ARG C 39 28.01 51.02 -57.04
N GLY C 40 27.45 50.60 -55.92
CA GLY C 40 26.06 50.87 -55.56
C GLY C 40 25.93 51.37 -54.15
N ILE C 41 24.76 51.91 -53.88
CA ILE C 41 24.30 52.23 -52.50
C ILE C 41 23.40 51.12 -51.96
N GLU C 42 23.68 50.73 -50.72
CA GLU C 42 22.92 49.66 -50.02
C GLU C 42 22.16 50.29 -48.87
N LEU C 43 20.86 50.43 -49.02
CA LEU C 43 19.98 51.01 -47.99
C LEU C 43 19.03 49.94 -47.42
N ILE C 44 19.13 48.70 -47.85
CA ILE C 44 18.42 47.58 -47.19
C ILE C 44 18.92 47.47 -45.75
N ALA C 45 18.01 47.71 -44.78
CA ALA C 45 18.37 47.82 -43.34
C ALA C 45 18.95 46.50 -42.80
N SER C 46 18.60 45.38 -43.42
CA SER C 46 19.12 44.02 -43.07
C SER C 46 20.63 44.01 -43.34
N GLU C 47 20.96 44.24 -44.62
CA GLU C 47 22.30 44.07 -45.18
C GLU C 47 23.35 44.84 -44.39
N ASN C 48 24.57 44.29 -44.46
CA ASN C 48 25.84 44.85 -43.95
C ASN C 48 26.96 44.17 -44.73
N PHE C 49 28.20 44.60 -44.51
CA PHE C 49 29.40 44.04 -45.15
C PHE C 49 30.36 43.53 -44.09
N VAL C 50 30.84 42.31 -44.30
CA VAL C 50 31.75 41.66 -43.32
C VAL C 50 33.22 41.92 -43.63
N CYS C 51 34.06 41.86 -42.62
CA CYS C 51 35.52 42.06 -42.66
C CYS C 51 36.15 40.82 -43.23
N ARG C 52 37.44 40.91 -43.54
CA ARG C 52 38.19 39.81 -44.19
C ARG C 52 38.34 38.63 -43.24
N ALA C 53 38.76 38.90 -42.01
CA ALA C 53 38.93 37.82 -41.02
C ALA C 53 37.71 36.90 -41.07
N VAL C 54 36.51 37.45 -41.14
CA VAL C 54 35.27 36.63 -41.12
C VAL C 54 35.26 35.71 -42.36
N MET C 55 35.53 36.30 -43.53
CA MET C 55 35.59 35.52 -44.79
C MET C 55 36.64 34.41 -44.65
N GLU C 56 37.78 34.73 -44.05
CA GLU C 56 38.89 33.77 -43.93
C GLU C 56 38.43 32.60 -43.04
N ALA C 57 37.61 32.89 -42.04
CA ALA C 57 37.01 31.83 -41.20
C ALA C 57 36.06 30.92 -42.02
N LEU C 58 35.13 31.55 -42.72
CA LEU C 58 34.15 30.80 -43.54
C LEU C 58 34.85 29.88 -44.55
N GLY C 59 35.83 30.42 -45.27
CA GLY C 59 36.47 29.72 -46.39
C GLY C 59 37.68 28.95 -45.90
N SER C 60 37.48 28.00 -44.99
CA SER C 60 38.59 27.35 -44.26
C SER C 60 38.35 25.85 -44.18
N HIS C 61 39.37 25.14 -43.71
CA HIS C 61 39.44 23.68 -43.51
C HIS C 61 38.37 23.28 -42.49
N LEU C 62 37.86 24.23 -41.70
CA LEU C 62 36.85 23.88 -40.67
C LEU C 62 35.65 23.19 -41.31
N THR C 63 35.27 23.59 -42.51
CA THR C 63 34.17 22.91 -43.24
C THR C 63 34.48 21.41 -43.31
N ASN C 64 35.72 20.96 -43.11
CA ASN C 64 36.11 19.57 -43.45
C ASN C 64 35.66 18.61 -42.34
N LYS C 65 35.42 19.11 -41.14
CA LYS C 65 35.19 18.30 -39.90
C LYS C 65 33.71 18.30 -39.51
N TYR C 66 33.11 17.13 -39.41
CA TYR C 66 31.70 16.93 -39.01
C TYR C 66 31.68 16.80 -37.49
N SER C 67 30.83 17.60 -36.87
CA SER C 67 30.83 17.80 -35.41
C SER C 67 29.42 17.67 -34.87
N GLU C 68 28.68 16.66 -35.29
CA GLU C 68 27.31 16.46 -34.77
C GLU C 68 27.37 16.48 -33.24
N GLY C 69 26.44 17.16 -32.58
CA GLY C 69 26.35 17.11 -31.11
C GLY C 69 26.64 18.46 -30.51
N MET C 70 27.14 18.48 -29.27
CA MET C 70 27.50 19.70 -28.48
C MET C 70 28.93 19.52 -27.97
N PRO C 71 29.67 20.61 -27.65
CA PRO C 71 31.05 20.50 -27.16
C PRO C 71 31.16 19.52 -25.98
N GLY C 72 32.09 18.55 -26.05
CA GLY C 72 32.34 17.56 -24.97
C GLY C 72 31.35 16.41 -24.99
N ALA C 73 30.38 16.48 -25.88
CA ALA C 73 29.29 15.49 -25.97
C ALA C 73 28.96 15.33 -27.45
N ARG C 74 29.99 15.05 -28.25
CA ARG C 74 29.86 14.87 -29.72
C ARG C 74 29.57 13.41 -30.04
N TYR C 75 28.95 13.18 -31.21
CA TYR C 75 28.75 11.85 -31.85
C TYR C 75 30.08 11.34 -32.42
N TYR C 76 30.96 12.24 -32.89
CA TYR C 76 32.23 11.85 -33.57
C TYR C 76 33.45 12.20 -32.72
N THR C 77 34.51 11.41 -32.90
CA THR C 77 35.87 11.66 -32.37
C THR C 77 36.56 12.76 -33.19
N GLY C 78 37.62 13.34 -32.64
CA GLY C 78 38.51 14.28 -33.36
C GLY C 78 38.09 15.73 -33.20
N ASN C 79 37.25 16.03 -32.21
CA ASN C 79 36.58 17.35 -32.09
C ASN C 79 37.25 18.14 -30.97
N GLN C 80 38.44 17.74 -30.56
CA GLN C 80 39.17 18.41 -29.46
C GLN C 80 39.20 19.93 -29.70
N TYR C 81 39.55 20.36 -30.91
CA TYR C 81 39.82 21.79 -31.23
C TYR C 81 38.52 22.50 -31.63
N ILE C 82 37.68 21.83 -32.42
CA ILE C 82 36.33 22.35 -32.83
C ILE C 82 35.57 22.72 -31.57
N ASP C 83 35.66 21.86 -30.54
CA ASP C 83 34.99 22.09 -29.24
C ASP C 83 35.50 23.41 -28.69
N GLN C 84 36.81 23.58 -28.67
CA GLN C 84 37.42 24.75 -28.01
C GLN C 84 36.94 25.99 -28.76
N ILE C 85 36.80 25.89 -30.07
CA ILE C 85 36.31 27.04 -30.87
C ILE C 85 34.87 27.34 -30.49
N GLU C 86 33.96 26.36 -30.61
CA GLU C 86 32.53 26.55 -30.24
C GLU C 86 32.46 27.14 -28.83
N ASN C 87 33.16 26.54 -27.87
CA ASN C 87 33.14 27.00 -26.47
C ASN C 87 33.57 28.46 -26.42
N LEU C 88 34.58 28.81 -27.18
CA LEU C 88 35.09 30.20 -27.21
C LEU C 88 34.03 31.12 -27.85
N CYS C 89 33.36 30.65 -28.89
CA CYS C 89 32.29 31.41 -29.56
C CYS C 89 31.19 31.69 -28.54
N ILE C 90 30.84 30.68 -27.76
CA ILE C 90 29.79 30.82 -26.73
C ILE C 90 30.21 31.86 -25.72
N GLU C 91 31.40 31.74 -25.15
CA GLU C 91 31.87 32.68 -24.11
C GLU C 91 31.83 34.10 -24.65
N ARG C 92 32.12 34.27 -25.95
CA ARG C 92 32.16 35.62 -26.59
C ARG C 92 30.74 36.15 -26.80
N ALA C 93 29.83 35.25 -27.10
CA ALA C 93 28.39 35.55 -27.22
C ALA C 93 27.87 36.09 -25.89
N LEU C 94 28.26 35.48 -24.77
CA LEU C 94 27.80 35.96 -23.44
C LEU C 94 28.43 37.33 -23.22
N THR C 95 29.73 37.42 -23.35
CA THR C 95 30.40 38.69 -23.00
C THR C 95 29.87 39.78 -23.94
N ALA C 96 29.45 39.45 -25.16
CA ALA C 96 28.98 40.47 -26.12
C ALA C 96 27.72 41.16 -25.61
N PHE C 97 26.87 40.44 -24.90
CA PHE C 97 25.55 40.96 -24.47
C PHE C 97 25.53 41.20 -22.97
N GLY C 98 26.71 41.20 -22.33
CA GLY C 98 26.92 41.41 -20.88
C GLY C 98 26.18 40.38 -20.03
N LEU C 99 26.34 39.10 -20.35
CA LEU C 99 25.65 38.00 -19.64
C LEU C 99 26.68 37.11 -18.95
N GLU C 100 26.28 36.53 -17.84
CA GLU C 100 27.12 35.62 -17.06
C GLU C 100 26.59 34.21 -17.30
N SER C 101 27.52 33.26 -17.29
CA SER C 101 27.30 31.85 -17.64
C SER C 101 26.42 31.16 -16.61
N ASP C 102 26.38 31.64 -15.37
CA ASP C 102 25.53 31.03 -14.32
C ASP C 102 24.06 31.40 -14.55
N LYS C 103 23.77 32.49 -15.27
CA LYS C 103 22.39 33.01 -15.43
C LYS C 103 21.84 32.80 -16.85
N TRP C 104 22.72 32.63 -17.86
CA TRP C 104 22.37 32.47 -19.31
C TRP C 104 23.25 31.44 -19.99
N GLY C 105 22.71 30.76 -21.00
CA GLY C 105 23.41 29.79 -21.88
C GLY C 105 23.12 30.11 -23.32
N VAL C 106 23.83 29.56 -24.27
CA VAL C 106 23.59 30.00 -25.66
C VAL C 106 23.93 28.85 -26.58
N ASN C 107 23.04 28.60 -27.54
CA ASN C 107 23.28 27.60 -28.61
C ASN C 107 23.58 28.38 -29.89
N VAL C 108 24.67 28.03 -30.57
CA VAL C 108 25.18 28.85 -31.71
C VAL C 108 25.09 28.01 -32.99
N GLN C 109 24.45 26.85 -32.97
CA GLN C 109 24.38 25.95 -34.14
C GLN C 109 23.27 26.32 -35.11
N PRO C 110 22.19 27.04 -34.71
CA PRO C 110 21.05 27.25 -35.61
C PRO C 110 21.46 27.78 -36.98
N TYR C 111 21.03 27.10 -38.02
CA TYR C 111 21.38 27.39 -39.42
C TYR C 111 20.91 28.78 -39.84
N SER C 112 19.99 29.38 -39.12
CA SER C 112 19.32 30.65 -39.48
C SER C 112 18.49 31.15 -38.30
N CYS C 113 17.98 32.37 -38.35
CA CYS C 113 17.18 32.90 -37.22
C CYS C 113 15.80 32.26 -37.23
N THR C 114 15.23 32.08 -38.42
CA THR C 114 14.00 31.29 -38.58
C THR C 114 14.20 29.92 -37.93
N SER C 115 15.27 29.25 -38.33
CA SER C 115 15.62 27.89 -37.81
C SER C 115 15.66 27.97 -36.30
N ALA C 116 16.26 29.03 -35.74
CA ALA C 116 16.44 29.19 -34.29
C ALA C 116 15.08 29.30 -33.61
N ASN C 117 14.22 30.17 -34.14
CA ASN C 117 12.88 30.40 -33.54
C ASN C 117 12.18 29.05 -33.50
N PHE C 118 12.22 28.32 -34.61
CA PHE C 118 11.45 27.06 -34.73
C PHE C 118 11.98 26.02 -33.73
N ALA C 119 13.26 26.07 -33.44
CA ALA C 119 13.85 25.13 -32.46
C ALA C 119 13.26 25.41 -31.08
N VAL C 120 13.22 26.69 -30.70
CA VAL C 120 12.64 27.12 -29.41
C VAL C 120 11.25 26.50 -29.31
N TYR C 121 10.42 26.72 -30.33
CA TYR C 121 9.02 26.24 -30.32
C TYR C 121 9.05 24.71 -30.19
N THR C 122 9.82 24.07 -31.07
CA THR C 122 9.92 22.60 -31.09
C THR C 122 10.34 22.13 -29.71
N GLY C 123 11.26 22.84 -29.08
CA GLY C 123 11.88 22.38 -27.84
C GLY C 123 10.94 22.48 -26.68
N LEU C 124 10.12 23.52 -26.63
CA LEU C 124 9.41 23.90 -25.39
C LEU C 124 7.99 23.38 -25.44
N LEU C 125 7.45 23.23 -26.65
CA LEU C 125 6.00 23.03 -26.90
C LEU C 125 5.74 21.72 -27.63
N LEU C 126 4.59 21.15 -27.33
CA LEU C 126 4.03 20.03 -28.09
C LEU C 126 3.49 20.61 -29.38
N PRO C 127 3.51 19.83 -30.48
CA PRO C 127 2.93 20.30 -31.74
C PRO C 127 1.53 20.82 -31.44
N GLY C 128 1.16 21.93 -32.07
CA GLY C 128 -0.20 22.45 -32.03
C GLY C 128 -0.41 23.44 -30.90
N GLU C 129 0.52 23.52 -29.93
CA GLU C 129 0.35 24.45 -28.78
C GLU C 129 0.42 25.88 -29.32
N ARG C 130 0.16 26.88 -28.48
CA ARG C 130 -0.12 28.26 -28.94
C ARG C 130 1.08 29.20 -28.74
N ILE C 131 1.39 29.98 -29.77
CA ILE C 131 2.35 31.11 -29.73
C ILE C 131 1.69 32.39 -30.25
N MET C 132 2.21 33.53 -29.82
CA MET C 132 1.73 34.86 -30.21
C MET C 132 2.94 35.73 -30.46
N GLY C 133 3.02 36.38 -31.64
CA GLY C 133 4.16 37.28 -31.97
C GLY C 133 3.73 38.41 -32.88
N LEU C 134 4.59 39.37 -33.15
CA LEU C 134 4.23 40.50 -34.04
C LEU C 134 4.12 40.01 -35.47
N ASP C 135 3.41 40.74 -36.33
CA ASP C 135 3.25 40.38 -37.76
C ASP C 135 3.54 41.61 -38.62
N SER C 136 4.09 41.40 -39.82
CA SER C 136 4.26 42.45 -40.86
C SER C 136 3.02 42.48 -41.76
N PRO C 137 2.16 43.53 -41.66
CA PRO C 137 0.89 43.56 -42.41
C PRO C 137 1.03 43.06 -43.87
N LYS C 152 -4.05 31.45 -46.07
CA LYS C 152 -3.29 30.18 -45.98
C LYS C 152 -2.21 30.34 -44.91
N LYS C 153 -1.65 29.23 -44.40
CA LYS C 153 -0.57 29.25 -43.39
C LYS C 153 0.77 29.26 -44.14
N ILE C 154 1.62 30.23 -43.83
CA ILE C 154 2.87 30.58 -44.56
C ILE C 154 4.08 30.04 -43.77
N SER C 155 4.35 30.60 -42.60
CA SER C 155 5.50 30.19 -41.76
C SER C 155 5.26 28.78 -41.22
N ALA C 156 6.32 28.00 -41.07
CA ALA C 156 6.25 26.65 -40.49
C ALA C 156 5.77 26.73 -39.04
N ALA C 157 6.06 27.82 -38.35
CA ALA C 157 5.58 28.03 -36.97
C ALA C 157 4.06 27.95 -37.00
N SER C 158 3.43 28.57 -38.00
CA SER C 158 1.95 28.68 -38.07
C SER C 158 1.34 27.37 -38.61
N ILE C 159 2.15 26.49 -39.17
CA ILE C 159 1.71 25.20 -39.73
C ILE C 159 1.68 24.19 -38.62
N PHE C 160 2.75 24.09 -37.86
CA PHE C 160 3.00 23.02 -36.88
C PHE C 160 2.60 23.46 -35.49
N PHE C 161 2.30 24.74 -35.28
CA PHE C 161 1.83 25.29 -33.99
C PHE C 161 0.72 26.28 -34.25
N GLU C 162 0.14 26.82 -33.20
CA GLU C 162 -1.06 27.67 -33.33
C GLU C 162 -0.63 29.11 -33.12
N SER C 163 -0.51 29.89 -34.19
CA SER C 163 0.01 31.27 -34.13
C SER C 163 -1.15 32.26 -34.25
N PHE C 164 -1.41 32.98 -33.17
CA PHE C 164 -2.33 34.14 -33.18
C PHE C 164 -1.46 35.37 -33.00
N PRO C 165 -1.15 36.10 -34.08
CA PRO C 165 -0.23 37.21 -34.01
C PRO C 165 -0.95 38.52 -33.63
N TYR C 166 -0.17 39.55 -33.30
CA TYR C 166 -0.62 40.92 -32.94
C TYR C 166 0.06 41.90 -33.89
N LYS C 167 -0.44 43.14 -33.94
CA LYS C 167 -0.01 44.13 -34.96
C LYS C 167 0.06 45.53 -34.34
N VAL C 168 0.74 46.42 -35.06
CA VAL C 168 0.97 47.83 -34.62
C VAL C 168 -0.36 48.54 -34.77
N ASN C 169 -0.55 49.63 -34.03
CA ASN C 169 -1.72 50.50 -34.16
C ASN C 169 -1.68 51.10 -35.57
N PRO C 170 -2.69 50.81 -36.44
CA PRO C 170 -2.74 51.32 -37.81
C PRO C 170 -2.65 52.84 -38.00
N GLN C 171 -3.10 53.64 -37.06
CA GLN C 171 -3.07 55.12 -37.22
C GLN C 171 -1.69 55.61 -36.82
N THR C 172 -1.22 55.19 -35.64
CA THR C 172 0.03 55.65 -34.99
C THR C 172 1.30 55.00 -35.63
N GLY C 173 1.24 53.74 -36.05
CA GLY C 173 2.39 52.94 -36.48
C GLY C 173 3.17 52.37 -35.30
N TYR C 174 2.90 52.88 -34.09
CA TYR C 174 3.46 52.35 -32.81
C TYR C 174 2.66 51.13 -32.35
N ILE C 175 3.30 50.30 -31.56
CA ILE C 175 2.67 49.16 -30.84
C ILE C 175 1.72 49.62 -29.75
N ASP C 176 0.58 48.93 -29.65
CA ASP C 176 -0.51 49.19 -28.66
C ASP C 176 -0.39 48.13 -27.59
N TYR C 177 0.25 48.44 -26.47
CA TYR C 177 0.57 47.44 -25.42
C TYR C 177 -0.72 47.07 -24.67
N ASP C 178 -1.70 47.96 -24.65
CA ASP C 178 -3.00 47.68 -23.99
C ASP C 178 -3.75 46.60 -24.77
N LYS C 179 -3.93 46.79 -26.06
CA LYS C 179 -4.58 45.80 -26.97
C LYS C 179 -3.79 44.50 -26.93
N LEU C 180 -2.46 44.59 -26.81
CA LEU C 180 -1.58 43.40 -26.71
C LEU C 180 -1.85 42.61 -25.42
N GLU C 181 -1.94 43.31 -24.29
CA GLU C 181 -2.33 42.71 -22.98
C GLU C 181 -3.69 42.01 -23.12
N ASP C 182 -4.68 42.70 -23.65
CA ASP C 182 -6.06 42.17 -23.79
C ASP C 182 -5.99 40.86 -24.55
N LYS C 183 -5.33 40.91 -25.69
CA LYS C 183 -5.26 39.79 -26.66
C LYS C 183 -4.54 38.57 -26.05
N ALA C 184 -3.47 38.81 -25.30
CA ALA C 184 -2.60 37.77 -24.71
C ALA C 184 -3.33 37.09 -23.55
N LEU C 185 -3.99 37.87 -22.71
CA LEU C 185 -4.76 37.35 -21.55
C LEU C 185 -5.87 36.43 -22.06
N ASP C 186 -6.52 36.85 -23.14
CA ASP C 186 -7.55 36.05 -23.83
C ASP C 186 -6.96 34.72 -24.27
N TYR C 187 -5.92 34.73 -25.11
CA TYR C 187 -5.46 33.58 -25.94
C TYR C 187 -4.55 32.70 -25.10
N ARG C 188 -3.95 33.28 -24.06
CA ARG C 188 -3.07 32.57 -23.12
C ARG C 188 -2.10 31.71 -23.92
N PRO C 189 -1.18 32.30 -24.68
CA PRO C 189 -0.22 31.55 -25.46
C PRO C 189 0.87 31.01 -24.53
N LYS C 190 1.46 29.84 -24.83
CA LYS C 190 2.57 29.26 -24.03
C LYS C 190 3.80 30.17 -24.13
N ILE C 191 4.04 30.71 -25.33
CA ILE C 191 5.19 31.62 -25.62
C ILE C 191 4.70 32.92 -26.26
N LEU C 192 5.08 34.02 -25.68
CA LEU C 192 4.79 35.37 -26.23
C LEU C 192 6.09 35.91 -26.82
N ILE C 193 6.04 36.47 -28.01
CA ILE C 193 7.26 36.88 -28.74
C ILE C 193 7.23 38.38 -29.03
N CYS C 194 8.28 39.11 -28.67
CA CYS C 194 8.44 40.52 -29.08
C CYS C 194 9.62 40.53 -30.05
N GLY C 195 9.90 41.70 -30.62
CA GLY C 195 10.83 41.87 -31.75
C GLY C 195 10.18 41.33 -32.98
N GLY C 196 10.94 40.73 -33.87
CA GLY C 196 10.46 40.08 -35.10
C GLY C 196 10.56 41.00 -36.32
N SER C 197 9.57 41.88 -36.50
CA SER C 197 9.51 42.79 -37.67
C SER C 197 10.51 43.91 -37.46
N SER C 198 10.87 44.55 -38.58
CA SER C 198 11.58 45.86 -38.67
C SER C 198 10.65 46.96 -38.17
N TYR C 199 10.87 47.34 -36.91
CA TYR C 199 10.07 48.33 -36.16
C TYR C 199 11.04 49.48 -35.87
N PRO C 200 10.73 50.74 -36.31
CA PRO C 200 11.64 51.87 -36.15
C PRO C 200 11.71 52.52 -34.76
N ARG C 201 11.06 51.93 -33.77
CA ARG C 201 11.05 52.55 -32.42
C ARG C 201 11.36 51.49 -31.36
N ASP C 202 11.78 51.99 -30.21
CA ASP C 202 12.25 51.14 -29.10
C ASP C 202 11.08 50.27 -28.59
N TRP C 203 11.36 49.08 -28.05
CA TRP C 203 10.33 48.23 -27.39
C TRP C 203 10.27 48.53 -25.90
N ASP C 204 9.08 48.44 -25.32
CA ASP C 204 8.95 48.47 -23.85
C ASP C 204 8.93 47.04 -23.36
N PHE C 205 10.10 46.42 -23.27
CA PHE C 205 10.27 44.98 -22.91
C PHE C 205 9.71 44.75 -21.51
N ALA C 206 9.96 45.71 -20.60
CA ALA C 206 9.46 45.72 -19.22
C ALA C 206 7.95 45.48 -19.24
N ARG C 207 7.23 46.23 -20.10
CA ARG C 207 5.77 46.14 -20.19
C ARG C 207 5.36 44.76 -20.70
N VAL C 208 6.04 44.30 -21.72
CA VAL C 208 5.75 42.99 -22.35
C VAL C 208 5.97 41.91 -21.31
N ARG C 209 6.92 42.11 -20.40
CA ARG C 209 7.17 41.12 -19.34
C ARG C 209 5.95 41.05 -18.42
N GLN C 210 5.45 42.20 -17.97
CA GLN C 210 4.29 42.27 -17.07
C GLN C 210 3.17 41.44 -17.66
N ILE C 211 2.94 41.58 -18.96
CA ILE C 211 1.86 40.87 -19.72
C ILE C 211 2.15 39.38 -19.67
N ALA C 212 3.31 38.98 -20.12
CA ALA C 212 3.74 37.56 -20.15
C ALA C 212 3.40 36.94 -18.79
N ASP C 213 3.81 37.61 -17.73
CA ASP C 213 3.65 37.13 -16.32
C ASP C 213 2.16 36.95 -16.04
N LYS C 214 1.33 37.89 -16.46
CA LYS C 214 -0.12 37.81 -16.20
C LYS C 214 -0.72 36.62 -16.93
N CYS C 215 -0.41 36.37 -18.20
CA CYS C 215 -1.02 35.24 -18.96
C CYS C 215 -0.17 33.95 -18.85
N GLY C 216 0.85 33.95 -17.99
CA GLY C 216 1.66 32.76 -17.67
C GLY C 216 2.40 32.20 -18.87
N ALA C 217 2.94 33.09 -19.70
CA ALA C 217 3.65 32.74 -20.95
C ALA C 217 5.15 32.94 -20.72
N VAL C 218 5.95 32.13 -21.40
CA VAL C 218 7.42 32.36 -21.54
C VAL C 218 7.63 33.55 -22.50
N LEU C 219 8.41 34.54 -22.07
CA LEU C 219 8.68 35.72 -22.92
C LEU C 219 9.96 35.47 -23.74
N MET C 220 9.82 35.47 -25.05
CA MET C 220 10.93 35.36 -26.03
C MET C 220 11.05 36.65 -26.84
N CYS C 221 12.28 37.12 -27.04
CA CYS C 221 12.58 38.22 -27.98
C CYS C 221 13.38 37.71 -29.17
N ASP C 222 12.87 37.94 -30.37
CA ASP C 222 13.66 37.86 -31.62
C ASP C 222 14.33 39.23 -31.81
N MET C 223 15.63 39.33 -31.56
CA MET C 223 16.32 40.65 -31.57
C MET C 223 17.08 40.85 -32.88
N ALA C 224 16.71 40.14 -33.94
CA ALA C 224 17.44 40.10 -35.21
C ALA C 224 17.78 41.52 -35.68
N HIS C 225 16.80 42.42 -35.69
CA HIS C 225 16.94 43.77 -36.27
C HIS C 225 17.62 44.73 -35.33
N ILE C 226 17.82 44.36 -34.07
CA ILE C 226 18.39 45.28 -33.06
C ILE C 226 19.60 44.65 -32.37
N SER C 227 20.01 43.44 -32.76
CA SER C 227 21.16 42.71 -32.16
C SER C 227 22.28 43.71 -31.86
N GLY C 228 22.65 44.55 -32.85
CA GLY C 228 23.74 45.52 -32.75
C GLY C 228 23.50 46.53 -31.64
N LEU C 229 22.34 47.16 -31.66
CA LEU C 229 21.96 48.21 -30.68
C LEU C 229 21.91 47.62 -29.29
N VAL C 230 21.44 46.40 -29.18
CA VAL C 230 21.27 45.75 -27.85
C VAL C 230 22.62 45.54 -27.20
N ALA C 231 23.55 44.89 -27.88
CA ALA C 231 24.92 44.62 -27.35
C ALA C 231 25.56 45.91 -26.83
N THR C 232 25.39 47.01 -27.54
CA THR C 232 26.08 48.31 -27.28
C THR C 232 25.24 49.19 -26.34
N LYS C 233 24.19 48.65 -25.78
CA LYS C 233 23.32 49.35 -24.81
C LYS C 233 22.86 50.67 -25.42
N GLU C 234 22.57 50.65 -26.72
CA GLU C 234 22.07 51.82 -27.49
C GLU C 234 20.60 51.58 -27.82
N CYS C 235 19.94 50.69 -27.10
CA CYS C 235 18.45 50.51 -27.10
C CYS C 235 18.03 49.65 -25.92
N SER C 236 16.73 49.57 -25.64
CA SER C 236 16.20 48.79 -24.51
C SER C 236 16.79 47.38 -24.55
N ASN C 237 17.15 46.83 -23.40
CA ASN C 237 17.79 45.51 -23.30
C ASN C 237 16.73 44.43 -23.03
N PRO C 238 16.43 43.56 -24.01
CA PRO C 238 15.48 42.48 -23.76
C PRO C 238 16.01 41.42 -22.79
N PHE C 239 17.31 41.31 -22.61
CA PHE C 239 17.89 40.32 -21.68
C PHE C 239 17.48 40.64 -20.24
N ASP C 240 17.08 41.88 -19.99
CA ASP C 240 16.68 42.31 -18.64
C ASP C 240 15.30 41.78 -18.33
N HIS C 241 14.60 41.15 -19.26
CA HIS C 241 13.13 40.89 -19.08
C HIS C 241 12.69 39.55 -19.69
N CYS C 242 13.31 39.15 -20.80
CA CYS C 242 12.90 37.97 -21.57
C CYS C 242 13.64 36.76 -21.02
N ASP C 243 13.02 35.59 -21.13
CA ASP C 243 13.61 34.29 -20.73
C ASP C 243 14.42 33.69 -21.87
N ILE C 244 14.10 34.04 -23.11
CA ILE C 244 14.79 33.54 -24.33
C ILE C 244 15.03 34.71 -25.27
N VAL C 245 16.21 34.79 -25.87
CA VAL C 245 16.47 35.77 -26.95
C VAL C 245 17.09 35.04 -28.11
N THR C 246 16.45 35.10 -29.26
CA THR C 246 16.98 34.54 -30.51
C THR C 246 17.44 35.72 -31.34
N SER C 247 18.28 35.43 -32.33
CA SER C 247 18.84 36.48 -33.19
C SER C 247 19.46 35.86 -34.41
N THR C 248 19.74 36.76 -35.33
CA THR C 248 20.48 36.55 -36.56
C THR C 248 21.92 36.98 -36.26
N THR C 249 22.89 36.20 -36.74
CA THR C 249 24.33 36.45 -36.53
C THR C 249 24.93 37.45 -37.54
N HIS C 250 24.15 38.00 -38.47
CA HIS C 250 24.75 38.56 -39.69
C HIS C 250 24.18 39.90 -40.09
N LYS C 251 23.56 40.60 -39.18
CA LYS C 251 22.88 41.85 -39.58
C LYS C 251 23.63 42.98 -38.89
N GLY C 252 23.20 43.36 -37.69
CA GLY C 252 23.96 44.31 -36.83
C GLY C 252 25.38 43.83 -36.63
N LEU C 253 25.55 42.55 -36.27
CA LEU C 253 26.80 41.97 -35.74
C LEU C 253 27.85 41.80 -36.84
N ARG C 254 27.45 41.89 -38.10
CA ARG C 254 28.38 41.81 -39.24
C ARG C 254 29.09 40.46 -39.18
N GLY C 255 28.46 39.48 -38.59
CA GLY C 255 28.96 38.10 -38.65
C GLY C 255 28.48 37.33 -39.88
N PRO C 256 28.66 36.01 -39.83
CA PRO C 256 28.24 35.16 -40.92
C PRO C 256 26.74 34.87 -40.81
N ARG C 257 26.14 34.40 -41.90
CA ARG C 257 24.69 34.16 -41.95
C ARG C 257 24.38 32.95 -41.08
N GLY C 258 23.46 33.12 -40.15
CA GLY C 258 22.99 32.05 -39.26
C GLY C 258 22.17 32.58 -38.10
N GLY C 259 21.83 31.70 -37.18
CA GLY C 259 21.05 32.08 -36.00
C GLY C 259 21.71 31.65 -34.73
N ILE C 260 21.11 32.04 -33.62
CA ILE C 260 21.70 31.85 -32.28
C ILE C 260 20.58 31.97 -31.26
N ILE C 261 20.65 31.20 -30.17
CA ILE C 261 19.59 31.12 -29.12
C ILE C 261 20.23 31.31 -27.76
N PHE C 262 19.81 32.37 -27.07
CA PHE C 262 20.08 32.63 -25.64
C PHE C 262 18.88 32.14 -24.82
N TYR C 263 19.14 31.47 -23.72
CA TYR C 263 18.11 30.97 -22.77
C TYR C 263 18.64 31.16 -21.37
N ARG C 264 17.74 31.29 -20.40
CA ARG C 264 18.11 31.45 -18.98
C ARG C 264 18.45 30.08 -18.37
N ARG C 265 19.31 30.13 -17.35
CA ARG C 265 19.79 28.96 -16.59
C ARG C 265 19.63 29.24 -15.09
N GLY C 266 19.58 28.18 -14.30
CA GLY C 266 19.63 28.26 -12.82
C GLY C 266 18.33 28.80 -12.27
N PRO C 267 18.35 29.36 -11.03
CA PRO C 267 17.11 29.68 -10.31
C PRO C 267 16.21 30.72 -10.97
N LYS C 268 14.89 30.60 -10.83
CA LYS C 268 13.97 31.77 -10.91
C LYS C 268 13.97 32.47 -9.54
N ASP C 280 4.54 29.00 -9.84
CA ASP C 280 4.44 28.49 -8.44
C ASP C 280 5.37 27.28 -8.25
N THR C 281 5.19 26.18 -9.01
CA THR C 281 5.98 24.90 -8.88
C THR C 281 7.42 25.14 -9.35
N SER C 282 7.61 26.03 -10.33
CA SER C 282 8.88 26.26 -11.05
C SER C 282 9.98 26.79 -10.13
N THR C 283 11.01 25.98 -9.90
CA THR C 283 12.12 26.26 -8.97
C THR C 283 13.33 26.84 -9.73
N HIS C 284 13.72 26.19 -10.81
CA HIS C 284 14.86 26.53 -11.72
C HIS C 284 14.36 26.58 -13.16
N TYR C 285 15.15 27.11 -14.09
CA TYR C 285 14.76 27.19 -15.52
C TYR C 285 14.91 25.81 -16.14
N ASP C 286 14.10 25.49 -17.15
CA ASP C 286 14.00 24.14 -17.77
C ASP C 286 14.29 24.17 -19.29
N LEU C 287 15.15 25.10 -19.73
CA LEU C 287 15.13 25.57 -21.15
C LEU C 287 16.23 24.91 -21.96
N GLU C 288 17.42 24.91 -21.38
CA GLU C 288 18.70 24.48 -21.99
C GLU C 288 18.53 23.10 -22.64
N GLU C 289 18.27 22.04 -21.85
CA GLU C 289 18.24 20.64 -22.36
C GLU C 289 17.21 20.54 -23.48
N LYS C 290 16.05 21.16 -23.32
CA LYS C 290 14.93 21.06 -24.29
C LYS C 290 15.30 21.72 -25.62
N ILE C 291 15.85 22.92 -25.55
CA ILE C 291 16.28 23.72 -26.72
C ILE C 291 17.44 23.02 -27.41
N ASN C 292 18.54 22.77 -26.69
CA ASN C 292 19.73 22.13 -27.28
C ASN C 292 19.28 20.90 -28.05
N PHE C 293 18.40 20.09 -27.46
CA PHE C 293 18.00 18.79 -28.03
C PHE C 293 17.19 19.04 -29.29
N ALA C 294 16.39 20.10 -29.29
CA ALA C 294 15.50 20.45 -30.42
C ALA C 294 16.39 20.82 -31.61
N VAL C 295 17.44 21.58 -31.34
CA VAL C 295 18.41 21.97 -32.38
C VAL C 295 19.01 20.70 -32.92
N PHE C 296 19.59 19.90 -32.04
CA PHE C 296 20.20 18.61 -32.41
C PHE C 296 19.98 17.65 -31.26
N PRO C 297 19.43 16.45 -31.55
CA PRO C 297 19.26 15.97 -32.92
C PRO C 297 17.93 16.16 -33.64
N SER C 298 17.00 16.93 -33.10
CA SER C 298 15.64 16.92 -33.68
C SER C 298 15.72 17.51 -35.07
N LEU C 299 16.12 18.78 -35.14
CA LEU C 299 15.86 19.63 -36.33
C LEU C 299 17.05 19.63 -37.27
N GLN C 300 18.27 19.71 -36.77
CA GLN C 300 19.45 19.91 -37.66
C GLN C 300 20.31 18.66 -37.72
N GLY C 301 21.43 18.83 -38.39
CA GLY C 301 22.45 17.77 -38.32
C GLY C 301 23.63 18.44 -37.68
N GLY C 302 24.80 18.33 -38.29
CA GLY C 302 26.02 18.99 -37.81
C GLY C 302 25.94 20.50 -37.97
N PRO C 303 26.68 21.25 -37.13
CA PRO C 303 26.75 22.67 -37.27
C PRO C 303 27.75 23.02 -38.37
N HIS C 304 27.68 24.24 -38.87
CA HIS C 304 28.70 24.81 -39.74
C HIS C 304 29.84 25.33 -38.85
N ASN C 305 30.87 24.51 -38.65
CA ASN C 305 32.07 24.86 -37.84
C ASN C 305 32.73 26.15 -38.38
N ASN C 306 32.65 26.38 -39.67
CA ASN C 306 33.33 27.53 -40.30
C ASN C 306 32.53 28.79 -39.97
N HIS C 307 31.21 28.69 -39.93
CA HIS C 307 30.31 29.81 -39.50
C HIS C 307 30.58 30.13 -38.04
N ILE C 308 30.83 29.12 -37.22
CA ILE C 308 30.95 29.34 -35.76
C ILE C 308 32.25 30.09 -35.46
N ALA C 309 33.34 29.67 -36.08
CA ALA C 309 34.62 30.42 -36.00
C ALA C 309 34.39 31.87 -36.45
N ALA C 310 33.85 32.05 -37.63
CA ALA C 310 33.53 33.39 -38.16
C ALA C 310 32.70 34.16 -37.13
N LEU C 311 31.76 33.50 -36.48
CA LEU C 311 30.87 34.17 -35.52
C LEU C 311 31.71 34.65 -34.34
N ALA C 312 32.54 33.76 -33.80
CA ALA C 312 33.44 34.05 -32.66
C ALA C 312 34.23 35.32 -32.92
N ILE C 313 34.73 35.45 -34.13
CA ILE C 313 35.53 36.64 -34.56
C ILE C 313 34.63 37.86 -34.47
N ALA C 314 33.44 37.73 -35.03
CA ALA C 314 32.46 38.85 -35.13
C ALA C 314 32.09 39.36 -33.73
N LEU C 315 31.96 38.44 -32.79
CA LEU C 315 31.49 38.72 -31.42
C LEU C 315 32.61 39.33 -30.57
N LYS C 316 33.83 38.89 -30.79
CA LYS C 316 35.03 39.53 -30.18
C LYS C 316 34.94 41.03 -30.49
N GLN C 317 34.61 41.33 -31.74
CA GLN C 317 34.69 42.69 -32.31
C GLN C 317 33.51 43.52 -31.82
N VAL C 318 32.43 42.87 -31.43
CA VAL C 318 31.23 43.60 -30.95
C VAL C 318 31.55 44.18 -29.58
N ALA C 319 32.41 43.51 -28.83
CA ALA C 319 32.71 43.90 -27.45
C ALA C 319 33.82 44.95 -27.44
N THR C 320 33.95 45.79 -28.46
CA THR C 320 35.02 46.81 -28.51
C THR C 320 34.40 48.19 -28.50
N PRO C 321 35.12 49.24 -28.09
CA PRO C 321 34.65 50.62 -28.25
C PRO C 321 34.44 51.04 -29.70
N GLU C 322 35.30 50.54 -30.60
CA GLU C 322 35.18 50.77 -32.07
C GLU C 322 33.77 50.44 -32.53
N TYR C 323 33.26 49.27 -32.12
CA TYR C 323 31.91 48.77 -32.50
C TYR C 323 30.86 49.64 -31.84
N LYS C 324 31.08 50.06 -30.61
CA LYS C 324 30.10 50.97 -29.96
C LYS C 324 30.00 52.22 -30.82
N ALA C 325 31.14 52.73 -31.25
CA ALA C 325 31.21 54.00 -32.01
C ALA C 325 30.59 53.79 -33.37
N TYR C 326 30.65 52.56 -33.88
CA TYR C 326 30.02 52.16 -35.16
C TYR C 326 28.52 52.35 -35.01
N ILE C 327 27.94 51.77 -33.96
CA ILE C 327 26.47 51.79 -33.74
C ILE C 327 26.03 53.22 -33.54
N GLN C 328 26.82 53.98 -32.79
CA GLN C 328 26.52 55.40 -32.47
C GLN C 328 26.38 56.16 -33.78
N GLN C 329 27.33 55.96 -34.68
CA GLN C 329 27.35 56.68 -35.98
C GLN C 329 26.14 56.21 -36.78
N MET C 330 25.94 54.90 -36.81
CA MET C 330 24.78 54.27 -37.47
C MET C 330 23.52 55.07 -37.14
N LYS C 331 23.29 55.36 -35.85
CA LYS C 331 22.08 56.04 -35.37
C LYS C 331 22.12 57.50 -35.74
N LYS C 332 23.24 58.17 -35.53
CA LYS C 332 23.38 59.58 -35.96
C LYS C 332 23.06 59.66 -37.46
N ASN C 333 23.54 58.69 -38.24
CA ASN C 333 23.29 58.66 -39.71
C ASN C 333 21.79 58.55 -39.99
N ALA C 334 21.09 57.71 -39.26
CA ALA C 334 19.63 57.54 -39.38
C ALA C 334 18.93 58.87 -39.12
N GLN C 335 19.31 59.57 -38.05
CA GLN C 335 18.60 60.81 -37.69
C GLN C 335 18.83 61.76 -38.86
N ALA C 336 20.09 61.82 -39.32
CA ALA C 336 20.56 62.69 -40.43
C ALA C 336 19.70 62.46 -41.69
N LEU C 337 19.44 61.20 -41.99
CA LEU C 337 18.63 60.79 -43.16
C LEU C 337 17.14 61.12 -42.94
N ALA C 338 16.60 60.82 -41.77
CA ALA C 338 15.21 61.18 -41.40
C ALA C 338 15.01 62.67 -41.61
N ALA C 339 15.90 63.46 -40.99
CA ALA C 339 15.87 64.94 -40.96
C ALA C 339 15.86 65.45 -42.38
N ALA C 340 16.64 64.79 -43.22
CA ALA C 340 16.89 65.18 -44.61
C ALA C 340 15.60 65.00 -45.39
N LEU C 341 14.96 63.87 -45.20
CA LEU C 341 13.74 63.51 -45.97
C LEU C 341 12.58 64.36 -45.46
N LEU C 342 12.44 64.54 -44.15
CA LEU C 342 11.40 65.42 -43.61
C LEU C 342 11.56 66.77 -44.30
N ARG C 343 12.75 67.39 -44.22
CA ARG C 343 13.08 68.70 -44.87
C ARG C 343 12.64 68.71 -46.33
N ARG C 344 12.55 67.57 -47.02
CA ARG C 344 12.11 67.54 -48.43
C ARG C 344 10.69 67.00 -48.56
N LYS C 345 9.89 67.13 -47.49
CA LYS C 345 8.41 66.96 -47.44
C LYS C 345 8.05 65.49 -47.49
N CYS C 346 8.95 64.59 -47.13
CA CYS C 346 8.62 63.16 -47.09
C CYS C 346 7.80 62.83 -45.87
N ARG C 347 7.09 61.71 -45.92
CA ARG C 347 6.27 61.23 -44.79
C ARG C 347 6.85 59.94 -44.24
N LEU C 348 7.30 59.95 -43.00
CA LEU C 348 7.87 58.77 -42.32
C LEU C 348 6.85 58.18 -41.37
N VAL C 349 6.73 56.86 -41.32
CA VAL C 349 5.91 56.13 -40.28
C VAL C 349 6.48 56.41 -38.89
N THR C 350 5.61 56.84 -37.99
CA THR C 350 5.93 57.34 -36.62
C THR C 350 6.74 58.63 -36.66
N GLY C 351 7.06 59.17 -37.85
CA GLY C 351 7.59 60.53 -38.05
C GLY C 351 9.08 60.57 -37.88
N GLY C 352 9.71 59.39 -37.77
CA GLY C 352 11.16 59.25 -37.51
C GLY C 352 11.55 57.84 -37.10
N THR C 353 12.51 57.74 -36.18
CA THR C 353 13.09 56.47 -35.70
C THR C 353 13.91 56.70 -34.45
N ASP C 354 14.01 55.67 -33.62
CA ASP C 354 14.88 55.59 -32.42
C ASP C 354 16.10 54.75 -32.77
N ASN C 355 16.12 54.15 -33.96
CA ASN C 355 17.17 53.17 -34.28
C ASN C 355 17.78 53.51 -35.63
N HIS C 356 17.99 52.49 -36.45
CA HIS C 356 18.85 52.56 -37.64
C HIS C 356 18.03 52.47 -38.91
N LEU C 357 16.70 52.38 -38.82
CA LEU C 357 15.85 52.17 -40.02
C LEU C 357 14.62 53.07 -40.01
N LEU C 358 14.05 53.23 -41.19
CA LEU C 358 13.09 54.29 -41.58
C LEU C 358 12.03 53.66 -42.43
N LEU C 359 10.77 53.88 -42.10
CA LEU C 359 9.69 53.48 -43.03
C LEU C 359 9.21 54.75 -43.69
N TRP C 360 9.25 54.80 -45.01
CA TRP C 360 8.94 56.01 -45.81
C TRP C 360 7.67 55.79 -46.61
N ASP C 361 6.63 56.53 -46.32
CA ASP C 361 5.35 56.42 -47.07
C ASP C 361 5.43 57.28 -48.34
N LEU C 362 5.22 56.65 -49.49
CA LEU C 362 5.35 57.29 -50.82
C LEU C 362 3.96 57.67 -51.36
N THR C 363 2.89 57.27 -50.68
CA THR C 363 1.52 57.44 -51.27
C THR C 363 1.21 58.92 -51.43
N PRO C 364 1.71 59.85 -50.57
CA PRO C 364 1.55 61.29 -50.83
C PRO C 364 2.16 61.78 -52.16
N MET C 365 3.13 61.04 -52.71
CA MET C 365 3.78 61.30 -54.03
C MET C 365 3.13 60.41 -55.10
N GLY C 366 2.07 59.70 -54.73
CA GLY C 366 1.30 58.86 -55.65
C GLY C 366 2.15 57.72 -56.20
N LEU C 367 3.03 57.14 -55.39
CA LEU C 367 3.91 56.02 -55.82
C LEU C 367 3.68 54.81 -54.94
N THR C 368 3.78 53.63 -55.55
CA THR C 368 3.86 52.30 -54.86
C THR C 368 5.34 51.97 -54.64
N GLY C 369 5.65 51.24 -53.57
CA GLY C 369 7.02 50.76 -53.36
C GLY C 369 7.47 49.84 -54.49
N LYS C 370 6.56 49.03 -55.01
CA LYS C 370 6.84 47.92 -55.96
C LYS C 370 7.60 48.45 -57.16
N VAL C 371 7.28 49.67 -57.58
CA VAL C 371 7.86 50.29 -58.79
C VAL C 371 9.09 51.12 -58.39
N TYR C 372 9.01 51.95 -57.34
CA TYR C 372 10.12 52.80 -56.85
C TYR C 372 11.37 51.95 -56.59
N GLU C 373 11.15 50.83 -55.90
CA GLU C 373 12.10 49.73 -55.66
C GLU C 373 12.84 49.40 -56.96
N LYS C 374 12.11 49.23 -58.07
CA LYS C 374 12.66 48.66 -59.33
C LYS C 374 13.40 49.72 -60.14
N VAL C 375 13.04 50.98 -59.92
CA VAL C 375 13.74 52.16 -60.50
C VAL C 375 15.03 52.39 -59.71
N CYS C 376 14.95 52.40 -58.39
CA CYS C 376 16.15 52.50 -57.52
C CYS C 376 17.19 51.43 -57.89
N GLU C 377 16.74 50.20 -58.10
CA GLU C 377 17.63 49.10 -58.56
C GLU C 377 18.42 49.57 -59.78
N MET C 378 17.71 50.07 -60.80
CA MET C 378 18.29 50.47 -62.09
C MET C 378 19.36 51.53 -61.84
N CYS C 379 19.25 52.32 -60.77
CA CYS C 379 20.18 53.42 -60.46
C CYS C 379 21.21 52.98 -59.42
N HIS C 380 21.41 51.68 -59.26
CA HIS C 380 22.40 51.12 -58.30
C HIS C 380 22.02 51.45 -56.84
N ILE C 381 20.75 51.72 -56.57
CA ILE C 381 20.24 51.93 -55.17
C ILE C 381 19.38 50.72 -54.78
N THR C 382 19.82 49.95 -53.79
CA THR C 382 19.03 48.80 -53.29
C THR C 382 18.33 49.26 -52.01
N LEU C 383 17.01 49.23 -52.05
CA LEU C 383 16.09 49.25 -50.87
C LEU C 383 15.01 48.20 -51.08
N ASN C 384 13.94 48.22 -50.29
CA ASN C 384 12.89 47.18 -50.51
C ASN C 384 11.54 47.71 -50.04
N LYS C 385 10.55 47.69 -50.92
CA LYS C 385 9.14 48.02 -50.63
C LYS C 385 8.76 47.32 -49.35
N THR C 386 7.83 47.89 -48.59
CA THR C 386 7.35 47.32 -47.32
C THR C 386 5.85 47.60 -47.18
N ALA C 387 5.17 46.68 -46.49
CA ALA C 387 3.77 46.82 -46.03
C ALA C 387 3.75 47.96 -45.02
N ILE C 388 2.92 48.96 -45.25
CA ILE C 388 2.55 49.97 -44.21
C ILE C 388 1.04 50.09 -44.14
N PHE C 389 0.53 50.57 -42.99
CA PHE C 389 -0.87 51.05 -42.88
C PHE C 389 -0.87 52.48 -43.41
N GLY C 390 -1.76 52.80 -44.36
CA GLY C 390 -1.81 54.11 -45.01
C GLY C 390 -2.61 55.14 -44.20
N ASP C 391 -2.82 56.32 -44.82
CA ASP C 391 -3.64 57.44 -44.28
C ASP C 391 -5.04 56.89 -44.00
N ASN C 392 -5.57 56.12 -44.96
CA ASN C 392 -6.75 55.24 -44.79
C ASN C 392 -6.35 54.16 -43.78
N GLY C 393 -7.30 53.66 -42.98
CA GLY C 393 -7.06 52.49 -42.10
C GLY C 393 -6.68 51.24 -42.88
N THR C 394 -6.67 51.28 -44.23
CA THR C 394 -6.31 50.14 -45.12
C THR C 394 -4.79 49.94 -45.14
N ILE C 395 -4.37 48.84 -45.76
CA ILE C 395 -2.96 48.38 -45.88
C ILE C 395 -2.46 48.82 -47.26
N SER C 396 -1.68 49.90 -47.34
CA SER C 396 -1.20 50.47 -48.63
C SER C 396 0.09 49.74 -49.06
N PRO C 397 0.39 49.66 -50.37
CA PRO C 397 1.60 48.98 -50.83
C PRO C 397 2.72 50.00 -51.06
N GLY C 398 2.62 51.15 -50.39
CA GLY C 398 3.29 52.43 -50.76
C GLY C 398 4.49 52.72 -49.88
N GLY C 399 4.82 51.79 -48.98
CA GLY C 399 5.99 51.94 -48.10
C GLY C 399 7.28 51.47 -48.76
N VAL C 400 8.42 52.01 -48.31
CA VAL C 400 9.75 51.39 -48.54
C VAL C 400 10.52 51.46 -47.23
N ARG C 401 11.39 50.48 -47.00
CA ARG C 401 12.22 50.36 -45.79
C ARG C 401 13.67 50.62 -46.19
N ILE C 402 14.27 51.50 -45.39
CA ILE C 402 15.64 52.02 -45.54
C ILE C 402 16.37 51.89 -44.21
N GLY C 403 17.68 51.61 -44.23
CA GLY C 403 18.54 51.65 -43.04
C GLY C 403 19.95 52.10 -43.33
N THR C 404 20.68 52.46 -42.26
CA THR C 404 22.06 53.03 -42.31
C THR C 404 23.21 52.03 -42.16
N PRO C 405 23.07 50.83 -41.56
CA PRO C 405 24.24 50.02 -41.18
C PRO C 405 25.28 49.72 -42.28
N ALA C 406 24.83 49.36 -43.48
CA ALA C 406 25.69 48.98 -44.62
C ALA C 406 26.60 50.15 -45.00
N MET C 407 26.03 51.32 -45.34
CA MET C 407 26.85 52.44 -45.80
C MET C 407 27.58 53.04 -44.59
N THR C 408 27.04 52.90 -43.38
CA THR C 408 27.75 53.32 -42.15
C THR C 408 29.06 52.52 -42.10
N THR C 409 28.99 51.21 -42.32
CA THR C 409 30.16 50.30 -42.31
C THR C 409 31.24 50.78 -43.28
N ARG C 410 30.82 51.24 -44.46
CA ARG C 410 31.71 51.73 -45.54
C ARG C 410 32.26 53.15 -45.26
N GLY C 411 31.97 53.72 -44.09
CA GLY C 411 32.58 54.96 -43.60
C GLY C 411 31.75 56.17 -43.94
N CYS C 412 30.51 56.01 -44.40
CA CYS C 412 29.58 57.16 -44.56
C CYS C 412 29.22 57.76 -43.20
N ILE C 413 29.02 59.08 -43.23
CA ILE C 413 28.67 59.92 -42.05
C ILE C 413 27.45 60.77 -42.43
N GLU C 414 27.03 61.65 -41.51
CA GLU C 414 25.73 62.33 -41.57
C GLU C 414 25.59 62.99 -42.96
N SER C 415 26.54 63.85 -43.34
CA SER C 415 26.42 64.66 -44.58
C SER C 415 26.26 63.72 -45.77
N ASP C 416 26.90 62.55 -45.72
CA ASP C 416 26.82 61.59 -46.85
C ASP C 416 25.35 61.15 -47.01
N PHE C 417 24.68 60.91 -45.89
CA PHE C 417 23.26 60.46 -45.93
C PHE C 417 22.40 61.58 -46.49
N GLU C 418 22.73 62.85 -46.20
CA GLU C 418 21.96 63.99 -46.78
C GLU C 418 22.11 64.00 -48.30
N THR C 419 23.28 63.61 -48.81
CA THR C 419 23.50 63.40 -50.27
C THR C 419 22.56 62.29 -50.74
N MET C 420 22.60 61.15 -50.06
CA MET C 420 21.86 59.94 -50.49
C MET C 420 20.36 60.27 -50.49
N ALA C 421 19.93 61.12 -49.58
CA ALA C 421 18.54 61.62 -49.58
C ALA C 421 18.24 62.32 -50.93
N ASP C 422 19.14 63.19 -51.41
CA ASP C 422 18.96 63.89 -52.70
C ASP C 422 18.74 62.83 -53.81
N PHE C 423 19.49 61.74 -53.79
CA PHE C 423 19.36 60.68 -54.81
C PHE C 423 17.97 60.09 -54.70
N LEU C 424 17.56 59.75 -53.48
CA LEU C 424 16.26 59.08 -53.25
C LEU C 424 15.13 59.92 -53.83
N ILE C 425 15.20 61.24 -53.65
CA ILE C 425 14.14 62.11 -54.19
C ILE C 425 14.24 62.13 -55.70
N LYS C 426 15.42 62.33 -56.26
CA LYS C 426 15.52 62.40 -57.74
C LYS C 426 14.87 61.13 -58.31
N ALA C 427 15.15 60.00 -57.70
CA ALA C 427 14.65 58.69 -58.15
C ALA C 427 13.12 58.73 -58.16
N ALA C 428 12.51 59.29 -57.10
CA ALA C 428 11.05 59.44 -56.96
C ALA C 428 10.51 60.35 -58.07
N GLN C 429 11.12 61.51 -58.26
CA GLN C 429 10.75 62.49 -59.32
C GLN C 429 10.71 61.77 -60.66
N ILE C 430 11.69 60.93 -60.91
CA ILE C 430 11.75 60.17 -62.18
C ILE C 430 10.58 59.21 -62.23
N THR C 431 10.31 58.52 -61.13
CA THR C 431 9.30 57.45 -61.05
C THR C 431 7.91 58.03 -61.32
N SER C 432 7.56 59.17 -60.75
CA SER C 432 6.28 59.84 -61.06
C SER C 432 6.25 60.11 -62.56
N ALA C 433 7.26 60.86 -63.07
CA ALA C 433 7.42 61.25 -64.49
C ALA C 433 7.17 60.03 -65.39
N LEU C 434 7.75 58.88 -65.04
CA LEU C 434 7.68 57.64 -65.86
C LEU C 434 6.26 57.08 -65.81
N GLN C 435 5.68 56.98 -64.61
CA GLN C 435 4.30 56.45 -64.41
C GLN C 435 3.31 57.26 -65.25
N ARG C 436 3.56 58.57 -65.32
CA ARG C 436 2.76 59.53 -66.15
C ARG C 436 2.91 59.24 -67.65
N GLU C 437 4.11 59.29 -68.23
CA GLU C 437 4.29 59.05 -69.68
C GLU C 437 3.97 57.57 -70.01
N HIS C 438 4.78 56.62 -69.52
CA HIS C 438 4.90 55.24 -70.07
C HIS C 438 4.14 54.20 -69.24
N GLY C 439 3.06 54.59 -68.53
CA GLY C 439 2.30 53.70 -67.61
C GLY C 439 1.44 52.68 -68.34
N LYS C 440 1.15 52.94 -69.63
CA LYS C 440 0.20 52.20 -70.51
C LYS C 440 0.42 50.68 -70.43
N SER C 441 1.66 50.20 -70.53
CA SER C 441 1.98 48.74 -70.48
C SER C 441 3.14 48.49 -69.50
N HIS C 442 3.23 47.26 -68.96
CA HIS C 442 4.33 46.77 -68.07
C HIS C 442 5.58 46.41 -68.88
N LYS C 443 5.40 46.00 -70.14
CA LYS C 443 6.48 45.71 -71.14
C LYS C 443 7.06 47.02 -71.71
N GLU C 444 6.21 47.99 -72.10
CA GLU C 444 6.59 49.34 -72.62
C GLU C 444 7.20 50.20 -71.49
N PHE C 445 6.97 49.83 -70.24
CA PHE C 445 7.54 50.47 -69.02
C PHE C 445 8.98 49.98 -68.80
N VAL C 446 9.17 48.64 -68.75
CA VAL C 446 10.48 47.94 -68.53
C VAL C 446 11.46 48.28 -69.66
N LYS C 447 10.97 48.58 -70.86
CA LYS C 447 11.83 49.09 -71.98
C LYS C 447 12.36 50.48 -71.57
N SER C 448 11.42 51.43 -71.32
CA SER C 448 11.66 52.86 -70.99
C SER C 448 12.70 52.96 -69.86
N LEU C 449 12.55 52.07 -68.87
CA LEU C 449 13.47 51.86 -67.72
C LEU C 449 14.91 51.69 -68.22
N CYS C 450 15.14 50.74 -69.13
CA CYS C 450 16.49 50.34 -69.64
C CYS C 450 17.13 51.46 -70.47
N THR C 451 16.31 52.37 -71.02
CA THR C 451 16.73 53.34 -72.08
C THR C 451 16.24 54.74 -71.73
N ASN C 452 16.30 55.12 -70.46
CA ASN C 452 15.88 56.46 -69.97
C ASN C 452 17.14 57.25 -69.65
N LYS C 453 17.14 58.53 -70.01
CA LYS C 453 18.29 59.45 -69.85
C LYS C 453 18.42 59.79 -68.36
N ASP C 454 17.33 60.20 -67.70
CA ASP C 454 17.34 60.72 -66.30
C ASP C 454 17.77 59.64 -65.30
N ILE C 455 17.44 58.37 -65.58
CA ILE C 455 17.95 57.18 -64.84
C ILE C 455 19.47 57.10 -65.03
N ALA C 456 19.88 57.02 -66.30
CA ALA C 456 21.30 56.88 -66.66
C ALA C 456 22.10 57.96 -65.94
N GLU C 457 21.60 59.19 -65.93
CA GLU C 457 22.29 60.36 -65.31
C GLU C 457 22.42 60.07 -63.81
N LEU C 458 21.37 59.54 -63.19
CA LEU C 458 21.38 59.35 -61.71
C LEU C 458 22.20 58.11 -61.37
N ARG C 459 22.12 57.09 -62.23
CA ARG C 459 22.97 55.89 -62.05
C ARG C 459 24.42 56.36 -61.99
N ASN C 460 24.80 57.28 -62.86
CA ASN C 460 26.21 57.71 -62.92
C ASN C 460 26.51 58.40 -61.61
N ARG C 461 25.64 59.29 -61.18
CA ARG C 461 25.92 60.10 -59.97
C ARG C 461 26.13 59.15 -58.79
N VAL C 462 25.34 58.06 -58.74
CA VAL C 462 25.35 57.10 -57.61
C VAL C 462 26.64 56.30 -57.61
N GLU C 463 27.01 55.74 -58.76
CA GLU C 463 28.29 54.98 -58.97
C GLU C 463 29.45 55.85 -58.50
N ALA C 464 29.50 57.08 -59.02
CA ALA C 464 30.53 58.08 -58.70
C ALA C 464 30.60 58.29 -57.19
N PHE C 465 29.44 58.39 -56.54
CA PHE C 465 29.31 58.58 -55.08
C PHE C 465 29.88 57.37 -54.34
N ALA C 466 29.41 56.21 -54.73
CA ALA C 466 29.70 54.93 -54.05
C ALA C 466 31.22 54.67 -54.04
N LEU C 467 31.90 54.91 -55.17
CA LEU C 467 33.33 54.55 -55.32
C LEU C 467 34.18 55.39 -54.36
N GLN C 468 33.62 56.45 -53.78
CA GLN C 468 34.32 57.32 -52.79
C GLN C 468 34.53 56.55 -51.49
N TYR C 469 33.85 55.43 -51.27
CA TYR C 469 33.79 54.76 -49.94
C TYR C 469 34.49 53.42 -50.04
N GLU C 470 35.27 53.09 -49.03
CA GLU C 470 35.97 51.81 -48.93
C GLU C 470 34.95 50.67 -48.88
N MET C 471 35.34 49.49 -49.33
CA MET C 471 34.52 48.27 -49.29
C MET C 471 35.34 47.17 -48.62
N PRO C 472 34.98 46.77 -47.40
CA PRO C 472 35.79 45.82 -46.64
C PRO C 472 36.16 44.59 -47.46
N ALA C 473 37.42 44.17 -47.35
CA ALA C 473 37.93 42.93 -47.98
C ALA C 473 37.78 43.06 -49.48
N SER C 474 38.61 43.88 -50.10
CA SER C 474 38.78 44.00 -51.57
C SER C 474 40.24 43.68 -51.92
N LEU C 475 40.95 43.08 -50.94
CA LEU C 475 42.31 42.51 -51.08
C LEU C 475 43.14 43.58 -51.80
N ASN D 2 43.41 64.76 -43.93
CA ASN D 2 42.04 64.80 -44.49
C ASN D 2 41.16 63.86 -43.65
N ALA D 3 40.26 64.43 -42.84
CA ALA D 3 39.29 63.68 -42.01
C ALA D 3 38.52 62.68 -42.88
N LEU D 4 38.30 62.98 -44.18
CA LEU D 4 37.74 62.00 -45.14
C LEU D 4 38.70 60.81 -45.25
N GLU D 5 39.93 61.07 -45.69
CA GLU D 5 40.94 60.04 -46.03
C GLU D 5 41.21 59.22 -44.77
N SER D 6 41.21 59.87 -43.61
CA SER D 6 41.51 59.23 -42.32
C SER D 6 40.45 58.15 -42.02
N ARG D 7 39.17 58.50 -42.25
CA ARG D 7 38.01 57.58 -42.17
C ARG D 7 38.19 56.43 -43.17
N ARG D 8 38.48 56.76 -44.42
CA ARG D 8 38.62 55.76 -45.51
C ARG D 8 39.66 54.70 -45.14
N ALA D 9 40.64 55.09 -44.34
CA ALA D 9 41.76 54.25 -43.88
C ALA D 9 41.29 53.38 -42.72
N ALA D 10 40.58 54.00 -41.78
CA ALA D 10 40.03 53.31 -40.60
C ALA D 10 39.20 52.12 -41.09
N VAL D 11 38.46 52.28 -42.18
CA VAL D 11 37.60 51.22 -42.75
C VAL D 11 38.53 50.15 -43.28
N ARG D 12 39.48 50.54 -44.13
CA ARG D 12 40.40 49.58 -44.80
C ARG D 12 41.18 48.85 -43.72
N ALA D 13 41.66 49.57 -42.72
CA ALA D 13 42.39 49.04 -41.56
C ALA D 13 41.65 47.83 -40.98
N TRP D 14 40.36 47.97 -40.68
CA TRP D 14 39.48 46.94 -40.06
C TRP D 14 39.13 45.80 -41.04
N GLY D 15 38.77 46.20 -42.26
CA GLY D 15 38.13 45.35 -43.27
C GLY D 15 39.10 44.41 -43.95
N ASP D 16 40.39 44.77 -43.96
CA ASP D 16 41.46 43.99 -44.64
C ASP D 16 42.44 43.37 -43.65
N GLN D 17 42.23 43.57 -42.34
CA GLN D 17 43.03 42.93 -41.27
C GLN D 17 42.90 41.43 -41.39
N PRO D 18 44.02 40.69 -41.54
CA PRO D 18 43.98 39.23 -41.66
C PRO D 18 43.59 38.56 -40.34
N ILE D 19 43.10 37.34 -40.43
CA ILE D 19 42.50 36.59 -39.29
C ILE D 19 43.53 36.46 -38.19
N HIS D 20 44.79 36.20 -38.57
CA HIS D 20 45.88 35.82 -37.63
C HIS D 20 46.18 37.02 -36.75
N LEU D 21 45.96 38.23 -37.27
CA LEU D 21 46.00 39.49 -36.48
C LEU D 21 44.65 39.73 -35.78
N ALA D 22 43.54 39.60 -36.51
CA ALA D 22 42.22 40.07 -36.06
C ALA D 22 41.74 39.26 -34.85
N ASP D 23 42.23 38.02 -34.72
CA ASP D 23 41.78 37.11 -33.66
C ASP D 23 42.79 35.99 -33.56
N PRO D 24 43.89 36.24 -32.83
CA PRO D 24 44.96 35.24 -32.70
C PRO D 24 44.43 33.96 -32.04
N ASP D 25 43.58 34.09 -31.01
CA ASP D 25 43.11 32.95 -30.20
C ASP D 25 42.47 31.94 -31.16
N ILE D 26 41.58 32.41 -32.01
CA ILE D 26 40.81 31.56 -32.97
C ILE D 26 41.81 30.99 -33.97
N HIS D 27 42.56 31.88 -34.60
CA HIS D 27 43.55 31.47 -35.61
C HIS D 27 44.36 30.29 -35.04
N GLU D 28 44.81 30.37 -33.79
CA GLU D 28 45.68 29.34 -33.17
C GLU D 28 44.93 28.00 -33.20
N LEU D 29 43.66 28.03 -32.84
CA LEU D 29 42.83 26.82 -32.80
C LEU D 29 42.58 26.32 -34.22
N MET D 30 42.44 27.23 -35.17
CA MET D 30 42.22 26.84 -36.59
C MET D 30 43.48 26.17 -37.13
N GLU D 31 44.65 26.67 -36.72
CA GLU D 31 45.95 26.10 -37.12
C GLU D 31 46.10 24.72 -36.47
N LYS D 32 45.79 24.59 -35.19
CA LYS D 32 45.88 23.29 -34.48
C LYS D 32 45.01 22.25 -35.19
N GLU D 33 43.82 22.65 -35.62
CA GLU D 33 42.87 21.73 -36.29
C GLU D 33 43.42 21.37 -37.67
N LYS D 34 43.94 22.34 -38.43
CA LYS D 34 44.56 22.07 -39.75
C LYS D 34 45.65 21.02 -39.56
N GLN D 35 46.45 21.12 -38.49
CA GLN D 35 47.49 20.11 -38.17
C GLN D 35 46.82 18.76 -37.91
N ARG D 36 45.86 18.71 -36.99
CA ARG D 36 45.16 17.45 -36.65
C ARG D 36 44.72 16.74 -37.93
N GLN D 37 44.09 17.47 -38.84
CA GLN D 37 43.52 16.94 -40.10
C GLN D 37 44.63 16.25 -40.87
N VAL D 38 45.81 16.89 -40.99
CA VAL D 38 46.91 16.39 -41.86
C VAL D 38 47.58 15.19 -41.18
N ARG D 39 47.79 15.22 -39.88
CA ARG D 39 48.62 14.22 -39.15
C ARG D 39 47.79 13.05 -38.64
N GLY D 40 46.58 12.88 -39.17
CA GLY D 40 45.66 11.82 -38.74
C GLY D 40 45.16 11.03 -39.92
N ILE D 41 44.57 9.88 -39.64
CA ILE D 41 43.84 9.08 -40.65
C ILE D 41 42.35 9.36 -40.44
N GLU D 42 41.62 9.54 -41.55
CA GLU D 42 40.16 9.84 -41.52
C GLU D 42 39.44 8.65 -42.14
N LEU D 43 38.76 7.87 -41.31
CA LEU D 43 38.02 6.69 -41.80
C LEU D 43 36.52 6.85 -41.58
N ILE D 44 36.10 8.00 -41.07
CA ILE D 44 34.65 8.31 -40.97
C ILE D 44 34.15 8.37 -42.41
N ALA D 45 33.09 7.63 -42.73
CA ALA D 45 32.60 7.43 -44.12
C ALA D 45 31.86 8.67 -44.63
N SER D 46 31.36 9.50 -43.72
CA SER D 46 30.78 10.84 -44.02
C SER D 46 31.90 11.70 -44.62
N GLU D 47 32.94 11.93 -43.82
CA GLU D 47 33.96 12.98 -43.99
C GLU D 47 34.62 12.91 -45.36
N ASN D 48 35.14 14.05 -45.77
CA ASN D 48 35.95 14.25 -47.00
C ASN D 48 36.65 15.59 -46.87
N PHE D 49 37.58 15.91 -47.75
CA PHE D 49 38.32 17.20 -47.73
C PHE D 49 38.03 17.98 -49.00
N VAL D 50 37.74 19.26 -48.91
CA VAL D 50 37.35 20.06 -50.11
C VAL D 50 38.58 20.79 -50.66
N CYS D 51 38.49 21.13 -51.94
CA CYS D 51 39.53 21.85 -52.71
C CYS D 51 39.53 23.34 -52.36
N ARG D 52 40.53 24.06 -52.81
CA ARG D 52 40.70 25.48 -52.44
C ARG D 52 39.56 26.28 -53.05
N ALA D 53 39.26 26.06 -54.33
CA ALA D 53 38.25 26.85 -55.06
C ALA D 53 36.96 26.88 -54.25
N VAL D 54 36.61 25.72 -53.68
CA VAL D 54 35.36 25.62 -52.87
C VAL D 54 35.51 26.56 -51.68
N MET D 55 36.62 26.51 -50.97
CA MET D 55 36.81 27.39 -49.80
C MET D 55 36.74 28.86 -50.22
N GLU D 56 37.30 29.19 -51.39
CA GLU D 56 37.37 30.59 -51.86
C GLU D 56 35.93 31.08 -52.06
N ALA D 57 35.07 30.23 -52.61
CA ALA D 57 33.66 30.57 -52.82
C ALA D 57 33.00 30.87 -51.46
N LEU D 58 33.17 29.95 -50.51
CA LEU D 58 32.62 30.06 -49.15
C LEU D 58 33.04 31.39 -48.54
N GLY D 59 34.33 31.67 -48.55
CA GLY D 59 34.86 32.89 -47.91
C GLY D 59 34.89 34.04 -48.89
N SER D 60 33.75 34.52 -49.31
CA SER D 60 33.62 35.55 -50.35
C SER D 60 32.55 36.56 -49.98
N HIS D 61 32.54 37.65 -50.76
CA HIS D 61 31.56 38.78 -50.71
CA HIS D 61 31.56 38.77 -50.70
C HIS D 61 30.13 38.27 -50.88
N LEU D 62 29.94 37.02 -51.31
CA LEU D 62 28.57 36.52 -51.56
C LEU D 62 27.77 36.53 -50.25
N THR D 63 28.43 36.23 -49.14
CA THR D 63 27.79 36.23 -47.81
C THR D 63 27.23 37.61 -47.54
N ASN D 64 27.56 38.62 -48.32
CA ASN D 64 27.12 40.01 -48.00
C ASN D 64 25.71 40.23 -48.54
N LYS D 65 25.22 39.47 -49.50
CA LYS D 65 23.99 39.82 -50.25
C LYS D 65 22.90 38.88 -49.81
N TYR D 66 21.75 39.41 -49.39
CA TYR D 66 20.59 38.60 -48.96
C TYR D 66 19.70 38.40 -50.19
N SER D 67 19.28 37.16 -50.38
CA SER D 67 18.58 36.72 -51.59
C SER D 67 17.38 35.87 -51.23
N GLU D 68 16.51 36.34 -50.32
CA GLU D 68 15.29 35.59 -49.95
C GLU D 68 14.50 35.32 -51.22
N GLY D 69 14.21 34.06 -51.52
CA GLY D 69 13.33 33.77 -52.66
C GLY D 69 13.89 32.75 -53.65
N MET D 70 13.40 32.84 -54.88
CA MET D 70 13.68 31.95 -56.02
C MET D 70 14.31 32.83 -57.09
N PRO D 71 15.19 32.29 -57.96
CA PRO D 71 15.79 33.10 -59.03
C PRO D 71 14.69 33.76 -59.89
N GLY D 72 14.83 35.06 -60.16
CA GLY D 72 13.86 35.80 -60.98
C GLY D 72 12.57 36.02 -60.21
N ALA D 73 12.52 35.65 -58.95
CA ALA D 73 11.33 35.85 -58.08
C ALA D 73 11.81 36.09 -56.67
N ARG D 74 12.72 37.04 -56.49
CA ARG D 74 13.34 37.36 -55.18
C ARG D 74 12.52 38.41 -54.46
N TYR D 75 12.68 38.44 -53.16
CA TYR D 75 12.08 39.46 -52.26
C TYR D 75 12.85 40.76 -52.49
N TYR D 76 14.16 40.67 -52.71
CA TYR D 76 15.07 41.85 -52.80
C TYR D 76 15.62 42.13 -54.22
N THR D 77 15.80 43.42 -54.49
CA THR D 77 16.56 43.97 -55.67
C THR D 77 18.06 43.72 -55.53
N GLY D 78 18.79 43.72 -56.65
CA GLY D 78 20.26 43.57 -56.68
C GLY D 78 20.71 42.13 -56.85
N ASN D 79 19.79 41.24 -57.21
CA ASN D 79 20.10 39.79 -57.21
C ASN D 79 20.49 39.33 -58.61
N GLN D 80 20.65 40.25 -59.55
CA GLN D 80 20.85 39.88 -60.98
C GLN D 80 21.99 38.86 -61.10
N TYR D 81 23.08 39.00 -60.34
CA TYR D 81 24.26 38.11 -60.50
C TYR D 81 24.10 36.87 -59.64
N ILE D 82 23.52 37.04 -58.46
CA ILE D 82 23.26 35.89 -57.56
C ILE D 82 22.28 34.92 -58.23
N ASP D 83 21.29 35.44 -58.94
CA ASP D 83 20.35 34.64 -59.75
C ASP D 83 21.14 33.81 -60.76
N GLN D 84 22.07 34.44 -61.48
CA GLN D 84 22.85 33.76 -62.54
C GLN D 84 23.69 32.66 -61.91
N ILE D 85 24.13 32.84 -60.68
CA ILE D 85 24.95 31.82 -59.98
C ILE D 85 24.04 30.68 -59.58
N GLU D 86 22.92 30.96 -58.93
CA GLU D 86 21.99 29.89 -58.47
C GLU D 86 21.51 29.12 -59.69
N ASN D 87 21.06 29.80 -60.73
CA ASN D 87 20.61 29.13 -61.96
C ASN D 87 21.68 28.20 -62.51
N LEU D 88 22.93 28.67 -62.50
CA LEU D 88 24.09 27.90 -63.00
C LEU D 88 24.29 26.69 -62.09
N CYS D 89 24.23 26.87 -60.79
CA CYS D 89 24.34 25.78 -59.81
C CYS D 89 23.27 24.72 -60.07
N ILE D 90 22.06 25.16 -60.37
CA ILE D 90 20.93 24.24 -60.68
C ILE D 90 21.25 23.50 -61.96
N GLU D 91 21.49 24.17 -63.07
CA GLU D 91 21.79 23.46 -64.34
C GLU D 91 22.89 22.41 -64.12
N ARG D 92 23.92 22.74 -63.34
CA ARG D 92 25.07 21.83 -63.09
C ARG D 92 24.67 20.62 -62.26
N ALA D 93 23.69 20.78 -61.37
CA ALA D 93 23.13 19.70 -60.53
C ALA D 93 22.39 18.70 -61.41
N LEU D 94 21.53 19.16 -62.32
CA LEU D 94 20.84 18.29 -63.31
C LEU D 94 21.91 17.57 -64.14
N THR D 95 22.82 18.33 -64.76
CA THR D 95 23.90 17.76 -65.59
C THR D 95 24.62 16.67 -64.78
N ALA D 96 25.00 16.96 -63.54
CA ALA D 96 25.76 16.02 -62.68
C ALA D 96 25.07 14.67 -62.65
N PHE D 97 23.74 14.65 -62.57
CA PHE D 97 22.96 13.40 -62.32
C PHE D 97 22.22 12.97 -63.58
N GLY D 98 22.64 13.49 -64.73
CA GLY D 98 22.12 13.11 -66.05
C GLY D 98 20.62 13.30 -66.14
N LEU D 99 20.12 14.43 -65.67
CA LEU D 99 18.68 14.77 -65.66
C LEU D 99 18.40 15.89 -66.63
N GLU D 100 17.20 15.92 -67.19
CA GLU D 100 16.76 16.98 -68.15
C GLU D 100 15.78 17.92 -67.47
N SER D 101 15.91 19.21 -67.74
CA SER D 101 15.17 20.26 -67.02
C SER D 101 13.67 20.08 -67.24
N ASP D 102 13.24 19.47 -68.34
CA ASP D 102 11.79 19.30 -68.63
C ASP D 102 11.21 18.19 -67.71
N LYS D 103 12.04 17.30 -67.17
CA LYS D 103 11.56 16.12 -66.39
C LYS D 103 11.89 16.24 -64.89
N TRP D 104 12.85 17.10 -64.54
CA TRP D 104 13.32 17.28 -63.13
C TRP D 104 13.56 18.73 -62.84
N GLY D 105 13.35 19.14 -61.60
CA GLY D 105 13.84 20.44 -61.09
C GLY D 105 14.67 20.22 -59.84
N VAL D 106 15.31 21.25 -59.32
CA VAL D 106 16.14 21.03 -58.11
C VAL D 106 16.17 22.31 -57.26
N ASN D 107 15.95 22.14 -55.96
CA ASN D 107 16.06 23.25 -54.96
C ASN D 107 17.38 23.05 -54.22
N VAL D 108 18.24 24.07 -54.25
CA VAL D 108 19.64 23.95 -53.73
C VAL D 108 19.82 24.81 -52.47
N GLN D 109 18.73 25.37 -51.92
CA GLN D 109 18.77 26.29 -50.77
C GLN D 109 18.87 25.52 -49.45
N PRO D 110 18.39 24.27 -49.32
CA PRO D 110 18.30 23.62 -48.03
C PRO D 110 19.61 23.70 -47.25
N TYR D 111 19.50 24.18 -46.01
CA TYR D 111 20.63 24.45 -45.09
C TYR D 111 21.36 23.16 -44.73
N SER D 112 20.75 21.98 -44.92
CA SER D 112 21.31 20.65 -44.56
C SER D 112 20.50 19.53 -45.19
N CYS D 113 20.94 18.28 -45.14
CA CYS D 113 20.13 17.18 -45.72
C CYS D 113 18.89 16.95 -44.86
N THR D 114 19.07 16.91 -43.55
CA THR D 114 17.93 16.84 -42.59
C THR D 114 16.90 17.91 -42.97
N SER D 115 17.34 19.17 -43.09
CA SER D 115 16.49 20.33 -43.42
C SER D 115 15.72 20.03 -44.70
N ALA D 116 16.42 19.44 -45.66
CA ALA D 116 15.89 19.10 -46.99
C ALA D 116 14.80 18.04 -46.84
N ASN D 117 15.08 16.91 -46.19
CA ASN D 117 14.04 15.88 -45.99
C ASN D 117 12.81 16.54 -45.34
N PHE D 118 13.00 17.33 -44.28
CA PHE D 118 11.86 17.89 -43.54
C PHE D 118 11.04 18.81 -44.44
N ALA D 119 11.68 19.47 -45.38
CA ALA D 119 10.97 20.39 -46.28
C ALA D 119 10.07 19.56 -47.18
N VAL D 120 10.57 18.44 -47.69
CA VAL D 120 9.74 17.57 -48.54
C VAL D 120 8.49 17.15 -47.74
N TYR D 121 8.68 16.69 -46.51
CA TYR D 121 7.54 16.23 -45.69
C TYR D 121 6.58 17.40 -45.51
N THR D 122 7.10 18.54 -45.06
CA THR D 122 6.30 19.74 -44.79
C THR D 122 5.56 20.13 -46.07
N GLY D 123 6.18 19.94 -47.23
CA GLY D 123 5.64 20.44 -48.51
C GLY D 123 4.51 19.57 -49.01
N LEU D 124 4.66 18.28 -48.81
CA LEU D 124 3.77 17.30 -49.49
C LEU D 124 2.63 16.89 -48.57
N LEU D 125 2.88 16.83 -47.26
CA LEU D 125 2.00 16.20 -46.26
C LEU D 125 1.41 17.22 -45.31
N LEU D 126 0.26 16.84 -44.73
CA LEU D 126 -0.33 17.60 -43.60
C LEU D 126 0.39 17.13 -42.36
N PRO D 127 0.59 17.99 -41.35
CA PRO D 127 1.18 17.55 -40.10
C PRO D 127 0.46 16.29 -39.63
N GLY D 128 1.20 15.30 -39.19
CA GLY D 128 0.63 14.10 -38.56
C GLY D 128 0.46 12.97 -39.53
N GLU D 129 0.44 13.21 -40.84
CA GLU D 129 0.35 12.15 -41.87
C GLU D 129 1.57 11.24 -41.77
N ARG D 130 1.53 10.09 -42.44
CA ARG D 130 2.43 8.92 -42.17
C ARG D 130 3.55 8.85 -43.20
N ILE D 131 4.77 8.61 -42.70
CA ILE D 131 5.97 8.31 -43.53
C ILE D 131 6.65 7.03 -43.05
N MET D 132 7.46 6.41 -43.91
CA MET D 132 8.22 5.17 -43.63
C MET D 132 9.62 5.24 -44.25
N GLY D 133 10.66 5.06 -43.44
CA GLY D 133 12.05 5.13 -43.92
C GLY D 133 12.96 4.23 -43.12
N LEU D 134 14.15 3.92 -43.64
CA LEU D 134 15.12 3.02 -42.97
C LEU D 134 15.61 3.67 -41.67
N ASP D 135 15.96 2.88 -40.66
CA ASP D 135 16.45 3.37 -39.35
C ASP D 135 17.72 2.61 -38.96
N SER D 136 18.70 3.29 -38.36
CA SER D 136 19.93 2.66 -37.79
C SER D 136 19.58 2.13 -36.40
N PRO D 137 19.47 0.78 -36.23
CA PRO D 137 18.98 0.19 -34.98
C PRO D 137 19.42 0.92 -33.70
N LYS D 152 10.90 10.71 -25.97
CA LYS D 152 11.00 9.39 -26.66
C LYS D 152 11.26 9.59 -28.17
N LYS D 153 10.59 10.58 -28.81
CA LYS D 153 10.70 10.90 -30.25
C LYS D 153 11.89 11.84 -30.48
N ILE D 154 12.79 11.45 -31.39
CA ILE D 154 14.14 12.04 -31.59
C ILE D 154 14.07 13.00 -32.78
N SER D 155 14.02 12.48 -34.00
CA SER D 155 13.92 13.33 -35.21
C SER D 155 12.66 14.20 -35.17
N ALA D 156 12.73 15.39 -35.73
CA ALA D 156 11.59 16.31 -35.92
C ALA D 156 10.58 15.69 -36.90
N ALA D 157 11.04 14.85 -37.81
CA ALA D 157 10.13 14.11 -38.72
C ALA D 157 9.19 13.24 -37.88
N SER D 158 9.71 12.61 -36.83
CA SER D 158 8.93 11.67 -36.01
C SER D 158 8.11 12.45 -35.00
N ILE D 159 8.44 13.70 -34.76
CA ILE D 159 7.65 14.60 -33.86
C ILE D 159 6.41 15.10 -34.57
N PHE D 160 6.55 15.63 -35.78
CA PHE D 160 5.54 16.47 -36.45
C PHE D 160 4.76 15.62 -37.43
N PHE D 161 5.24 14.41 -37.70
CA PHE D 161 4.60 13.42 -38.61
C PHE D 161 4.62 12.05 -37.94
N GLU D 162 4.12 11.03 -38.61
CA GLU D 162 3.98 9.70 -38.00
C GLU D 162 4.92 8.77 -38.72
N SER D 163 6.07 8.50 -38.09
CA SER D 163 7.16 7.75 -38.74
C SER D 163 7.13 6.33 -38.22
N PHE D 164 6.81 5.39 -39.10
CA PHE D 164 6.96 3.94 -38.84
C PHE D 164 8.18 3.47 -39.60
N PRO D 165 9.37 3.37 -38.97
CA PRO D 165 10.57 2.99 -39.69
C PRO D 165 10.70 1.47 -39.90
N TYR D 166 11.51 1.09 -40.90
CA TYR D 166 11.88 -0.30 -41.21
C TYR D 166 13.39 -0.47 -41.01
N LYS D 167 13.82 -1.72 -40.89
CA LYS D 167 15.22 -2.07 -40.57
C LYS D 167 15.65 -3.29 -41.40
N VAL D 168 16.95 -3.52 -41.37
CA VAL D 168 17.62 -4.57 -42.15
C VAL D 168 17.28 -5.88 -41.45
N ASN D 169 17.32 -7.00 -42.16
CA ASN D 169 17.16 -8.36 -41.59
C ASN D 169 18.28 -8.54 -40.57
N PRO D 170 17.95 -8.76 -39.28
CA PRO D 170 18.95 -8.94 -38.22
C PRO D 170 20.04 -10.00 -38.44
N GLN D 171 19.73 -11.13 -39.09
CA GLN D 171 20.74 -12.19 -39.36
C GLN D 171 21.60 -11.74 -40.54
N THR D 172 20.98 -11.54 -41.70
CA THR D 172 21.67 -11.29 -42.99
C THR D 172 22.43 -9.95 -42.95
N GLY D 173 21.81 -8.89 -42.41
CA GLY D 173 22.33 -7.50 -42.48
C GLY D 173 21.96 -6.82 -43.79
N TYR D 174 21.38 -7.57 -44.71
CA TYR D 174 20.75 -7.06 -45.96
C TYR D 174 19.32 -6.66 -45.65
N ILE D 175 18.76 -5.84 -46.53
CA ILE D 175 17.34 -5.38 -46.49
C ILE D 175 16.41 -6.48 -46.96
N ASP D 176 15.35 -6.76 -46.21
CA ASP D 176 14.33 -7.79 -46.55
C ASP D 176 13.16 -7.11 -47.27
N TYR D 177 13.25 -7.00 -48.60
CA TYR D 177 12.25 -6.30 -49.44
C TYR D 177 10.87 -6.95 -49.30
N ASP D 178 10.78 -8.25 -49.03
CA ASP D 178 9.47 -8.94 -48.86
C ASP D 178 8.79 -8.43 -47.60
N LYS D 179 9.56 -8.33 -46.51
CA LYS D 179 9.05 -7.87 -45.18
C LYS D 179 8.73 -6.39 -45.29
N LEU D 180 9.51 -5.66 -46.09
CA LEU D 180 9.25 -4.23 -46.37
C LEU D 180 7.89 -4.10 -47.07
N GLU D 181 7.65 -4.88 -48.11
CA GLU D 181 6.40 -4.83 -48.90
C GLU D 181 5.21 -5.04 -47.96
N ASP D 182 5.30 -6.06 -47.10
CA ASP D 182 4.23 -6.45 -46.13
C ASP D 182 3.97 -5.28 -45.19
N LYS D 183 5.04 -4.68 -44.65
CA LYS D 183 5.02 -3.57 -43.66
C LYS D 183 4.40 -2.31 -44.31
N ALA D 184 4.79 -1.99 -45.53
CA ALA D 184 4.33 -0.81 -46.28
C ALA D 184 2.86 -0.94 -46.67
N LEU D 185 2.42 -2.12 -47.11
CA LEU D 185 1.02 -2.36 -47.52
C LEU D 185 0.11 -2.24 -46.30
N ASP D 186 0.64 -2.65 -45.15
CA ASP D 186 -0.03 -2.60 -43.84
C ASP D 186 -0.24 -1.13 -43.48
N TYR D 187 0.87 -0.38 -43.40
CA TYR D 187 0.94 0.96 -42.77
C TYR D 187 0.47 2.04 -43.77
N ARG D 188 0.52 1.77 -45.08
CA ARG D 188 0.08 2.69 -46.17
C ARG D 188 0.59 4.09 -45.92
N PRO D 189 1.92 4.33 -45.97
CA PRO D 189 2.51 5.64 -45.74
C PRO D 189 2.38 6.52 -46.99
N LYS D 190 2.21 7.83 -46.78
CA LYS D 190 2.05 8.81 -47.87
C LYS D 190 3.37 8.88 -48.64
N ILE D 191 4.47 8.74 -47.90
CA ILE D 191 5.84 8.78 -48.47
C ILE D 191 6.62 7.59 -47.94
N LEU D 192 7.25 6.87 -48.86
CA LEU D 192 8.18 5.77 -48.58
C LEU D 192 9.58 6.25 -48.89
N ILE D 193 10.51 6.02 -47.98
CA ILE D 193 11.88 6.59 -48.09
C ILE D 193 12.91 5.47 -48.13
N CYS D 194 13.72 5.45 -49.18
CA CYS D 194 14.89 4.55 -49.29
C CYS D 194 16.16 5.40 -49.20
N GLY D 195 17.32 4.74 -49.08
CA GLY D 195 18.59 5.33 -48.69
C GLY D 195 18.55 5.69 -47.22
N GLY D 196 19.23 6.75 -46.83
CA GLY D 196 19.20 7.26 -45.45
C GLY D 196 20.40 6.77 -44.67
N SER D 197 20.30 5.59 -44.07
CA SER D 197 21.38 5.06 -43.20
C SER D 197 22.56 4.65 -44.07
N SER D 198 23.74 4.56 -43.44
CA SER D 198 24.95 3.96 -44.00
C SER D 198 24.74 2.45 -44.13
N TYR D 199 24.45 2.02 -45.36
CA TYR D 199 24.14 0.63 -45.77
C TYR D 199 25.20 0.19 -46.77
N PRO D 200 26.02 -0.83 -46.46
CA PRO D 200 27.19 -1.19 -47.28
C PRO D 200 26.90 -1.98 -48.57
N ARG D 201 25.64 -2.04 -48.99
CA ARG D 201 25.28 -2.72 -50.25
C ARG D 201 24.36 -1.82 -51.08
N ASP D 202 24.26 -2.17 -52.37
CA ASP D 202 23.43 -1.47 -53.38
C ASP D 202 21.95 -1.67 -53.03
N TRP D 203 21.12 -0.70 -53.40
CA TRP D 203 19.65 -0.75 -53.17
C TRP D 203 18.98 -1.30 -54.42
N ASP D 204 17.91 -2.05 -54.26
CA ASP D 204 17.09 -2.44 -55.42
C ASP D 204 15.98 -1.41 -55.55
N PHE D 205 16.30 -0.25 -56.10
CA PHE D 205 15.36 0.90 -56.17
C PHE D 205 14.13 0.48 -56.96
N ALA D 206 14.34 -0.31 -58.02
CA ALA D 206 13.30 -0.85 -58.92
C ALA D 206 12.24 -1.55 -58.09
N ARG D 207 12.70 -2.34 -57.11
CA ARG D 207 11.82 -3.15 -56.25
C ARG D 207 10.99 -2.21 -55.38
N VAL D 208 11.68 -1.26 -54.76
CA VAL D 208 11.08 -0.31 -53.79
C VAL D 208 10.00 0.48 -54.49
N ARG D 209 10.24 0.85 -55.74
CA ARG D 209 9.22 1.54 -56.57
C ARG D 209 7.97 0.65 -56.61
N GLN D 210 8.14 -0.62 -57.02
CA GLN D 210 7.02 -1.59 -57.17
C GLN D 210 6.18 -1.52 -55.90
N ILE D 211 6.84 -1.45 -54.74
CA ILE D 211 6.17 -1.45 -53.40
C ILE D 211 5.41 -0.13 -53.26
N ALA D 212 6.12 0.99 -53.44
CA ALA D 212 5.58 2.35 -53.33
C ALA D 212 4.28 2.41 -54.10
N ASP D 213 4.34 2.00 -55.38
CA ASP D 213 3.19 2.00 -56.33
C ASP D 213 2.06 1.17 -55.73
N LYS D 214 2.34 -0.02 -55.17
CA LYS D 214 1.29 -0.91 -54.59
C LYS D 214 0.56 -0.20 -53.46
N CYS D 215 1.27 0.37 -52.48
CA CYS D 215 0.63 1.03 -51.30
C CYS D 215 0.34 2.52 -51.57
N GLY D 216 0.45 2.98 -52.82
CA GLY D 216 0.07 4.32 -53.30
C GLY D 216 0.84 5.44 -52.61
N ALA D 217 2.12 5.18 -52.32
CA ALA D 217 3.02 6.13 -51.64
C ALA D 217 3.90 6.86 -52.67
N VAL D 218 4.34 8.07 -52.34
CA VAL D 218 5.37 8.80 -53.14
C VAL D 218 6.73 8.22 -52.78
N LEU D 219 7.52 7.84 -53.77
CA LEU D 219 8.84 7.26 -53.45
C LEU D 219 9.87 8.41 -53.40
N MET D 220 10.56 8.50 -52.26
CA MET D 220 11.68 9.44 -52.04
C MET D 220 12.97 8.65 -51.77
N CYS D 221 14.11 9.08 -52.32
CA CYS D 221 15.44 8.57 -51.94
C CYS D 221 16.32 9.67 -51.28
N ASP D 222 16.83 9.36 -50.10
CA ASP D 222 17.90 10.13 -49.46
C ASP D 222 19.21 9.52 -49.94
N MET D 223 19.87 10.20 -50.86
CA MET D 223 21.07 9.75 -51.59
C MET D 223 22.33 10.29 -50.90
N ALA D 224 22.27 10.56 -49.60
CA ALA D 224 23.32 11.32 -48.90
C ALA D 224 24.63 10.53 -48.97
N HIS D 225 24.55 9.24 -48.68
CA HIS D 225 25.77 8.42 -48.49
C HIS D 225 26.39 8.10 -49.84
N ILE D 226 25.59 8.11 -50.89
CA ILE D 226 25.96 7.49 -52.19
C ILE D 226 26.01 8.57 -53.28
N SER D 227 25.77 9.82 -52.92
CA SER D 227 25.65 10.95 -53.87
C SER D 227 26.71 10.75 -54.96
N GLY D 228 27.96 10.51 -54.55
CA GLY D 228 29.10 10.35 -55.48
C GLY D 228 28.90 9.18 -56.45
N LEU D 229 28.63 8.02 -55.89
CA LEU D 229 28.50 6.78 -56.67
C LEU D 229 27.39 6.99 -57.68
N VAL D 230 26.30 7.60 -57.27
CA VAL D 230 25.10 7.72 -58.14
C VAL D 230 25.47 8.54 -59.36
N ALA D 231 26.07 9.73 -59.16
CA ALA D 231 26.40 10.68 -60.24
C ALA D 231 27.27 9.97 -61.27
N THR D 232 28.21 9.14 -60.81
CA THR D 232 29.25 8.48 -61.66
C THR D 232 28.74 7.15 -62.19
N LYS D 233 27.46 6.83 -61.97
CA LYS D 233 26.84 5.55 -62.39
C LYS D 233 27.72 4.41 -61.87
N GLU D 234 28.15 4.49 -60.61
CA GLU D 234 28.98 3.44 -59.95
C GLU D 234 28.13 2.73 -58.88
N CYS D 235 26.81 2.87 -58.97
CA CYS D 235 25.82 2.13 -58.14
C CYS D 235 24.43 2.32 -58.76
N SER D 236 23.41 1.69 -58.20
CA SER D 236 22.01 1.81 -58.69
C SER D 236 21.60 3.30 -58.76
N ASN D 237 20.85 3.67 -59.79
CA ASN D 237 20.43 5.07 -59.98
C ASN D 237 19.01 5.25 -59.46
N PRO D 238 18.83 5.92 -58.30
CA PRO D 238 17.49 6.18 -57.77
C PRO D 238 16.64 7.13 -58.60
N PHE D 239 17.27 7.94 -59.46
CA PHE D 239 16.53 8.90 -60.33
C PHE D 239 15.76 8.15 -61.40
N ASP D 240 16.09 6.87 -61.64
CA ASP D 240 15.39 6.01 -62.61
C ASP D 240 14.04 5.57 -62.01
N HIS D 241 13.78 5.77 -60.71
CA HIS D 241 12.63 5.12 -60.02
C HIS D 241 11.95 6.02 -58.99
N CYS D 242 12.64 6.98 -58.40
CA CYS D 242 12.06 7.80 -57.32
C CYS D 242 11.43 9.04 -57.94
N ASP D 243 10.44 9.61 -57.26
CA ASP D 243 9.82 10.91 -57.65
C ASP D 243 10.59 12.07 -57.02
N ILE D 244 11.30 11.81 -55.90
CA ILE D 244 12.09 12.84 -55.16
C ILE D 244 13.41 12.24 -54.70
N VAL D 245 14.50 12.96 -54.94
CA VAL D 245 15.83 12.62 -54.38
C VAL D 245 16.37 13.82 -53.60
N THR D 246 16.66 13.59 -52.32
CA THR D 246 17.36 14.57 -51.47
C THR D 246 18.78 14.10 -51.34
N SER D 247 19.64 14.98 -50.84
CA SER D 247 21.04 14.63 -50.58
C SER D 247 21.72 15.70 -49.77
N THR D 248 22.94 15.31 -49.37
CA THR D 248 23.87 16.22 -48.70
C THR D 248 24.88 16.62 -49.78
N THR D 249 25.28 17.87 -49.81
CA THR D 249 26.18 18.48 -50.81
C THR D 249 27.67 18.29 -50.48
N HIS D 250 28.04 17.61 -49.40
CA HIS D 250 29.41 17.76 -48.86
C HIS D 250 29.98 16.40 -48.42
N LYS D 251 29.50 15.32 -48.99
CA LYS D 251 30.00 14.01 -48.55
C LYS D 251 30.77 13.47 -49.74
N GLY D 252 30.13 12.65 -50.56
CA GLY D 252 30.70 12.20 -51.83
C GLY D 252 31.20 13.39 -52.63
N LEU D 253 30.38 14.44 -52.71
CA LEU D 253 30.53 15.51 -53.75
C LEU D 253 31.71 16.41 -53.41
N ARG D 254 32.22 16.30 -52.19
CA ARG D 254 33.28 17.19 -51.70
C ARG D 254 32.91 18.65 -51.96
N GLY D 255 31.63 18.97 -51.80
CA GLY D 255 31.15 20.35 -51.79
C GLY D 255 31.02 20.86 -50.37
N PRO D 256 30.31 21.98 -50.23
CA PRO D 256 30.16 22.66 -48.96
C PRO D 256 29.01 21.99 -48.19
N ARG D 257 28.94 22.29 -46.91
CA ARG D 257 27.91 21.66 -46.05
C ARG D 257 26.54 22.23 -46.39
N GLY D 258 25.60 21.35 -46.68
CA GLY D 258 24.21 21.72 -46.92
C GLY D 258 23.46 20.58 -47.56
N GLY D 259 22.24 20.86 -48.01
CA GLY D 259 21.38 19.84 -48.63
C GLY D 259 20.80 20.34 -49.93
N ILE D 260 20.06 19.47 -50.59
CA ILE D 260 19.57 19.71 -51.97
C ILE D 260 18.43 18.71 -52.23
N ILE D 261 17.43 19.15 -52.97
CA ILE D 261 16.18 18.40 -53.27
C ILE D 261 15.97 18.38 -54.77
N PHE D 262 15.91 17.19 -55.35
CA PHE D 262 15.50 16.96 -56.74
C PHE D 262 14.06 16.45 -56.73
N TYR D 263 13.24 16.92 -57.63
CA TYR D 263 11.81 16.53 -57.74
C TYR D 263 11.45 16.46 -59.22
N ARG D 264 10.50 15.59 -59.56
CA ARG D 264 10.04 15.44 -60.95
C ARG D 264 9.05 16.54 -61.34
N ARG D 265 9.05 16.86 -62.63
CA ARG D 265 8.30 18.00 -63.20
C ARG D 265 7.65 17.56 -64.51
N GLY D 266 6.53 18.20 -64.85
CA GLY D 266 5.82 18.00 -66.11
C GLY D 266 4.95 16.75 -66.02
N PRO D 267 4.59 16.14 -67.16
CA PRO D 267 3.67 15.00 -67.18
C PRO D 267 4.14 13.74 -66.44
N LYS D 268 3.20 12.97 -65.90
CA LYS D 268 3.41 11.54 -65.54
C LYS D 268 3.10 10.68 -66.78
N THR D 283 -2.42 14.16 -63.86
CA THR D 283 -2.03 14.66 -65.22
C THR D 283 -0.55 15.07 -65.25
N HIS D 284 -0.13 15.92 -64.30
CA HIS D 284 1.26 16.46 -64.13
C HIS D 284 1.72 16.34 -62.67
N TYR D 285 3.03 16.37 -62.46
CA TYR D 285 3.61 16.29 -61.11
C TYR D 285 3.22 17.56 -60.37
N ASP D 286 3.11 17.47 -59.05
CA ASP D 286 2.58 18.52 -58.15
C ASP D 286 3.63 18.90 -57.09
N LEU D 287 4.92 18.72 -57.37
CA LEU D 287 5.96 18.66 -56.31
C LEU D 287 6.68 19.99 -56.18
N GLU D 288 6.99 20.60 -57.32
CA GLU D 288 7.84 21.81 -57.44
C GLU D 288 7.28 22.92 -56.56
N GLU D 289 6.08 23.43 -56.84
CA GLU D 289 5.56 24.61 -56.09
C GLU D 289 5.53 24.28 -54.60
N LYS D 290 5.08 23.09 -54.22
CA LYS D 290 4.86 22.69 -52.81
C LYS D 290 6.19 22.67 -52.05
N ILE D 291 7.21 22.09 -52.66
CA ILE D 291 8.54 21.88 -52.03
C ILE D 291 9.31 23.21 -51.97
N ASN D 292 9.38 23.95 -53.07
CA ASN D 292 10.02 25.29 -53.07
C ASN D 292 9.39 26.10 -51.92
N PHE D 293 8.07 26.15 -51.84
CA PHE D 293 7.37 27.02 -50.85
C PHE D 293 7.71 26.55 -49.43
N ALA D 294 7.88 25.25 -49.23
CA ALA D 294 8.17 24.68 -47.90
C ALA D 294 9.53 25.18 -47.42
N VAL D 295 10.51 25.12 -48.33
CA VAL D 295 11.88 25.61 -48.08
C VAL D 295 11.81 27.11 -47.82
N PHE D 296 11.18 27.84 -48.71
CA PHE D 296 10.96 29.27 -48.47
C PHE D 296 9.62 29.64 -49.06
N PRO D 297 8.74 30.34 -48.31
CA PRO D 297 9.09 30.90 -47.01
C PRO D 297 8.77 30.11 -45.74
N SER D 298 8.37 28.87 -45.85
CA SER D 298 7.89 28.17 -44.64
C SER D 298 9.06 27.96 -43.67
N LEU D 299 10.08 27.21 -44.07
CA LEU D 299 11.05 26.63 -43.12
C LEU D 299 12.32 27.45 -42.97
N GLN D 300 12.84 28.10 -44.02
CA GLN D 300 14.13 28.84 -43.87
C GLN D 300 14.00 30.30 -44.24
N GLY D 301 15.06 31.05 -44.03
CA GLY D 301 15.13 32.37 -44.64
C GLY D 301 15.89 32.32 -45.94
N GLY D 302 16.69 33.36 -46.17
CA GLY D 302 17.57 33.50 -47.32
C GLY D 302 18.51 32.29 -47.43
N PRO D 303 19.01 31.98 -48.65
CA PRO D 303 19.95 30.89 -48.84
C PRO D 303 21.32 31.42 -48.50
N HIS D 304 22.25 30.52 -48.22
CA HIS D 304 23.71 30.85 -48.16
C HIS D 304 24.30 30.94 -49.58
N ASN D 305 24.32 32.16 -50.17
CA ASN D 305 24.75 32.40 -51.58
C ASN D 305 26.16 31.85 -51.80
N ASN D 306 27.00 31.93 -50.77
CA ASN D 306 28.41 31.52 -50.77
C ASN D 306 28.46 30.01 -50.91
N HIS D 307 27.59 29.31 -50.20
CA HIS D 307 27.52 27.82 -50.24
C HIS D 307 27.05 27.38 -51.61
N ILE D 308 26.16 28.13 -52.22
CA ILE D 308 25.60 27.72 -53.53
C ILE D 308 26.70 27.83 -54.58
N ALA D 309 27.40 28.97 -54.65
CA ALA D 309 28.57 29.14 -55.55
C ALA D 309 29.54 28.00 -55.29
N ALA D 310 29.96 27.82 -54.06
CA ALA D 310 30.82 26.67 -53.71
C ALA D 310 30.26 25.37 -54.28
N LEU D 311 28.94 25.19 -54.19
CA LEU D 311 28.26 23.95 -54.65
C LEU D 311 28.41 23.85 -56.17
N ALA D 312 28.12 24.94 -56.87
CA ALA D 312 28.24 25.02 -58.33
C ALA D 312 29.65 24.54 -58.71
N ILE D 313 30.67 24.99 -58.00
CA ILE D 313 32.07 24.60 -58.34
C ILE D 313 32.20 23.08 -58.19
N ALA D 314 31.76 22.54 -57.08
CA ALA D 314 31.89 21.10 -56.76
C ALA D 314 31.16 20.25 -57.80
N LEU D 315 30.04 20.73 -58.35
CA LEU D 315 29.19 19.95 -59.27
C LEU D 315 29.77 19.98 -60.68
N LYS D 316 30.44 21.06 -61.04
CA LYS D 316 31.13 21.15 -62.34
C LYS D 316 32.18 20.06 -62.34
N GLN D 317 32.82 19.85 -61.19
CA GLN D 317 33.96 18.93 -61.02
C GLN D 317 33.47 17.48 -60.88
N VAL D 318 32.22 17.30 -60.52
CA VAL D 318 31.65 15.94 -60.42
C VAL D 318 31.55 15.41 -61.83
N ALA D 319 31.22 16.27 -62.78
CA ALA D 319 30.86 15.88 -64.17
C ALA D 319 32.13 15.53 -64.96
N THR D 320 33.27 15.26 -64.32
CA THR D 320 34.57 15.11 -65.03
C THR D 320 35.03 13.66 -64.94
N PRO D 321 35.86 13.17 -65.90
CA PRO D 321 36.42 11.83 -65.83
C PRO D 321 37.34 11.66 -64.62
N GLU D 322 38.00 12.74 -64.20
CA GLU D 322 38.86 12.79 -62.99
C GLU D 322 38.02 12.31 -61.79
N TYR D 323 36.81 12.88 -61.65
CA TYR D 323 35.91 12.57 -60.52
C TYR D 323 35.49 11.11 -60.65
N LYS D 324 35.10 10.67 -61.84
CA LYS D 324 34.71 9.25 -62.04
C LYS D 324 35.85 8.36 -61.52
N ALA D 325 37.08 8.64 -61.93
CA ALA D 325 38.28 7.88 -61.51
C ALA D 325 38.45 7.95 -59.99
N TYR D 326 38.17 9.11 -59.39
CA TYR D 326 38.19 9.30 -57.91
C TYR D 326 37.24 8.30 -57.23
N ILE D 327 36.01 8.17 -57.72
CA ILE D 327 35.01 7.22 -57.17
C ILE D 327 35.47 5.78 -57.42
N GLN D 328 35.96 5.50 -58.63
CA GLN D 328 36.44 4.14 -58.98
C GLN D 328 37.49 3.72 -57.96
N GLN D 329 38.47 4.58 -57.70
CA GLN D 329 39.56 4.30 -56.74
C GLN D 329 38.97 4.10 -55.35
N MET D 330 38.05 4.98 -54.97
CA MET D 330 37.36 4.95 -53.66
C MET D 330 36.84 3.52 -53.42
N LYS D 331 36.17 2.94 -54.41
CA LYS D 331 35.55 1.58 -54.29
C LYS D 331 36.64 0.49 -54.27
N LYS D 332 37.62 0.55 -55.18
CA LYS D 332 38.77 -0.40 -55.20
C LYS D 332 39.44 -0.36 -53.82
N ASN D 333 39.56 0.82 -53.25
CA ASN D 333 40.18 1.02 -51.92
C ASN D 333 39.32 0.32 -50.84
N ALA D 334 37.99 0.35 -50.97
CA ALA D 334 37.07 -0.26 -49.98
C ALA D 334 37.20 -1.78 -50.03
N GLN D 335 37.26 -2.36 -51.24
CA GLN D 335 37.43 -3.81 -51.49
C GLN D 335 38.79 -4.21 -50.91
N ALA D 336 39.80 -3.40 -51.18
CA ALA D 336 41.18 -3.61 -50.67
C ALA D 336 41.15 -3.73 -49.13
N LEU D 337 40.40 -2.85 -48.47
CA LEU D 337 40.31 -2.77 -46.99
C LEU D 337 39.51 -3.97 -46.47
N ALA D 338 38.34 -4.21 -47.05
CA ALA D 338 37.47 -5.34 -46.70
C ALA D 338 38.28 -6.64 -46.73
N ALA D 339 38.89 -6.93 -47.89
CA ALA D 339 39.73 -8.12 -48.16
C ALA D 339 40.77 -8.26 -47.05
N ALA D 340 41.45 -7.15 -46.75
CA ALA D 340 42.56 -7.06 -45.77
C ALA D 340 42.06 -7.47 -44.39
N LEU D 341 40.84 -7.07 -44.03
CA LEU D 341 40.29 -7.32 -42.69
C LEU D 341 39.72 -8.74 -42.58
N LEU D 342 39.12 -9.25 -43.66
CA LEU D 342 38.63 -10.65 -43.71
C LEU D 342 39.83 -11.60 -43.53
N ARG D 343 40.88 -11.39 -44.34
CA ARG D 343 42.18 -12.12 -44.24
C ARG D 343 42.69 -12.11 -42.80
N ARG D 344 42.32 -11.10 -42.02
CA ARG D 344 42.73 -10.93 -40.60
C ARG D 344 41.60 -11.35 -39.66
N LYS D 345 40.82 -12.35 -40.06
CA LYS D 345 39.79 -13.03 -39.22
C LYS D 345 38.66 -12.07 -38.78
N CYS D 346 38.57 -10.86 -39.33
CA CYS D 346 37.53 -9.86 -38.92
C CYS D 346 36.16 -10.25 -39.48
N ARG D 347 35.10 -9.76 -38.83
CA ARG D 347 33.71 -10.02 -39.25
C ARG D 347 33.07 -8.73 -39.73
N LEU D 348 32.69 -8.68 -41.00
CA LEU D 348 32.04 -7.53 -41.67
C LEU D 348 30.57 -7.84 -41.91
N VAL D 349 29.69 -6.93 -41.53
CA VAL D 349 28.24 -7.10 -41.78
C VAL D 349 28.06 -7.25 -43.29
N THR D 350 27.33 -8.30 -43.68
CA THR D 350 27.12 -8.78 -45.08
C THR D 350 28.41 -9.36 -45.67
N GLY D 351 29.52 -9.37 -44.92
CA GLY D 351 30.77 -10.01 -45.33
C GLY D 351 31.51 -9.20 -46.38
N GLY D 352 31.19 -7.91 -46.48
CA GLY D 352 31.87 -6.96 -47.38
C GLY D 352 31.05 -5.70 -47.64
N THR D 353 31.13 -5.20 -48.88
CA THR D 353 30.48 -3.96 -49.35
C THR D 353 30.40 -3.92 -50.88
N ASP D 354 29.43 -3.18 -51.42
CA ASP D 354 29.30 -2.84 -52.88
C ASP D 354 29.74 -1.40 -53.12
N ASN D 355 30.06 -0.67 -52.05
CA ASN D 355 30.29 0.79 -52.13
C ASN D 355 31.56 1.09 -51.34
N HIS D 356 31.55 2.17 -50.56
CA HIS D 356 32.76 2.85 -50.05
C HIS D 356 32.94 2.65 -48.54
N LEU D 357 32.02 1.95 -47.90
CA LEU D 357 31.97 1.89 -46.43
C LEU D 357 31.77 0.44 -45.95
N LEU D 358 32.20 0.21 -44.71
CA LEU D 358 32.29 -1.12 -44.06
C LEU D 358 31.67 -1.01 -42.68
N LEU D 359 30.88 -2.01 -42.30
CA LEU D 359 30.43 -2.22 -40.90
C LEU D 359 31.22 -3.39 -40.34
N TRP D 360 32.04 -3.14 -39.32
CA TRP D 360 32.98 -4.11 -38.69
C TRP D 360 32.47 -4.52 -37.31
N ASP D 361 32.04 -5.77 -37.17
CA ASP D 361 31.54 -6.33 -35.89
C ASP D 361 32.75 -6.72 -35.03
N LEU D 362 32.89 -6.10 -33.86
CA LEU D 362 34.06 -6.31 -32.98
C LEU D 362 33.72 -7.28 -31.86
N THR D 363 32.45 -7.68 -31.74
CA THR D 363 32.05 -8.52 -30.57
C THR D 363 32.80 -9.85 -30.62
N PRO D 364 33.09 -10.49 -31.78
CA PRO D 364 33.91 -11.70 -31.80
C PRO D 364 35.30 -11.53 -31.19
N MET D 365 35.80 -10.29 -31.07
CA MET D 365 37.10 -9.96 -30.43
C MET D 365 36.83 -9.38 -29.04
N GLY D 366 35.58 -9.45 -28.59
CA GLY D 366 35.15 -9.12 -27.23
C GLY D 366 35.21 -7.64 -26.95
N LEU D 367 35.05 -6.80 -27.98
CA LEU D 367 35.21 -5.32 -27.89
C LEU D 367 33.87 -4.63 -28.19
N THR D 368 33.60 -3.54 -27.49
CA THR D 368 32.52 -2.57 -27.82
C THR D 368 33.12 -1.46 -28.69
N GLY D 369 32.33 -0.95 -29.62
CA GLY D 369 32.72 0.21 -30.43
C GLY D 369 33.11 1.37 -29.52
N LYS D 370 32.29 1.63 -28.50
CA LYS D 370 32.42 2.80 -27.60
C LYS D 370 33.87 3.00 -27.16
N VAL D 371 34.62 1.91 -26.96
CA VAL D 371 35.99 1.99 -26.39
C VAL D 371 37.00 2.04 -27.54
N TYR D 372 36.90 1.12 -28.50
CA TYR D 372 37.80 1.04 -29.66
C TYR D 372 37.93 2.43 -30.31
N GLU D 373 36.77 3.03 -30.57
CA GLU D 373 36.58 4.42 -31.08
C GLU D 373 37.55 5.34 -30.33
N LYS D 374 37.54 5.30 -29.00
CA LYS D 374 38.24 6.31 -28.16
C LYS D 374 39.74 6.04 -28.22
N VAL D 375 40.13 4.78 -28.35
CA VAL D 375 41.56 4.37 -28.46
C VAL D 375 42.08 4.86 -29.80
N CYS D 376 41.34 4.55 -30.88
CA CYS D 376 41.68 4.97 -32.28
C CYS D 376 41.92 6.49 -32.27
N GLU D 377 41.02 7.26 -31.63
CA GLU D 377 41.16 8.73 -31.45
C GLU D 377 42.56 9.05 -30.91
N MET D 378 42.99 8.37 -29.83
CA MET D 378 44.29 8.62 -29.18
C MET D 378 45.43 8.37 -30.15
N CYS D 379 45.22 7.54 -31.17
CA CYS D 379 46.24 7.17 -32.17
C CYS D 379 46.07 7.98 -33.46
N HIS D 380 45.32 9.08 -33.45
CA HIS D 380 45.08 9.93 -34.66
C HIS D 380 44.38 9.12 -35.77
N ILE D 381 43.52 8.18 -35.40
CA ILE D 381 42.62 7.42 -36.33
C ILE D 381 41.19 7.76 -35.96
N THR D 382 40.48 8.50 -36.79
CA THR D 382 39.06 8.83 -36.52
C THR D 382 38.20 7.83 -37.29
N LEU D 383 37.38 7.10 -36.53
CA LEU D 383 36.20 6.31 -36.99
C LEU D 383 35.12 6.46 -35.92
N ASN D 384 33.98 5.77 -36.07
CA ASN D 384 32.80 6.01 -35.22
C ASN D 384 32.09 4.66 -34.98
N LYS D 385 31.80 4.36 -33.71
CA LYS D 385 30.98 3.20 -33.29
C LYS D 385 29.65 3.30 -34.02
N THR D 386 28.99 2.18 -34.28
CA THR D 386 27.69 2.12 -34.97
C THR D 386 26.86 0.99 -34.37
N ALA D 387 25.55 1.20 -34.37
CA ALA D 387 24.53 0.17 -34.10
C ALA D 387 24.65 -0.96 -35.11
N ILE D 388 24.69 -2.19 -34.61
CA ILE D 388 24.71 -3.46 -35.39
C ILE D 388 23.78 -4.45 -34.67
N PHE D 389 23.23 -5.44 -35.38
CA PHE D 389 22.25 -6.40 -34.80
C PHE D 389 22.96 -7.55 -34.07
N GLY D 390 22.39 -7.98 -32.94
CA GLY D 390 22.95 -9.04 -32.07
C GLY D 390 22.45 -10.43 -32.47
N ASP D 391 23.37 -11.39 -32.59
CA ASP D 391 23.09 -12.80 -32.98
C ASP D 391 23.07 -13.65 -31.71
N ILE D 395 20.91 -6.78 -30.15
CA ILE D 395 21.30 -5.45 -30.68
C ILE D 395 22.56 -4.98 -29.94
N SER D 396 23.74 -5.23 -30.54
CA SER D 396 25.07 -5.17 -29.89
C SER D 396 25.71 -3.78 -30.06
N PRO D 397 26.53 -3.33 -29.09
CA PRO D 397 27.19 -2.02 -29.16
C PRO D 397 28.62 -2.19 -29.70
N GLY D 398 28.80 -3.16 -30.61
CA GLY D 398 30.13 -3.68 -30.99
C GLY D 398 30.44 -3.48 -32.46
N GLY D 399 29.70 -2.62 -33.16
CA GLY D 399 29.97 -2.26 -34.57
C GLY D 399 30.76 -0.96 -34.65
N VAL D 400 31.63 -0.81 -35.67
CA VAL D 400 32.23 0.51 -36.07
C VAL D 400 32.07 0.68 -37.56
N ARG D 401 32.02 1.93 -38.02
CA ARG D 401 31.73 2.27 -39.43
C ARG D 401 32.92 3.01 -40.01
N ILE D 402 33.38 2.51 -41.13
CA ILE D 402 34.67 2.88 -41.78
C ILE D 402 34.38 3.18 -43.24
N GLY D 403 35.04 4.17 -43.81
CA GLY D 403 34.92 4.49 -45.25
C GLY D 403 36.22 5.00 -45.85
N THR D 404 36.29 4.97 -47.17
CA THR D 404 37.52 5.28 -47.94
C THR D 404 37.57 6.73 -48.40
N PRO D 405 36.44 7.47 -48.59
CA PRO D 405 36.44 8.69 -49.39
C PRO D 405 37.54 9.69 -48.99
N ALA D 406 37.68 9.91 -47.69
CA ALA D 406 38.55 10.95 -47.10
C ALA D 406 39.98 10.70 -47.54
N MET D 407 40.51 9.52 -47.21
CA MET D 407 41.90 9.16 -47.51
C MET D 407 42.06 8.95 -49.03
N THR D 408 41.07 8.38 -49.70
CA THR D 408 41.08 8.29 -51.18
C THR D 408 41.35 9.68 -51.75
N THR D 409 40.70 10.72 -51.26
CA THR D 409 40.90 12.11 -51.74
C THR D 409 42.36 12.50 -51.60
N ARG D 410 43.02 12.10 -50.51
CA ARG D 410 44.44 12.48 -50.20
C ARG D 410 45.44 11.73 -51.09
N GLY D 411 44.95 10.80 -51.92
CA GLY D 411 45.76 10.09 -52.93
C GLY D 411 46.15 8.70 -52.47
N CYS D 412 45.56 8.20 -51.40
CA CYS D 412 45.71 6.79 -50.97
C CYS D 412 45.09 5.87 -52.02
N ILE D 413 45.72 4.70 -52.15
CA ILE D 413 45.44 3.63 -53.15
C ILE D 413 45.29 2.31 -52.34
N GLU D 414 45.06 1.19 -53.03
CA GLU D 414 44.74 -0.11 -52.40
C GLU D 414 45.77 -0.44 -51.31
N SER D 415 47.04 -0.58 -51.66
CA SER D 415 48.13 -1.00 -50.71
C SER D 415 48.14 -0.09 -49.48
N ASP D 416 47.82 1.20 -49.63
CA ASP D 416 47.79 2.16 -48.50
C ASP D 416 46.72 1.71 -47.52
N PHE D 417 45.57 1.26 -48.01
CA PHE D 417 44.48 0.77 -47.12
C PHE D 417 44.93 -0.50 -46.40
N GLU D 418 45.69 -1.36 -47.07
CA GLU D 418 46.24 -2.61 -46.47
C GLU D 418 47.12 -2.24 -45.28
N THR D 419 47.89 -1.16 -45.40
CA THR D 419 48.71 -0.64 -44.26
C THR D 419 47.77 -0.18 -43.14
N MET D 420 46.72 0.54 -43.50
CA MET D 420 45.77 1.13 -42.54
C MET D 420 45.12 -0.03 -41.78
N ALA D 421 44.74 -1.09 -42.48
CA ALA D 421 44.17 -2.32 -41.87
C ALA D 421 45.07 -2.79 -40.72
N ASP D 422 46.38 -2.84 -40.95
CA ASP D 422 47.34 -3.26 -39.90
C ASP D 422 47.09 -2.36 -38.69
N PHE D 423 47.12 -1.04 -38.89
CA PHE D 423 46.97 -0.07 -37.79
C PHE D 423 45.71 -0.39 -37.00
N LEU D 424 44.63 -0.73 -37.72
CA LEU D 424 43.28 -0.97 -37.14
C LEU D 424 43.37 -2.17 -36.21
N ILE D 425 44.07 -3.21 -36.65
CA ILE D 425 44.23 -4.44 -35.84
C ILE D 425 45.06 -4.07 -34.60
N LYS D 426 46.20 -3.40 -34.79
CA LYS D 426 47.15 -3.07 -33.67
C LYS D 426 46.41 -2.23 -32.63
N ALA D 427 45.49 -1.40 -33.09
CA ALA D 427 44.60 -0.62 -32.21
C ALA D 427 43.70 -1.58 -31.44
N ALA D 428 43.13 -2.57 -32.12
CA ALA D 428 42.24 -3.57 -31.50
C ALA D 428 43.05 -4.34 -30.44
N GLN D 429 44.19 -4.94 -30.83
CA GLN D 429 45.00 -5.77 -29.90
C GLN D 429 45.27 -4.98 -28.62
N ILE D 430 45.54 -3.67 -28.75
CA ILE D 430 45.82 -2.76 -27.60
C ILE D 430 44.57 -2.65 -26.74
N THR D 431 43.40 -2.52 -27.38
CA THR D 431 42.10 -2.29 -26.71
C THR D 431 41.73 -3.50 -25.84
N SER D 432 41.91 -4.72 -26.35
CA SER D 432 41.69 -5.97 -25.57
C SER D 432 42.62 -5.96 -24.34
N ALA D 433 43.91 -5.72 -24.58
CA ALA D 433 44.98 -5.69 -23.56
C ALA D 433 44.59 -4.77 -22.39
N LEU D 434 44.02 -3.60 -22.70
CA LEU D 434 43.69 -2.56 -21.69
C LEU D 434 42.37 -2.78 -20.97
N GLN D 435 41.46 -3.52 -21.60
CA GLN D 435 40.13 -3.89 -21.04
C GLN D 435 40.35 -5.02 -20.02
N ARG D 436 41.60 -5.45 -19.75
CA ARG D 436 41.91 -6.41 -18.67
C ARG D 436 41.34 -5.91 -17.32
N GLU D 437 41.75 -4.73 -16.83
CA GLU D 437 41.32 -4.22 -15.49
C GLU D 437 39.83 -3.89 -15.50
N HIS D 438 39.36 -3.14 -16.50
CA HIS D 438 37.93 -2.93 -16.82
C HIS D 438 37.81 -2.61 -18.32
N LYS D 443 36.73 2.27 -17.05
CA LYS D 443 36.65 3.63 -16.46
C LYS D 443 38.02 4.03 -15.89
N GLU D 444 38.61 3.15 -15.08
CA GLU D 444 39.84 3.40 -14.28
C GLU D 444 41.06 3.59 -15.21
N PHE D 445 41.02 3.08 -16.44
CA PHE D 445 42.16 3.06 -17.41
C PHE D 445 42.36 4.41 -18.13
N VAL D 446 41.64 5.49 -17.77
CA VAL D 446 41.85 6.87 -18.35
C VAL D 446 43.30 7.32 -18.15
N LYS D 447 43.94 6.97 -17.02
CA LYS D 447 45.37 7.32 -16.74
C LYS D 447 46.26 6.56 -17.72
N SER D 448 46.10 5.22 -17.80
CA SER D 448 46.86 4.30 -18.70
C SER D 448 46.78 4.81 -20.13
N LEU D 449 45.57 5.14 -20.56
CA LEU D 449 45.28 5.74 -21.89
C LEU D 449 46.31 6.84 -22.19
N CYS D 450 46.41 7.87 -21.33
CA CYS D 450 47.27 9.08 -21.51
C CYS D 450 48.77 8.72 -21.54
N THR D 451 49.16 7.64 -20.88
CA THR D 451 50.57 7.30 -20.59
C THR D 451 50.87 5.84 -21.00
N ASN D 452 50.48 5.43 -22.21
CA ASN D 452 50.69 4.05 -22.71
C ASN D 452 51.74 4.08 -23.82
N LYS D 453 52.67 3.12 -23.78
CA LYS D 453 53.81 2.98 -24.73
C LYS D 453 53.32 2.53 -26.11
N ASP D 454 52.47 1.49 -26.16
CA ASP D 454 51.94 0.89 -27.42
C ASP D 454 51.15 1.94 -28.19
N ILE D 455 50.31 2.72 -27.50
CA ILE D 455 49.51 3.83 -28.08
C ILE D 455 50.48 4.82 -28.73
N ALA D 456 51.40 5.36 -27.93
CA ALA D 456 52.37 6.36 -28.38
C ALA D 456 53.07 5.81 -29.63
N GLU D 457 53.45 4.54 -29.62
CA GLU D 457 54.23 3.91 -30.72
C GLU D 457 53.38 3.88 -31.99
N LEU D 458 52.13 3.45 -31.88
CA LEU D 458 51.20 3.39 -33.03
C LEU D 458 50.85 4.81 -33.49
N ARG D 459 50.62 5.73 -32.55
CA ARG D 459 50.33 7.14 -32.90
C ARG D 459 51.45 7.63 -33.82
N ASN D 460 52.70 7.41 -33.44
CA ASN D 460 53.85 7.89 -34.24
C ASN D 460 53.80 7.25 -35.63
N ARG D 461 53.50 5.95 -35.71
CA ARG D 461 53.50 5.21 -37.00
C ARG D 461 52.43 5.82 -37.91
N VAL D 462 51.27 6.16 -37.33
CA VAL D 462 50.11 6.74 -38.06
C VAL D 462 50.44 8.17 -38.54
N GLU D 463 51.05 9.01 -37.72
CA GLU D 463 51.41 10.40 -38.07
C GLU D 463 52.42 10.37 -39.20
N ALA D 464 53.39 9.45 -39.11
CA ALA D 464 54.47 9.24 -40.10
C ALA D 464 53.83 8.82 -41.42
N PHE D 465 52.87 7.90 -41.34
CA PHE D 465 52.10 7.41 -42.51
C PHE D 465 51.36 8.58 -43.16
N ALA D 466 50.61 9.33 -42.34
CA ALA D 466 49.66 10.39 -42.76
C ALA D 466 50.40 11.47 -43.53
N LEU D 467 51.61 11.81 -43.06
CA LEU D 467 52.40 12.94 -43.61
C LEU D 467 52.91 12.57 -45.00
N GLN D 468 52.75 11.32 -45.41
CA GLN D 468 53.13 10.88 -46.77
C GLN D 468 52.14 11.45 -47.80
N TYR D 469 50.93 11.79 -47.39
CA TYR D 469 49.82 12.11 -48.32
C TYR D 469 49.52 13.60 -48.30
N GLU D 470 49.17 14.14 -49.47
CA GLU D 470 48.86 15.59 -49.58
C GLU D 470 47.52 15.84 -48.91
N MET D 471 47.28 17.09 -48.55
CA MET D 471 46.05 17.58 -47.89
C MET D 471 45.58 18.79 -48.66
N PRO D 472 44.51 18.64 -49.48
CA PRO D 472 44.05 19.71 -50.37
C PRO D 472 44.04 21.10 -49.70
N ALA D 473 44.50 22.12 -50.43
CA ALA D 473 44.50 23.54 -49.98
C ALA D 473 45.42 23.69 -48.77
N SER D 474 46.72 23.85 -48.98
CA SER D 474 47.64 24.36 -47.92
C SER D 474 48.30 25.70 -48.33
N ASN E 2 -15.95 30.54 25.09
CA ASN E 2 -15.10 31.77 25.14
C ASN E 2 -14.37 31.91 23.79
N ALA E 3 -13.56 32.97 23.65
CA ALA E 3 -12.44 33.04 22.68
C ALA E 3 -11.11 32.97 23.45
N LEU E 4 -11.02 33.58 24.65
CA LEU E 4 -9.82 33.49 25.52
C LEU E 4 -9.74 32.07 26.09
N GLU E 5 -10.77 31.64 26.81
CA GLU E 5 -10.77 30.34 27.54
C GLU E 5 -10.83 29.18 26.56
N SER E 6 -11.36 29.39 25.35
CA SER E 6 -11.21 28.42 24.23
C SER E 6 -9.73 28.29 23.89
N ARG E 7 -9.02 29.42 23.81
CA ARG E 7 -7.54 29.40 23.79
C ARG E 7 -7.09 28.98 25.18
N ARG E 8 -5.82 28.67 25.39
CA ARG E 8 -5.38 28.12 26.69
C ARG E 8 -5.98 26.72 26.86
N ALA E 9 -7.29 26.56 26.71
CA ALA E 9 -7.95 25.24 26.74
C ALA E 9 -7.33 24.36 25.67
N ALA E 10 -7.23 24.88 24.43
CA ALA E 10 -6.66 24.13 23.30
C ALA E 10 -5.16 23.91 23.50
N VAL E 11 -4.45 24.89 24.07
CA VAL E 11 -3.03 24.69 24.48
C VAL E 11 -2.93 23.46 25.39
N ARG E 12 -3.78 23.41 26.43
CA ARG E 12 -3.82 22.31 27.43
C ARG E 12 -4.16 20.99 26.73
N ALA E 13 -5.05 21.01 25.74
CA ALA E 13 -5.46 19.85 24.94
C ALA E 13 -4.24 19.24 24.27
N TRP E 14 -3.42 20.08 23.65
CA TRP E 14 -2.20 19.68 22.91
C TRP E 14 -1.11 19.28 23.90
N GLY E 15 -0.90 20.11 24.91
CA GLY E 15 0.29 20.07 25.77
C GLY E 15 0.29 18.92 26.76
N ASP E 16 -0.89 18.38 27.08
CA ASP E 16 -1.09 17.39 28.17
C ASP E 16 -1.46 16.05 27.57
N GLN E 17 -1.69 16.00 26.26
CA GLN E 17 -2.07 14.76 25.51
C GLN E 17 -1.00 13.69 25.75
N PRO E 18 -1.37 12.52 26.30
CA PRO E 18 -0.42 11.45 26.53
C PRO E 18 0.06 10.79 25.25
N ILE E 19 1.23 10.22 25.36
CA ILE E 19 2.02 9.71 24.20
C ILE E 19 1.17 8.70 23.42
N HIS E 20 0.40 7.89 24.15
CA HIS E 20 -0.28 6.72 23.55
C HIS E 20 -1.40 7.23 22.65
N LEU E 21 -1.87 8.44 22.91
CA LEU E 21 -2.89 9.12 22.08
C LEU E 21 -2.20 9.98 21.05
N ALA E 22 -1.18 10.74 21.46
CA ALA E 22 -0.49 11.74 20.61
C ALA E 22 0.23 11.09 19.41
N ASP E 23 0.72 9.86 19.59
CA ASP E 23 1.48 9.13 18.55
C ASP E 23 1.43 7.63 18.80
N PRO E 24 0.35 6.98 18.36
CA PRO E 24 0.19 5.54 18.57
C PRO E 24 1.34 4.73 17.96
N ASP E 25 1.80 5.10 16.77
CA ASP E 25 2.76 4.25 16.01
C ASP E 25 4.09 4.16 16.76
N ILE E 26 4.54 5.29 17.29
CA ILE E 26 5.77 5.41 18.13
C ILE E 26 5.54 4.65 19.42
N HIS E 27 4.47 4.98 20.15
CA HIS E 27 4.11 4.33 21.44
C HIS E 27 4.14 2.80 21.32
N GLU E 28 3.54 2.25 20.27
CA GLU E 28 3.57 0.81 20.00
C GLU E 28 5.02 0.34 20.02
N LEU E 29 5.88 0.96 19.19
CA LEU E 29 7.34 0.60 19.10
C LEU E 29 8.07 0.78 20.46
N MET E 30 7.80 1.84 21.19
CA MET E 30 8.36 2.00 22.54
C MET E 30 7.95 0.85 23.45
N GLU E 31 6.68 0.43 23.36
CA GLU E 31 6.13 -0.68 24.18
C GLU E 31 6.72 -2.02 23.71
N LYS E 32 6.91 -2.20 22.41
CA LYS E 32 7.56 -3.44 21.91
C LYS E 32 8.99 -3.54 22.42
N GLU E 33 9.68 -2.42 22.52
CA GLU E 33 11.07 -2.39 22.99
C GLU E 33 11.10 -2.67 24.50
N LYS E 34 10.29 -1.94 25.28
CA LYS E 34 10.12 -2.28 26.73
C LYS E 34 9.94 -3.81 26.91
N GLN E 35 9.09 -4.42 26.11
CA GLN E 35 8.86 -5.88 26.23
C GLN E 35 10.15 -6.63 25.90
N ARG E 36 10.81 -6.27 24.80
CA ARG E 36 12.08 -6.93 24.39
C ARG E 36 13.06 -6.90 25.56
N GLN E 37 13.13 -5.76 26.23
CA GLN E 37 14.08 -5.53 27.35
C GLN E 37 13.74 -6.54 28.47
N VAL E 38 12.48 -6.70 28.77
CA VAL E 38 12.11 -7.52 29.94
C VAL E 38 12.20 -9.00 29.56
N ARG E 39 11.90 -9.41 28.33
CA ARG E 39 11.76 -10.85 27.99
C ARG E 39 13.04 -11.46 27.39
N GLY E 40 14.15 -10.76 27.54
CA GLY E 40 15.48 -11.21 27.08
C GLY E 40 16.54 -11.01 28.15
N ILE E 41 17.66 -11.68 27.91
CA ILE E 41 18.90 -11.59 28.72
C ILE E 41 19.83 -10.53 28.12
N GLU E 42 20.36 -9.66 28.98
CA GLU E 42 21.29 -8.58 28.55
C GLU E 42 22.69 -8.89 29.07
N LEU E 43 23.58 -9.29 28.18
CA LEU E 43 24.97 -9.67 28.53
C LEU E 43 26.00 -8.70 27.93
N ILE E 44 25.54 -7.65 27.26
CA ILE E 44 26.40 -6.54 26.80
C ILE E 44 26.93 -5.80 28.01
N ALA E 45 28.25 -5.76 28.18
CA ALA E 45 28.91 -5.32 29.42
C ALA E 45 28.75 -3.80 29.60
N SER E 46 28.52 -3.09 28.51
CA SER E 46 28.18 -1.64 28.49
C SER E 46 26.88 -1.45 29.27
N GLU E 47 25.85 -2.15 28.79
CA GLU E 47 24.41 -1.95 29.08
C GLU E 47 24.12 -2.07 30.58
N ASN E 48 23.10 -1.32 31.00
CA ASN E 48 22.46 -1.37 32.33
C ASN E 48 21.06 -0.78 32.20
N PHE E 49 20.28 -0.85 33.27
CA PHE E 49 18.87 -0.38 33.32
C PHE E 49 18.75 0.66 34.40
N VAL E 50 18.18 1.81 34.09
CA VAL E 50 18.11 2.93 35.07
C VAL E 50 16.84 2.81 35.88
N CYS E 51 16.84 3.50 37.00
CA CYS E 51 15.67 3.59 37.92
C CYS E 51 14.67 4.63 37.39
N ARG E 52 13.53 4.72 38.03
CA ARG E 52 12.41 5.53 37.52
C ARG E 52 12.74 7.00 37.70
N ALA E 53 13.20 7.33 38.90
CA ALA E 53 13.56 8.72 39.24
C ALA E 53 14.37 9.32 38.09
N VAL E 54 15.33 8.56 37.56
CA VAL E 54 16.27 9.05 36.50
C VAL E 54 15.45 9.33 35.23
N MET E 55 14.52 8.44 34.90
CA MET E 55 13.63 8.64 33.75
C MET E 55 12.78 9.87 34.02
N GLU E 56 12.26 10.01 35.25
CA GLU E 56 11.38 11.15 35.57
C GLU E 56 12.12 12.48 35.40
N ALA E 57 13.40 12.53 35.77
CA ALA E 57 14.30 13.68 35.54
C ALA E 57 14.40 13.93 34.04
N LEU E 58 14.78 12.90 33.28
CA LEU E 58 14.95 13.04 31.82
C LEU E 58 13.70 13.63 31.18
N GLY E 59 12.54 13.07 31.49
CA GLY E 59 11.29 13.44 30.80
C GLY E 59 10.63 14.57 31.56
N SER E 60 11.24 15.74 31.62
CA SER E 60 10.76 16.82 32.49
C SER E 60 10.77 18.15 31.77
N HIS E 61 10.29 19.17 32.47
CA HIS E 61 10.26 20.61 32.07
CA HIS E 61 10.27 20.61 32.07
C HIS E 61 11.69 21.18 31.98
N LEU E 62 12.71 20.47 32.46
CA LEU E 62 14.09 21.00 32.42
C LEU E 62 14.59 21.14 30.97
N THR E 63 14.12 20.28 30.07
CA THR E 63 14.42 20.36 28.63
C THR E 63 13.92 21.69 28.06
N ASN E 64 13.12 22.47 28.78
CA ASN E 64 12.50 23.70 28.21
C ASN E 64 13.49 24.87 28.30
N LYS E 65 14.41 24.83 29.26
CA LYS E 65 15.26 26.00 29.57
C LYS E 65 16.66 25.82 28.99
N TYR E 66 17.08 26.73 28.11
CA TYR E 66 18.42 26.75 27.47
C TYR E 66 19.40 27.44 28.41
N SER E 67 20.52 26.79 28.69
CA SER E 67 21.44 27.19 29.76
C SER E 67 22.86 27.23 29.23
N GLU E 68 23.10 27.86 28.09
CA GLU E 68 24.48 27.99 27.55
C GLU E 68 25.35 28.55 28.66
N GLY E 69 26.55 28.01 28.86
CA GLY E 69 27.53 28.58 29.80
C GLY E 69 27.78 27.68 30.99
N MET E 70 28.25 28.22 32.10
CA MET E 70 28.56 27.48 33.35
C MET E 70 27.72 28.06 34.47
N PRO E 71 27.58 27.37 35.62
CA PRO E 71 26.80 27.91 36.72
C PRO E 71 27.38 29.26 37.15
N GLY E 72 26.52 30.27 37.34
CA GLY E 72 26.91 31.63 37.74
C GLY E 72 27.60 32.42 36.65
N ALA E 73 27.75 31.84 35.47
CA ALA E 73 28.45 32.50 34.33
C ALA E 73 27.75 32.08 33.04
N ARG E 74 26.43 32.23 33.03
CA ARG E 74 25.56 31.80 31.91
C ARG E 74 25.38 32.94 30.92
N TYR E 75 25.15 32.58 29.65
CA TYR E 75 24.81 33.49 28.54
C TYR E 75 23.39 34.03 28.72
N TYR E 76 22.51 33.27 29.35
CA TYR E 76 21.07 33.63 29.50
C TYR E 76 20.74 33.93 30.97
N THR E 77 19.66 34.71 31.16
CA THR E 77 18.97 34.97 32.44
C THR E 77 17.98 33.84 32.76
N GLY E 78 17.70 33.59 34.04
CA GLY E 78 16.64 32.65 34.49
C GLY E 78 17.16 31.30 34.95
N ASN E 79 18.47 31.19 35.09
CA ASN E 79 19.15 29.89 35.32
C ASN E 79 19.40 29.71 36.81
N GLN E 80 18.77 30.56 37.63
CA GLN E 80 19.02 30.63 39.09
C GLN E 80 18.93 29.22 39.66
N TYR E 81 17.95 28.42 39.19
CA TYR E 81 17.58 27.09 39.74
C TYR E 81 18.37 25.98 39.05
N ILE E 82 18.51 26.10 37.72
CA ILE E 82 19.32 25.15 36.92
C ILE E 82 20.75 25.20 37.41
N ASP E 83 21.25 26.38 37.77
CA ASP E 83 22.60 26.52 38.35
C ASP E 83 22.68 25.66 39.61
N GLN E 84 21.70 25.75 40.47
CA GLN E 84 21.76 25.05 41.78
C GLN E 84 21.82 23.55 41.50
N ILE E 85 21.12 23.10 40.44
CA ILE E 85 21.06 21.64 40.09
C ILE E 85 22.43 21.20 39.59
N GLU E 86 22.97 21.90 38.59
CA GLU E 86 24.29 21.57 38.02
C GLU E 86 25.33 21.60 39.15
N ASN E 87 25.29 22.62 40.02
CA ASN E 87 26.24 22.75 41.16
C ASN E 87 26.11 21.54 42.09
N LEU E 88 24.87 21.13 42.31
CA LEU E 88 24.58 19.98 43.19
C LEU E 88 25.10 18.73 42.50
N CYS E 89 24.84 18.60 41.20
CA CYS E 89 25.31 17.46 40.39
C CYS E 89 26.84 17.36 40.47
N ILE E 90 27.52 18.51 40.45
CA ILE E 90 29.01 18.55 40.54
C ILE E 90 29.41 18.07 41.93
N GLU E 91 28.88 18.68 42.99
CA GLU E 91 29.27 18.30 44.36
C GLU E 91 29.15 16.79 44.51
N ARG E 92 28.09 16.23 43.94
CA ARG E 92 27.77 14.79 44.11
C ARG E 92 28.80 13.97 43.35
N ALA E 93 29.23 14.46 42.19
CA ALA E 93 30.24 13.82 41.33
C ALA E 93 31.55 13.71 42.10
N LEU E 94 31.99 14.77 42.77
CA LEU E 94 33.21 14.73 43.62
C LEU E 94 33.02 13.72 44.74
N THR E 95 31.93 13.86 45.51
CA THR E 95 31.73 13.02 46.71
C THR E 95 31.65 11.58 46.26
N ALA E 96 31.14 11.28 45.07
CA ALA E 96 30.99 9.90 44.54
C ALA E 96 32.32 9.19 44.40
N PHE E 97 33.37 9.93 44.05
CA PHE E 97 34.71 9.39 43.76
C PHE E 97 35.66 9.81 44.88
N GLY E 98 35.07 10.29 45.97
CA GLY E 98 35.81 10.69 47.19
C GLY E 98 36.90 11.67 46.85
N LEU E 99 36.53 12.77 46.22
CA LEU E 99 37.46 13.85 45.82
C LEU E 99 37.12 15.07 46.65
N GLU E 100 38.06 16.02 46.75
CA GLU E 100 37.80 17.31 47.42
C GLU E 100 37.85 18.41 46.38
N SER E 101 36.93 19.37 46.49
CA SER E 101 36.72 20.48 45.53
C SER E 101 38.01 21.32 45.39
N ASP E 102 38.80 21.44 46.46
CA ASP E 102 40.06 22.23 46.43
C ASP E 102 41.07 21.57 45.48
N LYS E 103 41.01 20.24 45.28
CA LYS E 103 42.05 19.46 44.55
C LYS E 103 41.59 19.08 43.14
N TRP E 104 40.28 19.01 42.91
CA TRP E 104 39.60 18.50 41.67
C TRP E 104 38.40 19.38 41.28
N GLY E 105 38.06 19.42 40.00
CA GLY E 105 36.80 20.04 39.52
C GLY E 105 36.15 19.16 38.46
N VAL E 106 34.90 19.42 38.10
CA VAL E 106 34.18 18.48 37.20
C VAL E 106 33.25 19.24 36.26
N ASN E 107 33.41 19.00 34.97
CA ASN E 107 32.47 19.46 33.93
C ASN E 107 31.54 18.31 33.63
N VAL E 108 30.24 18.55 33.71
CA VAL E 108 29.22 17.47 33.56
C VAL E 108 28.38 17.71 32.31
N GLN E 109 28.78 18.66 31.45
CA GLN E 109 28.02 19.04 30.23
C GLN E 109 28.29 18.12 29.03
N PRO E 110 29.44 17.40 28.93
CA PRO E 110 29.76 16.67 27.71
C PRO E 110 28.61 15.74 27.29
N TYR E 111 28.16 15.88 26.05
CA TYR E 111 27.05 15.13 25.44
C TYR E 111 27.29 13.61 25.40
N SER E 112 28.55 13.18 25.51
CA SER E 112 28.96 11.74 25.45
C SER E 112 30.36 11.57 26.03
N CYS E 113 30.86 10.36 26.18
CA CYS E 113 32.25 10.14 26.67
C CYS E 113 33.22 10.49 25.57
N THR E 114 32.94 10.03 24.34
CA THR E 114 33.72 10.40 23.14
C THR E 114 33.87 11.92 23.15
N SER E 115 32.74 12.62 23.29
CA SER E 115 32.67 14.10 23.19
C SER E 115 33.64 14.69 24.21
N ALA E 116 33.63 14.06 25.39
CA ALA E 116 34.40 14.48 26.58
C ALA E 116 35.89 14.33 26.31
N ASN E 117 36.31 13.19 25.80
CA ASN E 117 37.75 12.96 25.50
C ASN E 117 38.20 14.01 24.48
N PHE E 118 37.40 14.27 23.45
CA PHE E 118 37.75 15.22 22.37
C PHE E 118 37.85 16.65 22.92
N ALA E 119 37.03 16.99 23.91
CA ALA E 119 37.11 18.30 24.60
C ALA E 119 38.43 18.40 25.34
N VAL E 120 38.86 17.33 26.00
CA VAL E 120 40.16 17.35 26.71
C VAL E 120 41.23 17.68 25.67
N TYR E 121 41.24 16.95 24.57
CA TYR E 121 42.31 17.12 23.56
C TYR E 121 42.21 18.55 23.06
N THR E 122 41.03 18.97 22.64
CA THR E 122 40.80 20.31 22.08
C THR E 122 41.25 21.34 23.11
N GLY E 123 41.01 21.10 24.38
CA GLY E 123 41.25 22.12 25.41
C GLY E 123 42.71 22.29 25.72
N LEU E 124 43.47 21.20 25.73
CA LEU E 124 44.87 21.16 26.22
C LEU E 124 45.87 21.32 25.07
N LEU E 125 45.49 20.93 23.87
CA LEU E 125 46.43 20.73 22.75
C LEU E 125 46.05 21.62 21.59
N LEU E 126 47.10 21.98 20.83
CA LEU E 126 46.98 22.58 19.49
C LEU E 126 46.65 21.46 18.52
N PRO E 127 45.82 21.75 17.50
CA PRO E 127 45.53 20.74 16.50
C PRO E 127 46.84 20.12 15.97
N GLY E 128 46.87 18.79 15.86
CA GLY E 128 47.98 18.03 15.24
C GLY E 128 48.98 17.56 16.25
N GLU E 129 48.87 17.99 17.52
CA GLU E 129 49.79 17.54 18.59
C GLU E 129 49.53 16.05 18.90
N ARG E 130 50.45 15.41 19.61
CA ARG E 130 50.50 13.92 19.72
C ARG E 130 49.79 13.40 20.99
N ILE E 131 49.09 12.27 20.81
CA ILE E 131 48.24 11.55 21.82
C ILE E 131 48.57 10.06 21.73
N MET E 132 48.50 9.33 22.84
CA MET E 132 48.75 7.88 22.84
C MET E 132 47.76 7.20 23.80
N GLY E 133 46.99 6.23 23.32
CA GLY E 133 46.07 5.46 24.15
C GLY E 133 46.06 3.99 23.77
N LEU E 134 45.33 3.16 24.51
CA LEU E 134 45.07 1.76 24.10
C LEU E 134 44.18 1.76 22.86
N ASP E 135 44.17 0.74 22.02
CA ASP E 135 43.22 0.75 20.87
C ASP E 135 42.34 -0.50 20.88
N SER E 136 41.03 -0.38 20.62
CA SER E 136 40.14 -1.54 20.36
C SER E 136 40.14 -1.82 18.86
N PRO E 137 40.80 -2.91 18.38
CA PRO E 137 40.97 -3.13 16.94
C PRO E 137 39.62 -3.17 16.20
N LYS E 152 41.00 4.84 6.93
CA LYS E 152 42.24 4.50 7.69
C LYS E 152 42.26 5.25 9.04
N LYS E 153 41.91 6.54 9.04
CA LYS E 153 41.68 7.34 10.29
C LYS E 153 40.18 7.30 10.63
N ILE E 154 39.85 6.84 11.84
CA ILE E 154 38.47 6.46 12.22
C ILE E 154 37.97 7.53 13.21
N SER E 155 38.60 7.58 14.37
CA SER E 155 38.19 8.51 15.44
C SER E 155 38.53 9.94 15.02
N ALA E 156 37.68 10.91 15.31
CA ALA E 156 38.00 12.34 15.15
C ALA E 156 39.29 12.68 15.88
N ALA E 157 39.59 12.02 16.99
CA ALA E 157 40.82 12.27 17.74
C ALA E 157 42.03 12.01 16.84
N SER E 158 41.96 10.98 15.97
CA SER E 158 43.10 10.57 15.11
C SER E 158 43.12 11.43 13.83
N ILE E 159 42.00 12.07 13.51
CA ILE E 159 41.87 13.02 12.38
C ILE E 159 42.51 14.34 12.76
N PHE E 160 42.15 14.92 13.90
CA PHE E 160 42.46 16.31 14.25
C PHE E 160 43.68 16.36 15.16
N PHE E 161 44.19 15.20 15.57
CA PHE E 161 45.44 15.09 16.34
C PHE E 161 46.19 13.88 15.86
N GLU E 162 47.36 13.65 16.47
CA GLU E 162 48.29 12.61 16.00
C GLU E 162 48.22 11.46 16.99
N SER E 163 47.52 10.38 16.60
CA SER E 163 47.27 9.24 17.51
C SER E 163 48.21 8.12 17.13
N PHE E 164 49.05 7.73 18.06
CA PHE E 164 49.88 6.51 17.98
C PHE E 164 49.50 5.65 19.18
N PRO E 165 48.61 4.66 18.97
CA PRO E 165 48.09 3.83 20.05
C PRO E 165 49.06 2.71 20.43
N TYR E 166 48.90 2.16 21.63
CA TYR E 166 49.57 0.93 22.15
C TYR E 166 48.51 -0.17 22.36
N LYS E 167 48.98 -1.42 22.48
CA LYS E 167 48.10 -2.61 22.46
C LYS E 167 48.46 -3.57 23.60
N VAL E 168 47.61 -4.59 23.76
CA VAL E 168 47.76 -5.72 24.73
C VAL E 168 48.81 -6.68 24.16
N ASN E 169 49.54 -7.38 25.01
CA ASN E 169 50.40 -8.52 24.60
C ASN E 169 49.59 -9.61 23.91
N PRO E 170 49.79 -9.84 22.59
CA PRO E 170 48.99 -10.80 21.83
C PRO E 170 48.95 -12.24 22.34
N GLN E 171 49.95 -12.68 23.10
CA GLN E 171 49.97 -14.06 23.66
C GLN E 171 49.21 -14.08 24.99
N THR E 172 49.53 -13.16 25.91
CA THR E 172 48.99 -13.14 27.30
C THR E 172 47.53 -12.62 27.31
N GLY E 173 47.24 -11.58 26.53
CA GLY E 173 45.96 -10.85 26.62
C GLY E 173 46.02 -9.80 27.73
N TYR E 174 47.13 -9.74 28.48
CA TYR E 174 47.40 -8.66 29.48
C TYR E 174 48.23 -7.54 28.85
N ILE E 175 48.18 -6.37 29.45
CA ILE E 175 48.98 -5.20 28.99
C ILE E 175 50.44 -5.48 29.30
N ASP E 176 51.31 -5.08 28.37
CA ASP E 176 52.80 -5.11 28.48
C ASP E 176 53.31 -3.70 28.76
N TYR E 177 53.49 -3.40 30.04
CA TYR E 177 53.84 -2.05 30.53
C TYR E 177 55.26 -1.70 30.11
N ASP E 178 56.09 -2.71 29.82
CA ASP E 178 57.50 -2.48 29.42
C ASP E 178 57.44 -1.91 28.00
N LYS E 179 56.88 -2.67 27.07
CA LYS E 179 56.68 -2.24 25.67
C LYS E 179 56.03 -0.86 25.63
N LEU E 180 55.09 -0.61 26.54
CA LEU E 180 54.37 0.69 26.65
C LEU E 180 55.36 1.80 26.99
N GLU E 181 56.22 1.56 27.99
CA GLU E 181 57.27 2.51 28.43
C GLU E 181 58.11 2.85 27.20
N ASP E 182 58.68 1.82 26.56
CA ASP E 182 59.56 1.95 25.37
C ASP E 182 58.88 2.89 24.38
N LYS E 183 57.64 2.55 24.05
CA LYS E 183 56.85 3.20 23.00
C LYS E 183 56.55 4.64 23.38
N ALA E 184 56.28 4.91 24.66
CA ALA E 184 55.87 6.26 25.12
C ALA E 184 57.08 7.18 25.12
N LEU E 185 58.22 6.68 25.58
CA LEU E 185 59.49 7.46 25.68
C LEU E 185 59.90 7.87 24.27
N ASP E 186 59.77 6.94 23.33
CA ASP E 186 60.05 7.17 21.89
C ASP E 186 59.19 8.35 21.41
N TYR E 187 57.86 8.23 21.48
CA TYR E 187 56.90 9.07 20.73
C TYR E 187 56.64 10.37 21.47
N ARG E 188 56.90 10.40 22.78
CA ARG E 188 56.76 11.60 23.67
C ARG E 188 55.42 12.30 23.42
N PRO E 189 54.27 11.65 23.72
CA PRO E 189 52.97 12.22 23.46
C PRO E 189 52.62 13.27 24.51
N LYS E 190 51.91 14.32 24.14
CA LYS E 190 51.52 15.41 25.10
C LYS E 190 50.59 14.79 26.14
N ILE E 191 49.75 13.85 25.70
CA ILE E 191 48.74 13.14 26.52
C ILE E 191 48.87 11.66 26.28
N LEU E 192 49.06 10.94 27.38
CA LEU E 192 49.01 9.49 27.44
C LEU E 192 47.66 9.15 28.06
N ILE E 193 47.00 8.12 27.54
CA ILE E 193 45.63 7.72 27.96
C ILE E 193 45.69 6.25 28.39
N CYS E 194 45.16 5.94 29.56
CA CYS E 194 44.89 4.56 30.03
C CYS E 194 43.39 4.38 30.19
N GLY E 195 42.94 3.17 30.48
CA GLY E 195 41.52 2.81 30.32
C GLY E 195 41.14 2.83 28.85
N GLY E 196 39.91 3.13 28.51
CA GLY E 196 39.42 3.09 27.12
C GLY E 196 38.70 1.77 26.84
N SER E 197 39.45 0.75 26.42
CA SER E 197 38.89 -0.54 25.91
C SER E 197 38.25 -1.29 27.08
N SER E 198 37.34 -2.21 26.76
CA SER E 198 36.86 -3.31 27.64
C SER E 198 37.98 -4.35 27.85
N TYR E 199 38.72 -4.16 28.94
CA TYR E 199 39.89 -4.94 29.40
C TYR E 199 39.46 -5.69 30.66
N PRO E 200 39.49 -7.03 30.70
CA PRO E 200 38.96 -7.79 31.83
C PRO E 200 39.85 -7.90 33.08
N ARG E 201 40.91 -7.09 33.18
CA ARG E 201 41.83 -7.11 34.35
C ARG E 201 42.11 -5.68 34.79
N ASP E 202 42.62 -5.57 36.01
CA ASP E 202 42.89 -4.29 36.69
C ASP E 202 43.99 -3.53 35.95
N TRP E 203 44.05 -2.21 36.02
CA TRP E 203 45.19 -1.43 35.51
C TRP E 203 46.22 -1.20 36.60
N ASP E 204 47.49 -1.16 36.26
CA ASP E 204 48.51 -0.62 37.18
C ASP E 204 48.65 0.88 36.91
N PHE E 205 47.81 1.71 37.50
CA PHE E 205 47.78 3.17 37.20
C PHE E 205 49.07 3.81 37.68
N ALA E 206 49.57 3.34 38.82
CA ALA E 206 50.86 3.76 39.43
C ALA E 206 51.95 3.67 38.35
N ARG E 207 52.07 2.50 37.75
CA ARG E 207 53.11 2.23 36.73
C ARG E 207 53.02 3.24 35.60
N VAL E 208 51.80 3.41 35.08
CA VAL E 208 51.51 4.26 33.89
C VAL E 208 51.90 5.69 34.23
N ARG E 209 51.69 6.09 35.47
CA ARG E 209 52.07 7.45 35.93
C ARG E 209 53.59 7.62 35.81
N GLN E 210 54.36 6.68 36.35
CA GLN E 210 55.84 6.70 36.28
C GLN E 210 56.21 7.00 34.84
N ILE E 211 55.56 6.30 33.90
CA ILE E 211 55.84 6.38 32.44
C ILE E 211 55.50 7.79 31.94
N ALA E 212 54.29 8.26 32.25
CA ALA E 212 53.82 9.63 31.93
C ALA E 212 54.83 10.66 32.40
N ASP E 213 55.28 10.52 33.64
CA ASP E 213 56.24 11.46 34.26
C ASP E 213 57.51 11.45 33.39
N LYS E 214 58.01 10.27 33.02
CA LYS E 214 59.31 10.13 32.31
C LYS E 214 59.22 10.83 30.95
N CYS E 215 58.17 10.65 30.17
CA CYS E 215 58.07 11.23 28.80
C CYS E 215 57.37 12.61 28.86
N GLY E 216 57.15 13.14 30.05
CA GLY E 216 56.61 14.50 30.27
C GLY E 216 55.22 14.67 29.71
N ALA E 217 54.38 13.65 29.84
CA ALA E 217 53.01 13.58 29.27
C ALA E 217 51.98 13.76 30.38
N VAL E 218 50.87 14.41 30.05
CA VAL E 218 49.72 14.55 30.97
C VAL E 218 49.06 13.18 31.01
N LEU E 219 48.72 12.66 32.18
CA LEU E 219 48.08 11.32 32.29
C LEU E 219 46.57 11.50 32.42
N MET E 220 45.85 10.89 31.49
CA MET E 220 44.38 10.89 31.41
C MET E 220 43.90 9.45 31.56
N CYS E 221 42.84 9.23 32.33
CA CYS E 221 42.16 7.92 32.34
C CYS E 221 40.74 8.04 31.78
N ASP E 222 40.41 7.19 30.81
CA ASP E 222 39.02 6.93 30.38
C ASP E 222 38.48 5.77 31.21
N MET E 223 37.58 6.10 32.11
CA MET E 223 37.11 5.22 33.21
C MET E 223 35.77 4.60 32.80
N ALA E 224 35.39 4.67 31.54
CA ALA E 224 33.99 4.41 31.13
C ALA E 224 33.58 3.03 31.62
N HIS E 225 34.45 2.06 31.46
CA HIS E 225 34.10 0.64 31.69
C HIS E 225 34.15 0.30 33.17
N ILE E 226 34.79 1.11 33.99
CA ILE E 226 35.08 0.77 35.40
C ILE E 226 34.55 1.85 36.36
N SER E 227 33.84 2.87 35.83
CA SER E 227 33.31 4.01 36.60
C SER E 227 32.71 3.46 37.89
N GLY E 228 31.91 2.38 37.79
CA GLY E 228 31.27 1.72 38.95
C GLY E 228 32.30 1.27 39.97
N LEU E 229 33.21 0.40 39.54
CA LEU E 229 34.20 -0.28 40.41
C LEU E 229 35.07 0.78 41.08
N VAL E 230 35.39 1.85 40.36
CA VAL E 230 36.29 2.89 40.90
C VAL E 230 35.63 3.57 42.08
N ALA E 231 34.42 4.10 41.89
CA ALA E 231 33.69 4.85 42.93
C ALA E 231 33.57 4.01 44.20
N THR E 232 33.43 2.70 44.06
CA THR E 232 33.17 1.78 45.20
C THR E 232 34.49 1.21 45.71
N LYS E 233 35.60 1.65 45.17
CA LYS E 233 36.95 1.17 45.56
C LYS E 233 37.00 -0.35 45.38
N GLU E 234 36.40 -0.85 44.32
CA GLU E 234 36.41 -2.30 44.00
C GLU E 234 37.34 -2.55 42.82
N CYS E 235 38.24 -1.60 42.56
CA CYS E 235 39.36 -1.72 41.59
C CYS E 235 40.28 -0.51 41.76
N SER E 236 41.47 -0.55 41.14
CA SER E 236 42.54 0.47 41.25
C SER E 236 41.93 1.85 41.11
N ASN E 237 42.42 2.83 41.86
CA ASN E 237 41.84 4.20 41.78
C ASN E 237 42.67 5.06 40.84
N PRO E 238 42.20 5.39 39.62
CA PRO E 238 42.97 6.24 38.73
C PRO E 238 43.10 7.67 39.24
N PHE E 239 42.21 8.14 40.13
CA PHE E 239 42.26 9.52 40.68
C PHE E 239 43.50 9.69 41.59
N ASP E 240 44.13 8.58 41.97
CA ASP E 240 45.35 8.60 42.79
C ASP E 240 46.55 8.94 41.91
N HIS E 241 46.43 8.98 40.59
CA HIS E 241 47.62 9.01 39.70
C HIS E 241 47.45 9.86 38.45
N CYS E 242 46.22 10.03 37.99
CA CYS E 242 45.93 10.70 36.70
C CYS E 242 45.62 12.16 37.00
N ASP E 243 45.93 13.03 36.05
CA ASP E 243 45.61 14.48 36.15
C ASP E 243 44.20 14.70 35.61
N ILE E 244 43.75 13.81 34.72
CA ILE E 244 42.40 13.94 34.13
C ILE E 244 41.73 12.56 34.13
N VAL E 245 40.44 12.55 34.47
CA VAL E 245 39.62 11.33 34.32
C VAL E 245 38.30 11.69 33.63
N THR E 246 38.06 11.06 32.49
CA THR E 246 36.78 11.18 31.76
C THR E 246 36.01 9.90 31.99
N SER E 247 34.73 9.97 31.73
CA SER E 247 33.87 8.79 31.87
C SER E 247 32.54 9.01 31.16
N THR E 248 31.86 7.88 31.06
CA THR E 248 30.46 7.76 30.65
C THR E 248 29.66 7.83 31.95
N THR E 249 28.52 8.51 31.91
CA THR E 249 27.53 8.64 33.00
C THR E 249 26.49 7.50 33.04
N HIS E 250 26.55 6.51 32.16
CA HIS E 250 25.36 5.64 31.99
C HIS E 250 25.72 4.16 31.94
N LYS E 251 26.86 3.76 32.44
CA LYS E 251 27.24 2.33 32.24
C LYS E 251 27.18 1.70 33.61
N GLY E 252 28.29 1.78 34.35
CA GLY E 252 28.37 1.37 35.78
C GLY E 252 27.40 2.19 36.62
N LEU E 253 27.40 3.50 36.40
CA LEU E 253 26.69 4.49 37.24
C LEU E 253 25.16 4.37 37.09
N ARG E 254 24.67 3.69 36.05
CA ARG E 254 23.23 3.53 35.76
C ARG E 254 22.57 4.90 35.67
N GLY E 255 23.29 5.92 35.24
CA GLY E 255 22.74 7.25 35.00
C GLY E 255 22.28 7.43 33.56
N PRO E 256 22.07 8.68 33.13
CA PRO E 256 21.63 8.97 31.78
C PRO E 256 22.81 8.99 30.83
N ARG E 257 22.53 8.89 29.54
CA ARG E 257 23.59 8.82 28.52
C ARG E 257 24.27 10.18 28.51
N GLY E 258 25.57 10.20 28.72
CA GLY E 258 26.38 11.39 28.51
C GLY E 258 27.79 11.08 28.91
N GLY E 259 28.61 12.11 29.03
CA GLY E 259 29.99 12.02 29.52
C GLY E 259 30.24 13.08 30.56
N ILE E 260 31.45 13.04 31.11
CA ILE E 260 31.85 13.83 32.29
C ILE E 260 33.38 13.90 32.36
N ILE E 261 33.92 15.05 32.77
CA ILE E 261 35.37 15.28 32.82
C ILE E 261 35.75 15.79 34.21
N PHE E 262 36.61 15.01 34.87
CA PHE E 262 37.31 15.37 36.13
C PHE E 262 38.72 15.84 35.74
N TYR E 263 39.13 16.95 36.33
CA TYR E 263 40.46 17.57 36.16
C TYR E 263 40.95 18.04 37.52
N ARG E 264 42.28 18.10 37.69
CA ARG E 264 42.92 18.58 38.93
C ARG E 264 42.95 20.11 38.96
N ARG E 265 42.88 20.63 40.18
CA ARG E 265 42.72 22.06 40.52
C ARG E 265 43.77 22.40 41.58
N GLY E 266 44.24 23.66 41.60
CA GLY E 266 45.11 24.22 42.66
C GLY E 266 46.60 23.92 42.44
N PRO E 267 47.41 23.86 43.53
CA PRO E 267 48.85 23.61 43.40
C PRO E 267 49.32 22.22 42.94
N LYS E 268 50.40 22.14 42.18
CA LYS E 268 51.07 20.86 41.88
C LYS E 268 51.98 20.49 43.06
N ASP E 280 58.44 22.34 33.85
CA ASP E 280 59.08 23.07 34.97
C ASP E 280 58.41 24.45 35.09
N THR E 281 58.67 25.13 36.21
CA THR E 281 58.17 26.49 36.59
C THR E 281 56.69 26.43 36.99
N SER E 282 55.98 25.33 36.71
CA SER E 282 54.52 25.18 36.94
C SER E 282 54.16 25.37 38.41
N THR E 283 53.21 26.26 38.69
CA THR E 283 52.82 26.63 40.08
C THR E 283 51.50 25.94 40.41
N HIS E 284 50.50 26.09 39.53
CA HIS E 284 49.14 25.53 39.69
C HIS E 284 48.77 24.72 38.43
N TYR E 285 47.69 23.95 38.52
CA TYR E 285 47.12 23.19 37.37
C TYR E 285 46.43 24.18 36.44
N ASP E 286 46.51 23.95 35.12
CA ASP E 286 46.05 24.90 34.07
C ASP E 286 44.90 24.34 33.25
N LEU E 287 44.13 23.41 33.82
CA LEU E 287 43.24 22.50 33.06
C LEU E 287 41.83 23.09 33.03
N GLU E 288 41.34 23.49 34.19
CA GLU E 288 39.94 23.90 34.40
C GLU E 288 39.49 24.83 33.29
N GLU E 289 40.06 26.02 33.18
CA GLU E 289 39.54 27.05 32.25
C GLU E 289 39.63 26.49 30.83
N LYS E 290 40.71 25.80 30.49
CA LYS E 290 40.98 25.31 29.12
C LYS E 290 39.90 24.33 28.70
N ILE E 291 39.62 23.40 29.58
CA ILE E 291 38.64 22.30 29.32
C ILE E 291 37.25 22.91 29.28
N ASN E 292 36.87 23.64 30.31
CA ASN E 292 35.51 24.23 30.35
C ASN E 292 35.24 24.99 29.07
N PHE E 293 36.26 25.62 28.51
CA PHE E 293 36.11 26.50 27.33
C PHE E 293 35.97 25.60 26.11
N ALA E 294 36.73 24.52 26.09
CA ALA E 294 36.70 23.56 24.98
C ALA E 294 35.29 23.02 24.86
N VAL E 295 34.68 22.64 25.99
CA VAL E 295 33.31 22.05 26.01
C VAL E 295 32.34 23.11 25.49
N PHE E 296 32.33 24.27 26.16
CA PHE E 296 31.57 25.47 25.72
C PHE E 296 32.43 26.71 25.91
N PRO E 297 32.52 27.58 24.89
CA PRO E 297 31.71 27.48 23.67
C PRO E 297 32.27 26.70 22.48
N SER E 298 33.47 26.12 22.59
CA SER E 298 34.19 25.62 21.39
C SER E 298 33.35 24.57 20.68
N LEU E 299 33.07 23.45 21.38
CA LEU E 299 32.59 22.15 20.81
C LEU E 299 31.07 21.99 20.91
N GLN E 300 30.47 22.33 22.05
CA GLN E 300 29.02 22.09 22.29
C GLN E 300 28.25 23.41 22.31
N GLY E 301 26.92 23.32 22.23
CA GLY E 301 26.02 24.39 22.71
C GLY E 301 25.61 24.18 24.16
N GLY E 302 24.36 24.51 24.45
CA GLY E 302 23.75 24.36 25.79
C GLY E 302 23.77 22.91 26.23
N PRO E 303 23.90 22.67 27.55
CA PRO E 303 23.93 21.31 28.08
C PRO E 303 22.50 20.79 28.14
N HIS E 304 22.32 19.47 28.21
CA HIS E 304 21.01 18.83 28.53
C HIS E 304 20.71 18.93 30.04
N ASN E 305 19.96 19.96 30.43
CA ASN E 305 19.64 20.20 31.86
C ASN E 305 18.95 18.97 32.46
N ASN E 306 18.17 18.26 31.65
CA ASN E 306 17.37 17.12 32.11
C ASN E 306 18.34 15.99 32.40
N HIS E 307 19.32 15.76 31.56
CA HIS E 307 20.34 14.70 31.81
C HIS E 307 21.06 15.04 33.12
N ILE E 308 21.37 16.31 33.34
CA ILE E 308 22.25 16.73 34.46
C ILE E 308 21.52 16.40 35.76
N ALA E 309 20.24 16.71 35.84
CA ALA E 309 19.42 16.37 37.01
C ALA E 309 19.43 14.83 37.17
N ALA E 310 19.08 14.11 36.12
CA ALA E 310 19.11 12.63 36.09
C ALA E 310 20.47 12.12 36.60
N LEU E 311 21.56 12.79 36.23
CA LEU E 311 22.92 12.37 36.63
C LEU E 311 23.09 12.55 38.14
N ALA E 312 22.71 13.73 38.64
CA ALA E 312 22.78 14.09 40.07
C ALA E 312 22.10 13.00 40.91
N ILE E 313 20.92 12.55 40.48
CA ILE E 313 20.17 11.46 41.15
C ILE E 313 21.05 10.22 41.14
N ALA E 314 21.57 9.88 39.98
CA ALA E 314 22.31 8.62 39.84
C ALA E 314 23.53 8.63 40.74
N LEU E 315 24.16 9.80 40.91
CA LEU E 315 25.41 9.97 41.66
C LEU E 315 25.14 9.97 43.17
N LYS E 316 24.01 10.49 43.57
CA LYS E 316 23.58 10.40 44.97
C LYS E 316 23.55 8.91 45.32
N GLN E 317 23.10 8.08 44.41
CA GLN E 317 22.82 6.66 44.71
C GLN E 317 24.12 5.86 44.66
N VAL E 318 25.14 6.38 44.00
CA VAL E 318 26.44 5.67 43.87
C VAL E 318 27.13 5.74 45.23
N ALA E 319 26.89 6.78 46.00
CA ALA E 319 27.59 7.03 47.26
C ALA E 319 27.00 6.16 48.38
N THR E 320 26.19 5.14 48.07
CA THR E 320 25.43 4.39 49.10
C THR E 320 26.01 2.99 49.30
N PRO E 321 25.83 2.38 50.48
CA PRO E 321 26.19 0.97 50.68
C PRO E 321 25.45 0.03 49.72
N GLU E 322 24.23 0.40 49.35
CA GLU E 322 23.36 -0.39 48.46
C GLU E 322 24.08 -0.57 47.13
N TYR E 323 24.67 0.52 46.66
CA TYR E 323 25.43 0.54 45.40
C TYR E 323 26.72 -0.23 45.57
N LYS E 324 27.37 -0.11 46.71
CA LYS E 324 28.64 -0.87 46.89
C LYS E 324 28.33 -2.37 46.78
N ALA E 325 27.27 -2.81 47.45
CA ALA E 325 26.89 -4.22 47.46
C ALA E 325 26.54 -4.65 46.04
N TYR E 326 25.98 -3.73 45.24
CA TYR E 326 25.57 -4.00 43.83
C TYR E 326 26.84 -4.37 43.05
N ILE E 327 27.86 -3.53 43.19
CA ILE E 327 29.15 -3.76 42.50
C ILE E 327 29.76 -5.07 42.99
N GLN E 328 29.64 -5.33 44.28
CA GLN E 328 30.28 -6.53 44.84
C GLN E 328 29.61 -7.74 44.23
N GLN E 329 28.29 -7.70 44.10
CA GLN E 329 27.49 -8.80 43.52
C GLN E 329 27.86 -8.93 42.04
N MET E 330 27.99 -7.79 41.38
CA MET E 330 28.32 -7.73 39.95
C MET E 330 29.60 -8.54 39.72
N LYS E 331 30.56 -8.43 40.64
CA LYS E 331 31.87 -9.10 40.50
C LYS E 331 31.74 -10.57 40.87
N LYS E 332 31.11 -10.89 41.99
CA LYS E 332 30.88 -12.31 42.36
C LYS E 332 30.15 -13.04 41.22
N ASN E 333 29.21 -12.35 40.56
CA ASN E 333 28.44 -12.88 39.41
C ASN E 333 29.39 -13.12 38.24
N ALA E 334 30.32 -12.21 37.97
CA ALA E 334 31.32 -12.40 36.90
C ALA E 334 32.17 -13.64 37.20
N GLN E 335 32.61 -13.82 38.44
CA GLN E 335 33.50 -14.96 38.77
C GLN E 335 32.67 -16.23 38.52
N ALA E 336 31.43 -16.19 38.98
CA ALA E 336 30.47 -17.29 38.87
C ALA E 336 30.34 -17.71 37.42
N LEU E 337 30.22 -16.73 36.52
CA LEU E 337 29.99 -16.95 35.07
C LEU E 337 31.27 -17.47 34.41
N ALA E 338 32.40 -16.88 34.77
CA ALA E 338 33.73 -17.35 34.34
C ALA E 338 33.88 -18.83 34.69
N ALA E 339 33.76 -19.13 35.97
CA ALA E 339 33.93 -20.48 36.52
C ALA E 339 33.05 -21.46 35.74
N ALA E 340 31.85 -21.05 35.45
CA ALA E 340 30.83 -21.91 34.82
C ALA E 340 31.30 -22.24 33.41
N LEU E 341 31.84 -21.27 32.70
CA LEU E 341 32.22 -21.43 31.29
C LEU E 341 33.50 -22.23 31.23
N LEU E 342 34.38 -22.07 32.21
CA LEU E 342 35.63 -22.86 32.25
C LEU E 342 35.25 -24.33 32.42
N ARG E 343 34.41 -24.60 33.41
CA ARG E 343 33.85 -25.95 33.69
C ARG E 343 33.28 -26.57 32.40
N ARG E 344 32.79 -25.78 31.44
CA ARG E 344 32.19 -26.32 30.19
C ARG E 344 33.15 -26.11 29.02
N LYS E 345 34.47 -26.16 29.29
CA LYS E 345 35.55 -26.33 28.29
C LYS E 345 35.67 -25.08 27.43
N CYS E 346 35.21 -23.93 27.90
CA CYS E 346 35.35 -22.65 27.17
C CYS E 346 36.73 -22.07 27.39
N ARG E 347 37.16 -21.17 26.51
CA ARG E 347 38.47 -20.49 26.64
C ARG E 347 38.24 -19.00 26.88
N LEU E 348 38.67 -18.47 28.01
CA LEU E 348 38.54 -17.03 28.29
C LEU E 348 39.89 -16.36 28.15
N VAL E 349 39.94 -15.23 27.45
CA VAL E 349 41.16 -14.38 27.37
C VAL E 349 41.58 -13.99 28.80
N THR E 350 42.86 -14.20 29.09
CA THR E 350 43.55 -14.10 30.41
C THR E 350 43.06 -15.17 31.37
N GLY E 351 42.17 -16.09 30.97
CA GLY E 351 41.67 -17.17 31.84
C GLY E 351 40.62 -16.74 32.88
N GLY E 352 40.11 -15.52 32.83
CA GLY E 352 39.11 -15.01 33.78
C GLY E 352 38.98 -13.50 33.68
N THR E 353 38.75 -12.87 34.83
CA THR E 353 38.56 -11.41 34.98
C THR E 353 38.78 -11.00 36.45
N ASP E 354 39.08 -9.72 36.66
CA ASP E 354 39.20 -9.03 37.97
C ASP E 354 37.98 -8.13 38.15
N ASN E 355 37.17 -8.01 37.11
CA ASN E 355 36.04 -7.07 37.11
C ASN E 355 34.76 -7.82 36.70
N HIS E 356 33.98 -7.18 35.83
CA HIS E 356 32.57 -7.51 35.55
C HIS E 356 32.39 -8.09 34.14
N LEU E 357 33.48 -8.26 33.37
CA LEU E 357 33.34 -8.61 31.94
C LEU E 357 34.39 -9.63 31.54
N LEU E 358 34.08 -10.35 30.46
CA LEU E 358 34.70 -11.63 30.01
C LEU E 358 34.90 -11.59 28.49
N LEU E 359 36.11 -11.89 28.04
CA LEU E 359 36.35 -12.13 26.61
C LEU E 359 36.41 -13.64 26.46
N TRP E 360 35.44 -14.18 25.73
CA TRP E 360 35.27 -15.61 25.45
C TRP E 360 35.74 -15.89 24.02
N ASP E 361 36.80 -16.70 23.89
CA ASP E 361 37.40 -17.10 22.59
C ASP E 361 36.62 -18.31 22.07
N LEU E 362 35.95 -18.16 20.94
CA LEU E 362 35.09 -19.21 20.33
C LEU E 362 35.83 -19.98 19.24
N THR E 363 37.07 -19.61 18.91
CA THR E 363 37.79 -20.24 17.78
C THR E 363 38.07 -21.70 18.14
N PRO E 364 38.38 -22.09 19.40
CA PRO E 364 38.54 -23.49 19.72
C PRO E 364 37.32 -24.39 19.48
N MET E 365 36.14 -23.80 19.32
CA MET E 365 34.86 -24.50 19.01
C MET E 365 34.57 -24.32 17.51
N GLY E 366 35.43 -23.61 16.81
CA GLY E 366 35.32 -23.41 15.36
C GLY E 366 34.25 -22.42 14.99
N LEU E 367 33.99 -21.43 15.85
CA LEU E 367 32.94 -20.40 15.63
C LEU E 367 33.56 -19.01 15.56
N THR E 368 32.96 -18.11 14.74
CA THR E 368 33.23 -16.65 14.75
C THR E 368 32.22 -16.05 15.73
N GLY E 369 32.53 -14.89 16.28
CA GLY E 369 31.53 -14.09 17.01
C GLY E 369 30.41 -13.64 16.10
N LYS E 370 30.74 -13.29 14.86
CA LYS E 370 29.80 -12.60 13.91
C LYS E 370 28.48 -13.37 13.89
N VAL E 371 28.59 -14.68 13.90
CA VAL E 371 27.46 -15.60 13.64
C VAL E 371 26.84 -15.97 14.99
N TYR E 372 27.64 -16.28 15.99
CA TYR E 372 27.16 -16.64 17.36
C TYR E 372 26.26 -15.48 17.87
N GLU E 373 26.78 -14.28 17.79
CA GLU E 373 26.10 -13.00 18.07
C GLU E 373 24.70 -13.08 17.48
N LYS E 374 24.55 -13.45 16.21
CA LYS E 374 23.26 -13.31 15.46
C LYS E 374 22.29 -14.39 15.90
N VAL E 375 22.79 -15.55 16.29
CA VAL E 375 21.98 -16.68 16.82
C VAL E 375 21.54 -16.33 18.24
N CYS E 376 22.44 -15.83 19.06
CA CYS E 376 22.07 -15.39 20.44
C CYS E 376 20.92 -14.38 20.33
N GLU E 377 21.00 -13.48 19.35
CA GLU E 377 19.96 -12.45 19.14
C GLU E 377 18.60 -13.14 19.01
N MET E 378 18.57 -14.16 18.15
CA MET E 378 17.37 -14.96 17.82
C MET E 378 16.84 -15.63 19.07
N CYS E 379 17.67 -15.84 20.08
CA CYS E 379 17.24 -16.52 21.31
C CYS E 379 17.01 -15.52 22.43
N HIS E 380 16.90 -14.23 22.10
CA HIS E 380 16.66 -13.17 23.10
C HIS E 380 17.87 -13.06 24.02
N ILE E 381 19.07 -13.37 23.57
CA ILE E 381 20.33 -13.15 24.34
C ILE E 381 21.11 -12.06 23.62
N THR E 382 21.35 -10.91 24.22
CA THR E 382 22.12 -9.85 23.52
C THR E 382 23.55 -9.84 24.08
N LEU E 383 24.52 -10.14 23.23
CA LEU E 383 25.97 -9.96 23.50
C LEU E 383 26.60 -9.37 22.23
N ASN E 384 27.91 -9.25 22.18
CA ASN E 384 28.51 -8.65 20.96
C ASN E 384 29.89 -9.26 20.74
N LYS E 385 30.07 -9.73 19.51
CA LYS E 385 31.38 -10.16 18.97
C LYS E 385 32.44 -9.12 19.32
N THR E 386 33.65 -9.61 19.57
CA THR E 386 34.80 -8.77 19.90
C THR E 386 36.04 -9.33 19.20
N ALA E 387 37.01 -8.44 18.97
CA ALA E 387 38.35 -8.75 18.44
C ALA E 387 39.05 -9.63 19.47
N ILE E 388 39.74 -10.65 18.99
CA ILE E 388 40.59 -11.56 19.82
C ILE E 388 41.89 -11.84 19.06
N PHE E 389 43.01 -11.84 19.76
CA PHE E 389 44.32 -12.05 19.10
C PHE E 389 44.46 -13.53 18.70
N GLY E 390 44.81 -13.78 17.43
CA GLY E 390 45.05 -15.14 16.89
C GLY E 390 45.91 -15.97 17.82
N ILE E 395 44.74 -11.04 14.25
CA ILE E 395 43.47 -10.41 14.76
C ILE E 395 42.26 -11.05 14.04
N SER E 396 41.25 -11.45 14.82
CA SER E 396 40.05 -12.19 14.33
C SER E 396 38.81 -11.76 15.12
N PRO E 397 37.56 -11.84 14.56
CA PRO E 397 36.35 -11.53 15.30
C PRO E 397 35.77 -12.84 15.81
N GLY E 398 36.61 -13.67 16.45
CA GLY E 398 36.28 -15.03 16.96
C GLY E 398 36.02 -15.03 18.45
N GLY E 399 35.83 -13.84 18.99
CA GLY E 399 35.47 -13.62 20.40
C GLY E 399 34.03 -13.17 20.58
N VAL E 400 33.53 -13.20 21.81
CA VAL E 400 32.39 -12.34 22.23
C VAL E 400 32.69 -11.71 23.58
N ARG E 401 32.14 -10.52 23.80
CA ARG E 401 32.27 -9.80 25.08
C ARG E 401 30.95 -9.89 25.87
N ILE E 402 31.09 -10.26 27.13
CA ILE E 402 30.00 -10.54 28.07
C ILE E 402 30.22 -9.76 29.36
N GLY E 403 29.17 -9.19 29.93
CA GLY E 403 29.25 -8.59 31.28
C GLY E 403 28.04 -8.90 32.14
N THR E 404 28.20 -8.71 33.45
CA THR E 404 27.18 -8.97 34.50
C THR E 404 26.31 -7.75 34.88
N PRO E 405 26.70 -6.46 34.69
CA PRO E 405 26.00 -5.36 35.33
C PRO E 405 24.47 -5.32 35.14
N ALA E 406 24.01 -5.59 33.92
CA ALA E 406 22.58 -5.51 33.51
C ALA E 406 21.82 -6.50 34.34
N MET E 407 22.12 -7.79 34.21
CA MET E 407 21.30 -8.81 34.86
C MET E 407 21.51 -8.72 36.37
N THR E 408 22.67 -8.23 36.78
CA THR E 408 22.95 -8.02 38.22
C THR E 408 21.92 -6.99 38.72
N THR E 409 21.73 -5.92 37.97
CA THR E 409 20.76 -4.87 38.35
C THR E 409 19.40 -5.49 38.58
N ARG E 410 19.00 -6.44 37.72
CA ARG E 410 17.66 -7.07 37.74
C ARG E 410 17.58 -8.11 38.87
N GLY E 411 18.66 -8.33 39.60
CA GLY E 411 18.62 -9.09 40.86
C GLY E 411 19.10 -10.50 40.65
N CYS E 412 19.71 -10.78 39.51
CA CYS E 412 20.42 -12.07 39.28
C CYS E 412 21.57 -12.18 40.27
N ILE E 413 21.85 -13.42 40.65
CA ILE E 413 22.93 -13.81 41.60
C ILE E 413 23.71 -14.98 40.98
N GLU E 414 24.72 -15.47 41.67
CA GLU E 414 25.71 -16.40 41.10
C GLU E 414 24.96 -17.51 40.35
N SER E 415 24.08 -18.24 41.02
CA SER E 415 23.47 -19.48 40.46
C SER E 415 22.73 -19.13 39.16
N ASP E 416 22.19 -17.93 39.05
CA ASP E 416 21.40 -17.52 37.87
C ASP E 416 22.37 -17.45 36.69
N PHE E 417 23.56 -16.90 36.91
CA PHE E 417 24.61 -16.81 35.87
C PHE E 417 25.07 -18.21 35.44
N GLU E 418 25.13 -19.16 36.36
CA GLU E 418 25.40 -20.58 35.99
C GLU E 418 24.31 -21.09 35.04
N THR E 419 23.05 -20.66 35.21
CA THR E 419 21.96 -21.03 34.29
C THR E 419 22.22 -20.36 32.94
N MET E 420 22.55 -19.09 32.95
CA MET E 420 22.82 -18.31 31.72
C MET E 420 23.98 -18.96 30.94
N ALA E 421 24.97 -19.50 31.64
CA ALA E 421 26.09 -20.24 31.02
C ALA E 421 25.55 -21.43 30.20
N ASP E 422 24.63 -22.19 30.77
CA ASP E 422 24.00 -23.34 30.07
C ASP E 422 23.39 -22.84 28.76
N PHE E 423 22.68 -21.73 28.81
CA PHE E 423 22.05 -21.17 27.60
C PHE E 423 23.14 -20.81 26.59
N LEU E 424 24.19 -20.17 27.05
CA LEU E 424 25.27 -19.73 26.15
C LEU E 424 25.88 -20.95 25.44
N ILE E 425 26.04 -22.07 26.12
CA ILE E 425 26.59 -23.28 25.47
C ILE E 425 25.57 -23.83 24.47
N LYS E 426 24.31 -23.98 24.88
CA LYS E 426 23.28 -24.57 23.99
C LYS E 426 23.27 -23.74 22.70
N ALA E 427 23.38 -22.43 22.81
CA ALA E 427 23.42 -21.50 21.67
C ALA E 427 24.65 -21.81 20.81
N ALA E 428 25.79 -22.10 21.43
CA ALA E 428 27.02 -22.49 20.70
C ALA E 428 26.78 -23.82 19.97
N GLN E 429 26.27 -24.82 20.67
CA GLN E 429 26.01 -26.17 20.10
C GLN E 429 25.12 -26.02 18.88
N ILE E 430 24.15 -25.13 18.92
CA ILE E 430 23.22 -24.92 17.79
C ILE E 430 24.02 -24.31 16.64
N THR E 431 24.87 -23.35 16.94
CA THR E 431 25.63 -22.58 15.92
C THR E 431 26.50 -23.55 15.13
N SER E 432 27.28 -24.40 15.81
CA SER E 432 28.11 -25.46 15.15
C SER E 432 27.18 -26.24 14.22
N ALA E 433 26.14 -26.85 14.78
CA ALA E 433 25.15 -27.70 14.07
C ALA E 433 24.69 -27.04 12.77
N LEU E 434 24.43 -25.74 12.80
CA LEU E 434 23.92 -24.98 11.63
C LEU E 434 25.03 -24.79 10.59
N GLN E 435 26.21 -24.37 11.02
CA GLN E 435 27.40 -24.15 10.14
C GLN E 435 27.78 -25.45 9.42
N ARG E 436 27.59 -26.57 10.13
CA ARG E 436 27.78 -27.93 9.56
C ARG E 436 26.75 -28.13 8.44
N GLU E 437 25.44 -28.13 8.72
CA GLU E 437 24.38 -28.44 7.72
C GLU E 437 24.45 -27.45 6.54
N HIS E 438 24.55 -26.15 6.81
CA HIS E 438 24.95 -25.14 5.78
C HIS E 438 26.43 -24.81 5.97
N HIS E 442 24.45 -19.39 3.16
CA HIS E 442 24.57 -17.97 3.57
C HIS E 442 23.22 -17.24 3.53
N LYS E 443 22.65 -17.08 2.32
CA LYS E 443 21.23 -16.64 2.11
C LYS E 443 20.30 -17.72 2.69
N GLU E 444 20.64 -18.98 2.44
CA GLU E 444 19.95 -20.21 2.93
C GLU E 444 20.11 -20.34 4.46
N PHE E 445 21.15 -19.71 5.02
CA PHE E 445 21.44 -19.64 6.48
C PHE E 445 20.40 -18.73 7.17
N VAL E 446 20.29 -17.45 6.76
CA VAL E 446 19.39 -16.41 7.38
C VAL E 446 17.95 -16.93 7.42
N LYS E 447 17.53 -17.72 6.43
CA LYS E 447 16.19 -18.34 6.39
C LYS E 447 16.08 -19.36 7.54
N SER E 448 17.02 -20.31 7.62
CA SER E 448 17.07 -21.37 8.66
C SER E 448 16.98 -20.74 10.05
N LEU E 449 17.78 -19.68 10.24
CA LEU E 449 17.83 -18.85 11.48
C LEU E 449 16.41 -18.51 11.95
N CYS E 450 15.57 -17.96 11.07
CA CYS E 450 14.19 -17.51 11.35
C CYS E 450 13.26 -18.70 11.67
N THR E 451 13.56 -19.89 11.15
CA THR E 451 12.61 -21.04 11.10
C THR E 451 13.24 -22.32 11.69
N ASN E 452 14.08 -22.21 12.72
CA ASN E 452 14.79 -23.37 13.31
C ASN E 452 14.11 -23.76 14.63
N LYS E 453 13.95 -25.06 14.86
CA LYS E 453 13.24 -25.58 16.05
C LYS E 453 14.07 -25.34 17.31
N ASP E 454 15.36 -25.69 17.31
CA ASP E 454 16.25 -25.67 18.51
C ASP E 454 16.40 -24.24 19.06
N ILE E 455 16.45 -23.26 18.17
CA ILE E 455 16.45 -21.80 18.50
C ILE E 455 15.14 -21.47 19.19
N ALA E 456 14.02 -21.77 18.54
CA ALA E 456 12.67 -21.49 19.06
C ALA E 456 12.54 -22.10 20.47
N GLU E 457 13.06 -23.30 20.69
CA GLU E 457 12.97 -23.94 22.02
C GLU E 457 13.82 -23.17 23.02
N LEU E 458 15.03 -22.76 22.64
CA LEU E 458 15.93 -22.06 23.59
C LEU E 458 15.39 -20.65 23.84
N ARG E 459 14.91 -19.97 22.80
CA ARG E 459 14.29 -18.63 22.97
C ARG E 459 13.22 -18.72 24.07
N ASN E 460 12.38 -19.73 23.98
CA ASN E 460 11.30 -19.95 24.96
C ASN E 460 11.99 -20.09 26.32
N ARG E 461 13.04 -20.89 26.43
CA ARG E 461 13.67 -21.15 27.75
C ARG E 461 14.17 -19.80 28.32
N VAL E 462 14.68 -18.95 27.43
CA VAL E 462 15.27 -17.65 27.82
C VAL E 462 14.15 -16.70 28.26
N GLU E 463 13.06 -16.62 27.50
CA GLU E 463 11.94 -15.74 27.90
C GLU E 463 11.45 -16.12 29.30
N ALA E 464 11.21 -17.40 29.51
CA ALA E 464 10.72 -17.92 30.79
C ALA E 464 11.69 -17.49 31.89
N PHE E 465 12.98 -17.67 31.66
CA PHE E 465 14.05 -17.32 32.63
C PHE E 465 14.00 -15.83 32.94
N ALA E 466 13.89 -15.02 31.91
CA ALA E 466 13.96 -13.55 31.98
C ALA E 466 12.81 -12.99 32.83
N LEU E 467 11.62 -13.58 32.69
CA LEU E 467 10.41 -13.08 33.38
C LEU E 467 10.43 -13.40 34.89
N GLN E 468 11.38 -14.22 35.32
CA GLN E 468 11.65 -14.44 36.76
C GLN E 468 12.31 -13.22 37.39
N TYR E 469 12.79 -12.26 36.63
CA TYR E 469 13.55 -11.15 37.26
C TYR E 469 12.79 -9.84 37.09
N GLU E 470 12.92 -8.98 38.09
CA GLU E 470 12.27 -7.66 38.06
C GLU E 470 12.95 -6.79 37.00
N MET E 471 12.27 -5.73 36.57
CA MET E 471 12.79 -4.81 35.53
C MET E 471 12.51 -3.37 35.93
N PRO E 472 13.53 -2.66 36.40
CA PRO E 472 13.33 -1.30 36.93
C PRO E 472 12.44 -0.42 36.06
N ALA E 473 11.50 0.25 36.72
CA ALA E 473 10.53 1.20 36.17
C ALA E 473 9.55 0.51 35.21
N SER E 474 8.54 -0.22 35.68
CA SER E 474 7.37 -0.57 34.84
C SER E 474 6.09 0.09 35.41
N LEU E 475 5.73 1.21 34.80
CA LEU E 475 4.63 2.13 35.21
C LEU E 475 3.58 2.23 34.09
N SER F 1 11.33 -19.19 47.91
CA SER F 1 10.90 -17.82 47.52
C SER F 1 10.92 -16.90 48.74
N ASN F 2 11.70 -17.24 49.76
CA ASN F 2 11.87 -16.29 50.90
C ASN F 2 12.82 -15.21 50.39
N ALA F 3 14.05 -15.65 50.05
CA ALA F 3 15.21 -14.86 49.63
C ALA F 3 15.05 -14.46 48.16
N LEU F 4 14.38 -15.29 47.36
CA LEU F 4 14.06 -14.94 45.94
C LEU F 4 13.14 -13.72 45.96
N GLU F 5 11.98 -13.86 46.59
CA GLU F 5 10.91 -12.82 46.55
C GLU F 5 11.39 -11.56 47.25
N SER F 6 12.34 -11.69 48.17
CA SER F 6 12.88 -10.55 48.93
C SER F 6 13.77 -9.71 48.02
N ARG F 7 14.57 -10.41 47.20
CA ARG F 7 15.46 -9.80 46.17
C ARG F 7 14.62 -9.12 45.09
N ARG F 8 13.53 -9.78 44.71
CA ARG F 8 12.62 -9.30 43.64
C ARG F 8 12.01 -7.96 44.06
N ALA F 9 11.75 -7.82 45.36
CA ALA F 9 11.12 -6.63 45.97
C ALA F 9 12.16 -5.52 46.08
N ALA F 10 13.39 -5.87 46.47
CA ALA F 10 14.55 -4.96 46.60
C ALA F 10 14.74 -4.22 45.29
N VAL F 11 14.63 -4.93 44.17
CA VAL F 11 14.78 -4.33 42.83
C VAL F 11 13.63 -3.37 42.59
N ARG F 12 12.39 -3.85 42.80
CA ARG F 12 11.15 -3.06 42.53
C ARG F 12 11.24 -1.80 43.39
N ALA F 13 11.67 -1.93 44.65
CA ALA F 13 11.75 -0.84 45.63
C ALA F 13 12.62 0.26 45.06
N TRP F 14 13.76 -0.13 44.55
CA TRP F 14 14.74 0.82 43.99
C TRP F 14 14.23 1.37 42.66
N GLY F 15 13.80 0.49 41.76
CA GLY F 15 13.52 0.80 40.36
C GLY F 15 12.30 1.70 40.17
N ASP F 16 11.34 1.64 41.09
CA ASP F 16 10.00 2.28 40.92
C ASP F 16 9.79 3.35 41.99
N GLN F 17 10.82 3.65 42.77
CA GLN F 17 10.81 4.82 43.69
C GLN F 17 10.69 6.14 42.93
N PRO F 18 9.64 6.94 43.20
CA PRO F 18 9.45 8.21 42.51
C PRO F 18 10.53 9.22 42.89
N ILE F 19 10.72 10.20 42.02
CA ILE F 19 11.83 11.18 42.14
C ILE F 19 11.68 11.96 43.46
N HIS F 20 10.46 12.28 43.85
CA HIS F 20 10.18 13.18 44.99
C HIS F 20 10.63 12.50 46.29
N LEU F 21 10.60 11.16 46.33
CA LEU F 21 11.16 10.32 47.43
C LEU F 21 12.64 10.04 47.20
N ALA F 22 13.07 9.70 45.98
CA ALA F 22 14.43 9.20 45.69
C ALA F 22 15.46 10.32 45.86
N ASP F 23 15.03 11.55 45.67
CA ASP F 23 15.95 12.72 45.69
C ASP F 23 15.10 13.97 45.91
N PRO F 24 14.77 14.26 47.17
CA PRO F 24 13.97 15.43 47.47
C PRO F 24 14.72 16.70 47.09
N ASP F 25 16.02 16.78 47.35
CA ASP F 25 16.76 18.04 47.06
C ASP F 25 16.52 18.45 45.59
N ILE F 26 16.80 17.53 44.65
CA ILE F 26 16.65 17.75 43.18
C ILE F 26 15.18 18.08 42.90
N HIS F 27 14.28 17.20 43.33
CA HIS F 27 12.83 17.35 43.10
C HIS F 27 12.37 18.76 43.48
N GLU F 28 12.92 19.31 44.56
CA GLU F 28 12.53 20.66 45.06
C GLU F 28 12.88 21.66 43.97
N LEU F 29 14.15 21.65 43.59
CA LEU F 29 14.70 22.53 42.54
C LEU F 29 13.85 22.35 41.30
N MET F 30 13.59 21.13 40.89
CA MET F 30 12.80 20.91 39.66
C MET F 30 11.49 21.65 39.81
N GLU F 31 10.85 21.52 40.96
CA GLU F 31 9.51 22.14 41.19
C GLU F 31 9.66 23.65 41.14
N LYS F 32 10.71 24.20 41.75
CA LYS F 32 10.95 25.65 41.77
C LYS F 32 11.09 26.17 40.33
N GLU F 33 11.76 25.39 39.48
CA GLU F 33 12.04 25.79 38.07
C GLU F 33 10.74 25.67 37.28
N LYS F 34 9.93 24.63 37.49
CA LYS F 34 8.62 24.53 36.82
C LYS F 34 7.76 25.76 37.14
N GLN F 35 7.84 26.27 38.38
CA GLN F 35 7.11 27.48 38.83
C GLN F 35 7.68 28.67 38.06
N ARG F 36 8.99 28.88 38.15
CA ARG F 36 9.67 30.00 37.46
C ARG F 36 9.18 30.10 36.03
N GLN F 37 9.11 28.97 35.33
CA GLN F 37 8.74 28.91 33.88
C GLN F 37 7.33 29.46 33.73
N VAL F 38 6.41 29.09 34.62
CA VAL F 38 4.97 29.39 34.45
C VAL F 38 4.71 30.84 34.86
N ARG F 39 5.45 31.36 35.85
CA ARG F 39 5.22 32.69 36.46
C ARG F 39 6.13 33.75 35.83
N GLY F 40 6.60 33.50 34.62
CA GLY F 40 7.53 34.40 33.91
C GLY F 40 7.11 34.56 32.48
N ILE F 41 7.63 35.59 31.85
CA ILE F 41 7.48 35.85 30.39
C ILE F 41 8.77 35.36 29.74
N GLU F 42 8.65 34.63 28.63
CA GLU F 42 9.78 34.07 27.86
C GLU F 42 9.83 34.73 26.48
N LEU F 43 10.82 35.59 26.28
CA LEU F 43 10.96 36.36 25.03
C LEU F 43 12.27 35.98 24.34
N ILE F 44 13.01 35.05 24.91
CA ILE F 44 14.19 34.48 24.21
C ILE F 44 13.65 33.76 22.96
N ALA F 45 14.14 34.16 21.80
CA ALA F 45 13.61 33.73 20.49
C ALA F 45 13.98 32.26 20.23
N SER F 46 15.06 31.76 20.88
CA SER F 46 15.47 30.34 20.88
C SER F 46 14.34 29.51 21.50
N GLU F 47 14.08 29.81 22.77
CA GLU F 47 13.29 29.00 23.73
C GLU F 47 11.91 28.68 23.18
N ASN F 48 11.38 27.58 23.66
CA ASN F 48 9.99 27.13 23.44
C ASN F 48 9.66 26.16 24.57
N PHE F 49 8.43 25.64 24.59
CA PHE F 49 7.92 24.68 25.61
C PHE F 49 7.38 23.44 24.89
N VAL F 50 7.78 22.26 25.32
CA VAL F 50 7.43 21.01 24.61
C VAL F 50 6.17 20.42 25.23
N CYS F 51 5.49 19.57 24.46
CA CYS F 51 4.29 18.84 24.89
C CYS F 51 4.71 17.66 25.77
N ARG F 52 3.73 16.96 26.32
CA ARG F 52 3.95 15.91 27.33
C ARG F 52 4.44 14.65 26.63
N ALA F 53 3.83 14.27 25.52
CA ALA F 53 4.29 13.14 24.71
C ALA F 53 5.82 13.20 24.48
N VAL F 54 6.36 14.38 24.20
CA VAL F 54 7.81 14.53 23.97
C VAL F 54 8.56 14.17 25.26
N MET F 55 8.10 14.66 26.41
CA MET F 55 8.74 14.38 27.73
C MET F 55 8.62 12.90 28.08
N GLU F 56 7.50 12.28 27.72
CA GLU F 56 7.26 10.85 27.97
C GLU F 56 8.27 10.03 27.14
N ALA F 57 8.52 10.44 25.91
CA ALA F 57 9.57 9.80 25.06
C ALA F 57 10.93 9.96 25.73
N LEU F 58 11.26 11.15 26.17
CA LEU F 58 12.58 11.42 26.78
C LEU F 58 12.73 10.54 28.00
N GLY F 59 11.74 10.51 28.85
CA GLY F 59 11.89 9.79 30.12
C GLY F 59 11.41 8.37 29.94
N SER F 60 12.14 7.57 29.20
CA SER F 60 11.61 6.24 28.84
C SER F 60 12.73 5.22 28.87
N HIS F 61 12.32 3.97 28.74
CA HIS F 61 13.16 2.75 28.68
CA HIS F 61 13.17 2.76 28.68
C HIS F 61 14.14 2.83 27.50
N LEU F 62 13.96 3.80 26.60
CA LEU F 62 14.82 3.87 25.36
C LEU F 62 16.24 4.22 25.79
N THR F 63 16.40 4.97 26.87
CA THR F 63 17.73 5.30 27.39
C THR F 63 18.45 4.01 27.79
N ASN F 64 17.78 2.86 27.80
CA ASN F 64 18.43 1.64 28.34
C ASN F 64 19.25 0.98 27.24
N LYS F 65 18.88 1.17 25.97
CA LYS F 65 19.46 0.41 24.84
C LYS F 65 20.50 1.25 24.10
N TYR F 66 21.71 0.72 23.94
CA TYR F 66 22.82 1.30 23.13
C TYR F 66 22.71 0.80 21.70
N SER F 67 22.77 1.75 20.79
CA SER F 67 22.47 1.55 19.37
C SER F 67 23.57 2.19 18.52
N GLU F 68 24.83 1.91 18.82
CA GLU F 68 25.92 2.47 17.99
C GLU F 68 25.66 2.08 16.55
N GLY F 69 25.74 3.05 15.63
CA GLY F 69 25.67 2.77 14.18
C GLY F 69 24.47 3.41 13.53
N MET F 70 24.01 2.82 12.42
CA MET F 70 22.84 3.27 11.62
C MET F 70 21.79 2.17 11.63
N PRO F 71 20.52 2.49 11.32
CA PRO F 71 19.48 1.48 11.21
C PRO F 71 19.87 0.42 10.18
N GLY F 72 19.69 -0.85 10.53
CA GLY F 72 20.02 -2.00 9.70
C GLY F 72 21.52 -2.22 9.58
N ALA F 73 22.35 -1.38 10.20
CA ALA F 73 23.82 -1.50 10.13
C ALA F 73 24.40 -1.06 11.47
N ARG F 74 23.96 -1.70 12.55
CA ARG F 74 24.34 -1.39 13.96
C ARG F 74 25.54 -2.25 14.36
N TYR F 75 26.25 -1.77 15.38
CA TYR F 75 27.34 -2.49 16.10
C TYR F 75 26.73 -3.58 16.97
N TYR F 76 25.54 -3.32 17.53
CA TYR F 76 24.90 -4.22 18.53
C TYR F 76 23.62 -4.90 18.04
N THR F 77 23.38 -6.11 18.55
CA THR F 77 22.11 -6.86 18.43
C THR F 77 21.01 -6.22 19.28
N GLY F 78 19.76 -6.52 18.94
CA GLY F 78 18.58 -6.16 19.75
C GLY F 78 17.96 -4.88 19.31
N ASN F 79 18.38 -4.39 18.14
CA ASN F 79 18.03 -3.03 17.71
C ASN F 79 16.82 -3.10 16.78
N GLN F 80 16.12 -4.21 16.72
CA GLN F 80 15.04 -4.37 15.71
C GLN F 80 13.97 -3.29 15.89
N TYR F 81 13.68 -2.84 17.11
CA TYR F 81 12.59 -1.85 17.35
C TYR F 81 13.17 -0.44 17.30
N ILE F 82 14.36 -0.27 17.83
CA ILE F 82 15.02 1.04 17.78
C ILE F 82 15.22 1.47 16.32
N ASP F 83 15.62 0.53 15.47
CA ASP F 83 15.72 0.77 14.02
C ASP F 83 14.37 1.28 13.51
N GLN F 84 13.27 0.61 13.83
CA GLN F 84 11.95 0.99 13.28
C GLN F 84 11.57 2.41 13.72
N ILE F 85 11.96 2.81 14.92
CA ILE F 85 11.74 4.19 15.44
C ILE F 85 12.63 5.18 14.70
N GLU F 86 13.95 5.00 14.68
CA GLU F 86 14.87 5.93 13.96
C GLU F 86 14.37 6.07 12.52
N ASN F 87 14.21 4.96 11.80
CA ASN F 87 13.71 4.95 10.40
C ASN F 87 12.43 5.76 10.31
N LEU F 88 11.51 5.58 11.24
CA LEU F 88 10.25 6.35 11.24
C LEU F 88 10.60 7.82 11.42
N CYS F 89 11.45 8.16 12.39
CA CYS F 89 11.85 9.55 12.67
C CYS F 89 12.40 10.20 11.41
N ILE F 90 13.25 9.48 10.67
CA ILE F 90 13.82 9.94 9.37
C ILE F 90 12.68 10.23 8.39
N GLU F 91 11.83 9.26 8.08
CA GLU F 91 10.68 9.43 7.14
C GLU F 91 9.96 10.72 7.49
N ARG F 92 9.73 10.94 8.78
CA ARG F 92 8.91 12.07 9.24
C ARG F 92 9.69 13.37 9.06
N ALA F 93 11.01 13.31 9.12
CA ALA F 93 11.88 14.49 8.89
C ALA F 93 11.86 14.90 7.41
N LEU F 94 11.90 13.96 6.49
CA LEU F 94 11.69 14.26 5.04
C LEU F 94 10.29 14.86 4.84
N THR F 95 9.24 14.12 5.21
CA THR F 95 7.85 14.56 4.93
C THR F 95 7.63 15.92 5.59
N ALA F 96 8.31 16.23 6.68
CA ALA F 96 8.13 17.51 7.39
C ALA F 96 8.58 18.67 6.51
N PHE F 97 9.62 18.48 5.70
CA PHE F 97 10.23 19.56 4.89
C PHE F 97 9.91 19.33 3.40
N GLY F 98 8.92 18.46 3.16
CA GLY F 98 8.44 18.07 1.83
C GLY F 98 9.59 17.63 0.97
N LEU F 99 10.36 16.65 1.39
CA LEU F 99 11.49 16.10 0.63
C LEU F 99 11.17 14.68 0.21
N GLU F 100 11.81 14.19 -0.84
CA GLU F 100 11.63 12.79 -1.29
C GLU F 100 12.92 12.04 -1.02
N SER F 101 12.79 10.81 -0.52
CA SER F 101 13.91 9.95 -0.05
C SER F 101 14.93 9.68 -1.18
N ASP F 102 14.51 9.65 -2.45
CA ASP F 102 15.45 9.40 -3.58
C ASP F 102 16.34 10.63 -3.80
N LYS F 103 15.93 11.83 -3.35
CA LYS F 103 16.69 13.10 -3.61
C LYS F 103 17.39 13.60 -2.35
N TRP F 104 16.90 13.25 -1.15
CA TRP F 104 17.46 13.68 0.17
C TRP F 104 17.56 12.51 1.13
N GLY F 105 18.59 12.55 1.99
CA GLY F 105 18.72 11.71 3.19
C GLY F 105 18.91 12.57 4.42
N VAL F 106 18.77 11.98 5.61
CA VAL F 106 18.89 12.79 6.84
C VAL F 106 19.52 11.95 7.93
N ASN F 107 20.44 12.54 8.68
CA ASN F 107 21.05 11.91 9.89
C ASN F 107 20.48 12.65 11.11
N VAL F 108 19.87 11.91 12.04
CA VAL F 108 19.15 12.52 13.20
C VAL F 108 19.92 12.28 14.50
N GLN F 109 21.13 11.71 14.45
CA GLN F 109 21.95 11.33 15.64
C GLN F 109 22.64 12.56 16.27
N PRO F 110 22.96 13.66 15.53
CA PRO F 110 23.78 14.72 16.10
C PRO F 110 23.25 15.17 17.47
N TYR F 111 24.14 15.10 18.46
CA TYR F 111 23.90 15.52 19.85
C TYR F 111 23.48 17.01 19.95
N SER F 112 23.81 17.85 18.98
CA SER F 112 23.48 19.31 19.01
C SER F 112 23.60 19.90 17.61
N CYS F 113 23.12 21.12 17.37
CA CYS F 113 23.25 21.74 16.04
C CYS F 113 24.73 22.04 15.79
N THR F 114 25.43 22.58 16.79
CA THR F 114 26.89 22.80 16.73
C THR F 114 27.54 21.49 16.29
N SER F 115 27.19 20.40 16.98
CA SER F 115 27.81 19.07 16.76
C SER F 115 27.59 18.67 15.30
N ALA F 116 26.42 19.00 14.81
CA ALA F 116 25.96 18.65 13.44
C ALA F 116 26.81 19.43 12.44
N ASN F 117 26.91 20.74 12.60
CA ASN F 117 27.71 21.56 11.64
C ASN F 117 29.11 20.96 11.55
N PHE F 118 29.71 20.71 12.71
CA PHE F 118 31.11 20.24 12.81
C PHE F 118 31.28 18.90 12.12
N ALA F 119 30.25 18.05 12.15
CA ALA F 119 30.26 16.74 11.46
C ALA F 119 30.33 17.00 9.94
N VAL F 120 29.52 17.92 9.45
CA VAL F 120 29.55 18.26 8.01
C VAL F 120 31.00 18.62 7.66
N TYR F 121 31.58 19.56 8.41
CA TYR F 121 32.95 20.05 8.12
C TYR F 121 33.85 18.82 8.15
N THR F 122 33.80 18.08 9.25
CA THR F 122 34.72 16.95 9.46
C THR F 122 34.56 15.95 8.31
N GLY F 123 33.34 15.79 7.80
CA GLY F 123 33.02 14.77 6.78
C GLY F 123 33.55 15.19 5.43
N LEU F 124 33.41 16.48 5.12
CA LEU F 124 33.59 16.95 3.74
C LEU F 124 34.97 17.54 3.54
N LEU F 125 35.61 18.07 4.57
CA LEU F 125 36.88 18.83 4.42
C LEU F 125 38.01 18.11 5.13
N LEU F 126 39.21 18.40 4.68
CA LEU F 126 40.44 18.04 5.41
C LEU F 126 40.62 19.08 6.51
N PRO F 127 41.25 18.72 7.63
CA PRO F 127 41.48 19.70 8.69
C PRO F 127 42.24 20.88 8.07
N GLY F 128 41.89 22.10 8.46
CA GLY F 128 42.60 23.32 8.02
C GLY F 128 42.01 23.95 6.77
N GLU F 129 41.17 23.22 6.02
CA GLU F 129 40.50 23.76 4.81
C GLU F 129 39.61 24.92 5.20
N ARG F 130 39.04 25.64 4.23
CA ARG F 130 38.44 26.96 4.45
C ARG F 130 36.91 26.89 4.46
N ILE F 131 36.31 27.60 5.42
CA ILE F 131 34.84 27.77 5.57
C ILE F 131 34.50 29.25 5.73
N MET F 132 33.29 29.63 5.31
CA MET F 132 32.76 30.99 5.43
C MET F 132 31.30 30.96 5.86
N GLY F 133 30.96 31.62 6.97
CA GLY F 133 29.58 31.70 7.46
C GLY F 133 29.25 33.07 8.02
N LEU F 134 27.99 33.36 8.33
CA LEU F 134 27.56 34.60 8.99
C LEU F 134 28.04 34.60 10.45
N ASP F 135 28.26 35.80 11.00
CA ASP F 135 28.81 36.00 12.36
C ASP F 135 27.97 37.05 13.09
N SER F 136 27.73 36.85 14.40
CA SER F 136 27.13 37.87 15.30
C SER F 136 28.22 38.82 15.79
N PRO F 137 28.29 40.09 15.28
CA PRO F 137 29.43 40.99 15.51
C PRO F 137 29.97 41.02 16.95
N LYS F 153 40.49 32.22 19.19
CA LYS F 153 39.62 31.30 18.40
C LYS F 153 38.62 30.63 19.35
N ILE F 154 37.33 30.80 19.05
CA ILE F 154 36.18 30.54 19.96
C ILE F 154 35.51 29.23 19.55
N SER F 155 34.90 29.16 18.36
CA SER F 155 34.20 27.95 17.84
C SER F 155 35.24 26.89 17.48
N ALA F 156 34.86 25.63 17.55
CA ALA F 156 35.74 24.50 17.21
C ALA F 156 36.00 24.56 15.71
N ALA F 157 34.98 24.95 14.96
CA ALA F 157 35.10 25.15 13.51
C ALA F 157 36.29 26.08 13.23
N SER F 158 36.42 27.18 13.97
CA SER F 158 37.50 28.17 13.73
C SER F 158 38.83 27.63 14.28
N ILE F 159 38.82 26.59 15.08
CA ILE F 159 40.08 26.02 15.64
C ILE F 159 40.65 25.01 14.66
N PHE F 160 39.82 24.10 14.18
CA PHE F 160 40.25 22.91 13.40
C PHE F 160 40.19 23.22 11.90
N PHE F 161 39.45 24.28 11.53
CA PHE F 161 39.36 24.72 10.12
C PHE F 161 39.78 26.18 10.02
N GLU F 162 39.66 26.73 8.82
CA GLU F 162 39.92 28.16 8.58
C GLU F 162 38.58 28.84 8.30
N SER F 163 38.14 29.68 9.24
CA SER F 163 36.86 30.42 9.13
C SER F 163 37.10 31.92 8.88
N PHE F 164 36.76 32.37 7.69
CA PHE F 164 36.62 33.81 7.37
C PHE F 164 35.12 34.03 7.36
N PRO F 165 34.54 34.65 8.39
CA PRO F 165 33.12 34.95 8.37
C PRO F 165 32.78 36.17 7.51
N TYR F 166 31.48 36.44 7.39
CA TYR F 166 30.91 37.66 6.74
C TYR F 166 29.83 38.19 7.68
N LYS F 167 29.44 39.46 7.53
CA LYS F 167 28.53 40.15 8.48
C LYS F 167 27.55 41.07 7.78
N VAL F 168 26.48 41.44 8.47
CA VAL F 168 25.36 42.26 7.93
C VAL F 168 25.89 43.67 7.69
N ASN F 169 25.35 44.40 6.71
CA ASN F 169 25.72 45.82 6.42
C ASN F 169 25.50 46.67 7.68
N PRO F 170 26.58 47.25 8.28
CA PRO F 170 26.46 48.01 9.53
C PRO F 170 25.43 49.14 9.57
N GLN F 171 25.14 49.79 8.45
CA GLN F 171 24.13 50.89 8.44
C GLN F 171 22.75 50.26 8.31
N THR F 172 22.53 49.43 7.29
CA THR F 172 21.20 48.92 6.89
C THR F 172 20.70 47.94 7.94
N GLY F 173 21.57 47.02 8.39
CA GLY F 173 21.18 45.86 9.20
C GLY F 173 20.68 44.70 8.35
N TYR F 174 20.64 44.86 7.01
CA TYR F 174 20.37 43.78 6.03
C TYR F 174 21.70 43.18 5.52
N ILE F 175 21.62 42.01 4.91
CA ILE F 175 22.81 41.33 4.33
C ILE F 175 23.11 41.98 2.99
N ASP F 176 24.36 42.35 2.78
CA ASP F 176 24.88 42.92 1.51
C ASP F 176 25.41 41.76 0.68
N TYR F 177 24.63 41.29 -0.30
CA TYR F 177 24.92 40.07 -1.10
C TYR F 177 26.08 40.39 -2.06
N ASP F 178 26.19 41.64 -2.50
CA ASP F 178 27.27 42.09 -3.42
C ASP F 178 28.61 41.92 -2.70
N LYS F 179 28.74 42.48 -1.49
CA LYS F 179 30.02 42.41 -0.75
C LYS F 179 30.32 40.95 -0.43
N LEU F 180 29.27 40.18 -0.11
CA LEU F 180 29.39 38.72 0.15
C LEU F 180 30.04 38.07 -1.07
N GLU F 181 29.49 38.31 -2.26
CA GLU F 181 30.00 37.72 -3.53
C GLU F 181 31.48 38.07 -3.68
N ASP F 182 31.82 39.35 -3.44
CA ASP F 182 33.22 39.83 -3.55
C ASP F 182 34.05 38.93 -2.62
N LYS F 183 33.67 38.92 -1.34
CA LYS F 183 34.42 38.21 -0.26
C LYS F 183 34.54 36.72 -0.57
N ALA F 184 33.48 36.10 -1.06
CA ALA F 184 33.48 34.64 -1.32
C ALA F 184 34.46 34.29 -2.45
N LEU F 185 34.47 35.11 -3.50
CA LEU F 185 35.29 34.89 -4.73
C LEU F 185 36.76 35.04 -4.37
N ASP F 186 37.03 35.93 -3.42
CA ASP F 186 38.40 36.23 -2.91
C ASP F 186 38.92 35.03 -2.14
N TYR F 187 38.14 34.53 -1.19
CA TYR F 187 38.57 33.54 -0.16
C TYR F 187 38.41 32.10 -0.68
N ARG F 188 37.53 31.90 -1.67
CA ARG F 188 37.20 30.59 -2.30
C ARG F 188 37.11 29.49 -1.26
N PRO F 189 36.10 29.55 -0.37
CA PRO F 189 35.94 28.58 0.70
C PRO F 189 35.36 27.29 0.13
N LYS F 190 35.71 26.15 0.73
CA LYS F 190 35.23 24.81 0.29
C LYS F 190 33.75 24.67 0.65
N ILE F 191 33.32 25.32 1.73
CA ILE F 191 31.89 25.34 2.17
C ILE F 191 31.47 26.77 2.49
N LEU F 192 30.35 27.17 1.92
CA LEU F 192 29.69 28.47 2.21
C LEU F 192 28.40 28.19 2.95
N ILE F 193 28.23 28.87 4.09
CA ILE F 193 27.14 28.63 5.06
C ILE F 193 26.25 29.86 5.18
N CYS F 194 24.99 29.72 4.88
CA CYS F 194 23.96 30.77 5.14
C CYS F 194 23.20 30.36 6.38
N GLY F 195 22.23 31.18 6.80
CA GLY F 195 21.61 31.09 8.13
C GLY F 195 22.67 31.26 9.22
N GLY F 196 22.48 30.60 10.36
CA GLY F 196 23.43 30.64 11.47
C GLY F 196 22.94 31.59 12.53
N SER F 197 23.23 32.89 12.40
CA SER F 197 22.84 33.89 13.43
C SER F 197 21.36 34.20 13.31
N SER F 198 20.86 34.88 14.35
CA SER F 198 19.50 35.44 14.51
C SER F 198 19.39 36.69 13.63
N TYR F 199 18.80 36.54 12.45
CA TYR F 199 18.59 37.57 11.42
C TYR F 199 17.07 37.76 11.34
N PRO F 200 16.57 39.01 11.48
CA PRO F 200 15.12 39.26 11.44
C PRO F 200 14.45 39.37 10.07
N ARG F 201 15.17 39.06 8.99
CA ARG F 201 14.60 39.16 7.62
C ARG F 201 14.90 37.88 6.81
N ASP F 202 14.07 37.63 5.82
CA ASP F 202 14.21 36.45 4.94
C ASP F 202 15.59 36.46 4.27
N TRP F 203 16.08 35.27 3.89
CA TRP F 203 17.34 35.07 3.11
C TRP F 203 17.01 34.99 1.62
N ASP F 204 17.89 35.48 0.77
CA ASP F 204 17.83 35.21 -0.69
C ASP F 204 18.70 34.00 -0.99
N PHE F 205 18.16 32.80 -0.75
CA PHE F 205 18.94 31.54 -0.85
C PHE F 205 19.39 31.37 -2.30
N ALA F 206 18.49 31.67 -3.24
CA ALA F 206 18.77 31.66 -4.69
C ALA F 206 20.09 32.39 -4.96
N ARG F 207 20.23 33.58 -4.38
CA ARG F 207 21.39 34.47 -4.64
C ARG F 207 22.66 33.81 -4.09
N VAL F 208 22.57 33.28 -2.88
CA VAL F 208 23.73 32.70 -2.16
C VAL F 208 24.20 31.47 -2.94
N ARG F 209 23.27 30.77 -3.58
CA ARG F 209 23.55 29.59 -4.46
C ARG F 209 24.47 30.03 -5.60
N GLN F 210 24.00 31.01 -6.40
CA GLN F 210 24.73 31.60 -7.53
C GLN F 210 26.17 31.85 -7.07
N ILE F 211 26.31 32.44 -5.89
CA ILE F 211 27.62 32.82 -5.27
C ILE F 211 28.43 31.54 -4.99
N ALA F 212 27.82 30.60 -4.30
CA ALA F 212 28.43 29.29 -4.00
C ALA F 212 28.97 28.67 -5.29
N ASP F 213 28.13 28.67 -6.33
CA ASP F 213 28.45 28.11 -7.67
C ASP F 213 29.67 28.84 -8.24
N LYS F 214 29.72 30.17 -8.19
CA LYS F 214 30.86 30.94 -8.76
C LYS F 214 32.19 30.64 -8.08
N CYS F 215 32.24 30.50 -6.75
CA CYS F 215 33.52 30.26 -6.01
C CYS F 215 33.72 28.77 -5.70
N GLY F 216 32.98 27.92 -6.40
CA GLY F 216 33.07 26.45 -6.34
C GLY F 216 32.98 25.94 -4.92
N ALA F 217 32.04 26.46 -4.15
CA ALA F 217 31.84 26.07 -2.75
C ALA F 217 30.56 25.25 -2.64
N VAL F 218 30.55 24.29 -1.70
CA VAL F 218 29.35 23.51 -1.30
C VAL F 218 28.47 24.43 -0.46
N LEU F 219 27.21 24.63 -0.88
CA LEU F 219 26.28 25.48 -0.11
C LEU F 219 25.61 24.68 1.01
N MET F 220 25.77 25.15 2.24
CA MET F 220 25.11 24.59 3.44
C MET F 220 24.22 25.68 4.04
N CYS F 221 23.06 25.31 4.57
CA CYS F 221 22.21 26.23 5.37
C CYS F 221 22.06 25.72 6.82
N ASP F 222 22.41 26.53 7.81
CA ASP F 222 22.06 26.27 9.22
C ASP F 222 20.70 26.94 9.45
N MET F 223 19.62 26.15 9.48
CA MET F 223 18.24 26.66 9.55
C MET F 223 17.72 26.64 11.00
N ALA F 224 18.64 26.64 11.99
CA ALA F 224 18.33 26.53 13.43
C ALA F 224 17.19 27.48 13.79
N HIS F 225 17.31 28.74 13.36
CA HIS F 225 16.41 29.82 13.83
C HIS F 225 15.06 29.75 13.10
N ILE F 226 15.02 29.16 11.92
CA ILE F 226 13.85 29.28 11.00
C ILE F 226 13.24 27.91 10.71
N SER F 227 13.73 26.87 11.39
CA SER F 227 13.30 25.47 11.18
C SER F 227 11.77 25.49 11.07
N GLY F 228 11.11 26.18 12.00
CA GLY F 228 9.64 26.25 12.06
C GLY F 228 9.08 26.80 10.77
N LEU F 229 9.55 27.98 10.41
CA LEU F 229 9.00 28.74 9.24
C LEU F 229 9.19 27.89 8.00
N VAL F 230 10.35 27.26 7.87
CA VAL F 230 10.71 26.53 6.62
C VAL F 230 9.67 25.43 6.42
N ALA F 231 9.51 24.55 7.38
CA ALA F 231 8.61 23.39 7.24
C ALA F 231 7.21 23.81 6.76
N THR F 232 6.74 24.97 7.22
CA THR F 232 5.35 25.47 7.03
C THR F 232 5.25 26.34 5.79
N LYS F 233 6.38 26.51 5.10
CA LYS F 233 6.51 27.34 3.89
C LYS F 233 6.09 28.76 4.26
N GLU F 234 6.57 29.26 5.40
CA GLU F 234 6.28 30.62 5.92
C GLU F 234 7.58 31.44 5.88
N CYS F 235 8.55 30.98 5.09
CA CYS F 235 9.76 31.75 4.69
C CYS F 235 10.45 31.03 3.53
N SER F 236 11.44 31.67 2.92
CA SER F 236 12.24 31.10 1.81
C SER F 236 12.67 29.67 2.16
N ASN F 237 12.62 28.76 1.18
CA ASN F 237 12.96 27.34 1.36
C ASN F 237 14.40 27.08 0.95
N PRO F 238 15.34 26.88 1.90
CA PRO F 238 16.74 26.62 1.54
C PRO F 238 16.94 25.29 0.81
N PHE F 239 16.03 24.33 1.02
CA PHE F 239 16.11 22.98 0.40
C PHE F 239 16.00 23.11 -1.12
N ASP F 240 15.52 24.25 -1.60
CA ASP F 240 15.39 24.54 -3.05
C ASP F 240 16.75 24.92 -3.66
N HIS F 241 17.80 25.10 -2.86
CA HIS F 241 19.08 25.71 -3.33
C HIS F 241 20.31 25.10 -2.68
N CYS F 242 20.22 24.63 -1.44
CA CYS F 242 21.39 24.15 -0.67
C CYS F 242 21.56 22.64 -0.90
N ASP F 243 22.80 22.19 -0.83
CA ASP F 243 23.18 20.75 -0.93
C ASP F 243 23.04 20.10 0.45
N ILE F 244 23.13 20.90 1.53
CA ILE F 244 23.12 20.43 2.95
C ILE F 244 22.33 21.39 3.81
N VAL F 245 21.46 20.89 4.68
CA VAL F 245 20.74 21.71 5.68
C VAL F 245 20.86 21.05 7.07
N THR F 246 21.47 21.76 7.99
CA THR F 246 21.54 21.36 9.40
C THR F 246 20.51 22.16 10.17
N SER F 247 20.18 21.71 11.36
CA SER F 247 19.23 22.40 12.24
C SER F 247 19.26 21.87 13.68
N THR F 248 18.57 22.63 14.49
CA THR F 248 18.35 22.40 15.92
C THR F 248 16.94 21.83 16.03
N THR F 249 16.79 20.72 16.74
CA THR F 249 15.53 19.96 16.84
C THR F 249 14.56 20.56 17.87
N HIS F 250 14.89 21.66 18.56
CA HIS F 250 14.19 21.99 19.83
C HIS F 250 13.66 23.42 19.90
N LYS F 251 13.77 24.19 18.82
CA LYS F 251 13.55 25.64 18.90
C LYS F 251 12.17 25.88 18.29
N GLY F 252 12.11 26.16 16.98
CA GLY F 252 10.85 26.21 16.21
C GLY F 252 10.05 24.94 16.37
N LEU F 253 10.70 23.78 16.27
CA LEU F 253 10.04 22.45 16.14
C LEU F 253 9.48 21.97 17.49
N ARG F 254 9.88 22.59 18.60
CA ARG F 254 9.39 22.23 19.95
C ARG F 254 9.68 20.75 20.19
N GLY F 255 10.78 20.28 19.65
CA GLY F 255 11.23 18.91 19.91
C GLY F 255 12.23 18.90 21.05
N PRO F 256 12.94 17.77 21.24
CA PRO F 256 13.97 17.64 22.27
C PRO F 256 15.27 18.33 21.83
N ARG F 257 16.19 18.60 22.74
CA ARG F 257 17.45 19.30 22.39
C ARG F 257 18.33 18.37 21.56
N GLY F 258 18.80 18.86 20.43
CA GLY F 258 19.74 18.12 19.59
C GLY F 258 19.80 18.72 18.22
N GLY F 259 20.50 18.05 17.33
CA GLY F 259 20.73 18.54 15.98
C GLY F 259 20.43 17.45 14.99
N ILE F 260 20.47 17.82 13.70
CA ILE F 260 19.99 16.98 12.57
C ILE F 260 20.63 17.54 11.30
N ILE F 261 20.98 16.65 10.36
CA ILE F 261 21.65 16.99 9.08
C ILE F 261 20.84 16.43 7.92
N PHE F 262 20.49 17.29 6.97
CA PHE F 262 19.89 16.90 5.68
C PHE F 262 21.00 17.02 4.65
N TYR F 263 21.08 16.07 3.72
CA TYR F 263 22.06 16.07 2.62
C TYR F 263 21.39 15.52 1.37
N ARG F 264 21.85 15.95 0.19
CA ARG F 264 21.31 15.47 -1.08
C ARG F 264 21.89 14.09 -1.39
N ARG F 265 21.12 13.32 -2.15
CA ARG F 265 21.34 11.89 -2.46
C ARG F 265 21.15 11.70 -3.96
N GLY F 266 21.74 10.65 -4.51
CA GLY F 266 21.52 10.21 -5.90
C GLY F 266 22.10 11.21 -6.91
N PRO F 267 21.61 11.19 -8.17
CA PRO F 267 22.23 11.97 -9.24
C PRO F 267 22.21 13.49 -9.09
N LYS F 268 23.24 14.16 -9.62
CA LYS F 268 23.26 15.63 -9.82
C LYS F 268 22.62 15.96 -11.18
N THR F 283 29.04 12.44 -11.18
CA THR F 283 27.79 11.72 -11.59
C THR F 283 26.76 11.83 -10.45
N HIS F 284 27.11 11.42 -9.23
CA HIS F 284 26.19 11.38 -8.06
C HIS F 284 26.75 12.25 -6.94
N TYR F 285 25.92 12.52 -5.93
CA TYR F 285 26.29 13.27 -4.71
C TYR F 285 27.19 12.39 -3.85
N ASP F 286 28.17 12.98 -3.15
CA ASP F 286 29.15 12.23 -2.35
C ASP F 286 29.00 12.52 -0.85
N LEU F 287 27.80 12.77 -0.37
CA LEU F 287 27.65 13.45 0.94
C LEU F 287 27.29 12.44 2.03
N GLU F 288 26.39 11.54 1.70
CA GLU F 288 25.74 10.64 2.66
C GLU F 288 26.81 9.84 3.38
N GLU F 289 27.69 9.16 2.66
CA GLU F 289 28.61 8.19 3.30
C GLU F 289 29.54 9.00 4.19
N LYS F 290 30.01 10.14 3.69
CA LYS F 290 31.04 10.98 4.36
C LYS F 290 30.51 11.62 5.63
N ILE F 291 29.29 12.12 5.57
CA ILE F 291 28.60 12.73 6.73
C ILE F 291 28.31 11.65 7.75
N ASN F 292 27.56 10.62 7.35
CA ASN F 292 27.15 9.56 8.29
C ASN F 292 28.37 9.06 9.04
N PHE F 293 29.52 8.97 8.37
CA PHE F 293 30.75 8.39 8.95
C PHE F 293 31.32 9.37 9.95
N ALA F 294 31.24 10.66 9.62
CA ALA F 294 31.79 11.74 10.48
C ALA F 294 31.04 11.74 11.79
N VAL F 295 29.71 11.63 11.72
CA VAL F 295 28.84 11.58 12.92
C VAL F 295 29.25 10.36 13.72
N PHE F 296 29.22 9.20 13.09
CA PHE F 296 29.65 7.96 13.73
C PHE F 296 30.35 7.11 12.69
N PRO F 297 31.54 6.60 12.99
CA PRO F 297 32.11 6.64 14.34
C PRO F 297 33.09 7.77 14.67
N SER F 298 33.26 8.74 13.79
CA SER F 298 34.34 9.73 14.01
C SER F 298 34.02 10.54 15.29
N LEU F 299 32.93 11.28 15.28
CA LEU F 299 32.71 12.35 16.28
C LEU F 299 31.92 11.89 17.49
N GLN F 300 30.90 11.06 17.30
CA GLN F 300 30.00 10.65 18.42
C GLN F 300 30.19 9.17 18.76
N GLY F 301 29.51 8.78 19.82
CA GLY F 301 29.18 7.38 20.04
C GLY F 301 27.71 7.12 19.69
N GLY F 302 27.08 6.30 20.51
CA GLY F 302 25.65 5.97 20.33
C GLY F 302 24.79 7.23 20.28
N PRO F 303 23.63 7.15 19.58
CA PRO F 303 22.69 8.23 19.60
C PRO F 303 21.83 8.09 20.87
N HIS F 304 21.16 9.20 21.20
CA HIS F 304 20.13 9.26 22.25
C HIS F 304 18.82 8.74 21.65
N ASN F 305 18.58 7.42 21.81
CA ASN F 305 17.36 6.72 21.32
C ASN F 305 16.11 7.44 21.83
N ASN F 306 16.14 7.92 23.06
CA ASN F 306 14.99 8.60 23.69
C ASN F 306 14.79 9.92 22.97
N HIS F 307 15.84 10.67 22.68
CA HIS F 307 15.71 11.97 21.97
C HIS F 307 15.14 11.73 20.57
N ILE F 308 15.51 10.62 19.94
CA ILE F 308 15.06 10.38 18.55
C ILE F 308 13.57 10.10 18.56
N ALA F 309 13.10 9.24 19.45
CA ALA F 309 11.64 8.98 19.62
C ALA F 309 10.95 10.31 19.89
N ALA F 310 11.46 11.09 20.82
CA ALA F 310 10.88 12.39 21.11
C ALA F 310 10.83 13.19 19.82
N LEU F 311 11.85 13.07 18.98
CA LEU F 311 11.95 13.94 17.78
C LEU F 311 10.88 13.51 16.79
N ALA F 312 10.74 12.20 16.60
CA ALA F 312 9.74 11.59 15.70
C ALA F 312 8.35 12.12 16.04
N ILE F 313 8.05 12.25 17.32
CA ILE F 313 6.73 12.74 17.74
C ILE F 313 6.61 14.19 17.30
N ALA F 314 7.61 15.00 17.59
CA ALA F 314 7.61 16.45 17.31
C ALA F 314 7.39 16.68 15.81
N LEU F 315 8.02 15.85 14.98
CA LEU F 315 8.03 16.01 13.51
C LEU F 315 6.65 15.66 12.96
N LYS F 316 6.05 14.57 13.43
CA LYS F 316 4.66 14.24 13.06
C LYS F 316 3.78 15.49 13.26
N GLN F 317 4.00 16.24 14.34
CA GLN F 317 3.14 17.37 14.76
C GLN F 317 3.47 18.60 13.92
N VAL F 318 4.66 18.63 13.33
CA VAL F 318 5.03 19.79 12.49
C VAL F 318 4.19 19.74 11.21
N ALA F 319 3.89 18.53 10.74
CA ALA F 319 3.26 18.27 9.42
C ALA F 319 1.76 18.56 9.47
N THR F 320 1.26 19.22 10.50
CA THR F 320 -0.20 19.37 10.72
C THR F 320 -0.65 20.80 10.45
N PRO F 321 -1.95 21.03 10.17
CA PRO F 321 -2.48 22.38 10.05
C PRO F 321 -2.36 23.18 11.35
N GLU F 322 -2.49 22.48 12.48
CA GLU F 322 -2.41 23.09 13.83
C GLU F 322 -1.05 23.79 13.95
N TYR F 323 0.01 23.12 13.49
CA TYR F 323 1.40 23.62 13.54
C TYR F 323 1.57 24.79 12.57
N LYS F 324 0.95 24.70 11.40
CA LYS F 324 0.98 25.80 10.39
C LYS F 324 0.37 27.06 11.01
N ALA F 325 -0.79 26.89 11.65
CA ALA F 325 -1.56 27.97 12.33
C ALA F 325 -0.74 28.54 13.49
N TYR F 326 0.00 27.67 14.19
CA TYR F 326 0.95 28.08 15.26
C TYR F 326 1.90 29.12 14.66
N ILE F 327 2.68 28.70 13.68
CA ILE F 327 3.71 29.57 13.02
C ILE F 327 3.05 30.87 12.57
N GLN F 328 1.90 30.76 11.89
CA GLN F 328 1.17 31.95 11.38
C GLN F 328 0.91 32.89 12.56
N GLN F 329 0.40 32.38 13.68
CA GLN F 329 0.14 33.21 14.87
C GLN F 329 1.46 33.82 15.36
N MET F 330 2.50 33.00 15.41
CA MET F 330 3.83 33.42 15.87
C MET F 330 4.29 34.66 15.12
N LYS F 331 4.07 34.72 13.80
CA LYS F 331 4.50 35.85 12.94
C LYS F 331 3.58 37.08 13.16
N LYS F 332 2.26 36.87 13.17
CA LYS F 332 1.27 37.94 13.43
C LYS F 332 1.68 38.59 14.75
N ASN F 333 2.04 37.77 15.74
CA ASN F 333 2.42 38.23 17.11
C ASN F 333 3.71 39.03 17.03
N ALA F 334 4.60 38.70 16.11
CA ALA F 334 5.87 39.43 15.91
C ALA F 334 5.57 40.82 15.31
N GLN F 335 4.66 40.88 14.33
CA GLN F 335 4.24 42.15 13.68
C GLN F 335 3.50 43.05 14.68
N ALA F 336 2.63 42.43 15.47
CA ALA F 336 1.92 43.08 16.59
C ALA F 336 2.94 43.76 17.50
N LEU F 337 3.98 43.03 17.89
CA LEU F 337 4.97 43.49 18.89
C LEU F 337 5.79 44.62 18.29
N ALA F 338 6.28 44.43 17.07
CA ALA F 338 7.04 45.44 16.31
C ALA F 338 6.21 46.74 16.25
N ALA F 339 4.98 46.63 15.73
CA ALA F 339 4.04 47.75 15.58
C ALA F 339 3.89 48.48 16.91
N ALA F 340 3.74 47.72 17.99
CA ALA F 340 3.59 48.27 19.34
C ALA F 340 4.83 49.12 19.64
N LEU F 341 6.04 48.58 19.46
CA LEU F 341 7.30 49.21 19.92
C LEU F 341 7.68 50.38 19.04
N LEU F 342 7.30 50.37 17.75
CA LEU F 342 7.56 51.51 16.83
C LEU F 342 6.73 52.71 17.30
N ARG F 343 5.43 52.49 17.59
CA ARG F 343 4.57 53.54 18.18
C ARG F 343 5.24 54.13 19.44
N ARG F 344 5.97 53.31 20.20
CA ARG F 344 6.57 53.69 21.52
C ARG F 344 7.98 54.28 21.34
N LYS F 345 8.29 54.75 20.12
CA LYS F 345 9.53 55.50 19.77
C LYS F 345 10.75 54.56 19.70
N CYS F 346 10.56 53.24 19.72
CA CYS F 346 11.69 52.28 19.77
C CYS F 346 12.41 52.20 18.42
N ARG F 347 13.68 51.79 18.44
CA ARG F 347 14.48 51.58 17.20
C ARG F 347 14.78 50.08 17.01
N LEU F 348 14.19 49.50 15.96
CA LEU F 348 14.37 48.08 15.55
C LEU F 348 15.32 48.02 14.37
N VAL F 349 16.29 47.12 14.42
CA VAL F 349 17.22 46.91 13.27
C VAL F 349 16.41 46.46 12.07
N THR F 350 16.59 47.15 10.94
CA THR F 350 15.80 47.03 9.67
C THR F 350 14.39 47.62 9.81
N GLY F 351 14.00 48.11 11.00
CA GLY F 351 12.70 48.75 11.25
C GLY F 351 11.55 47.77 11.39
N GLY F 352 11.84 46.48 11.55
CA GLY F 352 10.83 45.41 11.69
C GLY F 352 11.43 44.01 11.54
N THR F 353 10.65 43.09 10.98
CA THR F 353 10.98 41.64 10.86
C THR F 353 10.02 40.99 9.86
N ASP F 354 10.54 40.01 9.13
CA ASP F 354 9.75 39.13 8.21
C ASP F 354 9.36 37.86 8.95
N ASN F 355 9.90 37.67 10.15
CA ASN F 355 9.84 36.38 10.89
C ASN F 355 9.37 36.67 12.33
N HIS F 356 9.96 35.96 13.30
CA HIS F 356 9.42 35.74 14.66
C HIS F 356 10.24 36.50 15.69
N LEU F 357 11.32 37.15 15.24
CA LEU F 357 12.27 37.79 16.18
C LEU F 357 12.60 39.21 15.75
N LEU F 358 13.05 39.99 16.75
CA LEU F 358 13.23 41.46 16.75
C LEU F 358 14.59 41.79 17.36
N LEU F 359 15.36 42.61 16.68
CA LEU F 359 16.56 43.25 17.28
C LEU F 359 16.18 44.69 17.64
N TRP F 360 16.29 45.02 18.93
CA TRP F 360 15.88 46.31 19.55
C TRP F 360 17.15 47.05 19.98
N ASP F 361 17.39 48.21 19.37
CA ASP F 361 18.54 49.11 19.69
C ASP F 361 18.12 50.06 20.81
N LEU F 362 18.72 49.88 22.00
CA LEU F 362 18.38 50.64 23.23
C LEU F 362 19.24 51.88 23.37
N THR F 363 20.29 52.04 22.57
CA THR F 363 21.28 53.16 22.74
C THR F 363 20.55 54.51 22.62
N PRO F 364 19.52 54.69 21.74
CA PRO F 364 18.72 55.92 21.76
C PRO F 364 18.00 56.22 23.07
N MET F 365 17.87 55.24 23.97
CA MET F 365 17.35 55.42 25.34
C MET F 365 18.52 55.39 26.33
N GLY F 366 19.75 55.38 25.81
CA GLY F 366 20.99 55.51 26.60
C GLY F 366 21.21 54.33 27.51
N LEU F 367 20.71 53.15 27.13
CA LEU F 367 20.82 51.89 27.91
C LEU F 367 21.77 50.94 27.19
N THR F 368 22.45 50.07 27.93
CA THR F 368 23.15 48.86 27.42
C THR F 368 22.24 47.64 27.60
N GLY F 369 22.31 46.69 26.67
CA GLY F 369 21.63 45.39 26.82
C GLY F 369 22.00 44.77 28.16
N LYS F 370 23.30 44.71 28.44
CA LYS F 370 23.90 44.06 29.63
C LYS F 370 23.07 44.36 30.88
N VAL F 371 22.61 45.59 31.05
CA VAL F 371 21.90 45.98 32.31
C VAL F 371 20.41 45.73 32.14
N TYR F 372 19.82 46.12 31.01
CA TYR F 372 18.35 45.96 30.78
C TYR F 372 17.97 44.50 31.01
N GLU F 373 18.74 43.62 30.36
CA GLU F 373 18.69 42.13 30.46
C GLU F 373 18.49 41.73 31.92
N LYS F 374 19.32 42.28 32.82
CA LYS F 374 19.43 41.86 34.23
C LYS F 374 18.22 42.39 34.99
N VAL F 375 17.72 43.57 34.61
CA VAL F 375 16.52 44.18 35.25
C VAL F 375 15.31 43.32 34.87
N CYS F 376 15.15 43.05 33.56
CA CYS F 376 14.05 42.24 32.99
C CYS F 376 14.02 40.89 33.72
N GLU F 377 15.20 40.32 34.02
CA GLU F 377 15.33 39.09 34.84
C GLU F 377 14.58 39.28 36.15
N MET F 378 14.88 40.35 36.86
CA MET F 378 14.31 40.62 38.20
C MET F 378 12.80 40.71 38.11
N CYS F 379 12.27 41.10 36.96
CA CYS F 379 10.82 41.28 36.73
C CYS F 379 10.21 40.06 36.04
N HIS F 380 10.87 38.90 36.09
CA HIS F 380 10.39 37.62 35.51
C HIS F 380 10.21 37.73 33.98
N ILE F 381 10.98 38.61 33.33
CA ILE F 381 11.05 38.70 31.85
C ILE F 381 12.43 38.24 31.38
N THR F 382 12.48 37.12 30.69
CA THR F 382 13.76 36.62 30.17
C THR F 382 13.85 37.05 28.71
N LEU F 383 14.88 37.82 28.43
CA LEU F 383 15.38 38.14 27.07
C LEU F 383 16.91 38.11 27.11
N ASN F 384 17.54 38.53 26.02
CA ASN F 384 19.00 38.45 25.89
C ASN F 384 19.53 39.71 25.20
N LYS F 385 20.63 40.22 25.74
CA LYS F 385 21.47 41.24 25.07
C LYS F 385 22.05 40.60 23.81
N THR F 386 22.32 41.44 22.81
CA THR F 386 22.92 40.99 21.55
C THR F 386 23.89 42.08 21.05
N ALA F 387 24.93 41.65 20.37
CA ALA F 387 25.87 42.49 19.59
C ALA F 387 25.12 43.18 18.44
N ILE F 388 25.42 44.45 18.14
CA ILE F 388 24.72 45.24 17.08
C ILE F 388 25.68 46.21 16.36
N ASP F 391 24.23 55.61 14.25
CA ASP F 391 25.52 56.10 14.80
C ASP F 391 26.68 55.35 14.11
N ASN F 392 27.92 55.81 14.35
CA ASN F 392 29.16 55.29 13.70
C ASN F 392 29.15 53.76 13.77
N GLY F 393 29.46 53.09 12.65
CA GLY F 393 29.42 51.62 12.53
C GLY F 393 30.51 50.93 13.36
N THR F 394 30.12 50.38 14.53
CA THR F 394 31.02 49.80 15.57
C THR F 394 30.30 48.65 16.29
N ILE F 395 30.93 48.07 17.32
CA ILE F 395 30.26 47.12 18.27
C ILE F 395 29.68 47.93 19.45
N SER F 396 28.41 48.40 19.39
CA SER F 396 27.69 48.91 20.60
C SER F 396 27.09 47.72 21.36
N PRO F 397 27.05 47.74 22.72
CA PRO F 397 26.55 46.61 23.50
C PRO F 397 25.05 46.72 23.79
N GLY F 398 24.33 47.55 23.02
CA GLY F 398 23.02 48.16 23.36
C GLY F 398 21.85 47.49 22.65
N GLY F 399 22.10 46.34 22.03
CA GLY F 399 21.03 45.51 21.43
C GLY F 399 20.43 44.55 22.45
N VAL F 400 19.17 44.15 22.23
CA VAL F 400 18.57 42.93 22.85
C VAL F 400 17.78 42.19 21.77
N ARG F 401 17.69 40.87 21.93
CA ARG F 401 16.93 40.00 21.00
C ARG F 401 15.67 39.51 21.71
N ILE F 402 14.56 39.57 20.98
CA ILE F 402 13.21 39.18 21.44
C ILE F 402 12.60 38.24 20.39
N GLY F 403 11.85 37.21 20.81
CA GLY F 403 11.06 36.39 19.87
C GLY F 403 9.73 35.94 20.47
N THR F 404 8.76 35.64 19.59
CA THR F 404 7.37 35.29 19.97
C THR F 404 7.23 33.81 20.36
N PRO F 405 8.02 32.85 19.81
CA PRO F 405 7.62 31.44 19.79
C PRO F 405 7.08 30.96 21.14
N ALA F 406 7.86 31.21 22.19
CA ALA F 406 7.59 30.65 23.53
C ALA F 406 6.15 30.98 23.92
N MET F 407 5.83 32.28 24.01
CA MET F 407 4.54 32.74 24.56
C MET F 407 3.44 32.42 23.54
N THR F 408 3.76 32.43 22.26
CA THR F 408 2.79 32.06 21.21
C THR F 408 2.30 30.66 21.52
N THR F 409 3.23 29.77 21.93
CA THR F 409 2.97 28.36 22.34
C THR F 409 2.01 28.30 23.53
N ARG F 410 2.17 29.21 24.48
CA ARG F 410 1.30 29.29 25.69
C ARG F 410 -0.10 29.87 25.37
N GLY F 411 -0.32 30.33 24.14
CA GLY F 411 -1.67 30.73 23.66
C GLY F 411 -1.85 32.23 23.69
N CYS F 412 -0.75 32.98 23.77
CA CYS F 412 -0.74 34.45 23.57
C CYS F 412 -1.08 34.75 22.12
N ILE F 413 -1.71 35.89 21.92
CA ILE F 413 -2.21 36.40 20.61
C ILE F 413 -1.70 37.86 20.51
N GLU F 414 -2.12 38.59 19.48
CA GLU F 414 -1.59 39.94 19.09
C GLU F 414 -1.72 40.92 20.27
N SER F 415 -2.92 41.03 20.85
CA SER F 415 -3.22 41.98 21.96
C SER F 415 -2.40 41.64 23.20
N ASP F 416 -2.09 40.37 23.43
CA ASP F 416 -1.25 39.97 24.59
C ASP F 416 0.16 40.50 24.38
N PHE F 417 0.66 40.52 23.14
CA PHE F 417 2.00 41.05 22.81
C PHE F 417 2.01 42.56 23.00
N GLU F 418 0.93 43.26 22.66
CA GLU F 418 0.80 44.70 22.95
C GLU F 418 1.02 44.91 24.45
N THR F 419 0.34 44.13 25.31
CA THR F 419 0.48 44.22 26.79
C THR F 419 1.97 44.13 27.11
N MET F 420 2.59 43.04 26.65
CA MET F 420 4.00 42.67 26.94
C MET F 420 4.88 43.86 26.56
N ALA F 421 4.60 44.50 25.43
CA ALA F 421 5.31 45.72 25.00
C ALA F 421 5.35 46.69 26.19
N ASP F 422 4.17 47.01 26.76
CA ASP F 422 4.04 47.97 27.90
C ASP F 422 5.05 47.61 28.99
N PHE F 423 5.22 46.31 29.26
CA PHE F 423 6.07 45.78 30.35
C PHE F 423 7.52 46.05 29.99
N LEU F 424 7.84 45.91 28.71
CA LEU F 424 9.22 46.10 28.21
C LEU F 424 9.61 47.56 28.36
N ILE F 425 8.67 48.47 28.12
CA ILE F 425 8.92 49.94 28.22
C ILE F 425 9.05 50.28 29.71
N LYS F 426 8.07 49.92 30.54
CA LYS F 426 8.13 50.23 32.00
C LYS F 426 9.48 49.79 32.56
N ALA F 427 9.95 48.58 32.18
CA ALA F 427 11.27 48.01 32.56
C ALA F 427 12.37 49.01 32.18
N ALA F 428 12.31 49.55 30.96
CA ALA F 428 13.29 50.50 30.38
C ALA F 428 13.27 51.78 31.22
N GLN F 429 12.08 52.36 31.41
CA GLN F 429 11.89 53.61 32.20
C GLN F 429 12.57 53.42 33.56
N ILE F 430 12.38 52.26 34.18
CA ILE F 430 12.95 51.93 35.51
C ILE F 430 14.48 51.88 35.43
N THR F 431 15.00 51.30 34.36
CA THR F 431 16.46 51.13 34.15
C THR F 431 17.11 52.51 34.06
N SER F 432 16.56 53.41 33.23
CA SER F 432 17.03 54.82 33.08
C SER F 432 17.02 55.48 34.45
N ALA F 433 15.88 55.40 35.14
CA ALA F 433 15.61 56.01 36.47
C ALA F 433 16.67 55.56 37.49
N LEU F 434 17.09 54.29 37.43
CA LEU F 434 18.02 53.66 38.40
C LEU F 434 19.45 54.08 38.06
N GLN F 435 19.81 53.96 36.78
CA GLN F 435 21.17 54.26 36.30
C GLN F 435 21.42 55.78 36.33
N ARG F 436 20.36 56.61 36.43
CA ARG F 436 20.51 58.10 36.36
C ARG F 436 20.51 58.66 37.79
N GLU F 437 19.41 58.53 38.54
CA GLU F 437 19.16 59.33 39.77
C GLU F 437 20.18 59.00 40.87
N HIS F 438 20.59 57.74 41.08
CA HIS F 438 21.58 57.42 42.14
C HIS F 438 22.58 56.36 41.64
N GLY F 439 22.96 56.45 40.37
CA GLY F 439 23.71 55.41 39.64
C GLY F 439 25.20 55.39 39.94
N LYS F 440 25.62 55.76 41.16
CA LYS F 440 27.06 55.97 41.53
C LYS F 440 27.86 54.72 41.15
N SER F 441 27.50 53.56 41.70
CA SER F 441 28.28 52.28 41.56
C SER F 441 27.32 51.18 41.11
N HIS F 442 27.85 50.17 40.40
CA HIS F 442 27.03 49.01 39.96
C HIS F 442 26.67 48.19 41.19
N LYS F 443 27.66 47.80 42.00
CA LYS F 443 27.42 46.89 43.15
C LYS F 443 26.50 47.57 44.18
N GLU F 444 26.69 48.87 44.42
CA GLU F 444 25.81 49.64 45.34
C GLU F 444 24.41 49.70 44.73
N PHE F 445 24.28 49.75 43.40
CA PHE F 445 22.95 49.85 42.74
C PHE F 445 22.40 48.49 42.30
N VAL F 446 23.17 47.39 42.30
CA VAL F 446 22.53 46.04 42.18
C VAL F 446 21.90 45.68 43.53
N LYS F 447 22.28 46.39 44.61
CA LYS F 447 21.54 46.39 45.90
C LYS F 447 20.14 46.97 45.66
N SER F 448 20.07 48.16 45.05
CA SER F 448 18.83 48.92 44.69
C SER F 448 17.91 48.08 43.79
N LEU F 449 18.51 47.30 42.89
CA LEU F 449 17.85 46.32 41.98
C LEU F 449 17.02 45.32 42.80
N CYS F 450 17.64 44.66 43.79
CA CYS F 450 17.05 43.62 44.68
C CYS F 450 15.92 44.21 45.56
N THR F 451 15.96 45.50 45.88
CA THR F 451 15.13 46.15 46.95
C THR F 451 14.41 47.42 46.45
N ASN F 452 13.98 47.44 45.19
CA ASN F 452 13.29 48.60 44.55
C ASN F 452 11.79 48.30 44.51
N LYS F 453 10.96 49.31 44.71
CA LYS F 453 9.49 49.14 44.76
C LYS F 453 8.95 49.00 43.33
N ASP F 454 9.43 49.79 42.37
CA ASP F 454 8.92 49.82 40.97
C ASP F 454 9.16 48.48 40.26
N ILE F 455 10.29 47.81 40.54
CA ILE F 455 10.59 46.44 39.98
C ILE F 455 9.60 45.43 40.58
N ALA F 456 9.42 45.47 41.90
CA ALA F 456 8.53 44.56 42.66
C ALA F 456 7.10 44.75 42.16
N GLU F 457 6.71 46.00 41.83
CA GLU F 457 5.34 46.34 41.34
C GLU F 457 5.15 45.72 39.96
N LEU F 458 6.17 45.84 39.10
CA LEU F 458 6.13 45.31 37.71
C LEU F 458 6.23 43.80 37.76
N ARG F 459 7.11 43.26 38.62
CA ARG F 459 7.26 41.79 38.78
C ARG F 459 5.91 41.15 39.10
N ASN F 460 5.12 41.80 39.93
CA ASN F 460 3.78 41.26 40.26
C ASN F 460 2.91 41.32 39.01
N ARG F 461 2.88 42.48 38.35
CA ARG F 461 2.04 42.69 37.14
C ARG F 461 2.25 41.53 36.17
N VAL F 462 3.54 41.26 35.90
CA VAL F 462 4.02 40.22 34.95
C VAL F 462 3.55 38.84 35.42
N GLU F 463 3.79 38.49 36.68
CA GLU F 463 3.40 37.18 37.25
C GLU F 463 1.90 37.03 37.03
N ALA F 464 1.12 38.03 37.44
CA ALA F 464 -0.35 38.06 37.27
C ALA F 464 -0.66 37.77 35.79
N PHE F 465 -0.02 38.48 34.88
CA PHE F 465 -0.20 38.34 33.41
C PHE F 465 0.05 36.89 33.01
N ALA F 466 1.23 36.39 33.35
CA ALA F 466 1.76 35.05 33.00
C ALA F 466 0.71 34.00 33.37
N LEU F 467 0.22 34.03 34.60
CA LEU F 467 -0.61 32.92 35.15
C LEU F 467 -1.88 32.78 34.33
N GLN F 468 -2.17 33.73 33.44
CA GLN F 468 -3.42 33.73 32.62
C GLN F 468 -3.26 32.77 31.42
N TYR F 469 -2.04 32.30 31.19
CA TYR F 469 -1.77 31.43 30.01
C TYR F 469 -1.27 30.07 30.48
N GLU F 470 -1.68 29.01 29.79
CA GLU F 470 -1.33 27.63 30.22
C GLU F 470 0.17 27.35 30.06
N MET F 471 0.65 26.24 30.62
CA MET F 471 2.07 25.82 30.46
C MET F 471 2.06 24.34 30.09
N PRO F 472 2.32 23.97 28.81
CA PRO F 472 2.23 22.58 28.38
C PRO F 472 2.85 21.57 29.35
N ALA F 473 2.10 20.50 29.62
CA ALA F 473 2.50 19.37 30.49
C ALA F 473 2.60 19.88 31.92
N SER F 474 1.46 20.04 32.59
CA SER F 474 1.39 20.45 34.01
C SER F 474 0.36 19.54 34.67
N LEU F 475 -0.91 19.79 34.34
CA LEU F 475 -2.14 19.01 34.73
C LEU F 475 -2.67 19.52 36.08
N SER G 1 111.63 11.51 -1.49
CA SER G 1 111.87 12.12 -2.84
C SER G 1 111.02 11.40 -3.91
N ASN G 2 111.44 10.24 -4.41
CA ASN G 2 110.72 9.49 -5.48
C ASN G 2 109.47 8.79 -4.93
N ALA G 3 109.33 8.65 -3.59
CA ALA G 3 108.06 8.24 -2.93
C ALA G 3 107.36 9.45 -2.31
N LEU G 4 108.07 10.33 -1.57
CA LEU G 4 107.41 11.48 -0.89
C LEU G 4 107.14 12.61 -1.92
N GLU G 5 108.20 13.12 -2.55
CA GLU G 5 108.15 14.35 -3.40
C GLU G 5 107.32 14.08 -4.67
N SER G 6 107.25 12.83 -5.12
CA SER G 6 106.43 12.43 -6.30
C SER G 6 104.93 12.52 -5.96
N ARG G 7 104.55 12.09 -4.76
CA ARG G 7 103.17 12.17 -4.20
C ARG G 7 102.79 13.63 -3.96
N ARG G 8 103.71 14.40 -3.40
CA ARG G 8 103.51 15.84 -3.09
C ARG G 8 103.23 16.61 -4.39
N ALA G 9 103.84 16.17 -5.51
CA ALA G 9 103.70 16.77 -6.85
C ALA G 9 102.38 16.32 -7.49
N ALA G 10 101.93 15.09 -7.24
CA ALA G 10 100.65 14.53 -7.75
C ALA G 10 99.46 15.29 -7.17
N VAL G 11 99.57 15.76 -5.92
CA VAL G 11 98.57 16.62 -5.22
C VAL G 11 98.55 17.99 -5.89
N ARG G 12 99.72 18.65 -5.97
CA ARG G 12 99.87 20.02 -6.55
C ARG G 12 99.34 20.01 -8.00
N ALA G 13 99.64 18.95 -8.76
CA ALA G 13 99.26 18.75 -10.18
C ALA G 13 97.73 18.87 -10.31
N TRP G 14 97.00 18.16 -9.46
CA TRP G 14 95.51 18.13 -9.42
C TRP G 14 94.94 19.44 -8.88
N GLY G 15 95.51 19.94 -7.77
CA GLY G 15 94.96 21.02 -6.94
C GLY G 15 95.09 22.38 -7.59
N ASP G 16 96.11 22.57 -8.43
CA ASP G 16 96.53 23.88 -9.01
C ASP G 16 96.28 23.90 -10.50
N GLN G 17 95.74 22.82 -11.07
CA GLN G 17 95.38 22.73 -12.50
C GLN G 17 94.36 23.82 -12.81
N PRO G 18 94.62 24.72 -13.79
CA PRO G 18 93.62 25.71 -14.21
C PRO G 18 92.40 25.18 -14.96
N ILE G 19 91.32 25.93 -14.89
CA ILE G 19 89.98 25.44 -15.31
C ILE G 19 90.00 25.09 -16.80
N HIS G 20 90.82 25.80 -17.57
CA HIS G 20 90.82 25.71 -19.05
C HIS G 20 91.47 24.39 -19.42
N LEU G 21 92.33 23.86 -18.53
CA LEU G 21 92.92 22.51 -18.68
C LEU G 21 92.00 21.47 -18.04
N ALA G 22 91.57 21.71 -16.81
CA ALA G 22 90.88 20.74 -15.93
C ALA G 22 89.56 20.32 -16.54
N ASP G 23 88.98 21.20 -17.33
CA ASP G 23 87.65 20.96 -17.93
C ASP G 23 87.45 21.93 -19.08
N PRO G 24 87.97 21.58 -20.27
CA PRO G 24 87.84 22.45 -21.44
C PRO G 24 86.36 22.68 -21.81
N ASP G 25 85.55 21.62 -21.82
CA ASP G 25 84.12 21.67 -22.24
C ASP G 25 83.36 22.75 -21.44
N ILE G 26 83.52 22.75 -20.12
CA ILE G 26 82.90 23.76 -19.24
C ILE G 26 83.54 25.12 -19.55
N HIS G 27 84.86 25.20 -19.48
CA HIS G 27 85.60 26.46 -19.71
C HIS G 27 85.10 27.11 -21.00
N GLU G 28 84.91 26.33 -22.06
CA GLU G 28 84.43 26.89 -23.33
C GLU G 28 83.06 27.53 -23.10
N LEU G 29 82.16 26.84 -22.42
CA LEU G 29 80.79 27.36 -22.19
C LEU G 29 80.87 28.62 -21.32
N MET G 30 81.69 28.59 -20.29
CA MET G 30 81.85 29.76 -19.42
C MET G 30 82.30 30.94 -20.27
N GLU G 31 83.27 30.73 -21.17
CA GLU G 31 83.82 31.80 -22.04
C GLU G 31 82.72 32.28 -22.98
N LYS G 32 81.91 31.38 -23.54
CA LYS G 32 80.84 31.81 -24.46
C LYS G 32 79.86 32.71 -23.73
N GLU G 33 79.62 32.43 -22.45
CA GLU G 33 78.62 33.18 -21.63
C GLU G 33 79.20 34.57 -21.31
N LYS G 34 80.47 34.63 -20.88
CA LYS G 34 81.19 35.90 -20.62
C LYS G 34 81.07 36.80 -21.85
N GLN G 35 81.19 36.21 -23.03
CA GLN G 35 81.03 36.97 -24.28
C GLN G 35 79.58 37.43 -24.39
N ARG G 36 78.63 36.53 -24.26
CA ARG G 36 77.19 36.87 -24.40
C ARG G 36 76.93 38.13 -23.56
N GLN G 37 77.43 38.11 -22.32
CA GLN G 37 77.20 39.16 -21.29
C GLN G 37 77.73 40.50 -21.83
N VAL G 38 78.91 40.47 -22.45
CA VAL G 38 79.55 41.74 -22.85
C VAL G 38 78.90 42.23 -24.15
N ARG G 39 78.52 41.37 -25.08
CA ARG G 39 78.12 41.80 -26.44
C ARG G 39 76.63 42.02 -26.52
N GLY G 40 76.00 42.21 -25.38
CA GLY G 40 74.54 42.31 -25.30
C GLY G 40 74.14 43.43 -24.37
N ILE G 41 72.91 43.85 -24.51
CA ILE G 41 72.24 44.80 -23.60
C ILE G 41 71.50 43.97 -22.56
N GLU G 42 71.67 44.33 -21.30
CA GLU G 42 70.97 43.71 -20.15
C GLU G 42 69.96 44.72 -19.62
N LEU G 43 68.67 44.48 -19.86
CA LEU G 43 67.58 45.35 -19.35
C LEU G 43 66.69 44.63 -18.31
N ILE G 44 67.00 43.40 -17.94
CA ILE G 44 66.27 42.68 -16.85
C ILE G 44 66.60 43.42 -15.58
N ALA G 45 65.57 43.88 -14.84
CA ALA G 45 65.72 44.86 -13.74
C ALA G 45 66.42 44.20 -12.55
N SER G 46 66.25 42.89 -12.41
CA SER G 46 66.91 42.04 -11.39
C SER G 46 68.41 42.20 -11.53
N GLU G 47 68.88 41.91 -12.74
CA GLU G 47 70.29 41.60 -13.11
C GLU G 47 71.20 42.80 -12.86
N ASN G 48 72.41 42.46 -12.45
CA ASN G 48 73.56 43.38 -12.25
C ASN G 48 74.86 42.60 -12.48
N PHE G 49 75.99 43.29 -12.61
CA PHE G 49 77.33 42.69 -12.81
C PHE G 49 78.18 42.98 -11.58
N VAL G 50 78.85 41.98 -11.02
CA VAL G 50 79.67 42.17 -9.80
C VAL G 50 81.12 42.40 -10.19
N CYS G 51 81.83 43.05 -9.27
CA CYS G 51 83.25 43.41 -9.38
C CYS G 51 84.09 42.17 -9.10
N ARG G 52 85.38 42.30 -9.31
CA ARG G 52 86.33 41.18 -9.32
C ARG G 52 86.59 40.74 -7.88
N ALA G 53 86.72 41.71 -6.98
CA ALA G 53 86.97 41.42 -5.55
C ALA G 53 85.90 40.44 -5.04
N VAL G 54 84.63 40.65 -5.45
CA VAL G 54 83.47 39.79 -5.07
C VAL G 54 83.71 38.37 -5.57
N MET G 55 84.04 38.23 -6.85
CA MET G 55 84.36 36.91 -7.44
C MET G 55 85.55 36.30 -6.71
N GLU G 56 86.59 37.05 -6.40
CA GLU G 56 87.80 36.48 -5.77
C GLU G 56 87.46 35.97 -4.38
N ALA G 57 86.45 36.55 -3.73
CA ALA G 57 85.92 36.10 -2.42
C ALA G 57 85.18 34.77 -2.58
N LEU G 58 84.28 34.71 -3.57
CA LEU G 58 83.49 33.50 -3.89
C LEU G 58 84.44 32.34 -4.18
N GLY G 59 85.40 32.56 -5.07
CA GLY G 59 86.33 31.52 -5.52
C GLY G 59 87.53 31.47 -4.61
N SER G 60 87.34 31.08 -3.37
CA SER G 60 88.44 31.14 -2.38
C SER G 60 88.43 29.88 -1.50
N HIS G 61 89.41 29.78 -0.63
CA HIS G 61 89.61 28.70 0.36
C HIS G 61 88.51 28.75 1.40
N LEU G 62 87.68 29.79 1.42
CA LEU G 62 86.58 29.93 2.42
C LEU G 62 85.52 28.84 2.21
N THR G 63 85.31 28.40 0.97
CA THR G 63 84.37 27.28 0.67
C THR G 63 84.85 26.00 1.35
N ASN G 64 86.11 25.93 1.82
CA ASN G 64 86.72 24.69 2.39
C ASN G 64 86.32 24.51 3.86
N LYS G 65 85.83 25.54 4.53
CA LYS G 65 85.49 25.48 5.97
C LYS G 65 83.98 25.48 6.16
N TYR G 66 83.47 24.45 6.86
CA TYR G 66 82.07 24.27 7.26
C TYR G 66 81.90 24.93 8.62
N SER G 67 80.93 25.82 8.71
CA SER G 67 80.77 26.74 9.86
C SER G 67 79.32 26.72 10.32
N GLU G 68 78.79 25.52 10.58
CA GLU G 68 77.43 25.38 11.12
C GLU G 68 77.37 26.24 12.37
N GLY G 69 76.33 27.06 12.48
CA GLY G 69 76.02 27.76 13.74
C GLY G 69 75.87 29.24 13.52
N MET G 70 76.15 30.04 14.55
CA MET G 70 76.21 31.52 14.46
C MET G 70 77.52 31.97 15.06
N PRO G 71 78.12 33.08 14.59
CA PRO G 71 79.44 33.50 15.04
C PRO G 71 79.55 33.54 16.57
N GLY G 72 80.59 32.90 17.10
CA GLY G 72 80.89 32.84 18.54
C GLY G 72 80.10 31.75 19.23
N ALA G 73 79.35 30.96 18.46
CA ALA G 73 78.44 29.91 18.96
C ALA G 73 78.24 28.88 17.85
N ARG G 74 79.33 28.30 17.35
CA ARG G 74 79.29 27.41 16.15
C ARG G 74 79.61 25.96 16.51
N TYR G 75 78.90 25.06 15.85
CA TYR G 75 78.94 23.59 16.08
C TYR G 75 80.38 23.09 15.95
N TYR G 76 81.19 23.70 15.09
CA TYR G 76 82.56 23.21 14.80
C TYR G 76 83.64 24.16 15.37
N THR G 77 84.79 23.56 15.69
CA THR G 77 86.07 24.24 16.04
C THR G 77 86.68 24.88 14.78
N GLY G 78 87.60 25.84 14.93
CA GLY G 78 88.48 26.36 13.86
C GLY G 78 87.94 27.59 13.15
N ASN G 79 86.86 28.16 13.68
CA ASN G 79 86.04 29.20 13.00
C ASN G 79 86.37 30.58 13.57
N GLN G 80 87.52 30.69 14.24
CA GLN G 80 88.00 31.96 14.82
C GLN G 80 87.99 33.04 13.75
N TYR G 81 88.40 32.75 12.51
CA TYR G 81 88.56 33.79 11.47
C TYR G 81 87.25 33.98 10.73
N ILE G 82 86.60 32.87 10.39
CA ILE G 82 85.30 32.92 9.68
C ILE G 82 84.38 33.82 10.49
N ASP G 83 84.40 33.66 11.81
CA ASP G 83 83.52 34.41 12.73
C ASP G 83 83.79 35.91 12.50
N GLN G 84 85.07 36.30 12.58
CA GLN G 84 85.46 37.72 12.42
C GLN G 84 84.87 38.22 11.10
N ILE G 85 84.95 37.41 10.05
CA ILE G 85 84.43 37.83 8.71
C ILE G 85 82.92 38.01 8.83
N GLU G 86 82.20 37.05 9.38
CA GLU G 86 80.72 37.14 9.48
C GLU G 86 80.39 38.39 10.31
N ASN G 87 81.04 38.55 11.46
CA ASN G 87 80.77 39.69 12.37
C ASN G 87 80.92 40.99 11.58
N LEU G 88 82.04 41.10 10.89
CA LEU G 88 82.37 42.27 10.06
C LEU G 88 81.23 42.47 9.04
N CYS G 89 80.84 41.40 8.33
CA CYS G 89 79.75 41.38 7.32
C CYS G 89 78.43 41.84 7.93
N ILE G 90 78.23 41.59 9.23
CA ILE G 90 77.02 42.04 9.96
C ILE G 90 77.14 43.55 10.21
N GLU G 91 78.25 43.97 10.81
CA GLU G 91 78.49 45.39 11.13
C GLU G 91 78.22 46.23 9.89
N ARG G 92 78.73 45.76 8.75
CA ARG G 92 78.69 46.50 7.47
C ARG G 92 77.24 46.57 6.99
N ALA G 93 76.46 45.55 7.28
CA ALA G 93 75.05 45.46 6.87
C ALA G 93 74.27 46.52 7.61
N LEU G 94 74.58 46.70 8.90
CA LEU G 94 73.90 47.71 9.75
C LEU G 94 74.30 49.11 9.30
N THR G 95 75.61 49.32 9.12
CA THR G 95 76.10 50.65 8.70
C THR G 95 75.54 50.93 7.31
N ALA G 96 75.29 49.94 6.47
CA ALA G 96 74.84 50.20 5.08
C ALA G 96 73.44 50.81 5.05
N PHE G 97 72.62 50.50 6.03
CA PHE G 97 71.19 50.87 6.01
C PHE G 97 70.94 51.87 7.11
N GLY G 98 72.04 52.24 7.77
CA GLY G 98 72.08 53.31 8.79
C GLY G 98 71.33 52.87 10.02
N LEU G 99 71.66 51.69 10.54
CA LEU G 99 71.00 51.09 11.71
C LEU G 99 72.02 51.01 12.85
N GLU G 100 71.52 50.91 14.09
CA GLU G 100 72.37 50.79 15.29
C GLU G 100 72.15 49.44 15.95
N SER G 101 73.23 48.76 16.30
CA SER G 101 73.26 47.36 16.79
C SER G 101 72.38 47.17 18.04
N ASP G 102 72.13 48.23 18.81
CA ASP G 102 71.25 48.14 20.00
C ASP G 102 69.78 48.11 19.58
N LYS G 103 69.42 48.52 18.36
CA LYS G 103 68.00 48.62 17.91
C LYS G 103 67.65 47.54 16.87
N TRP G 104 68.66 47.04 16.14
CA TRP G 104 68.50 46.04 15.04
C TRP G 104 69.57 44.94 15.17
N GLY G 105 69.23 43.74 14.71
CA GLY G 105 70.19 42.67 14.36
C GLY G 105 69.98 42.18 12.93
N VAL G 106 70.89 41.35 12.43
CA VAL G 106 70.80 40.87 11.02
C VAL G 106 71.36 39.45 10.92
N ASN G 107 70.62 38.57 10.26
CA ASN G 107 71.10 37.23 9.88
C ASN G 107 71.41 37.27 8.38
N VAL G 108 72.63 36.85 8.00
CA VAL G 108 73.20 36.97 6.62
C VAL G 108 73.50 35.58 6.07
N GLN G 109 73.04 34.51 6.72
CA GLN G 109 73.24 33.10 6.25
C GLN G 109 72.22 32.67 5.21
N PRO G 110 71.01 33.25 5.11
CA PRO G 110 69.99 32.76 4.20
C PRO G 110 70.47 32.60 2.75
N TYR G 111 70.34 31.38 2.26
CA TYR G 111 70.82 30.92 0.95
C TYR G 111 70.20 31.75 -0.16
N SER G 112 69.02 32.36 0.08
CA SER G 112 68.25 33.10 -0.96
C SER G 112 67.23 34.02 -0.28
N CYS G 113 66.55 34.88 -1.03
CA CYS G 113 65.56 35.83 -0.46
C CYS G 113 64.31 35.07 -0.08
N THR G 114 63.84 34.20 -0.97
CA THR G 114 62.75 33.24 -0.72
C THR G 114 63.05 32.53 0.59
N SER G 115 64.25 31.97 0.69
CA SER G 115 64.73 31.18 1.85
C SER G 115 64.59 32.04 3.08
N ALA G 116 64.98 33.30 2.97
CA ALA G 116 64.97 34.28 4.07
C ALA G 116 63.53 34.50 4.58
N ASN G 117 62.62 34.85 3.68
CA ASN G 117 61.19 35.10 4.01
C ASN G 117 60.61 33.88 4.72
N PHE G 118 60.89 32.68 4.22
CA PHE G 118 60.31 31.43 4.76
C PHE G 118 60.83 31.17 6.16
N ALA G 119 62.09 31.45 6.42
CA ALA G 119 62.65 31.38 7.79
C ALA G 119 61.92 32.34 8.75
N VAL G 120 61.67 33.58 8.34
CA VAL G 120 60.87 34.53 9.14
C VAL G 120 59.56 33.85 9.48
N TYR G 121 58.79 33.43 8.49
CA TYR G 121 57.49 32.80 8.76
C TYR G 121 57.69 31.64 9.71
N THR G 122 58.62 30.76 9.40
CA THR G 122 58.88 29.55 10.21
C THR G 122 59.21 29.94 11.64
N GLY G 123 59.95 31.02 11.82
CA GLY G 123 60.44 31.39 13.17
C GLY G 123 59.33 31.97 14.04
N LEU G 124 58.47 32.80 13.44
CA LEU G 124 57.56 33.69 14.18
C LEU G 124 56.20 33.06 14.38
N LEU G 125 55.80 32.17 13.46
CA LEU G 125 54.41 31.64 13.34
C LEU G 125 54.41 30.13 13.52
N LEU G 126 53.28 29.62 13.96
CA LEU G 126 53.01 28.19 13.95
C LEU G 126 52.57 27.81 12.53
N PRO G 127 52.91 26.59 12.06
CA PRO G 127 52.46 26.16 10.74
C PRO G 127 50.97 26.47 10.63
N GLY G 128 50.52 27.01 9.52
CA GLY G 128 49.09 27.16 9.21
C GLY G 128 48.57 28.50 9.62
N GLU G 129 49.31 29.29 10.40
CA GLU G 129 48.88 30.66 10.78
C GLU G 129 48.72 31.51 9.52
N ARG G 130 48.23 32.73 9.64
CA ARG G 130 47.83 33.54 8.46
C ARG G 130 48.82 34.64 8.12
N ILE G 131 49.13 34.79 6.81
CA ILE G 131 50.00 35.86 6.27
C ILE G 131 49.32 36.50 5.05
N MET G 132 49.70 37.74 4.81
CA MET G 132 49.18 38.56 3.69
C MET G 132 50.31 39.40 3.10
N GLY G 133 50.53 39.28 1.80
CA GLY G 133 51.56 40.05 1.07
C GLY G 133 51.08 40.40 -0.31
N LEU G 134 51.86 41.14 -1.08
CA LEU G 134 51.48 41.55 -2.45
C LEU G 134 51.59 40.33 -3.34
N ASP G 135 50.92 40.32 -4.49
CA ASP G 135 50.98 39.22 -5.49
C ASP G 135 51.21 39.79 -6.90
N SER G 136 51.98 39.08 -7.74
CA SER G 136 52.16 39.42 -9.18
C SER G 136 51.00 38.82 -9.98
N PRO G 137 50.09 39.67 -10.52
CA PRO G 137 48.94 39.19 -11.28
C PRO G 137 49.27 37.93 -12.11
N LYS G 153 48.44 25.57 -5.16
CA LYS G 153 49.37 26.31 -4.24
C LYS G 153 50.80 26.19 -4.79
N ILE G 154 51.47 27.33 -4.94
CA ILE G 154 52.72 27.46 -5.72
C ILE G 154 53.86 27.74 -4.76
N SER G 155 53.81 28.84 -3.99
CA SER G 155 54.89 29.18 -3.03
C SER G 155 54.77 28.28 -1.81
N ALA G 156 55.89 27.84 -1.23
CA ALA G 156 55.95 27.05 0.02
C ALA G 156 55.23 27.82 1.13
N ALA G 157 55.40 29.14 1.16
CA ALA G 157 54.71 30.02 2.10
C ALA G 157 53.21 29.73 2.03
N SER G 158 52.63 29.52 0.85
CA SER G 158 51.17 29.33 0.70
C SER G 158 50.83 27.88 0.97
N ILE G 159 51.84 27.02 1.05
CA ILE G 159 51.63 25.56 1.28
C ILE G 159 51.52 25.32 2.78
N PHE G 160 52.48 25.85 3.52
CA PHE G 160 52.69 25.52 4.94
C PHE G 160 52.08 26.58 5.84
N PHE G 161 51.57 27.68 5.28
CA PHE G 161 50.89 28.76 6.03
C PHE G 161 49.71 29.23 5.19
N GLU G 162 48.91 30.14 5.74
CA GLU G 162 47.63 30.53 5.11
C GLU G 162 47.85 31.88 4.46
N SER G 163 48.03 31.90 3.15
CA SER G 163 48.35 33.14 2.41
C SER G 163 47.03 33.67 1.84
N PHE G 164 46.71 34.91 2.18
CA PHE G 164 45.71 35.70 1.42
C PHE G 164 46.42 36.94 0.96
N PRO G 165 46.80 36.98 -0.33
CA PRO G 165 47.55 38.11 -0.86
C PRO G 165 46.59 39.24 -1.21
N TYR G 166 47.15 40.43 -1.47
CA TYR G 166 46.50 41.64 -2.04
C TYR G 166 47.19 42.03 -3.35
N LYS G 167 46.56 42.90 -4.14
CA LYS G 167 47.05 43.28 -5.49
C LYS G 167 46.85 44.77 -5.76
N VAL G 168 47.48 45.26 -6.81
CA VAL G 168 47.49 46.71 -7.19
C VAL G 168 46.13 47.01 -7.81
N ASN G 169 45.74 48.28 -7.79
CA ASN G 169 44.44 48.74 -8.36
C ASN G 169 44.50 48.52 -9.87
N PRO G 170 43.68 47.60 -10.43
CA PRO G 170 43.69 47.31 -11.86
C PRO G 170 43.54 48.49 -12.84
N GLN G 171 42.92 49.60 -12.49
CA GLN G 171 42.85 50.76 -13.40
C GLN G 171 44.16 51.53 -13.26
N THR G 172 44.51 51.93 -12.03
CA THR G 172 45.59 52.89 -11.73
C THR G 172 46.96 52.24 -11.89
N GLY G 173 47.09 50.94 -11.55
CA GLY G 173 48.39 50.25 -11.48
C GLY G 173 49.06 50.53 -10.14
N TYR G 174 48.65 51.57 -9.41
CA TYR G 174 49.18 51.87 -8.06
C TYR G 174 48.53 50.94 -7.03
N ILE G 175 49.11 50.88 -5.85
CA ILE G 175 48.52 50.16 -4.69
C ILE G 175 47.32 50.95 -4.16
N ASP G 176 46.23 50.24 -3.86
CA ASP G 176 45.03 50.80 -3.18
C ASP G 176 45.15 50.52 -1.69
N TYR G 177 45.57 51.50 -0.90
CA TYR G 177 45.87 51.32 0.54
C TYR G 177 44.57 51.17 1.33
N ASP G 178 43.48 51.73 0.79
CA ASP G 178 42.13 51.67 1.40
C ASP G 178 41.69 50.20 1.36
N LYS G 179 41.61 49.65 0.16
CA LYS G 179 41.17 48.24 -0.06
C LYS G 179 42.08 47.29 0.71
N LEU G 180 43.35 47.66 0.88
CA LEU G 180 44.33 46.88 1.68
C LEU G 180 43.94 46.91 3.16
N GLU G 181 43.57 48.08 3.69
CA GLU G 181 43.12 48.26 5.10
C GLU G 181 41.91 47.36 5.35
N ASP G 182 40.86 47.52 4.54
CA ASP G 182 39.61 46.72 4.61
C ASP G 182 39.97 45.25 4.69
N LYS G 183 40.78 44.78 3.75
CA LYS G 183 41.17 43.36 3.60
C LYS G 183 41.94 42.92 4.83
N ALA G 184 42.90 43.70 5.30
CA ALA G 184 43.81 43.31 6.39
C ALA G 184 43.05 43.18 7.71
N LEU G 185 42.10 44.09 7.92
CA LEU G 185 41.27 44.14 9.15
C LEU G 185 40.40 42.87 9.21
N ASP G 186 39.81 42.45 8.09
CA ASP G 186 38.92 41.25 8.05
C ASP G 186 39.72 39.97 8.24
N TYR G 187 40.90 39.87 7.67
CA TYR G 187 41.74 38.64 7.67
C TYR G 187 42.56 38.55 8.96
N ARG G 188 42.97 39.69 9.52
CA ARG G 188 43.77 39.77 10.77
C ARG G 188 44.96 38.82 10.66
N PRO G 189 45.82 38.95 9.64
CA PRO G 189 47.00 38.10 9.49
C PRO G 189 48.03 38.36 10.59
N LYS G 190 48.72 37.31 11.02
CA LYS G 190 49.77 37.47 12.05
C LYS G 190 50.88 38.33 11.48
N ILE G 191 51.22 38.15 10.19
CA ILE G 191 52.28 38.95 9.48
C ILE G 191 51.72 39.59 8.22
N LEU G 192 51.95 40.91 8.11
CA LEU G 192 51.63 41.70 6.90
C LEU G 192 52.94 41.96 6.17
N ILE G 193 52.97 41.82 4.84
CA ILE G 193 54.20 41.94 4.03
C ILE G 193 53.98 43.01 2.97
N CYS G 194 54.88 43.99 2.93
CA CYS G 194 54.99 44.97 1.83
C CYS G 194 56.29 44.70 1.07
N GLY G 195 56.52 45.43 0.00
CA GLY G 195 57.54 45.09 -1.00
C GLY G 195 57.14 43.82 -1.74
N GLY G 196 58.09 43.02 -2.21
CA GLY G 196 57.80 41.72 -2.84
C GLY G 196 57.88 41.80 -4.35
N SER G 197 56.82 42.25 -5.03
CA SER G 197 56.79 42.31 -6.52
C SER G 197 57.60 43.50 -7.01
N SER G 198 58.00 43.45 -8.29
CA SER G 198 58.58 44.59 -9.03
C SER G 198 57.48 45.61 -9.29
N TYR G 199 57.47 46.65 -8.47
CA TYR G 199 56.48 47.75 -8.42
C TYR G 199 57.22 49.03 -8.75
N PRO G 200 56.89 49.72 -9.84
CA PRO G 200 57.65 50.88 -10.29
C PRO G 200 57.43 52.19 -9.52
N ARG G 201 56.80 52.17 -8.34
CA ARG G 201 56.58 53.41 -7.57
C ARG G 201 56.99 53.18 -6.12
N ASP G 202 57.12 54.27 -5.38
CA ASP G 202 57.52 54.25 -3.96
C ASP G 202 56.39 53.62 -3.12
N TRP G 203 56.73 53.07 -1.96
CA TRP G 203 55.71 52.54 -1.01
C TRP G 203 55.38 53.63 0.00
N ASP G 204 54.15 53.66 0.48
CA ASP G 204 53.79 54.42 1.69
C ASP G 204 53.92 53.42 2.85
N PHE G 205 55.13 53.28 3.38
CA PHE G 205 55.44 52.31 4.46
C PHE G 205 54.81 52.77 5.77
N ALA G 206 54.71 54.09 5.94
CA ALA G 206 54.02 54.74 7.08
C ALA G 206 52.60 54.20 7.13
N ARG G 207 51.87 54.34 6.01
CA ARG G 207 50.44 53.96 5.89
C ARG G 207 50.26 52.50 6.29
N VAL G 208 51.07 51.63 5.70
CA VAL G 208 51.02 50.16 5.89
C VAL G 208 51.21 49.88 7.38
N ARG G 209 52.08 50.63 8.06
CA ARG G 209 52.32 50.43 9.51
C ARG G 209 51.01 50.69 10.28
N GLN G 210 50.35 51.83 9.99
CA GLN G 210 49.04 52.19 10.59
C GLN G 210 48.13 50.97 10.44
N ILE G 211 48.12 50.35 9.27
CA ILE G 211 47.25 49.16 8.96
C ILE G 211 47.68 47.98 9.83
N ALA G 212 48.97 47.69 9.84
CA ALA G 212 49.57 46.58 10.62
C ALA G 212 49.20 46.73 12.10
N ASP G 213 49.27 47.95 12.61
CA ASP G 213 48.97 48.29 14.03
C ASP G 213 47.49 48.01 14.33
N LYS G 214 46.58 48.46 13.45
CA LYS G 214 45.12 48.26 13.62
C LYS G 214 44.75 46.77 13.67
N CYS G 215 45.25 45.91 12.78
CA CYS G 215 44.90 44.46 12.75
C CYS G 215 45.93 43.63 13.53
N GLY G 216 46.75 44.30 14.35
CA GLY G 216 47.67 43.69 15.32
C GLY G 216 48.64 42.73 14.68
N ALA G 217 49.11 43.05 13.47
CA ALA G 217 50.01 42.19 12.68
C ALA G 217 51.45 42.70 12.81
N VAL G 218 52.42 41.80 12.66
CA VAL G 218 53.88 42.13 12.53
C VAL G 218 54.12 42.63 11.08
N LEU G 219 54.76 43.80 10.95
CA LEU G 219 55.02 44.41 9.63
C LEU G 219 56.42 44.03 9.13
N MET G 220 56.43 43.34 8.01
CA MET G 220 57.63 42.85 7.30
C MET G 220 57.73 43.58 5.97
N CYS G 221 58.95 43.93 5.58
CA CYS G 221 59.23 44.37 4.20
C CYS G 221 60.22 43.40 3.54
N ASP G 222 59.84 42.94 2.36
CA ASP G 222 60.75 42.29 1.39
C ASP G 222 61.28 43.39 0.49
N MET G 223 62.53 43.77 0.69
CA MET G 223 63.17 44.97 0.09
C MET G 223 63.98 44.56 -1.14
N ALA G 224 63.80 43.34 -1.63
CA ALA G 224 64.67 42.77 -2.69
C ALA G 224 64.85 43.81 -3.77
N HIS G 225 63.76 44.30 -4.35
CA HIS G 225 63.81 45.11 -5.59
C HIS G 225 64.37 46.50 -5.32
N ILE G 226 64.45 46.92 -4.05
CA ILE G 226 64.84 48.33 -3.78
C ILE G 226 65.96 48.40 -2.74
N SER G 227 66.64 47.29 -2.48
CA SER G 227 67.66 47.30 -1.41
C SER G 227 68.60 48.49 -1.59
N GLY G 228 69.01 48.77 -2.83
CA GLY G 228 69.99 49.84 -3.06
C GLY G 228 69.38 51.21 -2.89
N LEU G 229 68.24 51.46 -3.54
CA LEU G 229 67.60 52.77 -3.30
C LEU G 229 67.46 52.98 -1.80
N VAL G 230 67.18 51.93 -1.04
CA VAL G 230 66.88 52.10 0.41
C VAL G 230 68.16 52.53 1.12
N ALA G 231 69.25 51.81 0.91
CA ALA G 231 70.55 52.06 1.57
C ALA G 231 71.03 53.49 1.28
N THR G 232 70.76 53.99 0.08
CA THR G 232 71.22 55.33 -0.37
C THR G 232 70.13 56.37 -0.13
N LYS G 233 69.07 56.01 0.58
CA LYS G 233 68.00 56.93 1.02
C LYS G 233 67.34 57.56 -0.21
N GLU G 234 67.34 56.83 -1.33
CA GLU G 234 66.85 57.34 -2.62
C GLU G 234 65.42 56.85 -2.85
N CYS G 235 64.82 56.28 -1.81
CA CYS G 235 63.37 55.93 -1.75
C CYS G 235 62.96 55.82 -0.28
N SER G 236 61.66 55.78 -0.03
CA SER G 236 61.04 55.57 1.30
C SER G 236 61.82 54.53 2.09
N ASN G 237 62.09 54.76 3.37
CA ASN G 237 62.89 53.83 4.18
C ASN G 237 61.97 52.90 4.97
N PRO G 238 61.88 51.59 4.64
CA PRO G 238 61.02 50.67 5.37
C PRO G 238 61.52 50.41 6.78
N PHE G 239 62.78 50.70 7.10
CA PHE G 239 63.34 50.49 8.45
C PHE G 239 62.74 51.48 9.46
N ASP G 240 62.10 52.53 8.96
CA ASP G 240 61.47 53.57 9.79
C ASP G 240 60.12 53.06 10.30
N HIS G 241 59.62 51.92 9.85
CA HIS G 241 58.22 51.49 10.11
C HIS G 241 58.09 50.00 10.35
N CYS G 242 58.88 49.15 9.68
CA CYS G 242 58.72 47.67 9.71
C CYS G 242 59.50 47.09 10.88
N ASP G 243 59.06 45.94 11.38
CA ASP G 243 59.76 45.23 12.47
C ASP G 243 60.80 44.31 11.85
N ILE G 244 60.52 43.85 10.64
CA ILE G 244 61.45 42.95 9.89
C ILE G 244 61.63 43.44 8.47
N VAL G 245 62.87 43.38 7.97
CA VAL G 245 63.16 43.61 6.53
C VAL G 245 64.03 42.48 5.98
N THR G 246 63.52 41.78 4.99
CA THR G 246 64.32 40.80 4.24
C THR G 246 64.78 41.44 2.96
N SER G 247 65.73 40.80 2.31
CA SER G 247 66.23 41.23 0.99
C SER G 247 67.06 40.13 0.36
N THR G 248 67.34 40.40 -0.91
CA THR G 248 68.30 39.70 -1.77
C THR G 248 69.61 40.49 -1.76
N THR G 249 70.74 39.80 -1.63
CA THR G 249 72.10 40.38 -1.56
C THR G 249 72.70 40.73 -2.94
N HIS G 250 71.97 40.62 -4.04
CA HIS G 250 72.64 40.49 -5.36
C HIS G 250 71.93 41.23 -6.49
N LYS G 251 71.11 42.21 -6.17
CA LYS G 251 70.30 42.89 -7.21
C LYS G 251 70.75 44.34 -7.33
N GLY G 252 70.22 45.22 -6.46
CA GLY G 252 70.74 46.58 -6.25
C GLY G 252 72.17 46.54 -5.73
N LEU G 253 72.45 45.67 -4.75
CA LEU G 253 73.69 45.66 -3.93
C LEU G 253 74.88 45.10 -4.71
N ARG G 254 74.64 44.48 -5.86
CA ARG G 254 75.75 43.94 -6.66
C ARG G 254 76.63 43.08 -5.77
N GLY G 255 76.04 42.36 -4.84
CA GLY G 255 76.74 41.35 -4.04
C GLY G 255 76.55 39.97 -4.65
N PRO G 256 76.92 38.93 -3.89
CA PRO G 256 76.77 37.56 -4.33
C PRO G 256 75.32 37.14 -4.13
N ARG G 257 74.89 36.03 -4.76
CA ARG G 257 73.49 35.52 -4.71
C ARG G 257 73.24 34.99 -3.31
N GLY G 258 72.21 35.51 -2.66
CA GLY G 258 71.72 35.01 -1.38
C GLY G 258 70.66 35.92 -0.83
N GLY G 259 70.36 35.76 0.45
CA GLY G 259 69.34 36.56 1.13
C GLY G 259 69.89 37.01 2.45
N ILE G 260 69.09 37.81 3.14
CA ILE G 260 69.48 38.48 4.40
C ILE G 260 68.21 38.89 5.17
N ILE G 261 68.25 38.82 6.50
CA ILE G 261 67.10 39.21 7.37
C ILE G 261 67.56 40.27 8.35
N PHE G 262 66.89 41.42 8.38
CA PHE G 262 67.00 42.45 9.44
C PHE G 262 65.78 42.36 10.36
N TYR G 263 66.00 42.39 11.68
CA TYR G 263 64.96 42.28 12.71
C TYR G 263 65.29 43.22 13.84
N ARG G 264 64.27 43.80 14.47
CA ARG G 264 64.45 44.75 15.59
C ARG G 264 64.90 44.00 16.85
N ARG G 265 65.63 44.68 17.70
CA ARG G 265 66.22 44.08 18.92
C ARG G 265 66.05 45.06 20.09
N GLY G 266 66.01 44.53 21.32
CA GLY G 266 65.97 45.32 22.58
C GLY G 266 64.56 45.79 22.91
N PRO G 267 64.42 46.83 23.77
CA PRO G 267 63.11 47.36 24.16
C PRO G 267 62.25 48.07 23.11
N LYS G 268 60.94 47.89 23.17
CA LYS G 268 59.98 48.52 22.23
C LYS G 268 59.80 50.00 22.59
N THR G 281 50.88 43.71 24.04
CA THR G 281 52.00 44.54 24.52
C THR G 281 53.09 43.65 25.12
N SER G 282 54.34 43.83 24.71
CA SER G 282 55.54 43.21 25.36
C SER G 282 56.47 44.26 25.99
N THR G 283 57.55 43.76 26.61
CA THR G 283 58.69 44.54 27.19
C THR G 283 59.75 44.80 26.10
N HIS G 284 60.21 43.74 25.44
CA HIS G 284 61.30 43.77 24.41
C HIS G 284 60.82 43.03 23.16
N TYR G 285 61.57 43.13 22.06
CA TYR G 285 61.31 42.40 20.80
C TYR G 285 61.64 40.94 21.05
N ASP G 286 60.92 40.01 20.42
CA ASP G 286 61.12 38.54 20.61
C ASP G 286 61.57 37.86 19.31
N LEU G 287 62.33 38.55 18.46
CA LEU G 287 62.50 38.17 17.04
C LEU G 287 63.81 37.41 16.86
N GLU G 288 64.90 37.92 17.40
CA GLU G 288 66.29 37.50 17.12
C GLU G 288 66.47 35.99 17.33
N GLU G 289 66.13 35.47 18.50
CA GLU G 289 66.35 34.04 18.85
C GLU G 289 65.53 33.14 17.93
N LYS G 290 64.27 33.50 17.70
CA LYS G 290 63.29 32.74 16.88
C LYS G 290 63.77 32.63 15.43
N ILE G 291 64.17 33.75 14.84
CA ILE G 291 64.62 33.87 13.42
C ILE G 291 65.95 33.14 13.25
N ASN G 292 66.94 33.45 14.08
CA ASN G 292 68.27 32.81 14.01
C ASN G 292 68.17 31.29 14.10
N PHE G 293 67.25 30.81 14.93
CA PHE G 293 67.03 29.36 15.13
C PHE G 293 66.39 28.78 13.86
N ALA G 294 65.44 29.50 13.27
CA ALA G 294 64.67 29.06 12.08
C ALA G 294 65.63 28.85 10.90
N VAL G 295 66.55 29.78 10.73
CA VAL G 295 67.61 29.71 9.68
C VAL G 295 68.53 28.52 10.01
N PHE G 296 69.01 28.46 11.24
CA PHE G 296 69.79 27.29 11.70
C PHE G 296 69.49 27.05 13.17
N PRO G 297 69.19 25.79 13.55
CA PRO G 297 69.29 24.63 12.68
C PRO G 297 68.06 24.19 11.89
N SER G 298 66.95 24.92 11.94
CA SER G 298 65.67 24.42 11.38
C SER G 298 65.82 24.19 9.87
N LEU G 299 66.08 25.25 9.11
CA LEU G 299 65.86 25.25 7.64
C LEU G 299 67.14 24.97 6.85
N GLN G 300 68.28 25.50 7.28
CA GLN G 300 69.54 25.40 6.51
C GLN G 300 70.54 24.53 7.25
N GLY G 301 71.64 24.20 6.60
CA GLY G 301 72.86 23.75 7.28
C GLY G 301 73.82 24.91 7.43
N GLY G 302 75.10 24.61 7.25
CA GLY G 302 76.16 25.62 7.25
C GLY G 302 75.87 26.75 6.27
N PRO G 303 76.42 27.96 6.52
CA PRO G 303 76.32 29.07 5.57
C PRO G 303 77.48 28.95 4.59
N HIS G 304 77.26 29.50 3.40
CA HIS G 304 78.32 29.72 2.38
C HIS G 304 79.27 30.83 2.87
N ASN G 305 80.37 30.47 3.51
CA ASN G 305 81.36 31.41 4.08
C ASN G 305 81.91 32.32 2.98
N ASN G 306 82.13 31.75 1.79
CA ASN G 306 82.64 32.47 0.61
C ASN G 306 81.61 33.49 0.14
N HIS G 307 80.31 33.21 0.22
CA HIS G 307 79.26 34.20 -0.13
C HIS G 307 79.26 35.34 0.88
N ILE G 308 79.63 35.06 2.14
CA ILE G 308 79.53 36.01 3.29
C ILE G 308 80.68 37.02 3.23
N ALA G 309 81.90 36.55 2.97
CA ALA G 309 83.04 37.43 2.63
C ALA G 309 82.60 38.31 1.47
N ALA G 310 82.31 37.73 0.32
CA ALA G 310 81.86 38.46 -0.88
C ALA G 310 80.81 39.49 -0.53
N LEU G 311 79.92 39.19 0.42
CA LEU G 311 78.83 40.11 0.80
C LEU G 311 79.43 41.28 1.56
N ALA G 312 80.33 41.02 2.51
CA ALA G 312 81.01 42.05 3.32
C ALA G 312 81.59 43.08 2.34
N ILE G 313 82.37 42.61 1.38
CA ILE G 313 83.03 43.48 0.37
C ILE G 313 81.98 44.35 -0.29
N ALA G 314 80.92 43.77 -0.82
CA ALA G 314 79.87 44.48 -1.58
C ALA G 314 79.18 45.50 -0.68
N LEU G 315 79.18 45.29 0.64
CA LEU G 315 78.39 46.11 1.61
C LEU G 315 79.27 47.26 2.07
N LYS G 316 80.57 47.03 2.17
CA LYS G 316 81.55 48.13 2.37
C LYS G 316 81.27 49.16 1.27
N GLN G 317 81.20 48.72 0.02
CA GLN G 317 81.07 49.57 -1.18
C GLN G 317 79.69 50.23 -1.28
N VAL G 318 78.68 49.75 -0.58
CA VAL G 318 77.32 50.36 -0.67
C VAL G 318 77.36 51.67 0.14
N ALA G 319 78.24 51.72 1.13
CA ALA G 319 78.31 52.80 2.14
C ALA G 319 79.11 53.99 1.59
N THR G 320 79.45 53.97 0.30
CA THR G 320 80.37 54.95 -0.31
C THR G 320 79.58 55.94 -1.16
N PRO G 321 80.11 57.18 -1.36
CA PRO G 321 79.50 58.14 -2.26
C PRO G 321 79.43 57.68 -3.72
N GLU G 322 80.38 56.84 -4.13
CA GLU G 322 80.43 56.22 -5.48
C GLU G 322 79.12 55.46 -5.71
N TYR G 323 78.77 54.61 -4.76
CA TYR G 323 77.53 53.83 -4.82
C TYR G 323 76.31 54.76 -4.82
N LYS G 324 76.29 55.80 -3.99
CA LYS G 324 75.14 56.75 -3.95
C LYS G 324 74.96 57.33 -5.34
N ALA G 325 76.06 57.76 -5.95
CA ALA G 325 76.11 58.33 -7.32
C ALA G 325 75.66 57.30 -8.35
N TYR G 326 76.01 56.03 -8.13
CA TYR G 326 75.54 54.90 -8.98
C TYR G 326 74.00 54.89 -9.00
N ILE G 327 73.40 54.83 -7.82
CA ILE G 327 71.93 54.73 -7.68
C ILE G 327 71.28 55.94 -8.31
N GLN G 328 71.86 57.11 -8.06
CA GLN G 328 71.34 58.37 -8.60
C GLN G 328 71.31 58.27 -10.12
N GLN G 329 72.38 57.77 -10.72
CA GLN G 329 72.51 57.66 -12.20
C GLN G 329 71.51 56.63 -12.70
N MET G 330 71.41 55.54 -11.98
CA MET G 330 70.42 54.45 -12.19
C MET G 330 69.00 55.03 -12.32
N LYS G 331 68.61 55.94 -11.41
CA LYS G 331 67.28 56.60 -11.45
C LYS G 331 67.21 57.59 -12.62
N LYS G 332 68.21 58.46 -12.77
CA LYS G 332 68.22 59.45 -13.88
C LYS G 332 68.02 58.66 -15.17
N ASN G 333 68.75 57.56 -15.28
CA ASN G 333 68.73 56.69 -16.47
C ASN G 333 67.30 56.17 -16.71
N ALA G 334 66.59 55.85 -15.64
CA ALA G 334 65.22 55.32 -15.74
C ALA G 334 64.27 56.42 -16.22
N GLN G 335 64.46 57.66 -15.76
CA GLN G 335 63.58 58.78 -16.18
C GLN G 335 63.85 59.11 -17.64
N ALA G 336 65.12 59.04 -18.04
CA ALA G 336 65.59 59.22 -19.43
C ALA G 336 64.90 58.21 -20.35
N LEU G 337 64.87 56.96 -19.90
CA LEU G 337 64.29 55.85 -20.67
C LEU G 337 62.78 55.99 -20.75
N ALA G 338 62.15 56.34 -19.64
CA ALA G 338 60.70 56.54 -19.57
C ALA G 338 60.31 57.63 -20.55
N ALA G 339 60.91 58.81 -20.35
CA ALA G 339 60.66 60.02 -21.15
C ALA G 339 60.72 59.64 -22.63
N ALA G 340 61.77 58.92 -23.00
CA ALA G 340 62.09 58.51 -24.39
C ALA G 340 60.92 57.68 -24.95
N LEU G 341 60.37 56.79 -24.15
CA LEU G 341 59.33 55.83 -24.62
C LEU G 341 58.00 56.56 -24.71
N LEU G 342 57.70 57.43 -23.73
CA LEU G 342 56.46 58.24 -23.73
C LEU G 342 56.45 59.10 -24.99
N ARG G 343 57.55 59.82 -25.25
CA ARG G 343 57.79 60.63 -26.49
C ARG G 343 57.46 59.81 -27.74
N ARG G 344 57.70 58.50 -27.74
CA ARG G 344 57.38 57.63 -28.91
C ARG G 344 56.06 56.89 -28.70
N LYS G 345 55.09 57.51 -28.01
CA LYS G 345 53.66 57.08 -27.93
C LYS G 345 53.49 55.79 -27.11
N CYS G 346 54.48 55.36 -26.34
CA CYS G 346 54.39 54.10 -25.55
C CYS G 346 53.50 54.30 -24.34
N ARG G 347 52.94 53.21 -23.83
CA ARG G 347 52.11 53.23 -22.60
C ARG G 347 52.85 52.52 -21.47
N LEU G 348 53.17 53.25 -20.40
CA LEU G 348 53.84 52.72 -19.19
C LEU G 348 52.82 52.60 -18.07
N VAL G 349 52.88 51.50 -17.32
CA VAL G 349 52.01 51.30 -16.13
C VAL G 349 52.38 52.35 -15.10
N THR G 350 51.37 53.10 -14.64
CA THR G 350 51.42 54.31 -13.78
C THR G 350 51.95 55.53 -14.56
N GLY G 351 52.25 55.38 -15.84
CA GLY G 351 52.77 56.45 -16.73
C GLY G 351 54.20 56.84 -16.45
N GLY G 352 54.96 56.04 -15.68
CA GLY G 352 56.37 56.31 -15.33
C GLY G 352 56.93 55.39 -14.25
N THR G 353 57.82 55.92 -13.43
CA THR G 353 58.48 55.20 -12.33
C THR G 353 59.16 56.19 -11.40
N ASP G 354 59.32 55.83 -10.13
CA ASP G 354 60.01 56.61 -9.08
C ASP G 354 61.33 55.91 -8.78
N ASN G 355 61.61 54.85 -9.51
CA ASN G 355 62.78 53.99 -9.23
C ASN G 355 63.41 53.60 -10.56
N HIS G 356 63.88 52.37 -10.63
CA HIS G 356 64.89 51.92 -11.60
C HIS G 356 64.26 51.00 -12.63
N LEU G 357 62.96 50.75 -12.49
CA LEU G 357 62.29 49.81 -13.43
C LEU G 357 60.99 50.39 -13.98
N LEU G 358 60.56 49.84 -15.11
CA LEU G 358 59.44 50.31 -15.96
C LEU G 358 58.60 49.11 -16.36
N LEU G 359 57.28 49.24 -16.31
CA LEU G 359 56.38 48.24 -16.89
C LEU G 359 55.82 48.87 -18.16
N TRP G 360 55.97 48.18 -19.30
CA TRP G 360 55.64 48.70 -20.65
C TRP G 360 54.53 47.84 -21.26
N ASP G 361 53.39 48.46 -21.52
CA ASP G 361 52.21 47.77 -22.09
C ASP G 361 52.30 47.85 -23.61
N LEU G 362 52.46 46.70 -24.26
CA LEU G 362 52.66 46.61 -25.71
C LEU G 362 51.35 46.37 -26.46
N THR G 363 50.25 46.15 -25.75
CA THR G 363 48.96 45.76 -26.40
C THR G 363 48.44 46.89 -27.28
N PRO G 364 48.72 48.19 -27.03
CA PRO G 364 48.39 49.25 -27.99
C PRO G 364 49.09 49.11 -29.35
N MET G 365 50.22 48.41 -29.41
CA MET G 365 50.98 48.16 -30.66
C MET G 365 50.58 46.81 -31.25
N GLY G 366 49.76 46.08 -30.51
CA GLY G 366 49.23 44.77 -30.94
C GLY G 366 50.23 43.67 -30.71
N LEU G 367 51.04 43.78 -29.67
CA LEU G 367 52.11 42.79 -29.39
C LEU G 367 51.90 42.18 -28.01
N THR G 368 52.20 40.89 -27.88
CA THR G 368 52.30 40.19 -26.58
C THR G 368 53.73 40.38 -26.10
N GLY G 369 53.98 40.34 -24.79
CA GLY G 369 55.34 40.27 -24.22
C GLY G 369 56.05 38.98 -24.60
N LYS G 370 55.33 37.88 -24.78
CA LYS G 370 55.91 36.51 -24.95
C LYS G 370 56.78 36.49 -26.19
N VAL G 371 56.30 37.15 -27.25
CA VAL G 371 56.94 37.14 -28.59
C VAL G 371 58.00 38.25 -28.61
N TYR G 372 57.69 39.48 -28.18
CA TYR G 372 58.65 40.61 -28.17
C TYR G 372 59.91 40.17 -27.42
N GLU G 373 59.72 39.62 -26.24
CA GLU G 373 60.78 39.05 -25.37
C GLU G 373 61.74 38.20 -26.21
N LYS G 374 61.21 37.36 -27.11
CA LYS G 374 61.97 36.33 -27.88
C LYS G 374 62.66 36.97 -29.08
N VAL G 375 62.10 38.03 -29.65
CA VAL G 375 62.75 38.82 -30.73
C VAL G 375 63.90 39.62 -30.12
N CYS G 376 63.68 40.34 -29.02
CA CYS G 376 64.74 41.10 -28.32
C CYS G 376 65.92 40.18 -28.01
N GLU G 377 65.65 38.92 -27.68
CA GLU G 377 66.71 37.91 -27.40
C GLU G 377 67.60 37.75 -28.63
N MET G 378 66.96 37.55 -29.79
CA MET G 378 67.61 37.38 -31.10
C MET G 378 68.50 38.58 -31.38
N CYS G 379 68.19 39.76 -30.86
CA CYS G 379 68.93 41.01 -31.14
C CYS G 379 69.87 41.36 -29.99
N HIS G 380 70.27 40.37 -29.19
CA HIS G 380 71.15 40.52 -28.00
C HIS G 380 70.61 41.54 -26.98
N ILE G 381 69.29 41.67 -26.86
CA ILE G 381 68.63 42.50 -25.81
C ILE G 381 67.85 41.59 -24.86
N THR G 382 68.27 41.52 -23.60
CA THR G 382 67.59 40.62 -22.63
C THR G 382 66.63 41.45 -21.76
N LEU G 383 65.34 41.12 -21.87
CA LEU G 383 64.14 41.62 -21.16
C LEU G 383 63.32 40.45 -20.62
N ASN G 384 62.21 40.74 -19.98
CA ASN G 384 61.26 39.66 -19.63
C ASN G 384 59.83 40.20 -19.70
N LYS G 385 58.96 39.44 -20.34
CA LYS G 385 57.50 39.69 -20.30
C LYS G 385 57.06 39.69 -18.85
N THR G 386 56.03 40.46 -18.51
CA THR G 386 55.30 40.27 -17.23
C THR G 386 53.79 40.42 -17.41
N ALA G 387 53.07 39.80 -16.48
CA ALA G 387 51.62 40.01 -16.20
C ALA G 387 51.36 41.46 -15.79
N ILE G 388 50.48 42.15 -16.53
CA ILE G 388 49.92 43.48 -16.18
C ILE G 388 48.38 43.41 -16.31
N PHE G 389 47.64 44.36 -15.75
CA PHE G 389 46.17 44.42 -15.92
C PHE G 389 45.85 45.19 -17.21
N GLY G 393 39.51 45.91 -16.95
CA GLY G 393 39.65 45.04 -15.78
C GLY G 393 40.64 43.90 -16.00
N THR G 394 40.80 43.42 -17.23
CA THR G 394 41.34 42.05 -17.54
C THR G 394 42.88 42.02 -17.62
N ILE G 395 43.42 40.81 -17.47
CA ILE G 395 44.86 40.47 -17.31
C ILE G 395 45.46 40.25 -18.70
N SER G 396 46.16 41.26 -19.26
CA SER G 396 46.77 41.20 -20.61
C SER G 396 48.16 40.56 -20.55
N PRO G 397 48.60 39.83 -21.61
CA PRO G 397 49.91 39.18 -21.62
C PRO G 397 50.98 40.10 -22.24
N GLY G 398 50.67 41.40 -22.34
CA GLY G 398 51.32 42.38 -23.22
C GLY G 398 52.28 43.31 -22.45
N GLY G 399 52.65 42.94 -21.23
CA GLY G 399 53.62 43.71 -20.43
C GLY G 399 55.03 43.23 -20.67
N VAL G 400 56.01 44.12 -20.56
CA VAL G 400 57.43 43.73 -20.36
C VAL G 400 58.02 44.58 -19.23
N ARG G 401 59.00 44.02 -18.53
CA ARG G 401 59.70 44.69 -17.41
C ARG G 401 61.17 44.95 -17.80
N ILE G 402 61.55 46.19 -17.60
CA ILE G 402 62.83 46.81 -17.99
C ILE G 402 63.44 47.48 -16.77
N GLY G 403 64.74 47.39 -16.55
CA GLY G 403 65.42 48.16 -15.49
C GLY G 403 66.79 48.67 -15.95
N THR G 404 67.33 49.66 -15.24
CA THR G 404 68.58 50.37 -15.60
C THR G 404 69.82 49.92 -14.83
N PRO G 405 69.73 49.12 -13.73
CA PRO G 405 70.92 48.81 -12.93
C PRO G 405 72.10 48.26 -13.74
N ALA G 406 71.85 47.30 -14.64
CA ALA G 406 72.88 46.48 -15.31
C ALA G 406 73.72 47.38 -16.19
N MET G 407 73.05 48.12 -17.07
CA MET G 407 73.78 48.95 -18.06
C MET G 407 74.30 50.20 -17.35
N THR G 408 73.64 50.62 -16.28
CA THR G 408 74.14 51.74 -15.45
C THR G 408 75.50 51.32 -14.92
N THR G 409 75.59 50.11 -14.39
CA THR G 409 76.83 49.57 -13.82
C THR G 409 77.92 49.60 -14.87
N ARG G 410 77.60 49.35 -16.13
CA ARG G 410 78.58 49.35 -17.26
C ARG G 410 78.94 50.76 -17.74
N GLY G 411 78.40 51.81 -17.11
CA GLY G 411 78.78 53.21 -17.37
C GLY G 411 77.87 53.88 -18.39
N CYS G 412 76.73 53.29 -18.68
CA CYS G 412 75.72 54.01 -19.49
C CYS G 412 75.14 55.18 -18.70
N ILE G 413 74.82 56.24 -19.45
CA ILE G 413 74.22 57.51 -18.95
C ILE G 413 73.00 57.83 -19.80
N GLU G 414 72.32 58.93 -19.46
CA GLU G 414 70.96 59.24 -19.95
C GLU G 414 70.90 59.07 -21.48
N SER G 415 71.78 59.72 -22.25
CA SER G 415 71.75 59.73 -23.74
C SER G 415 71.88 58.30 -24.27
N ASP G 416 72.62 57.45 -23.57
CA ASP G 416 72.80 56.03 -23.95
C ASP G 416 71.43 55.35 -23.91
N PHE G 417 70.68 55.57 -22.83
CA PHE G 417 69.34 54.95 -22.62
C PHE G 417 68.33 55.47 -23.65
N GLU G 418 68.53 56.70 -24.13
CA GLU G 418 67.73 57.22 -25.27
C GLU G 418 68.07 56.36 -26.50
N THR G 419 69.34 56.04 -26.71
CA THR G 419 69.73 55.16 -27.84
C THR G 419 68.98 53.85 -27.65
N MET G 420 69.08 53.26 -26.46
CA MET G 420 68.50 51.92 -26.15
C MET G 420 66.99 51.93 -26.38
N ALA G 421 66.32 53.02 -26.00
CA ALA G 421 64.91 53.25 -26.38
C ALA G 421 64.75 53.04 -27.89
N ASP G 422 65.60 53.63 -28.73
CA ASP G 422 65.44 53.53 -30.21
C ASP G 422 65.52 52.07 -30.64
N PHE G 423 66.38 51.30 -29.99
CA PHE G 423 66.56 49.86 -30.30
C PHE G 423 65.27 49.10 -29.94
N LEU G 424 64.74 49.44 -28.76
CA LEU G 424 63.49 48.87 -28.24
C LEU G 424 62.36 49.12 -29.23
N ILE G 425 62.21 50.34 -29.73
CA ILE G 425 61.14 50.63 -30.73
C ILE G 425 61.41 49.85 -32.03
N LYS G 426 62.63 49.94 -32.57
CA LYS G 426 62.94 49.24 -33.83
C LYS G 426 62.53 47.77 -33.65
N ALA G 427 62.84 47.17 -32.49
CA ALA G 427 62.56 45.75 -32.23
C ALA G 427 61.05 45.55 -32.38
N ALA G 428 60.27 46.45 -31.79
CA ALA G 428 58.80 46.41 -31.80
C ALA G 428 58.34 46.49 -33.25
N GLN G 429 58.76 47.52 -33.99
CA GLN G 429 58.35 47.77 -35.41
C GLN G 429 58.56 46.50 -36.24
N ILE G 430 59.66 45.80 -35.97
CA ILE G 430 60.07 44.55 -36.66
C ILE G 430 59.11 43.44 -36.27
N THR G 431 58.80 43.35 -34.99
CA THR G 431 57.89 42.32 -34.47
C THR G 431 56.55 42.46 -35.19
N SER G 432 55.96 43.66 -35.20
CA SER G 432 54.67 43.93 -35.89
C SER G 432 54.77 43.45 -37.34
N ALA G 433 55.80 43.95 -38.05
CA ALA G 433 56.12 43.66 -39.47
C ALA G 433 56.14 42.15 -39.73
N LEU G 434 56.71 41.37 -38.81
CA LEU G 434 56.94 39.90 -38.97
C LEU G 434 55.64 39.15 -38.72
N GLN G 435 54.95 39.50 -37.63
CA GLN G 435 53.61 38.96 -37.28
C GLN G 435 52.70 39.15 -38.49
N ARG G 436 52.78 40.33 -39.12
CA ARG G 436 51.95 40.70 -40.30
C ARG G 436 52.25 39.71 -41.43
N GLU G 437 53.49 39.67 -41.94
CA GLU G 437 53.81 38.80 -43.10
C GLU G 437 53.73 37.32 -42.72
N HIS G 438 54.50 36.86 -41.73
CA HIS G 438 54.76 35.42 -41.48
C HIS G 438 54.08 34.90 -40.21
N GLY G 439 53.07 35.59 -39.67
CA GLY G 439 52.40 35.20 -38.40
C GLY G 439 51.49 34.00 -38.61
N LYS G 440 51.04 33.84 -39.85
CA LYS G 440 50.06 32.81 -40.33
C LYS G 440 50.38 31.45 -39.71
N SER G 441 51.66 31.09 -39.64
CA SER G 441 52.14 29.83 -39.05
C SER G 441 53.26 30.14 -38.06
N HIS G 442 53.27 29.46 -36.92
CA HIS G 442 54.31 29.55 -35.87
C HIS G 442 55.66 29.03 -36.43
N LYS G 443 55.63 27.96 -37.23
CA LYS G 443 56.81 27.32 -37.89
C LYS G 443 57.41 28.32 -38.89
N GLU G 444 56.57 28.91 -39.73
CA GLU G 444 56.93 29.87 -40.81
C GLU G 444 57.43 31.19 -40.19
N PHE G 445 57.07 31.44 -38.93
CA PHE G 445 57.43 32.69 -38.20
C PHE G 445 58.81 32.54 -37.56
N VAL G 446 59.03 31.42 -36.87
CA VAL G 446 60.31 31.07 -36.19
C VAL G 446 61.42 30.95 -37.25
N LYS G 447 61.09 30.47 -38.45
CA LYS G 447 62.06 30.43 -39.57
C LYS G 447 62.48 31.88 -39.85
N SER G 448 61.53 32.76 -40.21
CA SER G 448 61.78 34.17 -40.63
C SER G 448 62.53 34.92 -39.53
N LEU G 449 62.26 34.57 -38.28
CA LEU G 449 62.97 35.10 -37.10
C LEU G 449 64.47 34.89 -37.25
N CYS G 450 64.89 33.64 -37.49
CA CYS G 450 66.32 33.25 -37.58
C CYS G 450 66.97 33.98 -38.74
N THR G 451 66.24 34.16 -39.85
CA THR G 451 66.81 34.48 -41.18
C THR G 451 66.32 35.84 -41.71
N ASN G 452 66.10 36.83 -40.83
CA ASN G 452 65.57 38.15 -41.24
C ASN G 452 66.72 39.15 -41.29
N LYS G 453 66.69 40.10 -42.22
CA LYS G 453 67.78 41.08 -42.45
C LYS G 453 67.71 42.15 -41.37
N ASP G 454 66.52 42.69 -41.12
CA ASP G 454 66.27 43.82 -40.17
C ASP G 454 66.65 43.40 -38.75
N ILE G 455 66.43 42.14 -38.35
CA ILE G 455 66.85 41.60 -37.01
C ILE G 455 68.37 41.55 -36.99
N ALA G 456 68.95 41.06 -38.08
CA ALA G 456 70.41 40.89 -38.20
C ALA G 456 71.02 42.27 -38.14
N GLU G 457 70.42 43.26 -38.81
CA GLU G 457 70.94 44.65 -38.83
C GLU G 457 70.88 45.26 -37.42
N LEU G 458 69.78 45.07 -36.70
CA LEU G 458 69.62 45.60 -35.31
C LEU G 458 70.51 44.84 -34.32
N ARG G 459 70.62 43.52 -34.43
CA ARG G 459 71.58 42.77 -33.58
C ARG G 459 72.98 43.40 -33.73
N ASN G 460 73.40 43.65 -34.96
CA ASN G 460 74.74 44.20 -35.20
C ASN G 460 74.83 45.54 -34.50
N ARG G 461 73.83 46.41 -34.63
CA ARG G 461 73.91 47.75 -33.99
C ARG G 461 74.05 47.59 -32.48
N VAL G 462 73.34 46.61 -31.92
CA VAL G 462 73.30 46.36 -30.46
C VAL G 462 74.65 45.82 -30.02
N GLU G 463 75.24 44.91 -30.78
CA GLU G 463 76.55 44.34 -30.39
C GLU G 463 77.53 45.50 -30.42
N ALA G 464 77.50 46.30 -31.47
CA ALA G 464 78.41 47.44 -31.67
C ALA G 464 78.27 48.37 -30.47
N PHE G 465 77.04 48.76 -30.17
CA PHE G 465 76.73 49.62 -28.99
C PHE G 465 77.34 49.02 -27.74
N ALA G 466 77.08 47.75 -27.51
CA ALA G 466 77.38 47.05 -26.27
C ALA G 466 78.88 47.12 -26.01
N LEU G 467 79.65 46.86 -27.05
CA LEU G 467 81.12 46.77 -26.95
C LEU G 467 81.74 48.13 -26.68
N GLN G 468 80.93 49.21 -26.74
CA GLN G 468 81.34 50.57 -26.30
C GLN G 468 81.48 50.62 -24.77
N TYR G 469 80.89 49.71 -23.98
CA TYR G 469 80.83 49.87 -22.50
C TYR G 469 81.63 48.81 -21.78
N GLU G 470 82.30 49.24 -20.71
CA GLU G 470 83.17 48.35 -19.91
C GLU G 470 82.33 47.23 -19.28
N MET G 471 83.01 46.15 -18.94
CA MET G 471 82.38 44.96 -18.35
C MET G 471 83.26 44.49 -17.22
N PRO G 472 82.83 44.74 -15.96
CA PRO G 472 83.61 44.38 -14.78
C PRO G 472 84.22 42.97 -14.79
N ALA G 473 85.51 42.89 -14.46
CA ALA G 473 86.32 41.68 -14.23
C ALA G 473 86.55 40.88 -15.52
N SER G 474 87.20 41.45 -16.53
CA SER G 474 87.62 40.69 -17.75
C SER G 474 88.99 41.19 -18.23
N LEU H 4 83.74 60.47 -21.78
CA LEU H 4 83.37 59.09 -22.25
C LEU H 4 84.46 58.09 -21.85
N GLU H 5 85.69 58.28 -22.32
CA GLU H 5 86.80 57.35 -21.99
C GLU H 5 87.11 57.46 -20.49
N SER H 6 86.73 58.59 -19.88
CA SER H 6 86.93 58.85 -18.43
C SER H 6 85.95 58.01 -17.62
N ARG H 7 84.68 57.94 -18.06
CA ARG H 7 83.63 57.03 -17.53
C ARG H 7 84.08 55.57 -17.66
N ARG H 8 84.48 55.15 -18.86
CA ARG H 8 84.90 53.77 -19.18
C ARG H 8 86.02 53.34 -18.23
N ALA H 9 86.90 54.25 -17.82
CA ALA H 9 88.07 53.95 -16.95
C ALA H 9 87.63 53.82 -15.51
N ALA H 10 86.65 54.65 -15.10
CA ALA H 10 85.98 54.66 -13.77
C ALA H 10 85.33 53.30 -13.51
N VAL H 11 84.69 52.72 -14.52
CA VAL H 11 84.10 51.37 -14.44
C VAL H 11 85.21 50.35 -14.26
N ARG H 12 86.23 50.38 -15.12
CA ARG H 12 87.34 49.39 -15.09
C ARG H 12 88.05 49.50 -13.73
N ALA H 13 88.23 50.72 -13.23
CA ALA H 13 88.95 51.01 -11.97
C ALA H 13 88.29 50.23 -10.83
N TRP H 14 86.96 50.27 -10.78
CA TRP H 14 86.09 49.65 -9.74
C TRP H 14 85.95 48.14 -9.91
N GLY H 15 85.75 47.71 -11.16
CA GLY H 15 85.40 46.34 -11.57
C GLY H 15 86.59 45.41 -11.56
N ASP H 16 87.81 45.91 -11.76
CA ASP H 16 89.03 45.06 -11.86
C ASP H 16 89.95 45.27 -10.66
N GLN H 17 89.51 46.03 -9.68
CA GLN H 17 90.29 46.25 -8.43
C GLN H 17 90.47 44.92 -7.74
N PRO H 18 91.71 44.46 -7.47
CA PRO H 18 91.93 43.21 -6.76
C PRO H 18 91.48 43.31 -5.30
N ILE H 19 91.23 42.16 -4.69
CA ILE H 19 90.56 42.05 -3.36
C ILE H 19 91.45 42.73 -2.31
N HIS H 20 92.77 42.54 -2.44
CA HIS H 20 93.77 42.96 -1.44
C HIS H 20 93.82 44.49 -1.38
N LEU H 21 93.46 45.16 -2.47
CA LEU H 21 93.22 46.62 -2.48
C LEU H 21 91.78 46.91 -2.04
N ALA H 22 90.78 46.31 -2.69
CA ALA H 22 89.34 46.68 -2.59
C ALA H 22 88.81 46.53 -1.16
N ASP H 23 89.41 45.63 -0.40
CA ASP H 23 89.02 45.38 1.00
C ASP H 23 90.16 44.71 1.72
N PRO H 24 91.10 45.49 2.27
CA PRO H 24 92.23 44.94 3.00
C PRO H 24 91.77 44.21 4.27
N ASP H 25 90.77 44.75 4.98
CA ASP H 25 90.35 44.17 6.28
C ASP H 25 89.99 42.71 6.07
N ILE H 26 89.12 42.45 5.08
CA ILE H 26 88.65 41.09 4.68
C ILE H 26 89.83 40.27 4.16
N HIS H 27 90.55 40.79 3.17
CA HIS H 27 91.70 40.10 2.55
C HIS H 27 92.63 39.56 3.64
N GLU H 28 92.89 40.37 4.67
CA GLU H 28 93.78 39.98 5.79
C GLU H 28 93.22 38.71 6.41
N LEU H 29 91.97 38.77 6.85
CA LEU H 29 91.26 37.64 7.50
C LEU H 29 91.32 36.41 6.59
N MET H 30 91.02 36.56 5.30
CA MET H 30 91.02 35.44 4.31
C MET H 30 92.40 34.81 4.25
N GLU H 31 93.46 35.63 4.32
CA GLU H 31 94.85 35.15 4.27
C GLU H 31 95.16 34.43 5.58
N LYS H 32 94.70 34.95 6.73
CA LYS H 32 94.89 34.29 8.05
C LYS H 32 94.22 32.91 8.03
N GLU H 33 93.04 32.80 7.42
CA GLU H 33 92.26 31.53 7.39
C GLU H 33 92.98 30.55 6.47
N LYS H 34 93.38 30.98 5.28
CA LYS H 34 94.15 30.13 4.35
C LYS H 34 95.37 29.57 5.08
N GLN H 35 96.00 30.35 5.97
CA GLN H 35 97.19 29.89 6.74
C GLN H 35 96.73 28.85 7.76
N ARG H 36 95.73 29.18 8.56
CA ARG H 36 95.16 28.25 9.57
C ARG H 36 94.93 26.88 8.93
N GLN H 37 94.33 26.86 7.75
CA GLN H 37 93.98 25.64 6.98
C GLN H 37 95.24 24.84 6.73
N VAL H 38 96.33 25.50 6.35
CA VAL H 38 97.59 24.83 5.92
C VAL H 38 98.31 24.26 7.16
N ARG H 39 98.31 25.03 8.25
CA ARG H 39 99.20 24.78 9.42
C ARG H 39 98.49 23.93 10.48
N GLY H 40 97.33 23.38 10.14
CA GLY H 40 96.52 22.58 11.07
C GLY H 40 96.19 21.24 10.48
N ILE H 41 95.77 20.32 11.34
CA ILE H 41 95.26 18.99 10.94
C ILE H 41 93.74 19.07 10.92
N GLU H 42 93.11 18.56 9.84
CA GLU H 42 91.64 18.56 9.62
C GLU H 42 91.11 17.13 9.68
N LEU H 43 90.47 16.79 10.79
CA LEU H 43 89.95 15.43 11.04
C LEU H 43 88.43 15.44 11.10
N ILE H 44 87.80 16.60 10.88
CA ILE H 44 86.33 16.66 10.70
C ILE H 44 85.99 15.85 9.44
N ALA H 45 85.11 14.86 9.60
CA ALA H 45 84.82 13.84 8.56
C ALA H 45 84.08 14.52 7.41
N SER H 46 83.28 15.54 7.73
CA SER H 46 82.56 16.40 6.76
C SER H 46 83.57 17.02 5.79
N GLU H 47 84.49 17.80 6.37
CA GLU H 47 85.37 18.76 5.67
C GLU H 47 86.17 18.07 4.58
N ASN H 48 86.49 18.86 3.56
CA ASN H 48 87.44 18.50 2.48
C ASN H 48 87.91 19.79 1.81
N PHE H 49 88.99 19.69 1.03
CA PHE H 49 89.62 20.83 0.33
C PHE H 49 89.38 20.69 -1.18
N VAL H 50 88.86 21.75 -1.81
CA VAL H 50 88.55 21.73 -3.26
C VAL H 50 89.76 22.20 -4.08
N CYS H 51 89.79 21.77 -5.33
CA CYS H 51 90.84 22.11 -6.32
C CYS H 51 90.53 23.49 -6.89
N ARG H 52 91.52 24.05 -7.59
CA ARG H 52 91.50 25.44 -8.08
C ARG H 52 90.36 25.62 -9.07
N ALA H 53 90.27 24.71 -10.04
CA ALA H 53 89.25 24.75 -11.11
C ALA H 53 87.88 25.00 -10.49
N VAL H 54 87.60 24.35 -9.36
CA VAL H 54 86.30 24.49 -8.68
C VAL H 54 86.20 25.92 -8.17
N MET H 55 87.23 26.43 -7.52
CA MET H 55 87.22 27.84 -7.07
C MET H 55 87.01 28.76 -8.28
N GLU H 56 87.71 28.51 -9.38
CA GLU H 56 87.62 29.41 -10.55
C GLU H 56 86.16 29.47 -11.01
N ALA H 57 85.48 28.33 -11.04
CA ALA H 57 84.08 28.26 -11.46
C ALA H 57 83.25 29.14 -10.52
N LEU H 58 83.45 28.98 -9.22
CA LEU H 58 82.65 29.66 -8.17
C LEU H 58 82.80 31.17 -8.33
N GLY H 59 84.06 31.62 -8.46
CA GLY H 59 84.42 33.04 -8.53
C GLY H 59 84.41 33.51 -9.96
N SER H 60 83.25 33.51 -10.63
CA SER H 60 83.17 33.75 -12.08
C SER H 60 81.94 34.57 -12.43
N HIS H 61 81.92 35.01 -13.68
CA HIS H 61 80.83 35.83 -14.28
CA HIS H 61 80.84 35.82 -14.31
C HIS H 61 79.50 35.10 -14.26
N LEU H 62 79.50 33.80 -13.91
CA LEU H 62 78.24 33.00 -13.88
C LEU H 62 77.28 33.53 -12.79
N THR H 63 77.80 34.04 -11.69
CA THR H 63 76.99 34.74 -10.68
C THR H 63 76.23 35.88 -11.35
N ASN H 64 76.49 36.24 -12.57
CA ASN H 64 75.89 37.49 -13.11
C ASN H 64 74.53 37.17 -13.66
N LYS H 65 74.31 35.91 -14.02
CA LYS H 65 73.13 35.52 -14.80
C LYS H 65 72.14 34.84 -13.87
N TYR H 66 70.90 35.35 -13.86
CA TYR H 66 69.76 34.77 -13.10
C TYR H 66 69.02 33.83 -14.03
N SER H 67 68.84 32.61 -13.56
CA SER H 67 68.35 31.52 -14.40
C SER H 67 67.18 30.85 -13.67
N GLU H 68 66.19 31.61 -13.23
CA GLU H 68 65.02 30.95 -12.59
C GLU H 68 64.50 29.89 -13.56
N GLY H 69 64.19 28.70 -13.08
CA GLY H 69 63.55 27.70 -13.94
C GLY H 69 64.38 26.45 -14.08
N MET H 70 64.14 25.74 -15.18
CA MET H 70 64.80 24.47 -15.55
C MET H 70 65.39 24.75 -16.92
N PRO H 71 66.47 24.03 -17.35
CA PRO H 71 66.99 24.17 -18.72
C PRO H 71 65.90 23.98 -19.79
N GLY H 72 65.91 24.83 -20.83
CA GLY H 72 64.97 24.79 -21.97
C GLY H 72 63.59 25.31 -21.61
N ALA H 73 63.37 25.65 -20.33
CA ALA H 73 62.08 26.12 -19.77
C ALA H 73 62.37 27.13 -18.68
N ARG H 74 63.14 28.18 -19.01
CA ARG H 74 63.53 29.23 -18.04
C ARG H 74 62.54 30.38 -18.08
N TYR H 75 62.51 31.14 -16.99
CA TYR H 75 61.69 32.37 -16.81
C TYR H 75 62.36 33.49 -17.57
N TYR H 76 63.69 33.46 -17.71
CA TYR H 76 64.45 34.54 -18.41
C TYR H 76 65.10 34.08 -19.72
N THR H 77 65.21 35.04 -20.66
CA THR H 77 66.01 34.97 -21.91
C THR H 77 67.49 35.00 -21.57
N GLY H 78 68.33 34.56 -22.50
CA GLY H 78 69.81 34.66 -22.42
C GLY H 78 70.45 33.42 -21.83
N ASN H 79 69.71 32.33 -21.67
CA ASN H 79 70.18 31.19 -20.83
C ASN H 79 70.70 30.08 -21.74
N GLN H 80 70.96 30.39 -23.00
CA GLN H 80 71.42 29.40 -24.02
C GLN H 80 72.64 28.65 -23.48
N TYR H 81 73.64 29.34 -22.91
CA TYR H 81 74.89 28.68 -22.45
C TYR H 81 74.72 28.14 -21.04
N ILE H 82 74.03 28.86 -20.17
CA ILE H 82 73.78 28.32 -18.82
C ILE H 82 73.02 26.99 -18.89
N ASP H 83 72.06 26.89 -19.79
CA ASP H 83 71.32 25.62 -20.00
C ASP H 83 72.31 24.52 -20.33
N GLN H 84 73.24 24.78 -21.25
CA GLN H 84 74.19 23.74 -21.71
C GLN H 84 75.08 23.31 -20.57
N ILE H 85 75.47 24.22 -19.68
CA ILE H 85 76.24 23.90 -18.46
C ILE H 85 75.41 23.00 -17.54
N GLU H 86 74.22 23.44 -17.13
CA GLU H 86 73.34 22.67 -16.19
C GLU H 86 73.09 21.28 -16.78
N ASN H 87 72.70 21.20 -18.05
CA ASN H 87 72.50 19.91 -18.75
C ASN H 87 73.77 19.08 -18.70
N LEU H 88 74.89 19.70 -18.90
CA LEU H 88 76.15 18.94 -18.84
C LEU H 88 76.36 18.47 -17.40
N CYS H 89 76.13 19.33 -16.40
CA CYS H 89 76.28 18.99 -14.95
C CYS H 89 75.38 17.79 -14.65
N ILE H 90 74.16 17.78 -15.18
CA ILE H 90 73.19 16.68 -14.97
C ILE H 90 73.77 15.38 -15.53
N GLU H 91 74.16 15.40 -16.81
CA GLU H 91 74.70 14.22 -17.49
C GLU H 91 75.78 13.63 -16.61
N ARG H 92 76.67 14.47 -16.11
CA ARG H 92 77.88 14.04 -15.39
C ARG H 92 77.46 13.44 -14.06
N ALA H 93 76.40 13.97 -13.48
CA ALA H 93 75.82 13.48 -12.22
C ALA H 93 75.35 12.03 -12.41
N LEU H 94 74.61 11.75 -13.48
CA LEU H 94 74.15 10.37 -13.77
C LEU H 94 75.37 9.48 -13.97
N THR H 95 76.27 9.86 -14.86
CA THR H 95 77.47 9.08 -15.16
C THR H 95 78.17 8.75 -13.84
N ALA H 96 78.35 9.73 -12.98
CA ALA H 96 79.12 9.59 -11.73
C ALA H 96 78.61 8.41 -10.90
N PHE H 97 77.31 8.17 -10.90
CA PHE H 97 76.68 7.17 -9.99
C PHE H 97 76.25 5.96 -10.81
N GLY H 98 76.68 5.92 -12.06
CA GLY H 98 76.39 4.82 -12.99
C GLY H 98 74.91 4.63 -13.19
N LEU H 99 74.22 5.70 -13.57
CA LEU H 99 72.74 5.68 -13.76
C LEU H 99 72.45 5.97 -15.22
N GLU H 100 71.23 5.68 -15.64
CA GLU H 100 70.81 5.95 -17.04
C GLU H 100 69.67 6.95 -16.98
N SER H 101 69.66 7.88 -17.93
CA SER H 101 68.66 8.96 -18.02
C SER H 101 67.25 8.37 -18.14
N ASP H 102 67.12 7.18 -18.70
CA ASP H 102 65.78 6.60 -18.94
C ASP H 102 65.18 6.16 -17.60
N LYS H 103 66.02 5.87 -16.60
CA LYS H 103 65.60 5.27 -15.31
C LYS H 103 65.65 6.30 -14.16
N TRP H 104 66.50 7.32 -14.28
CA TRP H 104 66.76 8.34 -13.22
C TRP H 104 66.80 9.74 -13.81
N GLY H 105 66.35 10.71 -13.03
CA GLY H 105 66.56 12.15 -13.29
C GLY H 105 67.24 12.82 -12.10
N VAL H 106 67.72 14.04 -12.26
CA VAL H 106 68.47 14.70 -11.16
C VAL H 106 68.27 16.22 -11.23
N ASN H 107 67.87 16.79 -10.10
CA ASN H 107 67.76 18.25 -9.91
C ASN H 107 69.00 18.68 -9.13
N VAL H 108 69.72 19.67 -9.64
CA VAL H 108 71.05 20.07 -9.09
C VAL H 108 70.97 21.47 -8.48
N GLN H 109 69.78 22.04 -8.43
CA GLN H 109 69.54 23.40 -7.92
C GLN H 109 69.51 23.48 -6.39
N PRO H 110 69.28 22.42 -5.59
CA PRO H 110 69.13 22.61 -4.16
C PRO H 110 70.29 23.37 -3.49
N TYR H 111 69.99 24.44 -2.76
CA TYR H 111 71.00 25.33 -2.16
C TYR H 111 71.85 24.59 -1.10
N SER H 112 71.38 23.46 -0.56
CA SER H 112 72.02 22.67 0.53
C SER H 112 71.41 21.27 0.62
N CYS H 113 72.02 20.35 1.35
CA CYS H 113 71.46 18.99 1.44
C CYS H 113 70.17 19.03 2.27
N THR H 114 70.18 19.75 3.39
CA THR H 114 68.94 20.04 4.17
C THR H 114 67.86 20.46 3.16
N SER H 115 68.12 21.58 2.43
CA SER H 115 67.14 22.21 1.48
C SER H 115 66.55 21.14 0.55
N ALA H 116 67.41 20.22 0.10
CA ALA H 116 67.10 19.13 -0.83
C ALA H 116 66.14 18.17 -0.16
N ASN H 117 66.48 17.69 1.02
CA ASN H 117 65.57 16.78 1.77
C ASN H 117 64.20 17.43 1.84
N PHE H 118 64.13 18.69 2.26
CA PHE H 118 62.86 19.33 2.58
C PHE H 118 62.01 19.51 1.32
N ALA H 119 62.68 19.67 0.18
CA ALA H 119 61.97 19.77 -1.11
C ALA H 119 61.30 18.44 -1.43
N VAL H 120 62.01 17.34 -1.22
CA VAL H 120 61.42 15.98 -1.40
C VAL H 120 60.14 15.89 -0.55
N TYR H 121 60.26 16.21 0.73
CA TYR H 121 59.09 16.09 1.64
C TYR H 121 57.97 16.98 1.11
N THR H 122 58.29 18.24 0.82
CA THR H 122 57.25 19.22 0.39
C THR H 122 56.64 18.81 -0.95
N GLY H 123 57.38 18.08 -1.78
CA GLY H 123 56.91 17.72 -3.12
C GLY H 123 56.00 16.53 -3.05
N LEU H 124 56.33 15.58 -2.19
CA LEU H 124 55.69 14.23 -2.20
C LEU H 124 54.53 14.19 -1.22
N LEU H 125 54.61 14.94 -0.14
CA LEU H 125 53.72 14.80 1.03
C LEU H 125 52.90 16.04 1.21
N LEU H 126 51.72 15.87 1.80
CA LEU H 126 50.89 16.97 2.34
C LEU H 126 51.50 17.40 3.65
N PRO H 127 51.41 18.68 4.01
CA PRO H 127 51.90 19.11 5.30
C PRO H 127 51.28 18.19 6.38
N GLY H 128 52.09 17.80 7.35
CA GLY H 128 51.69 17.07 8.55
C GLY H 128 51.90 15.58 8.36
N GLU H 129 52.09 15.10 7.11
CA GLU H 129 52.18 13.64 6.83
C GLU H 129 53.42 13.09 7.54
N ARG H 130 53.57 11.78 7.59
CA ARG H 130 54.54 11.14 8.50
C ARG H 130 55.79 10.68 7.76
N ILE H 131 56.94 10.94 8.38
CA ILE H 131 58.28 10.48 7.90
C ILE H 131 59.04 9.84 9.07
N MET H 132 60.00 9.01 8.70
CA MET H 132 60.84 8.25 9.65
C MET H 132 62.26 8.23 9.13
N GLY H 133 63.21 8.78 9.89
CA GLY H 133 64.66 8.76 9.56
C GLY H 133 65.51 8.45 10.78
N LEU H 134 66.78 8.14 10.55
CA LEU H 134 67.77 7.94 11.64
C LEU H 134 68.02 9.26 12.38
N ASP H 135 68.41 9.18 13.67
CA ASP H 135 68.65 10.35 14.55
C ASP H 135 69.99 10.18 15.26
N SER H 136 70.78 11.26 15.40
CA SER H 136 72.01 11.29 16.27
C SER H 136 71.62 11.53 17.72
N PRO H 137 71.66 10.50 18.61
CA PRO H 137 71.21 10.64 20.00
C PRO H 137 71.53 12.03 20.58
N LYS H 153 60.96 20.75 18.89
CA LYS H 153 61.16 20.40 17.46
C LYS H 153 62.33 21.25 16.94
N ILE H 154 63.30 20.63 16.25
CA ILE H 154 64.56 21.31 15.82
C ILE H 154 64.54 21.51 14.29
N SER H 155 64.57 20.42 13.52
CA SER H 155 64.54 20.45 12.04
C SER H 155 63.19 20.98 11.56
N ALA H 156 63.14 21.62 10.42
CA ALA H 156 61.90 22.11 9.77
C ALA H 156 61.07 20.93 9.26
N ALA H 157 61.73 19.81 8.99
CA ALA H 157 61.06 18.53 8.65
C ALA H 157 60.15 18.14 9.83
N SER H 158 60.66 18.27 11.06
CA SER H 158 59.90 17.83 12.25
C SER H 158 58.87 18.89 12.62
N ILE H 159 58.94 20.07 12.03
CA ILE H 159 57.99 21.18 12.31
C ILE H 159 56.79 21.06 11.39
N PHE H 160 57.01 20.87 10.10
CA PHE H 160 55.97 21.02 9.07
C PHE H 160 55.39 19.66 8.71
N PHE H 161 56.03 18.59 9.19
CA PHE H 161 55.64 17.17 8.98
C PHE H 161 55.73 16.46 10.32
N GLU H 162 55.49 15.16 10.31
CA GLU H 162 55.47 14.34 11.55
C GLU H 162 56.64 13.39 11.46
N SER H 163 57.72 13.72 12.16
CA SER H 163 58.97 12.91 12.19
C SER H 163 58.95 11.97 13.38
N PHE H 164 59.10 10.67 13.16
CA PHE H 164 59.28 9.69 14.27
C PHE H 164 60.57 8.96 13.99
N PRO H 165 61.71 9.44 14.54
CA PRO H 165 63.00 8.95 14.14
C PRO H 165 63.27 7.61 14.81
N TYR H 166 64.20 6.85 14.22
CA TYR H 166 64.75 5.56 14.74
C TYR H 166 66.23 5.74 15.07
N LYS H 167 66.82 4.80 15.81
CA LYS H 167 68.20 4.97 16.34
C LYS H 167 68.91 3.63 16.35
N VAL H 168 70.23 3.69 16.52
CA VAL H 168 71.13 2.52 16.53
C VAL H 168 70.89 1.76 17.82
N ASN H 169 71.27 0.49 17.86
CA ASN H 169 71.17 -0.33 19.09
C ASN H 169 72.17 0.24 20.07
N PRO H 170 71.71 0.69 21.27
CA PRO H 170 72.59 1.27 22.29
C PRO H 170 73.78 0.42 22.76
N GLN H 171 73.68 -0.91 22.77
CA GLN H 171 74.82 -1.75 23.21
C GLN H 171 75.78 -1.95 22.04
N THR H 172 75.27 -2.33 20.87
CA THR H 172 76.08 -2.73 19.69
C THR H 172 76.69 -1.49 19.00
N GLY H 173 75.92 -0.42 18.90
CA GLY H 173 76.26 0.75 18.07
C GLY H 173 75.76 0.58 16.64
N TYR H 174 75.62 -0.66 16.17
CA TYR H 174 75.03 -1.00 14.84
C TYR H 174 73.53 -0.72 14.85
N ILE H 175 72.98 -0.66 13.65
CA ILE H 175 71.52 -0.44 13.41
C ILE H 175 70.82 -1.77 13.65
N ASP H 176 69.67 -1.71 14.30
CA ASP H 176 68.82 -2.87 14.61
C ASP H 176 67.68 -2.88 13.59
N TYR H 177 67.83 -3.65 12.51
CA TYR H 177 66.89 -3.64 11.35
C TYR H 177 65.56 -4.27 11.77
N ASP H 178 65.58 -5.16 12.78
CA ASP H 178 64.35 -5.81 13.29
C ASP H 178 63.46 -4.77 13.98
N LYS H 179 64.04 -4.05 14.94
CA LYS H 179 63.35 -2.99 15.73
C LYS H 179 62.82 -1.95 14.74
N LEU H 180 63.64 -1.57 13.75
CA LEU H 180 63.26 -0.64 12.66
C LEU H 180 61.99 -1.15 11.95
N GLU H 181 61.98 -2.43 11.55
CA GLU H 181 60.81 -3.04 10.86
C GLU H 181 59.57 -2.89 11.75
N ASP H 182 59.70 -3.30 13.01
CA ASP H 182 58.60 -3.18 14.02
C ASP H 182 58.09 -1.73 13.94
N LYS H 183 58.98 -0.80 14.26
CA LYS H 183 58.66 0.63 14.39
C LYS H 183 57.98 1.15 13.12
N ALA H 184 58.46 0.73 11.95
CA ALA H 184 58.01 1.27 10.65
C ALA H 184 56.60 0.79 10.38
N LEU H 185 56.36 -0.48 10.70
CA LEU H 185 55.06 -1.15 10.46
C LEU H 185 54.01 -0.48 11.34
N ASP H 186 54.41 -0.17 12.57
CA ASP H 186 53.59 0.51 13.60
C ASP H 186 53.15 1.90 13.09
N TYR H 187 54.10 2.71 12.66
CA TYR H 187 53.94 4.18 12.43
C TYR H 187 53.51 4.43 10.98
N ARG H 188 53.71 3.45 10.09
CA ARG H 188 53.36 3.53 8.65
C ARG H 188 53.69 4.92 8.13
N PRO H 189 55.00 5.29 8.01
CA PRO H 189 55.40 6.58 7.43
C PRO H 189 55.30 6.61 5.90
N LYS H 190 54.85 7.73 5.33
CA LYS H 190 54.75 7.89 3.86
C LYS H 190 56.16 7.79 3.24
N ILE H 191 57.17 8.23 3.98
CA ILE H 191 58.59 8.22 3.53
C ILE H 191 59.45 7.67 4.65
N LEU H 192 60.28 6.71 4.31
CA LEU H 192 61.28 6.09 5.20
C LEU H 192 62.66 6.44 4.68
N ILE H 193 63.48 7.00 5.53
CA ILE H 193 64.78 7.59 5.11
C ILE H 193 65.91 6.83 5.77
N CYS H 194 66.86 6.36 4.96
CA CYS H 194 68.13 5.78 5.45
C CYS H 194 69.25 6.75 5.11
N GLY H 195 70.45 6.47 5.63
CA GLY H 195 71.57 7.43 5.69
C GLY H 195 71.22 8.54 6.64
N GLY H 196 71.81 9.73 6.45
CA GLY H 196 71.53 10.91 7.31
C GLY H 196 72.65 11.16 8.30
N SER H 197 72.69 10.43 9.42
CA SER H 197 73.77 10.62 10.43
C SER H 197 75.08 10.01 9.91
N SER H 198 76.18 10.45 10.51
CA SER H 198 77.51 9.81 10.44
C SER H 198 77.43 8.47 11.15
N TYR H 199 77.45 7.39 10.38
CA TYR H 199 77.37 5.98 10.83
C TYR H 199 78.59 5.26 10.27
N PRO H 200 79.47 4.71 11.12
CA PRO H 200 80.76 4.18 10.66
C PRO H 200 80.74 2.80 10.00
N ARG H 201 79.55 2.27 9.70
CA ARG H 201 79.40 0.95 9.04
C ARG H 201 78.45 1.06 7.85
N ASP H 202 78.54 0.06 6.96
CA ASP H 202 77.75 0.00 5.72
C ASP H 202 76.26 -0.15 6.04
N TRP H 203 75.39 0.32 5.15
CA TRP H 203 73.93 0.17 5.28
C TRP H 203 73.51 -1.10 4.56
N ASP H 204 72.47 -1.77 5.07
CA ASP H 204 71.81 -2.88 4.34
C ASP H 204 70.59 -2.31 3.61
N PHE H 205 70.84 -1.59 2.52
CA PHE H 205 69.79 -0.89 1.75
C PHE H 205 68.71 -1.91 1.34
N ALA H 206 69.16 -3.09 0.91
CA ALA H 206 68.29 -4.19 0.48
C ALA H 206 67.23 -4.45 1.55
N ARG H 207 67.69 -4.59 2.79
CA ARG H 207 66.83 -4.87 3.96
C ARG H 207 65.82 -3.73 4.15
N VAL H 208 66.31 -2.50 4.15
CA VAL H 208 65.49 -1.29 4.38
C VAL H 208 64.38 -1.24 3.32
N ARG H 209 64.74 -1.57 2.08
CA ARG H 209 63.75 -1.65 0.98
C ARG H 209 62.63 -2.60 1.41
N GLN H 210 62.97 -3.84 1.74
CA GLN H 210 61.95 -4.85 2.14
C GLN H 210 60.98 -4.17 3.10
N ILE H 211 61.52 -3.46 4.08
CA ILE H 211 60.73 -2.80 5.15
C ILE H 211 59.79 -1.77 4.52
N ALA H 212 60.37 -0.87 3.74
CA ALA H 212 59.63 0.20 3.04
C ALA H 212 58.47 -0.39 2.26
N ASP H 213 58.73 -1.49 1.57
CA ASP H 213 57.72 -2.18 0.74
C ASP H 213 56.61 -2.67 1.67
N LYS H 214 56.96 -3.18 2.86
CA LYS H 214 55.96 -3.79 3.79
C LYS H 214 55.01 -2.69 4.28
N CYS H 215 55.52 -1.57 4.76
CA CYS H 215 54.67 -0.52 5.38
C CYS H 215 54.23 0.49 4.32
N GLY H 216 54.32 0.11 3.05
CA GLY H 216 53.95 0.97 1.89
C GLY H 216 54.52 2.37 1.96
N ALA H 217 55.83 2.51 2.22
CA ALA H 217 56.54 3.81 2.28
C ALA H 217 57.44 3.94 1.04
N VAL H 218 57.65 5.18 0.59
CA VAL H 218 58.66 5.54 -0.44
C VAL H 218 60.02 5.46 0.25
N LEU H 219 61.02 4.79 -0.36
CA LEU H 219 62.36 4.71 0.27
C LEU H 219 63.25 5.82 -0.29
N MET H 220 63.80 6.63 0.61
CA MET H 220 64.72 7.76 0.33
C MET H 220 66.04 7.46 1.04
N CYS H 221 67.18 7.75 0.39
CA CYS H 221 68.52 7.74 1.04
C CYS H 221 69.16 9.13 1.04
N ASP H 222 69.63 9.60 2.19
CA ASP H 222 70.49 10.81 2.31
C ASP H 222 71.96 10.36 2.35
N MET H 223 72.64 10.53 1.23
CA MET H 223 73.92 9.87 0.93
C MET H 223 75.07 10.80 1.32
N ALA H 224 74.75 11.90 2.00
CA ALA H 224 75.68 13.02 2.28
C ALA H 224 77.06 12.51 2.75
N HIS H 225 77.09 11.58 3.70
CA HIS H 225 78.34 11.14 4.36
C HIS H 225 79.13 10.18 3.46
N ILE H 226 78.47 9.57 2.48
CA ILE H 226 79.06 8.42 1.74
C ILE H 226 79.11 8.71 0.24
N SER H 227 78.66 9.90 -0.18
CA SER H 227 78.52 10.30 -1.59
C SER H 227 79.73 9.81 -2.36
N GLY H 228 80.93 9.99 -1.77
CA GLY H 228 82.21 9.60 -2.39
C GLY H 228 82.26 8.10 -2.60
N LEU H 229 82.05 7.36 -1.50
CA LEU H 229 82.19 5.88 -1.48
C LEU H 229 81.22 5.32 -2.51
N VAL H 230 80.01 5.86 -2.54
CA VAL H 230 78.93 5.32 -3.38
C VAL H 230 79.39 5.42 -4.84
N ALA H 231 79.76 6.59 -5.30
CA ALA H 231 80.12 6.82 -6.72
C ALA H 231 81.21 5.84 -7.14
N THR H 232 82.10 5.49 -6.24
CA THR H 232 83.29 4.65 -6.56
C THR H 232 82.99 3.17 -6.27
N LYS H 233 81.76 2.84 -5.90
CA LYS H 233 81.35 1.45 -5.60
C LYS H 233 82.25 0.90 -4.50
N GLU H 234 82.62 1.73 -3.53
CA GLU H 234 83.46 1.34 -2.37
C GLU H 234 82.58 1.27 -1.13
N CYS H 235 81.25 1.17 -1.31
CA CYS H 235 80.24 0.81 -0.28
C CYS H 235 78.90 0.51 -0.95
N SER H 236 77.96 -0.04 -0.17
CA SER H 236 76.58 -0.43 -0.58
C SER H 236 75.95 0.68 -1.41
N ASN H 237 75.29 0.32 -2.51
CA ASN H 237 74.76 1.30 -3.48
C ASN H 237 73.28 1.51 -3.20
N PRO H 238 72.87 2.68 -2.68
CA PRO H 238 71.47 2.92 -2.40
C PRO H 238 70.65 3.11 -3.68
N PHE H 239 71.28 3.43 -4.80
CA PHE H 239 70.54 3.60 -6.06
C PHE H 239 69.93 2.26 -6.48
N ASP H 240 70.49 1.15 -6.02
CA ASP H 240 70.00 -0.22 -6.34
C ASP H 240 68.62 -0.44 -5.69
N HIS H 241 68.24 0.33 -4.68
CA HIS H 241 67.10 -0.02 -3.79
C HIS H 241 66.16 1.18 -3.54
N CYS H 242 66.69 2.40 -3.52
CA CYS H 242 65.89 3.58 -3.12
C CYS H 242 65.22 4.13 -4.36
N ASP H 243 64.12 4.85 -4.14
CA ASP H 243 63.35 5.55 -5.20
C ASP H 243 63.87 6.98 -5.28
N ILE H 244 64.54 7.45 -4.23
CA ILE H 244 65.09 8.84 -4.18
C ILE H 244 66.39 8.84 -3.41
N VAL H 245 67.38 9.55 -3.93
CA VAL H 245 68.67 9.78 -3.23
C VAL H 245 69.00 11.28 -3.28
N THR H 246 69.18 11.85 -2.10
CA THR H 246 69.68 13.22 -1.92
C THR H 246 71.14 13.14 -1.50
N SER H 247 71.84 14.26 -1.63
CA SER H 247 73.23 14.36 -1.16
C SER H 247 73.74 15.80 -1.12
N THR H 248 74.84 15.90 -0.41
CA THR H 248 75.65 17.11 -0.32
C THR H 248 76.71 17.00 -1.40
N THR H 249 76.92 18.11 -2.13
CA THR H 249 77.84 18.24 -3.27
C THR H 249 79.29 18.54 -2.85
N HIS H 250 79.61 18.60 -1.58
CA HIS H 250 80.89 19.24 -1.17
C HIS H 250 81.71 18.43 -0.17
N LYS H 251 81.30 17.20 0.13
CA LYS H 251 81.90 16.48 1.27
C LYS H 251 82.86 15.44 0.71
N GLY H 252 82.33 14.27 0.31
CA GLY H 252 83.11 13.24 -0.39
C GLY H 252 83.54 13.74 -1.76
N LEU H 253 82.67 14.53 -2.40
CA LEU H 253 82.77 14.90 -3.84
C LEU H 253 83.73 16.06 -4.06
N ARG H 254 84.16 16.74 -2.99
CA ARG H 254 85.09 17.90 -3.07
C ARG H 254 84.57 18.92 -4.07
N GLY H 255 83.25 19.04 -4.16
CA GLY H 255 82.60 20.04 -4.99
C GLY H 255 82.24 21.25 -4.14
N PRO H 256 81.41 22.14 -4.68
CA PRO H 256 81.01 23.34 -4.00
C PRO H 256 79.85 23.03 -3.07
N ARG H 257 79.63 23.89 -2.07
CA ARG H 257 78.56 23.71 -1.08
C ARG H 257 77.21 23.75 -1.82
N GLY H 258 76.41 22.72 -1.61
CA GLY H 258 75.00 22.68 -2.04
C GLY H 258 74.46 21.29 -1.85
N GLY H 259 73.29 21.05 -2.43
CA GLY H 259 72.64 19.74 -2.41
C GLY H 259 72.15 19.37 -3.78
N ILE H 260 71.58 18.17 -3.86
CA ILE H 260 71.26 17.48 -5.14
C ILE H 260 70.29 16.33 -4.85
N ILE H 261 69.34 16.13 -5.76
CA ILE H 261 68.25 15.14 -5.62
C ILE H 261 68.27 14.25 -6.85
N PHE H 262 68.38 12.93 -6.63
CA PHE H 262 68.15 11.91 -7.67
C PHE H 262 66.79 11.27 -7.41
N TYR H 263 66.04 11.00 -8.47
CA TYR H 263 64.68 10.43 -8.40
C TYR H 263 64.53 9.48 -9.58
N ARG H 264 63.71 8.46 -9.42
CA ARG H 264 63.47 7.48 -10.48
C ARG H 264 62.44 8.02 -11.46
N ARG H 265 62.55 7.56 -12.70
CA ARG H 265 61.80 8.06 -13.88
C ARG H 265 61.16 6.85 -14.59
N GLY H 266 60.16 7.08 -15.45
CA GLY H 266 59.56 6.07 -16.34
C GLY H 266 58.94 4.93 -15.54
N PRO H 267 58.82 3.72 -16.12
CA PRO H 267 58.10 2.61 -15.48
C PRO H 267 58.64 2.06 -14.14
N LYS H 268 57.75 1.48 -13.34
CA LYS H 268 58.10 0.58 -12.21
C LYS H 268 58.12 -0.86 -12.73
N THR H 283 52.56 1.54 -12.02
CA THR H 283 52.42 2.16 -13.36
C THR H 283 53.74 2.79 -13.80
N HIS H 284 53.85 4.12 -13.66
CA HIS H 284 55.08 4.93 -13.83
C HIS H 284 55.35 5.73 -12.55
N TYR H 285 56.59 6.13 -12.35
CA TYR H 285 57.00 6.95 -11.19
C TYR H 285 56.42 8.36 -11.36
N ASP H 286 56.09 9.01 -10.23
CA ASP H 286 55.41 10.32 -10.24
C ASP H 286 56.28 11.41 -9.58
N LEU H 287 57.59 11.24 -9.57
CA LEU H 287 58.48 11.98 -8.64
C LEU H 287 58.99 13.28 -9.26
N GLU H 288 59.38 13.21 -10.51
CA GLU H 288 60.13 14.27 -11.24
C GLU H 288 59.36 15.58 -11.14
N GLU H 289 58.16 15.64 -11.70
CA GLU H 289 57.36 16.89 -11.78
C GLU H 289 57.14 17.46 -10.37
N LYS H 290 56.85 16.62 -9.38
CA LYS H 290 56.54 17.04 -7.99
C LYS H 290 57.77 17.59 -7.27
N ILE H 291 58.89 16.90 -7.41
CA ILE H 291 60.18 17.35 -6.81
C ILE H 291 60.66 18.64 -7.49
N ASN H 292 60.75 18.63 -8.82
CA ASN H 292 61.30 19.80 -9.56
C ASN H 292 60.50 21.05 -9.14
N PHE H 293 59.17 20.94 -9.08
CA PHE H 293 58.26 22.06 -8.76
C PHE H 293 58.51 22.52 -7.32
N ALA H 294 58.81 21.59 -6.44
CA ALA H 294 58.99 21.88 -4.99
C ALA H 294 60.24 22.75 -4.84
N VAL H 295 61.33 22.34 -5.48
CA VAL H 295 62.61 23.10 -5.51
C VAL H 295 62.32 24.49 -6.09
N PHE H 296 61.80 24.56 -7.30
CA PHE H 296 61.37 25.82 -7.92
C PHE H 296 60.08 25.56 -8.67
N PRO H 297 59.05 26.39 -8.47
CA PRO H 297 59.18 27.63 -7.72
C PRO H 297 58.82 27.59 -6.23
N SER H 298 58.52 26.47 -5.62
CA SER H 298 57.97 26.49 -4.24
C SER H 298 59.04 27.02 -3.28
N LEU H 299 60.15 26.33 -3.15
CA LEU H 299 61.05 26.57 -2.00
C LEU H 299 62.18 27.56 -2.32
N GLN H 300 62.74 27.54 -3.53
CA GLN H 300 63.92 28.36 -3.89
C GLN H 300 63.52 29.44 -4.90
N GLY H 301 64.46 30.34 -5.14
CA GLY H 301 64.50 31.16 -6.37
C GLY H 301 65.41 30.50 -7.39
N GLY H 302 66.14 31.35 -8.11
CA GLY H 302 67.13 30.94 -9.12
C GLY H 302 68.20 30.07 -8.48
N PRO H 303 68.85 29.20 -9.28
CA PRO H 303 69.99 28.43 -8.80
C PRO H 303 71.28 29.26 -8.89
N HIS H 304 72.26 28.81 -8.12
CA HIS H 304 73.64 29.32 -8.17
C HIS H 304 74.35 28.71 -9.38
N ASN H 305 74.27 29.39 -10.54
CA ASN H 305 74.88 28.93 -11.81
C ASN H 305 76.36 28.64 -11.61
N ASN H 306 77.01 29.43 -10.76
CA ASN H 306 78.45 29.31 -10.47
C ASN H 306 78.66 27.98 -9.76
N HIS H 307 77.84 27.68 -8.77
CA HIS H 307 77.93 26.42 -7.98
C HIS H 307 77.70 25.24 -8.92
N ILE H 308 76.86 25.40 -9.92
CA ILE H 308 76.50 24.28 -10.83
C ILE H 308 77.73 23.93 -11.68
N ALA H 309 78.32 24.93 -12.32
CA ALA H 309 79.54 24.77 -13.13
C ALA H 309 80.63 24.15 -12.27
N ALA H 310 80.86 24.67 -11.07
CA ALA H 310 81.82 24.10 -10.11
C ALA H 310 81.46 22.63 -9.82
N LEU H 311 80.18 22.31 -9.78
CA LEU H 311 79.72 20.92 -9.52
C LEU H 311 80.08 20.04 -10.72
N ALA H 312 79.75 20.52 -11.91
CA ALA H 312 80.04 19.81 -13.17
C ALA H 312 81.50 19.41 -13.16
N ILE H 313 82.39 20.32 -12.78
CA ILE H 313 83.85 20.04 -12.76
C ILE H 313 84.11 18.91 -11.77
N ALA H 314 83.56 19.01 -10.57
CA ALA H 314 83.83 18.06 -9.47
C ALA H 314 83.36 16.66 -9.88
N LEU H 315 82.26 16.59 -10.63
CA LEU H 315 81.61 15.31 -11.00
C LEU H 315 82.43 14.62 -12.06
N LYS H 316 82.98 15.40 -13.00
CA LYS H 316 83.85 14.89 -14.07
C LYS H 316 85.01 14.18 -13.38
N GLN H 317 85.51 14.76 -12.31
CA GLN H 317 86.71 14.23 -11.61
C GLN H 317 86.37 13.01 -10.78
N VAL H 318 85.11 12.84 -10.39
CA VAL H 318 84.68 11.68 -9.56
C VAL H 318 84.74 10.43 -10.44
N ALA H 319 84.48 10.59 -11.73
CA ALA H 319 84.36 9.47 -12.70
C ALA H 319 85.74 8.95 -13.12
N THR H 320 86.82 9.35 -12.46
CA THR H 320 88.19 9.05 -12.93
C THR H 320 88.81 8.01 -12.02
N PRO H 321 89.81 7.23 -12.49
CA PRO H 321 90.53 6.29 -11.62
C PRO H 321 91.24 7.00 -10.46
N GLU H 322 91.76 8.19 -10.72
CA GLU H 322 92.46 9.03 -9.72
C GLU H 322 91.56 9.17 -8.50
N TYR H 323 90.23 9.47 -8.80
CA TYR H 323 89.30 9.71 -7.68
C TYR H 323 89.12 8.38 -6.98
N LYS H 324 88.92 7.29 -7.74
CA LYS H 324 88.70 5.94 -7.14
C LYS H 324 89.85 5.69 -6.16
N ALA H 325 91.08 5.80 -6.64
CA ALA H 325 92.29 5.58 -5.83
C ALA H 325 92.24 6.46 -4.58
N TYR H 326 91.77 7.71 -4.73
CA TYR H 326 91.61 8.66 -3.59
C TYR H 326 90.80 7.97 -2.51
N ILE H 327 89.58 7.57 -2.86
CA ILE H 327 88.62 6.92 -1.92
C ILE H 327 89.31 5.70 -1.31
N GLN H 328 89.91 4.86 -2.14
CA GLN H 328 90.57 3.62 -1.67
C GLN H 328 91.55 4.03 -0.57
N GLN H 329 92.41 5.00 -0.85
CA GLN H 329 93.41 5.47 0.12
C GLN H 329 92.68 5.96 1.39
N MET H 330 91.61 6.71 1.19
CA MET H 330 90.80 7.31 2.26
C MET H 330 90.40 6.22 3.25
N LYS H 331 89.95 5.06 2.76
CA LYS H 331 89.46 3.98 3.66
C LYS H 331 90.67 3.26 4.28
N LYS H 332 91.72 2.97 3.50
CA LYS H 332 92.95 2.32 4.03
C LYS H 332 93.48 3.19 5.17
N ASN H 333 93.44 4.51 4.98
CA ASN H 333 93.88 5.50 5.98
C ASN H 333 93.00 5.39 7.22
N ALA H 334 91.70 5.14 7.04
CA ALA H 334 90.74 4.98 8.15
C ALA H 334 91.13 3.73 8.94
N GLN H 335 91.32 2.60 8.26
CA GLN H 335 91.72 1.32 8.92
C GLN H 335 93.03 1.56 9.67
N ALA H 336 94.01 2.17 9.00
CA ALA H 336 95.32 2.52 9.59
C ALA H 336 95.13 3.29 10.90
N LEU H 337 94.20 4.24 10.93
CA LEU H 337 93.96 5.11 12.11
C LEU H 337 93.28 4.29 13.20
N ALA H 338 92.23 3.56 12.84
CA ALA H 338 91.50 2.65 13.76
C ALA H 338 92.52 1.74 14.44
N ALA H 339 93.22 0.92 13.65
CA ALA H 339 94.20 -0.09 14.10
C ALA H 339 95.16 0.55 15.10
N ALA H 340 95.60 1.77 14.81
CA ALA H 340 96.56 2.55 15.62
C ALA H 340 95.93 2.81 16.99
N LEU H 341 94.67 3.27 17.03
CA LEU H 341 93.99 3.70 18.28
C LEU H 341 93.61 2.49 19.14
N LEU H 342 93.16 1.40 18.50
CA LEU H 342 92.86 0.15 19.23
C LEU H 342 94.13 -0.30 19.93
N ARG H 343 95.24 -0.39 19.18
CA ARG H 343 96.59 -0.74 19.72
C ARG H 343 96.93 0.10 20.94
N ARG H 344 96.45 1.35 21.03
CA ARG H 344 96.71 2.25 22.20
C ARG H 344 95.48 2.30 23.10
N LYS H 345 94.76 1.17 23.24
CA LYS H 345 93.74 0.91 24.29
C LYS H 345 92.46 1.75 24.08
N CYS H 346 92.28 2.41 22.94
CA CYS H 346 91.10 3.28 22.68
C CYS H 346 89.86 2.43 22.37
N ARG H 347 88.67 2.95 22.68
CA ARG H 347 87.40 2.21 22.42
C ARG H 347 86.58 2.96 21.37
N LEU H 348 86.38 2.28 20.24
CA LEU H 348 85.67 2.77 19.03
C LEU H 348 84.28 2.12 18.97
N VAL H 349 83.25 2.93 18.76
CA VAL H 349 81.86 2.45 18.55
C VAL H 349 81.89 1.47 17.39
N THR H 350 81.36 0.26 17.62
CA THR H 350 81.37 -0.93 16.72
C THR H 350 82.77 -1.53 16.63
N GLY H 351 83.79 -0.89 17.22
CA GLY H 351 85.18 -1.42 17.28
C GLY H 351 86.00 -1.08 16.03
N GLY H 352 85.47 -0.27 15.13
CA GLY H 352 86.18 0.11 13.88
C GLY H 352 85.30 0.91 12.96
N THR H 353 85.39 0.60 11.65
CA THR H 353 84.61 1.26 10.56
C THR H 353 84.69 0.44 9.27
N ASP H 354 83.70 0.61 8.40
CA ASP H 354 83.70 0.08 7.01
C ASP H 354 83.97 1.21 6.02
N ASN H 355 84.12 2.43 6.51
CA ASN H 355 84.16 3.62 5.63
C ASN H 355 85.33 4.51 6.08
N HIS H 356 85.08 5.81 6.19
CA HIS H 356 86.11 6.86 6.27
C HIS H 356 86.13 7.46 7.66
N LEU H 357 85.17 7.12 8.52
CA LEU H 357 85.00 7.85 9.80
C LEU H 357 84.87 6.90 10.99
N LEU H 358 85.17 7.44 12.16
CA LEU H 358 85.37 6.75 13.46
C LEU H 358 84.60 7.52 14.51
N LEU H 359 83.86 6.81 15.36
CA LEU H 359 83.35 7.38 16.62
C LEU H 359 84.23 6.83 17.74
N TRP H 360 84.88 7.73 18.48
CA TRP H 360 85.85 7.41 19.55
C TRP H 360 85.25 7.77 20.90
N ASP H 361 84.97 6.74 21.71
CA ASP H 361 84.43 6.89 23.08
C ASP H 361 85.61 7.27 23.97
N LEU H 362 85.51 8.40 24.69
CA LEU H 362 86.59 8.93 25.56
C LEU H 362 86.26 8.72 27.04
N THR H 363 85.08 8.20 27.36
CA THR H 363 84.63 8.05 28.77
C THR H 363 85.56 7.08 29.50
N PRO H 364 86.10 6.00 28.88
CA PRO H 364 87.09 5.14 29.53
C PRO H 364 88.38 5.85 29.97
N MET H 365 88.67 7.01 29.40
CA MET H 365 89.83 7.86 29.76
C MET H 365 89.36 8.97 30.72
N GLY H 366 88.08 8.94 31.09
CA GLY H 366 87.46 9.96 31.95
C GLY H 366 87.51 11.33 31.30
N LEU H 367 87.09 11.41 30.04
CA LEU H 367 87.03 12.68 29.27
C LEU H 367 85.64 12.84 28.64
N THR H 368 85.18 14.08 28.54
CA THR H 368 84.04 14.49 27.69
C THR H 368 84.61 14.94 26.34
N GLY H 369 83.84 14.79 25.28
CA GLY H 369 84.19 15.39 23.98
C GLY H 369 84.40 16.87 24.16
N LYS H 370 83.39 17.55 24.72
CA LYS H 370 83.29 19.04 24.77
C LYS H 370 84.67 19.66 25.04
N VAL H 371 85.42 19.07 25.98
CA VAL H 371 86.73 19.61 26.45
C VAL H 371 87.84 19.16 25.48
N TYR H 372 87.93 17.87 25.15
CA TYR H 372 88.98 17.30 24.27
C TYR H 372 89.02 18.05 22.93
N GLU H 373 87.83 18.31 22.41
CA GLU H 373 87.57 19.14 21.21
C GLU H 373 88.39 20.43 21.34
N LYS H 374 88.22 21.15 22.45
CA LYS H 374 88.74 22.54 22.64
C LYS H 374 90.25 22.50 22.84
N VAL H 375 90.78 21.43 23.42
CA VAL H 375 92.24 21.22 23.59
C VAL H 375 92.85 20.95 22.22
N CYS H 376 92.24 20.04 21.45
CA CYS H 376 92.69 19.70 20.08
C CYS H 376 92.72 20.98 19.23
N GLU H 377 91.73 21.86 19.41
CA GLU H 377 91.67 23.16 18.70
C GLU H 377 92.97 23.93 18.95
N MET H 378 93.34 24.08 20.22
CA MET H 378 94.53 24.85 20.65
C MET H 378 95.78 24.24 19.99
N CYS H 379 95.78 22.94 19.71
CA CYS H 379 96.94 22.25 19.10
C CYS H 379 96.82 22.17 17.58
N HIS H 380 95.94 22.98 16.96
CA HIS H 380 95.75 23.07 15.48
C HIS H 380 95.15 21.77 14.93
N ILE H 381 94.47 20.98 15.77
CA ILE H 381 93.75 19.73 15.37
C ILE H 381 92.25 19.99 15.46
N THR H 382 91.53 19.96 14.34
CA THR H 382 90.07 20.24 14.33
C THR H 382 89.28 18.93 14.20
N LEU H 383 88.50 18.66 15.26
CA LEU H 383 87.61 17.50 15.48
C LEU H 383 86.25 18.05 15.89
N ASN H 384 85.30 17.16 16.15
CA ASN H 384 84.02 17.61 16.76
C ASN H 384 83.44 16.50 17.61
N LYS H 385 83.13 16.86 18.84
CA LYS H 385 82.41 16.03 19.83
C LYS H 385 81.15 15.52 19.16
N THR H 386 80.70 14.34 19.58
CA THR H 386 79.46 13.73 19.05
C THR H 386 78.72 13.05 20.20
N ALA H 387 77.40 12.94 20.05
CA ALA H 387 76.51 12.08 20.87
C ALA H 387 76.84 10.61 20.59
N ILE H 388 77.09 9.82 21.64
CA ILE H 388 77.17 8.32 21.61
C ILE H 388 76.36 7.75 22.79
N PHE H 389 76.00 6.47 22.78
CA PHE H 389 75.27 5.83 23.90
C PHE H 389 76.23 5.43 25.02
N THR H 394 72.20 5.16 28.59
CA THR H 394 72.09 6.64 28.61
C THR H 394 73.02 7.27 27.54
N ILE H 395 72.72 8.51 27.13
CA ILE H 395 73.50 9.27 26.10
C ILE H 395 74.67 9.96 26.81
N SER H 396 75.91 9.46 26.61
CA SER H 396 77.15 10.09 27.17
C SER H 396 77.65 11.21 26.26
N PRO H 397 78.30 12.26 26.81
CA PRO H 397 78.80 13.37 26.00
C PRO H 397 80.27 13.15 25.62
N GLY H 398 80.69 11.88 25.59
CA GLY H 398 82.11 11.48 25.62
C GLY H 398 82.57 10.86 24.31
N GLY H 399 81.87 11.17 23.21
CA GLY H 399 82.23 10.71 21.85
C GLY H 399 82.79 11.84 20.99
N VAL H 400 83.79 11.55 20.16
CA VAL H 400 84.26 12.50 19.11
C VAL H 400 84.23 11.79 17.77
N ARG H 401 84.05 12.57 16.72
CA ARG H 401 83.91 12.03 15.34
C ARG H 401 85.09 12.53 14.49
N ILE H 402 85.74 11.57 13.86
CA ILE H 402 87.05 11.72 13.16
C ILE H 402 86.89 11.14 11.76
N GLY H 403 87.44 11.78 10.73
CA GLY H 403 87.41 11.25 9.36
C GLY H 403 88.65 11.61 8.55
N THR H 404 89.02 10.73 7.63
CA THR H 404 90.28 10.80 6.84
C THR H 404 90.19 11.79 5.67
N PRO H 405 89.02 12.10 5.07
CA PRO H 405 88.96 12.67 3.72
C PRO H 405 89.86 13.89 3.54
N ALA H 406 89.85 14.81 4.50
CA ALA H 406 90.58 16.09 4.38
C ALA H 406 92.06 15.81 4.17
N MET H 407 92.71 15.13 5.13
CA MET H 407 94.17 14.92 5.10
C MET H 407 94.53 13.93 3.98
N THR H 408 93.63 13.01 3.66
CA THR H 408 93.89 12.07 2.53
C THR H 408 94.07 12.92 1.28
N THR H 409 93.21 13.93 1.11
CA THR H 409 93.23 14.87 -0.02
C THR H 409 94.62 15.47 -0.11
N ARG H 410 95.18 15.87 1.04
CA ARG H 410 96.48 16.58 1.13
C ARG H 410 97.64 15.60 0.95
N GLY H 411 97.37 14.33 0.70
CA GLY H 411 98.38 13.34 0.26
C GLY H 411 98.92 12.54 1.41
N CYS H 412 98.24 12.57 2.56
CA CYS H 412 98.54 11.70 3.74
C CYS H 412 98.20 10.26 3.39
N ILE H 413 99.02 9.32 3.89
CA ILE H 413 98.94 7.85 3.67
C ILE H 413 98.91 7.17 5.03
N GLU H 414 98.88 5.85 5.06
CA GLU H 414 98.64 5.07 6.30
C GLU H 414 99.60 5.56 7.39
N SER H 415 100.91 5.45 7.18
CA SER H 415 101.96 5.81 8.17
C SER H 415 101.69 7.19 8.77
N ASP H 416 101.25 8.15 7.95
CA ASP H 416 100.99 9.54 8.37
C ASP H 416 99.90 9.53 9.43
N PHE H 417 98.85 8.72 9.24
CA PHE H 417 97.69 8.64 10.16
C PHE H 417 98.12 8.00 11.48
N GLU H 418 99.09 7.07 11.44
CA GLU H 418 99.69 6.44 12.65
C GLU H 418 100.35 7.56 13.48
N THR H 419 101.02 8.50 12.82
CA THR H 419 101.61 9.70 13.47
C THR H 419 100.48 10.44 14.19
N MET H 420 99.44 10.76 13.43
CA MET H 420 98.31 11.62 13.86
C MET H 420 97.66 10.97 15.09
N ALA H 421 97.57 9.64 15.10
CA ALA H 421 97.11 8.87 16.28
C ALA H 421 97.94 9.31 17.49
N ASP H 422 99.26 9.27 17.37
CA ASP H 422 100.21 9.62 18.47
C ASP H 422 99.89 11.03 18.99
N PHE H 423 99.56 11.96 18.10
CA PHE H 423 99.18 13.34 18.47
C PHE H 423 97.88 13.31 19.27
N LEU H 424 96.89 12.56 18.78
CA LEU H 424 95.55 12.45 19.40
C LEU H 424 95.70 11.93 20.84
N ILE H 425 96.55 10.93 21.04
CA ILE H 425 96.77 10.35 22.40
C ILE H 425 97.42 11.43 23.26
N LYS H 426 98.54 11.99 22.81
CA LYS H 426 99.30 12.99 23.62
C LYS H 426 98.30 14.06 24.08
N ALA H 427 97.40 14.49 23.20
CA ALA H 427 96.37 15.51 23.50
C ALA H 427 95.48 15.01 24.64
N ALA H 428 95.10 13.75 24.58
CA ALA H 428 94.24 13.12 25.60
C ALA H 428 95.02 13.16 26.93
N GLN H 429 96.21 12.57 26.94
CA GLN H 429 97.06 12.46 28.17
C GLN H 429 97.10 13.84 28.83
N ILE H 430 97.30 14.89 28.03
CA ILE H 430 97.35 16.29 28.52
C ILE H 430 96.02 16.64 29.17
N THR H 431 94.92 16.34 28.47
CA THR H 431 93.55 16.71 28.89
C THR H 431 93.26 16.08 30.27
N SER H 432 93.53 14.77 30.44
CA SER H 432 93.33 14.04 31.72
C SER H 432 94.14 14.69 32.85
N ALA H 433 95.41 14.99 32.56
CA ALA H 433 96.34 15.68 33.48
C ALA H 433 95.69 16.99 33.96
N LEU H 434 95.15 17.79 33.05
CA LEU H 434 94.60 19.14 33.34
C LEU H 434 93.25 19.06 34.07
N GLN H 435 92.35 18.20 33.60
CA GLN H 435 90.94 18.11 34.07
C GLN H 435 90.87 18.12 35.60
N ARG H 436 91.78 17.43 36.31
CA ARG H 436 91.56 17.16 37.75
C ARG H 436 91.93 18.42 38.52
N GLU H 437 93.14 18.94 38.33
CA GLU H 437 93.58 20.16 39.06
C GLU H 437 92.76 21.37 38.61
N HIS H 438 92.31 21.43 37.36
CA HIS H 438 91.67 22.62 36.74
C HIS H 438 90.14 22.53 36.70
N GLY H 439 89.53 21.43 37.13
CA GLY H 439 88.05 21.31 37.25
C GLY H 439 87.46 22.53 37.96
N LYS H 440 88.25 23.18 38.81
CA LYS H 440 87.85 24.23 39.80
C LYS H 440 87.00 25.32 39.14
N SER H 441 87.44 25.90 38.03
CA SER H 441 86.58 26.78 37.19
C SER H 441 86.74 26.41 35.72
N HIS H 442 85.63 26.48 34.99
CA HIS H 442 85.56 26.41 33.50
C HIS H 442 86.22 27.67 32.89
N LYS H 443 86.19 28.79 33.63
CA LYS H 443 86.77 30.11 33.26
C LYS H 443 88.29 30.10 33.46
N GLU H 444 88.75 29.50 34.58
CA GLU H 444 90.19 29.39 34.95
C GLU H 444 90.89 28.34 34.06
N PHE H 445 90.12 27.50 33.36
CA PHE H 445 90.63 26.44 32.46
C PHE H 445 91.04 27.01 31.09
N VAL H 446 90.16 27.82 30.48
CA VAL H 446 90.34 28.47 29.15
C VAL H 446 91.62 29.33 29.17
N LYS H 447 91.92 30.01 30.28
CA LYS H 447 93.19 30.79 30.34
C LYS H 447 94.36 29.80 30.32
N SER H 448 94.38 28.86 31.27
CA SER H 448 95.45 27.83 31.47
C SER H 448 95.78 27.12 30.16
N LEU H 449 94.76 26.99 29.32
CA LEU H 449 94.80 26.32 28.01
C LEU H 449 96.03 26.77 27.19
N CYS H 450 96.06 28.06 26.76
CA CYS H 450 97.09 28.61 25.81
C CYS H 450 98.51 28.44 26.37
N THR H 451 98.67 28.50 27.70
CA THR H 451 99.97 28.67 28.40
C THR H 451 100.70 27.34 28.55
N ASN H 452 99.97 26.23 28.71
CA ASN H 452 100.57 24.89 29.04
C ASN H 452 101.74 24.63 28.08
N LYS H 453 102.82 24.01 28.60
CA LYS H 453 104.10 23.79 27.85
C LYS H 453 103.98 22.56 26.94
N ASP H 454 103.30 21.49 27.39
CA ASP H 454 103.07 20.24 26.62
C ASP H 454 102.18 20.56 25.39
N ILE H 455 101.14 21.39 25.55
CA ILE H 455 100.20 21.76 24.45
C ILE H 455 100.99 22.51 23.38
N ALA H 456 101.78 23.51 23.80
CA ALA H 456 102.61 24.38 22.93
C ALA H 456 103.64 23.52 22.18
N GLU H 457 104.18 22.50 22.84
CA GLU H 457 105.17 21.52 22.30
C GLU H 457 104.52 20.66 21.24
N LEU H 458 103.26 20.26 21.48
CA LEU H 458 102.45 19.42 20.55
C LEU H 458 101.92 20.30 19.41
N ARG H 459 101.50 21.53 19.72
CA ARG H 459 101.02 22.48 18.67
C ARG H 459 102.11 22.63 17.61
N ASN H 460 103.36 22.83 18.06
CA ASN H 460 104.54 23.00 17.19
C ASN H 460 104.78 21.71 16.38
N ARG H 461 104.67 20.54 16.99
CA ARG H 461 104.86 19.24 16.29
C ARG H 461 103.81 19.11 15.17
N VAL H 462 102.58 19.55 15.43
CA VAL H 462 101.42 19.44 14.49
C VAL H 462 101.65 20.39 13.32
N GLU H 463 102.01 21.64 13.61
CA GLU H 463 102.29 22.68 12.58
C GLU H 463 103.43 22.21 11.68
N ALA H 464 104.50 21.69 12.28
CA ALA H 464 105.66 21.11 11.57
C ALA H 464 105.17 19.96 10.66
N PHE H 465 104.34 19.07 11.22
CA PHE H 465 103.75 17.90 10.51
C PHE H 465 102.92 18.40 9.31
N ALA H 466 101.99 19.33 9.59
CA ALA H 466 101.00 19.86 8.63
C ALA H 466 101.71 20.38 7.39
N LEU H 467 102.78 21.16 7.56
CA LEU H 467 103.46 21.90 6.45
C LEU H 467 104.16 20.92 5.51
N GLN H 468 104.28 19.65 5.89
CA GLN H 468 104.92 18.61 5.04
C GLN H 468 104.00 18.23 3.87
N TYR H 469 102.72 18.61 3.93
CA TYR H 469 101.67 18.16 2.98
C TYR H 469 101.15 19.34 2.16
N GLU H 470 101.02 19.13 0.86
CA GLU H 470 100.52 20.16 -0.08
C GLU H 470 99.09 20.56 0.31
N MET H 471 98.65 21.72 -0.18
CA MET H 471 97.32 22.30 0.04
C MET H 471 96.78 22.78 -1.30
N PRO H 472 95.77 22.10 -1.86
CA PRO H 472 95.22 22.44 -3.16
C PRO H 472 95.02 23.94 -3.36
N ALA H 473 95.37 24.44 -4.54
CA ALA H 473 95.21 25.84 -4.98
C ALA H 473 96.12 26.76 -4.16
N SER H 474 97.43 26.69 -4.45
CA SER H 474 98.64 27.23 -3.75
C SER H 474 99.20 26.20 -2.77
N ASN I 2 16.99 -29.59 39.40
CA ASN I 2 17.18 -30.94 38.75
C ASN I 2 15.87 -31.74 38.81
N ALA I 3 15.35 -32.01 40.02
CA ALA I 3 14.03 -32.63 40.29
C ALA I 3 12.92 -31.84 39.57
N LEU I 4 13.10 -30.52 39.48
CA LEU I 4 12.28 -29.64 38.60
C LEU I 4 12.53 -30.03 37.14
N GLU I 5 13.79 -29.94 36.68
CA GLU I 5 14.18 -30.14 35.26
C GLU I 5 13.79 -31.55 34.81
N SER I 6 13.84 -32.52 35.71
CA SER I 6 13.52 -33.94 35.41
C SER I 6 12.02 -34.08 35.10
N ARG I 7 11.18 -33.39 35.88
CA ARG I 7 9.70 -33.27 35.70
C ARG I 7 9.40 -32.60 34.38
N ARG I 8 10.09 -31.48 34.12
CA ARG I 8 9.87 -30.64 32.93
C ARG I 8 10.09 -31.50 31.70
N ALA I 9 11.05 -32.41 31.79
CA ALA I 9 11.48 -33.26 30.66
C ALA I 9 10.45 -34.36 30.46
N ALA I 10 9.96 -34.90 31.57
CA ALA I 10 8.96 -35.99 31.59
C ALA I 10 7.71 -35.58 30.81
N VAL I 11 7.32 -34.31 30.97
CA VAL I 11 6.16 -33.69 30.28
C VAL I 11 6.48 -33.59 28.81
N ARG I 12 7.65 -33.05 28.49
CA ARG I 12 8.05 -32.81 27.08
C ARG I 12 8.15 -34.16 26.37
N ALA I 13 8.74 -35.15 27.07
CA ALA I 13 8.91 -36.53 26.60
C ALA I 13 7.57 -37.11 26.16
N TRP I 14 6.55 -36.96 27.00
CA TRP I 14 5.19 -37.48 26.73
C TRP I 14 4.52 -36.67 25.62
N GLY I 15 4.51 -35.34 25.76
CA GLY I 15 3.68 -34.39 25.00
C GLY I 15 4.09 -34.24 23.55
N ASP I 16 5.38 -34.42 23.25
CA ASP I 16 5.93 -34.12 21.90
C ASP I 16 6.30 -35.42 21.20
N GLN I 17 6.09 -36.55 21.86
CA GLN I 17 6.35 -37.89 21.28
C GLN I 17 5.53 -38.06 20.02
N PRO I 18 6.17 -38.36 18.87
CA PRO I 18 5.45 -38.56 17.60
C PRO I 18 4.63 -39.83 17.56
N ILE I 19 3.63 -39.84 16.70
CA ILE I 19 2.56 -40.87 16.73
C ILE I 19 3.18 -42.22 16.41
N HIS I 20 4.25 -42.22 15.59
CA HIS I 20 4.88 -43.46 15.05
C HIS I 20 5.66 -44.15 16.18
N LEU I 21 6.12 -43.38 17.16
CA LEU I 21 6.70 -43.92 18.42
C LEU I 21 5.64 -44.20 19.47
N ALA I 22 4.74 -43.25 19.73
CA ALA I 22 3.74 -43.26 20.83
C ALA I 22 2.74 -44.41 20.67
N ASP I 23 2.47 -44.81 19.43
CA ASP I 23 1.47 -45.87 19.16
C ASP I 23 1.69 -46.45 17.77
N PRO I 24 2.65 -47.37 17.67
CA PRO I 24 3.03 -47.95 16.38
C PRO I 24 1.88 -48.71 15.75
N ASP I 25 1.09 -49.41 16.56
CA ASP I 25 -0.01 -50.29 16.08
C ASP I 25 -0.99 -49.45 15.26
N ILE I 26 -1.41 -48.32 15.82
CA ILE I 26 -2.31 -47.32 15.18
C ILE I 26 -1.61 -46.67 13.98
N HIS I 27 -0.43 -46.12 14.19
CA HIS I 27 0.35 -45.53 13.07
C HIS I 27 0.40 -46.49 11.87
N GLU I 28 0.55 -47.79 12.10
CA GLU I 28 0.66 -48.78 10.98
C GLU I 28 -0.66 -48.80 10.22
N LEU I 29 -1.75 -48.90 10.95
CA LEU I 29 -3.11 -48.91 10.35
C LEU I 29 -3.36 -47.60 9.60
N MET I 30 -2.99 -46.46 10.19
CA MET I 30 -3.18 -45.14 9.54
C MET I 30 -2.40 -45.14 8.23
N GLU I 31 -1.19 -45.66 8.23
CA GLU I 31 -0.33 -45.67 7.02
C GLU I 31 -0.93 -46.62 5.98
N LYS I 32 -1.44 -47.77 6.41
CA LYS I 32 -2.09 -48.74 5.47
C LYS I 32 -3.31 -48.06 4.82
N GLU I 33 -4.06 -47.25 5.57
CA GLU I 33 -5.32 -46.65 5.09
C GLU I 33 -4.97 -45.49 4.15
N LYS I 34 -3.95 -44.70 4.46
CA LYS I 34 -3.48 -43.64 3.55
C LYS I 34 -3.15 -44.27 2.20
N GLN I 35 -2.54 -45.47 2.21
CA GLN I 35 -2.13 -46.21 0.98
C GLN I 35 -3.37 -46.67 0.25
N ARG I 36 -4.31 -47.31 0.95
CA ARG I 36 -5.60 -47.74 0.36
C ARG I 36 -6.28 -46.60 -0.41
N GLN I 37 -6.31 -45.41 0.21
CA GLN I 37 -6.92 -44.17 -0.33
C GLN I 37 -6.24 -43.78 -1.65
N VAL I 38 -4.91 -43.83 -1.71
CA VAL I 38 -4.11 -43.46 -2.91
C VAL I 38 -4.28 -44.49 -4.03
N ARG I 39 -4.27 -45.77 -3.69
CA ARG I 39 -4.14 -46.86 -4.67
C ARG I 39 -5.51 -47.36 -5.09
N GLY I 40 -6.55 -46.59 -4.78
CA GLY I 40 -7.94 -46.90 -5.13
C GLY I 40 -8.59 -45.81 -5.97
N ILE I 41 -9.73 -46.16 -6.54
CA ILE I 41 -10.66 -45.20 -7.16
C ILE I 41 -11.80 -44.97 -6.18
N GLU I 42 -12.19 -43.73 -6.00
CA GLU I 42 -13.26 -43.34 -5.05
C GLU I 42 -14.43 -42.79 -5.83
N LEU I 43 -15.51 -43.56 -5.93
CA LEU I 43 -16.67 -43.14 -6.73
C LEU I 43 -17.89 -42.95 -5.85
N ILE I 44 -17.73 -43.03 -4.54
CA ILE I 44 -18.81 -42.65 -3.61
C ILE I 44 -19.03 -41.13 -3.70
N ALA I 45 -20.26 -40.73 -4.02
CA ALA I 45 -20.58 -39.34 -4.39
C ALA I 45 -20.49 -38.44 -3.15
N SER I 46 -20.60 -39.02 -1.96
CA SER I 46 -20.40 -38.32 -0.67
C SER I 46 -18.94 -37.91 -0.59
N GLU I 47 -18.06 -38.89 -0.69
CA GLU I 47 -16.62 -38.78 -0.36
C GLU I 47 -15.91 -37.69 -1.15
N ASN I 48 -14.86 -37.17 -0.51
CA ASN I 48 -13.93 -36.15 -1.04
C ASN I 48 -12.63 -36.23 -0.21
N PHE I 49 -11.59 -35.51 -0.64
CA PHE I 49 -10.26 -35.46 0.03
C PHE I 49 -9.94 -34.03 0.41
N VAL I 50 -9.55 -33.81 1.67
CA VAL I 50 -9.31 -32.45 2.21
C VAL I 50 -7.84 -32.12 2.05
N CYS I 51 -7.57 -30.83 2.02
CA CYS I 51 -6.23 -30.22 1.88
C CYS I 51 -5.56 -30.24 3.24
N ARG I 52 -4.31 -29.89 3.25
CA ARG I 52 -3.48 -30.10 4.45
C ARG I 52 -3.92 -29.10 5.49
N ALA I 53 -4.11 -27.86 5.07
CA ALA I 53 -4.45 -26.75 5.97
C ALA I 53 -5.64 -27.17 6.83
N VAL I 54 -6.62 -27.84 6.23
CA VAL I 54 -7.80 -28.30 7.00
C VAL I 54 -7.35 -29.30 8.06
N MET I 55 -6.50 -30.26 7.69
CA MET I 55 -5.95 -31.26 8.65
C MET I 55 -5.17 -30.56 9.73
N GLU I 56 -4.38 -29.55 9.37
CA GLU I 56 -3.57 -28.84 10.40
C GLU I 56 -4.46 -28.14 11.44
N ALA I 57 -5.61 -27.61 11.00
CA ALA I 57 -6.62 -27.00 11.89
C ALA I 57 -7.23 -28.09 12.79
N LEU I 58 -7.55 -29.24 12.21
CA LEU I 58 -8.13 -30.36 13.00
C LEU I 58 -7.15 -30.81 14.06
N GLY I 59 -5.92 -31.13 13.67
CA GLY I 59 -4.90 -31.64 14.61
C GLY I 59 -4.21 -30.50 15.32
N SER I 60 -4.88 -29.73 16.18
CA SER I 60 -4.31 -28.49 16.74
C SER I 60 -4.67 -28.33 18.21
N HIS I 61 -4.04 -27.35 18.85
CA HIS I 61 -4.28 -26.92 20.25
CA HIS I 61 -4.29 -26.93 20.25
C HIS I 61 -5.72 -26.45 20.46
N LEU I 62 -6.50 -26.32 19.40
CA LEU I 62 -7.87 -25.81 19.56
C LEU I 62 -8.73 -26.84 20.28
N THR I 63 -8.43 -28.14 20.11
CA THR I 63 -9.13 -29.22 20.85
C THR I 63 -8.93 -29.04 22.37
N ASN I 64 -8.01 -28.19 22.82
CA ASN I 64 -7.72 -28.07 24.27
C ASN I 64 -8.65 -27.09 24.96
N LYS I 65 -9.39 -26.27 24.23
CA LYS I 65 -10.23 -25.21 24.82
C LYS I 65 -11.69 -25.58 24.66
N TYR I 66 -12.43 -25.61 25.79
CA TYR I 66 -13.89 -25.86 25.87
C TYR I 66 -14.61 -24.53 25.82
N SER I 67 -15.57 -24.46 24.91
CA SER I 67 -16.20 -23.19 24.49
C SER I 67 -17.69 -23.38 24.45
N GLU I 68 -18.31 -23.84 25.54
CA GLU I 68 -19.78 -24.01 25.59
C GLU I 68 -20.42 -22.65 25.35
N GLY I 69 -21.38 -22.55 24.45
CA GLY I 69 -22.12 -21.29 24.28
C GLY I 69 -21.93 -20.72 22.90
N MET I 70 -22.18 -19.43 22.73
CA MET I 70 -22.02 -18.70 21.45
C MET I 70 -20.95 -17.62 21.62
N PRO I 71 -20.33 -17.15 20.52
CA PRO I 71 -19.38 -16.05 20.58
C PRO I 71 -19.96 -14.84 21.33
N GLY I 72 -19.18 -14.33 22.28
CA GLY I 72 -19.52 -13.18 23.14
C GLY I 72 -20.51 -13.55 24.23
N ALA I 73 -21.04 -14.77 24.22
CA ALA I 73 -22.01 -15.24 25.22
C ALA I 73 -21.64 -16.66 25.58
N ARG I 74 -20.42 -16.87 26.09
CA ARG I 74 -19.86 -18.21 26.41
C ARG I 74 -20.04 -18.50 27.89
N TYR I 75 -20.14 -19.78 28.22
CA TYR I 75 -20.15 -20.30 29.61
C TYR I 75 -18.77 -20.04 30.23
N TYR I 76 -17.70 -20.22 29.44
CA TYR I 76 -16.33 -20.16 29.99
C TYR I 76 -15.55 -18.90 29.56
N THR I 77 -14.65 -18.46 30.45
CA THR I 77 -13.62 -17.43 30.19
C THR I 77 -12.51 -18.03 29.32
N GLY I 78 -11.70 -17.16 28.71
CA GLY I 78 -10.53 -17.52 27.89
C GLY I 78 -10.85 -17.71 26.43
N ASN I 79 -12.04 -17.29 25.99
CA ASN I 79 -12.57 -17.60 24.64
C ASN I 79 -12.37 -16.41 23.70
N GLN I 80 -11.49 -15.47 24.07
CA GLN I 80 -11.38 -14.23 23.25
C GLN I 80 -10.96 -14.59 21.85
N TYR I 81 -10.10 -15.60 21.66
CA TYR I 81 -9.57 -15.91 20.30
C TYR I 81 -10.47 -16.94 19.61
N ILE I 82 -11.05 -17.85 20.37
CA ILE I 82 -11.99 -18.84 19.79
C ILE I 82 -13.26 -18.15 19.26
N ASP I 83 -13.67 -17.08 19.93
CA ASP I 83 -14.76 -16.22 19.46
C ASP I 83 -14.39 -15.67 18.07
N GLN I 84 -13.23 -15.06 17.97
CA GLN I 84 -12.80 -14.43 16.70
C GLN I 84 -12.79 -15.45 15.57
N ILE I 85 -12.42 -16.69 15.88
CA ILE I 85 -12.40 -17.80 14.88
C ILE I 85 -13.83 -18.19 14.51
N GLU I 86 -14.70 -18.49 15.46
CA GLU I 86 -16.11 -18.85 15.14
C GLU I 86 -16.76 -17.70 14.36
N ASN I 87 -16.69 -16.47 14.88
CA ASN I 87 -17.17 -15.30 14.12
C ASN I 87 -16.65 -15.28 12.69
N LEU I 88 -15.37 -15.58 12.51
CA LEU I 88 -14.76 -15.51 11.17
C LEU I 88 -15.33 -16.62 10.31
N CYS I 89 -15.55 -17.78 10.91
CA CYS I 89 -16.13 -18.95 10.23
C CYS I 89 -17.57 -18.63 9.82
N ILE I 90 -18.27 -17.90 10.65
CA ILE I 90 -19.68 -17.50 10.35
C ILE I 90 -19.67 -16.55 9.15
N GLU I 91 -18.90 -15.46 9.24
CA GLU I 91 -18.84 -14.46 8.15
C GLU I 91 -18.59 -15.21 6.84
N ARG I 92 -17.66 -16.15 6.88
CA ARG I 92 -17.19 -16.82 5.66
C ARG I 92 -18.30 -17.68 5.11
N ALA I 93 -19.11 -18.26 6.00
CA ALA I 93 -20.28 -19.08 5.62
C ALA I 93 -21.35 -18.25 4.90
N LEU I 94 -21.65 -17.06 5.40
CA LEU I 94 -22.57 -16.16 4.69
C LEU I 94 -21.94 -15.82 3.32
N THR I 95 -20.71 -15.33 3.31
CA THR I 95 -20.07 -14.88 2.05
C THR I 95 -20.14 -16.06 1.07
N ALA I 96 -19.84 -17.23 1.52
CA ALA I 96 -19.76 -18.40 0.62
C ALA I 96 -21.05 -18.52 -0.16
N PHE I 97 -22.19 -18.26 0.46
CA PHE I 97 -23.52 -18.56 -0.12
C PHE I 97 -24.20 -17.26 -0.54
N GLY I 98 -23.44 -16.18 -0.54
CA GLY I 98 -23.88 -14.85 -1.00
C GLY I 98 -25.01 -14.31 -0.16
N LEU I 99 -24.88 -14.38 1.14
CA LEU I 99 -25.97 -13.98 2.07
C LEU I 99 -25.56 -12.74 2.83
N GLU I 100 -26.55 -11.96 3.26
CA GLU I 100 -26.33 -10.75 4.08
C GLU I 100 -26.73 -11.00 5.54
N SER I 101 -25.88 -10.63 6.49
CA SER I 101 -26.01 -10.90 7.94
C SER I 101 -27.32 -10.33 8.50
N ASP I 102 -27.85 -9.26 7.93
CA ASP I 102 -29.13 -8.66 8.38
C ASP I 102 -30.29 -9.59 7.99
N LYS I 103 -30.15 -10.42 6.94
CA LYS I 103 -31.26 -11.27 6.42
C LYS I 103 -31.09 -12.74 6.80
N TRP I 104 -29.87 -13.18 7.06
CA TRP I 104 -29.52 -14.58 7.41
C TRP I 104 -28.55 -14.64 8.59
N GLY I 105 -28.66 -15.72 9.37
CA GLY I 105 -27.69 -16.06 10.43
C GLY I 105 -27.22 -17.49 10.27
N VAL I 106 -26.19 -17.90 10.98
CA VAL I 106 -25.76 -19.30 10.80
C VAL I 106 -25.18 -19.82 12.11
N ASN I 107 -25.51 -21.05 12.45
CA ASN I 107 -24.91 -21.77 13.60
C ASN I 107 -24.05 -22.88 12.99
N VAL I 108 -22.79 -22.94 13.42
CA VAL I 108 -21.75 -23.83 12.80
C VAL I 108 -21.34 -24.91 13.78
N GLN I 109 -22.01 -25.00 14.92
CA GLN I 109 -21.65 -25.95 16.00
C GLN I 109 -22.14 -27.36 15.71
N PRO I 110 -23.23 -27.62 14.95
CA PRO I 110 -23.79 -28.96 14.83
C PRO I 110 -22.76 -30.03 14.46
N TYR I 111 -22.66 -31.05 15.30
CA TYR I 111 -21.64 -32.13 15.22
C TYR I 111 -21.74 -32.89 13.90
N SER I 112 -22.89 -32.87 13.21
CA SER I 112 -23.19 -33.61 11.95
C SER I 112 -24.38 -32.99 11.19
N CYS I 113 -24.64 -33.43 9.96
CA CYS I 113 -25.80 -32.85 9.24
C CYS I 113 -27.07 -33.39 9.87
N THR I 114 -27.12 -34.70 10.14
CA THR I 114 -28.26 -35.33 10.86
C THR I 114 -28.52 -34.48 12.10
N SER I 115 -27.46 -34.25 12.89
CA SER I 115 -27.58 -33.55 14.19
C SER I 115 -28.26 -32.22 13.93
N ALA I 116 -27.82 -31.56 12.89
CA ALA I 116 -28.28 -30.22 12.49
C ALA I 116 -29.79 -30.24 12.23
N ASN I 117 -30.23 -31.20 11.42
CA ASN I 117 -31.65 -31.33 11.03
C ASN I 117 -32.48 -31.51 12.29
N PHE I 118 -32.03 -32.41 13.16
CA PHE I 118 -32.72 -32.71 14.42
C PHE I 118 -32.83 -31.46 15.30
N ALA I 119 -31.82 -30.60 15.27
CA ALA I 119 -31.81 -29.37 16.10
C ALA I 119 -32.87 -28.41 15.58
N VAL I 120 -33.06 -28.38 14.27
CA VAL I 120 -34.11 -27.52 13.64
C VAL I 120 -35.46 -28.00 14.14
N TYR I 121 -35.74 -29.29 13.99
CA TYR I 121 -37.03 -29.86 14.41
C TYR I 121 -37.21 -29.61 15.91
N THR I 122 -36.21 -29.92 16.71
CA THR I 122 -36.29 -29.71 18.17
C THR I 122 -36.55 -28.24 18.46
N GLY I 123 -36.01 -27.33 17.66
CA GLY I 123 -36.08 -25.89 17.98
C GLY I 123 -37.44 -25.32 17.65
N LEU I 124 -38.04 -25.83 16.59
CA LEU I 124 -39.19 -25.16 15.95
C LEU I 124 -40.47 -25.81 16.39
N LEU I 125 -40.45 -27.13 16.66
CA LEU I 125 -41.64 -27.99 16.83
C LEU I 125 -41.73 -28.50 18.26
N LEU I 126 -42.96 -28.82 18.67
CA LEU I 126 -43.22 -29.63 19.89
C LEU I 126 -43.01 -31.08 19.53
N PRO I 127 -42.53 -31.91 20.46
CA PRO I 127 -42.31 -33.31 20.12
C PRO I 127 -43.60 -33.88 19.54
N GLY I 128 -43.51 -34.73 18.52
CA GLY I 128 -44.66 -35.41 17.92
C GLY I 128 -45.30 -34.63 16.78
N GLU I 129 -44.99 -33.34 16.61
CA GLU I 129 -45.51 -32.52 15.48
C GLU I 129 -44.97 -33.11 14.15
N ARG I 130 -45.57 -32.67 13.06
CA ARG I 130 -45.46 -33.37 11.75
C ARG I 130 -44.44 -32.72 10.80
N ILE I 131 -43.65 -33.55 10.14
CA ILE I 131 -42.66 -33.13 9.13
C ILE I 131 -42.82 -34.04 7.91
N MET I 132 -42.41 -33.52 6.76
CA MET I 132 -42.51 -34.22 5.47
C MET I 132 -41.24 -33.91 4.69
N GLY I 133 -40.58 -34.96 4.19
CA GLY I 133 -39.34 -34.84 3.41
C GLY I 133 -39.17 -36.00 2.45
N LEU I 134 -38.27 -35.89 1.49
CA LEU I 134 -38.00 -36.95 0.50
C LEU I 134 -37.47 -38.18 1.23
N ASP I 135 -37.62 -39.37 0.63
CA ASP I 135 -37.10 -40.63 1.22
C ASP I 135 -36.47 -41.46 0.10
N SER I 136 -35.71 -42.49 0.49
CA SER I 136 -35.11 -43.50 -0.42
C SER I 136 -35.95 -44.77 -0.39
N PRO I 137 -36.59 -45.19 -1.51
CA PRO I 137 -37.37 -46.44 -1.55
C PRO I 137 -36.64 -47.65 -0.95
N LYS I 153 -39.60 -47.55 12.78
CA LYS I 153 -39.06 -46.17 12.77
C LYS I 153 -37.54 -46.25 12.85
N ILE I 154 -36.82 -45.61 11.95
CA ILE I 154 -35.35 -45.79 11.80
C ILE I 154 -34.64 -44.51 12.25
N SER I 155 -34.90 -43.34 11.63
CA SER I 155 -34.31 -42.04 12.03
C SER I 155 -34.92 -41.58 13.35
N ALA I 156 -34.18 -40.80 14.12
CA ALA I 156 -34.65 -40.20 15.38
C ALA I 156 -35.71 -39.17 15.06
N ALA I 157 -35.63 -38.55 13.87
CA ALA I 157 -36.65 -37.59 13.39
C ALA I 157 -38.00 -38.28 13.34
N SER I 158 -38.02 -39.52 12.91
CA SER I 158 -39.26 -40.31 12.74
C SER I 158 -39.67 -40.93 14.07
N ILE I 159 -38.80 -40.90 15.09
CA ILE I 159 -39.09 -41.44 16.45
C ILE I 159 -39.75 -40.37 17.32
N PHE I 160 -39.21 -39.16 17.32
CA PHE I 160 -39.55 -38.05 18.25
C PHE I 160 -40.47 -37.06 17.55
N PHE I 161 -40.64 -37.20 16.24
CA PHE I 161 -41.60 -36.39 15.48
C PHE I 161 -42.31 -37.28 14.47
N GLU I 162 -43.31 -36.72 13.80
CA GLU I 162 -44.20 -37.50 12.91
C GLU I 162 -43.74 -37.27 11.49
N SER I 163 -43.07 -38.26 10.90
CA SER I 163 -42.48 -38.15 9.54
C SER I 163 -43.33 -38.91 8.53
N PHE I 164 -43.94 -38.19 7.61
CA PHE I 164 -44.61 -38.77 6.44
C PHE I 164 -43.84 -38.34 5.20
N PRO I 165 -42.93 -39.17 4.68
CA PRO I 165 -42.09 -38.79 3.56
C PRO I 165 -42.86 -38.86 2.25
N TYR I 166 -42.31 -38.21 1.22
CA TYR I 166 -42.71 -38.24 -0.21
C TYR I 166 -41.57 -38.83 -1.05
N LYS I 167 -41.86 -39.23 -2.28
CA LYS I 167 -40.93 -40.05 -3.10
C LYS I 167 -41.01 -39.62 -4.56
N VAL I 168 -40.02 -40.05 -5.31
CA VAL I 168 -39.90 -39.73 -6.75
C VAL I 168 -40.92 -40.59 -7.49
N ASN I 169 -41.34 -40.13 -8.65
CA ASN I 169 -42.23 -40.91 -9.56
C ASN I 169 -41.51 -42.23 -9.89
N PRO I 170 -42.08 -43.40 -9.51
CA PRO I 170 -41.46 -44.69 -9.81
C PRO I 170 -41.06 -44.96 -11.26
N GLN I 171 -41.81 -44.44 -12.24
CA GLN I 171 -41.50 -44.66 -13.67
C GLN I 171 -40.40 -43.67 -14.06
N THR I 172 -40.64 -42.37 -13.89
CA THR I 172 -39.78 -41.28 -14.43
C THR I 172 -38.42 -41.28 -13.70
N GLY I 173 -38.43 -41.52 -12.39
CA GLY I 173 -37.28 -41.24 -11.50
C GLY I 173 -37.19 -39.78 -11.05
N TYR I 174 -37.95 -38.88 -11.68
CA TYR I 174 -38.05 -37.43 -11.33
C TYR I 174 -39.11 -37.23 -10.26
N ILE I 175 -39.04 -36.11 -9.56
CA ILE I 175 -40.03 -35.77 -8.49
C ILE I 175 -41.31 -35.35 -9.19
N ASP I 176 -42.47 -35.82 -8.69
CA ASP I 176 -43.82 -35.40 -9.12
C ASP I 176 -44.31 -34.32 -8.17
N TYR I 177 -44.19 -33.05 -8.54
CA TYR I 177 -44.48 -31.91 -7.65
C TYR I 177 -45.99 -31.80 -7.37
N ASP I 178 -46.82 -32.29 -8.29
CA ASP I 178 -48.29 -32.29 -8.18
C ASP I 178 -48.73 -33.23 -7.05
N LYS I 179 -48.26 -34.47 -7.09
CA LYS I 179 -48.51 -35.49 -6.04
C LYS I 179 -48.01 -34.93 -4.72
N LEU I 180 -46.86 -34.30 -4.72
CA LEU I 180 -46.25 -33.66 -3.51
C LEU I 180 -47.19 -32.59 -2.94
N GLU I 181 -47.78 -31.77 -3.80
CA GLU I 181 -48.73 -30.70 -3.41
C GLU I 181 -49.93 -31.35 -2.75
N ASP I 182 -50.51 -32.36 -3.40
CA ASP I 182 -51.69 -33.10 -2.90
C ASP I 182 -51.36 -33.62 -1.51
N LYS I 183 -50.22 -34.28 -1.42
CA LYS I 183 -49.75 -34.99 -0.21
C LYS I 183 -49.56 -33.97 0.92
N ALA I 184 -48.97 -32.82 0.61
CA ALA I 184 -48.57 -31.80 1.61
C ALA I 184 -49.82 -31.13 2.15
N LEU I 185 -50.81 -30.94 1.29
CA LEU I 185 -52.07 -30.22 1.64
C LEU I 185 -52.90 -31.13 2.54
N ASP I 186 -52.89 -32.43 2.25
CA ASP I 186 -53.57 -33.49 3.03
C ASP I 186 -52.98 -33.59 4.45
N TYR I 187 -51.66 -33.71 4.57
CA TYR I 187 -50.96 -34.03 5.83
C TYR I 187 -50.61 -32.77 6.62
N ARG I 188 -50.61 -31.59 6.00
CA ARG I 188 -50.38 -30.24 6.62
C ARG I 188 -49.21 -30.33 7.60
N PRO I 189 -47.97 -30.61 7.14
CA PRO I 189 -46.82 -30.69 8.02
C PRO I 189 -46.43 -29.30 8.52
N LYS I 190 -45.84 -29.18 9.71
CA LYS I 190 -45.33 -27.88 10.25
C LYS I 190 -44.15 -27.44 9.39
N ILE I 191 -43.31 -28.41 9.00
CA ILE I 191 -42.04 -28.25 8.24
C ILE I 191 -42.02 -29.18 7.05
N LEU I 192 -41.78 -28.61 5.89
CA LEU I 192 -41.63 -29.37 4.64
C LEU I 192 -40.15 -29.27 4.30
N ILE I 193 -39.56 -30.40 3.94
CA ILE I 193 -38.10 -30.49 3.69
C ILE I 193 -37.87 -30.89 2.24
N CYS I 194 -36.98 -30.15 1.55
CA CYS I 194 -36.48 -30.52 0.20
C CYS I 194 -34.98 -30.76 0.31
N GLY I 195 -34.36 -31.26 -0.76
CA GLY I 195 -33.04 -31.90 -0.73
C GLY I 195 -33.11 -33.19 0.03
N GLY I 196 -32.06 -33.57 0.74
CA GLY I 196 -32.03 -34.78 1.58
C GLY I 196 -31.34 -35.94 0.88
N SER I 197 -32.08 -36.72 0.08
CA SER I 197 -31.51 -37.87 -0.68
C SER I 197 -30.59 -37.37 -1.78
N SER I 198 -29.72 -38.27 -2.24
CA SER I 198 -28.94 -38.16 -3.50
C SER I 198 -29.89 -38.28 -4.70
N TYR I 199 -30.31 -37.13 -5.23
CA TYR I 199 -31.23 -36.97 -6.38
C TYR I 199 -30.40 -36.38 -7.52
N PRO I 200 -30.31 -37.05 -8.68
CA PRO I 200 -29.40 -36.64 -9.75
C PRO I 200 -29.88 -35.48 -10.63
N ARG I 201 -30.99 -34.84 -10.29
CA ARG I 201 -31.54 -33.71 -11.08
C ARG I 201 -31.88 -32.51 -10.19
N ASP I 202 -32.04 -31.35 -10.81
CA ASP I 202 -32.17 -30.05 -10.13
C ASP I 202 -33.50 -30.04 -9.37
N TRP I 203 -33.62 -29.22 -8.34
CA TRP I 203 -34.87 -29.09 -7.56
C TRP I 203 -35.60 -27.88 -8.08
N ASP I 204 -36.93 -27.89 -8.12
CA ASP I 204 -37.75 -26.67 -8.36
C ASP I 204 -38.13 -26.06 -7.00
N PHE I 205 -37.17 -25.40 -6.36
CA PHE I 205 -37.32 -24.85 -4.99
C PHE I 205 -38.47 -23.83 -4.96
N ALA I 206 -38.63 -23.06 -6.02
CA ALA I 206 -39.71 -22.05 -6.21
C ALA I 206 -41.06 -22.73 -6.02
N ARG I 207 -41.19 -23.92 -6.61
CA ARG I 207 -42.46 -24.68 -6.68
C ARG I 207 -42.76 -25.16 -5.27
N VAL I 208 -41.74 -25.68 -4.62
CA VAL I 208 -41.86 -26.29 -3.27
C VAL I 208 -42.19 -25.18 -2.28
N ARG I 209 -41.76 -23.98 -2.55
CA ARG I 209 -42.14 -22.83 -1.72
C ARG I 209 -43.66 -22.66 -1.86
N GLN I 210 -44.15 -22.66 -3.09
CA GLN I 210 -45.59 -22.39 -3.37
C GLN I 210 -46.39 -23.38 -2.53
N ILE I 211 -45.94 -24.62 -2.53
CA ILE I 211 -46.62 -25.73 -1.81
C ILE I 211 -46.56 -25.45 -0.31
N ALA I 212 -45.37 -25.17 0.22
CA ALA I 212 -45.15 -24.85 1.64
C ALA I 212 -46.12 -23.76 2.06
N ASP I 213 -46.16 -22.67 1.29
CA ASP I 213 -47.01 -21.50 1.60
C ASP I 213 -48.45 -21.99 1.68
N LYS I 214 -48.93 -22.83 0.76
CA LYS I 214 -50.34 -23.28 0.67
C LYS I 214 -50.72 -24.06 1.93
N CYS I 215 -49.91 -25.00 2.39
CA CYS I 215 -50.26 -25.85 3.58
C CYS I 215 -49.72 -25.28 4.90
N GLY I 216 -49.38 -23.97 4.88
CA GLY I 216 -48.84 -23.18 6.01
C GLY I 216 -47.63 -23.82 6.66
N ALA I 217 -46.66 -24.34 5.90
CA ALA I 217 -45.49 -25.08 6.42
C ALA I 217 -44.27 -24.18 6.29
N VAL I 218 -43.28 -24.39 7.17
CA VAL I 218 -41.91 -23.82 7.08
C VAL I 218 -41.10 -24.66 6.08
N LEU I 219 -40.50 -23.98 5.11
CA LEU I 219 -39.67 -24.65 4.08
C LEU I 219 -38.22 -24.70 4.56
N MET I 220 -37.70 -25.91 4.62
CA MET I 220 -36.30 -26.18 4.98
C MET I 220 -35.65 -26.96 3.84
N CYS I 221 -34.43 -26.59 3.47
CA CYS I 221 -33.61 -27.39 2.52
C CYS I 221 -32.40 -28.04 3.23
N ASP I 222 -32.21 -29.34 3.00
CA ASP I 222 -30.99 -30.08 3.35
C ASP I 222 -30.15 -30.07 2.10
N MET I 223 -29.13 -29.23 2.09
CA MET I 223 -28.32 -29.04 0.88
C MET I 223 -27.03 -29.86 0.98
N ALA I 224 -27.02 -30.89 1.80
CA ALA I 224 -25.84 -31.75 1.99
C ALA I 224 -25.22 -32.14 0.66
N HIS I 225 -26.03 -32.68 -0.25
CA HIS I 225 -25.49 -33.30 -1.49
C HIS I 225 -25.09 -32.24 -2.51
N ILE I 226 -25.55 -31.00 -2.35
CA ILE I 226 -25.40 -29.96 -3.42
C ILE I 226 -24.70 -28.73 -2.87
N SER I 227 -24.26 -28.78 -1.62
CA SER I 227 -23.63 -27.61 -0.95
C SER I 227 -22.70 -26.94 -1.96
N GLY I 228 -21.84 -27.74 -2.61
CA GLY I 228 -20.81 -27.25 -3.54
C GLY I 228 -21.45 -26.48 -4.66
N LEU I 229 -22.43 -27.11 -5.33
CA LEU I 229 -23.09 -26.55 -6.53
C LEU I 229 -23.77 -25.25 -6.12
N VAL I 230 -24.41 -25.25 -4.97
CA VAL I 230 -25.22 -24.08 -4.57
C VAL I 230 -24.28 -22.90 -4.48
N ALA I 231 -23.20 -23.01 -3.73
CA ALA I 231 -22.28 -21.88 -3.44
C ALA I 231 -21.74 -21.30 -4.74
N THR I 232 -21.53 -22.14 -5.74
CA THR I 232 -20.93 -21.74 -7.04
C THR I 232 -22.01 -21.37 -8.06
N LYS I 233 -23.27 -21.38 -7.66
CA LYS I 233 -24.42 -21.01 -8.49
C LYS I 233 -24.48 -21.92 -9.70
N GLU I 234 -24.09 -23.18 -9.51
CA GLU I 234 -24.06 -24.22 -10.56
C GLU I 234 -25.27 -25.13 -10.38
N CYS I 235 -26.26 -24.68 -9.62
CA CYS I 235 -27.60 -25.31 -9.48
C CYS I 235 -28.54 -24.35 -8.75
N SER I 236 -29.83 -24.65 -8.79
CA SER I 236 -30.89 -23.83 -8.20
C SER I 236 -30.50 -23.43 -6.78
N ASN I 237 -30.83 -22.21 -6.38
CA ASN I 237 -30.43 -21.66 -5.06
C ASN I 237 -31.55 -21.78 -4.04
N PRO I 238 -31.45 -22.66 -3.04
CA PRO I 238 -32.51 -22.80 -2.08
C PRO I 238 -32.63 -21.60 -1.12
N PHE I 239 -31.59 -20.79 -1.01
CA PHE I 239 -31.63 -19.59 -0.15
C PHE I 239 -32.59 -18.56 -0.73
N ASP I 240 -32.92 -18.68 -2.00
CA ASP I 240 -33.91 -17.79 -2.66
C ASP I 240 -35.31 -18.06 -2.10
N HIS I 241 -35.57 -19.23 -1.54
CA HIS I 241 -36.97 -19.73 -1.34
C HIS I 241 -37.19 -20.33 0.04
N CYS I 242 -36.17 -20.95 0.64
CA CYS I 242 -36.31 -21.63 1.94
C CYS I 242 -36.06 -20.63 3.06
N ASP I 243 -36.68 -20.90 4.21
CA ASP I 243 -36.50 -20.13 5.47
C ASP I 243 -35.32 -20.72 6.25
N ILE I 244 -34.97 -21.99 5.99
CA ILE I 244 -33.87 -22.68 6.71
C ILE I 244 -33.11 -23.58 5.77
N VAL I 245 -31.79 -23.57 5.86
CA VAL I 245 -30.92 -24.46 5.04
C VAL I 245 -29.92 -25.08 5.99
N THR I 246 -29.94 -26.40 6.06
CA THR I 246 -28.93 -27.19 6.78
C THR I 246 -27.96 -27.75 5.74
N SER I 247 -26.81 -28.19 6.21
CA SER I 247 -25.84 -28.86 5.32
C SER I 247 -24.78 -29.59 6.11
N THR I 248 -24.07 -30.39 5.33
CA THR I 248 -22.87 -31.12 5.73
C THR I 248 -21.69 -30.25 5.33
N THR I 249 -20.68 -30.17 6.20
CA THR I 249 -19.48 -29.34 5.98
C THR I 249 -18.37 -30.06 5.20
N HIS I 250 -18.56 -31.31 4.79
CA HIS I 250 -17.41 -32.18 4.44
C HIS I 250 -17.60 -32.93 3.13
N LYS I 251 -18.54 -32.50 2.30
CA LYS I 251 -18.87 -33.28 1.11
C LYS I 251 -18.37 -32.43 -0.05
N GLY I 252 -19.28 -31.66 -0.65
CA GLY I 252 -18.96 -30.66 -1.69
C GLY I 252 -17.88 -29.73 -1.20
N LEU I 253 -17.94 -29.29 0.05
CA LEU I 253 -17.12 -28.17 0.58
C LEU I 253 -15.71 -28.65 0.94
N ARG I 254 -15.48 -29.95 1.00
CA ARG I 254 -14.14 -30.49 1.31
C ARG I 254 -13.67 -29.91 2.64
N GLY I 255 -14.59 -29.62 3.53
CA GLY I 255 -14.23 -29.23 4.90
C GLY I 255 -14.20 -30.45 5.80
N PRO I 256 -14.12 -30.22 7.13
CA PRO I 256 -14.09 -31.28 8.12
C PRO I 256 -15.49 -31.83 8.32
N ARG I 257 -15.64 -33.01 8.96
CA ARG I 257 -16.96 -33.66 9.15
C ARG I 257 -17.77 -32.87 10.17
N GLY I 258 -19.02 -32.59 9.84
CA GLY I 258 -19.97 -31.91 10.74
C GLY I 258 -21.14 -31.36 9.96
N GLY I 259 -21.94 -30.52 10.61
CA GLY I 259 -23.12 -29.91 10.00
C GLY I 259 -23.22 -28.44 10.34
N ILE I 260 -24.24 -27.81 9.77
CA ILE I 260 -24.36 -26.34 9.80
C ILE I 260 -25.79 -25.98 9.47
N ILE I 261 -26.28 -24.92 10.12
CA ILE I 261 -27.68 -24.42 9.99
C ILE I 261 -27.70 -22.94 9.61
N PHE I 262 -28.28 -22.62 8.45
CA PHE I 262 -28.63 -21.25 8.06
C PHE I 262 -30.11 -21.03 8.35
N TYR I 263 -30.44 -19.85 8.84
CA TYR I 263 -31.83 -19.47 9.17
C TYR I 263 -32.02 -18.00 8.79
N ARG I 264 -33.26 -17.62 8.46
CA ARG I 264 -33.57 -16.21 8.17
C ARG I 264 -33.69 -15.40 9.46
N ARG I 265 -33.53 -14.11 9.31
CA ARG I 265 -33.43 -13.15 10.43
C ARG I 265 -34.23 -11.89 10.09
N GLY I 266 -34.61 -11.10 11.09
CA GLY I 266 -35.16 -9.76 10.82
C GLY I 266 -36.53 -9.83 10.17
N PRO I 267 -36.96 -8.78 9.46
CA PRO I 267 -38.34 -8.69 8.96
C PRO I 267 -38.75 -9.72 7.89
N LYS I 268 -39.99 -10.15 7.91
CA LYS I 268 -40.64 -10.77 6.73
C LYS I 268 -41.21 -9.60 5.92
N THR I 283 -44.37 -10.62 12.24
CA THR I 283 -43.66 -9.33 11.97
C THR I 283 -42.21 -9.61 11.51
N HIS I 284 -41.46 -10.32 12.36
CA HIS I 284 -40.04 -10.71 12.18
C HIS I 284 -39.95 -12.22 12.21
N TYR I 285 -38.81 -12.78 11.79
CA TYR I 285 -38.58 -14.24 11.83
C TYR I 285 -38.35 -14.61 13.28
N ASP I 286 -38.51 -15.89 13.62
CA ASP I 286 -38.51 -16.36 15.02
C ASP I 286 -37.48 -17.49 15.22
N LEU I 287 -36.49 -17.63 14.33
CA LEU I 287 -35.78 -18.93 14.11
C LEU I 287 -34.47 -18.98 14.91
N GLU I 288 -33.79 -17.85 14.97
CA GLU I 288 -32.43 -17.72 15.50
C GLU I 288 -32.43 -18.26 16.92
N GLU I 289 -33.23 -17.67 17.80
CA GLU I 289 -33.12 -17.97 19.26
C GLU I 289 -33.50 -19.43 19.46
N LYS I 290 -34.54 -19.85 18.78
CA LYS I 290 -35.05 -21.24 18.92
C LYS I 290 -33.99 -22.25 18.52
N ILE I 291 -33.38 -22.04 17.37
CA ILE I 291 -32.41 -23.00 16.77
C ILE I 291 -31.12 -22.96 17.57
N ASN I 292 -30.64 -21.77 17.91
CA ASN I 292 -29.38 -21.66 18.67
C ASN I 292 -29.53 -22.45 19.97
N PHE I 293 -30.65 -22.26 20.63
CA PHE I 293 -30.87 -22.85 21.96
C PHE I 293 -30.96 -24.38 21.80
N ALA I 294 -31.55 -24.83 20.71
CA ALA I 294 -31.79 -26.27 20.47
C ALA I 294 -30.44 -26.96 20.40
N VAL I 295 -29.52 -26.38 19.60
CA VAL I 295 -28.11 -26.83 19.44
C VAL I 295 -27.45 -26.80 20.82
N PHE I 296 -27.44 -25.66 21.46
CA PHE I 296 -26.92 -25.58 22.83
C PHE I 296 -27.76 -24.61 23.63
N PRO I 297 -28.25 -24.99 24.83
CA PRO I 297 -27.81 -26.20 25.50
C PRO I 297 -28.61 -27.46 25.29
N SER I 298 -29.66 -27.49 24.48
CA SER I 298 -30.55 -28.68 24.50
C SER I 298 -29.77 -29.92 24.06
N LEU I 299 -29.21 -29.93 22.85
CA LEU I 299 -28.82 -31.20 22.16
C LEU I 299 -27.32 -31.49 22.28
N GLN I 300 -26.48 -30.46 22.29
CA GLN I 300 -25.03 -30.67 22.27
C GLN I 300 -24.41 -30.13 23.56
N GLY I 301 -23.12 -30.38 23.69
CA GLY I 301 -22.27 -29.59 24.59
C GLY I 301 -21.45 -28.58 23.81
N GLY I 302 -20.21 -28.39 24.24
CA GLY I 302 -19.26 -27.51 23.54
C GLY I 302 -19.18 -27.89 22.07
N PRO I 303 -18.79 -26.93 21.20
CA PRO I 303 -18.51 -27.24 19.81
C PRO I 303 -17.07 -27.76 19.71
N HIS I 304 -16.76 -28.43 18.59
CA HIS I 304 -15.37 -28.77 18.17
C HIS I 304 -14.71 -27.54 17.54
N ASN I 305 -14.04 -26.75 18.37
CA ASN I 305 -13.30 -25.55 17.96
C ASN I 305 -12.36 -25.87 16.80
N ASN I 306 -11.71 -27.01 16.84
CA ASN I 306 -10.78 -27.43 15.77
C ASN I 306 -11.56 -27.63 14.47
N HIS I 307 -12.73 -28.29 14.51
CA HIS I 307 -13.57 -28.46 13.30
C HIS I 307 -13.98 -27.10 12.77
N ILE I 308 -14.31 -26.17 13.65
CA ILE I 308 -14.81 -24.85 13.19
C ILE I 308 -13.71 -24.09 12.46
N ALA I 309 -12.49 -24.05 12.99
CA ALA I 309 -11.35 -23.42 12.29
C ALA I 309 -11.17 -24.12 10.93
N ALA I 310 -11.15 -25.43 10.94
CA ALA I 310 -10.99 -26.21 9.71
C ALA I 310 -12.07 -25.83 8.72
N LEU I 311 -13.29 -25.55 9.22
CA LEU I 311 -14.45 -25.20 8.38
C LEU I 311 -14.19 -23.82 7.77
N ALA I 312 -13.82 -22.86 8.60
CA ALA I 312 -13.46 -21.48 8.17
C ALA I 312 -12.49 -21.52 6.99
N ILE I 313 -11.48 -22.39 7.08
CA ILE I 313 -10.45 -22.48 6.02
C ILE I 313 -11.16 -22.96 4.77
N ALA I 314 -11.98 -23.96 4.92
CA ALA I 314 -12.62 -24.65 3.78
C ALA I 314 -13.51 -23.67 3.04
N LEU I 315 -14.18 -22.81 3.80
CA LEU I 315 -15.19 -21.85 3.28
C LEU I 315 -14.50 -20.69 2.54
N LYS I 316 -13.37 -20.22 3.08
CA LYS I 316 -12.53 -19.19 2.43
C LYS I 316 -12.17 -19.66 1.03
N GLN I 317 -11.87 -20.94 0.89
CA GLN I 317 -11.47 -21.55 -0.39
C GLN I 317 -12.70 -21.75 -1.29
N VAL I 318 -13.90 -21.76 -0.72
CA VAL I 318 -15.11 -22.01 -1.56
C VAL I 318 -15.36 -20.76 -2.40
N ALA I 319 -15.06 -19.61 -1.83
CA ALA I 319 -15.30 -18.28 -2.43
C ALA I 319 -14.25 -17.96 -3.50
N THR I 320 -13.55 -18.94 -4.04
CA THR I 320 -12.43 -18.66 -4.97
C THR I 320 -12.79 -19.14 -6.37
N PRO I 321 -12.15 -18.56 -7.40
CA PRO I 321 -12.33 -19.04 -8.77
C PRO I 321 -11.86 -20.49 -8.93
N GLU I 322 -10.83 -20.85 -8.19
CA GLU I 322 -10.28 -22.22 -8.25
C GLU I 322 -11.40 -23.18 -7.88
N TYR I 323 -12.17 -22.84 -6.84
CA TYR I 323 -13.29 -23.68 -6.33
C TYR I 323 -14.40 -23.74 -7.39
N LYS I 324 -14.73 -22.61 -8.00
CA LYS I 324 -15.79 -22.58 -9.04
C LYS I 324 -15.40 -23.49 -10.19
N ALA I 325 -14.12 -23.44 -10.60
CA ALA I 325 -13.56 -24.25 -11.71
C ALA I 325 -13.61 -25.73 -11.30
N TYR I 326 -13.36 -26.00 -10.02
CA TYR I 326 -13.44 -27.37 -9.47
C TYR I 326 -14.82 -27.92 -9.78
N ILE I 327 -15.86 -27.19 -9.36
CA ILE I 327 -17.27 -27.62 -9.50
C ILE I 327 -17.54 -27.75 -11.00
N GLN I 328 -17.08 -26.81 -11.81
CA GLN I 328 -17.31 -26.89 -13.27
C GLN I 328 -16.76 -28.22 -13.78
N GLN I 329 -15.56 -28.57 -13.36
CA GLN I 329 -14.90 -29.80 -13.85
C GLN I 329 -15.66 -31.00 -13.32
N MET I 330 -16.06 -30.91 -12.06
CA MET I 330 -16.85 -31.97 -11.38
C MET I 330 -18.09 -32.32 -12.21
N LYS I 331 -18.75 -31.31 -12.76
CA LYS I 331 -19.99 -31.51 -13.55
C LYS I 331 -19.63 -32.00 -14.95
N LYS I 332 -18.62 -31.42 -15.58
CA LYS I 332 -18.19 -31.90 -16.90
C LYS I 332 -17.84 -33.38 -16.76
N ASN I 333 -17.15 -33.75 -15.70
CA ASN I 333 -16.73 -35.14 -15.46
C ASN I 333 -17.96 -36.05 -15.36
N ALA I 334 -19.01 -35.58 -14.71
CA ALA I 334 -20.26 -36.36 -14.53
C ALA I 334 -20.86 -36.62 -15.91
N GLN I 335 -20.94 -35.60 -16.76
CA GLN I 335 -21.54 -35.75 -18.11
C GLN I 335 -20.65 -36.70 -18.94
N ALA I 336 -19.34 -36.54 -18.85
CA ALA I 336 -18.37 -37.43 -19.50
C ALA I 336 -18.67 -38.89 -19.10
N LEU I 337 -18.93 -39.13 -17.81
CA LEU I 337 -19.07 -40.50 -17.26
C LEU I 337 -20.41 -41.08 -17.67
N ALA I 338 -21.46 -40.27 -17.59
CA ALA I 338 -22.81 -40.66 -18.01
C ALA I 338 -22.72 -41.09 -19.49
N ALA I 339 -22.27 -40.19 -20.36
CA ALA I 339 -22.17 -40.37 -21.83
C ALA I 339 -21.46 -41.68 -22.13
N ALA I 340 -20.38 -41.94 -21.41
CA ALA I 340 -19.53 -43.13 -21.56
C ALA I 340 -20.37 -44.38 -21.30
N LEU I 341 -21.15 -44.38 -20.23
CA LEU I 341 -21.91 -45.58 -19.80
C LEU I 341 -23.08 -45.82 -20.76
N LEU I 342 -23.79 -44.77 -21.15
CA LEU I 342 -24.95 -44.87 -22.09
C LEU I 342 -24.46 -45.48 -23.40
N ARG I 343 -23.34 -44.96 -23.93
CA ARG I 343 -22.62 -45.54 -25.09
C ARG I 343 -22.51 -47.06 -24.90
N ARG I 344 -22.22 -47.51 -23.68
CA ARG I 344 -21.97 -48.94 -23.38
C ARG I 344 -23.25 -49.66 -22.93
N LYS I 345 -24.41 -49.16 -23.38
CA LYS I 345 -25.74 -49.81 -23.25
C LYS I 345 -26.30 -49.70 -21.82
N CYS I 346 -25.64 -48.99 -20.90
CA CYS I 346 -26.06 -48.92 -19.48
C CYS I 346 -27.37 -48.14 -19.32
N ARG I 347 -28.08 -48.38 -18.21
CA ARG I 347 -29.39 -47.71 -17.93
C ARG I 347 -29.25 -46.82 -16.69
N LEU I 348 -29.37 -45.51 -16.89
CA LEU I 348 -29.27 -44.49 -15.82
C LEU I 348 -30.67 -44.01 -15.46
N VAL I 349 -30.97 -44.00 -14.18
CA VAL I 349 -32.23 -43.39 -13.70
C VAL I 349 -32.27 -41.95 -14.22
N THR I 350 -33.40 -41.55 -14.81
CA THR I 350 -33.67 -40.27 -15.49
C THR I 350 -32.83 -40.13 -16.76
N GLY I 351 -31.98 -41.12 -17.06
CA GLY I 351 -31.15 -41.20 -18.27
C GLY I 351 -29.86 -40.40 -18.18
N GLY I 352 -29.55 -39.79 -17.03
CA GLY I 352 -28.41 -38.86 -16.88
C GLY I 352 -28.42 -38.16 -15.52
N THR I 353 -27.97 -36.88 -15.51
CA THR I 353 -27.80 -36.03 -14.30
C THR I 353 -27.57 -34.57 -14.65
N ASP I 354 -28.01 -33.70 -13.76
CA ASP I 354 -27.79 -32.23 -13.81
C ASP I 354 -26.62 -31.87 -12.90
N ASN I 355 -26.16 -32.86 -12.15
CA ASN I 355 -25.19 -32.58 -11.08
C ASN I 355 -24.02 -33.56 -11.22
N HIS I 356 -23.56 -34.05 -10.09
CA HIS I 356 -22.24 -34.69 -9.93
C HIS I 356 -22.39 -36.17 -9.69
N LEU I 357 -23.62 -36.67 -9.68
CA LEU I 357 -23.88 -38.08 -9.30
C LEU I 357 -24.86 -38.73 -10.26
N LEU I 358 -24.73 -40.05 -10.34
CA LEU I 358 -25.40 -40.97 -11.29
C LEU I 358 -26.04 -42.13 -10.52
N LEU I 359 -27.29 -42.45 -10.83
CA LEU I 359 -27.93 -43.71 -10.38
C LEU I 359 -27.95 -44.67 -11.57
N TRP I 360 -27.18 -45.76 -11.46
CA TRP I 360 -26.99 -46.80 -12.50
C TRP I 360 -27.80 -48.04 -12.12
N ASP I 361 -28.83 -48.36 -12.93
CA ASP I 361 -29.68 -49.57 -12.80
C ASP I 361 -28.91 -50.71 -13.46
N LEU I 362 -28.62 -51.77 -12.70
CA LEU I 362 -27.86 -52.96 -13.16
C LEU I 362 -28.80 -54.12 -13.51
N THR I 363 -30.09 -54.01 -13.20
CA THR I 363 -31.03 -55.15 -13.36
C THR I 363 -31.11 -55.57 -14.82
N PRO I 364 -31.01 -54.67 -15.83
CA PRO I 364 -30.91 -55.08 -17.23
C PRO I 364 -29.68 -55.94 -17.57
N MET I 365 -28.68 -55.99 -16.70
CA MET I 365 -27.48 -56.87 -16.84
C MET I 365 -27.63 -58.07 -15.88
N GLY I 366 -28.76 -58.15 -15.20
CA GLY I 366 -29.08 -59.25 -14.26
C GLY I 366 -28.17 -59.22 -13.05
N LEU I 367 -27.84 -58.04 -12.55
CA LEU I 367 -26.96 -57.87 -11.36
C LEU I 367 -27.71 -57.10 -10.28
N THR I 368 -27.45 -57.46 -9.02
CA THR I 368 -27.85 -56.70 -7.81
C THR I 368 -26.71 -55.75 -7.47
N GLY I 369 -27.01 -54.61 -6.85
CA GLY I 369 -25.98 -53.70 -6.33
C GLY I 369 -25.11 -54.43 -5.33
N LYS I 370 -25.77 -55.12 -4.39
CA LYS I 370 -25.16 -55.77 -3.19
C LYS I 370 -23.88 -56.51 -3.57
N VAL I 371 -23.87 -57.17 -4.72
CA VAL I 371 -22.74 -58.05 -5.13
C VAL I 371 -21.74 -57.24 -5.95
N TYR I 372 -22.22 -56.38 -6.85
CA TYR I 372 -21.34 -55.57 -7.73
C TYR I 372 -20.43 -54.69 -6.88
N GLU I 373 -21.06 -54.09 -5.86
CA GLU I 373 -20.46 -53.24 -4.80
C GLU I 373 -19.21 -53.94 -4.23
N LYS I 374 -19.32 -55.23 -3.87
CA LYS I 374 -18.28 -56.02 -3.14
C LYS I 374 -17.25 -56.61 -4.11
N VAL I 375 -17.56 -56.69 -5.39
CA VAL I 375 -16.56 -57.05 -6.44
C VAL I 375 -15.71 -55.83 -6.76
N CYS I 376 -16.36 -54.66 -6.86
CA CYS I 376 -15.68 -53.36 -7.08
C CYS I 376 -14.72 -53.12 -5.91
N GLU I 377 -15.18 -53.36 -4.67
CA GLU I 377 -14.31 -53.26 -3.47
C GLU I 377 -13.01 -54.00 -3.73
N MET I 378 -13.11 -55.26 -4.18
CA MET I 378 -11.95 -56.17 -4.33
C MET I 378 -10.98 -55.63 -5.36
N CYS I 379 -11.48 -54.80 -6.28
CA CYS I 379 -10.68 -54.17 -7.36
C CYS I 379 -10.29 -52.75 -6.98
N HIS I 380 -10.36 -52.39 -5.69
CA HIS I 380 -9.96 -51.05 -5.18
C HIS I 380 -10.83 -49.96 -5.81
N ILE I 381 -12.04 -50.29 -6.28
CA ILE I 381 -13.03 -49.28 -6.78
C ILE I 381 -14.15 -49.19 -5.75
N THR I 382 -14.35 -48.03 -5.14
CA THR I 382 -15.36 -47.90 -4.06
C THR I 382 -16.58 -47.13 -4.58
N LEU I 383 -17.73 -47.79 -4.57
CA LEU I 383 -19.03 -47.14 -4.78
C LEU I 383 -20.01 -47.70 -3.75
N ASN I 384 -21.32 -47.50 -3.94
CA ASN I 384 -22.33 -48.05 -3.01
C ASN I 384 -23.63 -48.34 -3.75
N LYS I 385 -24.18 -49.54 -3.55
CA LYS I 385 -25.53 -49.97 -3.96
C LYS I 385 -26.51 -48.90 -3.48
N THR I 386 -27.65 -48.76 -4.13
CA THR I 386 -28.71 -47.80 -3.74
C THR I 386 -30.08 -48.39 -4.09
N ALA I 387 -31.09 -47.97 -3.35
CA ALA I 387 -32.51 -48.23 -3.65
C ALA I 387 -32.93 -47.49 -4.92
N ILE I 388 -33.46 -48.22 -5.90
CA ILE I 388 -34.15 -47.62 -7.08
C ILE I 388 -35.48 -48.35 -7.29
N PHE I 389 -36.40 -47.80 -8.09
CA PHE I 389 -37.71 -48.44 -8.41
C PHE I 389 -37.57 -49.46 -9.55
N ASN I 392 -42.45 -51.46 -13.85
CA ASN I 392 -41.80 -51.98 -12.61
C ASN I 392 -42.19 -51.11 -11.41
N GLY I 393 -43.41 -51.34 -10.90
CA GLY I 393 -43.94 -50.74 -9.66
C GLY I 393 -43.03 -51.01 -8.47
N THR I 394 -42.27 -52.11 -8.53
CA THR I 394 -41.53 -52.73 -7.37
C THR I 394 -40.15 -52.07 -7.19
N ILE I 395 -39.65 -52.10 -5.95
CA ILE I 395 -38.33 -51.54 -5.53
C ILE I 395 -37.25 -52.60 -5.75
N SER I 396 -36.45 -52.45 -6.82
CA SER I 396 -35.36 -53.41 -7.18
C SER I 396 -34.10 -53.09 -6.37
N PRO I 397 -33.26 -54.10 -6.03
CA PRO I 397 -32.05 -53.87 -5.24
C PRO I 397 -30.82 -53.59 -6.12
N GLY I 398 -31.07 -53.24 -7.40
CA GLY I 398 -30.12 -53.35 -8.52
C GLY I 398 -29.55 -52.00 -8.94
N GLY I 399 -29.60 -51.00 -8.06
CA GLY I 399 -29.00 -49.67 -8.27
C GLY I 399 -27.65 -49.52 -7.59
N VAL I 400 -26.72 -48.79 -8.21
CA VAL I 400 -25.50 -48.27 -7.51
C VAL I 400 -25.39 -46.77 -7.73
N ARG I 401 -24.75 -46.07 -6.80
CA ARG I 401 -24.64 -44.60 -6.79
C ARG I 401 -23.17 -44.20 -6.88
N ILE I 402 -22.89 -43.40 -7.90
CA ILE I 402 -21.55 -43.01 -8.35
C ILE I 402 -21.49 -41.49 -8.36
N GLY I 403 -20.32 -40.91 -8.04
CA GLY I 403 -20.09 -39.46 -8.14
C GLY I 403 -18.66 -39.08 -8.46
N THR I 404 -18.51 -37.88 -8.99
CA THR I 404 -17.21 -37.37 -9.53
C THR I 404 -16.39 -36.57 -8.54
N PRO I 405 -16.92 -36.04 -7.42
CA PRO I 405 -16.15 -35.07 -6.63
C PRO I 405 -14.75 -35.58 -6.24
N ALA I 406 -14.67 -36.81 -5.74
CA ALA I 406 -13.42 -37.34 -5.14
C ALA I 406 -12.30 -37.38 -6.17
N MET I 407 -12.51 -38.05 -7.28
CA MET I 407 -11.45 -38.17 -8.32
C MET I 407 -11.25 -36.81 -9.00
N THR I 408 -12.31 -36.01 -9.12
CA THR I 408 -12.18 -34.65 -9.70
C THR I 408 -11.14 -33.90 -8.86
N THR I 409 -11.24 -34.02 -7.53
CA THR I 409 -10.33 -33.36 -6.55
C THR I 409 -8.89 -33.79 -6.84
N ARG I 410 -8.70 -35.07 -7.13
CA ARG I 410 -7.35 -35.62 -7.44
C ARG I 410 -6.86 -35.20 -8.82
N GLY I 411 -7.66 -34.49 -9.61
CA GLY I 411 -7.21 -33.89 -10.88
C GLY I 411 -7.54 -34.74 -12.08
N CYS I 412 -8.47 -35.67 -11.93
CA CYS I 412 -9.08 -36.37 -13.07
C CYS I 412 -9.92 -35.40 -13.91
N ILE I 413 -9.95 -35.63 -15.22
CA ILE I 413 -10.71 -34.82 -16.21
C ILE I 413 -11.57 -35.79 -17.02
N GLU I 414 -12.25 -35.31 -18.05
CA GLU I 414 -13.30 -36.07 -18.76
C GLU I 414 -12.74 -37.44 -19.22
N SER I 415 -11.66 -37.45 -20.00
CA SER I 415 -11.09 -38.70 -20.60
C SER I 415 -10.68 -39.71 -19.52
N ASP I 416 -10.34 -39.24 -18.32
CA ASP I 416 -9.98 -40.14 -17.20
C ASP I 416 -11.25 -40.90 -16.78
N PHE I 417 -12.40 -40.22 -16.75
CA PHE I 417 -13.70 -40.82 -16.34
C PHE I 417 -14.16 -41.79 -17.42
N GLU I 418 -13.81 -41.57 -18.69
CA GLU I 418 -14.08 -42.57 -19.75
C GLU I 418 -13.30 -43.85 -19.38
N THR I 419 -12.04 -43.68 -18.99
CA THR I 419 -11.16 -44.82 -18.63
C THR I 419 -11.78 -45.56 -17.46
N MET I 420 -12.29 -44.84 -16.47
CA MET I 420 -12.90 -45.44 -15.25
C MET I 420 -14.17 -46.19 -15.63
N ALA I 421 -14.92 -45.70 -16.62
CA ALA I 421 -16.14 -46.36 -17.11
C ALA I 421 -15.76 -47.77 -17.63
N ASP I 422 -14.70 -47.87 -18.42
CA ASP I 422 -14.22 -49.17 -18.93
C ASP I 422 -14.00 -50.10 -17.73
N PHE I 423 -13.39 -49.59 -16.67
CA PHE I 423 -13.11 -50.39 -15.45
C PHE I 423 -14.43 -50.84 -14.85
N LEU I 424 -15.42 -49.97 -14.82
CA LEU I 424 -16.73 -50.29 -14.18
C LEU I 424 -17.45 -51.39 -14.96
N ILE I 425 -17.37 -51.38 -16.29
CA ILE I 425 -18.02 -52.42 -17.14
C ILE I 425 -17.27 -53.75 -16.96
N LYS I 426 -15.94 -53.74 -17.02
CA LYS I 426 -15.16 -54.99 -16.85
C LYS I 426 -15.58 -55.66 -15.54
N ALA I 427 -15.69 -54.89 -14.47
CA ALA I 427 -16.12 -55.33 -13.13
C ALA I 427 -17.50 -55.98 -13.18
N ALA I 428 -18.38 -55.50 -14.06
CA ALA I 428 -19.74 -56.04 -14.29
C ALA I 428 -19.66 -57.39 -15.04
N GLN I 429 -18.88 -57.42 -16.12
CA GLN I 429 -18.67 -58.64 -16.95
C GLN I 429 -18.19 -59.76 -16.02
N ILE I 430 -17.21 -59.46 -15.16
CA ILE I 430 -16.65 -60.41 -14.18
C ILE I 430 -17.77 -60.88 -13.25
N THR I 431 -18.60 -59.95 -12.75
CA THR I 431 -19.66 -60.25 -11.76
C THR I 431 -20.70 -61.21 -12.35
N SER I 432 -21.15 -60.99 -13.61
CA SER I 432 -22.06 -61.91 -14.34
C SER I 432 -21.44 -63.31 -14.39
N ALA I 433 -20.18 -63.39 -14.85
CA ALA I 433 -19.36 -64.63 -15.02
C ALA I 433 -19.27 -65.43 -13.72
N LEU I 434 -19.12 -64.76 -12.58
CA LEU I 434 -18.89 -65.38 -11.24
C LEU I 434 -20.20 -65.86 -10.65
N GLN I 435 -21.26 -65.05 -10.72
CA GLN I 435 -22.61 -65.41 -10.24
C GLN I 435 -23.03 -66.71 -10.93
N ARG I 436 -22.72 -66.80 -12.23
CA ARG I 436 -23.02 -67.98 -13.10
C ARG I 436 -22.29 -69.23 -12.59
N GLU I 437 -20.97 -69.18 -12.43
CA GLU I 437 -20.19 -70.37 -11.98
C GLU I 437 -20.46 -70.67 -10.51
N HIS I 438 -20.28 -69.70 -9.59
CA HIS I 438 -20.31 -69.89 -8.11
C HIS I 438 -21.55 -69.27 -7.46
N GLY I 439 -22.71 -69.22 -8.16
CA GLY I 439 -23.95 -68.61 -7.64
C GLY I 439 -24.52 -69.40 -6.47
N LYS I 440 -24.34 -70.73 -6.46
CA LYS I 440 -25.02 -71.64 -5.51
C LYS I 440 -24.61 -71.32 -4.06
N SER I 441 -23.34 -71.01 -3.78
CA SER I 441 -22.87 -70.89 -2.37
C SER I 441 -22.18 -69.55 -2.14
N HIS I 442 -22.45 -68.95 -0.96
CA HIS I 442 -21.94 -67.61 -0.51
C HIS I 442 -20.53 -67.74 0.06
N LYS I 443 -20.21 -68.85 0.73
CA LYS I 443 -18.85 -69.11 1.31
C LYS I 443 -17.91 -69.60 0.19
N GLU I 444 -18.38 -70.46 -0.72
CA GLU I 444 -17.57 -70.96 -1.87
C GLU I 444 -17.41 -69.85 -2.92
N PHE I 445 -18.21 -68.79 -2.82
CA PHE I 445 -18.15 -67.55 -3.66
C PHE I 445 -17.07 -66.60 -3.13
N VAL I 446 -17.11 -66.25 -1.83
CA VAL I 446 -16.17 -65.30 -1.16
C VAL I 446 -14.74 -65.85 -1.26
N LYS I 447 -14.55 -67.18 -1.27
CA LYS I 447 -13.22 -67.83 -1.44
C LYS I 447 -12.69 -67.56 -2.86
N SER I 448 -13.51 -67.89 -3.88
CA SER I 448 -13.25 -67.72 -5.33
C SER I 448 -12.91 -66.25 -5.61
N LEU I 449 -13.65 -65.36 -4.96
CA LEU I 449 -13.41 -63.89 -4.96
C LEU I 449 -11.93 -63.64 -4.62
N CYS I 450 -11.47 -64.03 -3.44
CA CYS I 450 -10.10 -63.74 -2.90
C CYS I 450 -9.00 -64.31 -3.81
N THR I 451 -9.31 -65.34 -4.60
CA THR I 451 -8.31 -66.15 -5.37
C THR I 451 -8.73 -66.26 -6.84
N ASN I 452 -9.22 -65.17 -7.45
CA ASN I 452 -9.70 -65.08 -8.86
C ASN I 452 -8.69 -64.27 -9.66
N LYS I 453 -8.40 -64.69 -10.90
CA LYS I 453 -7.34 -64.08 -11.75
C LYS I 453 -7.86 -62.80 -12.44
N ASP I 454 -9.14 -62.74 -12.83
CA ASP I 454 -9.74 -61.58 -13.56
C ASP I 454 -9.84 -60.34 -12.66
N ILE I 455 -10.15 -60.53 -11.37
CA ILE I 455 -10.22 -59.43 -10.35
C ILE I 455 -8.80 -58.92 -10.12
N ALA I 456 -7.84 -59.81 -9.87
CA ALA I 456 -6.43 -59.45 -9.59
C ALA I 456 -5.84 -58.69 -10.79
N GLU I 457 -6.30 -58.98 -12.01
CA GLU I 457 -5.81 -58.32 -13.26
C GLU I 457 -6.40 -56.91 -13.35
N LEU I 458 -7.68 -56.77 -13.03
CA LEU I 458 -8.36 -55.46 -13.00
C LEU I 458 -7.79 -54.65 -11.84
N ARG I 459 -7.75 -55.23 -10.64
CA ARG I 459 -7.19 -54.55 -9.44
C ARG I 459 -5.87 -53.89 -9.80
N ASN I 460 -5.02 -54.58 -10.55
CA ASN I 460 -3.69 -54.06 -10.91
C ASN I 460 -3.86 -52.89 -11.86
N ARG I 461 -4.80 -53.02 -12.81
CA ARG I 461 -5.13 -51.96 -13.80
C ARG I 461 -5.63 -50.70 -13.09
N VAL I 462 -6.42 -50.84 -12.02
CA VAL I 462 -6.96 -49.68 -11.22
C VAL I 462 -5.83 -49.07 -10.40
N GLU I 463 -5.04 -49.87 -9.70
CA GLU I 463 -3.96 -49.37 -8.82
C GLU I 463 -2.96 -48.63 -9.68
N ALA I 464 -2.66 -49.14 -10.87
CA ALA I 464 -1.75 -48.50 -11.84
C ALA I 464 -2.35 -47.16 -12.24
N PHE I 465 -3.64 -47.13 -12.51
CA PHE I 465 -4.39 -45.92 -12.91
C PHE I 465 -4.34 -44.89 -11.78
N ALA I 466 -4.71 -45.32 -10.58
CA ALA I 466 -4.88 -44.46 -9.38
C ALA I 466 -3.59 -43.70 -9.07
N LEU I 467 -2.44 -44.36 -9.22
CA LEU I 467 -1.13 -43.80 -8.82
C LEU I 467 -0.72 -42.67 -9.77
N GLN I 468 -1.39 -42.52 -10.90
CA GLN I 468 -1.13 -41.42 -11.87
C GLN I 468 -1.65 -40.09 -11.33
N TYR I 469 -2.51 -40.11 -10.30
CA TYR I 469 -3.20 -38.88 -9.82
C TYR I 469 -2.68 -38.50 -8.44
N GLU I 470 -2.60 -37.19 -8.19
CA GLU I 470 -2.07 -36.69 -6.92
C GLU I 470 -3.05 -37.04 -5.81
N MET I 471 -2.60 -36.92 -4.57
CA MET I 471 -3.42 -37.16 -3.37
C MET I 471 -3.11 -36.09 -2.34
N PRO I 472 -4.03 -35.15 -2.16
CA PRO I 472 -3.81 -34.03 -1.27
C PRO I 472 -3.10 -34.45 0.02
N ALA I 473 -2.20 -33.61 0.51
CA ALA I 473 -1.54 -33.73 1.82
C ALA I 473 -0.68 -35.00 1.84
N SER I 474 0.47 -34.94 1.16
CA SER I 474 1.56 -35.96 1.06
C SER I 474 0.95 -37.34 0.98
N SER J 1 1.07 -34.80 -21.32
CA SER J 1 2.28 -34.93 -20.46
C SER J 1 2.77 -33.56 -19.94
N ASN J 2 2.55 -32.48 -20.70
CA ASN J 2 2.94 -31.08 -20.33
C ASN J 2 1.79 -30.46 -19.52
N ALA J 3 0.59 -30.46 -20.12
CA ALA J 3 -0.69 -30.03 -19.49
C ALA J 3 -1.12 -31.06 -18.44
N LEU J 4 -0.71 -32.33 -18.56
CA LEU J 4 -0.89 -33.34 -17.49
C LEU J 4 -0.09 -32.85 -16.28
N GLU J 5 1.24 -32.75 -16.41
CA GLU J 5 2.06 -32.55 -15.19
C GLU J 5 1.75 -31.18 -14.60
N SER J 6 1.22 -30.24 -15.38
CA SER J 6 0.87 -28.87 -14.91
C SER J 6 -0.37 -28.93 -14.00
N ARG J 7 -1.33 -29.78 -14.36
CA ARG J 7 -2.52 -30.10 -13.53
C ARG J 7 -2.10 -30.83 -12.26
N ARG J 8 -1.24 -31.83 -12.37
CA ARG J 8 -0.78 -32.64 -11.22
C ARG J 8 -0.12 -31.72 -10.19
N ALA J 9 0.52 -30.63 -10.62
CA ALA J 9 1.23 -29.68 -9.74
C ALA J 9 0.21 -28.76 -9.08
N ALA J 10 -0.81 -28.32 -9.82
CA ALA J 10 -1.91 -27.45 -9.35
C ALA J 10 -2.64 -28.14 -8.18
N VAL J 11 -2.81 -29.45 -8.26
CA VAL J 11 -3.41 -30.25 -7.16
C VAL J 11 -2.50 -30.20 -5.95
N ARG J 12 -1.24 -30.58 -6.12
CA ARG J 12 -0.21 -30.66 -5.05
C ARG J 12 -0.09 -29.28 -4.42
N ALA J 13 -0.11 -28.22 -5.24
CA ALA J 13 0.00 -26.80 -4.81
C ALA J 13 -1.06 -26.49 -3.78
N TRP J 14 -2.28 -26.91 -4.06
CA TRP J 14 -3.44 -26.67 -3.19
C TRP J 14 -3.37 -27.57 -1.97
N GLY J 15 -3.18 -28.86 -2.20
CA GLY J 15 -3.39 -29.94 -1.22
C GLY J 15 -2.34 -29.95 -0.12
N ASP J 16 -1.16 -29.42 -0.40
CA ASP J 16 0.03 -29.54 0.48
C ASP J 16 0.36 -28.19 1.09
N GLN J 17 -0.31 -27.13 0.64
CA GLN J 17 -0.14 -25.76 1.16
C GLN J 17 -0.30 -25.74 2.68
N PRO J 18 0.72 -25.27 3.43
CA PRO J 18 0.60 -25.15 4.88
C PRO J 18 -0.38 -24.07 5.30
N ILE J 19 -0.87 -24.22 6.53
CA ILE J 19 -1.98 -23.40 7.05
C ILE J 19 -1.58 -21.91 7.10
N HIS J 20 -0.31 -21.62 7.36
CA HIS J 20 0.17 -20.24 7.60
C HIS J 20 0.20 -19.50 6.28
N LEU J 21 0.30 -20.25 5.19
CA LEU J 21 0.14 -19.69 3.82
C LEU J 21 -1.32 -19.77 3.37
N ALA J 22 -1.98 -20.90 3.56
CA ALA J 22 -3.36 -21.16 3.05
C ALA J 22 -4.36 -20.16 3.64
N ASP J 23 -4.11 -19.70 4.87
CA ASP J 23 -5.10 -18.88 5.60
C ASP J 23 -4.39 -18.16 6.73
N PRO J 24 -3.79 -17.01 6.43
CA PRO J 24 -3.03 -16.29 7.43
C PRO J 24 -3.92 -15.82 8.58
N ASP J 25 -5.13 -15.35 8.28
CA ASP J 25 -6.00 -14.76 9.32
C ASP J 25 -6.29 -15.79 10.41
N ILE J 26 -6.60 -17.01 9.99
CA ILE J 26 -6.91 -18.14 10.91
C ILE J 26 -5.65 -18.54 11.66
N HIS J 27 -4.56 -18.77 10.92
CA HIS J 27 -3.26 -19.21 11.49
C HIS J 27 -2.86 -18.24 12.59
N GLU J 28 -3.09 -16.95 12.40
CA GLU J 28 -2.74 -15.92 13.40
C GLU J 28 -3.53 -16.23 14.66
N LEU J 29 -4.82 -16.40 14.53
CA LEU J 29 -5.72 -16.60 15.69
C LEU J 29 -5.40 -17.91 16.39
N MET J 30 -5.05 -18.94 15.63
CA MET J 30 -4.62 -20.24 16.22
C MET J 30 -3.32 -20.06 17.02
N GLU J 31 -2.38 -19.28 16.50
CA GLU J 31 -1.10 -18.99 17.19
C GLU J 31 -1.37 -18.20 18.46
N LYS J 32 -2.19 -17.16 18.39
CA LYS J 32 -2.57 -16.35 19.58
C LYS J 32 -3.18 -17.26 20.66
N GLU J 33 -3.99 -18.23 20.29
CA GLU J 33 -4.67 -19.13 21.27
C GLU J 33 -3.65 -20.09 21.86
N LYS J 34 -2.80 -20.69 21.03
CA LYS J 34 -1.69 -21.51 21.56
C LYS J 34 -0.98 -20.68 22.66
N GLN J 35 -0.68 -19.42 22.37
CA GLN J 35 0.12 -18.59 23.30
C GLN J 35 -0.69 -18.40 24.57
N ARG J 36 -1.97 -18.00 24.45
CA ARG J 36 -2.89 -17.81 25.60
C ARG J 36 -2.85 -19.05 26.50
N GLN J 37 -2.93 -20.23 25.90
CA GLN J 37 -2.90 -21.51 26.64
C GLN J 37 -1.62 -21.56 27.46
N VAL J 38 -0.48 -21.25 26.87
CA VAL J 38 0.86 -21.42 27.48
C VAL J 38 1.08 -20.41 28.60
N ARG J 39 0.72 -19.15 28.36
CA ARG J 39 1.04 -18.00 29.24
C ARG J 39 -0.03 -17.74 30.30
N GLY J 40 -0.87 -18.73 30.55
CA GLY J 40 -1.95 -18.63 31.53
C GLY J 40 -2.04 -19.84 32.41
N ILE J 41 -2.79 -19.68 33.47
CA ILE J 41 -3.18 -20.79 34.39
C ILE J 41 -4.57 -21.28 34.00
N GLU J 42 -4.72 -22.60 33.85
CA GLU J 42 -6.03 -23.22 33.51
C GLU J 42 -6.54 -23.96 34.72
N LEU J 43 -7.60 -23.45 35.33
CA LEU J 43 -8.14 -24.05 36.56
C LEU J 43 -9.54 -24.59 36.29
N ILE J 44 -10.06 -24.46 35.09
CA ILE J 44 -11.33 -25.13 34.72
C ILE J 44 -11.13 -26.65 34.81
N ALA J 45 -11.92 -27.31 35.65
CA ALA J 45 -11.76 -28.73 36.06
C ALA J 45 -12.06 -29.66 34.89
N SER J 46 -12.87 -29.19 33.94
CA SER J 46 -13.15 -29.87 32.65
C SER J 46 -11.84 -29.98 31.87
N GLU J 47 -11.21 -28.83 31.62
CA GLU J 47 -10.06 -28.64 30.70
C GLU J 47 -8.84 -29.51 31.06
N ASN J 48 -8.13 -29.90 30.00
CA ASN J 48 -6.86 -30.65 30.02
C ASN J 48 -6.09 -30.32 28.72
N PHE J 49 -4.85 -30.78 28.58
CA PHE J 49 -4.01 -30.59 27.38
C PHE J 49 -3.63 -31.94 26.79
N VAL J 50 -3.81 -32.10 25.48
CA VAL J 50 -3.56 -33.41 24.81
C VAL J 50 -2.14 -33.39 24.24
N CYS J 51 -1.60 -34.60 24.09
CA CYS J 51 -0.27 -34.90 23.56
C CYS J 51 -0.31 -34.81 22.05
N ARG J 52 0.86 -34.79 21.42
CA ARG J 52 1.00 -34.53 19.96
C ARG J 52 0.39 -35.69 19.18
N ALA J 53 0.60 -36.93 19.63
CA ALA J 53 0.15 -38.11 18.89
C ALA J 53 -1.36 -38.02 18.64
N VAL J 54 -2.10 -37.59 19.67
CA VAL J 54 -3.57 -37.37 19.59
C VAL J 54 -3.87 -36.31 18.53
N MET J 55 -3.15 -35.20 18.52
CA MET J 55 -3.37 -34.14 17.50
C MET J 55 -3.07 -34.71 16.11
N GLU J 56 -2.04 -35.54 16.00
CA GLU J 56 -1.56 -36.04 14.69
C GLU J 56 -2.61 -37.00 14.15
N ALA J 57 -3.29 -37.71 15.04
CA ALA J 57 -4.44 -38.56 14.69
C ALA J 57 -5.59 -37.70 14.15
N LEU J 58 -5.97 -36.69 14.92
CA LEU J 58 -7.11 -35.80 14.58
C LEU J 58 -6.89 -35.19 13.22
N GLY J 59 -5.65 -34.73 12.97
CA GLY J 59 -5.31 -33.96 11.76
C GLY J 59 -4.79 -34.88 10.70
N SER J 60 -5.58 -35.85 10.28
CA SER J 60 -5.09 -36.91 9.38
C SER J 60 -6.10 -37.22 8.28
N HIS J 61 -5.62 -37.95 7.30
CA HIS J 61 -6.40 -38.46 6.13
C HIS J 61 -7.59 -39.29 6.62
N LEU J 62 -7.68 -39.68 7.89
CA LEU J 62 -8.79 -40.54 8.35
C LEU J 62 -10.13 -39.84 8.19
N THR J 63 -10.15 -38.50 8.27
CA THR J 63 -11.36 -37.69 8.04
C THR J 63 -11.87 -37.92 6.61
N ASN J 64 -11.08 -38.53 5.71
CA ASN J 64 -11.43 -38.59 4.27
C ASN J 64 -12.34 -39.77 3.99
N LYS J 65 -12.45 -40.72 4.92
CA LYS J 65 -13.22 -41.99 4.76
C LYS J 65 -14.48 -41.98 5.61
N TYR J 66 -15.64 -42.11 4.95
CA TYR J 66 -16.99 -42.18 5.59
C TYR J 66 -17.28 -43.64 5.88
N SER J 67 -17.65 -43.87 7.14
CA SER J 67 -17.73 -45.22 7.74
C SER J 67 -19.07 -45.41 8.44
N GLU J 68 -20.16 -45.04 7.81
CA GLU J 68 -21.47 -45.20 8.46
C GLU J 68 -21.53 -46.64 8.91
N GLY J 69 -22.04 -46.91 10.11
CA GLY J 69 -22.32 -48.29 10.57
C GLY J 69 -21.38 -48.75 11.67
N MET J 70 -21.17 -50.06 11.80
CA MET J 70 -20.30 -50.67 12.84
C MET J 70 -19.18 -51.43 12.15
N PRO J 71 -18.11 -51.79 12.88
CA PRO J 71 -17.04 -52.59 12.29
C PRO J 71 -17.54 -53.97 11.82
N GLY J 72 -17.25 -54.31 10.57
CA GLY J 72 -17.64 -55.58 9.92
C GLY J 72 -19.07 -55.55 9.43
N ALA J 73 -19.78 -54.45 9.66
CA ALA J 73 -21.21 -54.28 9.31
C ALA J 73 -21.45 -52.83 8.87
N ARG J 74 -20.67 -52.35 7.91
CA ARG J 74 -20.68 -50.93 7.43
C ARG J 74 -21.65 -50.79 6.26
N TYR J 75 -22.10 -49.56 6.02
CA TYR J 75 -22.95 -49.13 4.88
C TYR J 75 -22.07 -49.00 3.63
N TYR J 76 -20.79 -48.68 3.81
CA TYR J 76 -19.85 -48.42 2.69
C TYR J 76 -18.70 -49.42 2.66
N THR J 77 -18.25 -49.72 1.44
CA THR J 77 -17.04 -50.50 1.14
C THR J 77 -15.80 -49.68 1.52
N GLY J 78 -14.66 -50.33 1.72
CA GLY J 78 -13.33 -49.68 1.85
C GLY J 78 -12.95 -49.42 3.30
N ASN J 79 -13.64 -50.08 4.25
CA ASN J 79 -13.49 -49.79 5.70
C ASN J 79 -12.57 -50.83 6.35
N GLN J 80 -11.93 -51.65 5.55
CA GLN J 80 -11.07 -52.74 6.06
C GLN J 80 -10.20 -52.19 7.21
N TYR J 81 -9.59 -51.01 7.04
CA TYR J 81 -8.54 -50.50 7.97
C TYR J 81 -9.18 -49.64 9.06
N ILE J 82 -10.24 -48.94 8.71
CA ILE J 82 -10.95 -48.11 9.71
C ILE J 82 -11.58 -49.04 10.74
N ASP J 83 -12.05 -50.20 10.29
CA ASP J 83 -12.63 -51.25 11.16
C ASP J 83 -11.58 -51.66 12.18
N GLN J 84 -10.38 -51.99 11.71
CA GLN J 84 -9.30 -52.50 12.61
C GLN J 84 -9.00 -51.45 13.67
N ILE J 85 -9.02 -50.17 13.29
CA ILE J 85 -8.78 -49.03 14.23
C ILE J 85 -9.92 -48.94 15.25
N GLU J 86 -11.17 -48.90 14.80
CA GLU J 86 -12.34 -48.82 15.71
C GLU J 86 -12.29 -50.03 16.66
N ASN J 87 -12.09 -51.24 16.11
CA ASN J 87 -11.99 -52.49 16.90
C ASN J 87 -10.91 -52.33 17.94
N LEU J 88 -9.76 -51.79 17.54
CA LEU J 88 -8.61 -51.62 18.45
C LEU J 88 -8.96 -50.59 19.51
N CYS J 89 -9.64 -49.51 19.12
CA CYS J 89 -10.11 -48.45 20.07
C CYS J 89 -11.02 -49.08 21.12
N ILE J 90 -11.89 -49.99 20.69
CA ILE J 90 -12.88 -50.66 21.60
C ILE J 90 -12.11 -51.50 22.61
N GLU J 91 -11.23 -52.39 22.13
CA GLU J 91 -10.42 -53.30 22.98
C GLU J 91 -9.76 -52.46 24.07
N ARG J 92 -9.22 -51.29 23.69
CA ARG J 92 -8.40 -50.45 24.57
C ARG J 92 -9.29 -49.77 25.61
N ALA J 93 -10.54 -49.54 25.23
CA ALA J 93 -11.54 -48.92 26.11
C ALA J 93 -11.85 -49.91 27.22
N LEU J 94 -12.08 -51.17 26.85
CA LEU J 94 -12.37 -52.25 27.83
C LEU J 94 -11.16 -52.38 28.75
N THR J 95 -10.00 -52.65 28.17
CA THR J 95 -8.74 -52.81 28.93
C THR J 95 -8.69 -51.70 29.98
N ALA J 96 -8.84 -50.45 29.54
CA ALA J 96 -8.65 -49.22 30.35
C ALA J 96 -9.42 -49.31 31.69
N PHE J 97 -10.64 -49.83 31.64
CA PHE J 97 -11.55 -49.84 32.81
C PHE J 97 -11.67 -51.26 33.37
N GLY J 98 -10.75 -52.12 32.93
CA GLY J 98 -10.53 -53.48 33.44
C GLY J 98 -11.73 -54.38 33.21
N LEU J 99 -12.31 -54.30 32.01
CA LEU J 99 -13.55 -55.00 31.62
C LEU J 99 -13.22 -56.16 30.66
N GLU J 100 -14.12 -57.14 30.61
CA GLU J 100 -13.96 -58.33 29.75
C GLU J 100 -15.02 -58.28 28.67
N SER J 101 -14.62 -58.62 27.45
CA SER J 101 -15.46 -58.46 26.24
C SER J 101 -16.71 -59.35 26.34
N ASP J 102 -16.68 -60.46 27.08
CA ASP J 102 -17.86 -61.36 27.21
C ASP J 102 -18.93 -60.69 28.09
N LYS J 103 -18.54 -59.78 28.98
CA LYS J 103 -19.48 -59.22 30.00
C LYS J 103 -19.82 -57.74 29.75
N TRP J 104 -19.02 -57.02 28.96
CA TRP J 104 -19.24 -55.60 28.55
C TRP J 104 -18.92 -55.36 27.08
N GLY J 105 -19.67 -54.44 26.45
CA GLY J 105 -19.38 -53.89 25.11
C GLY J 105 -19.34 -52.38 25.17
N VAL J 106 -18.87 -51.73 24.11
CA VAL J 106 -18.66 -50.27 24.15
C VAL J 106 -18.83 -49.69 22.74
N ASN J 107 -19.58 -48.59 22.66
CA ASN J 107 -19.80 -47.81 21.41
C ASN J 107 -18.99 -46.53 21.60
N VAL J 108 -18.15 -46.22 20.62
CA VAL J 108 -17.17 -45.10 20.71
C VAL J 108 -17.48 -44.04 19.66
N GLN J 109 -18.65 -44.12 19.04
CA GLN J 109 -19.04 -43.21 17.95
C GLN J 109 -19.65 -41.93 18.50
N PRO J 110 -20.25 -41.90 19.70
CA PRO J 110 -20.99 -40.71 20.10
C PRO J 110 -20.17 -39.42 19.96
N TYR J 111 -20.77 -38.43 19.28
CA TYR J 111 -20.16 -37.12 18.97
C TYR J 111 -19.81 -36.32 20.23
N SER J 112 -20.46 -36.64 21.35
CA SER J 112 -20.32 -35.91 22.65
C SER J 112 -20.93 -36.74 23.79
N CYS J 113 -20.71 -36.33 25.04
CA CYS J 113 -21.24 -37.07 26.23
C CYS J 113 -22.75 -36.85 26.33
N THR J 114 -23.19 -35.62 26.10
CA THR J 114 -24.64 -35.31 25.97
C THR J 114 -25.25 -36.25 24.94
N SER J 115 -24.62 -36.33 23.76
CA SER J 115 -25.08 -37.15 22.60
C SER J 115 -25.18 -38.60 23.04
N ALA J 116 -24.20 -39.04 23.81
CA ALA J 116 -24.12 -40.42 24.34
C ALA J 116 -25.29 -40.67 25.28
N ASN J 117 -25.52 -39.79 26.26
CA ASN J 117 -26.62 -39.97 27.25
C ASN J 117 -27.94 -40.06 26.48
N PHE J 118 -28.15 -39.11 25.59
CA PHE J 118 -29.40 -39.10 24.81
C PHE J 118 -29.54 -40.41 24.03
N ALA J 119 -28.46 -40.98 23.50
CA ALA J 119 -28.55 -42.22 22.71
C ALA J 119 -29.10 -43.34 23.60
N VAL J 120 -28.64 -43.40 24.85
CA VAL J 120 -29.03 -44.46 25.82
C VAL J 120 -30.54 -44.33 26.01
N TYR J 121 -31.00 -43.12 26.29
CA TYR J 121 -32.44 -42.86 26.50
C TYR J 121 -33.18 -43.35 25.25
N THR J 122 -32.82 -42.80 24.11
CA THR J 122 -33.48 -43.09 22.82
C THR J 122 -33.49 -44.59 22.57
N GLY J 123 -32.43 -45.30 22.93
CA GLY J 123 -32.29 -46.74 22.63
C GLY J 123 -33.09 -47.65 23.53
N LEU J 124 -33.34 -47.25 24.79
CA LEU J 124 -33.90 -48.14 25.86
C LEU J 124 -35.35 -47.81 26.15
N LEU J 125 -35.74 -46.56 25.92
CA LEU J 125 -37.05 -46.01 26.30
C LEU J 125 -37.86 -45.65 25.07
N LEU J 126 -39.16 -45.66 25.24
CA LEU J 126 -40.10 -45.00 24.34
C LEU J 126 -40.11 -43.53 24.69
N PRO J 127 -40.30 -42.64 23.71
CA PRO J 127 -40.40 -41.23 24.00
C PRO J 127 -41.44 -41.04 25.11
N GLY J 128 -41.15 -40.17 26.07
CA GLY J 128 -42.07 -39.74 27.13
C GLY J 128 -41.82 -40.48 28.43
N GLU J 129 -41.20 -41.67 28.35
CA GLU J 129 -40.91 -42.53 29.53
C GLU J 129 -40.06 -41.71 30.52
N ARG J 130 -39.98 -42.17 31.77
CA ARG J 130 -39.47 -41.37 32.91
C ARG J 130 -37.99 -41.67 33.19
N ILE J 131 -37.22 -40.64 33.53
CA ILE J 131 -35.78 -40.75 33.93
C ILE J 131 -35.52 -39.83 35.12
N MET J 132 -34.57 -40.24 35.94
CA MET J 132 -34.16 -39.48 37.13
C MET J 132 -32.63 -39.37 37.17
N GLY J 133 -32.10 -38.15 37.34
CA GLY J 133 -30.64 -37.92 37.40
C GLY J 133 -30.32 -36.68 38.20
N LEU J 134 -29.04 -36.45 38.50
CA LEU J 134 -28.61 -35.31 39.34
C LEU J 134 -28.76 -34.01 38.54
N ASP J 135 -28.97 -32.89 39.21
CA ASP J 135 -29.20 -31.59 38.56
C ASP J 135 -28.32 -30.54 39.23
N SER J 136 -27.65 -29.69 38.45
CA SER J 136 -26.84 -28.57 38.99
C SER J 136 -27.84 -27.46 39.35
N PRO J 137 -27.99 -27.09 40.65
CA PRO J 137 -28.92 -26.04 41.07
C PRO J 137 -28.87 -24.81 40.13
N LYS J 153 -38.07 -26.04 29.89
CA LYS J 153 -37.32 -27.29 29.59
C LYS J 153 -36.06 -26.93 28.80
N ILE J 154 -34.89 -27.31 29.32
CA ILE J 154 -33.56 -26.93 28.77
C ILE J 154 -32.94 -28.14 28.04
N SER J 155 -32.67 -29.24 28.74
CA SER J 155 -32.02 -30.42 28.12
C SER J 155 -33.01 -31.12 27.21
N ALA J 156 -32.54 -31.72 26.13
CA ALA J 156 -33.37 -32.50 25.20
C ALA J 156 -33.95 -33.68 25.96
N ALA J 157 -33.20 -34.25 26.89
CA ALA J 157 -33.71 -35.35 27.73
C ALA J 157 -35.03 -34.93 28.39
N SER J 158 -35.12 -33.70 28.88
CA SER J 158 -36.31 -33.19 29.60
C SER J 158 -37.37 -32.72 28.61
N ILE J 159 -37.05 -32.69 27.32
CA ILE J 159 -38.01 -32.30 26.24
C ILE J 159 -38.67 -33.56 25.72
N PHE J 160 -37.90 -34.59 25.45
CA PHE J 160 -38.38 -35.78 24.72
C PHE J 160 -38.74 -36.89 25.68
N PHE J 161 -38.38 -36.75 26.95
CA PHE J 161 -38.70 -37.71 28.02
C PHE J 161 -39.22 -36.96 29.25
N GLU J 162 -39.45 -37.72 30.32
CA GLU J 162 -40.01 -37.18 31.58
C GLU J 162 -38.89 -37.23 32.59
N SER J 163 -38.29 -36.06 32.82
CA SER J 163 -37.13 -35.90 33.73
C SER J 163 -37.67 -35.44 35.09
N PHE J 164 -37.42 -36.19 36.13
CA PHE J 164 -37.56 -35.68 37.51
C PHE J 164 -36.20 -35.80 38.15
N PRO J 165 -35.48 -34.68 38.29
CA PRO J 165 -34.12 -34.71 38.79
C PRO J 165 -34.08 -34.61 40.31
N TYR J 166 -32.98 -35.08 40.92
CA TYR J 166 -32.69 -35.02 42.37
C TYR J 166 -31.47 -34.12 42.58
N LYS J 167 -31.23 -33.68 43.82
CA LYS J 167 -30.18 -32.69 44.14
C LYS J 167 -29.43 -33.08 45.43
N VAL J 168 -28.36 -32.34 45.68
CA VAL J 168 -27.53 -32.52 46.88
C VAL J 168 -28.30 -31.83 48.01
N ASN J 169 -28.10 -32.29 49.24
CA ASN J 169 -28.61 -31.66 50.48
C ASN J 169 -28.10 -30.22 50.55
N PRO J 170 -28.98 -29.21 50.50
CA PRO J 170 -28.57 -27.80 50.56
C PRO J 170 -27.68 -27.35 51.73
N GLN J 171 -27.77 -27.97 52.92
CA GLN J 171 -26.94 -27.58 54.09
C GLN J 171 -25.58 -28.26 53.97
N THR J 172 -25.54 -29.59 53.75
CA THR J 172 -24.31 -30.43 53.77
C THR J 172 -23.49 -30.31 52.47
N GLY J 173 -24.14 -30.11 51.31
CA GLY J 173 -23.50 -30.16 49.98
C GLY J 173 -23.23 -31.60 49.50
N TYR J 174 -23.48 -32.58 50.39
CA TYR J 174 -23.37 -34.02 50.09
C TYR J 174 -24.71 -34.52 49.55
N ILE J 175 -24.69 -35.61 48.80
CA ILE J 175 -25.94 -36.27 48.34
C ILE J 175 -26.63 -36.88 49.55
N ASP J 176 -27.95 -36.77 49.60
CA ASP J 176 -28.83 -37.40 50.60
C ASP J 176 -29.41 -38.66 49.96
N TYR J 177 -28.84 -39.83 50.23
CA TYR J 177 -29.24 -41.09 49.56
C TYR J 177 -30.59 -41.56 50.08
N ASP J 178 -31.01 -41.14 51.28
CA ASP J 178 -32.33 -41.50 51.86
C ASP J 178 -33.45 -40.81 51.07
N LYS J 179 -33.39 -39.48 50.97
CA LYS J 179 -34.30 -38.62 50.17
C LYS J 179 -34.33 -39.12 48.73
N LEU J 180 -33.19 -39.55 48.20
CA LEU J 180 -33.08 -40.12 46.84
C LEU J 180 -33.93 -41.40 46.79
N GLU J 181 -33.77 -42.29 47.76
CA GLU J 181 -34.52 -43.57 47.81
C GLU J 181 -36.04 -43.31 47.84
N ASP J 182 -36.47 -42.34 48.65
CA ASP J 182 -37.90 -41.96 48.78
C ASP J 182 -38.42 -41.53 47.40
N LYS J 183 -37.72 -40.58 46.82
CA LYS J 183 -38.07 -39.97 45.52
C LYS J 183 -38.08 -41.02 44.40
N ALA J 184 -37.15 -41.96 44.39
CA ALA J 184 -37.02 -42.95 43.29
C ALA J 184 -38.11 -44.01 43.40
N LEU J 185 -38.46 -44.37 44.63
CA LEU J 185 -39.53 -45.38 44.88
C LEU J 185 -40.87 -44.77 44.46
N ASP J 186 -41.06 -43.48 44.76
CA ASP J 186 -42.32 -42.76 44.43
C ASP J 186 -42.47 -42.57 42.91
N TYR J 187 -41.41 -42.21 42.17
CA TYR J 187 -41.48 -41.80 40.75
C TYR J 187 -41.20 -42.99 39.83
N ARG J 188 -40.62 -44.07 40.37
CA ARG J 188 -40.34 -45.36 39.66
C ARG J 188 -39.84 -45.08 38.25
N PRO J 189 -38.67 -44.44 38.08
CA PRO J 189 -38.14 -44.13 36.76
C PRO J 189 -37.57 -45.37 36.06
N LYS J 190 -37.77 -45.48 34.76
CA LYS J 190 -37.26 -46.61 33.94
C LYS J 190 -35.74 -46.62 34.05
N ILE J 191 -35.12 -45.42 34.14
CA ILE J 191 -33.64 -45.22 34.21
C ILE J 191 -33.30 -44.24 35.33
N LEU J 192 -32.41 -44.70 36.21
CA LEU J 192 -31.81 -43.90 37.28
C LEU J 192 -30.35 -43.64 36.91
N ILE J 193 -29.95 -42.36 36.97
CA ILE J 193 -28.63 -41.88 36.52
C ILE J 193 -27.90 -41.27 37.71
N CYS J 194 -26.69 -41.75 37.96
CA CYS J 194 -25.75 -41.16 38.93
C CYS J 194 -24.57 -40.56 38.15
N GLY J 195 -23.70 -39.84 38.85
CA GLY J 195 -22.70 -38.96 38.23
C GLY J 195 -23.39 -37.75 37.63
N GLY J 196 -22.85 -37.21 36.55
CA GLY J 196 -23.44 -36.03 35.88
C GLY J 196 -22.73 -34.76 36.29
N SER J 197 -23.18 -34.11 37.37
CA SER J 197 -22.65 -32.78 37.80
C SER J 197 -21.22 -32.93 38.33
N SER J 198 -20.46 -31.83 38.35
CA SER J 198 -19.15 -31.73 39.05
C SER J 198 -19.36 -31.74 40.57
N TYR J 199 -19.21 -32.90 41.19
CA TYR J 199 -19.49 -33.15 42.62
C TYR J 199 -18.14 -33.47 43.27
N PRO J 200 -17.66 -32.66 44.23
CA PRO J 200 -16.33 -32.84 44.79
C PRO J 200 -16.12 -34.04 45.73
N ARG J 201 -17.04 -35.00 45.81
CA ARG J 201 -16.92 -36.16 46.74
C ARG J 201 -17.31 -37.46 46.03
N ASP J 202 -16.88 -38.57 46.60
CA ASP J 202 -17.08 -39.90 45.99
C ASP J 202 -18.57 -40.26 45.96
N TRP J 203 -18.99 -41.08 45.00
CA TRP J 203 -20.36 -41.66 44.97
C TRP J 203 -20.40 -42.98 45.72
N ASP J 204 -21.49 -43.25 46.45
CA ASP J 204 -21.83 -44.61 46.98
C ASP J 204 -22.61 -45.31 45.88
N PHE J 205 -21.92 -45.92 44.93
CA PHE J 205 -22.57 -46.52 43.73
C PHE J 205 -23.33 -47.76 44.15
N ALA J 206 -22.81 -48.45 45.14
CA ALA J 206 -23.40 -49.64 45.78
C ALA J 206 -24.79 -49.30 46.28
N ARG J 207 -24.91 -48.18 46.98
CA ARG J 207 -26.18 -47.71 47.59
C ARG J 207 -27.19 -47.40 46.48
N VAL J 208 -26.78 -46.63 45.49
CA VAL J 208 -27.66 -46.24 44.36
C VAL J 208 -28.16 -47.51 43.68
N ARG J 209 -27.33 -48.54 43.53
CA ARG J 209 -27.76 -49.81 42.91
C ARG J 209 -28.91 -50.40 43.71
N GLN J 210 -28.76 -50.50 45.04
CA GLN J 210 -29.83 -51.01 45.94
C GLN J 210 -31.12 -50.28 45.57
N ILE J 211 -31.06 -48.96 45.45
CA ILE J 211 -32.25 -48.09 45.16
C ILE J 211 -32.83 -48.45 43.80
N ALA J 212 -31.98 -48.49 42.78
CA ALA J 212 -32.35 -48.88 41.40
C ALA J 212 -33.11 -50.20 41.44
N ASP J 213 -32.52 -51.18 42.10
CA ASP J 213 -33.07 -52.55 42.22
C ASP J 213 -34.50 -52.47 42.80
N LYS J 214 -34.71 -51.67 43.84
CA LYS J 214 -36.01 -51.57 44.58
C LYS J 214 -37.10 -50.99 43.67
N CYS J 215 -36.81 -49.93 42.91
CA CYS J 215 -37.81 -49.25 42.03
C CYS J 215 -37.73 -49.77 40.58
N GLY J 216 -37.17 -50.97 40.42
CA GLY J 216 -37.00 -51.66 39.14
C GLY J 216 -36.54 -50.72 38.03
N ALA J 217 -35.47 -49.97 38.27
CA ALA J 217 -34.87 -49.02 37.30
C ALA J 217 -33.52 -49.56 36.81
N VAL J 218 -33.18 -49.25 35.56
CA VAL J 218 -31.84 -49.50 34.96
C VAL J 218 -30.91 -48.44 35.53
N LEU J 219 -29.77 -48.86 36.08
CA LEU J 219 -28.80 -47.91 36.69
C LEU J 219 -27.74 -47.55 35.66
N MET J 220 -27.62 -46.25 35.41
CA MET J 220 -26.70 -45.63 34.43
C MET J 220 -25.81 -44.62 35.16
N CYS J 221 -24.51 -44.65 34.87
CA CYS J 221 -23.56 -43.65 35.41
C CYS J 221 -23.01 -42.81 34.27
N ASP J 222 -23.07 -41.48 34.43
CA ASP J 222 -22.32 -40.48 33.62
C ASP J 222 -21.04 -40.20 34.40
N MET J 223 -19.92 -40.72 33.91
CA MET J 223 -18.62 -40.80 34.60
C MET J 223 -17.73 -39.65 34.11
N ALA J 224 -18.32 -38.63 33.49
CA ALA J 224 -17.57 -37.66 32.64
C ALA J 224 -16.51 -36.99 33.48
N HIS J 225 -16.85 -36.67 34.72
CA HIS J 225 -16.01 -35.83 35.61
C HIS J 225 -14.97 -36.70 36.31
N ILE J 226 -15.15 -38.01 36.34
CA ILE J 226 -14.29 -38.93 37.14
C ILE J 226 -13.74 -40.06 36.26
N SER J 227 -13.94 -40.00 34.94
CA SER J 227 -13.43 -40.98 33.94
C SER J 227 -11.99 -41.34 34.31
N GLY J 228 -11.16 -40.33 34.60
CA GLY J 228 -9.76 -40.53 34.99
C GLY J 228 -9.64 -41.38 36.24
N LEU J 229 -10.22 -40.91 37.34
CA LEU J 229 -10.14 -41.56 38.66
C LEU J 229 -10.64 -43.00 38.55
N VAL J 230 -11.70 -43.22 37.79
CA VAL J 230 -12.31 -44.56 37.72
C VAL J 230 -11.28 -45.51 37.11
N ALA J 231 -10.78 -45.24 35.93
CA ALA J 231 -9.86 -46.17 35.23
C ALA J 231 -8.66 -46.55 36.11
N THR J 232 -8.21 -45.65 36.98
CA THR J 232 -6.99 -45.83 37.81
C THR J 232 -7.38 -46.35 39.19
N LYS J 233 -8.66 -46.67 39.38
CA LYS J 233 -9.14 -47.18 40.69
C LYS J 233 -8.77 -46.17 41.78
N GLU J 234 -8.90 -44.88 41.50
CA GLU J 234 -8.63 -43.81 42.48
C GLU J 234 -9.95 -43.16 42.92
N CYS J 235 -11.05 -43.84 42.67
CA CYS J 235 -12.38 -43.50 43.23
C CYS J 235 -13.31 -44.70 43.02
N SER J 236 -14.53 -44.64 43.58
CA SER J 236 -15.57 -45.71 43.51
C SER J 236 -15.70 -46.18 42.07
N ASN J 237 -15.93 -47.47 41.85
CA ASN J 237 -15.98 -48.01 40.47
C ASN J 237 -17.44 -48.20 40.12
N PRO J 238 -18.02 -47.40 39.22
CA PRO J 238 -19.41 -47.57 38.83
C PRO J 238 -19.64 -48.82 37.97
N PHE J 239 -18.59 -49.38 37.37
CA PHE J 239 -18.71 -50.62 36.55
C PHE J 239 -19.02 -51.85 37.40
N ASP J 240 -18.82 -51.74 38.72
CA ASP J 240 -19.14 -52.79 39.70
C ASP J 240 -20.65 -52.78 40.03
N HIS J 241 -21.43 -51.79 39.58
CA HIS J 241 -22.82 -51.60 40.09
C HIS J 241 -23.79 -51.15 38.99
N CYS J 242 -23.31 -50.42 37.98
CA CYS J 242 -24.19 -49.84 36.94
C CYS J 242 -24.24 -50.81 35.77
N ASP J 243 -25.36 -50.81 35.04
CA ASP J 243 -25.54 -51.64 33.82
C ASP J 243 -25.02 -50.88 32.61
N ILE J 244 -24.97 -49.55 32.71
CA ILE J 244 -24.53 -48.60 31.65
C ILE J 244 -23.66 -47.50 32.23
N VAL J 245 -22.55 -47.21 31.56
CA VAL J 245 -21.65 -46.09 31.92
C VAL J 245 -21.34 -45.27 30.66
N THR J 246 -21.68 -43.99 30.70
CA THR J 246 -21.36 -43.04 29.63
C THR J 246 -20.20 -42.19 30.10
N SER J 247 -19.54 -41.51 29.18
CA SER J 247 -18.44 -40.59 29.56
C SER J 247 -18.04 -39.69 28.42
N THR J 248 -17.30 -38.65 28.78
CA THR J 248 -16.56 -37.79 27.86
C THR J 248 -15.23 -38.48 27.56
N THR J 249 -14.73 -38.39 26.34
CA THR J 249 -13.37 -38.87 25.97
C THR J 249 -12.26 -37.82 26.18
N HIS J 250 -12.51 -36.66 26.76
CA HIS J 250 -11.50 -35.57 26.57
C HIS J 250 -11.22 -34.79 27.84
N LYS J 251 -11.56 -35.31 29.00
CA LYS J 251 -11.47 -34.48 30.23
C LYS J 251 -10.37 -35.07 31.07
N GLY J 252 -10.70 -35.99 32.00
CA GLY J 252 -9.72 -36.91 32.65
C GLY J 252 -8.81 -37.61 31.63
N LEU J 253 -9.34 -38.18 30.55
CA LEU J 253 -8.64 -39.13 29.64
C LEU J 253 -7.67 -38.42 28.69
N ARG J 254 -7.73 -37.11 28.60
CA ARG J 254 -6.84 -36.30 27.71
C ARG J 254 -6.93 -36.80 26.28
N GLY J 255 -8.08 -37.38 25.92
CA GLY J 255 -8.40 -37.74 24.53
C GLY J 255 -9.05 -36.60 23.78
N PRO J 256 -9.56 -36.93 22.58
CA PRO J 256 -10.20 -35.95 21.73
C PRO J 256 -11.62 -35.72 22.25
N ARG J 257 -12.28 -34.66 21.79
CA ARG J 257 -13.65 -34.30 22.24
C ARG J 257 -14.59 -35.35 21.68
N GLY J 258 -15.41 -35.90 22.54
CA GLY J 258 -16.52 -36.77 22.17
C GLY J 258 -17.04 -37.51 23.36
N GLY J 259 -17.84 -38.53 23.08
CA GLY J 259 -18.47 -39.36 24.11
C GLY J 259 -18.36 -40.84 23.79
N ILE J 260 -18.82 -41.65 24.73
CA ILE J 260 -18.59 -43.12 24.76
C ILE J 260 -19.61 -43.78 25.71
N ILE J 261 -20.08 -44.97 25.33
CA ILE J 261 -21.13 -45.71 26.05
C ILE J 261 -20.64 -47.12 26.26
N PHE J 262 -20.54 -47.50 27.53
CA PHE J 262 -20.31 -48.88 27.99
C PHE J 262 -21.65 -49.48 28.43
N TYR J 263 -21.88 -50.71 28.03
CA TYR J 263 -23.12 -51.47 28.33
C TYR J 263 -22.74 -52.91 28.66
N ARG J 264 -23.54 -53.55 29.50
CA ARG J 264 -23.34 -54.98 29.83
C ARG J 264 -23.87 -55.88 28.71
N ARG J 265 -23.23 -57.03 28.56
CA ARG J 265 -23.54 -58.01 27.50
C ARG J 265 -23.66 -59.42 28.12
N GLY J 266 -24.40 -60.31 27.46
CA GLY J 266 -24.56 -61.71 27.85
C GLY J 266 -25.49 -61.88 29.05
N PRO J 267 -25.41 -63.00 29.79
CA PRO J 267 -26.34 -63.31 30.87
C PRO J 267 -26.31 -62.45 32.15
N LYS J 268 -27.48 -62.16 32.72
CA LYS J 268 -27.63 -61.72 34.14
C LYS J 268 -27.36 -62.94 35.06
N SER J 282 -35.46 -60.96 31.74
CA SER J 282 -34.91 -61.62 32.95
C SER J 282 -33.64 -62.43 32.61
N THR J 283 -33.43 -62.85 31.35
CA THR J 283 -32.48 -63.95 30.99
C THR J 283 -31.08 -63.41 30.61
N HIS J 284 -31.00 -62.50 29.63
CA HIS J 284 -29.75 -61.85 29.14
C HIS J 284 -29.96 -60.33 29.18
N TYR J 285 -28.91 -59.55 28.97
CA TYR J 285 -28.97 -58.07 28.90
C TYR J 285 -29.53 -57.69 27.53
N ASP J 286 -30.30 -56.59 27.46
CA ASP J 286 -31.03 -56.19 26.24
C ASP J 286 -30.48 -54.90 25.61
N LEU J 287 -29.20 -54.59 25.80
CA LEU J 287 -28.72 -53.18 25.72
C LEU J 287 -27.99 -52.90 24.41
N GLU J 288 -27.05 -53.77 24.05
CA GLU J 288 -26.13 -53.62 22.90
C GLU J 288 -26.86 -53.22 21.61
N GLU J 289 -27.72 -54.08 21.10
CA GLU J 289 -28.35 -53.84 19.78
C GLU J 289 -29.09 -52.52 19.88
N LYS J 290 -29.83 -52.31 20.97
CA LYS J 290 -30.75 -51.15 21.11
C LYS J 290 -29.98 -49.84 21.08
N ILE J 291 -28.86 -49.78 21.81
CA ILE J 291 -27.97 -48.59 21.95
C ILE J 291 -27.22 -48.39 20.64
N ASN J 292 -26.54 -49.42 20.14
CA ASN J 292 -25.84 -49.37 18.84
C ASN J 292 -26.76 -48.80 17.75
N PHE J 293 -28.01 -49.21 17.72
CA PHE J 293 -28.98 -48.78 16.70
C PHE J 293 -29.34 -47.31 16.92
N ALA J 294 -29.44 -46.87 18.17
CA ALA J 294 -29.87 -45.52 18.54
C ALA J 294 -28.77 -44.55 18.09
N VAL J 295 -27.52 -44.92 18.30
CA VAL J 295 -26.36 -44.10 17.88
C VAL J 295 -26.40 -44.00 16.37
N PHE J 296 -26.40 -45.14 15.71
CA PHE J 296 -26.56 -45.23 14.24
C PHE J 296 -27.44 -46.40 13.89
N PRO J 297 -28.49 -46.21 13.08
CA PRO J 297 -28.68 -44.97 12.32
C PRO J 297 -29.60 -43.89 12.90
N SER J 298 -30.12 -44.03 14.11
CA SER J 298 -31.19 -43.14 14.60
C SER J 298 -30.66 -41.71 14.69
N LEU J 299 -29.66 -41.46 15.54
CA LEU J 299 -29.29 -40.10 16.03
C LEU J 299 -28.14 -39.47 15.25
N GLN J 300 -27.13 -40.25 14.87
CA GLN J 300 -25.92 -39.69 14.24
C GLN J 300 -25.87 -40.11 12.78
N GLY J 301 -24.86 -39.63 12.07
CA GLY J 301 -24.40 -40.29 10.84
C GLY J 301 -23.16 -41.08 11.13
N GLY J 302 -22.25 -41.05 10.16
CA GLY J 302 -20.91 -41.63 10.30
C GLY J 302 -20.21 -41.14 11.55
N PRO J 303 -19.25 -41.91 12.07
CA PRO J 303 -18.37 -41.44 13.13
C PRO J 303 -17.23 -40.59 12.54
N HIS J 304 -16.62 -39.80 13.42
CA HIS J 304 -15.33 -39.12 13.19
C HIS J 304 -14.23 -40.18 13.35
N ASN J 305 -13.81 -40.79 12.24
CA ASN J 305 -12.74 -41.84 12.25
C ASN J 305 -11.44 -41.28 12.83
N ASN J 306 -11.15 -40.00 12.60
CA ASN J 306 -9.95 -39.30 13.12
C ASN J 306 -10.04 -39.21 14.64
N HIS J 307 -11.18 -38.85 15.22
CA HIS J 307 -11.40 -38.81 16.69
C HIS J 307 -11.17 -40.19 17.29
N ILE J 308 -11.60 -41.24 16.60
CA ILE J 308 -11.58 -42.62 17.15
C ILE J 308 -10.13 -43.09 17.27
N ALA J 309 -9.34 -42.87 16.23
CA ALA J 309 -7.90 -43.14 16.25
C ALA J 309 -7.31 -42.37 17.43
N ALA J 310 -7.52 -41.07 17.46
CA ALA J 310 -7.02 -40.23 18.56
C ALA J 310 -7.44 -40.90 19.87
N LEU J 311 -8.65 -41.39 19.97
CA LEU J 311 -9.15 -41.92 21.25
C LEU J 311 -8.37 -43.18 21.63
N ALA J 312 -8.25 -44.15 20.70
CA ALA J 312 -7.43 -45.36 20.87
C ALA J 312 -6.06 -44.99 21.49
N ILE J 313 -5.40 -43.98 20.95
CA ILE J 313 -4.07 -43.57 21.44
C ILE J 313 -4.22 -43.20 22.91
N ALA J 314 -5.21 -42.38 23.22
CA ALA J 314 -5.39 -41.77 24.55
C ALA J 314 -5.68 -42.87 25.56
N LEU J 315 -6.34 -43.93 25.11
CA LEU J 315 -6.82 -45.02 25.99
C LEU J 315 -5.65 -45.94 26.26
N LYS J 316 -4.82 -46.15 25.24
CA LYS J 316 -3.56 -46.90 25.41
C LYS J 316 -2.79 -46.27 26.58
N GLN J 317 -2.81 -44.96 26.68
CA GLN J 317 -1.97 -44.22 27.65
C GLN J 317 -2.63 -44.24 29.02
N VAL J 318 -3.91 -44.48 29.07
CA VAL J 318 -4.59 -44.49 30.38
C VAL J 318 -4.18 -45.77 31.13
N ALA J 319 -3.88 -46.83 30.40
CA ALA J 319 -3.62 -48.16 30.96
C ALA J 319 -2.21 -48.23 31.52
N THR J 320 -1.50 -47.12 31.66
CA THR J 320 -0.06 -47.16 32.05
C THR J 320 0.06 -46.72 33.51
N PRO J 321 1.19 -47.04 34.18
CA PRO J 321 1.47 -46.51 35.51
C PRO J 321 1.70 -45.00 35.51
N GLU J 322 2.25 -44.48 34.41
CA GLU J 322 2.51 -43.02 34.22
C GLU J 322 1.21 -42.26 34.47
N TYR J 323 0.13 -42.76 33.87
CA TYR J 323 -1.23 -42.18 33.97
C TYR J 323 -1.77 -42.34 35.39
N LYS J 324 -1.50 -43.47 36.03
CA LYS J 324 -1.95 -43.67 37.42
C LYS J 324 -1.24 -42.61 38.26
N ALA J 325 0.06 -42.49 38.08
CA ALA J 325 0.84 -41.51 38.84
C ALA J 325 0.33 -40.10 38.58
N TYR J 326 -0.12 -39.84 37.36
CA TYR J 326 -0.76 -38.55 36.95
C TYR J 326 -1.97 -38.28 37.84
N ILE J 327 -2.92 -39.21 37.84
CA ILE J 327 -4.16 -39.07 38.65
C ILE J 327 -3.79 -38.90 40.12
N GLN J 328 -2.77 -39.59 40.58
CA GLN J 328 -2.41 -39.56 42.00
C GLN J 328 -2.00 -38.13 42.29
N GLN J 329 -1.13 -37.58 41.46
CA GLN J 329 -0.57 -36.22 41.66
C GLN J 329 -1.70 -35.19 41.57
N MET J 330 -2.60 -35.41 40.61
CA MET J 330 -3.80 -34.57 40.37
C MET J 330 -4.58 -34.43 41.68
N LYS J 331 -4.72 -35.53 42.44
CA LYS J 331 -5.49 -35.55 43.71
C LYS J 331 -4.68 -34.90 44.82
N LYS J 332 -3.38 -35.22 44.91
CA LYS J 332 -2.48 -34.63 45.95
C LYS J 332 -2.48 -33.12 45.76
N ASN J 333 -2.55 -32.69 44.49
CA ASN J 333 -2.52 -31.25 44.10
C ASN J 333 -3.80 -30.57 44.60
N ALA J 334 -4.93 -31.26 44.44
CA ALA J 334 -6.27 -30.80 44.90
C ALA J 334 -6.28 -30.61 46.41
N GLN J 335 -5.70 -31.55 47.16
CA GLN J 335 -5.63 -31.46 48.64
C GLN J 335 -4.76 -30.25 48.96
N ALA J 336 -3.63 -30.17 48.29
CA ALA J 336 -2.64 -29.09 48.49
C ALA J 336 -3.33 -27.75 48.35
N LEU J 337 -4.11 -27.62 47.28
CA LEU J 337 -4.83 -26.37 46.94
C LEU J 337 -5.94 -26.12 47.97
N ALA J 338 -6.76 -27.12 48.24
CA ALA J 338 -7.77 -27.04 49.29
C ALA J 338 -7.10 -26.49 50.56
N ALA J 339 -6.09 -27.19 51.06
CA ALA J 339 -5.50 -26.93 52.40
C ALA J 339 -5.05 -25.46 52.42
N ALA J 340 -4.58 -24.99 51.27
CA ALA J 340 -4.01 -23.65 51.11
C ALA J 340 -5.11 -22.62 51.29
N LEU J 341 -6.23 -22.84 50.63
CA LEU J 341 -7.34 -21.87 50.67
C LEU J 341 -7.99 -21.87 52.05
N LEU J 342 -8.12 -23.04 52.71
CA LEU J 342 -8.73 -23.12 54.07
C LEU J 342 -7.82 -22.30 54.98
N ARG J 343 -6.53 -22.57 54.96
CA ARG J 343 -5.52 -21.79 55.73
C ARG J 343 -5.79 -20.30 55.54
N ARG J 344 -6.24 -19.84 54.38
CA ARG J 344 -6.45 -18.39 54.12
C ARG J 344 -7.92 -18.02 54.28
N LYS J 345 -8.66 -18.74 55.13
CA LYS J 345 -10.03 -18.38 55.65
C LYS J 345 -11.13 -18.74 54.64
N CYS J 346 -10.81 -19.39 53.52
CA CYS J 346 -11.80 -19.63 52.46
C CYS J 346 -12.83 -20.66 52.93
N ARG J 347 -13.98 -20.68 52.25
CA ARG J 347 -15.07 -21.65 52.47
C ARG J 347 -15.22 -22.54 51.24
N LEU J 348 -15.02 -23.84 51.42
CA LEU J 348 -15.24 -24.87 50.36
C LEU J 348 -16.50 -25.69 50.67
N VAL J 349 -17.32 -25.92 49.65
CA VAL J 349 -18.51 -26.80 49.74
C VAL J 349 -18.00 -28.19 50.14
N THR J 350 -18.59 -28.72 51.20
CA THR J 350 -18.28 -30.00 51.91
C THR J 350 -17.01 -29.86 52.75
N GLY J 351 -16.30 -28.73 52.65
CA GLY J 351 -15.05 -28.43 53.39
C GLY J 351 -13.80 -29.00 52.73
N GLY J 352 -13.92 -29.49 51.50
CA GLY J 352 -12.78 -30.12 50.79
C GLY J 352 -13.26 -30.88 49.57
N THR J 353 -12.58 -31.97 49.29
CA THR J 353 -12.83 -32.80 48.08
C THR J 353 -12.17 -34.16 48.27
N ASP J 354 -12.71 -35.18 47.59
CA ASP J 354 -12.19 -36.57 47.49
C ASP J 354 -11.52 -36.74 46.14
N ASN J 355 -11.64 -35.74 45.28
CA ASN J 355 -11.22 -35.90 43.88
C ASN J 355 -10.36 -34.70 43.49
N HIS J 356 -10.57 -34.18 42.29
CA HIS J 356 -9.63 -33.27 41.62
C HIS J 356 -10.20 -31.87 41.57
N LEU J 357 -11.39 -31.62 42.13
CA LEU J 357 -12.10 -30.33 41.93
C LEU J 357 -12.67 -29.82 43.24
N LEU J 358 -12.88 -28.50 43.27
CA LEU J 358 -13.19 -27.68 44.47
C LEU J 358 -14.33 -26.73 44.18
N LEU J 359 -15.34 -26.68 45.06
CA LEU J 359 -16.37 -25.63 45.00
C LEU J 359 -16.05 -24.62 46.09
N TRP J 360 -15.76 -23.41 45.66
CA TRP J 360 -15.29 -22.31 46.52
C TRP J 360 -16.45 -21.31 46.61
N ASP J 361 -16.92 -21.07 47.83
CA ASP J 361 -17.94 -20.05 48.10
C ASP J 361 -17.23 -18.72 48.36
N LEU J 362 -17.56 -17.69 47.59
CA LEU J 362 -16.91 -16.35 47.69
C LEU J 362 -17.83 -15.37 48.42
N THR J 363 -19.02 -15.79 48.83
CA THR J 363 -20.01 -14.83 49.40
C THR J 363 -19.44 -14.33 50.73
N PRO J 364 -18.71 -15.13 51.55
CA PRO J 364 -18.05 -14.61 52.75
C PRO J 364 -17.10 -13.43 52.51
N MET J 365 -16.60 -13.24 51.28
CA MET J 365 -15.64 -12.15 50.92
C MET J 365 -16.43 -11.04 50.22
N GLY J 366 -17.73 -11.24 50.03
CA GLY J 366 -18.61 -10.24 49.39
C GLY J 366 -18.37 -10.17 47.88
N LEU J 367 -18.20 -11.34 47.26
CA LEU J 367 -17.95 -11.44 45.80
C LEU J 367 -18.93 -12.41 45.16
N THR J 368 -19.37 -12.08 43.94
CA THR J 368 -20.13 -13.02 43.09
C THR J 368 -19.11 -13.73 42.22
N GLY J 369 -19.41 -14.96 41.82
CA GLY J 369 -18.59 -15.72 40.87
C GLY J 369 -18.54 -15.04 39.52
N LYS J 370 -19.61 -14.38 39.10
CA LYS J 370 -19.73 -13.81 37.74
C LYS J 370 -18.67 -12.75 37.52
N VAL J 371 -18.32 -11.99 38.56
CA VAL J 371 -17.34 -10.86 38.46
C VAL J 371 -15.91 -11.39 38.69
N TYR J 372 -15.68 -12.20 39.71
CA TYR J 372 -14.34 -12.79 40.02
C TYR J 372 -13.79 -13.55 38.82
N GLU J 373 -14.62 -14.40 38.25
CA GLU J 373 -14.41 -15.08 36.94
C GLU J 373 -13.79 -14.09 35.93
N LYS J 374 -14.40 -12.91 35.74
CA LYS J 374 -14.04 -11.94 34.66
C LYS J 374 -12.70 -11.25 34.97
N VAL J 375 -12.39 -11.08 36.24
CA VAL J 375 -11.12 -10.42 36.66
C VAL J 375 -10.02 -11.46 36.55
N CYS J 376 -10.26 -12.69 37.01
CA CYS J 376 -9.30 -13.81 36.82
C CYS J 376 -8.92 -13.94 35.33
N GLU J 377 -9.90 -13.86 34.43
CA GLU J 377 -9.67 -13.88 32.97
C GLU J 377 -8.62 -12.83 32.59
N MET J 378 -8.80 -11.60 33.06
CA MET J 378 -7.88 -10.50 32.73
C MET J 378 -6.49 -10.77 33.30
N CYS J 379 -6.36 -11.63 34.31
CA CYS J 379 -5.05 -11.97 34.91
C CYS J 379 -4.60 -13.34 34.40
N HIS J 380 -5.08 -13.78 33.23
CA HIS J 380 -4.65 -15.04 32.58
C HIS J 380 -4.93 -16.24 33.50
N ILE J 381 -5.93 -16.12 34.36
CA ILE J 381 -6.39 -17.28 35.18
C ILE J 381 -7.79 -17.67 34.71
N THR J 382 -7.97 -18.89 34.19
CA THR J 382 -9.28 -19.33 33.68
C THR J 382 -9.89 -20.24 34.72
N LEU J 383 -11.05 -19.82 35.22
CA LEU J 383 -11.99 -20.42 36.20
C LEU J 383 -13.39 -20.41 35.62
N ASN J 384 -14.38 -20.89 36.37
CA ASN J 384 -15.79 -20.63 35.96
C ASN J 384 -16.66 -20.58 37.21
N LYS J 385 -17.49 -19.53 37.30
CA LYS J 385 -18.55 -19.40 38.34
C LYS J 385 -19.40 -20.66 38.30
N THR J 386 -19.95 -21.10 39.44
CA THR J 386 -21.07 -22.09 39.44
C THR J 386 -22.07 -21.79 40.53
N ALA J 387 -23.22 -22.45 40.35
CA ALA J 387 -24.35 -22.54 41.30
C ALA J 387 -23.89 -23.33 42.53
N ILE J 388 -24.07 -22.71 43.69
CA ILE J 388 -23.99 -23.39 45.00
C ILE J 388 -25.17 -22.92 45.85
N PHE J 389 -25.49 -23.62 46.94
CA PHE J 389 -26.67 -23.24 47.79
C PHE J 389 -26.27 -22.16 48.80
N GLY J 393 -29.36 -21.95 52.06
CA GLY J 393 -30.78 -22.33 51.98
C GLY J 393 -31.30 -22.28 50.55
N THR J 394 -31.08 -21.16 49.85
CA THR J 394 -31.37 -20.93 48.41
C THR J 394 -30.03 -20.78 47.62
N ILE J 395 -30.13 -20.48 46.31
CA ILE J 395 -29.00 -20.53 45.32
C ILE J 395 -28.20 -19.21 45.37
N SER J 396 -26.99 -19.21 45.95
CA SER J 396 -26.06 -18.04 45.91
C SER J 396 -25.26 -18.04 44.62
N PRO J 397 -24.92 -16.85 44.08
CA PRO J 397 -24.24 -16.75 42.79
C PRO J 397 -22.72 -16.65 42.99
N GLY J 398 -22.26 -17.06 44.18
CA GLY J 398 -20.93 -16.77 44.72
C GLY J 398 -20.00 -17.98 44.67
N GLY J 399 -20.36 -19.02 43.91
CA GLY J 399 -19.52 -20.22 43.74
C GLY J 399 -18.61 -20.09 42.52
N VAL J 400 -17.39 -20.62 42.63
CA VAL J 400 -16.49 -20.90 41.46
C VAL J 400 -15.98 -22.34 41.53
N ARG J 401 -15.87 -22.97 40.38
CA ARG J 401 -15.35 -24.34 40.28
C ARG J 401 -13.93 -24.28 39.70
N ILE J 402 -13.07 -25.00 40.40
CA ILE J 402 -11.62 -25.07 40.19
C ILE J 402 -11.21 -26.55 40.11
N GLY J 403 -10.27 -26.89 39.24
CA GLY J 403 -9.75 -28.26 39.20
C GLY J 403 -8.27 -28.33 38.89
N THR J 404 -7.60 -29.43 39.25
CA THR J 404 -6.14 -29.59 39.10
C THR J 404 -5.72 -30.24 37.79
N PRO J 405 -6.56 -30.98 37.04
CA PRO J 405 -6.04 -31.81 35.94
C PRO J 405 -5.10 -31.09 34.97
N ALA J 406 -5.51 -29.89 34.53
CA ALA J 406 -4.80 -29.17 33.46
C ALA J 406 -3.37 -28.88 33.91
N MET J 407 -3.20 -28.19 35.03
CA MET J 407 -1.85 -27.74 35.44
C MET J 407 -1.05 -28.95 35.94
N THR J 408 -1.76 -29.92 36.49
CA THR J 408 -1.11 -31.18 36.87
C THR J 408 -0.43 -31.73 35.60
N THR J 409 -1.14 -31.73 34.46
CA THR J 409 -0.67 -32.25 33.15
C THR J 409 0.62 -31.53 32.77
N ARG J 410 0.68 -30.24 33.03
CA ARG J 410 1.86 -29.39 32.69
C ARG J 410 3.00 -29.58 33.70
N GLY J 411 2.83 -30.43 34.71
CA GLY J 411 3.94 -30.83 35.57
C GLY J 411 3.95 -30.07 36.88
N CYS J 412 2.88 -29.35 37.21
CA CYS J 412 2.75 -28.68 38.52
C CYS J 412 2.59 -29.71 39.61
N ILE J 413 3.11 -29.39 40.78
CA ILE J 413 3.06 -30.24 42.01
C ILE J 413 2.54 -29.41 43.17
N GLU J 414 2.44 -30.02 44.35
CA GLU J 414 1.65 -29.46 45.48
C GLU J 414 2.10 -28.01 45.70
N SER J 415 3.40 -27.78 45.84
CA SER J 415 3.94 -26.43 46.18
C SER J 415 3.51 -25.42 45.14
N ASP J 416 3.34 -25.88 43.90
CA ASP J 416 2.97 -24.98 42.77
C ASP J 416 1.55 -24.51 43.04
N PHE J 417 0.67 -25.44 43.41
CA PHE J 417 -0.74 -25.12 43.73
C PHE J 417 -0.84 -24.18 44.94
N GLU J 418 0.07 -24.27 45.91
CA GLU J 418 0.09 -23.28 47.02
C GLU J 418 0.39 -21.90 46.45
N THR J 419 1.30 -21.78 45.48
CA THR J 419 1.59 -20.49 44.79
C THR J 419 0.30 -20.01 44.13
N MET J 420 -0.41 -20.89 43.42
CA MET J 420 -1.62 -20.54 42.65
C MET J 420 -2.69 -20.02 43.64
N ALA J 421 -2.76 -20.63 44.81
CA ALA J 421 -3.66 -20.16 45.88
C ALA J 421 -3.38 -18.69 46.16
N ASP J 422 -2.13 -18.32 46.28
CA ASP J 422 -1.78 -16.90 46.58
C ASP J 422 -2.34 -16.02 45.48
N PHE J 423 -2.28 -16.49 44.24
CA PHE J 423 -2.72 -15.71 43.06
C PHE J 423 -4.23 -15.55 43.10
N LEU J 424 -4.94 -16.63 43.39
CA LEU J 424 -6.41 -16.64 43.58
C LEU J 424 -6.82 -15.61 44.62
N ILE J 425 -6.07 -15.48 45.70
CA ILE J 425 -6.45 -14.49 46.74
C ILE J 425 -6.09 -13.09 46.28
N LYS J 426 -4.97 -12.91 45.60
CA LYS J 426 -4.62 -11.55 45.17
C LYS J 426 -5.71 -11.09 44.20
N ALA J 427 -6.20 -11.99 43.35
CA ALA J 427 -7.24 -11.68 42.37
C ALA J 427 -8.49 -11.18 43.10
N ALA J 428 -8.89 -11.92 44.16
CA ALA J 428 -10.05 -11.59 45.03
C ALA J 428 -9.86 -10.22 45.67
N GLN J 429 -8.73 -9.99 46.35
CA GLN J 429 -8.39 -8.68 46.95
C GLN J 429 -8.65 -7.56 45.93
N ILE J 430 -8.22 -7.77 44.69
CA ILE J 430 -8.33 -6.76 43.60
C ILE J 430 -9.80 -6.62 43.20
N THR J 431 -10.50 -7.74 43.15
CA THR J 431 -11.90 -7.74 42.74
C THR J 431 -12.67 -6.84 43.71
N SER J 432 -12.52 -7.04 45.02
CA SER J 432 -13.21 -6.24 46.07
C SER J 432 -12.90 -4.78 45.86
N ALA J 433 -11.62 -4.45 45.81
CA ALA J 433 -11.11 -3.08 45.62
C ALA J 433 -11.78 -2.42 44.42
N LEU J 434 -11.95 -3.14 43.32
CA LEU J 434 -12.43 -2.59 42.03
C LEU J 434 -13.94 -2.39 42.02
N GLN J 435 -14.70 -3.42 42.40
CA GLN J 435 -16.15 -3.35 42.63
C GLN J 435 -16.41 -2.09 43.46
N ARG J 436 -15.65 -1.89 44.54
CA ARG J 436 -15.88 -0.75 45.46
C ARG J 436 -15.67 0.55 44.69
N GLU J 437 -14.55 0.78 44.03
CA GLU J 437 -14.28 2.12 43.43
C GLU J 437 -14.97 2.32 42.06
N HIS J 438 -15.09 1.29 41.22
CA HIS J 438 -15.61 1.46 39.83
C HIS J 438 -16.78 0.53 39.51
N GLY J 439 -17.46 0.00 40.53
CA GLY J 439 -18.65 -0.87 40.38
C GLY J 439 -19.90 -0.08 40.01
N LYS J 440 -19.93 1.24 40.27
CA LYS J 440 -21.11 2.14 40.09
C LYS J 440 -21.71 1.96 38.70
N SER J 441 -20.91 1.89 37.64
CA SER J 441 -21.43 1.65 36.27
C SER J 441 -20.71 0.47 35.61
N HIS J 442 -21.43 -0.27 34.77
CA HIS J 442 -20.92 -1.47 34.06
C HIS J 442 -19.86 -0.99 33.07
N LYS J 443 -20.08 0.17 32.45
CA LYS J 443 -19.13 0.78 31.48
C LYS J 443 -17.85 1.25 32.17
N GLU J 444 -17.95 1.99 33.26
CA GLU J 444 -16.79 2.44 34.07
C GLU J 444 -16.06 1.22 34.64
N PHE J 445 -16.76 0.10 34.85
CA PHE J 445 -16.18 -1.14 35.42
C PHE J 445 -15.28 -1.82 34.38
N VAL J 446 -15.85 -2.14 33.22
CA VAL J 446 -15.13 -2.81 32.10
C VAL J 446 -13.89 -1.98 31.72
N LYS J 447 -13.97 -0.65 31.83
CA LYS J 447 -12.84 0.26 31.50
C LYS J 447 -11.70 -0.04 32.49
N SER J 448 -11.97 0.04 33.79
CA SER J 448 -10.99 -0.20 34.88
C SER J 448 -10.34 -1.59 34.77
N LEU J 449 -11.16 -2.54 34.37
CA LEU J 449 -10.71 -3.92 34.04
C LEU J 449 -9.53 -3.87 33.05
N CYS J 450 -9.70 -3.19 31.91
CA CYS J 450 -8.71 -3.09 30.82
C CYS J 450 -7.46 -2.32 31.28
N THR J 451 -7.57 -1.39 32.23
CA THR J 451 -6.52 -0.35 32.46
C THR J 451 -6.06 -0.31 33.92
N ASN J 452 -6.15 -1.39 34.67
CA ASN J 452 -5.82 -1.32 36.12
C ASN J 452 -4.38 -1.72 36.33
N LYS J 453 -3.68 -1.08 37.25
CA LYS J 453 -2.26 -1.38 37.52
C LYS J 453 -2.13 -2.71 38.25
N ASP J 454 -2.88 -2.93 39.30
CA ASP J 454 -2.76 -4.16 40.14
C ASP J 454 -3.07 -5.44 39.35
N ILE J 455 -3.97 -5.39 38.36
CA ILE J 455 -4.32 -6.55 37.50
C ILE J 455 -3.12 -6.80 36.61
N ALA J 456 -2.61 -5.74 35.99
CA ALA J 456 -1.48 -5.83 35.05
C ALA J 456 -0.29 -6.45 35.79
N GLU J 457 -0.04 -6.02 37.02
CA GLU J 457 1.05 -6.57 37.90
C GLU J 457 0.80 -8.07 38.11
N LEU J 458 -0.42 -8.48 38.45
CA LEU J 458 -0.69 -9.90 38.77
C LEU J 458 -0.69 -10.71 37.47
N ARG J 459 -1.16 -10.12 36.39
CA ARG J 459 -1.11 -10.81 35.08
C ARG J 459 0.35 -11.14 34.75
N ASN J 460 1.26 -10.20 34.96
CA ASN J 460 2.68 -10.45 34.67
C ASN J 460 3.18 -11.57 35.59
N ARG J 461 2.79 -11.59 36.87
CA ARG J 461 3.27 -12.63 37.82
C ARG J 461 2.79 -13.99 37.30
N VAL J 462 1.58 -14.03 36.75
CA VAL J 462 0.94 -15.30 36.31
C VAL J 462 1.63 -15.79 35.04
N GLU J 463 1.85 -14.91 34.07
CA GLU J 463 2.55 -15.28 32.83
C GLU J 463 3.95 -15.82 33.16
N ALA J 464 4.68 -15.13 34.04
CA ALA J 464 6.02 -15.56 34.46
C ALA J 464 5.88 -16.96 35.03
N PHE J 465 4.86 -17.18 35.87
CA PHE J 465 4.68 -18.46 36.58
C PHE J 465 4.37 -19.55 35.56
N ALA J 466 3.47 -19.24 34.66
CA ALA J 466 2.95 -20.17 33.64
C ALA J 466 4.08 -20.67 32.77
N LEU J 467 4.98 -19.80 32.33
CA LEU J 467 6.04 -20.16 31.34
C LEU J 467 7.06 -21.14 31.94
N GLN J 468 7.09 -21.25 33.26
CA GLN J 468 7.94 -22.22 33.98
C GLN J 468 7.52 -23.65 33.63
N TYR J 469 6.33 -23.86 33.09
CA TYR J 469 5.77 -25.23 32.98
C TYR J 469 5.62 -25.60 31.51
N GLU J 470 5.99 -26.83 31.20
CA GLU J 470 5.96 -27.28 29.79
C GLU J 470 4.54 -27.28 29.27
N MET J 471 4.38 -27.38 27.96
CA MET J 471 3.06 -27.36 27.33
C MET J 471 3.06 -28.40 26.22
N PRO J 472 2.41 -29.54 26.44
CA PRO J 472 2.37 -30.62 25.45
C PRO J 472 2.13 -30.21 23.99
N ALA J 473 2.94 -30.73 23.08
CA ALA J 473 2.86 -30.54 21.62
C ALA J 473 3.17 -29.10 21.22
N SER J 474 4.44 -28.68 21.25
CA SER J 474 4.86 -27.43 20.56
C SER J 474 5.67 -27.82 19.30
N LEU J 475 5.06 -27.49 18.13
CA LEU J 475 5.17 -28.13 16.78
C LEU J 475 5.74 -27.10 15.80
N ASN K 2 -107.35 -50.92 5.48
CA ASN K 2 -107.70 -52.36 5.21
C ASN K 2 -106.44 -53.23 5.38
N ALA K 3 -105.57 -53.29 4.36
CA ALA K 3 -104.14 -53.65 4.45
C ALA K 3 -103.37 -52.52 5.15
N LEU K 4 -103.87 -51.27 5.11
CA LEU K 4 -103.37 -50.12 5.92
C LEU K 4 -103.55 -50.48 7.40
N GLU K 5 -104.81 -50.59 7.83
CA GLU K 5 -105.18 -50.75 9.25
C GLU K 5 -104.43 -51.96 9.80
N SER K 6 -104.32 -53.02 8.99
CA SER K 6 -103.68 -54.31 9.37
C SER K 6 -102.22 -54.05 9.76
N ARG K 7 -101.49 -53.25 8.97
CA ARG K 7 -100.05 -52.97 9.26
C ARG K 7 -99.98 -52.01 10.46
N ARG K 8 -100.88 -51.04 10.54
CA ARG K 8 -100.93 -50.15 11.72
C ARG K 8 -101.10 -50.95 13.02
N ALA K 9 -101.72 -52.12 12.96
CA ALA K 9 -101.92 -53.00 14.14
C ALA K 9 -100.61 -53.75 14.39
N ALA K 10 -99.99 -54.24 13.32
CA ALA K 10 -98.72 -55.01 13.34
C ALA K 10 -97.66 -54.21 14.09
N VAL K 11 -97.57 -52.91 13.78
CA VAL K 11 -96.69 -51.94 14.50
C VAL K 11 -97.06 -51.93 15.97
N ARG K 12 -98.35 -51.75 16.28
CA ARG K 12 -98.83 -51.57 17.68
C ARG K 12 -98.56 -52.89 18.43
N ALA K 13 -98.76 -54.00 17.76
CA ALA K 13 -98.53 -55.36 18.31
C ALA K 13 -97.09 -55.49 18.80
N TRP K 14 -96.15 -55.11 17.95
CA TRP K 14 -94.68 -55.18 18.24
C TRP K 14 -94.27 -54.15 19.31
N GLY K 15 -94.74 -52.92 19.16
CA GLY K 15 -94.27 -51.73 19.90
C GLY K 15 -94.71 -51.74 21.35
N ASP K 16 -95.83 -52.39 21.65
CA ASP K 16 -96.53 -52.26 22.96
C ASP K 16 -96.60 -53.61 23.67
N GLN K 17 -95.92 -54.60 23.08
CA GLN K 17 -95.68 -55.92 23.69
C GLN K 17 -94.86 -55.73 24.95
N PRO K 18 -95.41 -56.10 26.13
CA PRO K 18 -94.68 -56.00 27.39
C PRO K 18 -93.52 -56.98 27.45
N ILE K 19 -92.58 -56.67 28.35
CA ILE K 19 -91.25 -57.32 28.44
C ILE K 19 -91.45 -58.80 28.74
N HIS K 20 -92.44 -59.12 29.56
CA HIS K 20 -92.63 -60.49 30.11
C HIS K 20 -93.10 -61.41 28.98
N LEU K 21 -93.70 -60.85 27.93
CA LEU K 21 -94.05 -61.59 26.68
C LEU K 21 -92.92 -61.48 25.65
N ALA K 22 -92.37 -60.28 25.48
CA ALA K 22 -91.40 -59.96 24.42
C ALA K 22 -90.11 -60.75 24.63
N ASP K 23 -89.75 -61.04 25.88
CA ASP K 23 -88.47 -61.72 26.20
C ASP K 23 -88.57 -62.37 27.57
N PRO K 24 -89.19 -63.56 27.65
CA PRO K 24 -89.39 -64.23 28.93
C PRO K 24 -88.09 -64.59 29.66
N ASP K 25 -87.09 -65.05 28.91
CA ASP K 25 -85.77 -65.43 29.48
C ASP K 25 -85.21 -64.27 30.29
N ILE K 26 -85.19 -63.07 29.68
CA ILE K 26 -84.65 -61.81 30.28
C ILE K 26 -85.54 -61.43 31.46
N HIS K 27 -86.84 -61.33 31.23
CA HIS K 27 -87.80 -60.92 32.28
C HIS K 27 -87.55 -61.77 33.53
N GLU K 28 -87.36 -63.07 33.37
CA GLU K 28 -87.12 -64.04 34.47
C GLU K 28 -85.91 -63.58 35.28
N LEU K 29 -84.80 -63.36 34.58
CA LEU K 29 -83.54 -62.89 35.20
C LEU K 29 -83.78 -61.58 35.92
N MET K 30 -84.59 -60.71 35.32
CA MET K 30 -84.82 -59.36 35.88
C MET K 30 -85.51 -59.55 37.21
N GLU K 31 -86.49 -60.44 37.21
CA GLU K 31 -87.34 -60.71 38.40
C GLU K 31 -86.49 -61.38 39.50
N LYS K 32 -85.65 -62.35 39.14
CA LYS K 32 -84.70 -62.98 40.10
C LYS K 32 -83.84 -61.90 40.77
N GLU K 33 -83.36 -60.92 40.01
CA GLU K 33 -82.43 -59.88 40.53
C GLU K 33 -83.25 -58.92 41.39
N LYS K 34 -84.46 -58.57 40.98
CA LYS K 34 -85.35 -57.76 41.84
C LYS K 34 -85.52 -58.46 43.19
N GLN K 35 -85.70 -59.79 43.19
CA GLN K 35 -85.85 -60.60 44.43
C GLN K 35 -84.53 -60.54 45.21
N ARG K 36 -83.40 -60.83 44.56
CA ARG K 36 -82.08 -60.78 45.24
C ARG K 36 -81.97 -59.47 46.01
N GLN K 37 -82.34 -58.36 45.38
CA GLN K 37 -82.16 -56.99 45.93
C GLN K 37 -82.98 -56.82 47.20
N VAL K 38 -84.18 -57.40 47.26
CA VAL K 38 -85.09 -57.15 48.40
C VAL K 38 -84.78 -58.10 49.55
N ARG K 39 -84.30 -59.31 49.24
CA ARG K 39 -84.04 -60.40 50.23
C ARG K 39 -82.59 -60.41 50.72
N GLY K 40 -81.85 -59.33 50.47
CA GLY K 40 -80.44 -59.20 50.84
C GLY K 40 -80.17 -57.89 51.54
N ILE K 41 -79.02 -57.83 52.20
CA ILE K 41 -78.48 -56.61 52.85
C ILE K 41 -77.46 -56.03 51.88
N GLU K 42 -77.49 -54.71 51.69
CA GLU K 42 -76.60 -53.98 50.75
C GLU K 42 -75.73 -53.03 51.56
N LEU K 43 -74.45 -53.39 51.72
CA LEU K 43 -73.49 -52.63 52.54
C LEU K 43 -72.34 -52.12 51.67
N ILE K 44 -72.45 -52.26 50.35
CA ILE K 44 -71.51 -51.58 49.42
C ILE K 44 -71.83 -50.07 49.49
N ALA K 45 -70.81 -49.26 49.71
CA ALA K 45 -70.96 -47.83 50.06
C ALA K 45 -71.21 -46.99 48.82
N SER K 46 -70.90 -47.56 47.65
CA SER K 46 -71.31 -47.02 46.34
C SER K 46 -72.83 -47.04 46.28
N GLU K 47 -73.38 -48.27 46.39
CA GLU K 47 -74.76 -48.68 46.03
C GLU K 47 -75.81 -47.79 46.70
N ASN K 48 -76.95 -47.71 46.02
CA ASN K 48 -78.19 -47.09 46.54
C ASN K 48 -79.34 -47.63 45.68
N PHE K 49 -80.57 -47.31 46.05
CA PHE K 49 -81.79 -47.74 45.34
C PHE K 49 -82.56 -46.50 44.89
N VAL K 50 -82.94 -46.43 43.61
CA VAL K 50 -83.55 -45.21 43.02
C VAL K 50 -85.06 -45.34 43.11
N CYS K 51 -85.74 -44.19 42.98
CA CYS K 51 -87.21 -44.08 43.05
C CYS K 51 -87.80 -44.45 41.70
N ARG K 52 -89.11 -44.59 41.65
CA ARG K 52 -89.79 -45.03 40.42
C ARG K 52 -89.66 -43.95 39.35
N ALA K 53 -89.95 -42.71 39.73
CA ALA K 53 -89.97 -41.56 38.79
C ALA K 53 -88.67 -41.59 37.99
N VAL K 54 -87.51 -41.86 38.60
CA VAL K 54 -86.26 -41.86 37.80
C VAL K 54 -86.31 -43.03 36.83
N MET K 55 -86.77 -44.21 37.26
CA MET K 55 -86.92 -45.37 36.34
C MET K 55 -87.87 -45.02 35.19
N GLU K 56 -88.92 -44.25 35.47
CA GLU K 56 -89.92 -43.92 34.42
C GLU K 56 -89.26 -42.97 33.42
N ALA K 57 -88.35 -42.12 33.89
CA ALA K 57 -87.56 -41.20 33.03
C ALA K 57 -86.62 -41.98 32.10
N LEU K 58 -85.82 -42.89 32.68
CA LEU K 58 -84.88 -43.78 31.94
C LEU K 58 -85.65 -44.53 30.84
N GLY K 59 -86.73 -45.19 31.22
CA GLY K 59 -87.45 -46.06 30.29
C GLY K 59 -88.47 -45.25 29.54
N SER K 60 -88.04 -44.30 28.72
CA SER K 60 -89.01 -43.39 28.06
C SER K 60 -88.66 -43.20 26.60
N HIS K 61 -89.53 -42.45 25.91
CA HIS K 61 -89.38 -42.02 24.49
CA HIS K 61 -89.39 -42.01 24.49
C HIS K 61 -88.20 -41.07 24.32
N LEU K 62 -87.58 -40.63 25.41
CA LEU K 62 -86.43 -39.69 25.31
C LEU K 62 -85.24 -40.41 24.70
N THR K 63 -85.09 -41.71 24.94
CA THR K 63 -84.04 -42.51 24.27
C THR K 63 -84.21 -42.47 22.76
N ASN K 64 -85.34 -42.02 22.23
CA ASN K 64 -85.56 -42.02 20.75
C ASN K 64 -84.85 -40.83 20.10
N LYS K 65 -84.54 -39.76 20.82
CA LYS K 65 -84.09 -38.48 20.22
C LYS K 65 -82.59 -38.33 20.40
N TYR K 66 -81.86 -38.10 19.29
CA TYR K 66 -80.40 -37.87 19.24
C TYR K 66 -80.18 -36.37 19.30
N SER K 67 -79.35 -35.99 20.25
CA SER K 67 -79.17 -34.58 20.63
C SER K 67 -77.67 -34.30 20.73
N GLU K 68 -76.92 -34.58 19.67
CA GLU K 68 -75.48 -34.20 19.67
C GLU K 68 -75.36 -32.69 19.91
N GLY K 69 -74.48 -32.28 20.82
CA GLY K 69 -74.18 -30.85 21.06
C GLY K 69 -74.70 -30.39 22.40
N MET K 70 -74.96 -29.09 22.52
CA MET K 70 -75.38 -28.40 23.78
C MET K 70 -76.74 -27.75 23.56
N PRO K 71 -77.47 -27.40 24.65
CA PRO K 71 -78.75 -26.72 24.50
C PRO K 71 -78.54 -25.43 23.71
N GLY K 72 -79.40 -25.21 22.73
CA GLY K 72 -79.43 -23.98 21.91
C GLY K 72 -78.32 -23.99 20.88
N ALA K 73 -77.53 -25.06 20.82
CA ALA K 73 -76.39 -25.16 19.90
C ALA K 73 -76.20 -26.64 19.57
N ARG K 74 -77.26 -27.28 19.06
CA ARG K 74 -77.28 -28.72 18.70
C ARG K 74 -76.91 -28.89 17.21
N TYR K 75 -76.35 -30.06 16.90
CA TYR K 75 -76.09 -30.55 15.53
C TYR K 75 -77.43 -30.84 14.81
N TYR K 76 -78.44 -31.28 15.56
CA TYR K 76 -79.75 -31.74 15.01
C TYR K 76 -80.94 -30.85 15.41
N THR K 77 -81.86 -30.68 14.46
CA THR K 77 -83.19 -30.06 14.64
C THR K 77 -84.09 -30.97 15.49
N GLY K 78 -85.11 -30.38 16.12
CA GLY K 78 -86.16 -31.08 16.88
C GLY K 78 -85.83 -31.19 18.36
N ASN K 79 -84.92 -30.35 18.85
CA ASN K 79 -84.42 -30.46 20.25
C ASN K 79 -85.07 -29.40 21.15
N GLN K 80 -86.16 -28.79 20.69
CA GLN K 80 -86.84 -27.67 21.40
C GLN K 80 -87.08 -28.11 22.83
N TYR K 81 -87.55 -29.34 23.01
CA TYR K 81 -88.02 -29.84 24.33
C TYR K 81 -86.85 -30.48 25.09
N ILE K 82 -85.99 -31.18 24.37
CA ILE K 82 -84.78 -31.83 24.98
C ILE K 82 -83.89 -30.72 25.54
N ASP K 83 -83.83 -29.56 24.87
CA ASP K 83 -83.09 -28.39 25.36
C ASP K 83 -83.66 -28.02 26.73
N GLN K 84 -84.96 -27.82 26.81
CA GLN K 84 -85.63 -27.28 28.02
C GLN K 84 -85.38 -28.23 29.18
N ILE K 85 -85.34 -29.52 28.90
CA ILE K 85 -85.04 -30.54 29.95
C ILE K 85 -83.56 -30.38 30.38
N GLU K 86 -82.61 -30.41 29.46
CA GLU K 86 -81.18 -30.28 29.84
C GLU K 86 -80.97 -28.99 30.64
N ASN K 87 -81.41 -27.87 30.07
CA ASN K 87 -81.36 -26.55 30.74
C ASN K 87 -81.94 -26.66 32.15
N LEU K 88 -83.07 -27.32 32.31
CA LEU K 88 -83.74 -27.46 33.64
C LEU K 88 -82.81 -28.31 34.53
N CYS K 89 -82.32 -29.43 34.01
CA CYS K 89 -81.41 -30.35 34.73
C CYS K 89 -80.19 -29.56 35.20
N ILE K 90 -79.70 -28.64 34.38
CA ILE K 90 -78.53 -27.76 34.75
C ILE K 90 -78.95 -26.87 35.92
N GLU K 91 -80.06 -26.14 35.80
CA GLU K 91 -80.53 -25.18 36.84
C GLU K 91 -80.63 -25.90 38.19
N ARG K 92 -81.15 -27.12 38.16
CA ARG K 92 -81.37 -27.93 39.37
C ARG K 92 -80.04 -28.42 39.98
N ALA K 93 -79.01 -28.65 39.18
CA ALA K 93 -77.68 -29.10 39.64
C ALA K 93 -77.00 -27.94 40.40
N LEU K 94 -77.08 -26.73 39.86
CA LEU K 94 -76.55 -25.53 40.55
C LEU K 94 -77.29 -25.40 41.88
N THR K 95 -78.61 -25.23 41.82
CA THR K 95 -79.48 -25.05 43.02
C THR K 95 -79.16 -26.10 44.08
N ALA K 96 -78.96 -27.35 43.67
CA ALA K 96 -78.67 -28.49 44.57
C ALA K 96 -77.44 -28.22 45.43
N PHE K 97 -76.40 -27.59 44.87
CA PHE K 97 -75.09 -27.36 45.53
C PHE K 97 -74.96 -25.88 45.90
N GLY K 98 -76.08 -25.17 45.86
CA GLY K 98 -76.17 -23.74 46.22
C GLY K 98 -75.16 -22.93 45.45
N LEU K 99 -75.21 -23.01 44.12
CA LEU K 99 -74.30 -22.25 43.24
C LEU K 99 -75.15 -21.27 42.44
N GLU K 100 -74.52 -20.19 41.96
CA GLU K 100 -75.17 -19.16 41.11
C GLU K 100 -74.61 -19.29 39.70
N SER K 101 -75.46 -19.13 38.70
CA SER K 101 -75.11 -19.38 37.29
C SER K 101 -74.00 -18.43 36.84
N ASP K 102 -73.98 -17.19 37.30
CA ASP K 102 -72.92 -16.20 36.93
C ASP K 102 -71.52 -16.69 37.37
N LYS K 103 -71.41 -17.51 38.44
CA LYS K 103 -70.10 -17.92 39.06
C LYS K 103 -69.74 -19.38 38.81
N TRP K 104 -70.70 -20.21 38.39
CA TRP K 104 -70.49 -21.66 38.07
C TRP K 104 -71.31 -22.05 36.85
N GLY K 105 -70.78 -23.02 36.09
CA GLY K 105 -71.51 -23.74 35.04
C GLY K 105 -71.41 -25.22 35.27
N VAL K 106 -72.17 -26.01 34.52
CA VAL K 106 -72.16 -27.48 34.74
C VAL K 106 -72.46 -28.17 33.41
N ASN K 107 -71.68 -29.21 33.09
CA ASN K 107 -71.90 -30.13 31.95
C ASN K 107 -72.45 -31.43 32.54
N VAL K 108 -73.61 -31.88 32.05
CA VAL K 108 -74.35 -33.04 32.61
C VAL K 108 -74.37 -34.20 31.61
N GLN K 109 -73.63 -34.11 30.50
CA GLN K 109 -73.59 -35.16 29.45
C GLN K 109 -72.72 -36.35 29.85
N PRO K 110 -71.69 -36.24 30.73
CA PRO K 110 -70.67 -37.27 30.84
C PRO K 110 -71.27 -38.63 31.21
N TYR K 111 -70.98 -39.61 30.37
CA TYR K 111 -71.48 -41.00 30.43
C TYR K 111 -71.14 -41.68 31.76
N SER K 112 -70.16 -41.19 32.51
CA SER K 112 -69.71 -41.77 33.81
C SER K 112 -68.80 -40.78 34.56
N CYS K 113 -68.45 -41.05 35.81
CA CYS K 113 -67.59 -40.12 36.59
C CYS K 113 -66.16 -40.22 36.07
N THR K 114 -65.73 -41.43 35.73
CA THR K 114 -64.42 -41.69 35.07
C THR K 114 -64.34 -40.89 33.75
N SER K 115 -65.41 -40.96 32.96
CA SER K 115 -65.49 -40.28 31.64
C SER K 115 -65.30 -38.77 31.88
N ALA K 116 -65.94 -38.29 32.95
CA ALA K 116 -66.03 -36.84 33.32
C ALA K 116 -64.65 -36.35 33.75
N ASN K 117 -64.01 -37.05 34.68
CA ASN K 117 -62.60 -36.74 35.05
C ASN K 117 -61.79 -36.67 33.76
N PHE K 118 -61.85 -37.68 32.90
CA PHE K 118 -60.96 -37.77 31.72
C PHE K 118 -61.20 -36.60 30.78
N ALA K 119 -62.44 -36.12 30.71
CA ALA K 119 -62.82 -34.95 29.87
C ALA K 119 -62.12 -33.71 30.41
N VAL K 120 -62.15 -33.49 31.71
CA VAL K 120 -61.45 -32.35 32.34
C VAL K 120 -59.99 -32.40 31.92
N TYR K 121 -59.35 -33.55 32.10
CA TYR K 121 -57.92 -33.68 31.74
C TYR K 121 -57.80 -33.36 30.25
N THR K 122 -58.58 -34.04 29.43
CA THR K 122 -58.47 -33.86 27.97
C THR K 122 -58.66 -32.39 27.59
N GLY K 123 -59.56 -31.70 28.29
CA GLY K 123 -59.95 -30.33 27.94
C GLY K 123 -58.87 -29.33 28.31
N LEU K 124 -58.24 -29.52 29.47
CA LEU K 124 -57.39 -28.48 30.07
C LEU K 124 -55.95 -28.69 29.67
N LEU K 125 -55.54 -29.95 29.52
CA LEU K 125 -54.12 -30.35 29.41
C LEU K 125 -53.84 -30.91 28.04
N LEU K 126 -52.60 -30.78 27.62
CA LEU K 126 -52.05 -31.48 26.43
C LEU K 126 -51.77 -32.91 26.86
N PRO K 127 -51.84 -33.88 25.92
CA PRO K 127 -51.48 -35.25 26.24
C PRO K 127 -50.10 -35.27 26.90
N GLY K 128 -49.94 -36.01 27.97
CA GLY K 128 -48.62 -36.23 28.60
C GLY K 128 -48.39 -35.27 29.75
N GLU K 129 -49.17 -34.20 29.86
CA GLU K 129 -49.01 -33.23 30.99
C GLU K 129 -49.25 -33.95 32.32
N ARG K 130 -48.94 -33.29 33.44
CA ARG K 130 -48.82 -33.95 34.76
C ARG K 130 -50.09 -33.70 35.56
N ILE K 131 -50.56 -34.75 36.24
CA ILE K 131 -51.67 -34.68 37.24
C ILE K 131 -51.27 -35.45 38.49
N MET K 132 -51.90 -35.08 39.62
CA MET K 132 -51.67 -35.73 40.93
C MET K 132 -53.02 -35.96 41.62
N GLY K 133 -53.30 -37.18 42.05
CA GLY K 133 -54.55 -37.49 42.76
C GLY K 133 -54.39 -38.63 43.74
N LEU K 134 -55.35 -38.79 44.66
CA LEU K 134 -55.30 -39.86 45.69
C LEU K 134 -55.34 -41.23 45.00
N ASP K 135 -54.76 -42.24 45.64
CA ASP K 135 -54.77 -43.64 45.14
C ASP K 135 -55.13 -44.65 46.24
N SER K 136 -55.92 -45.69 45.93
CA SER K 136 -56.06 -46.86 46.84
C SER K 136 -54.81 -47.76 46.74
N LYS K 153 -50.35 -47.13 34.16
CA LYS K 153 -50.57 -48.28 33.25
C LYS K 153 -52.00 -48.85 33.38
N ILE K 154 -52.70 -48.52 34.47
CA ILE K 154 -54.08 -49.03 34.73
C ILE K 154 -55.11 -48.03 34.20
N SER K 155 -55.31 -46.90 34.89
CA SER K 155 -56.32 -45.87 34.48
C SER K 155 -55.89 -45.27 33.14
N ALA K 156 -56.84 -44.75 32.37
CA ALA K 156 -56.56 -44.12 31.07
C ALA K 156 -55.87 -42.78 31.36
N ALA K 157 -56.22 -42.14 32.47
CA ALA K 157 -55.54 -40.92 32.95
C ALA K 157 -54.02 -41.18 33.08
N SER K 158 -53.61 -42.30 33.64
CA SER K 158 -52.17 -42.63 33.82
C SER K 158 -51.53 -43.09 32.51
N ILE K 159 -52.33 -43.44 31.50
CA ILE K 159 -51.79 -43.88 30.19
C ILE K 159 -51.46 -42.62 29.39
N PHE K 160 -52.42 -41.72 29.23
CA PHE K 160 -52.42 -40.60 28.26
C PHE K 160 -51.93 -39.31 28.91
N PHE K 161 -51.74 -39.33 30.24
CA PHE K 161 -51.14 -38.23 31.03
C PHE K 161 -50.11 -38.85 31.98
N GLU K 162 -49.54 -38.00 32.82
CA GLU K 162 -48.44 -38.40 33.71
C GLU K 162 -48.95 -38.26 35.12
N SER K 163 -49.37 -39.38 35.69
CA SER K 163 -50.05 -39.40 37.02
C SER K 163 -49.06 -39.77 38.11
N PHE K 164 -48.86 -38.87 39.08
CA PHE K 164 -48.11 -39.10 40.33
C PHE K 164 -49.10 -39.17 41.46
N PRO K 165 -49.44 -40.36 41.97
CA PRO K 165 -50.51 -40.50 42.93
C PRO K 165 -50.05 -40.40 44.40
N TYR K 166 -50.79 -39.66 45.22
CA TYR K 166 -50.52 -39.54 46.68
C TYR K 166 -51.41 -40.51 47.46
N LYS K 167 -51.00 -40.83 48.69
CA LYS K 167 -51.65 -41.86 49.54
C LYS K 167 -51.68 -41.40 50.99
N VAL K 168 -52.55 -42.05 51.74
CA VAL K 168 -52.86 -41.76 53.17
C VAL K 168 -51.62 -42.20 53.97
N ASN K 169 -51.37 -41.60 55.12
CA ASN K 169 -50.29 -42.03 56.05
C ASN K 169 -50.58 -43.48 56.46
N PRO K 170 -49.68 -44.44 56.13
CA PRO K 170 -49.89 -45.86 56.42
C PRO K 170 -50.21 -46.26 57.86
N GLN K 171 -49.68 -45.55 58.86
CA GLN K 171 -49.97 -45.84 60.28
C GLN K 171 -51.36 -45.27 60.61
N THR K 172 -51.53 -43.96 60.43
CA THR K 172 -52.72 -43.20 60.91
C THR K 172 -53.97 -43.59 60.10
N GLY K 173 -53.83 -43.79 58.79
CA GLY K 173 -54.97 -43.96 57.87
C GLY K 173 -55.59 -42.62 57.48
N TYR K 174 -55.21 -41.52 58.13
CA TYR K 174 -55.53 -40.12 57.73
C TYR K 174 -54.54 -39.61 56.69
N ILE K 175 -54.97 -38.62 55.91
CA ILE K 175 -54.16 -38.00 54.82
C ILE K 175 -53.13 -37.09 55.48
N ASP K 176 -51.89 -37.13 54.98
CA ASP K 176 -50.75 -36.33 55.52
C ASP K 176 -50.56 -35.11 54.61
N TYR K 177 -51.23 -34.00 54.94
CA TYR K 177 -51.26 -32.78 54.12
C TYR K 177 -49.84 -32.20 53.99
N ASP K 178 -48.98 -32.36 55.00
CA ASP K 178 -47.58 -31.86 54.97
C ASP K 178 -46.81 -32.61 53.88
N LYS K 179 -46.87 -33.95 53.90
CA LYS K 179 -46.20 -34.80 52.89
C LYS K 179 -46.78 -34.48 51.51
N LEU K 180 -48.08 -34.26 51.43
CA LEU K 180 -48.79 -33.89 50.17
C LEU K 180 -48.16 -32.60 49.63
N GLU K 181 -48.04 -31.57 50.47
CA GLU K 181 -47.47 -30.25 50.10
C GLU K 181 -46.09 -30.48 49.47
N ASP K 182 -45.22 -31.20 50.18
CA ASP K 182 -43.84 -31.51 49.73
C ASP K 182 -43.89 -32.14 48.34
N LYS K 183 -44.71 -33.17 48.19
CA LYS K 183 -44.84 -33.95 46.93
C LYS K 183 -45.36 -33.05 45.80
N ALA K 184 -46.34 -32.19 46.09
CA ALA K 184 -47.00 -31.33 45.09
C ALA K 184 -46.04 -30.25 44.58
N LEU K 185 -45.23 -29.71 45.48
CA LEU K 185 -44.26 -28.62 45.16
C LEU K 185 -43.15 -29.20 44.29
N ASP K 186 -42.78 -30.46 44.54
CA ASP K 186 -41.74 -31.15 43.77
C ASP K 186 -42.21 -31.33 42.32
N TYR K 187 -43.37 -31.96 42.14
CA TYR K 187 -43.88 -32.43 40.82
C TYR K 187 -44.62 -31.32 40.09
N ARG K 188 -45.14 -30.35 40.84
CA ARG K 188 -45.85 -29.15 40.31
C ARG K 188 -46.77 -29.59 39.17
N PRO K 189 -47.77 -30.44 39.47
CA PRO K 189 -48.74 -30.86 38.46
C PRO K 189 -49.64 -29.73 38.01
N LYS K 190 -50.10 -29.81 36.77
CA LYS K 190 -51.02 -28.81 36.14
C LYS K 190 -52.40 -28.88 36.80
N ILE K 191 -52.79 -30.08 37.27
CA ILE K 191 -54.05 -30.33 38.00
C ILE K 191 -53.77 -31.15 39.25
N LEU K 192 -54.29 -30.68 40.38
CA LEU K 192 -54.27 -31.41 41.67
C LEU K 192 -55.68 -31.85 41.99
N ILE K 193 -55.84 -33.11 42.38
CA ILE K 193 -57.17 -33.75 42.57
C ILE K 193 -57.32 -34.25 44.00
N CYS K 194 -58.38 -33.80 44.67
CA CYS K 194 -58.79 -34.29 46.00
C CYS K 194 -60.07 -35.08 45.83
N GLY K 195 -60.57 -35.70 46.89
CA GLY K 195 -61.59 -36.74 46.79
C GLY K 195 -61.04 -37.92 46.01
N GLY K 196 -61.89 -38.68 45.32
CA GLY K 196 -61.50 -39.86 44.53
C GLY K 196 -61.83 -41.14 45.26
N SER K 197 -60.95 -41.59 46.15
CA SER K 197 -61.13 -42.86 46.91
C SER K 197 -62.28 -42.70 47.92
N SER K 198 -62.74 -43.82 48.46
CA SER K 198 -63.57 -43.91 49.68
C SER K 198 -62.68 -43.63 50.90
N TYR K 199 -62.78 -42.43 51.46
CA TYR K 199 -61.97 -41.91 52.58
C TYR K 199 -62.88 -41.57 53.75
N PRO K 200 -62.82 -42.28 54.89
CA PRO K 200 -63.85 -42.20 55.92
C PRO K 200 -63.86 -40.92 56.78
N ARG K 201 -63.06 -39.92 56.43
CA ARG K 201 -63.01 -38.68 57.23
C ARG K 201 -63.25 -37.49 56.30
N ASP K 202 -63.46 -36.32 56.89
CA ASP K 202 -63.69 -35.07 56.13
C ASP K 202 -62.39 -34.70 55.41
N TRP K 203 -62.47 -33.83 54.40
CA TRP K 203 -61.29 -33.28 53.68
C TRP K 203 -61.05 -31.85 54.17
N ASP K 204 -59.77 -31.44 54.27
CA ASP K 204 -59.40 -30.04 54.56
C ASP K 204 -59.18 -29.32 53.22
N PHE K 205 -60.27 -29.01 52.52
CA PHE K 205 -60.26 -28.48 51.14
C PHE K 205 -59.56 -27.11 51.14
N ALA K 206 -59.69 -26.38 52.23
CA ALA K 206 -59.03 -25.08 52.47
C ALA K 206 -57.52 -25.25 52.39
N ARG K 207 -57.02 -26.30 53.04
CA ARG K 207 -55.57 -26.62 53.07
C ARG K 207 -55.14 -26.91 51.63
N VAL K 208 -55.78 -27.89 51.01
CA VAL K 208 -55.41 -28.38 49.66
C VAL K 208 -55.33 -27.16 48.73
N ARG K 209 -56.29 -26.25 48.85
CA ARG K 209 -56.30 -25.02 48.04
C ARG K 209 -54.94 -24.34 48.19
N GLN K 210 -54.56 -24.00 49.43
CA GLN K 210 -53.27 -23.33 49.74
C GLN K 210 -52.19 -24.03 48.91
N ILE K 211 -52.19 -25.37 48.89
CA ILE K 211 -51.15 -26.22 48.23
C ILE K 211 -51.22 -26.04 46.73
N ALA K 212 -52.42 -26.13 46.18
CA ALA K 212 -52.67 -25.90 44.74
C ALA K 212 -52.07 -24.56 44.37
N ASP K 213 -52.47 -23.52 45.11
CA ASP K 213 -52.05 -22.12 44.88
C ASP K 213 -50.52 -22.07 44.81
N LYS K 214 -49.82 -22.69 45.77
CA LYS K 214 -48.32 -22.66 45.88
C LYS K 214 -47.69 -23.25 44.62
N CYS K 215 -48.10 -24.45 44.20
CA CYS K 215 -47.54 -25.19 43.02
C CYS K 215 -48.39 -24.88 41.78
N GLY K 216 -49.05 -23.72 41.75
CA GLY K 216 -49.74 -23.17 40.56
C GLY K 216 -50.50 -24.23 39.80
N ALA K 217 -51.25 -25.07 40.51
CA ALA K 217 -52.05 -26.17 39.93
C ALA K 217 -53.54 -25.83 40.04
N VAL K 218 -54.31 -26.24 39.04
CA VAL K 218 -55.80 -26.14 39.07
C VAL K 218 -56.29 -27.16 40.09
N LEU K 219 -57.16 -26.75 41.01
CA LEU K 219 -57.71 -27.64 42.05
C LEU K 219 -59.05 -28.23 41.57
N MET K 220 -59.08 -29.55 41.49
CA MET K 220 -60.25 -30.34 41.07
C MET K 220 -60.66 -31.24 42.23
N CYS K 221 -61.96 -31.37 42.49
CA CYS K 221 -62.48 -32.36 43.47
C CYS K 221 -63.38 -33.39 42.79
N ASP K 222 -63.04 -34.67 42.93
CA ASP K 222 -63.94 -35.80 42.58
C ASP K 222 -64.80 -36.10 43.80
N MET K 223 -66.08 -35.74 43.71
CA MET K 223 -67.01 -35.65 44.87
C MET K 223 -67.83 -36.94 44.91
N ALA K 224 -67.47 -37.94 44.11
CA ALA K 224 -68.30 -39.12 43.86
C ALA K 224 -68.88 -39.70 45.16
N HIS K 225 -68.05 -39.88 46.18
CA HIS K 225 -68.41 -40.65 47.40
C HIS K 225 -69.18 -39.76 48.38
N ILE K 226 -69.11 -38.45 48.19
CA ILE K 226 -69.57 -37.41 49.16
C ILE K 226 -70.66 -36.53 48.54
N SER K 227 -71.07 -36.80 47.30
CA SER K 227 -72.01 -35.95 46.53
C SER K 227 -73.22 -35.61 47.40
N GLY K 228 -73.75 -36.63 48.09
CA GLY K 228 -74.88 -36.50 49.02
C GLY K 228 -74.58 -35.55 50.17
N LEU K 229 -73.53 -35.83 50.93
CA LEU K 229 -73.16 -35.01 52.11
C LEU K 229 -73.00 -33.57 51.65
N VAL K 230 -72.23 -33.34 50.58
CA VAL K 230 -71.85 -31.97 50.13
C VAL K 230 -73.10 -31.11 49.91
N ALA K 231 -74.06 -31.60 49.13
CA ALA K 231 -75.28 -30.84 48.77
C ALA K 231 -76.03 -30.41 50.02
N THR K 232 -76.02 -31.27 51.05
CA THR K 232 -76.80 -31.10 52.30
C THR K 232 -75.94 -30.42 53.39
N LYS K 233 -74.73 -29.97 53.04
CA LYS K 233 -73.81 -29.21 53.95
C LYS K 233 -73.50 -30.06 55.18
N GLU K 234 -73.48 -31.39 55.03
CA GLU K 234 -73.22 -32.35 56.12
C GLU K 234 -71.75 -32.80 56.06
N CYS K 235 -70.93 -32.12 55.28
CA CYS K 235 -69.44 -32.26 55.26
C CYS K 235 -68.84 -31.06 54.55
N SER K 236 -67.50 -30.96 54.55
CA SER K 236 -66.70 -29.88 53.92
C SER K 236 -67.22 -29.59 52.51
N ASN K 237 -67.37 -28.32 52.16
CA ASN K 237 -67.86 -27.91 50.84
C ASN K 237 -66.68 -27.64 49.93
N PRO K 238 -66.38 -28.52 48.94
CA PRO K 238 -65.29 -28.25 48.00
C PRO K 238 -65.56 -27.07 47.06
N PHE K 239 -66.82 -26.71 46.85
CA PHE K 239 -67.21 -25.59 45.96
C PHE K 239 -66.77 -24.25 46.55
N ASP K 240 -66.34 -24.26 47.80
CA ASP K 240 -65.79 -23.05 48.44
C ASP K 240 -64.33 -22.84 47.94
N HIS K 241 -63.63 -23.89 47.50
CA HIS K 241 -62.14 -23.86 47.34
C HIS K 241 -61.67 -24.36 45.97
N CYS K 242 -62.41 -25.28 45.33
CA CYS K 242 -61.99 -25.94 44.06
C CYS K 242 -62.53 -25.17 42.86
N ASP K 243 -61.76 -25.13 41.77
CA ASP K 243 -62.12 -24.49 40.48
C ASP K 243 -63.01 -25.46 39.70
N ILE K 244 -62.83 -26.76 39.92
CA ILE K 244 -63.59 -27.82 39.21
C ILE K 244 -64.05 -28.90 40.20
N VAL K 245 -65.30 -29.34 40.04
CA VAL K 245 -65.87 -30.48 40.82
C VAL K 245 -66.60 -31.44 39.87
N THR K 246 -66.12 -32.69 39.84
CA THR K 246 -66.76 -33.77 39.08
C THR K 246 -67.51 -34.62 40.08
N SER K 247 -68.42 -35.44 39.59
CA SER K 247 -69.15 -36.39 40.45
C SER K 247 -69.83 -37.47 39.62
N THR K 248 -70.30 -38.46 40.35
CA THR K 248 -71.20 -39.53 39.94
C THR K 248 -72.62 -39.12 40.30
N THR K 249 -73.55 -39.33 39.37
CA THR K 249 -74.99 -38.94 39.49
C THR K 249 -75.80 -39.98 40.30
N HIS K 250 -75.20 -41.11 40.67
CA HIS K 250 -75.96 -42.33 41.00
C HIS K 250 -75.54 -42.98 42.33
N LYS K 251 -74.96 -42.24 43.29
CA LYS K 251 -74.39 -42.88 44.50
C LYS K 251 -75.06 -42.30 45.75
N GLY K 252 -74.58 -41.15 46.24
CA GLY K 252 -75.33 -40.30 47.19
C GLY K 252 -76.66 -39.87 46.60
N LEU K 253 -76.66 -39.38 45.36
CA LEU K 253 -77.78 -38.61 44.73
C LEU K 253 -78.92 -39.53 44.32
N ARG K 254 -78.69 -40.84 44.33
CA ARG K 254 -79.75 -41.82 44.01
C ARG K 254 -80.31 -41.52 42.62
N GLY K 255 -79.49 -40.90 41.78
CA GLY K 255 -79.89 -40.61 40.39
C GLY K 255 -79.50 -41.77 39.50
N PRO K 256 -79.52 -41.53 38.16
CA PRO K 256 -79.20 -42.55 37.17
C PRO K 256 -77.68 -42.65 37.03
N ARG K 257 -77.18 -43.75 36.50
CA ARG K 257 -75.72 -43.93 36.37
C ARG K 257 -75.20 -42.98 35.30
N GLY K 258 -74.23 -42.16 35.70
CA GLY K 258 -73.54 -41.20 34.83
C GLY K 258 -72.56 -40.37 35.64
N GLY K 259 -72.05 -39.31 35.02
CA GLY K 259 -71.15 -38.33 35.66
C GLY K 259 -71.57 -36.93 35.31
N ILE K 260 -70.86 -35.96 35.86
CA ILE K 260 -71.26 -34.54 35.79
C ILE K 260 -70.04 -33.68 36.17
N ILE K 261 -69.92 -32.52 35.55
CA ILE K 261 -68.75 -31.62 35.73
C ILE K 261 -69.27 -30.24 36.07
N PHE K 262 -68.88 -29.72 37.23
CA PHE K 262 -68.99 -28.30 37.62
C PHE K 262 -67.66 -27.59 37.39
N TYR K 263 -67.72 -26.36 36.87
CA TYR K 263 -66.55 -25.52 36.57
C TYR K 263 -66.92 -24.10 36.93
N ARG K 264 -65.91 -23.28 37.24
CA ARG K 264 -66.12 -21.84 37.51
C ARG K 264 -66.21 -21.05 36.20
N ARG K 265 -66.91 -19.91 36.28
CA ARG K 265 -67.32 -19.02 35.15
C ARG K 265 -67.08 -17.56 35.55
N GLY K 266 -66.81 -16.67 34.58
CA GLY K 266 -66.67 -15.22 34.79
C GLY K 266 -65.30 -14.84 35.38
N PRO K 267 -65.13 -13.59 35.85
CA PRO K 267 -63.84 -13.13 36.37
C PRO K 267 -63.32 -13.82 37.64
N LYS K 268 -62.00 -13.98 37.77
CA LYS K 268 -61.39 -14.79 38.87
C LYS K 268 -61.54 -14.08 40.22
N THR K 283 -57.85 -12.49 34.28
CA THR K 283 -58.96 -12.00 33.43
C THR K 283 -60.27 -12.70 33.82
N HIS K 284 -60.69 -13.69 33.03
CA HIS K 284 -61.88 -14.57 33.28
C HIS K 284 -61.40 -16.02 33.29
N TYR K 285 -62.22 -16.92 33.85
CA TYR K 285 -61.95 -18.38 33.87
C TYR K 285 -62.04 -18.91 32.44
N ASP K 286 -61.26 -19.94 32.13
CA ASP K 286 -61.05 -20.43 30.74
C ASP K 286 -61.55 -21.86 30.58
N LEU K 287 -62.52 -22.27 31.39
CA LEU K 287 -62.77 -23.70 31.68
C LEU K 287 -63.90 -24.20 30.80
N GLU K 288 -64.98 -23.42 30.77
CA GLU K 288 -66.29 -23.79 30.17
C GLU K 288 -66.05 -24.33 28.76
N GLU K 289 -65.53 -23.50 27.86
CA GLU K 289 -65.48 -23.84 26.41
C GLU K 289 -64.59 -25.05 26.23
N LYS K 290 -63.47 -25.12 26.95
CA LYS K 290 -62.48 -26.23 26.81
C LYS K 290 -63.11 -27.55 27.24
N ILE K 291 -63.79 -27.56 28.40
CA ILE K 291 -64.42 -28.77 29.01
C ILE K 291 -65.63 -29.20 28.18
N ASN K 292 -66.53 -28.27 27.89
CA ASN K 292 -67.71 -28.60 27.06
C ASN K 292 -67.21 -29.30 25.79
N PHE K 293 -66.20 -28.72 25.14
CA PHE K 293 -65.69 -29.21 23.84
C PHE K 293 -65.11 -30.62 24.02
N ALA K 294 -64.44 -30.84 25.16
CA ALA K 294 -63.74 -32.12 25.45
C ALA K 294 -64.76 -33.24 25.53
N VAL K 295 -65.85 -32.97 26.25
CA VAL K 295 -67.00 -33.90 26.36
C VAL K 295 -67.55 -34.16 24.96
N PHE K 296 -67.90 -33.11 24.23
CA PHE K 296 -68.40 -33.24 22.85
C PHE K 296 -67.94 -32.02 22.08
N PRO K 297 -67.28 -32.22 20.92
CA PRO K 297 -67.27 -33.51 20.25
C PRO K 297 -66.10 -34.46 20.52
N SER K 298 -65.17 -34.08 21.38
CA SER K 298 -63.88 -34.84 21.43
C SER K 298 -64.18 -36.29 21.82
N LEU K 299 -64.72 -36.49 23.02
CA LEU K 299 -64.67 -37.81 23.71
C LEU K 299 -65.97 -38.60 23.52
N GLN K 300 -67.13 -37.96 23.56
CA GLN K 300 -68.47 -38.62 23.49
C GLN K 300 -69.17 -38.30 22.19
N GLY K 301 -70.41 -38.76 22.14
CA GLY K 301 -71.26 -38.36 21.03
C GLY K 301 -72.48 -37.72 21.66
N GLY K 302 -73.65 -38.16 21.28
CA GLY K 302 -74.91 -37.65 21.85
C GLY K 302 -74.99 -38.02 23.32
N PRO K 303 -75.68 -37.21 24.14
CA PRO K 303 -75.95 -37.57 25.51
C PRO K 303 -77.16 -38.52 25.53
N HIS K 304 -77.25 -39.26 26.63
CA HIS K 304 -78.45 -40.04 27.05
C HIS K 304 -79.51 -39.07 27.64
N ASN K 305 -80.41 -38.60 26.78
CA ASN K 305 -81.48 -37.64 27.14
C ASN K 305 -82.36 -38.21 28.26
N ASN K 306 -82.55 -39.54 28.22
CA ASN K 306 -83.34 -40.26 29.22
C ASN K 306 -82.64 -40.13 30.57
N HIS K 307 -81.32 -40.35 30.62
CA HIS K 307 -80.50 -40.22 31.86
C HIS K 307 -80.61 -38.77 32.33
N ILE K 308 -80.63 -37.81 31.42
CA ILE K 308 -80.60 -36.38 31.85
C ILE K 308 -81.90 -36.03 32.58
N ALA K 309 -83.05 -36.34 31.97
CA ALA K 309 -84.37 -36.22 32.62
C ALA K 309 -84.32 -36.90 33.99
N ALA K 310 -83.91 -38.16 34.03
CA ALA K 310 -83.83 -38.90 35.30
C ALA K 310 -83.03 -38.09 36.31
N LEU K 311 -81.92 -37.51 35.86
CA LEU K 311 -81.00 -36.77 36.76
C LEU K 311 -81.74 -35.56 37.30
N ALA K 312 -82.39 -34.79 36.43
CA ALA K 312 -83.13 -33.58 36.81
C ALA K 312 -84.06 -33.94 37.96
N ILE K 313 -84.80 -35.03 37.82
CA ILE K 313 -85.75 -35.49 38.86
C ILE K 313 -84.96 -35.68 40.16
N ALA K 314 -83.87 -36.44 40.10
CA ALA K 314 -83.07 -36.83 41.28
C ALA K 314 -82.57 -35.57 41.98
N LEU K 315 -82.25 -34.53 41.21
CA LEU K 315 -81.63 -33.28 41.74
C LEU K 315 -82.70 -32.37 42.36
N LYS K 316 -83.90 -32.39 41.81
CA LYS K 316 -85.05 -31.70 42.43
C LYS K 316 -85.26 -32.26 43.83
N GLN K 317 -85.03 -33.57 44.00
CA GLN K 317 -85.28 -34.31 45.25
C GLN K 317 -84.11 -34.16 46.21
N VAL K 318 -82.94 -33.80 45.72
CA VAL K 318 -81.79 -33.53 46.62
C VAL K 318 -82.07 -32.24 47.42
N ALA K 319 -82.68 -31.23 46.77
CA ALA K 319 -82.86 -29.86 47.32
C ALA K 319 -83.98 -29.81 48.35
N THR K 320 -84.39 -30.95 48.92
CA THR K 320 -85.55 -30.99 49.85
C THR K 320 -85.08 -31.29 51.27
N PRO K 321 -85.85 -30.88 52.30
CA PRO K 321 -85.56 -31.24 53.67
C PRO K 321 -85.53 -32.77 53.86
N GLU K 322 -86.46 -33.47 53.20
CA GLU K 322 -86.59 -34.94 53.26
C GLU K 322 -85.21 -35.55 53.00
N TYR K 323 -84.56 -35.08 51.93
CA TYR K 323 -83.23 -35.57 51.53
C TYR K 323 -82.29 -35.26 52.69
N LYS K 324 -82.26 -34.01 53.16
CA LYS K 324 -81.33 -33.60 54.25
C LYS K 324 -81.47 -34.64 55.37
N ALA K 325 -82.70 -34.85 55.83
CA ALA K 325 -83.01 -35.83 56.89
C ALA K 325 -82.44 -37.20 56.49
N TYR K 326 -82.60 -37.61 55.22
CA TYR K 326 -82.06 -38.90 54.72
C TYR K 326 -80.58 -38.98 55.09
N ILE K 327 -79.79 -37.97 54.69
CA ILE K 327 -78.31 -37.92 54.87
C ILE K 327 -78.02 -37.91 56.37
N GLN K 328 -78.75 -37.12 57.12
CA GLN K 328 -78.54 -37.06 58.58
C GLN K 328 -78.63 -38.47 59.12
N GLN K 329 -79.71 -39.19 58.80
CA GLN K 329 -79.98 -40.55 59.30
C GLN K 329 -78.85 -41.49 58.86
N MET K 330 -78.44 -41.36 57.61
CA MET K 330 -77.34 -42.13 56.96
C MET K 330 -76.07 -42.04 57.80
N LYS K 331 -75.78 -40.85 58.35
CA LYS K 331 -74.57 -40.57 59.18
C LYS K 331 -74.76 -41.13 60.60
N LYS K 332 -75.92 -40.89 61.21
CA LYS K 332 -76.27 -41.46 62.53
C LYS K 332 -76.14 -42.97 62.43
N ASN K 333 -76.65 -43.56 61.34
CA ASN K 333 -76.60 -45.02 61.09
C ASN K 333 -75.14 -45.48 61.02
N ALA K 334 -74.25 -44.66 60.47
CA ALA K 334 -72.81 -45.00 60.38
C ALA K 334 -72.19 -45.03 61.78
N GLN K 335 -72.46 -44.01 62.60
CA GLN K 335 -71.90 -43.91 63.97
C GLN K 335 -72.39 -45.09 64.81
N ALA K 336 -73.67 -45.42 64.67
CA ALA K 336 -74.35 -46.58 65.31
C ALA K 336 -73.62 -47.89 64.95
N LEU K 337 -73.27 -48.07 63.68
CA LEU K 337 -72.60 -49.29 63.16
C LEU K 337 -71.17 -49.31 63.71
N ALA K 338 -70.46 -48.19 63.56
CA ALA K 338 -69.06 -48.03 64.04
C ALA K 338 -69.01 -48.40 65.52
N ALA K 339 -69.81 -47.70 66.33
CA ALA K 339 -69.90 -47.89 67.79
C ALA K 339 -70.09 -49.37 68.11
N ALA K 340 -70.98 -50.05 67.37
CA ALA K 340 -71.35 -51.47 67.57
C ALA K 340 -70.15 -52.40 67.29
N LEU K 341 -69.33 -52.09 66.29
CA LEU K 341 -68.20 -52.96 65.89
C LEU K 341 -67.02 -52.74 66.82
N LEU K 342 -66.72 -51.50 67.19
CA LEU K 342 -65.61 -51.18 68.13
C LEU K 342 -65.92 -51.80 69.50
N ARG K 343 -67.19 -51.78 69.95
CA ARG K 343 -67.67 -52.43 71.20
C ARG K 343 -67.42 -53.95 71.14
N ARG K 344 -67.36 -54.57 69.95
CA ARG K 344 -67.07 -56.02 69.81
C ARG K 344 -65.62 -56.24 69.36
N LYS K 345 -64.74 -55.29 69.70
CA LYS K 345 -63.26 -55.39 69.62
C LYS K 345 -62.78 -55.38 68.16
N CYS K 346 -63.58 -54.85 67.23
CA CYS K 346 -63.17 -54.71 65.80
C CYS K 346 -62.21 -53.54 65.64
N ARG K 347 -61.41 -53.58 64.59
CA ARG K 347 -60.45 -52.52 64.22
C ARG K 347 -60.91 -51.79 62.95
N LEU K 348 -61.23 -50.51 63.10
CA LEU K 348 -61.66 -49.59 62.03
C LEU K 348 -60.54 -48.63 61.71
N VAL K 349 -60.26 -48.42 60.41
CA VAL K 349 -59.23 -47.45 59.94
C VAL K 349 -59.65 -46.05 60.41
N THR K 350 -58.74 -45.37 61.11
CA THR K 350 -58.93 -44.07 61.83
C THR K 350 -59.81 -44.22 63.06
N GLY K 351 -60.29 -45.44 63.34
CA GLY K 351 -61.08 -45.74 64.55
C GLY K 351 -62.51 -45.26 64.45
N GLY K 352 -62.99 -45.01 63.23
CA GLY K 352 -64.36 -44.51 63.00
C GLY K 352 -64.52 -43.84 61.65
N THR K 353 -65.43 -42.84 61.60
CA THR K 353 -65.82 -42.10 60.37
C THR K 353 -66.50 -40.77 60.73
N ASP K 354 -66.33 -39.79 59.84
CA ASP K 354 -67.04 -38.48 59.84
C ASP K 354 -68.27 -38.58 58.94
N ASN K 355 -68.36 -39.65 58.15
CA ASN K 355 -69.31 -39.74 57.02
C ASN K 355 -70.05 -41.08 57.12
N HIS K 356 -70.26 -41.74 55.96
CA HIS K 356 -71.26 -42.81 55.72
C HIS K 356 -70.56 -44.14 55.54
N LEU K 357 -69.21 -44.10 55.56
CA LEU K 357 -68.31 -45.21 55.13
C LEU K 357 -67.39 -45.67 56.28
N LEU K 358 -67.01 -46.95 56.26
CA LEU K 358 -66.24 -47.65 57.32
C LEU K 358 -65.28 -48.62 56.68
N LEU K 359 -63.99 -48.48 56.98
CA LEU K 359 -62.95 -49.48 56.63
C LEU K 359 -62.62 -50.31 57.86
N TRP K 360 -62.82 -51.61 57.72
CA TRP K 360 -62.72 -52.63 58.79
C TRP K 360 -61.51 -53.51 58.51
N ASP K 361 -60.53 -53.48 59.41
CA ASP K 361 -59.33 -54.35 59.34
C ASP K 361 -59.70 -55.68 60.00
N LEU K 362 -59.63 -56.77 59.22
CA LEU K 362 -59.99 -58.13 59.66
C LEU K 362 -58.74 -58.92 60.05
N THR K 363 -57.53 -58.41 59.78
CA THR K 363 -56.27 -59.17 59.99
C THR K 363 -56.10 -59.51 61.48
N PRO K 364 -56.56 -58.70 62.45
CA PRO K 364 -56.57 -59.12 63.86
C PRO K 364 -57.41 -60.38 64.15
N MET K 365 -58.40 -60.69 63.30
CA MET K 365 -59.23 -61.92 63.41
C MET K 365 -58.65 -63.00 62.48
N GLY K 366 -57.51 -62.71 61.85
CA GLY K 366 -56.77 -63.65 60.99
C GLY K 366 -57.54 -63.97 59.72
N LEU K 367 -58.22 -62.98 59.14
CA LEU K 367 -59.05 -63.14 57.91
C LEU K 367 -58.54 -62.19 56.81
N THR K 368 -58.68 -62.60 55.55
CA THR K 368 -58.53 -61.73 54.35
C THR K 368 -59.91 -61.23 53.94
N GLY K 369 -59.98 -60.02 53.37
CA GLY K 369 -61.21 -59.52 52.75
C GLY K 369 -61.74 -60.52 51.73
N LYS K 370 -60.84 -61.03 50.87
CA LYS K 370 -61.18 -61.81 49.66
C LYS K 370 -62.16 -62.94 49.99
N VAL K 371 -61.99 -63.55 51.15
CA VAL K 371 -62.78 -64.75 51.57
C VAL K 371 -64.03 -64.28 52.33
N TYR K 372 -63.88 -63.36 53.29
CA TYR K 372 -65.02 -62.84 54.09
C TYR K 372 -66.14 -62.40 53.15
N GLU K 373 -65.78 -61.65 52.10
CA GLU K 373 -66.75 -61.04 51.14
C GLU K 373 -67.55 -62.15 50.44
N LYS K 374 -66.87 -63.27 50.16
CA LYS K 374 -67.44 -64.42 49.42
C LYS K 374 -68.37 -65.21 50.34
N VAL K 375 -68.13 -65.17 51.64
CA VAL K 375 -69.00 -65.81 52.66
C VAL K 375 -70.23 -64.92 52.86
N CYS K 376 -70.00 -63.62 53.03
CA CYS K 376 -71.09 -62.62 53.21
C CYS K 376 -72.05 -62.72 52.02
N GLU K 377 -71.51 -62.87 50.81
CA GLU K 377 -72.29 -63.12 49.57
C GLU K 377 -73.27 -64.27 49.81
N MET K 378 -72.78 -65.42 50.30
CA MET K 378 -73.58 -66.66 50.49
C MET K 378 -74.69 -66.42 51.50
N CYS K 379 -74.51 -65.43 52.38
CA CYS K 379 -75.50 -65.07 53.41
C CYS K 379 -76.28 -63.82 53.00
N HIS K 380 -76.40 -63.56 51.70
CA HIS K 380 -77.18 -62.45 51.11
C HIS K 380 -76.72 -61.10 51.69
N ILE K 381 -75.44 -60.98 52.04
CA ILE K 381 -74.84 -59.69 52.52
C ILE K 381 -73.77 -59.28 51.51
N THR K 382 -74.00 -58.17 50.82
CA THR K 382 -73.05 -57.68 49.79
C THR K 382 -72.24 -56.54 50.37
N LEU K 383 -70.93 -56.75 50.39
CA LEU K 383 -69.91 -55.73 50.68
C LEU K 383 -68.73 -56.02 49.75
N ASN K 384 -67.59 -55.38 49.96
CA ASN K 384 -66.41 -55.60 49.08
C ASN K 384 -65.14 -55.41 49.90
N LYS K 385 -64.17 -56.31 49.68
CA LYS K 385 -62.78 -56.21 50.19
C LYS K 385 -62.18 -54.89 49.72
N THR K 386 -61.27 -54.30 50.50
CA THR K 386 -60.42 -53.18 50.02
C THR K 386 -59.00 -53.32 50.56
N ALA K 387 -58.05 -52.79 49.79
CA ALA K 387 -56.64 -52.61 50.17
C ALA K 387 -56.58 -51.72 51.42
N ILE K 388 -55.69 -52.05 52.40
CA ILE K 388 -55.38 -51.21 53.61
C ILE K 388 -53.88 -51.26 53.99
N ILE K 395 -49.17 -54.25 51.49
CA ILE K 395 -49.88 -55.11 50.47
C ILE K 395 -50.91 -55.98 51.21
N SER K 396 -51.44 -55.53 52.35
CA SER K 396 -52.23 -56.41 53.26
C SER K 396 -53.67 -56.50 52.78
N PRO K 397 -54.23 -57.73 52.68
CA PRO K 397 -55.43 -57.97 51.89
C PRO K 397 -56.72 -57.91 52.72
N GLY K 398 -56.63 -57.41 53.96
CA GLY K 398 -57.52 -57.76 55.08
C GLY K 398 -58.46 -56.64 55.45
N GLY K 399 -58.73 -55.72 54.51
CA GLY K 399 -59.73 -54.65 54.68
C GLY K 399 -61.04 -54.99 53.95
N VAL K 400 -62.18 -54.54 54.51
CA VAL K 400 -63.50 -54.50 53.80
C VAL K 400 -64.13 -53.13 53.97
N ARG K 401 -64.95 -52.74 52.98
CA ARG K 401 -65.57 -51.40 52.91
C ARG K 401 -67.09 -51.57 52.97
N ILE K 402 -67.68 -50.82 53.87
CA ILE K 402 -69.10 -50.90 54.31
C ILE K 402 -69.69 -49.48 54.32
N GLY K 403 -70.90 -49.30 53.82
CA GLY K 403 -71.60 -48.01 53.87
C GLY K 403 -73.10 -48.13 54.11
N THR K 404 -73.67 -47.08 54.70
CA THR K 404 -75.08 -47.05 55.18
C THR K 404 -76.07 -46.77 54.03
N PRO K 405 -75.72 -45.97 53.00
CA PRO K 405 -76.73 -45.29 52.17
C PRO K 405 -77.89 -46.21 51.80
N ALA K 406 -77.56 -47.40 51.31
CA ALA K 406 -78.50 -48.33 50.62
C ALA K 406 -79.60 -48.71 51.60
N MET K 407 -79.22 -49.27 52.76
CA MET K 407 -80.21 -49.74 53.75
C MET K 407 -80.85 -48.53 54.42
N THR K 408 -80.11 -47.42 54.57
CA THR K 408 -80.72 -46.16 55.08
C THR K 408 -81.92 -45.86 54.20
N THR K 409 -81.76 -45.91 52.87
CA THR K 409 -82.80 -45.62 51.84
C THR K 409 -84.04 -46.49 52.06
N ARG K 410 -83.84 -47.75 52.43
CA ARG K 410 -84.93 -48.76 52.67
C ARG K 410 -85.61 -48.51 54.04
N GLY K 411 -85.15 -47.55 54.84
CA GLY K 411 -85.81 -47.13 56.09
C GLY K 411 -85.21 -47.80 57.31
N CYS K 412 -83.98 -48.29 57.20
CA CYS K 412 -83.21 -48.79 58.36
C CYS K 412 -82.77 -47.60 59.21
N ILE K 413 -82.81 -47.80 60.53
CA ILE K 413 -82.53 -46.82 61.62
C ILE K 413 -81.32 -47.32 62.41
N GLU K 414 -80.92 -46.63 63.48
CA GLU K 414 -79.68 -46.94 64.25
C GLU K 414 -79.75 -48.41 64.71
N SER K 415 -80.80 -48.80 65.45
CA SER K 415 -80.94 -50.14 66.07
C SER K 415 -80.87 -51.25 65.01
N ASP K 416 -81.34 -50.98 63.79
CA ASP K 416 -81.27 -51.97 62.68
C ASP K 416 -79.80 -52.28 62.41
N PHE K 417 -78.97 -51.24 62.26
CA PHE K 417 -77.53 -51.40 61.97
C PHE K 417 -76.84 -52.19 63.09
N GLU K 418 -77.30 -52.03 64.34
CA GLU K 418 -76.76 -52.80 65.48
C GLU K 418 -77.01 -54.27 65.19
N THR K 419 -78.21 -54.59 64.67
CA THR K 419 -78.59 -55.96 64.29
C THR K 419 -77.62 -56.43 63.21
N MET K 420 -77.44 -55.62 62.19
CA MET K 420 -76.58 -55.97 61.03
C MET K 420 -75.16 -56.24 61.52
N ALA K 421 -74.66 -55.45 62.47
CA ALA K 421 -73.34 -55.65 63.10
C ALA K 421 -73.24 -57.10 63.56
N ASP K 422 -74.23 -57.56 64.33
CA ASP K 422 -74.30 -58.95 64.87
C ASP K 422 -74.08 -59.92 63.71
N PHE K 423 -74.79 -59.73 62.59
CA PHE K 423 -74.71 -60.61 61.39
C PHE K 423 -73.25 -60.61 60.92
N LEU K 424 -72.67 -59.43 60.78
CA LEU K 424 -71.29 -59.27 60.26
C LEU K 424 -70.33 -60.11 61.10
N ILE K 425 -70.51 -60.11 62.42
CA ILE K 425 -69.60 -60.86 63.35
C ILE K 425 -69.84 -62.35 63.18
N LYS K 426 -71.11 -62.79 63.19
CA LYS K 426 -71.43 -64.23 63.03
C LYS K 426 -70.74 -64.72 61.76
N ALA K 427 -70.89 -63.98 60.66
CA ALA K 427 -70.23 -64.27 59.37
C ALA K 427 -68.73 -64.53 59.61
N ALA K 428 -68.07 -63.59 60.28
CA ALA K 428 -66.62 -63.66 60.59
C ALA K 428 -66.34 -64.96 61.37
N GLN K 429 -67.06 -65.17 62.47
CA GLN K 429 -66.88 -66.37 63.32
C GLN K 429 -66.94 -67.61 62.43
N ILE K 430 -67.87 -67.62 61.47
CA ILE K 430 -68.09 -68.77 60.55
C ILE K 430 -66.86 -68.91 59.66
N THR K 431 -66.35 -67.78 59.17
CA THR K 431 -65.22 -67.77 58.21
C THR K 431 -63.98 -68.37 58.88
N SER K 432 -63.64 -67.92 60.10
CA SER K 432 -62.49 -68.48 60.87
C SER K 432 -62.69 -69.99 60.96
N ALA K 433 -63.83 -70.40 61.50
CA ALA K 433 -64.23 -71.81 61.73
C ALA K 433 -63.96 -72.65 60.47
N LEU K 434 -64.34 -72.15 59.29
CA LEU K 434 -64.32 -72.92 58.02
C LEU K 434 -62.91 -73.01 57.46
N GLN K 435 -62.14 -71.92 57.57
CA GLN K 435 -60.71 -71.90 57.20
C GLN K 435 -59.95 -72.92 58.05
N ARG K 436 -60.29 -73.01 59.33
CA ARG K 436 -59.68 -73.94 60.32
C ARG K 436 -59.93 -75.42 59.92
N GLU K 437 -61.17 -75.91 59.82
CA GLU K 437 -61.39 -77.38 59.60
C GLU K 437 -61.25 -77.79 58.12
N HIS K 438 -61.58 -76.95 57.12
CA HIS K 438 -61.51 -77.30 55.67
C HIS K 438 -60.53 -76.40 54.91
N GLY K 439 -59.26 -76.34 55.33
CA GLY K 439 -58.22 -75.50 54.71
C GLY K 439 -57.55 -76.15 53.50
N LYS K 440 -57.56 -77.49 53.42
CA LYS K 440 -56.62 -78.28 52.56
C LYS K 440 -56.88 -78.07 51.06
N SER K 441 -58.10 -77.82 50.60
CA SER K 441 -58.37 -77.59 49.16
C SER K 441 -59.35 -76.41 48.94
N HIS K 442 -59.12 -75.64 47.87
CA HIS K 442 -59.98 -74.52 47.41
C HIS K 442 -61.30 -75.06 46.85
N LYS K 443 -61.25 -76.23 46.18
CA LYS K 443 -62.42 -76.93 45.56
C LYS K 443 -63.31 -77.55 46.66
N GLU K 444 -62.72 -78.21 47.65
CA GLU K 444 -63.44 -78.84 48.80
C GLU K 444 -63.98 -77.75 49.75
N PHE K 445 -63.42 -76.54 49.65
CA PHE K 445 -63.83 -75.35 50.44
C PHE K 445 -65.12 -74.76 49.84
N VAL K 446 -65.10 -74.45 48.54
CA VAL K 446 -66.22 -73.84 47.75
C VAL K 446 -67.46 -74.77 47.74
N LYS K 447 -67.27 -76.08 47.95
CA LYS K 447 -68.37 -77.07 48.10
C LYS K 447 -69.00 -76.90 49.49
N SER K 448 -68.17 -76.89 50.54
CA SER K 448 -68.55 -76.74 51.98
C SER K 448 -69.34 -75.44 52.15
N LEU K 449 -68.86 -74.38 51.54
CA LEU K 449 -69.54 -73.06 51.41
C LEU K 449 -71.01 -73.30 51.03
N CYS K 450 -71.26 -73.90 49.84
CA CYS K 450 -72.61 -74.09 49.23
C CYS K 450 -73.53 -74.96 50.09
N THR K 451 -72.95 -75.79 50.96
CA THR K 451 -73.67 -76.86 51.68
C THR K 451 -73.29 -76.83 53.17
N ASN K 452 -73.17 -75.64 53.76
CA ASN K 452 -72.87 -75.49 55.22
C ASN K 452 -74.15 -75.09 55.96
N LYS K 453 -74.34 -75.60 57.18
CA LYS K 453 -75.59 -75.37 57.99
C LYS K 453 -75.56 -73.96 58.61
N ASP K 454 -74.43 -73.54 59.19
CA ASP K 454 -74.30 -72.23 59.87
C ASP K 454 -74.58 -71.08 58.90
N ILE K 455 -74.14 -71.20 57.63
CA ILE K 455 -74.35 -70.20 56.55
C ILE K 455 -75.85 -70.13 56.24
N ALA K 456 -76.48 -71.29 55.99
CA ALA K 456 -77.91 -71.44 55.67
C ALA K 456 -78.76 -70.86 56.81
N GLU K 457 -78.31 -71.02 58.06
CA GLU K 457 -79.02 -70.51 59.27
C GLU K 457 -78.93 -68.99 59.31
N LEU K 458 -77.76 -68.43 59.00
CA LEU K 458 -77.54 -66.96 58.98
C LEU K 458 -78.25 -66.38 57.75
N ARG K 459 -78.15 -67.04 56.60
CA ARG K 459 -78.81 -66.56 55.34
C ARG K 459 -80.30 -66.35 55.63
N ASN K 460 -80.93 -67.32 56.29
CA ASN K 460 -82.38 -67.26 56.63
C ASN K 460 -82.62 -66.07 57.56
N ARG K 461 -81.75 -65.86 58.57
CA ARG K 461 -81.90 -64.75 59.54
C ARG K 461 -81.84 -63.42 58.78
N VAL K 462 -80.94 -63.30 57.82
CA VAL K 462 -80.76 -62.07 57.00
C VAL K 462 -82.02 -61.85 56.14
N GLU K 463 -82.44 -62.88 55.40
CA GLU K 463 -83.58 -62.78 54.46
C GLU K 463 -84.80 -62.31 55.23
N ALA K 464 -85.08 -62.97 56.37
CA ALA K 464 -86.16 -62.61 57.31
C ALA K 464 -86.02 -61.14 57.70
N PHE K 465 -84.79 -60.71 58.03
CA PHE K 465 -84.47 -59.32 58.44
C PHE K 465 -84.84 -58.39 57.29
N ALA K 466 -84.30 -58.69 56.10
CA ALA K 466 -84.35 -57.84 54.89
C ALA K 466 -85.81 -57.53 54.53
N LEU K 467 -86.69 -58.55 54.61
CA LEU K 467 -88.10 -58.48 54.15
C LEU K 467 -88.87 -57.46 54.98
N GLN K 468 -88.34 -57.12 56.17
CA GLN K 468 -88.95 -56.12 57.08
C GLN K 468 -88.86 -54.72 56.47
N TYR K 469 -88.03 -54.51 55.45
CA TYR K 469 -87.79 -53.14 54.94
C TYR K 469 -88.30 -53.01 53.52
N GLU K 470 -88.89 -51.85 53.23
CA GLU K 470 -89.46 -51.51 51.92
C GLU K 470 -88.34 -51.56 50.89
N MET K 471 -88.71 -51.68 49.61
CA MET K 471 -87.76 -51.66 48.46
C MET K 471 -88.33 -50.76 47.37
N PRO K 472 -87.81 -49.52 47.23
CA PRO K 472 -88.40 -48.55 46.33
C PRO K 472 -88.83 -49.14 44.98
N ALA K 473 -89.99 -48.74 44.49
CA ALA K 473 -90.52 -49.08 43.16
C ALA K 473 -90.73 -50.59 43.07
N SER K 474 -91.86 -51.08 43.57
CA SER K 474 -92.27 -52.50 43.41
C SER K 474 -93.71 -52.62 42.86
N LEU L 4 -94.16 -44.85 65.23
CA LEU L 4 -94.53 -46.25 64.82
C LEU L 4 -93.59 -46.71 63.69
N GLU L 5 -93.89 -47.87 63.08
CA GLU L 5 -93.16 -48.38 61.89
C GLU L 5 -93.86 -47.93 60.61
N SER L 6 -94.80 -46.98 60.72
CA SER L 6 -95.43 -46.31 59.55
C SER L 6 -94.35 -45.74 58.65
N ARG L 7 -93.13 -45.57 59.18
CA ARG L 7 -91.98 -45.04 58.39
C ARG L 7 -91.74 -45.95 57.18
N ARG L 8 -92.10 -47.23 57.25
CA ARG L 8 -92.13 -48.13 56.06
C ARG L 8 -93.04 -47.57 54.95
N ALA L 9 -94.16 -46.93 55.29
CA ALA L 9 -95.12 -46.34 54.32
C ALA L 9 -94.58 -45.02 53.76
N ALA L 10 -93.81 -44.26 54.55
CA ALA L 10 -93.16 -42.98 54.15
C ALA L 10 -92.13 -43.26 53.05
N VAL L 11 -91.46 -44.40 53.11
CA VAL L 11 -90.49 -44.86 52.07
C VAL L 11 -91.28 -45.20 50.81
N ARG L 12 -92.28 -46.06 50.94
CA ARG L 12 -93.15 -46.51 49.82
C ARG L 12 -93.73 -45.26 49.15
N ALA L 13 -94.17 -44.28 49.95
CA ALA L 13 -94.85 -43.04 49.51
C ALA L 13 -93.96 -42.24 48.57
N TRP L 14 -92.66 -42.21 48.87
CA TRP L 14 -91.62 -41.53 48.07
C TRP L 14 -91.23 -42.40 46.85
N GLY L 15 -90.92 -43.68 47.13
CA GLY L 15 -90.28 -44.62 46.20
C GLY L 15 -91.16 -45.02 45.04
N ASP L 16 -92.49 -45.00 45.23
CA ASP L 16 -93.50 -45.53 44.27
C ASP L 16 -94.32 -44.41 43.67
N GLN L 17 -93.93 -43.15 43.94
CA GLN L 17 -94.61 -41.93 43.44
C GLN L 17 -94.38 -41.82 41.93
N PRO L 18 -95.46 -41.84 41.11
CA PRO L 18 -95.32 -41.74 39.67
C PRO L 18 -94.78 -40.38 39.23
N ILE L 19 -94.12 -40.38 38.08
CA ILE L 19 -93.32 -39.25 37.52
C ILE L 19 -94.23 -38.02 37.37
N HIS L 20 -95.48 -38.24 37.00
CA HIS L 20 -96.41 -37.14 36.68
C HIS L 20 -96.71 -36.38 37.98
N LEU L 21 -96.60 -37.04 39.15
CA LEU L 21 -96.81 -36.42 40.50
C LEU L 21 -95.46 -35.92 41.03
N ALA L 22 -94.41 -36.74 40.92
CA ALA L 22 -93.08 -36.54 41.55
C ALA L 22 -92.36 -35.35 40.91
N ASP L 23 -92.67 -35.03 39.66
CA ASP L 23 -92.07 -33.86 38.98
C ASP L 23 -92.93 -33.46 37.79
N PRO L 24 -93.99 -32.68 38.01
CA PRO L 24 -94.87 -32.29 36.92
C PRO L 24 -94.06 -31.56 35.82
N ASP L 25 -93.11 -30.69 36.17
CA ASP L 25 -92.43 -29.80 35.18
C ASP L 25 -91.74 -30.66 34.10
N ILE L 26 -91.04 -31.70 34.54
CA ILE L 26 -90.30 -32.66 33.67
C ILE L 26 -91.33 -33.46 32.87
N HIS L 27 -92.27 -34.06 33.57
CA HIS L 27 -93.31 -34.90 32.96
C HIS L 27 -93.99 -34.16 31.81
N GLU L 28 -94.19 -32.84 31.93
CA GLU L 28 -94.86 -32.01 30.90
C GLU L 28 -93.97 -31.96 29.66
N LEU L 29 -92.69 -31.68 29.89
CA LEU L 29 -91.66 -31.67 28.82
C LEU L 29 -91.54 -33.05 28.17
N MET L 30 -91.61 -34.11 28.95
CA MET L 30 -91.51 -35.47 28.37
C MET L 30 -92.72 -35.65 27.46
N GLU L 31 -93.88 -35.20 27.91
CA GLU L 31 -95.13 -35.35 27.14
C GLU L 31 -95.00 -34.50 25.88
N LYS L 32 -94.50 -33.28 25.99
CA LYS L 32 -94.41 -32.42 24.79
C LYS L 32 -93.52 -33.07 23.73
N GLU L 33 -92.49 -33.78 24.18
CA GLU L 33 -91.50 -34.41 23.27
C GLU L 33 -92.16 -35.63 22.66
N LYS L 34 -92.84 -36.46 23.46
CA LYS L 34 -93.58 -37.64 22.93
C LYS L 34 -94.53 -37.17 21.83
N GLN L 35 -95.20 -36.03 22.02
CA GLN L 35 -96.12 -35.50 21.00
C GLN L 35 -95.29 -35.11 19.78
N ARG L 36 -94.23 -34.33 19.97
CA ARG L 36 -93.40 -33.85 18.84
C ARG L 36 -92.99 -35.04 17.96
N GLN L 37 -92.72 -36.17 18.62
CA GLN L 37 -92.20 -37.40 17.95
C GLN L 37 -93.30 -37.96 17.07
N VAL L 38 -94.54 -37.91 17.50
CA VAL L 38 -95.60 -38.58 16.69
C VAL L 38 -96.12 -37.65 15.61
N ARG L 39 -96.12 -36.34 15.83
CA ARG L 39 -96.75 -35.36 14.91
C ARG L 39 -95.77 -34.84 13.87
N GLY L 40 -94.65 -35.55 13.74
CA GLY L 40 -93.55 -35.16 12.85
C GLY L 40 -93.05 -36.32 12.03
N ILE L 41 -92.37 -36.00 10.95
CA ILE L 41 -91.64 -36.96 10.10
C ILE L 41 -90.18 -36.97 10.56
N GLU L 42 -89.61 -38.14 10.68
CA GLU L 42 -88.22 -38.34 11.14
C GLU L 42 -87.47 -38.95 9.97
N LEU L 43 -86.60 -38.15 9.38
CA LEU L 43 -85.83 -38.57 8.19
C LEU L 43 -84.35 -38.58 8.51
N ILE L 44 -83.98 -38.33 9.75
CA ILE L 44 -82.58 -38.46 10.22
C ILE L 44 -82.19 -39.94 10.16
N ALA L 45 -81.12 -40.28 9.42
CA ALA L 45 -80.81 -41.68 9.05
C ALA L 45 -80.22 -42.46 10.24
N SER L 46 -79.72 -41.73 11.23
CA SER L 46 -79.37 -42.30 12.57
C SER L 46 -80.63 -42.88 13.21
N GLU L 47 -81.58 -41.99 13.52
CA GLU L 47 -82.77 -42.15 14.39
C GLU L 47 -83.62 -43.35 14.01
N ASN L 48 -84.29 -43.82 15.04
CA ASN L 48 -85.28 -44.92 15.02
C ASN L 48 -86.07 -44.84 16.34
N PHE L 49 -87.12 -45.66 16.48
CA PHE L 49 -88.03 -45.66 17.64
C PHE L 49 -88.01 -47.04 18.27
N VAL L 50 -87.78 -47.13 19.56
CA VAL L 50 -87.65 -48.45 20.22
C VAL L 50 -89.02 -48.91 20.70
N CYS L 51 -89.14 -50.22 20.86
CA CYS L 51 -90.34 -50.95 21.38
C CYS L 51 -90.46 -50.78 22.89
N ARG L 52 -91.58 -51.16 23.44
CA ARG L 52 -91.86 -50.93 24.86
C ARG L 52 -90.92 -51.78 25.68
N ALA L 53 -90.79 -53.05 25.33
CA ALA L 53 -89.99 -54.02 26.12
C ALA L 53 -88.60 -53.44 26.39
N VAL L 54 -88.05 -52.71 25.41
CA VAL L 54 -86.70 -52.09 25.55
C VAL L 54 -86.75 -50.99 26.60
N MET L 55 -87.75 -50.12 26.55
CA MET L 55 -87.93 -49.07 27.58
C MET L 55 -88.10 -49.72 28.95
N GLU L 56 -88.85 -50.81 29.05
CA GLU L 56 -89.12 -51.45 30.36
C GLU L 56 -87.80 -51.96 30.93
N ALA L 57 -86.92 -52.47 30.08
CA ALA L 57 -85.57 -52.88 30.51
C ALA L 57 -84.76 -51.66 31.00
N LEU L 58 -84.82 -50.56 30.26
CA LEU L 58 -84.11 -49.30 30.63
C LEU L 58 -84.59 -48.81 32.00
N GLY L 59 -85.91 -48.70 32.16
CA GLY L 59 -86.50 -48.13 33.37
C GLY L 59 -86.71 -49.21 34.41
N SER L 60 -85.65 -49.81 34.94
CA SER L 60 -85.77 -51.00 35.83
C SER L 60 -84.84 -50.94 37.03
N HIS L 61 -84.99 -51.92 37.89
CA HIS L 61 -84.20 -52.12 39.13
CA HIS L 61 -84.21 -52.13 39.13
C HIS L 61 -82.77 -52.48 38.78
N LEU L 62 -82.47 -52.74 37.51
CA LEU L 62 -81.08 -53.10 37.13
C LEU L 62 -80.12 -51.91 37.33
N THR L 63 -80.62 -50.67 37.24
CA THR L 63 -79.80 -49.45 37.49
C THR L 63 -79.30 -49.43 38.94
N ASN L 64 -79.82 -50.28 39.82
CA ASN L 64 -79.50 -50.24 41.27
C ASN L 64 -78.18 -50.95 41.54
N LYS L 65 -77.81 -51.93 40.71
CA LYS L 65 -76.66 -52.85 40.96
C LYS L 65 -75.41 -52.41 40.17
N TYR L 66 -74.30 -52.15 40.87
CA TYR L 66 -72.98 -51.75 40.26
C TYR L 66 -72.19 -53.04 40.01
N SER L 67 -71.72 -53.20 38.78
CA SER L 67 -71.20 -54.48 38.27
C SER L 67 -69.86 -54.25 37.60
N GLU L 68 -69.00 -53.49 38.24
CA GLU L 68 -67.67 -53.16 37.68
C GLU L 68 -66.98 -54.48 37.38
N GLY L 69 -66.46 -54.65 36.16
CA GLY L 69 -65.75 -55.88 35.79
C GLY L 69 -66.45 -56.60 34.68
N MET L 70 -66.17 -57.90 34.53
CA MET L 70 -66.73 -58.79 33.47
C MET L 70 -67.56 -59.89 34.15
N PRO L 71 -68.44 -60.58 33.41
CA PRO L 71 -69.17 -61.70 33.98
C PRO L 71 -68.20 -62.77 34.51
N GLY L 72 -68.42 -63.25 35.74
CA GLY L 72 -67.60 -64.27 36.41
C GLY L 72 -66.28 -63.72 36.93
N ALA L 73 -66.00 -62.44 36.70
CA ALA L 73 -64.76 -61.78 37.16
C ALA L 73 -65.08 -60.33 37.55
N ARG L 74 -66.07 -60.14 38.43
CA ARG L 74 -66.56 -58.80 38.86
C ARG L 74 -65.75 -58.30 40.05
N TYR L 75 -65.83 -57.00 40.31
CA TYR L 75 -65.19 -56.30 41.45
C TYR L 75 -66.11 -56.38 42.66
N TYR L 76 -67.40 -56.60 42.44
CA TYR L 76 -68.42 -56.68 43.51
C TYR L 76 -69.14 -58.04 43.52
N THR L 77 -69.59 -58.41 44.72
CA THR L 77 -70.50 -59.54 45.05
C THR L 77 -71.91 -59.24 44.50
N GLY L 78 -72.77 -60.25 44.37
CA GLY L 78 -74.22 -60.09 44.19
C GLY L 78 -74.61 -60.07 42.73
N ASN L 79 -73.64 -60.37 41.86
CA ASN L 79 -73.78 -60.20 40.39
C ASN L 79 -74.22 -61.50 39.74
N GLN L 80 -74.74 -62.45 40.51
CA GLN L 80 -75.01 -63.82 40.01
C GLN L 80 -75.92 -63.70 38.78
N TYR L 81 -76.90 -62.79 38.83
CA TYR L 81 -78.02 -62.70 37.85
C TYR L 81 -77.66 -61.71 36.75
N ILE L 82 -77.05 -60.60 37.13
CA ILE L 82 -76.47 -59.60 36.18
C ILE L 82 -75.53 -60.34 35.20
N ASP L 83 -74.70 -61.23 35.72
CA ASP L 83 -73.78 -62.04 34.89
C ASP L 83 -74.60 -62.77 33.84
N GLN L 84 -75.62 -63.49 34.26
CA GLN L 84 -76.39 -64.36 33.34
C GLN L 84 -77.01 -63.49 32.24
N ILE L 85 -77.42 -62.26 32.56
CA ILE L 85 -78.02 -61.29 31.59
C ILE L 85 -76.93 -60.86 30.60
N GLU L 86 -75.83 -60.31 31.12
CA GLU L 86 -74.72 -59.88 30.25
C GLU L 86 -74.39 -61.08 29.34
N ASN L 87 -74.18 -62.26 29.92
CA ASN L 87 -73.73 -63.47 29.18
C ASN L 87 -74.75 -63.78 28.09
N LEU L 88 -76.02 -63.58 28.41
CA LEU L 88 -77.12 -63.89 27.47
C LEU L 88 -77.06 -62.85 26.36
N CYS L 89 -76.89 -61.59 26.73
CA CYS L 89 -76.73 -60.47 25.78
C CYS L 89 -75.59 -60.73 24.78
N ILE L 90 -74.48 -61.29 25.27
CA ILE L 90 -73.29 -61.63 24.47
C ILE L 90 -73.62 -62.73 23.45
N GLU L 91 -74.18 -63.85 23.93
CA GLU L 91 -74.61 -65.00 23.09
C GLU L 91 -75.49 -64.48 21.95
N ARG L 92 -76.43 -63.60 22.31
CA ARG L 92 -77.42 -63.08 21.35
C ARG L 92 -76.70 -62.23 20.32
N ALA L 93 -75.71 -61.44 20.75
CA ALA L 93 -74.93 -60.56 19.86
C ALA L 93 -74.18 -61.38 18.82
N LEU L 94 -73.59 -62.51 19.23
CA LEU L 94 -72.87 -63.43 18.30
C LEU L 94 -73.89 -64.04 17.34
N THR L 95 -74.95 -64.62 17.89
CA THR L 95 -75.99 -65.29 17.09
C THR L 95 -76.52 -64.30 16.06
N ALA L 96 -76.64 -63.03 16.42
CA ALA L 96 -77.27 -61.98 15.58
C ALA L 96 -76.50 -61.82 14.27
N PHE L 97 -75.18 -61.89 14.36
CA PHE L 97 -74.27 -61.63 13.23
C PHE L 97 -73.66 -62.93 12.76
N GLY L 98 -74.30 -64.04 13.08
CA GLY L 98 -73.88 -65.39 12.67
C GLY L 98 -72.41 -65.67 12.99
N LEU L 99 -72.00 -65.49 14.24
CA LEU L 99 -70.59 -65.72 14.69
C LEU L 99 -70.49 -66.88 15.68
N GLU L 100 -69.31 -67.47 15.81
CA GLU L 100 -69.03 -68.62 16.72
C GLU L 100 -68.12 -68.15 17.85
N SER L 101 -68.49 -68.42 19.11
CA SER L 101 -67.81 -67.96 20.34
C SER L 101 -66.33 -68.37 20.32
N ASP L 102 -65.96 -69.46 19.65
CA ASP L 102 -64.56 -69.95 19.60
C ASP L 102 -63.76 -69.08 18.62
N LYS L 103 -64.42 -68.33 17.72
CA LYS L 103 -63.74 -67.47 16.69
C LYS L 103 -63.88 -65.96 17.03
N TRP L 104 -64.90 -65.57 17.79
CA TRP L 104 -65.28 -64.16 18.10
C TRP L 104 -65.72 -64.01 19.56
N GLY L 105 -65.36 -62.89 20.18
CA GLY L 105 -65.83 -62.44 21.50
C GLY L 105 -66.44 -61.07 21.35
N VAL L 106 -67.10 -60.55 22.39
CA VAL L 106 -67.87 -59.28 22.27
C VAL L 106 -67.95 -58.62 23.63
N ASN L 107 -67.53 -57.36 23.67
CA ASN L 107 -67.71 -56.49 24.87
C ASN L 107 -68.91 -55.59 24.61
N VAL L 108 -69.88 -55.58 25.52
CA VAL L 108 -71.17 -54.86 25.32
C VAL L 108 -71.27 -53.71 26.33
N GLN L 109 -70.18 -53.41 27.04
CA GLN L 109 -70.16 -52.35 28.09
C GLN L 109 -69.99 -50.95 27.51
N PRO L 110 -69.47 -50.73 26.28
CA PRO L 110 -69.17 -49.38 25.83
C PRO L 110 -70.35 -48.43 25.94
N TYR L 111 -70.15 -47.32 26.65
CA TYR L 111 -71.15 -46.26 26.89
C TYR L 111 -71.65 -45.62 25.58
N SER L 112 -70.91 -45.73 24.49
CA SER L 112 -71.28 -45.15 23.16
C SER L 112 -70.44 -45.76 22.04
N CYS L 113 -70.76 -45.52 20.78
CA CYS L 113 -69.94 -46.09 19.68
C CYS L 113 -68.58 -45.40 19.64
N THR L 114 -68.57 -44.08 19.85
CA THR L 114 -67.32 -43.28 19.97
C THR L 114 -66.45 -43.89 21.08
N SER L 115 -67.04 -44.12 22.24
CA SER L 115 -66.37 -44.70 23.42
C SER L 115 -65.74 -46.02 23.01
N ALA L 116 -66.50 -46.82 22.28
CA ALA L 116 -66.10 -48.16 21.82
C ALA L 116 -64.85 -48.03 20.95
N ASN L 117 -64.91 -47.18 19.93
CA ASN L 117 -63.77 -47.02 18.98
C ASN L 117 -62.54 -46.68 19.82
N PHE L 118 -62.68 -45.71 20.72
CA PHE L 118 -61.54 -45.20 21.51
C PHE L 118 -60.99 -46.28 22.43
N ALA L 119 -61.83 -47.20 22.90
CA ALA L 119 -61.36 -48.35 23.70
C ALA L 119 -60.50 -49.28 22.83
N VAL L 120 -60.89 -49.49 21.57
CA VAL L 120 -60.09 -50.33 20.65
C VAL L 120 -58.71 -49.72 20.52
N TYR L 121 -58.66 -48.42 20.28
CA TYR L 121 -57.38 -47.71 20.02
C TYR L 121 -56.58 -47.82 21.30
N THR L 122 -57.20 -47.47 22.40
CA THR L 122 -56.51 -47.43 23.70
C THR L 122 -55.94 -48.82 23.97
N GLY L 123 -56.69 -49.88 23.68
CA GLY L 123 -56.33 -51.25 24.05
C GLY L 123 -55.17 -51.78 23.21
N LEU L 124 -55.22 -51.53 21.91
CA LEU L 124 -54.28 -52.15 20.96
C LEU L 124 -53.02 -51.31 20.80
N LEU L 125 -53.13 -49.98 20.88
CA LEU L 125 -52.08 -49.03 20.51
C LEU L 125 -51.52 -48.31 21.73
N LEU L 126 -50.25 -47.93 21.61
CA LEU L 126 -49.58 -46.97 22.51
C LEU L 126 -50.02 -45.57 22.10
N PRO L 127 -50.19 -44.64 23.07
CA PRO L 127 -50.59 -43.28 22.74
C PRO L 127 -49.72 -42.76 21.60
N GLY L 128 -50.31 -42.08 20.61
CA GLY L 128 -49.57 -41.41 19.53
C GLY L 128 -49.32 -42.28 18.32
N GLU L 129 -49.60 -43.59 18.40
CA GLU L 129 -49.41 -44.50 17.25
C GLU L 129 -50.47 -44.16 16.22
N ARG L 130 -50.37 -44.70 15.01
CA ARG L 130 -51.08 -44.17 13.83
C ARG L 130 -52.34 -44.97 13.52
N ILE L 131 -53.44 -44.27 13.24
CA ILE L 131 -54.72 -44.86 12.72
C ILE L 131 -55.19 -44.09 11.50
N MET L 132 -55.99 -44.73 10.67
CA MET L 132 -56.44 -44.19 9.35
C MET L 132 -57.89 -44.62 9.13
N GLY L 133 -58.79 -43.66 8.96
CA GLY L 133 -60.22 -43.94 8.81
C GLY L 133 -60.84 -43.00 7.82
N LEU L 134 -62.09 -43.24 7.40
CA LEU L 134 -62.84 -42.35 6.49
C LEU L 134 -63.14 -41.01 7.17
N ASP L 135 -63.34 -39.96 6.39
CA ASP L 135 -63.67 -38.63 6.94
C ASP L 135 -64.89 -38.11 6.20
N SER L 136 -65.81 -37.46 6.90
CA SER L 136 -66.88 -36.62 6.28
C SER L 136 -66.29 -35.24 6.03
N PRO L 137 -66.07 -34.87 4.76
CA PRO L 137 -65.42 -33.61 4.40
C PRO L 137 -65.77 -32.46 5.36
N LYS L 153 -57.28 -32.46 16.14
CA LYS L 153 -57.62 -31.49 17.23
C LYS L 153 -59.10 -31.58 17.63
N ILE L 154 -59.93 -32.29 16.88
CA ILE L 154 -61.39 -32.37 17.14
C ILE L 154 -61.69 -33.68 17.87
N SER L 155 -61.63 -34.81 17.18
CA SER L 155 -61.94 -36.11 17.84
C SER L 155 -60.86 -36.42 18.85
N ALA L 156 -61.18 -37.04 19.97
CA ALA L 156 -60.19 -37.54 20.96
C ALA L 156 -59.24 -38.53 20.29
N ALA L 157 -59.73 -39.29 19.31
CA ALA L 157 -58.87 -40.22 18.57
C ALA L 157 -57.71 -39.45 17.99
N SER L 158 -57.96 -38.27 17.42
CA SER L 158 -56.96 -37.48 16.67
C SER L 158 -56.05 -36.76 17.65
N ILE L 159 -56.50 -36.60 18.90
CA ILE L 159 -55.76 -35.91 20.00
C ILE L 159 -54.71 -36.83 20.60
N PHE L 160 -55.10 -38.04 20.96
CA PHE L 160 -54.28 -39.01 21.74
C PHE L 160 -53.62 -40.04 20.84
N PHE L 161 -53.98 -40.06 19.55
CA PHE L 161 -53.32 -40.88 18.51
C PHE L 161 -53.09 -40.06 17.24
N GLU L 162 -52.46 -40.66 16.24
CA GLU L 162 -52.11 -39.93 15.01
C GLU L 162 -53.08 -40.36 13.92
N SER L 163 -54.06 -39.51 13.62
CA SER L 163 -55.14 -39.83 12.67
C SER L 163 -54.77 -39.16 11.35
N PHE L 164 -54.56 -39.95 10.31
CA PHE L 164 -54.52 -39.47 8.92
C PHE L 164 -55.64 -40.11 8.14
N PRO L 165 -56.81 -39.44 8.06
CA PRO L 165 -57.99 -39.99 7.41
C PRO L 165 -57.89 -39.97 5.87
N TYR L 166 -58.71 -40.79 5.22
CA TYR L 166 -58.89 -40.88 3.75
C TYR L 166 -60.32 -40.41 3.42
N LYS L 167 -60.61 -40.20 2.12
CA LYS L 167 -61.86 -39.56 1.66
C LYS L 167 -62.38 -40.27 0.40
N VAL L 168 -63.63 -39.95 0.07
CA VAL L 168 -64.30 -40.43 -1.15
C VAL L 168 -63.78 -39.60 -2.30
N ASN L 169 -63.81 -40.16 -3.49
CA ASN L 169 -63.48 -39.45 -4.74
C ASN L 169 -64.41 -38.25 -4.89
N PRO L 170 -63.88 -37.01 -4.86
CA PRO L 170 -64.70 -35.80 -4.98
C PRO L 170 -65.60 -35.66 -6.22
N GLN L 171 -65.32 -36.35 -7.33
CA GLN L 171 -66.19 -36.29 -8.52
C GLN L 171 -67.28 -37.34 -8.36
N THR L 172 -66.89 -38.59 -8.10
CA THR L 172 -67.80 -39.77 -8.12
C THR L 172 -68.70 -39.79 -6.86
N GLY L 173 -68.13 -39.44 -5.70
CA GLY L 173 -68.77 -39.62 -4.39
C GLY L 173 -68.52 -41.01 -3.83
N TYR L 174 -68.15 -41.97 -4.68
CA TYR L 174 -67.72 -43.35 -4.30
C TYR L 174 -66.29 -43.33 -3.74
N ILE L 175 -65.98 -44.27 -2.88
CA ILE L 175 -64.59 -44.51 -2.39
C ILE L 175 -63.69 -44.95 -3.53
N ASP L 176 -62.47 -44.42 -3.57
CA ASP L 176 -61.40 -44.75 -4.54
C ASP L 176 -60.42 -45.70 -3.83
N TYR L 177 -60.59 -47.01 -4.01
CA TYR L 177 -59.82 -48.04 -3.27
C TYR L 177 -58.35 -47.92 -3.67
N ASP L 178 -58.07 -47.56 -4.92
CA ASP L 178 -56.69 -47.45 -5.45
C ASP L 178 -55.94 -46.40 -4.62
N LYS L 179 -56.49 -45.19 -4.54
CA LYS L 179 -55.86 -44.08 -3.79
C LYS L 179 -55.70 -44.52 -2.35
N LEU L 180 -56.73 -45.17 -1.81
CA LEU L 180 -56.71 -45.67 -0.42
C LEU L 180 -55.52 -46.60 -0.20
N GLU L 181 -55.28 -47.53 -1.13
CA GLU L 181 -54.12 -48.47 -1.09
C GLU L 181 -52.81 -47.68 -1.03
N ASP L 182 -52.64 -46.76 -1.97
CA ASP L 182 -51.44 -45.89 -2.09
C ASP L 182 -51.18 -45.23 -0.74
N LYS L 183 -52.23 -44.60 -0.19
CA LYS L 183 -52.17 -43.79 1.04
C LYS L 183 -51.72 -44.70 2.19
N ALA L 184 -52.39 -45.84 2.32
CA ALA L 184 -52.25 -46.74 3.48
C ALA L 184 -50.85 -47.33 3.49
N LEU L 185 -50.35 -47.72 2.31
CA LEU L 185 -48.98 -48.28 2.13
C LEU L 185 -47.96 -47.22 2.57
N ASP L 186 -48.15 -45.97 2.16
CA ASP L 186 -47.27 -44.85 2.58
C ASP L 186 -47.30 -44.71 4.11
N TYR L 187 -48.49 -44.57 4.70
CA TYR L 187 -48.64 -44.06 6.10
C TYR L 187 -48.45 -45.21 7.08
N ARG L 188 -48.62 -46.45 6.61
CA ARG L 188 -48.50 -47.71 7.39
C ARG L 188 -49.14 -47.57 8.77
N PRO L 189 -50.48 -47.40 8.82
CA PRO L 189 -51.17 -47.20 10.09
C PRO L 189 -51.37 -48.52 10.86
N LYS L 190 -51.20 -48.50 12.18
CA LYS L 190 -51.31 -49.72 13.00
C LYS L 190 -52.70 -50.31 12.79
N ILE L 191 -53.72 -49.45 12.76
CA ILE L 191 -55.17 -49.77 12.54
C ILE L 191 -55.73 -49.01 11.34
N LEU L 192 -56.28 -49.75 10.39
CA LEU L 192 -57.04 -49.20 9.24
C LEU L 192 -58.52 -49.43 9.54
N ILE L 193 -59.34 -48.40 9.39
CA ILE L 193 -60.79 -48.39 9.74
C ILE L 193 -61.63 -48.19 8.48
N CYS L 194 -62.62 -49.01 8.26
CA CYS L 194 -63.67 -48.79 7.23
C CYS L 194 -65.03 -48.62 7.91
N GLY L 195 -66.05 -48.31 7.13
CA GLY L 195 -67.34 -47.82 7.67
C GLY L 195 -67.14 -46.42 8.22
N GLY L 196 -67.86 -46.08 9.27
CA GLY L 196 -67.73 -44.80 9.98
C GLY L 196 -68.82 -43.86 9.50
N SER L 197 -68.50 -43.05 8.48
CA SER L 197 -69.39 -42.01 7.91
C SER L 197 -70.64 -42.70 7.37
N SER L 198 -71.69 -41.90 7.19
CA SER L 198 -72.90 -42.23 6.40
C SER L 198 -72.58 -42.18 4.90
N TYR L 199 -72.30 -43.35 4.32
CA TYR L 199 -71.89 -43.60 2.92
C TYR L 199 -73.03 -44.37 2.25
N PRO L 200 -73.64 -43.86 1.17
CA PRO L 200 -74.84 -44.49 0.63
C PRO L 200 -74.68 -45.77 -0.17
N ARG L 201 -73.47 -46.34 -0.21
CA ARG L 201 -73.18 -47.52 -1.07
C ARG L 201 -72.42 -48.57 -0.28
N ASP L 202 -72.44 -49.79 -0.82
CA ASP L 202 -71.88 -50.99 -0.15
C ASP L 202 -70.39 -50.82 -0.05
N TRP L 203 -69.74 -51.43 0.93
CA TRP L 203 -68.25 -51.43 1.03
C TRP L 203 -67.71 -52.67 0.34
N ASP L 204 -66.49 -52.61 -0.21
CA ASP L 204 -65.75 -53.80 -0.69
C ASP L 204 -64.79 -54.23 0.42
N PHE L 205 -65.30 -54.92 1.43
CA PHE L 205 -64.53 -55.24 2.66
C PHE L 205 -63.36 -56.16 2.29
N ALA L 206 -63.57 -57.01 1.29
CA ALA L 206 -62.55 -57.93 0.73
C ALA L 206 -61.34 -57.12 0.29
N ARG L 207 -61.61 -56.05 -0.47
CA ARG L 207 -60.56 -55.18 -1.03
C ARG L 207 -59.75 -54.54 0.09
N VAL L 208 -60.46 -53.98 1.07
CA VAL L 208 -59.87 -53.22 2.21
C VAL L 208 -59.01 -54.19 3.02
N ARG L 209 -59.40 -55.46 3.01
CA ARG L 209 -58.61 -56.52 3.65
C ARG L 209 -57.23 -56.59 2.97
N GLN L 210 -57.22 -56.81 1.66
CA GLN L 210 -55.98 -56.97 0.87
C GLN L 210 -55.05 -55.83 1.26
N ILE L 211 -55.59 -54.63 1.35
CA ILE L 211 -54.86 -53.38 1.68
C ILE L 211 -54.25 -53.52 3.07
N ALA L 212 -55.10 -53.64 4.09
CA ALA L 212 -54.68 -53.83 5.50
C ALA L 212 -53.54 -54.85 5.55
N ASP L 213 -53.67 -55.96 4.82
CA ASP L 213 -52.67 -57.05 4.82
C ASP L 213 -51.36 -56.47 4.28
N LYS L 214 -51.42 -55.77 3.15
CA LYS L 214 -50.20 -55.23 2.49
C LYS L 214 -49.43 -54.32 3.44
N CYS L 215 -50.09 -53.36 4.10
CA CYS L 215 -49.43 -52.36 5.01
C CYS L 215 -49.30 -52.87 6.45
N GLY L 216 -49.58 -54.16 6.70
CA GLY L 216 -49.50 -54.83 8.01
C GLY L 216 -50.31 -54.11 9.09
N ALA L 217 -51.56 -53.77 8.77
CA ALA L 217 -52.48 -53.02 9.67
C ALA L 217 -53.64 -53.91 10.11
N VAL L 218 -54.09 -53.72 11.34
CA VAL L 218 -55.28 -54.42 11.88
C VAL L 218 -56.51 -53.78 11.23
N LEU L 219 -57.41 -54.58 10.66
CA LEU L 219 -58.58 -54.02 9.95
C LEU L 219 -59.74 -53.95 10.91
N MET L 220 -60.30 -52.75 11.09
CA MET L 220 -61.43 -52.47 12.00
C MET L 220 -62.60 -51.90 11.20
N CYS L 221 -63.82 -52.36 11.42
CA CYS L 221 -65.02 -51.79 10.78
C CYS L 221 -65.90 -51.16 11.85
N ASP L 222 -66.28 -49.90 11.65
CA ASP L 222 -67.35 -49.24 12.44
C ASP L 222 -68.65 -49.43 11.66
N MET L 223 -69.49 -50.36 12.10
CA MET L 223 -70.69 -50.73 11.32
C MET L 223 -71.92 -50.00 11.89
N ALA L 224 -71.73 -48.82 12.48
CA ALA L 224 -72.82 -48.08 13.15
C ALA L 224 -73.98 -47.90 12.18
N HIS L 225 -73.68 -47.47 10.97
CA HIS L 225 -74.71 -47.05 10.01
C HIS L 225 -75.33 -48.26 9.29
N ILE L 226 -74.71 -49.42 9.38
CA ILE L 226 -75.17 -50.60 8.59
C ILE L 226 -75.44 -51.79 9.52
N SER L 227 -75.27 -51.62 10.83
CA SER L 227 -75.48 -52.70 11.81
C SER L 227 -76.69 -53.53 11.32
N GLY L 228 -77.81 -52.86 11.00
CA GLY L 228 -79.04 -53.55 10.66
C GLY L 228 -78.82 -54.45 9.46
N LEU L 229 -78.39 -53.84 8.37
CA LEU L 229 -78.21 -54.52 7.06
C LEU L 229 -77.24 -55.69 7.22
N VAL L 230 -76.23 -55.55 8.06
CA VAL L 230 -75.21 -56.61 8.18
C VAL L 230 -75.91 -57.84 8.78
N ALA L 231 -76.48 -57.71 9.95
CA ALA L 231 -77.05 -58.88 10.67
C ALA L 231 -77.95 -59.65 9.71
N THR L 232 -78.72 -58.95 8.88
CA THR L 232 -79.78 -59.51 8.00
C THR L 232 -79.21 -59.92 6.65
N LYS L 233 -77.90 -59.77 6.47
CA LYS L 233 -77.15 -60.17 5.25
C LYS L 233 -77.70 -59.39 4.06
N GLU L 234 -78.14 -58.16 4.31
CA GLU L 234 -78.71 -57.24 3.29
C GLU L 234 -77.65 -56.24 2.86
N CYS L 235 -76.38 -56.51 3.18
CA CYS L 235 -75.19 -55.81 2.61
C CYS L 235 -73.93 -56.65 2.85
N SER L 236 -72.81 -56.19 2.33
CA SER L 236 -71.49 -56.84 2.50
C SER L 236 -71.24 -57.09 3.98
N ASN L 237 -70.63 -58.23 4.33
CA ASN L 237 -70.43 -58.67 5.72
C ASN L 237 -68.99 -58.35 6.15
N PRO L 238 -68.76 -57.33 7.00
CA PRO L 238 -67.40 -57.00 7.42
C PRO L 238 -66.73 -58.06 8.31
N PHE L 239 -67.52 -58.91 8.96
CA PHE L 239 -67.02 -59.99 9.85
C PHE L 239 -66.27 -61.04 9.03
N ASP L 240 -66.56 -61.15 7.73
CA ASP L 240 -65.82 -62.06 6.81
C ASP L 240 -64.36 -61.61 6.72
N HIS L 241 -64.00 -60.35 6.99
CA HIS L 241 -62.69 -59.80 6.57
C HIS L 241 -62.00 -58.97 7.66
N CYS L 242 -62.75 -58.36 8.57
CA CYS L 242 -62.19 -57.45 9.60
C CYS L 242 -61.83 -58.26 10.85
N ASP L 243 -60.82 -57.81 11.59
CA ASP L 243 -60.39 -58.41 12.87
C ASP L 243 -61.16 -57.77 14.03
N ILE L 244 -61.75 -56.61 13.81
CA ILE L 244 -62.57 -55.91 14.84
C ILE L 244 -63.77 -55.21 14.20
N VAL L 245 -64.93 -55.31 14.84
CA VAL L 245 -66.13 -54.60 14.39
C VAL L 245 -66.80 -53.98 15.61
N THR L 246 -66.88 -52.66 15.59
CA THR L 246 -67.59 -51.86 16.60
C THR L 246 -68.93 -51.48 16.01
N SER L 247 -69.83 -51.02 16.86
CA SER L 247 -71.15 -50.52 16.40
C SER L 247 -71.88 -49.76 17.50
N THR L 248 -72.89 -49.04 17.05
CA THR L 248 -73.92 -48.43 17.88
C THR L 248 -75.00 -49.48 18.10
N THR L 249 -75.53 -49.54 19.30
CA THR L 249 -76.62 -50.46 19.68
C THR L 249 -77.98 -49.88 19.34
N HIS L 250 -78.11 -48.72 18.77
CA HIS L 250 -79.41 -48.02 18.87
C HIS L 250 -79.81 -47.40 17.54
N LYS L 251 -79.26 -47.87 16.43
CA LYS L 251 -79.55 -47.19 15.15
C LYS L 251 -80.43 -48.12 14.31
N GLY L 252 -79.80 -48.97 13.47
CA GLY L 252 -80.47 -50.09 12.80
C GLY L 252 -81.12 -51.02 13.84
N LEU L 253 -80.42 -51.31 14.94
CA LEU L 253 -80.81 -52.39 15.88
C LEU L 253 -81.99 -51.96 16.73
N ARG L 254 -82.35 -50.70 16.72
CA ARG L 254 -83.49 -50.18 17.51
C ARG L 254 -83.31 -50.53 18.97
N GLY L 255 -82.08 -50.66 19.44
CA GLY L 255 -81.79 -50.95 20.85
C GLY L 255 -81.62 -49.67 21.65
N PRO L 256 -81.05 -49.78 22.86
CA PRO L 256 -80.79 -48.62 23.71
C PRO L 256 -79.52 -47.93 23.22
N ARG L 257 -79.29 -46.70 23.65
CA ARG L 257 -78.09 -45.92 23.25
C ARG L 257 -76.85 -46.53 23.90
N GLY L 258 -75.84 -46.79 23.08
CA GLY L 258 -74.55 -47.30 23.52
C GLY L 258 -73.81 -47.83 22.33
N GLY L 259 -72.72 -48.51 22.64
CA GLY L 259 -71.80 -49.15 21.67
C GLY L 259 -71.44 -50.56 22.07
N ILE L 260 -70.67 -51.21 21.21
CA ILE L 260 -70.37 -52.65 21.30
C ILE L 260 -69.17 -52.97 20.40
N ILE L 261 -68.32 -53.91 20.83
CA ILE L 261 -67.03 -54.25 20.19
C ILE L 261 -66.97 -55.76 19.97
N PHE L 262 -66.92 -56.16 18.73
CA PHE L 262 -66.62 -57.55 18.36
C PHE L 262 -65.14 -57.62 18.01
N TYR L 263 -64.46 -58.69 18.42
CA TYR L 263 -63.03 -58.92 18.18
C TYR L 263 -62.80 -60.41 17.95
N ARG L 264 -61.78 -60.76 17.18
CA ARG L 264 -61.42 -62.16 16.84
C ARG L 264 -60.67 -62.81 18.00
N ARG L 265 -60.83 -64.14 18.09
CA ARG L 265 -60.36 -65.02 19.20
C ARG L 265 -59.69 -66.25 18.60
N GLY L 266 -58.72 -66.83 19.32
CA GLY L 266 -58.10 -68.11 18.96
C GLY L 266 -57.11 -67.98 17.79
N PRO L 267 -56.84 -69.06 17.05
CA PRO L 267 -55.81 -69.06 16.00
C PRO L 267 -56.06 -68.22 14.75
N LYS L 268 -54.99 -67.64 14.19
CA LYS L 268 -55.00 -67.01 12.85
C LYS L 268 -54.79 -68.10 11.80
N THR L 283 -49.44 -66.01 15.92
CA THR L 283 -49.88 -67.41 16.17
C THR L 283 -51.39 -67.42 16.50
N HIS L 284 -51.78 -66.71 17.55
CA HIS L 284 -53.19 -66.51 17.99
C HIS L 284 -53.52 -65.02 18.00
N TYR L 285 -54.80 -64.66 18.15
CA TYR L 285 -55.25 -63.25 18.25
C TYR L 285 -54.92 -62.73 19.64
N ASP L 286 -54.57 -61.45 19.73
CA ASP L 286 -54.13 -60.79 20.98
C ASP L 286 -55.08 -59.65 21.38
N LEU L 287 -56.39 -59.77 21.14
CA LEU L 287 -57.31 -58.61 21.10
C LEU L 287 -58.16 -58.57 22.37
N GLU L 288 -58.66 -59.73 22.77
CA GLU L 288 -59.67 -59.87 23.83
C GLU L 288 -59.20 -59.18 25.08
N GLU L 289 -58.10 -59.65 25.67
CA GLU L 289 -57.64 -59.18 27.01
C GLU L 289 -57.35 -57.68 26.92
N LYS L 290 -56.70 -57.22 25.84
CA LYS L 290 -56.27 -55.81 25.65
C LYS L 290 -57.49 -54.89 25.60
N ILE L 291 -58.50 -55.29 24.82
CA ILE L 291 -59.75 -54.51 24.58
C ILE L 291 -60.62 -54.50 25.84
N ASN L 292 -60.94 -55.65 26.41
CA ASN L 292 -61.70 -55.72 27.69
C ASN L 292 -61.05 -54.78 28.73
N PHE L 293 -59.73 -54.82 28.88
CA PHE L 293 -58.96 -54.04 29.90
C PHE L 293 -59.06 -52.53 29.60
N ALA L 294 -59.05 -52.16 28.33
CA ALA L 294 -59.16 -50.76 27.90
C ALA L 294 -60.52 -50.21 28.35
N VAL L 295 -61.58 -50.97 28.08
CA VAL L 295 -62.97 -50.62 28.44
C VAL L 295 -63.03 -50.48 29.96
N PHE L 296 -62.69 -51.55 30.66
CA PHE L 296 -62.57 -51.58 32.13
C PHE L 296 -61.33 -52.34 32.50
N PRO L 297 -60.49 -51.80 33.41
CA PRO L 297 -60.78 -50.55 34.12
C PRO L 297 -60.31 -49.22 33.52
N SER L 298 -59.64 -49.22 32.36
CA SER L 298 -58.91 -48.02 31.86
C SER L 298 -59.91 -46.89 31.71
N LEU L 299 -60.88 -47.04 30.82
CA LEU L 299 -61.70 -45.91 30.27
C LEU L 299 -63.05 -45.72 30.99
N GLN L 300 -63.72 -46.81 31.37
CA GLN L 300 -65.10 -46.76 31.94
C GLN L 300 -65.07 -47.26 33.37
N GLY L 301 -66.18 -47.01 34.07
CA GLY L 301 -66.52 -47.70 35.31
C GLY L 301 -67.44 -48.88 35.05
N GLY L 302 -68.39 -49.03 35.95
CA GLY L 302 -69.45 -50.03 35.83
C GLY L 302 -70.30 -49.79 34.59
N PRO L 303 -70.82 -50.87 33.98
CA PRO L 303 -71.66 -50.76 32.79
C PRO L 303 -73.07 -50.41 33.27
N HIS L 304 -73.86 -49.94 32.32
CA HIS L 304 -75.32 -49.73 32.43
C HIS L 304 -76.02 -51.08 32.25
N ASN L 305 -76.21 -51.79 33.36
CA ASN L 305 -76.87 -53.13 33.37
C ASN L 305 -78.22 -53.01 32.70
N ASN L 306 -78.94 -51.94 32.95
CA ASN L 306 -80.26 -51.71 32.33
C ASN L 306 -80.10 -51.64 30.82
N HIS L 307 -79.10 -50.93 30.30
CA HIS L 307 -78.88 -50.83 28.82
C HIS L 307 -78.61 -52.23 28.24
N ILE L 308 -77.86 -53.04 28.98
CA ILE L 308 -77.42 -54.37 28.50
C ILE L 308 -78.63 -55.27 28.33
N ALA L 309 -79.48 -55.34 29.35
CA ALA L 309 -80.75 -56.07 29.27
C ALA L 309 -81.47 -55.59 28.02
N ALA L 310 -81.81 -54.30 27.97
CA ALA L 310 -82.50 -53.70 26.82
C ALA L 310 -81.82 -54.13 25.51
N LEU L 311 -80.50 -54.19 25.49
CA LEU L 311 -79.75 -54.58 24.26
C LEU L 311 -80.05 -56.04 23.91
N ALA L 312 -79.97 -56.94 24.91
CA ALA L 312 -80.27 -58.39 24.78
C ALA L 312 -81.64 -58.53 24.09
N ILE L 313 -82.63 -57.79 24.55
CA ILE L 313 -84.02 -57.86 24.03
C ILE L 313 -83.95 -57.47 22.56
N ALA L 314 -83.26 -56.37 22.26
CA ALA L 314 -83.16 -55.82 20.88
C ALA L 314 -82.52 -56.84 19.94
N LEU L 315 -81.55 -57.60 20.44
CA LEU L 315 -80.72 -58.51 19.63
C LEU L 315 -81.46 -59.81 19.40
N LYS L 316 -82.27 -60.22 20.36
CA LYS L 316 -83.16 -61.39 20.19
C LYS L 316 -84.07 -61.09 18.99
N GLN L 317 -84.50 -59.83 18.85
CA GLN L 317 -85.52 -59.44 17.85
C GLN L 317 -84.88 -59.33 16.49
N VAL L 318 -83.60 -59.01 16.45
CA VAL L 318 -82.84 -58.84 15.19
C VAL L 318 -82.77 -60.19 14.46
N ALA L 319 -82.63 -61.28 15.21
CA ALA L 319 -82.47 -62.66 14.71
C ALA L 319 -83.81 -63.22 14.26
N THR L 320 -84.77 -62.39 13.91
CA THR L 320 -86.08 -62.92 13.50
C THR L 320 -86.28 -62.64 12.02
N PRO L 321 -87.18 -63.37 11.35
CA PRO L 321 -87.60 -63.03 9.99
C PRO L 321 -88.36 -61.70 9.92
N GLU L 322 -89.08 -61.32 10.99
CA GLU L 322 -89.82 -60.04 11.10
C GLU L 322 -88.82 -58.87 10.93
N TYR L 323 -87.68 -58.97 11.59
CA TYR L 323 -86.60 -57.95 11.52
C TYR L 323 -86.02 -57.93 10.11
N LYS L 324 -85.71 -59.11 9.55
CA LYS L 324 -85.19 -59.21 8.17
C LYS L 324 -86.13 -58.42 7.24
N ALA L 325 -87.44 -58.70 7.31
CA ALA L 325 -88.49 -58.08 6.46
C ALA L 325 -88.50 -56.59 6.74
N TYR L 326 -88.14 -56.18 7.96
CA TYR L 326 -88.10 -54.75 8.36
C TYR L 326 -87.03 -54.08 7.52
N ILE L 327 -85.85 -54.65 7.59
CA ILE L 327 -84.70 -54.15 6.81
C ILE L 327 -85.10 -54.15 5.33
N GLN L 328 -85.74 -55.21 4.87
CA GLN L 328 -86.05 -55.32 3.44
C GLN L 328 -86.90 -54.13 3.06
N GLN L 329 -87.86 -53.80 3.90
CA GLN L 329 -88.83 -52.73 3.58
C GLN L 329 -88.09 -51.41 3.61
N MET L 330 -87.21 -51.29 4.59
CA MET L 330 -86.40 -50.08 4.83
C MET L 330 -85.63 -49.75 3.55
N LYS L 331 -85.06 -50.75 2.90
CA LYS L 331 -84.31 -50.58 1.64
C LYS L 331 -85.24 -50.26 0.47
N LYS L 332 -86.38 -50.97 0.35
CA LYS L 332 -87.37 -50.75 -0.73
C LYS L 332 -87.83 -49.31 -0.63
N ASN L 333 -88.06 -48.86 0.60
CA ASN L 333 -88.49 -47.47 0.91
C ASN L 333 -87.45 -46.49 0.40
N ALA L 334 -86.18 -46.80 0.61
CA ALA L 334 -85.03 -45.96 0.19
C ALA L 334 -84.99 -45.87 -1.35
N GLN L 335 -85.24 -46.98 -2.05
CA GLN L 335 -85.29 -46.95 -3.54
C GLN L 335 -86.46 -46.08 -3.93
N ALA L 336 -87.59 -46.27 -3.26
CA ALA L 336 -88.84 -45.53 -3.54
C ALA L 336 -88.60 -44.01 -3.44
N LEU L 337 -87.97 -43.60 -2.35
CA LEU L 337 -87.69 -42.16 -2.08
C LEU L 337 -86.70 -41.60 -3.10
N ALA L 338 -85.58 -42.29 -3.28
CA ALA L 338 -84.55 -41.93 -4.27
C ALA L 338 -85.24 -41.70 -5.61
N ALA L 339 -85.92 -42.72 -6.12
CA ALA L 339 -86.61 -42.71 -7.43
C ALA L 339 -87.48 -41.47 -7.49
N ALA L 340 -88.24 -41.23 -6.43
CA ALA L 340 -89.22 -40.14 -6.35
C ALA L 340 -88.51 -38.80 -6.51
N LEU L 341 -87.33 -38.64 -5.91
CA LEU L 341 -86.57 -37.37 -5.95
C LEU L 341 -85.86 -37.21 -7.30
N LEU L 342 -85.29 -38.28 -7.83
CA LEU L 342 -84.65 -38.23 -9.17
C LEU L 342 -85.71 -37.73 -10.16
N ARG L 343 -86.86 -38.40 -10.21
CA ARG L 343 -88.02 -38.03 -11.08
C ARG L 343 -88.28 -36.53 -10.96
N ARG L 344 -87.98 -35.92 -9.82
CA ARG L 344 -88.25 -34.49 -9.57
C ARG L 344 -86.98 -33.66 -9.79
N LYS L 345 -86.02 -34.22 -10.53
CA LYS L 345 -84.81 -33.52 -11.03
C LYS L 345 -83.82 -33.24 -9.89
N CYS L 346 -83.94 -33.94 -8.77
CA CYS L 346 -82.98 -33.80 -7.64
C CYS L 346 -81.66 -34.49 -7.95
N ARG L 347 -80.63 -34.09 -7.23
CA ARG L 347 -79.26 -34.59 -7.45
C ARG L 347 -78.84 -35.35 -6.21
N LEU L 348 -78.64 -36.65 -6.35
CA LEU L 348 -78.21 -37.53 -5.25
C LEU L 348 -76.76 -37.89 -5.43
N VAL L 349 -75.94 -37.78 -4.39
CA VAL L 349 -74.53 -38.25 -4.41
C VAL L 349 -74.53 -39.72 -4.77
N THR L 350 -73.71 -40.09 -5.75
CA THR L 350 -73.63 -41.41 -6.43
C THR L 350 -74.92 -41.72 -7.22
N GLY L 351 -75.92 -40.84 -7.24
CA GLY L 351 -77.14 -40.99 -8.07
C GLY L 351 -78.09 -42.02 -7.49
N GLY L 352 -77.90 -42.44 -6.24
CA GLY L 352 -78.83 -43.33 -5.52
C GLY L 352 -78.20 -43.88 -4.25
N THR L 353 -78.57 -45.09 -3.90
CA THR L 353 -78.13 -45.78 -2.65
C THR L 353 -78.34 -47.28 -2.77
N ASP L 354 -77.47 -48.04 -2.11
CA ASP L 354 -77.53 -49.51 -1.97
C ASP L 354 -78.14 -49.82 -0.62
N ASN L 355 -78.36 -48.80 0.20
CA ASN L 355 -78.77 -49.03 1.60
C ASN L 355 -80.00 -48.17 1.89
N HIS L 356 -80.01 -47.55 3.08
CA HIS L 356 -81.21 -46.97 3.72
C HIS L 356 -81.11 -45.44 3.73
N LEU L 357 -80.04 -44.87 3.21
CA LEU L 357 -79.83 -43.42 3.29
C LEU L 357 -79.34 -42.79 1.97
N LEU L 358 -79.58 -41.48 1.89
CA LEU L 358 -79.47 -40.64 0.68
C LEU L 358 -78.71 -39.38 1.06
N LEU L 359 -77.73 -38.99 0.25
CA LEU L 359 -77.15 -37.64 0.33
C LEU L 359 -77.76 -36.86 -0.83
N TRP L 360 -78.41 -35.75 -0.53
CA TRP L 360 -79.14 -34.94 -1.51
C TRP L 360 -78.40 -33.63 -1.68
N ASP L 361 -77.89 -33.35 -2.88
CA ASP L 361 -77.18 -32.08 -3.17
C ASP L 361 -78.23 -31.05 -3.55
N LEU L 362 -78.28 -29.96 -2.80
CA LEU L 362 -79.28 -28.88 -2.98
C LEU L 362 -78.65 -27.70 -3.73
N THR L 363 -77.34 -27.72 -4.03
CA THR L 363 -76.69 -26.53 -4.66
C THR L 363 -77.20 -26.32 -6.09
N PRO L 364 -77.69 -27.35 -6.84
CA PRO L 364 -78.41 -27.11 -8.10
C PRO L 364 -79.73 -26.33 -7.99
N MET L 365 -80.35 -26.31 -6.82
CA MET L 365 -81.58 -25.53 -6.55
C MET L 365 -81.20 -24.24 -5.82
N GLY L 366 -79.90 -24.02 -5.62
CA GLY L 366 -79.32 -22.78 -5.07
C GLY L 366 -79.59 -22.64 -3.58
N LEU L 367 -79.52 -23.75 -2.84
CA LEU L 367 -79.82 -23.82 -1.38
C LEU L 367 -78.62 -24.39 -0.63
N THR L 368 -78.41 -23.92 0.59
CA THR L 368 -77.52 -24.55 1.59
C THR L 368 -78.36 -25.53 2.43
N GLY L 369 -77.73 -26.57 2.95
CA GLY L 369 -78.38 -27.47 3.92
C GLY L 369 -78.81 -26.70 5.16
N LYS L 370 -77.98 -25.75 5.62
CA LYS L 370 -78.10 -25.07 6.93
C LYS L 370 -79.50 -24.49 7.08
N VAL L 371 -80.01 -23.92 6.00
CA VAL L 371 -81.29 -23.14 6.00
C VAL L 371 -82.45 -24.12 5.77
N TYR L 372 -82.36 -25.01 4.78
CA TYR L 372 -83.39 -26.02 4.41
C TYR L 372 -83.78 -26.83 5.66
N GLU L 373 -82.73 -27.33 6.30
CA GLU L 373 -82.77 -28.02 7.60
C GLU L 373 -83.77 -27.28 8.49
N LYS L 374 -83.57 -25.98 8.71
CA LYS L 374 -84.33 -25.17 9.71
C LYS L 374 -85.76 -24.89 9.24
N VAL L 375 -85.98 -24.81 7.93
CA VAL L 375 -87.35 -24.70 7.36
C VAL L 375 -88.07 -26.03 7.54
N CYS L 376 -87.41 -27.14 7.23
CA CYS L 376 -88.00 -28.50 7.41
C CYS L 376 -88.41 -28.64 8.88
N GLU L 377 -87.60 -28.15 9.81
CA GLU L 377 -87.89 -28.20 11.27
C GLU L 377 -89.24 -27.55 11.52
N MET L 378 -89.43 -26.36 10.95
CA MET L 378 -90.65 -25.55 11.12
C MET L 378 -91.86 -26.34 10.64
N CYS L 379 -91.66 -27.23 9.67
CA CYS L 379 -92.74 -28.04 9.04
C CYS L 379 -92.80 -29.45 9.62
N HIS L 380 -92.23 -29.66 10.81
CA HIS L 380 -92.26 -30.96 11.52
C HIS L 380 -91.54 -32.07 10.72
N ILE L 381 -90.54 -31.70 9.91
CA ILE L 381 -89.67 -32.66 9.16
C ILE L 381 -88.26 -32.56 9.72
N THR L 382 -87.74 -33.59 10.36
CA THR L 382 -86.36 -33.52 10.88
C THR L 382 -85.43 -34.25 9.89
N LEU L 383 -84.46 -33.49 9.39
CA LEU L 383 -83.33 -33.86 8.49
C LEU L 383 -82.03 -33.37 9.14
N ASN L 384 -80.89 -33.55 8.50
CA ASN L 384 -79.70 -32.80 8.94
C ASN L 384 -78.80 -32.55 7.74
N LYS L 385 -78.44 -31.28 7.53
CA LYS L 385 -77.39 -30.82 6.59
C LYS L 385 -76.17 -31.72 6.73
N THR L 386 -75.48 -31.97 5.64
CA THR L 386 -74.24 -32.78 5.66
C THR L 386 -73.19 -32.16 4.71
N ALA L 387 -71.92 -32.38 5.05
CA ALA L 387 -70.78 -32.11 4.16
C ALA L 387 -70.91 -33.00 2.91
N ILE L 388 -70.84 -32.40 1.72
CA ILE L 388 -70.65 -33.11 0.43
C ILE L 388 -69.60 -32.35 -0.39
N PHE L 389 -68.90 -33.05 -1.29
CA PHE L 389 -68.05 -32.35 -2.29
C PHE L 389 -69.01 -31.80 -3.35
N GLY L 390 -68.75 -30.59 -3.88
CA GLY L 390 -69.64 -29.88 -4.82
C GLY L 390 -69.52 -30.37 -6.25
N ASP L 391 -69.93 -29.55 -7.23
CA ASP L 391 -69.79 -29.89 -8.67
C ASP L 391 -68.30 -29.85 -9.06
N ASN L 392 -67.55 -28.90 -8.50
CA ASN L 392 -66.06 -28.79 -8.58
C ASN L 392 -65.45 -29.49 -7.37
N GLY L 393 -64.13 -29.44 -7.18
CA GLY L 393 -63.42 -30.17 -6.10
C GLY L 393 -63.84 -29.73 -4.71
N THR L 394 -64.29 -28.48 -4.54
CA THR L 394 -64.57 -27.83 -3.23
C THR L 394 -65.65 -28.55 -2.41
N ILE L 395 -65.59 -28.35 -1.08
CA ILE L 395 -66.53 -28.84 -0.02
C ILE L 395 -67.72 -27.87 0.02
N SER L 396 -68.89 -28.24 -0.52
CA SER L 396 -70.11 -27.40 -0.49
C SER L 396 -70.92 -27.68 0.79
N PRO L 397 -71.63 -26.66 1.35
CA PRO L 397 -72.45 -26.83 2.55
C PRO L 397 -73.91 -27.19 2.21
N GLY L 398 -74.11 -27.73 1.01
CA GLY L 398 -75.40 -27.81 0.31
C GLY L 398 -75.91 -29.24 0.24
N GLY L 399 -75.39 -30.11 1.10
CA GLY L 399 -75.91 -31.48 1.29
C GLY L 399 -76.94 -31.60 2.42
N VAL L 400 -77.89 -32.52 2.30
CA VAL L 400 -78.69 -33.01 3.46
C VAL L 400 -78.74 -34.54 3.41
N ARG L 401 -78.78 -35.14 4.59
CA ARG L 401 -78.79 -36.61 4.76
C ARG L 401 -80.16 -37.06 5.30
N ILE L 402 -80.73 -38.01 4.59
CA ILE L 402 -82.09 -38.57 4.77
C ILE L 402 -81.98 -40.09 4.90
N GLY L 403 -82.74 -40.71 5.81
CA GLY L 403 -82.81 -42.17 5.97
C GLY L 403 -84.23 -42.65 6.19
N THR L 404 -84.50 -43.92 5.86
CA THR L 404 -85.85 -44.52 5.96
C THR L 404 -86.14 -45.22 7.28
N PRO L 405 -85.14 -45.67 8.10
CA PRO L 405 -85.40 -46.57 9.23
C PRO L 405 -86.55 -46.19 10.18
N ALA L 406 -86.57 -44.91 10.60
CA ALA L 406 -87.53 -44.34 11.58
C ALA L 406 -88.98 -44.49 11.09
N MET L 407 -89.30 -44.00 9.89
CA MET L 407 -90.70 -44.02 9.41
C MET L 407 -91.00 -45.42 8.94
N THR L 408 -90.00 -46.16 8.48
CA THR L 408 -90.21 -47.59 8.14
C THR L 408 -90.77 -48.30 9.39
N THR L 409 -90.13 -48.07 10.54
CA THR L 409 -90.50 -48.65 11.84
C THR L 409 -91.96 -48.33 12.18
N ARG L 410 -92.41 -47.10 11.86
CA ARG L 410 -93.79 -46.62 12.10
C ARG L 410 -94.77 -47.21 11.08
N GLY L 411 -94.29 -48.01 10.12
CA GLY L 411 -95.13 -48.80 9.23
C GLY L 411 -95.31 -48.15 7.88
N CYS L 412 -94.51 -47.13 7.58
CA CYS L 412 -94.53 -46.53 6.22
C CYS L 412 -93.95 -47.52 5.20
N ILE L 413 -94.52 -47.47 4.00
CA ILE L 413 -94.15 -48.31 2.84
C ILE L 413 -93.86 -47.36 1.67
N GLU L 414 -93.61 -47.92 0.49
CA GLU L 414 -93.03 -47.20 -0.67
C GLU L 414 -93.87 -45.94 -0.93
N SER L 415 -95.16 -46.09 -1.20
CA SER L 415 -96.05 -44.96 -1.61
C SER L 415 -96.04 -43.85 -0.55
N ASP L 416 -95.84 -44.20 0.71
CA ASP L 416 -95.76 -43.19 1.80
C ASP L 416 -94.55 -42.30 1.53
N PHE L 417 -93.42 -42.92 1.26
CA PHE L 417 -92.16 -42.19 0.96
C PHE L 417 -92.27 -41.35 -0.33
N GLU L 418 -93.14 -41.73 -1.26
CA GLU L 418 -93.41 -40.87 -2.45
C GLU L 418 -94.10 -39.62 -1.94
N THR L 419 -95.06 -39.78 -1.03
CA THR L 419 -95.77 -38.62 -0.42
C THR L 419 -94.74 -37.71 0.24
N MET L 420 -93.90 -38.30 1.08
CA MET L 420 -92.91 -37.53 1.88
C MET L 420 -92.02 -36.73 0.93
N ALA L 421 -91.61 -37.33 -0.19
CA ALA L 421 -90.82 -36.67 -1.26
C ALA L 421 -91.53 -35.37 -1.65
N ASP L 422 -92.84 -35.41 -1.89
CA ASP L 422 -93.61 -34.21 -2.28
C ASP L 422 -93.41 -33.14 -1.21
N PHE L 423 -93.35 -33.56 0.05
CA PHE L 423 -93.22 -32.59 1.18
C PHE L 423 -91.85 -31.92 1.08
N LEU L 424 -90.82 -32.76 0.95
CA LEU L 424 -89.42 -32.29 0.83
C LEU L 424 -89.32 -31.25 -0.30
N ILE L 425 -89.95 -31.49 -1.45
CA ILE L 425 -89.85 -30.53 -2.59
C ILE L 425 -90.55 -29.23 -2.18
N LYS L 426 -91.79 -29.33 -1.71
CA LYS L 426 -92.60 -28.12 -1.40
C LYS L 426 -91.78 -27.26 -0.43
N ALA L 427 -91.09 -27.92 0.52
CA ALA L 427 -90.22 -27.27 1.53
C ALA L 427 -89.12 -26.51 0.80
N ALA L 428 -88.50 -27.15 -0.20
CA ALA L 428 -87.41 -26.58 -1.03
C ALA L 428 -87.92 -25.38 -1.81
N GLN L 429 -89.02 -25.55 -2.55
CA GLN L 429 -89.65 -24.45 -3.29
C GLN L 429 -89.83 -23.26 -2.35
N ILE L 430 -90.30 -23.51 -1.13
CA ILE L 430 -90.57 -22.41 -0.15
C ILE L 430 -89.26 -21.72 0.16
N THR L 431 -88.23 -22.51 0.41
CA THR L 431 -86.91 -22.02 0.84
C THR L 431 -86.30 -21.12 -0.24
N SER L 432 -86.32 -21.53 -1.50
CA SER L 432 -85.88 -20.69 -2.65
C SER L 432 -86.64 -19.36 -2.61
N ALA L 433 -87.97 -19.44 -2.59
CA ALA L 433 -88.87 -18.27 -2.68
C ALA L 433 -88.50 -17.26 -1.58
N LEU L 434 -88.15 -17.77 -0.41
CA LEU L 434 -87.82 -16.96 0.80
C LEU L 434 -86.47 -16.29 0.59
N GLN L 435 -85.39 -17.09 0.46
CA GLN L 435 -84.01 -16.56 0.30
C GLN L 435 -84.02 -15.47 -0.78
N ARG L 436 -84.79 -15.67 -1.85
CA ARG L 436 -84.91 -14.70 -2.96
C ARG L 436 -85.43 -13.36 -2.42
N GLU L 437 -86.62 -13.34 -1.82
CA GLU L 437 -87.25 -12.08 -1.34
C GLU L 437 -86.44 -11.48 -0.18
N HIS L 438 -86.03 -12.29 0.80
CA HIS L 438 -85.31 -11.81 2.02
C HIS L 438 -83.89 -11.35 1.66
N GLY L 439 -83.00 -12.25 1.26
CA GLY L 439 -81.60 -11.93 0.91
C GLY L 439 -80.80 -11.42 2.09
N LYS L 440 -80.74 -12.23 3.17
CA LYS L 440 -79.88 -12.11 4.39
C LYS L 440 -80.56 -11.33 5.54
N SER L 441 -81.75 -10.74 5.39
CA SER L 441 -82.39 -10.10 6.59
C SER L 441 -82.63 -11.19 7.65
N HIS L 442 -81.76 -11.28 8.67
CA HIS L 442 -81.63 -12.44 9.62
C HIS L 442 -82.81 -12.50 10.58
N LYS L 443 -83.27 -11.32 11.04
CA LYS L 443 -84.44 -11.12 11.92
C LYS L 443 -85.74 -11.35 11.13
N GLU L 444 -85.81 -10.80 9.91
CA GLU L 444 -86.99 -10.88 8.99
C GLU L 444 -87.13 -12.31 8.45
N PHE L 445 -86.02 -13.07 8.43
CA PHE L 445 -85.93 -14.49 8.01
C PHE L 445 -86.54 -15.39 9.11
N VAL L 446 -85.95 -15.35 10.32
CA VAL L 446 -86.43 -16.10 11.54
C VAL L 446 -87.88 -15.69 11.81
N LYS L 447 -88.23 -14.44 11.55
CA LYS L 447 -89.62 -13.87 11.66
C LYS L 447 -90.50 -14.47 10.55
N SER L 448 -90.01 -14.43 9.30
CA SER L 448 -90.70 -14.97 8.10
C SER L 448 -91.02 -16.46 8.29
N LEU L 449 -90.11 -17.19 8.93
CA LEU L 449 -90.27 -18.61 9.37
C LEU L 449 -91.56 -18.76 10.19
N CYS L 450 -91.68 -18.02 11.31
CA CYS L 450 -92.79 -18.11 12.30
C CYS L 450 -94.12 -17.67 11.70
N THR L 451 -94.09 -16.84 10.65
CA THR L 451 -95.27 -16.10 10.10
C THR L 451 -95.22 -16.21 8.57
N ASN L 452 -95.06 -17.43 8.04
CA ASN L 452 -95.20 -17.70 6.59
C ASN L 452 -96.39 -18.64 6.41
N LYS L 453 -97.25 -18.36 5.43
CA LYS L 453 -98.49 -19.15 5.22
C LYS L 453 -98.15 -20.49 4.54
N ASP L 454 -97.27 -20.49 3.55
CA ASP L 454 -96.91 -21.75 2.82
C ASP L 454 -96.35 -22.76 3.84
N ILE L 455 -95.55 -22.31 4.81
CA ILE L 455 -94.95 -23.19 5.86
C ILE L 455 -96.06 -23.76 6.73
N ALA L 456 -96.90 -22.90 7.27
CA ALA L 456 -98.02 -23.31 8.12
C ALA L 456 -98.89 -24.30 7.35
N GLU L 457 -99.09 -24.08 6.04
CA GLU L 457 -99.92 -24.95 5.16
C GLU L 457 -99.26 -26.33 5.09
N LEU L 458 -97.96 -26.37 4.82
CA LEU L 458 -97.21 -27.64 4.68
C LEU L 458 -97.04 -28.33 6.05
N ARG L 459 -96.77 -27.57 7.11
CA ARG L 459 -96.72 -28.12 8.48
C ARG L 459 -98.01 -28.89 8.78
N ASN L 460 -99.17 -28.36 8.38
CA ASN L 460 -100.47 -29.03 8.64
C ASN L 460 -100.48 -30.35 7.89
N ARG L 461 -100.05 -30.34 6.62
CA ARG L 461 -100.14 -31.52 5.69
C ARG L 461 -99.25 -32.63 6.24
N VAL L 462 -98.15 -32.27 6.87
CA VAL L 462 -97.19 -33.25 7.45
C VAL L 462 -97.77 -33.80 8.76
N GLU L 463 -98.34 -32.96 9.62
CA GLU L 463 -98.89 -33.40 10.92
C GLU L 463 -100.03 -34.35 10.60
N ALA L 464 -100.87 -33.97 9.64
CA ALA L 464 -101.99 -34.82 9.21
C ALA L 464 -101.43 -36.16 8.75
N PHE L 465 -100.40 -36.12 7.91
CA PHE L 465 -99.72 -37.33 7.38
C PHE L 465 -99.22 -38.16 8.55
N ALA L 466 -98.44 -37.55 9.42
CA ALA L 466 -97.76 -38.23 10.54
C ALA L 466 -98.77 -39.00 11.39
N LEU L 467 -99.91 -38.38 11.67
CA LEU L 467 -100.87 -38.97 12.62
C LEU L 467 -101.49 -40.24 12.06
N GLN L 468 -101.24 -40.52 10.77
CA GLN L 468 -101.74 -41.73 10.10
C GLN L 468 -100.93 -42.92 10.62
N TYR L 469 -99.79 -42.72 11.26
CA TYR L 469 -98.85 -43.83 11.50
C TYR L 469 -98.66 -44.05 12.98
N GLU L 470 -98.60 -45.33 13.37
CA GLU L 470 -98.47 -45.76 14.77
C GLU L 470 -97.12 -45.28 15.29
N MET L 471 -97.04 -45.05 16.58
CA MET L 471 -95.78 -44.71 17.23
C MET L 471 -95.57 -45.74 18.33
N PRO L 472 -94.52 -46.58 18.25
CA PRO L 472 -94.29 -47.60 19.25
C PRO L 472 -94.24 -47.09 20.70
N ALA L 473 -94.85 -47.87 21.59
CA ALA L 473 -94.92 -47.62 23.06
C ALA L 473 -95.65 -46.29 23.32
N SER L 474 -96.97 -46.29 23.24
CA SER L 474 -97.79 -45.16 23.72
C SER L 474 -98.33 -45.47 25.14
N LEU L 475 -97.64 -44.87 26.14
CA LEU L 475 -97.85 -45.00 27.61
C LEU L 475 -97.71 -46.48 28.02
#